data_2ONM
#
_entry.id   2ONM
#
_cell.length_a   96.201
_cell.length_b   104.854
_cell.length_c   162.359
_cell.angle_alpha   78.99
_cell.angle_beta   82.14
_cell.angle_gamma   88.55
#
_symmetry.space_group_name_H-M   'P 1'
#
loop_
_entity.id
_entity.type
_entity.pdbx_description
1 polymer 'Aldehyde dehydrogenase, mitochondrial precursor'
2 non-polymer 'SODIUM ION'
3 non-polymer "ADENOSINE-5'-DIPHOSPHATE"
4 non-polymer 1,2-ETHANEDIOL
5 non-polymer GUANIDINE
6 non-polymer NICOTINAMIDE-ADENINE-DINUCLEOTIDE
7 water water
#
_entity_poly.entity_id   1
_entity_poly.type   'polypeptide(L)'
_entity_poly.pdbx_seq_one_letter_code
;SAAATQAVPAPNQQPEVFCNQIFINNEWHDAVSRKTFPTVNPSTGEVICQVAEGDKEDVDKAVKAARAAFQLGSPWRRMD
ASHRGRLLNRLADLIERDRTYLAALETLDNGKPYVISYLVDLDMVLKCLRYYAGWADKYHGKTIPIDGDFFSYTRHEPVG
VCGQIIPWNFPLLMQAWKLGPALATGNVVVMKVAEQTPLTALYVANLIKEAGFPPGVVNIVPGFGPTAGAAIASHEDVDK
VAFTGSTEIGRVIQVAAGSSNLKRVTLELGGKSPNIIMSDADMDWAVEQAHFALFFNQGQCCCAGSRTFVQEDIYDEFVE
RSVARAKSRVVGNPFDSKTEQGPQVDETQFKKILGYINTGKQEGAKLLCGGGIAADRGYFIQPTVFGDVQDGMTIAKEEI
FGPVMQILKFKTIEEVVGRANNSTYGLAAAVFTKDLDKANYLSQALQAGTVWVNCYDVFGAQSPFGGYKMSGSGRELGEY
GLQAYTKVKTVTVKVPQKNS
;
_entity_poly.pdbx_strand_id   A,B,C,D,E,F,G,H,I,J,K,L
#
# COMPACT_ATOMS: atom_id res chain seq x y z
N ALA A 7 -45.18 -70.72 -31.24
CA ALA A 7 -44.74 -72.15 -31.25
C ALA A 7 -45.81 -73.03 -30.62
N VAL A 8 -47.06 -72.82 -31.02
CA VAL A 8 -48.17 -73.58 -30.49
C VAL A 8 -48.90 -74.36 -31.58
N PRO A 9 -49.01 -75.69 -31.43
CA PRO A 9 -49.68 -76.56 -32.41
C PRO A 9 -51.14 -76.19 -32.62
N ALA A 10 -51.67 -76.52 -33.80
CA ALA A 10 -53.07 -76.23 -34.13
C ALA A 10 -53.99 -77.06 -33.25
N PRO A 11 -54.94 -76.40 -32.57
CA PRO A 11 -55.90 -77.07 -31.68
C PRO A 11 -57.10 -77.70 -32.36
N ASN A 12 -57.68 -78.69 -31.68
CA ASN A 12 -58.88 -79.35 -32.15
C ASN A 12 -59.94 -78.56 -31.40
N GLN A 13 -60.55 -77.58 -32.08
CA GLN A 13 -61.57 -76.73 -31.48
C GLN A 13 -62.80 -77.47 -30.95
N GLN A 14 -62.83 -78.77 -31.19
CA GLN A 14 -63.92 -79.60 -30.71
C GLN A 14 -63.37 -80.96 -30.31
N PRO A 15 -62.54 -80.98 -29.23
CA PRO A 15 -61.95 -82.22 -28.74
C PRO A 15 -63.00 -83.19 -28.27
N GLU A 16 -62.75 -84.47 -28.53
CA GLU A 16 -63.68 -85.51 -28.13
C GLU A 16 -63.53 -85.80 -26.64
N VAL A 17 -64.61 -86.17 -25.98
CA VAL A 17 -64.54 -86.48 -24.56
C VAL A 17 -64.61 -88.00 -24.38
N PHE A 18 -63.60 -88.54 -23.71
CA PHE A 18 -63.52 -89.98 -23.47
C PHE A 18 -63.88 -90.36 -22.05
N CYS A 19 -63.69 -89.41 -21.12
CA CYS A 19 -63.96 -89.67 -19.71
C CYS A 19 -65.00 -88.71 -19.13
N ASN A 20 -66.08 -89.29 -18.60
CA ASN A 20 -67.17 -88.49 -18.03
C ASN A 20 -67.87 -89.19 -16.89
N GLN A 21 -67.19 -90.17 -16.30
CA GLN A 21 -67.75 -90.93 -15.19
C GLN A 21 -66.94 -90.75 -13.92
N ILE A 22 -67.27 -91.57 -12.92
CA ILE A 22 -66.59 -91.55 -11.63
C ILE A 22 -65.41 -92.52 -11.68
N PHE A 23 -64.26 -92.04 -11.20
CA PHE A 23 -63.03 -92.81 -11.19
C PHE A 23 -62.71 -93.38 -9.82
N ILE A 24 -62.88 -94.69 -9.68
CA ILE A 24 -62.58 -95.37 -8.43
C ILE A 24 -61.88 -96.69 -8.77
N ASN A 25 -60.76 -96.96 -8.10
CA ASN A 25 -59.97 -98.18 -8.32
C ASN A 25 -59.58 -98.36 -9.78
N ASN A 26 -59.20 -97.25 -10.42
CA ASN A 26 -58.79 -97.25 -11.82
C ASN A 26 -59.86 -97.76 -12.78
N GLU A 27 -61.11 -97.64 -12.39
CA GLU A 27 -62.23 -98.06 -13.23
C GLU A 27 -63.28 -96.96 -13.29
N TRP A 28 -63.95 -96.87 -14.42
CA TRP A 28 -64.98 -95.87 -14.60
C TRP A 28 -66.35 -96.42 -14.21
N HIS A 29 -67.05 -95.67 -13.36
CA HIS A 29 -68.36 -96.07 -12.87
C HIS A 29 -69.36 -94.94 -13.04
N ASP A 30 -70.64 -95.30 -13.15
CA ASP A 30 -71.70 -94.32 -13.24
C ASP A 30 -72.05 -94.05 -11.78
N ALA A 31 -72.68 -92.92 -11.51
CA ALA A 31 -73.09 -92.61 -10.15
C ALA A 31 -74.06 -93.71 -9.67
N VAL A 32 -74.07 -93.99 -8.36
CA VAL A 32 -74.97 -95.00 -7.82
C VAL A 32 -76.42 -94.66 -8.19
N SER A 33 -76.72 -93.36 -8.16
CA SER A 33 -78.03 -92.83 -8.50
C SER A 33 -78.29 -92.83 -10.00
N ARG A 34 -77.25 -93.06 -10.79
CA ARG A 34 -77.35 -93.08 -12.26
C ARG A 34 -77.54 -91.70 -12.87
N LYS A 35 -77.64 -90.69 -12.00
CA LYS A 35 -77.82 -89.31 -12.45
C LYS A 35 -76.58 -88.75 -13.12
N THR A 36 -76.77 -87.72 -13.94
CA THR A 36 -75.70 -87.07 -14.66
C THR A 36 -76.01 -85.58 -14.74
N PHE A 37 -74.98 -84.76 -14.80
CA PHE A 37 -75.17 -83.32 -14.90
C PHE A 37 -74.44 -82.85 -16.15
N PRO A 38 -74.93 -81.77 -16.78
CA PRO A 38 -74.26 -81.30 -17.98
C PRO A 38 -73.12 -80.35 -17.65
N THR A 39 -72.14 -80.29 -18.54
CA THR A 39 -71.02 -79.37 -18.40
C THR A 39 -71.09 -78.47 -19.64
N VAL A 40 -71.07 -77.17 -19.40
CA VAL A 40 -71.21 -76.18 -20.47
C VAL A 40 -69.93 -75.55 -21.03
N ASN A 41 -69.96 -75.27 -22.33
CA ASN A 41 -68.85 -74.60 -23.00
C ASN A 41 -69.18 -73.12 -22.79
N PRO A 42 -68.45 -72.44 -21.88
CA PRO A 42 -68.70 -71.03 -21.61
C PRO A 42 -68.58 -70.06 -22.79
N SER A 43 -67.99 -70.53 -23.89
CA SER A 43 -67.81 -69.69 -25.05
C SER A 43 -69.04 -69.65 -25.96
N THR A 44 -69.88 -70.69 -25.85
CA THR A 44 -71.07 -70.81 -26.68
C THR A 44 -72.34 -70.99 -25.86
N GLY A 45 -72.19 -71.38 -24.60
CA GLY A 45 -73.32 -71.61 -23.73
C GLY A 45 -73.95 -72.97 -23.99
N GLU A 46 -73.33 -73.75 -24.86
CA GLU A 46 -73.83 -75.08 -25.22
C GLU A 46 -73.30 -76.19 -24.32
N VAL A 47 -74.09 -77.24 -24.18
CA VAL A 47 -73.71 -78.40 -23.38
C VAL A 47 -72.64 -79.19 -24.14
N ILE A 48 -71.52 -79.45 -23.47
CA ILE A 48 -70.44 -80.22 -24.07
C ILE A 48 -70.80 -81.70 -24.00
N CYS A 49 -71.20 -82.15 -22.82
CA CYS A 49 -71.61 -83.54 -22.61
C CYS A 49 -72.14 -83.73 -21.20
N GLN A 50 -72.63 -84.94 -20.95
CA GLN A 50 -73.16 -85.32 -19.65
C GLN A 50 -72.00 -85.90 -18.83
N VAL A 51 -72.05 -85.69 -17.51
CA VAL A 51 -71.03 -86.18 -16.57
C VAL A 51 -71.71 -86.82 -15.37
N ALA A 52 -71.25 -87.99 -14.94
CA ALA A 52 -71.84 -88.67 -13.78
C ALA A 52 -71.89 -87.73 -12.57
N GLU A 53 -73.04 -87.68 -11.91
CA GLU A 53 -73.20 -86.81 -10.75
C GLU A 53 -72.97 -87.60 -9.47
N GLY A 54 -71.74 -87.53 -8.96
CA GLY A 54 -71.41 -88.25 -7.75
C GLY A 54 -72.05 -87.64 -6.52
N ASP A 55 -72.36 -88.47 -5.54
CA ASP A 55 -72.95 -88.02 -4.29
C ASP A 55 -72.36 -88.79 -3.13
N LYS A 56 -72.95 -88.63 -1.94
CA LYS A 56 -72.46 -89.28 -0.75
C LYS A 56 -72.08 -90.75 -0.90
N GLU A 57 -72.91 -91.52 -1.60
CA GLU A 57 -72.67 -92.94 -1.80
C GLU A 57 -71.50 -93.26 -2.70
N ASP A 58 -71.19 -92.34 -3.60
CA ASP A 58 -70.05 -92.50 -4.51
C ASP A 58 -68.76 -92.11 -3.78
N VAL A 59 -68.84 -91.08 -2.94
CA VAL A 59 -67.71 -90.64 -2.16
C VAL A 59 -67.36 -91.78 -1.21
N ASP A 60 -68.39 -92.42 -0.65
CA ASP A 60 -68.17 -93.52 0.29
C ASP A 60 -67.42 -94.67 -0.36
N LYS A 61 -67.74 -94.96 -1.61
CA LYS A 61 -67.09 -96.05 -2.34
C LYS A 61 -65.65 -95.67 -2.64
N ALA A 62 -65.44 -94.39 -2.94
CA ALA A 62 -64.10 -93.89 -3.24
C ALA A 62 -63.20 -93.97 -2.01
N VAL A 63 -63.68 -93.47 -0.87
CA VAL A 63 -62.91 -93.48 0.36
C VAL A 63 -62.53 -94.91 0.72
N LYS A 64 -63.47 -95.85 0.53
CA LYS A 64 -63.23 -97.26 0.83
C LYS A 64 -62.12 -97.85 -0.03
N ALA A 65 -62.06 -97.45 -1.29
CA ALA A 65 -61.04 -97.92 -2.20
C ALA A 65 -59.68 -97.30 -1.82
N ALA A 66 -59.72 -96.02 -1.47
CA ALA A 66 -58.54 -95.27 -1.05
C ALA A 66 -57.94 -95.88 0.19
N ARG A 67 -58.78 -96.18 1.17
CA ARG A 67 -58.36 -96.77 2.43
C ARG A 67 -57.76 -98.15 2.19
N ALA A 68 -58.29 -98.89 1.24
CA ALA A 68 -57.78 -100.23 0.97
C ALA A 68 -56.41 -100.14 0.32
N ALA A 69 -56.24 -99.16 -0.55
CA ALA A 69 -54.97 -98.93 -1.24
C ALA A 69 -53.91 -98.43 -0.25
N PHE A 70 -54.35 -97.91 0.88
CA PHE A 70 -53.45 -97.39 1.88
C PHE A 70 -53.13 -98.36 3.01
N GLN A 71 -53.71 -99.55 2.97
CA GLN A 71 -53.44 -100.54 4.02
C GLN A 71 -51.98 -100.99 4.08
N LEU A 72 -51.49 -101.20 5.30
CA LEU A 72 -50.12 -101.64 5.50
C LEU A 72 -49.89 -102.92 4.69
N GLY A 73 -48.84 -102.92 3.89
CA GLY A 73 -48.51 -104.09 3.10
C GLY A 73 -48.99 -104.02 1.66
N SER A 74 -49.80 -103.01 1.35
CA SER A 74 -50.31 -102.80 0.00
C SER A 74 -49.21 -102.36 -0.97
N PRO A 75 -49.44 -102.51 -2.29
CA PRO A 75 -48.42 -102.10 -3.26
C PRO A 75 -48.00 -100.66 -3.08
N TRP A 76 -48.95 -99.77 -2.81
CA TRP A 76 -48.64 -98.36 -2.64
C TRP A 76 -47.84 -98.05 -1.37
N ARG A 77 -48.12 -98.79 -0.31
CA ARG A 77 -47.42 -98.57 0.95
C ARG A 77 -46.01 -99.18 0.97
N ARG A 78 -45.82 -100.29 0.26
CA ARG A 78 -44.55 -100.99 0.21
C ARG A 78 -43.62 -100.44 -0.83
N MET A 79 -44.21 -99.78 -1.81
CA MET A 79 -43.47 -99.20 -2.93
C MET A 79 -42.33 -98.29 -2.50
N ASP A 80 -41.21 -98.38 -3.18
CA ASP A 80 -40.06 -97.56 -2.86
C ASP A 80 -40.43 -96.11 -3.10
N ALA A 81 -39.95 -95.22 -2.23
CA ALA A 81 -40.23 -93.81 -2.36
C ALA A 81 -39.78 -93.31 -3.72
N SER A 82 -38.62 -93.77 -4.17
CA SER A 82 -38.11 -93.34 -5.47
C SER A 82 -39.04 -93.80 -6.62
N HIS A 83 -39.73 -94.91 -6.43
CA HIS A 83 -40.64 -95.42 -7.44
C HIS A 83 -41.85 -94.49 -7.56
N ARG A 84 -42.31 -93.94 -6.44
CA ARG A 84 -43.42 -93.00 -6.46
C ARG A 84 -43.00 -91.86 -7.39
N GLY A 85 -41.72 -91.48 -7.30
CA GLY A 85 -41.20 -90.41 -8.14
C GLY A 85 -41.24 -90.85 -9.59
N ARG A 86 -40.92 -92.11 -9.85
CA ARG A 86 -40.92 -92.63 -11.20
C ARG A 86 -42.33 -92.53 -11.82
N LEU A 87 -43.33 -92.93 -11.05
CA LEU A 87 -44.72 -92.88 -11.50
C LEU A 87 -45.15 -91.43 -11.75
N LEU A 88 -44.76 -90.50 -10.90
CA LEU A 88 -45.14 -89.12 -11.11
C LEU A 88 -44.53 -88.61 -12.42
N ASN A 89 -43.27 -88.96 -12.66
CA ASN A 89 -42.59 -88.55 -13.88
C ASN A 89 -43.24 -89.19 -15.10
N ARG A 90 -43.72 -90.42 -14.95
CA ARG A 90 -44.39 -91.13 -16.02
C ARG A 90 -45.71 -90.41 -16.33
N LEU A 91 -46.44 -90.03 -15.29
CA LEU A 91 -47.69 -89.32 -15.46
C LEU A 91 -47.41 -88.01 -16.19
N ALA A 92 -46.31 -87.34 -15.85
CA ALA A 92 -45.94 -86.09 -16.49
C ALA A 92 -45.69 -86.34 -17.98
N ASP A 93 -45.00 -87.42 -18.29
CA ASP A 93 -44.70 -87.78 -19.67
C ASP A 93 -45.97 -88.03 -20.50
N LEU A 94 -46.93 -88.73 -19.91
CA LEU A 94 -48.19 -89.02 -20.58
C LEU A 94 -48.94 -87.71 -20.81
N ILE A 95 -48.92 -86.81 -19.83
CA ILE A 95 -49.59 -85.53 -19.97
C ILE A 95 -48.92 -84.71 -21.10
N GLU A 96 -47.61 -84.77 -21.19
CA GLU A 96 -46.90 -84.04 -22.23
C GLU A 96 -47.22 -84.64 -23.60
N ARG A 97 -47.44 -85.95 -23.63
CA ARG A 97 -47.76 -86.67 -24.85
C ARG A 97 -49.11 -86.16 -25.36
N ASP A 98 -50.06 -86.00 -24.44
CA ASP A 98 -51.39 -85.55 -24.81
C ASP A 98 -51.60 -84.07 -24.50
N ARG A 99 -50.50 -83.33 -24.50
CA ARG A 99 -50.52 -81.89 -24.22
C ARG A 99 -51.51 -81.07 -25.07
N THR A 100 -51.42 -81.19 -26.40
CA THR A 100 -52.30 -80.46 -27.32
C THR A 100 -53.77 -80.76 -27.05
N TYR A 101 -54.10 -82.04 -26.92
CA TYR A 101 -55.48 -82.44 -26.64
C TYR A 101 -55.98 -81.82 -25.33
N LEU A 102 -55.24 -82.06 -24.23
CA LEU A 102 -55.60 -81.54 -22.92
C LEU A 102 -55.75 -80.02 -22.90
N ALA A 103 -54.87 -79.31 -23.61
CA ALA A 103 -54.93 -77.86 -23.66
C ALA A 103 -56.25 -77.38 -24.31
N ALA A 104 -56.64 -78.08 -25.38
CA ALA A 104 -57.86 -77.79 -26.10
C ALA A 104 -59.08 -78.09 -25.23
N LEU A 105 -59.05 -79.25 -24.58
CA LEU A 105 -60.15 -79.66 -23.72
C LEU A 105 -60.31 -78.69 -22.55
N GLU A 106 -59.18 -78.19 -22.07
CA GLU A 106 -59.18 -77.24 -20.95
C GLU A 106 -59.89 -75.99 -21.39
N THR A 107 -59.56 -75.50 -22.59
CA THR A 107 -60.15 -74.29 -23.14
C THR A 107 -61.65 -74.47 -23.40
N LEU A 108 -62.02 -75.64 -23.93
CA LEU A 108 -63.41 -75.96 -24.24
C LEU A 108 -64.31 -75.91 -23.01
N ASP A 109 -63.85 -76.51 -21.92
CA ASP A 109 -64.61 -76.60 -20.67
C ASP A 109 -64.48 -75.39 -19.74
N ASN A 110 -63.32 -74.75 -19.72
CA ASN A 110 -63.05 -73.59 -18.86
C ASN A 110 -63.23 -72.24 -19.55
N GLY A 111 -62.79 -72.14 -20.80
CA GLY A 111 -62.95 -70.90 -21.55
C GLY A 111 -61.71 -70.06 -21.72
N LYS A 112 -60.64 -70.39 -21.00
CA LYS A 112 -59.39 -69.65 -21.13
C LYS A 112 -58.77 -69.90 -22.51
N PRO A 113 -58.05 -68.90 -23.03
CA PRO A 113 -57.38 -68.94 -24.33
C PRO A 113 -56.53 -70.21 -24.50
N TYR A 114 -56.70 -70.89 -25.63
CA TYR A 114 -55.95 -72.11 -25.92
C TYR A 114 -54.45 -71.90 -25.83
N VAL A 115 -54.00 -70.76 -26.33
CA VAL A 115 -52.58 -70.42 -26.30
C VAL A 115 -52.06 -70.44 -24.85
N ILE A 116 -52.80 -69.81 -23.95
CA ILE A 116 -52.44 -69.77 -22.54
C ILE A 116 -52.55 -71.18 -21.93
N SER A 117 -53.59 -71.89 -22.33
CA SER A 117 -53.85 -73.25 -21.86
C SER A 117 -52.66 -74.16 -22.17
N TYR A 118 -52.09 -73.98 -23.36
CA TYR A 118 -50.97 -74.79 -23.80
C TYR A 118 -49.63 -74.32 -23.25
N LEU A 119 -49.35 -73.03 -23.38
CA LEU A 119 -48.08 -72.46 -22.95
C LEU A 119 -47.93 -72.18 -21.47
N VAL A 120 -49.03 -71.98 -20.77
CA VAL A 120 -48.96 -71.70 -19.34
C VAL A 120 -49.48 -72.84 -18.47
N ASP A 121 -50.76 -73.12 -18.53
CA ASP A 121 -51.37 -74.18 -17.73
C ASP A 121 -50.66 -75.52 -17.83
N LEU A 122 -50.63 -76.11 -19.02
CA LEU A 122 -49.98 -77.40 -19.14
C LEU A 122 -48.48 -77.41 -18.85
N ASP A 123 -47.80 -76.29 -19.13
CA ASP A 123 -46.37 -76.17 -18.87
C ASP A 123 -46.15 -76.27 -17.37
N MET A 124 -46.96 -75.53 -16.62
CA MET A 124 -46.87 -75.52 -15.17
C MET A 124 -47.30 -76.84 -14.55
N VAL A 125 -48.20 -77.54 -15.22
CA VAL A 125 -48.69 -78.82 -14.75
C VAL A 125 -47.52 -79.81 -14.81
N LEU A 126 -46.80 -79.77 -15.93
CA LEU A 126 -45.65 -80.63 -16.18
C LEU A 126 -44.53 -80.33 -15.19
N LYS A 127 -44.26 -79.05 -14.98
CA LYS A 127 -43.24 -78.65 -14.05
C LYS A 127 -43.59 -79.00 -12.60
N CYS A 128 -44.88 -78.91 -12.26
CA CYS A 128 -45.30 -79.21 -10.92
C CYS A 128 -45.12 -80.70 -10.63
N LEU A 129 -45.65 -81.54 -11.51
CA LEU A 129 -45.53 -82.97 -11.36
C LEU A 129 -44.07 -83.42 -11.35
N ARG A 130 -43.25 -82.80 -12.20
CA ARG A 130 -41.85 -83.16 -12.27
C ARG A 130 -41.08 -82.70 -11.07
N TYR A 131 -41.51 -81.61 -10.48
CA TYR A 131 -40.80 -81.12 -9.32
C TYR A 131 -41.10 -82.04 -8.16
N TYR A 132 -42.36 -82.38 -7.97
CA TYR A 132 -42.73 -83.25 -6.87
C TYR A 132 -42.25 -84.67 -7.01
N ALA A 133 -42.05 -85.12 -8.23
CA ALA A 133 -41.53 -86.47 -8.43
C ALA A 133 -40.15 -86.53 -7.75
N GLY A 134 -39.44 -85.41 -7.82
CA GLY A 134 -38.13 -85.32 -7.25
C GLY A 134 -38.11 -85.27 -5.75
N TRP A 135 -39.23 -84.90 -5.14
CA TRP A 135 -39.30 -84.82 -3.68
C TRP A 135 -39.58 -86.17 -3.04
N ALA A 136 -40.19 -87.07 -3.81
CA ALA A 136 -40.59 -88.38 -3.34
C ALA A 136 -39.62 -89.06 -2.38
N ASP A 137 -38.34 -89.03 -2.70
CA ASP A 137 -37.38 -89.70 -1.84
C ASP A 137 -36.37 -88.76 -1.20
N LYS A 138 -36.79 -87.53 -0.92
CA LYS A 138 -35.89 -86.57 -0.30
C LYS A 138 -36.43 -85.85 0.94
N TYR A 139 -37.65 -86.18 1.37
CA TYR A 139 -38.22 -85.55 2.56
C TYR A 139 -37.80 -86.41 3.77
N HIS A 140 -36.66 -86.09 4.35
CA HIS A 140 -36.10 -86.82 5.48
C HIS A 140 -36.73 -86.56 6.83
N GLY A 141 -36.57 -87.52 7.73
CA GLY A 141 -37.01 -87.38 9.10
C GLY A 141 -35.73 -86.99 9.82
N LYS A 142 -35.75 -87.03 11.15
CA LYS A 142 -34.57 -86.64 11.91
C LYS A 142 -34.08 -87.67 12.95
N THR A 143 -32.79 -87.59 13.31
CA THR A 143 -32.24 -88.42 14.37
C THR A 143 -31.94 -87.27 15.36
N ILE A 144 -32.59 -87.35 16.52
CA ILE A 144 -32.55 -86.33 17.54
C ILE A 144 -31.67 -86.61 18.74
N PRO A 145 -30.76 -85.66 19.08
CA PRO A 145 -29.85 -85.80 20.22
C PRO A 145 -30.54 -85.54 21.56
N ILE A 146 -31.51 -86.38 21.90
CA ILE A 146 -32.28 -86.27 23.15
C ILE A 146 -31.40 -86.64 24.36
N ASP A 147 -31.78 -86.14 25.54
CA ASP A 147 -31.01 -86.43 26.77
C ASP A 147 -31.15 -87.90 27.16
N GLY A 148 -30.18 -88.40 27.91
CA GLY A 148 -30.20 -89.78 28.36
C GLY A 148 -29.72 -90.81 27.38
N ASP A 149 -29.72 -92.06 27.82
CA ASP A 149 -29.28 -93.18 26.99
C ASP A 149 -30.37 -93.67 26.07
N PHE A 150 -30.74 -92.82 25.10
CA PHE A 150 -31.78 -93.17 24.15
C PHE A 150 -31.37 -92.79 22.74
N PHE A 151 -32.02 -93.43 21.79
CA PHE A 151 -31.81 -93.14 20.39
C PHE A 151 -33.19 -92.72 19.93
N SER A 152 -33.32 -91.47 19.52
CA SER A 152 -34.60 -90.96 19.11
C SER A 152 -34.57 -90.48 17.67
N TYR A 153 -35.62 -90.79 16.94
CA TYR A 153 -35.70 -90.39 15.53
C TYR A 153 -37.14 -90.19 15.11
N THR A 154 -37.34 -89.46 14.03
CA THR A 154 -38.68 -89.23 13.49
C THR A 154 -38.85 -89.81 12.10
N ARG A 155 -40.06 -90.28 11.82
CA ARG A 155 -40.39 -90.85 10.51
C ARG A 155 -41.50 -89.95 9.95
N HIS A 156 -41.37 -89.54 8.70
CA HIS A 156 -42.41 -88.73 8.08
C HIS A 156 -43.30 -89.68 7.30
N GLU A 157 -44.41 -90.04 7.91
CA GLU A 157 -45.37 -90.95 7.31
C GLU A 157 -46.48 -90.19 6.58
N PRO A 158 -47.14 -90.84 5.62
CA PRO A 158 -48.22 -90.17 4.90
C PRO A 158 -49.39 -89.92 5.85
N VAL A 159 -50.17 -88.88 5.57
CA VAL A 159 -51.33 -88.55 6.38
C VAL A 159 -52.45 -89.61 6.25
N GLY A 160 -52.59 -90.17 5.06
CA GLY A 160 -53.58 -91.19 4.84
C GLY A 160 -54.47 -90.85 3.65
N VAL A 161 -55.79 -90.95 3.87
CA VAL A 161 -56.80 -90.65 2.87
C VAL A 161 -57.02 -89.14 2.80
N CYS A 162 -56.58 -88.52 1.72
CA CYS A 162 -56.71 -87.08 1.56
C CYS A 162 -57.84 -86.70 0.64
N GLY A 163 -58.75 -85.90 1.16
CA GLY A 163 -59.87 -85.46 0.37
C GLY A 163 -59.45 -84.16 -0.27
N GLN A 164 -59.53 -84.07 -1.59
CA GLN A 164 -59.14 -82.83 -2.25
C GLN A 164 -60.26 -82.23 -3.09
N ILE A 165 -60.69 -81.04 -2.71
CA ILE A 165 -61.78 -80.36 -3.39
C ILE A 165 -61.17 -79.16 -4.10
N ILE A 166 -61.22 -79.18 -5.42
CA ILE A 166 -60.62 -78.12 -6.23
C ILE A 166 -61.61 -77.27 -7.05
N PRO A 167 -61.27 -75.99 -7.28
CA PRO A 167 -62.06 -75.02 -8.04
C PRO A 167 -61.97 -75.20 -9.55
N TRP A 168 -62.57 -74.26 -10.27
CA TRP A 168 -62.62 -74.31 -11.73
C TRP A 168 -61.71 -73.36 -12.51
N ASN A 169 -61.11 -72.38 -11.84
CA ASN A 169 -60.27 -71.42 -12.55
C ASN A 169 -59.05 -72.02 -13.25
N PHE A 170 -58.45 -73.04 -12.65
CA PHE A 170 -57.30 -73.71 -13.24
C PHE A 170 -57.49 -75.19 -12.99
N PRO A 171 -58.41 -75.83 -13.72
CA PRO A 171 -58.73 -77.26 -13.58
C PRO A 171 -57.51 -78.18 -13.46
N LEU A 172 -56.68 -78.18 -14.50
CA LEU A 172 -55.48 -79.02 -14.53
C LEU A 172 -54.42 -78.66 -13.50
N LEU A 173 -54.06 -77.38 -13.43
CA LEU A 173 -53.06 -76.91 -12.50
C LEU A 173 -53.42 -77.21 -11.05
N MET A 174 -54.67 -76.91 -10.68
CA MET A 174 -55.14 -77.17 -9.32
C MET A 174 -55.01 -78.66 -9.03
N GLN A 175 -55.35 -79.50 -10.01
CA GLN A 175 -55.26 -80.94 -9.83
C GLN A 175 -53.83 -81.34 -9.57
N ALA A 176 -52.91 -80.81 -10.37
CA ALA A 176 -51.50 -81.14 -10.22
C ALA A 176 -50.93 -80.63 -8.89
N TRP A 177 -51.31 -79.41 -8.49
CA TRP A 177 -50.81 -78.85 -7.23
C TRP A 177 -51.26 -79.68 -6.05
N LYS A 178 -52.31 -80.47 -6.23
CA LYS A 178 -52.82 -81.31 -5.15
C LYS A 178 -52.24 -82.72 -5.21
N LEU A 179 -52.22 -83.29 -6.41
CA LEU A 179 -51.69 -84.64 -6.57
C LEU A 179 -50.19 -84.71 -6.33
N GLY A 180 -49.50 -83.65 -6.76
CA GLY A 180 -48.05 -83.60 -6.61
C GLY A 180 -47.55 -83.94 -5.23
N PRO A 181 -47.76 -83.05 -4.28
CA PRO A 181 -47.30 -83.30 -2.91
C PRO A 181 -47.96 -84.51 -2.25
N ALA A 182 -49.25 -84.70 -2.50
CA ALA A 182 -49.97 -85.82 -1.90
C ALA A 182 -49.35 -87.16 -2.30
N LEU A 183 -49.12 -87.34 -3.59
CA LEU A 183 -48.57 -88.59 -4.07
C LEU A 183 -47.09 -88.77 -3.75
N ALA A 184 -46.32 -87.70 -3.84
CA ALA A 184 -44.90 -87.76 -3.54
C ALA A 184 -44.68 -88.28 -2.12
N THR A 185 -45.56 -87.89 -1.21
CA THR A 185 -45.45 -88.33 0.19
C THR A 185 -46.14 -89.65 0.50
N GLY A 186 -46.69 -90.32 -0.53
CA GLY A 186 -47.33 -91.61 -0.35
C GLY A 186 -48.75 -91.69 0.17
N ASN A 187 -49.51 -90.60 0.04
CA ASN A 187 -50.91 -90.55 0.48
C ASN A 187 -51.79 -91.11 -0.63
N VAL A 188 -53.08 -91.26 -0.32
CA VAL A 188 -54.05 -91.70 -1.31
C VAL A 188 -55.02 -90.54 -1.44
N VAL A 189 -55.64 -90.40 -2.60
CA VAL A 189 -56.54 -89.28 -2.82
C VAL A 189 -57.98 -89.57 -3.27
N VAL A 190 -58.90 -88.75 -2.74
CA VAL A 190 -60.32 -88.77 -3.07
C VAL A 190 -60.53 -87.33 -3.53
N MET A 191 -60.53 -87.12 -4.83
CA MET A 191 -60.67 -85.78 -5.38
C MET A 191 -62.03 -85.41 -5.94
N LYS A 192 -62.49 -84.22 -5.58
CA LYS A 192 -63.78 -83.74 -6.04
C LYS A 192 -63.48 -82.53 -6.89
N VAL A 193 -63.69 -82.66 -8.19
CA VAL A 193 -63.43 -81.57 -9.13
C VAL A 193 -64.66 -80.67 -9.30
N ALA A 194 -64.41 -79.43 -9.71
CA ALA A 194 -65.48 -78.47 -9.91
C ALA A 194 -66.48 -78.91 -10.98
N GLU A 195 -67.77 -78.76 -10.68
CA GLU A 195 -68.84 -79.16 -11.60
C GLU A 195 -68.78 -78.43 -12.94
N GLN A 196 -68.17 -77.25 -12.95
CA GLN A 196 -68.04 -76.45 -14.16
C GLN A 196 -66.92 -76.94 -15.07
N THR A 197 -65.90 -77.58 -14.49
CA THR A 197 -64.77 -78.05 -15.30
C THR A 197 -64.24 -79.40 -14.87
N PRO A 198 -65.04 -80.46 -15.02
CA PRO A 198 -64.57 -81.79 -14.62
C PRO A 198 -63.85 -82.59 -15.69
N LEU A 199 -63.99 -82.18 -16.94
CA LEU A 199 -63.41 -82.93 -18.06
C LEU A 199 -61.91 -83.26 -18.08
N THR A 200 -61.06 -82.24 -18.01
CA THR A 200 -59.62 -82.48 -18.05
C THR A 200 -59.11 -83.38 -16.94
N ALA A 201 -59.56 -83.13 -15.72
CA ALA A 201 -59.14 -83.90 -14.55
C ALA A 201 -59.51 -85.36 -14.72
N LEU A 202 -60.69 -85.62 -15.28
CA LEU A 202 -61.15 -86.98 -15.48
C LEU A 202 -60.29 -87.67 -16.52
N TYR A 203 -59.83 -86.92 -17.52
CA TYR A 203 -58.97 -87.51 -18.53
C TYR A 203 -57.62 -87.87 -17.88
N VAL A 204 -57.12 -86.98 -17.04
CA VAL A 204 -55.85 -87.22 -16.36
C VAL A 204 -55.95 -88.48 -15.50
N ALA A 205 -57.14 -88.76 -14.97
CA ALA A 205 -57.33 -89.96 -14.16
C ALA A 205 -57.06 -91.17 -15.01
N ASN A 206 -57.35 -91.04 -16.29
CA ASN A 206 -57.14 -92.13 -17.25
C ASN A 206 -55.64 -92.31 -17.46
N LEU A 207 -54.92 -91.19 -17.46
CA LEU A 207 -53.47 -91.25 -17.62
C LEU A 207 -52.80 -91.82 -16.36
N ILE A 208 -53.39 -91.54 -15.19
CA ILE A 208 -52.88 -92.00 -13.92
C ILE A 208 -52.95 -93.53 -13.92
N LYS A 209 -53.97 -94.07 -14.58
CA LYS A 209 -54.12 -95.52 -14.69
C LYS A 209 -53.07 -96.05 -15.66
N GLU A 210 -52.90 -95.35 -16.78
CA GLU A 210 -51.94 -95.77 -17.79
C GLU A 210 -50.50 -95.67 -17.26
N ALA A 211 -50.28 -94.75 -16.34
CA ALA A 211 -48.96 -94.55 -15.74
C ALA A 211 -48.58 -95.70 -14.82
N GLY A 212 -49.55 -96.45 -14.33
CA GLY A 212 -49.23 -97.56 -13.48
C GLY A 212 -49.50 -97.38 -12.00
N PHE A 213 -50.16 -96.28 -11.62
CA PHE A 213 -50.49 -96.06 -10.21
C PHE A 213 -51.47 -97.14 -9.78
N PRO A 214 -51.20 -97.80 -8.65
CA PRO A 214 -52.08 -98.86 -8.15
C PRO A 214 -53.54 -98.39 -8.00
N PRO A 215 -54.50 -99.33 -8.08
CA PRO A 215 -55.92 -99.02 -7.96
C PRO A 215 -56.23 -98.41 -6.59
N GLY A 216 -57.04 -97.36 -6.59
CA GLY A 216 -57.40 -96.70 -5.34
C GLY A 216 -56.49 -95.59 -4.85
N VAL A 217 -55.31 -95.41 -5.45
CA VAL A 217 -54.41 -94.37 -5.00
C VAL A 217 -54.96 -93.00 -5.33
N VAL A 218 -55.59 -92.89 -6.48
CA VAL A 218 -56.25 -91.64 -6.87
C VAL A 218 -57.67 -91.98 -7.32
N ASN A 219 -58.65 -91.30 -6.74
CA ASN A 219 -60.03 -91.52 -7.09
C ASN A 219 -60.63 -90.16 -7.28
N ILE A 220 -61.29 -89.95 -8.41
CA ILE A 220 -61.93 -88.67 -8.67
C ILE A 220 -63.45 -88.84 -8.76
N VAL A 221 -64.18 -88.02 -7.99
CA VAL A 221 -65.62 -88.04 -7.95
C VAL A 221 -66.17 -86.70 -8.42
N PRO A 222 -66.66 -86.63 -9.68
CA PRO A 222 -67.21 -85.37 -10.20
C PRO A 222 -68.59 -85.22 -9.58
N GLY A 223 -69.03 -83.99 -9.39
CA GLY A 223 -70.33 -83.78 -8.80
C GLY A 223 -70.47 -82.40 -8.22
N PHE A 224 -71.56 -82.18 -7.49
CA PHE A 224 -71.81 -80.89 -6.88
C PHE A 224 -71.11 -80.76 -5.54
N GLY A 225 -70.95 -79.50 -5.10
CA GLY A 225 -70.30 -79.22 -3.84
C GLY A 225 -71.04 -79.65 -2.59
N PRO A 226 -72.26 -79.14 -2.37
CA PRO A 226 -73.07 -79.49 -1.19
C PRO A 226 -73.37 -80.98 -1.06
N THR A 227 -73.12 -81.71 -2.15
CA THR A 227 -73.34 -83.16 -2.19
C THR A 227 -72.04 -83.93 -2.00
N ALA A 228 -71.26 -84.05 -3.07
CA ALA A 228 -69.99 -84.76 -3.10
C ALA A 228 -68.93 -84.12 -2.21
N GLY A 229 -68.78 -82.80 -2.36
CA GLY A 229 -67.82 -82.04 -1.58
C GLY A 229 -68.02 -82.16 -0.08
N ALA A 230 -69.24 -81.94 0.38
CA ALA A 230 -69.53 -82.04 1.80
C ALA A 230 -69.39 -83.47 2.31
N ALA A 231 -69.63 -84.44 1.45
CA ALA A 231 -69.54 -85.84 1.86
C ALA A 231 -68.10 -86.18 2.22
N ILE A 232 -67.17 -85.55 1.50
CA ILE A 232 -65.75 -85.74 1.71
C ILE A 232 -65.33 -85.07 3.01
N ALA A 233 -65.72 -83.81 3.13
CA ALA A 233 -65.38 -83.02 4.32
C ALA A 233 -65.89 -83.59 5.63
N SER A 234 -67.04 -84.27 5.57
CA SER A 234 -67.64 -84.82 6.77
C SER A 234 -67.35 -86.30 6.97
N HIS A 235 -66.64 -86.91 6.03
CA HIS A 235 -66.39 -88.33 6.11
C HIS A 235 -65.56 -88.72 7.31
N GLU A 236 -65.99 -89.77 7.98
CA GLU A 236 -65.34 -90.26 9.18
C GLU A 236 -64.01 -90.97 8.92
N ASP A 237 -63.77 -91.39 7.68
CA ASP A 237 -62.56 -92.11 7.32
C ASP A 237 -61.55 -91.32 6.49
N VAL A 238 -61.83 -90.03 6.27
CA VAL A 238 -60.91 -89.15 5.54
C VAL A 238 -60.02 -88.47 6.57
N ASP A 239 -58.72 -88.69 6.44
CA ASP A 239 -57.75 -88.15 7.38
C ASP A 239 -57.45 -86.68 7.19
N LYS A 240 -57.66 -86.17 5.99
CA LYS A 240 -57.36 -84.76 5.72
C LYS A 240 -58.15 -84.26 4.53
N VAL A 241 -58.52 -82.98 4.58
CA VAL A 241 -59.27 -82.37 3.50
C VAL A 241 -58.61 -81.07 3.11
N ALA A 242 -58.25 -80.97 1.84
CA ALA A 242 -57.60 -79.79 1.31
C ALA A 242 -58.62 -79.11 0.42
N PHE A 243 -58.94 -77.87 0.75
CA PHE A 243 -59.92 -77.12 0.00
C PHE A 243 -59.38 -75.84 -0.63
N THR A 244 -59.87 -75.53 -1.82
CA THR A 244 -59.45 -74.33 -2.54
C THR A 244 -60.68 -73.73 -3.20
N GLY A 245 -61.10 -72.57 -2.72
CA GLY A 245 -62.27 -71.90 -3.26
C GLY A 245 -62.68 -70.67 -2.47
N SER A 246 -63.99 -70.44 -2.34
CA SER A 246 -64.54 -69.28 -1.63
C SER A 246 -64.36 -69.38 -0.12
N THR A 247 -64.26 -68.22 0.52
CA THR A 247 -64.10 -68.12 1.97
C THR A 247 -65.36 -68.68 2.64
N GLU A 248 -66.49 -68.47 1.96
CA GLU A 248 -67.80 -68.90 2.40
C GLU A 248 -67.85 -70.43 2.60
N ILE A 249 -67.44 -71.17 1.57
CA ILE A 249 -67.42 -72.62 1.64
C ILE A 249 -66.28 -73.12 2.51
N GLY A 250 -65.20 -72.34 2.58
CA GLY A 250 -64.04 -72.69 3.39
C GLY A 250 -64.38 -72.83 4.87
N ARG A 251 -65.37 -72.06 5.33
CA ARG A 251 -65.84 -72.13 6.70
C ARG A 251 -66.64 -73.42 6.92
N VAL A 252 -67.48 -73.74 5.94
CA VAL A 252 -68.32 -74.94 5.97
C VAL A 252 -67.42 -76.17 6.15
N ILE A 253 -66.34 -76.20 5.37
CA ILE A 253 -65.37 -77.30 5.39
C ILE A 253 -64.75 -77.48 6.77
N GLN A 254 -64.26 -76.37 7.35
CA GLN A 254 -63.63 -76.35 8.67
C GLN A 254 -64.56 -76.85 9.77
N VAL A 255 -65.81 -76.42 9.72
CA VAL A 255 -66.81 -76.83 10.69
C VAL A 255 -67.18 -78.32 10.52
N ALA A 256 -67.34 -78.77 9.27
CA ALA A 256 -67.66 -80.17 8.97
C ALA A 256 -66.54 -81.11 9.43
N ALA A 257 -65.31 -80.58 9.49
CA ALA A 257 -64.13 -81.32 9.93
C ALA A 257 -64.11 -81.45 11.45
N GLY A 258 -64.44 -80.38 12.14
CA GLY A 258 -64.46 -80.39 13.60
C GLY A 258 -65.63 -81.19 14.14
N SER A 259 -66.71 -81.27 13.34
CA SER A 259 -67.92 -82.00 13.70
C SER A 259 -67.79 -83.49 13.45
N SER A 260 -66.82 -83.89 12.62
CA SER A 260 -66.63 -85.29 12.29
C SER A 260 -65.51 -86.04 13.04
N ASN A 261 -64.32 -86.11 12.45
CA ASN A 261 -63.23 -86.84 13.07
C ASN A 261 -61.97 -86.02 13.35
N LEU A 262 -62.11 -84.70 13.42
CA LEU A 262 -60.98 -83.82 13.69
C LEU A 262 -59.86 -83.97 12.66
N LYS A 263 -60.26 -84.22 11.42
CA LYS A 263 -59.34 -84.38 10.30
C LYS A 263 -58.60 -83.07 10.05
N ARG A 264 -57.43 -83.14 9.43
CA ARG A 264 -56.64 -81.97 9.12
C ARG A 264 -57.34 -81.17 8.03
N VAL A 265 -57.13 -79.85 8.08
CA VAL A 265 -57.78 -78.97 7.10
C VAL A 265 -56.85 -77.83 6.67
N THR A 266 -56.68 -77.71 5.35
CA THR A 266 -55.91 -76.61 4.78
C THR A 266 -56.89 -75.91 3.87
N LEU A 267 -56.91 -74.58 3.95
CA LEU A 267 -57.81 -73.77 3.13
C LEU A 267 -57.07 -72.79 2.24
N GLU A 268 -57.40 -72.81 0.96
CA GLU A 268 -56.79 -71.91 -0.01
C GLU A 268 -57.91 -71.02 -0.53
N LEU A 269 -58.20 -69.98 0.25
CA LEU A 269 -59.27 -69.04 -0.08
C LEU A 269 -58.81 -67.91 -0.98
N GLY A 270 -59.76 -67.12 -1.45
CA GLY A 270 -59.43 -66.00 -2.33
C GLY A 270 -58.77 -64.82 -1.64
N GLY A 271 -58.85 -63.66 -2.29
CA GLY A 271 -58.27 -62.45 -1.74
C GLY A 271 -58.64 -61.18 -2.46
N LYS A 272 -58.12 -60.07 -1.94
CA LYS A 272 -58.34 -58.76 -2.54
C LYS A 272 -56.94 -58.17 -2.59
N SER A 273 -56.07 -58.90 -3.27
CA SER A 273 -54.65 -58.60 -3.41
C SER A 273 -54.23 -57.21 -3.89
N PRO A 274 -53.50 -56.48 -3.05
CA PRO A 274 -53.01 -55.14 -3.35
C PRO A 274 -51.77 -55.12 -4.26
N ASN A 275 -51.81 -54.30 -5.29
CA ASN A 275 -50.70 -54.16 -6.22
C ASN A 275 -50.30 -52.70 -6.11
N ILE A 276 -49.27 -52.44 -5.32
CA ILE A 276 -48.79 -51.09 -5.06
C ILE A 276 -47.76 -50.58 -6.06
N ILE A 277 -48.10 -49.51 -6.77
CA ILE A 277 -47.19 -48.91 -7.74
C ILE A 277 -46.60 -47.59 -7.20
N MET A 278 -45.31 -47.61 -6.87
CA MET A 278 -44.65 -46.41 -6.37
C MET A 278 -44.34 -45.44 -7.51
N SER A 279 -44.08 -44.19 -7.16
CA SER A 279 -43.78 -43.14 -8.12
C SER A 279 -42.52 -43.39 -8.98
N ASP A 280 -41.51 -44.04 -8.40
CA ASP A 280 -40.26 -44.32 -9.12
C ASP A 280 -40.24 -45.63 -9.92
N ALA A 281 -41.40 -46.28 -10.01
CA ALA A 281 -41.52 -47.54 -10.75
C ALA A 281 -41.38 -47.33 -12.25
N ASP A 282 -40.98 -48.39 -12.95
CA ASP A 282 -40.84 -48.34 -14.40
C ASP A 282 -42.26 -48.34 -14.95
N MET A 283 -42.69 -47.16 -15.40
CA MET A 283 -44.03 -46.95 -15.91
C MET A 283 -44.49 -48.02 -16.92
N ASP A 284 -43.73 -48.23 -17.98
CA ASP A 284 -44.08 -49.22 -19.00
C ASP A 284 -44.35 -50.61 -18.42
N TRP A 285 -43.42 -51.08 -17.61
CA TRP A 285 -43.50 -52.39 -16.96
C TRP A 285 -44.68 -52.46 -15.96
N ALA A 286 -44.77 -51.47 -15.08
CA ALA A 286 -45.82 -51.41 -14.07
C ALA A 286 -47.22 -51.48 -14.68
N VAL A 287 -47.42 -50.75 -15.77
CA VAL A 287 -48.70 -50.72 -16.47
C VAL A 287 -49.04 -52.08 -17.07
N GLU A 288 -48.08 -52.66 -17.75
CA GLU A 288 -48.26 -53.96 -18.37
C GLU A 288 -48.47 -55.07 -17.32
N GLN A 289 -47.72 -55.00 -16.23
CA GLN A 289 -47.85 -56.00 -15.17
C GLN A 289 -49.13 -55.81 -14.36
N ALA A 290 -49.53 -54.57 -14.12
CA ALA A 290 -50.76 -54.30 -13.36
C ALA A 290 -51.95 -54.82 -14.17
N HIS A 291 -51.84 -54.71 -15.49
CA HIS A 291 -52.89 -55.17 -16.40
C HIS A 291 -52.97 -56.70 -16.30
N PHE A 292 -51.82 -57.35 -16.39
CA PHE A 292 -51.71 -58.80 -16.29
C PHE A 292 -52.19 -59.27 -14.91
N ALA A 293 -51.72 -58.55 -13.90
CA ALA A 293 -52.04 -58.84 -12.50
C ALA A 293 -53.52 -59.03 -12.25
N LEU A 294 -54.35 -58.25 -12.95
CA LEU A 294 -55.78 -58.36 -12.76
C LEU A 294 -56.52 -59.15 -13.83
N PHE A 295 -56.27 -58.80 -15.09
CA PHE A 295 -56.95 -59.45 -16.21
C PHE A 295 -56.63 -60.90 -16.51
N PHE A 296 -55.51 -61.40 -15.97
CA PHE A 296 -55.08 -62.78 -16.19
C PHE A 296 -56.19 -63.80 -15.91
N ASN A 297 -56.40 -64.71 -16.86
CA ASN A 297 -57.41 -65.76 -16.78
C ASN A 297 -58.81 -65.21 -16.55
N GLN A 298 -59.17 -64.17 -17.30
CA GLN A 298 -60.48 -63.52 -17.20
C GLN A 298 -60.72 -62.97 -15.80
N GLY A 299 -59.63 -62.63 -15.11
CA GLY A 299 -59.71 -62.12 -13.75
C GLY A 299 -60.03 -63.20 -12.72
N GLN A 300 -60.28 -64.42 -13.18
CA GLN A 300 -60.62 -65.56 -12.32
C GLN A 300 -59.35 -66.15 -11.73
N CYS A 301 -58.70 -65.35 -10.89
CA CYS A 301 -57.46 -65.71 -10.26
C CYS A 301 -57.57 -65.40 -8.77
N CYS A 302 -57.27 -66.39 -7.92
CA CYS A 302 -57.35 -66.23 -6.47
C CYS A 302 -56.54 -65.05 -5.93
N CYS A 303 -55.38 -64.80 -6.52
CA CYS A 303 -54.53 -63.73 -6.06
C CYS A 303 -54.44 -62.59 -7.05
N ALA A 304 -55.53 -62.33 -7.76
CA ALA A 304 -55.62 -61.26 -8.73
C ALA A 304 -55.37 -59.89 -8.05
N GLY A 305 -54.60 -59.02 -8.70
CA GLY A 305 -54.33 -57.71 -8.15
C GLY A 305 -55.54 -56.80 -8.39
N SER A 306 -56.62 -57.06 -7.65
CA SER A 306 -57.87 -56.31 -7.76
C SER A 306 -57.87 -54.96 -7.02
N ARG A 307 -56.73 -54.59 -6.45
CA ARG A 307 -56.61 -53.31 -5.75
C ARG A 307 -55.30 -52.68 -6.18
N THR A 308 -55.31 -51.96 -7.30
CA THR A 308 -54.09 -51.34 -7.80
C THR A 308 -53.86 -49.96 -7.18
N PHE A 309 -53.07 -49.91 -6.13
CA PHE A 309 -52.77 -48.64 -5.48
C PHE A 309 -51.68 -47.95 -6.29
N VAL A 310 -51.93 -46.70 -6.69
CA VAL A 310 -50.98 -45.93 -7.47
C VAL A 310 -50.66 -44.58 -6.81
N GLN A 311 -49.38 -44.25 -6.70
CA GLN A 311 -48.92 -43.00 -6.09
C GLN A 311 -49.47 -41.81 -6.88
N GLU A 312 -49.93 -40.78 -6.16
CA GLU A 312 -50.51 -39.60 -6.78
C GLU A 312 -49.74 -38.92 -7.93
N ASP A 313 -48.42 -38.83 -7.80
CA ASP A 313 -47.58 -38.20 -8.83
C ASP A 313 -47.68 -38.86 -10.20
N ILE A 314 -47.95 -40.16 -10.24
CA ILE A 314 -48.05 -40.87 -11.51
C ILE A 314 -49.44 -41.45 -11.79
N TYR A 315 -50.39 -41.13 -10.92
CA TYR A 315 -51.77 -41.60 -11.01
C TYR A 315 -52.42 -41.36 -12.38
N ASP A 316 -52.48 -40.09 -12.79
CA ASP A 316 -53.11 -39.71 -14.06
C ASP A 316 -52.52 -40.43 -15.26
N GLU A 317 -51.20 -40.45 -15.36
CA GLU A 317 -50.53 -41.13 -16.46
C GLU A 317 -50.76 -42.64 -16.42
N PHE A 318 -50.68 -43.22 -15.23
CA PHE A 318 -50.87 -44.66 -15.05
C PHE A 318 -52.26 -45.04 -15.51
N VAL A 319 -53.27 -44.37 -14.94
CA VAL A 319 -54.67 -44.59 -15.25
C VAL A 319 -54.94 -44.51 -16.75
N GLU A 320 -54.36 -43.50 -17.38
CA GLU A 320 -54.53 -43.29 -18.82
C GLU A 320 -54.03 -44.49 -19.62
N ARG A 321 -52.83 -44.96 -19.29
CA ARG A 321 -52.23 -46.10 -19.95
C ARG A 321 -52.97 -47.41 -19.69
N SER A 322 -53.43 -47.57 -18.45
CA SER A 322 -54.17 -48.76 -18.06
C SER A 322 -55.48 -48.86 -18.84
N VAL A 323 -56.16 -47.72 -19.00
CA VAL A 323 -57.43 -47.67 -19.72
C VAL A 323 -57.22 -48.00 -21.19
N ALA A 324 -56.14 -47.47 -21.75
CA ALA A 324 -55.81 -47.71 -23.15
C ALA A 324 -55.54 -49.20 -23.37
N ARG A 325 -54.80 -49.81 -22.45
CA ARG A 325 -54.46 -51.22 -22.52
C ARG A 325 -55.71 -52.09 -22.36
N ALA A 326 -56.59 -51.68 -21.47
CA ALA A 326 -57.83 -52.40 -21.23
C ALA A 326 -58.73 -52.41 -22.47
N LYS A 327 -58.80 -51.25 -23.15
CA LYS A 327 -59.60 -51.12 -24.37
C LYS A 327 -59.04 -51.93 -25.52
N SER A 328 -57.72 -52.09 -25.54
CA SER A 328 -57.03 -52.84 -26.58
C SER A 328 -57.01 -54.36 -26.35
N ARG A 329 -57.44 -54.80 -25.16
CA ARG A 329 -57.47 -56.21 -24.85
C ARG A 329 -58.53 -56.93 -25.68
N VAL A 330 -58.06 -57.80 -26.56
CA VAL A 330 -58.91 -58.58 -27.47
C VAL A 330 -59.76 -59.64 -26.76
N VAL A 331 -61.07 -59.50 -26.85
CA VAL A 331 -62.00 -60.46 -26.25
C VAL A 331 -62.61 -61.26 -27.40
N GLY A 332 -62.72 -62.57 -27.23
CA GLY A 332 -63.31 -63.39 -28.29
C GLY A 332 -63.19 -64.89 -28.11
N ASN A 333 -63.28 -65.60 -29.24
CA ASN A 333 -63.19 -67.05 -29.27
C ASN A 333 -61.83 -67.47 -28.71
N PRO A 334 -61.83 -68.22 -27.58
CA PRO A 334 -60.60 -68.68 -26.93
C PRO A 334 -59.66 -69.50 -27.82
N PHE A 335 -60.19 -70.14 -28.85
CA PHE A 335 -59.38 -70.94 -29.77
C PHE A 335 -58.67 -70.07 -30.84
N ASP A 336 -58.98 -68.79 -30.86
CA ASP A 336 -58.39 -67.84 -31.80
C ASP A 336 -57.08 -67.35 -31.18
N SER A 337 -56.00 -67.42 -31.95
CA SER A 337 -54.69 -67.00 -31.46
C SER A 337 -54.57 -65.55 -31.00
N LYS A 338 -55.39 -64.66 -31.56
CA LYS A 338 -55.36 -63.25 -31.19
C LYS A 338 -56.08 -62.96 -29.88
N THR A 339 -56.95 -63.88 -29.47
CA THR A 339 -57.74 -63.73 -28.24
C THR A 339 -56.90 -63.66 -26.97
N GLU A 340 -57.08 -62.58 -26.22
CA GLU A 340 -56.37 -62.38 -24.97
C GLU A 340 -57.27 -62.77 -23.79
N GLN A 341 -58.57 -62.52 -23.94
CA GLN A 341 -59.55 -62.81 -22.91
C GLN A 341 -60.73 -63.63 -23.45
N GLY A 342 -61.00 -64.76 -22.80
CA GLY A 342 -62.12 -65.60 -23.20
C GLY A 342 -63.34 -65.29 -22.34
N PRO A 343 -64.32 -66.17 -22.29
CA PRO A 343 -65.51 -65.92 -21.48
C PRO A 343 -65.28 -66.29 -20.03
N GLN A 344 -66.21 -65.93 -19.15
CA GLN A 344 -66.12 -66.29 -17.75
C GLN A 344 -66.59 -67.76 -17.69
N VAL A 345 -66.26 -68.46 -16.61
CA VAL A 345 -66.59 -69.88 -16.48
C VAL A 345 -68.04 -70.30 -16.70
N ASP A 346 -68.98 -69.58 -16.09
CA ASP A 346 -70.38 -69.91 -16.22
C ASP A 346 -71.32 -68.71 -16.10
N GLU A 347 -72.62 -68.99 -16.23
CA GLU A 347 -73.66 -67.98 -16.14
C GLU A 347 -73.70 -67.33 -14.76
N THR A 348 -73.60 -68.13 -13.70
CA THR A 348 -73.63 -67.62 -12.34
C THR A 348 -72.56 -66.54 -12.09
N GLN A 349 -71.33 -66.81 -12.51
CA GLN A 349 -70.24 -65.85 -12.35
C GLN A 349 -70.45 -64.66 -13.25
N PHE A 350 -71.01 -64.92 -14.43
CA PHE A 350 -71.31 -63.90 -15.43
C PHE A 350 -72.18 -62.81 -14.83
N LYS A 351 -73.25 -63.22 -14.16
CA LYS A 351 -74.17 -62.28 -13.55
C LYS A 351 -73.58 -61.64 -12.29
N LYS A 352 -72.91 -62.45 -11.47
CA LYS A 352 -72.31 -61.96 -10.22
C LYS A 352 -71.35 -60.80 -10.48
N ILE A 353 -70.63 -60.90 -11.59
CA ILE A 353 -69.66 -59.89 -11.97
C ILE A 353 -70.36 -58.64 -12.52
N LEU A 354 -71.41 -58.84 -13.31
CA LEU A 354 -72.19 -57.72 -13.86
C LEU A 354 -72.80 -56.97 -12.68
N GLY A 355 -73.15 -57.73 -11.63
CA GLY A 355 -73.72 -57.15 -10.44
C GLY A 355 -72.72 -56.24 -9.74
N TYR A 356 -71.48 -56.71 -9.61
CA TYR A 356 -70.42 -55.91 -8.99
C TYR A 356 -70.12 -54.67 -9.80
N ILE A 357 -70.20 -54.77 -11.13
CA ILE A 357 -69.96 -53.64 -12.02
C ILE A 357 -70.99 -52.57 -11.69
N ASN A 358 -72.25 -52.99 -11.64
CA ASN A 358 -73.35 -52.09 -11.34
C ASN A 358 -73.15 -51.46 -9.97
N THR A 359 -72.82 -52.30 -8.99
CA THR A 359 -72.58 -51.84 -7.62
C THR A 359 -71.46 -50.80 -7.58
N GLY A 360 -70.52 -50.92 -8.51
CA GLY A 360 -69.41 -49.99 -8.59
C GLY A 360 -69.86 -48.61 -9.02
N LYS A 361 -70.69 -48.56 -10.06
CA LYS A 361 -71.22 -47.31 -10.60
C LYS A 361 -72.07 -46.60 -9.54
N GLN A 362 -72.90 -47.40 -8.87
CA GLN A 362 -73.80 -46.96 -7.81
C GLN A 362 -73.09 -46.28 -6.64
N GLU A 363 -71.93 -46.80 -6.26
CA GLU A 363 -71.19 -46.27 -5.11
C GLU A 363 -70.29 -45.05 -5.35
N GLY A 364 -70.20 -44.60 -6.60
CA GLY A 364 -69.39 -43.42 -6.89
C GLY A 364 -68.07 -43.67 -7.59
N ALA A 365 -67.75 -44.92 -7.88
CA ALA A 365 -66.52 -45.25 -8.58
C ALA A 365 -66.65 -44.76 -10.02
N LYS A 366 -65.59 -44.16 -10.53
CA LYS A 366 -65.56 -43.61 -11.89
C LYS A 366 -65.29 -44.65 -12.97
N LEU A 367 -66.32 -45.01 -13.74
CA LEU A 367 -66.19 -46.00 -14.80
C LEU A 367 -65.39 -45.41 -15.96
N LEU A 368 -64.20 -45.94 -16.17
CA LEU A 368 -63.32 -45.43 -17.22
C LEU A 368 -63.42 -46.16 -18.56
N CYS A 369 -63.92 -47.40 -18.56
CA CYS A 369 -64.06 -48.18 -19.78
C CYS A 369 -64.84 -49.47 -19.54
N GLY A 370 -65.39 -50.04 -20.60
CA GLY A 370 -66.16 -51.28 -20.53
C GLY A 370 -67.36 -51.15 -19.62
N GLY A 371 -67.66 -52.20 -18.86
CA GLY A 371 -68.79 -52.16 -17.94
C GLY A 371 -70.01 -52.92 -18.39
N GLY A 372 -69.94 -53.57 -19.55
CA GLY A 372 -71.09 -54.32 -20.04
C GLY A 372 -70.72 -55.60 -20.76
N ILE A 373 -71.72 -56.28 -21.29
CA ILE A 373 -71.54 -57.53 -22.02
C ILE A 373 -70.72 -57.31 -23.29
N ALA A 374 -69.78 -58.20 -23.58
CA ALA A 374 -68.92 -58.07 -24.77
C ALA A 374 -69.37 -58.89 -25.98
N ALA A 375 -70.42 -59.70 -25.80
CA ALA A 375 -70.95 -60.52 -26.89
C ALA A 375 -72.29 -61.11 -26.49
N ASP A 376 -73.15 -61.32 -27.49
CA ASP A 376 -74.49 -61.87 -27.23
C ASP A 376 -74.46 -63.38 -26.93
N ARG A 377 -73.43 -64.06 -27.42
CA ARG A 377 -73.29 -65.49 -27.18
C ARG A 377 -72.10 -65.77 -26.25
N GLY A 378 -72.30 -66.64 -25.28
CA GLY A 378 -71.24 -66.95 -24.35
C GLY A 378 -71.23 -65.95 -23.21
N TYR A 379 -70.43 -66.22 -22.18
CA TYR A 379 -70.38 -65.34 -21.02
C TYR A 379 -69.20 -64.35 -21.09
N PHE A 380 -69.16 -63.55 -22.14
CA PHE A 380 -68.09 -62.57 -22.33
C PHE A 380 -68.37 -61.24 -21.68
N ILE A 381 -67.34 -60.68 -21.04
CA ILE A 381 -67.47 -59.39 -20.38
C ILE A 381 -66.36 -58.47 -20.80
N GLN A 382 -66.70 -57.22 -21.02
CA GLN A 382 -65.73 -56.24 -21.46
C GLN A 382 -64.75 -55.88 -20.35
N PRO A 383 -63.47 -55.71 -20.72
CA PRO A 383 -62.44 -55.35 -19.74
C PRO A 383 -62.86 -54.03 -19.10
N THR A 384 -63.21 -54.09 -17.83
CA THR A 384 -63.67 -52.93 -17.10
C THR A 384 -62.64 -52.35 -16.14
N VAL A 385 -62.58 -51.02 -16.08
CA VAL A 385 -61.65 -50.32 -15.19
C VAL A 385 -62.37 -49.21 -14.42
N PHE A 386 -62.18 -49.20 -13.10
CA PHE A 386 -62.78 -48.19 -12.25
C PHE A 386 -61.69 -47.30 -11.66
N GLY A 387 -61.88 -45.99 -11.77
CA GLY A 387 -60.92 -45.05 -11.23
C GLY A 387 -61.40 -44.42 -9.94
N ASP A 388 -60.50 -43.77 -9.22
CA ASP A 388 -60.82 -43.11 -7.96
C ASP A 388 -61.60 -43.97 -6.96
N VAL A 389 -61.24 -45.25 -6.86
CA VAL A 389 -61.90 -46.15 -5.94
C VAL A 389 -61.48 -45.83 -4.51
N GLN A 390 -62.40 -46.04 -3.57
CA GLN A 390 -62.14 -45.79 -2.14
C GLN A 390 -62.19 -47.10 -1.36
N ASP A 391 -61.43 -47.13 -0.27
CA ASP A 391 -61.36 -48.30 0.59
C ASP A 391 -62.73 -48.79 1.07
N GLY A 392 -63.64 -47.85 1.29
CA GLY A 392 -64.97 -48.19 1.77
C GLY A 392 -65.92 -48.83 0.77
N MET A 393 -65.65 -48.64 -0.52
CA MET A 393 -66.49 -49.19 -1.59
C MET A 393 -66.53 -50.73 -1.61
N THR A 394 -67.66 -51.27 -2.05
CA THR A 394 -67.85 -52.72 -2.13
C THR A 394 -66.84 -53.33 -3.09
N ILE A 395 -66.68 -52.71 -4.27
CA ILE A 395 -65.74 -53.22 -5.28
C ILE A 395 -64.29 -53.19 -4.82
N ALA A 396 -64.04 -52.54 -3.69
CA ALA A 396 -62.69 -52.46 -3.13
C ALA A 396 -62.54 -53.37 -1.92
N LYS A 397 -63.61 -54.10 -1.58
CA LYS A 397 -63.58 -55.00 -0.42
C LYS A 397 -63.89 -56.46 -0.78
N GLU A 398 -64.82 -56.65 -1.71
CA GLU A 398 -65.22 -57.98 -2.11
C GLU A 398 -64.57 -58.47 -3.39
N GLU A 399 -64.19 -59.74 -3.38
CA GLU A 399 -63.56 -60.36 -4.53
C GLU A 399 -64.53 -60.55 -5.67
N ILE A 400 -64.30 -59.81 -6.74
CA ILE A 400 -65.15 -59.86 -7.92
C ILE A 400 -64.89 -61.11 -8.79
N PHE A 401 -63.62 -61.49 -8.94
CA PHE A 401 -63.20 -62.62 -9.74
C PHE A 401 -63.59 -62.51 -11.20
N GLY A 402 -63.41 -61.33 -11.74
CA GLY A 402 -63.72 -61.02 -13.11
C GLY A 402 -62.84 -59.92 -13.65
N PRO A 403 -62.91 -59.62 -14.96
CA PRO A 403 -62.10 -58.57 -15.60
C PRO A 403 -62.48 -57.14 -15.20
N VAL A 404 -62.44 -56.86 -13.90
CA VAL A 404 -62.80 -55.55 -13.40
C VAL A 404 -61.67 -55.00 -12.55
N MET A 405 -61.00 -53.97 -13.06
CA MET A 405 -59.88 -53.35 -12.36
C MET A 405 -60.25 -52.16 -11.48
N GLN A 406 -59.67 -52.10 -10.29
CA GLN A 406 -59.91 -51.01 -9.35
C GLN A 406 -58.60 -50.28 -9.14
N ILE A 407 -58.59 -48.99 -9.43
CA ILE A 407 -57.38 -48.21 -9.25
C ILE A 407 -57.58 -47.18 -8.16
N LEU A 408 -56.80 -47.29 -7.11
CA LEU A 408 -56.89 -46.38 -5.96
C LEU A 408 -55.69 -45.46 -5.96
N LYS A 409 -55.83 -44.30 -5.32
CA LYS A 409 -54.74 -43.34 -5.24
C LYS A 409 -54.25 -43.22 -3.80
N PHE A 410 -52.95 -42.98 -3.64
CA PHE A 410 -52.35 -42.82 -2.32
C PHE A 410 -51.20 -41.83 -2.36
N LYS A 411 -50.81 -41.37 -1.18
CA LYS A 411 -49.75 -40.40 -1.09
C LYS A 411 -48.44 -40.95 -0.52
N THR A 412 -48.46 -41.42 0.71
CA THR A 412 -47.25 -41.94 1.35
C THR A 412 -47.12 -43.45 1.38
N ILE A 413 -45.90 -43.93 1.63
CA ILE A 413 -45.64 -45.35 1.69
C ILE A 413 -46.19 -45.92 3.00
N GLU A 414 -46.18 -45.11 4.05
CA GLU A 414 -46.69 -45.54 5.36
C GLU A 414 -48.20 -45.68 5.25
N GLU A 415 -48.79 -44.82 4.42
CA GLU A 415 -50.23 -44.82 4.20
C GLU A 415 -50.69 -46.07 3.47
N VAL A 416 -50.06 -46.37 2.33
CA VAL A 416 -50.45 -47.52 1.53
C VAL A 416 -50.31 -48.85 2.29
N VAL A 417 -49.34 -48.93 3.20
CA VAL A 417 -49.10 -50.14 4.01
C VAL A 417 -50.37 -50.46 4.77
N GLY A 418 -50.83 -49.47 5.54
CA GLY A 418 -52.04 -49.61 6.34
C GLY A 418 -53.27 -49.91 5.51
N ARG A 419 -53.38 -49.27 4.34
CA ARG A 419 -54.53 -49.47 3.48
C ARG A 419 -54.53 -50.83 2.80
N ALA A 420 -53.35 -51.29 2.37
CA ALA A 420 -53.23 -52.60 1.72
C ALA A 420 -53.45 -53.71 2.74
N ASN A 421 -52.98 -53.49 3.95
CA ASN A 421 -53.14 -54.46 5.02
C ASN A 421 -54.55 -54.52 5.61
N ASN A 422 -55.28 -53.40 5.52
CA ASN A 422 -56.63 -53.31 6.05
C ASN A 422 -57.56 -54.13 5.13
N SER A 423 -57.59 -55.44 5.38
CA SER A 423 -58.39 -56.37 4.60
C SER A 423 -58.48 -57.70 5.36
N THR A 424 -59.56 -58.44 5.12
CA THR A 424 -59.75 -59.76 5.74
C THR A 424 -58.89 -60.78 5.00
N TYR A 425 -58.45 -60.41 3.81
CA TYR A 425 -57.62 -61.28 2.97
C TYR A 425 -56.14 -60.96 3.10
N GLY A 426 -55.30 -61.89 2.66
CA GLY A 426 -53.87 -61.72 2.70
C GLY A 426 -53.16 -62.80 1.90
N LEU A 427 -53.71 -63.13 0.73
CA LEU A 427 -53.15 -64.16 -0.12
C LEU A 427 -51.89 -63.72 -0.85
N ALA A 428 -51.93 -62.53 -1.43
CA ALA A 428 -50.80 -61.99 -2.16
C ALA A 428 -50.76 -60.48 -2.14
N ALA A 429 -49.66 -59.93 -2.66
CA ALA A 429 -49.41 -58.49 -2.74
C ALA A 429 -48.26 -58.27 -3.71
N ALA A 430 -48.13 -57.05 -4.22
CA ALA A 430 -47.07 -56.70 -5.16
C ALA A 430 -46.60 -55.27 -5.00
N VAL A 431 -45.34 -55.03 -5.32
CA VAL A 431 -44.81 -53.69 -5.19
C VAL A 431 -43.91 -53.43 -6.38
N PHE A 432 -44.10 -52.28 -7.01
CA PHE A 432 -43.28 -51.87 -8.14
C PHE A 432 -42.54 -50.61 -7.76
N THR A 433 -41.23 -50.73 -7.75
CA THR A 433 -40.35 -49.63 -7.39
C THR A 433 -38.93 -49.98 -7.83
N LYS A 434 -38.07 -48.97 -7.91
CA LYS A 434 -36.68 -49.16 -8.29
C LYS A 434 -35.82 -48.99 -7.06
N ASP A 435 -36.42 -48.48 -5.99
CA ASP A 435 -35.67 -48.28 -4.76
C ASP A 435 -35.57 -49.51 -3.87
N LEU A 436 -34.33 -49.83 -3.48
CA LEU A 436 -34.03 -50.96 -2.62
C LEU A 436 -34.76 -50.87 -1.29
N ASP A 437 -34.56 -49.77 -0.57
CA ASP A 437 -35.20 -49.59 0.74
C ASP A 437 -36.72 -49.65 0.73
N LYS A 438 -37.33 -49.11 -0.32
CA LYS A 438 -38.78 -49.13 -0.42
C LYS A 438 -39.28 -50.55 -0.63
N ALA A 439 -38.60 -51.29 -1.51
CA ALA A 439 -39.00 -52.66 -1.79
C ALA A 439 -38.85 -53.53 -0.55
N ASN A 440 -37.79 -53.34 0.23
CA ASN A 440 -37.58 -54.13 1.44
C ASN A 440 -38.55 -53.77 2.55
N TYR A 441 -38.85 -52.47 2.66
CA TYR A 441 -39.79 -51.96 3.66
C TYR A 441 -41.16 -52.56 3.41
N LEU A 442 -41.62 -52.46 2.17
CA LEU A 442 -42.93 -52.99 1.81
C LEU A 442 -43.09 -54.49 1.87
N SER A 443 -42.11 -55.23 1.33
CA SER A 443 -42.20 -56.68 1.32
C SER A 443 -42.28 -57.23 2.74
N GLN A 444 -41.69 -56.51 3.68
CA GLN A 444 -41.72 -56.92 5.08
C GLN A 444 -43.01 -56.49 5.79
N ALA A 445 -43.46 -55.27 5.49
CA ALA A 445 -44.65 -54.70 6.09
C ALA A 445 -45.97 -55.30 5.59
N LEU A 446 -46.03 -55.62 4.30
CA LEU A 446 -47.24 -56.20 3.72
C LEU A 446 -47.63 -57.56 4.32
N GLN A 447 -48.87 -57.68 4.77
CA GLN A 447 -49.34 -58.92 5.36
C GLN A 447 -49.97 -59.81 4.30
N ALA A 448 -49.10 -60.46 3.53
CA ALA A 448 -49.53 -61.36 2.48
C ALA A 448 -48.62 -62.58 2.42
N GLY A 449 -49.20 -63.72 2.01
CA GLY A 449 -48.43 -64.94 1.93
C GLY A 449 -47.35 -64.87 0.87
N THR A 450 -47.60 -64.09 -0.17
CA THR A 450 -46.65 -63.93 -1.26
C THR A 450 -46.57 -62.48 -1.65
N VAL A 451 -45.37 -61.91 -1.60
CA VAL A 451 -45.15 -60.52 -2.00
C VAL A 451 -44.23 -60.47 -3.24
N TRP A 452 -44.76 -60.00 -4.35
CA TRP A 452 -43.96 -59.87 -5.57
C TRP A 452 -43.33 -58.47 -5.67
N VAL A 453 -42.10 -58.41 -6.16
CA VAL A 453 -41.42 -57.13 -6.35
C VAL A 453 -41.11 -56.99 -7.85
N ASN A 454 -41.75 -55.99 -8.47
CA ASN A 454 -41.56 -55.72 -9.89
C ASN A 454 -41.96 -56.88 -10.77
N CYS A 455 -42.98 -57.61 -10.35
CA CYS A 455 -43.51 -58.72 -11.14
C CYS A 455 -44.81 -59.12 -10.50
N TYR A 456 -45.51 -60.07 -11.09
CA TYR A 456 -46.77 -60.50 -10.53
C TYR A 456 -47.10 -61.89 -11.06
N ASP A 457 -47.82 -62.67 -10.25
CA ASP A 457 -48.20 -64.02 -10.61
C ASP A 457 -47.02 -64.89 -11.03
N VAL A 458 -45.91 -64.74 -10.33
CA VAL A 458 -44.72 -65.55 -10.59
C VAL A 458 -44.70 -66.70 -9.60
N PHE A 459 -45.27 -67.82 -10.05
CA PHE A 459 -45.36 -69.01 -9.25
C PHE A 459 -44.31 -69.98 -9.71
N GLY A 460 -43.62 -70.56 -8.75
CA GLY A 460 -42.61 -71.55 -9.07
C GLY A 460 -43.11 -72.80 -8.39
N ALA A 461 -42.93 -73.96 -9.02
CA ALA A 461 -43.34 -75.20 -8.39
C ALA A 461 -42.53 -75.32 -7.09
N GLN A 462 -41.39 -74.62 -7.06
CA GLN A 462 -40.44 -74.58 -5.93
C GLN A 462 -40.80 -73.62 -4.77
N SER A 463 -41.57 -72.56 -5.05
CA SER A 463 -41.94 -71.60 -4.00
C SER A 463 -43.33 -71.80 -3.38
N PRO A 464 -43.42 -71.75 -2.04
CA PRO A 464 -44.68 -71.94 -1.31
C PRO A 464 -45.73 -70.87 -1.62
N PHE A 465 -46.99 -71.30 -1.63
CA PHE A 465 -48.12 -70.41 -1.92
C PHE A 465 -49.28 -70.65 -0.97
N GLY A 466 -49.62 -69.61 -0.21
CA GLY A 466 -50.72 -69.70 0.74
C GLY A 466 -51.05 -68.32 1.26
N GLY A 467 -52.04 -68.24 2.14
CA GLY A 467 -52.42 -66.95 2.66
C GLY A 467 -52.42 -66.73 4.16
N TYR A 468 -52.54 -65.45 4.52
CA TYR A 468 -52.61 -64.99 5.90
C TYR A 468 -54.08 -64.73 6.20
N LYS A 469 -54.40 -64.64 7.49
CA LYS A 469 -55.77 -64.35 7.93
C LYS A 469 -56.84 -65.25 7.30
N MET A 470 -57.91 -64.63 6.81
CA MET A 470 -59.03 -65.35 6.19
C MET A 470 -58.82 -65.76 4.74
N SER A 471 -57.56 -65.86 4.32
CA SER A 471 -57.22 -66.31 2.98
C SER A 471 -56.86 -67.79 3.06
N GLY A 472 -56.91 -68.32 4.29
CA GLY A 472 -56.61 -69.71 4.52
C GLY A 472 -55.41 -69.97 5.42
N SER A 473 -55.19 -71.26 5.66
CA SER A 473 -54.07 -71.73 6.48
C SER A 473 -53.32 -72.81 5.68
N GLY A 474 -52.04 -73.02 6.02
CA GLY A 474 -51.26 -74.00 5.30
C GLY A 474 -50.72 -73.46 3.98
N ARG A 475 -49.74 -74.16 3.41
CA ARG A 475 -49.12 -73.74 2.16
C ARG A 475 -49.09 -74.85 1.11
N GLU A 476 -48.91 -74.45 -0.15
CA GLU A 476 -48.81 -75.36 -1.28
C GLU A 476 -47.56 -74.99 -2.08
N LEU A 477 -47.06 -75.94 -2.87
CA LEU A 477 -45.83 -75.75 -3.66
C LEU A 477 -44.59 -75.69 -2.75
N GLY A 478 -43.44 -76.09 -3.31
CA GLY A 478 -42.21 -76.11 -2.55
C GLY A 478 -42.15 -77.19 -1.48
N GLU A 479 -41.13 -77.13 -0.63
CA GLU A 479 -40.95 -78.09 0.45
C GLU A 479 -42.09 -77.98 1.50
N TYR A 480 -42.65 -76.79 1.65
CA TYR A 480 -43.74 -76.53 2.60
C TYR A 480 -45.03 -77.27 2.28
N GLY A 481 -45.20 -77.59 0.99
CA GLY A 481 -46.38 -78.33 0.56
C GLY A 481 -46.35 -79.74 1.08
N LEU A 482 -45.16 -80.25 1.38
CA LEU A 482 -45.01 -81.61 1.88
C LEU A 482 -45.43 -81.76 3.34
N GLN A 483 -45.26 -80.69 4.12
CA GLN A 483 -45.63 -80.68 5.53
C GLN A 483 -47.08 -81.05 5.80
N ALA A 484 -47.98 -80.46 5.02
CA ALA A 484 -49.40 -80.71 5.15
C ALA A 484 -49.81 -82.15 4.83
N TYR A 485 -48.98 -82.87 4.07
CA TYR A 485 -49.31 -84.25 3.73
C TYR A 485 -48.47 -85.26 4.49
N THR A 486 -47.95 -84.85 5.63
CA THR A 486 -47.09 -85.72 6.41
C THR A 486 -47.43 -85.80 7.90
N LYS A 487 -47.29 -86.99 8.48
CA LYS A 487 -47.51 -87.19 9.92
C LYS A 487 -46.11 -87.47 10.50
N VAL A 488 -45.80 -86.87 11.64
CA VAL A 488 -44.51 -87.08 12.27
C VAL A 488 -44.60 -88.14 13.35
N LYS A 489 -43.94 -89.26 13.18
CA LYS A 489 -43.94 -90.26 14.20
C LYS A 489 -42.53 -90.22 14.80
N THR A 490 -42.45 -90.24 16.13
CA THR A 490 -41.19 -90.25 16.85
C THR A 490 -40.99 -91.64 17.44
N VAL A 491 -39.81 -92.21 17.27
CA VAL A 491 -39.50 -93.49 17.86
C VAL A 491 -38.32 -93.26 18.79
N THR A 492 -38.50 -93.52 20.09
CA THR A 492 -37.42 -93.34 21.05
C THR A 492 -37.04 -94.67 21.60
N VAL A 493 -35.83 -95.11 21.32
CA VAL A 493 -35.38 -96.41 21.80
C VAL A 493 -34.33 -96.32 22.90
N LYS A 494 -34.49 -97.15 23.93
CA LYS A 494 -33.49 -97.23 25.01
C LYS A 494 -32.23 -97.93 24.47
N VAL A 495 -31.06 -97.35 24.73
CA VAL A 495 -29.79 -97.92 24.28
C VAL A 495 -28.83 -98.13 25.44
N PRO A 496 -27.86 -99.06 25.28
CA PRO A 496 -26.87 -99.37 26.32
C PRO A 496 -26.14 -98.16 26.93
N GLN A 497 -25.50 -97.34 26.11
CA GLN A 497 -24.80 -96.17 26.62
C GLN A 497 -24.57 -95.19 25.49
N LYS A 498 -25.22 -94.05 25.58
CA LYS A 498 -25.12 -93.04 24.54
C LYS A 498 -23.83 -92.26 24.57
N ASN A 499 -23.24 -92.10 23.38
CA ASN A 499 -22.01 -91.33 23.20
C ASN A 499 -22.26 -90.39 22.03
N SER A 500 -21.61 -89.24 22.05
CA SER A 500 -21.79 -88.24 20.99
C SER A 500 -21.37 -88.75 19.60
N ALA B 7 -31.53 -86.03 46.87
CA ALA B 7 -30.91 -84.65 46.76
C ALA B 7 -32.03 -83.61 46.51
N VAL B 8 -33.09 -83.70 47.30
CA VAL B 8 -34.24 -82.81 47.19
C VAL B 8 -34.36 -81.93 48.45
N PRO B 9 -34.33 -80.61 48.29
CA PRO B 9 -34.46 -79.70 49.46
C PRO B 9 -35.77 -79.91 50.18
N ALA B 10 -35.80 -79.61 51.47
CA ALA B 10 -37.04 -79.73 52.27
C ALA B 10 -38.08 -78.73 51.77
N PRO B 11 -39.31 -79.19 51.54
CA PRO B 11 -40.42 -78.38 51.05
C PRO B 11 -41.19 -77.59 52.09
N ASN B 12 -41.83 -76.52 51.63
CA ASN B 12 -42.67 -75.74 52.51
C ASN B 12 -43.99 -76.38 52.18
N GLN B 13 -44.50 -77.22 53.09
CA GLN B 13 -45.78 -77.89 52.86
C GLN B 13 -46.99 -76.96 52.83
N GLN B 14 -46.77 -75.67 53.08
CA GLN B 14 -47.87 -74.70 53.07
C GLN B 14 -47.32 -73.45 52.44
N PRO B 15 -46.93 -73.52 51.17
CA PRO B 15 -46.37 -72.37 50.45
C PRO B 15 -47.33 -71.20 50.35
N GLU B 16 -46.78 -70.00 50.43
CA GLU B 16 -47.56 -68.76 50.32
C GLU B 16 -48.02 -68.57 48.88
N VAL B 17 -49.17 -67.92 48.68
CA VAL B 17 -49.63 -67.65 47.34
C VAL B 17 -49.52 -66.15 47.16
N PHE B 18 -48.69 -65.73 46.20
CA PHE B 18 -48.45 -64.33 45.87
C PHE B 18 -49.28 -63.86 44.70
N CYS B 19 -49.62 -64.78 43.80
CA CYS B 19 -50.36 -64.41 42.60
C CYS B 19 -51.66 -65.17 42.49
N ASN B 20 -52.77 -64.45 42.27
CA ASN B 20 -54.08 -65.09 42.14
C ASN B 20 -55.07 -64.27 41.37
N GLN B 21 -54.54 -63.38 40.54
CA GLN B 21 -55.37 -62.50 39.73
C GLN B 21 -55.13 -62.76 38.24
N ILE B 22 -55.66 -61.86 37.41
CA ILE B 22 -55.53 -61.89 35.96
C ILE B 22 -54.29 -61.10 35.59
N PHE B 23 -53.49 -61.67 34.68
CA PHE B 23 -52.23 -61.06 34.26
C PHE B 23 -52.35 -60.52 32.85
N ILE B 24 -52.31 -59.20 32.72
CA ILE B 24 -52.40 -58.50 31.45
C ILE B 24 -51.43 -57.32 31.48
N ASN B 25 -50.67 -57.15 30.40
CA ASN B 25 -49.68 -56.09 30.30
C ASN B 25 -48.76 -56.02 31.52
N ASN B 26 -48.31 -57.18 32.01
CA ASN B 26 -47.43 -57.27 33.18
C ASN B 26 -48.01 -56.67 34.46
N GLU B 27 -49.34 -56.60 34.53
CA GLU B 27 -50.03 -56.06 35.69
C GLU B 27 -51.04 -57.06 36.21
N TRP B 28 -51.31 -57.00 37.50
CA TRP B 28 -52.31 -57.89 38.10
C TRP B 28 -53.63 -57.17 38.20
N HIS B 29 -54.69 -57.78 37.69
CA HIS B 29 -56.02 -57.20 37.72
C HIS B 29 -57.07 -58.19 38.24
N ASP B 30 -58.14 -57.66 38.84
CA ASP B 30 -59.26 -58.48 39.30
C ASP B 30 -60.12 -58.69 38.04
N ALA B 31 -60.97 -59.71 38.03
CA ALA B 31 -61.86 -59.91 36.89
C ALA B 31 -62.75 -58.69 36.83
N VAL B 32 -63.23 -58.35 35.64
CA VAL B 32 -64.10 -57.19 35.47
C VAL B 32 -65.35 -57.38 36.32
N SER B 33 -65.82 -58.62 36.42
CA SER B 33 -67.00 -58.95 37.22
C SER B 33 -66.68 -58.93 38.71
N ARG B 34 -65.39 -58.97 39.05
CA ARG B 34 -64.89 -59.00 40.43
C ARG B 34 -65.08 -60.36 41.10
N LYS B 35 -65.65 -61.30 40.37
CA LYS B 35 -65.86 -62.65 40.87
C LYS B 35 -64.53 -63.39 41.05
N THR B 36 -64.53 -64.38 41.93
CA THR B 36 -63.36 -65.20 42.19
C THR B 36 -63.84 -66.60 42.45
N PHE B 37 -63.01 -67.59 42.11
CA PHE B 37 -63.37 -68.99 42.33
C PHE B 37 -62.31 -69.56 43.24
N PRO B 38 -62.65 -70.60 44.00
CA PRO B 38 -61.68 -71.21 44.89
C PRO B 38 -60.85 -72.30 44.19
N THR B 39 -59.61 -72.47 44.63
CA THR B 39 -58.75 -73.53 44.12
C THR B 39 -58.51 -74.46 45.30
N VAL B 40 -58.79 -75.74 45.13
CA VAL B 40 -58.67 -76.73 46.21
C VAL B 40 -57.40 -77.53 46.24
N ASN B 41 -56.96 -77.89 47.45
CA ASN B 41 -55.79 -78.73 47.65
C ASN B 41 -56.39 -80.14 47.64
N PRO B 42 -56.14 -80.91 46.58
CA PRO B 42 -56.71 -82.26 46.50
C PRO B 42 -56.28 -83.23 47.56
N SER B 43 -55.26 -82.89 48.34
CA SER B 43 -54.80 -83.81 49.39
C SER B 43 -55.65 -83.71 50.64
N THR B 44 -56.26 -82.56 50.86
CA THR B 44 -57.06 -82.34 52.07
C THR B 44 -58.48 -81.93 51.73
N GLY B 45 -58.70 -81.48 50.51
CA GLY B 45 -60.03 -81.06 50.12
C GLY B 45 -60.33 -79.64 50.56
N GLU B 46 -59.35 -78.99 51.19
CA GLU B 46 -59.52 -77.61 51.65
C GLU B 46 -59.22 -76.58 50.58
N VAL B 47 -59.85 -75.43 50.69
CA VAL B 47 -59.62 -74.33 49.76
C VAL B 47 -58.26 -73.69 50.06
N ILE B 48 -57.42 -73.55 49.03
CA ILE B 48 -56.09 -72.97 49.19
C ILE B 48 -56.27 -71.47 49.25
N CYS B 49 -56.96 -70.95 48.26
CA CYS B 49 -57.23 -69.53 48.16
C CYS B 49 -58.23 -69.23 47.06
N GLN B 50 -58.54 -67.96 46.96
CA GLN B 50 -59.48 -67.45 46.00
C GLN B 50 -58.66 -66.97 44.79
N VAL B 51 -59.19 -67.17 43.58
CA VAL B 51 -58.52 -66.76 42.35
C VAL B 51 -59.50 -65.98 41.47
N ALA B 52 -59.04 -64.92 40.84
CA ALA B 52 -59.88 -64.11 39.95
C ALA B 52 -60.49 -64.94 38.84
N GLU B 53 -61.82 -64.85 38.70
CA GLU B 53 -62.56 -65.61 37.67
C GLU B 53 -62.71 -64.82 36.37
N GLY B 54 -61.78 -65.03 35.46
CA GLY B 54 -61.84 -64.33 34.20
C GLY B 54 -62.96 -64.83 33.32
N ASP B 55 -63.45 -63.96 32.46
CA ASP B 55 -64.54 -64.29 31.55
C ASP B 55 -64.25 -63.56 30.25
N LYS B 56 -65.24 -63.58 29.36
CA LYS B 56 -65.18 -62.96 28.03
C LYS B 56 -64.56 -61.57 27.99
N GLU B 57 -64.99 -60.70 28.91
CA GLU B 57 -64.48 -59.33 28.98
C GLU B 57 -63.02 -59.26 29.38
N ASP B 58 -62.57 -60.23 30.18
CA ASP B 58 -61.17 -60.27 30.60
C ASP B 58 -60.29 -60.77 29.45
N VAL B 59 -60.80 -61.77 28.73
CA VAL B 59 -60.12 -62.33 27.57
C VAL B 59 -59.97 -61.21 26.54
N ASP B 60 -61.03 -60.41 26.37
CA ASP B 60 -61.04 -59.28 25.43
C ASP B 60 -59.93 -58.31 25.72
N LYS B 61 -59.74 -58.00 27.00
CA LYS B 61 -58.70 -57.08 27.45
C LYS B 61 -57.32 -57.68 27.23
N ALA B 62 -57.19 -58.99 27.44
CA ALA B 62 -55.91 -59.69 27.24
C ALA B 62 -55.50 -59.71 25.76
N VAL B 63 -56.45 -60.06 24.88
CA VAL B 63 -56.19 -60.12 23.46
C VAL B 63 -55.77 -58.76 22.95
N LYS B 64 -56.41 -57.70 23.47
CA LYS B 64 -56.10 -56.34 23.07
C LYS B 64 -54.70 -55.96 23.43
N ALA B 65 -54.28 -56.34 24.62
CA ALA B 65 -52.92 -56.04 25.08
C ALA B 65 -51.91 -56.83 24.25
N ALA B 66 -52.25 -58.08 23.94
CA ALA B 66 -51.37 -58.93 23.15
C ALA B 66 -51.23 -58.35 21.74
N ARG B 67 -52.35 -57.96 21.15
CA ARG B 67 -52.37 -57.37 19.81
C ARG B 67 -51.51 -56.11 19.76
N ALA B 68 -51.56 -55.33 20.83
CA ALA B 68 -50.78 -54.10 20.92
C ALA B 68 -49.28 -54.39 20.97
N ALA B 69 -48.91 -55.40 21.75
CA ALA B 69 -47.52 -55.79 21.89
C ALA B 69 -46.96 -56.37 20.59
N PHE B 70 -47.85 -56.85 19.74
CA PHE B 70 -47.48 -57.47 18.46
C PHE B 70 -47.45 -56.47 17.28
N GLN B 71 -47.79 -55.21 17.56
CA GLN B 71 -47.82 -54.18 16.53
C GLN B 71 -46.47 -53.91 15.92
N LEU B 72 -46.44 -53.75 14.60
CA LEU B 72 -45.22 -53.50 13.86
C LEU B 72 -44.48 -52.32 14.47
N GLY B 73 -43.22 -52.52 14.83
CA GLY B 73 -42.46 -51.43 15.42
C GLY B 73 -42.40 -51.51 16.94
N SER B 74 -43.18 -52.41 17.53
CA SER B 74 -43.18 -52.57 18.99
C SER B 74 -41.89 -53.20 19.49
N PRO B 75 -41.59 -53.06 20.80
CA PRO B 75 -40.37 -53.64 21.38
C PRO B 75 -40.21 -55.14 21.08
N TRP B 76 -41.29 -55.91 21.23
CA TRP B 76 -41.27 -57.34 20.97
C TRP B 76 -41.03 -57.66 19.49
N ARG B 77 -41.62 -56.86 18.58
CA ARG B 77 -41.44 -57.11 17.14
C ARG B 77 -40.06 -56.72 16.60
N ARG B 78 -39.49 -55.67 17.18
CA ARG B 78 -38.17 -55.17 16.75
C ARG B 78 -37.00 -55.84 17.41
N MET B 79 -37.25 -56.46 18.55
CA MET B 79 -36.23 -57.16 19.32
C MET B 79 -35.49 -58.23 18.52
N ASP B 80 -34.18 -58.31 18.72
CA ASP B 80 -33.36 -59.30 18.03
C ASP B 80 -33.83 -60.70 18.42
N ALA B 81 -33.87 -61.59 17.44
CA ALA B 81 -34.29 -62.97 17.67
C ALA B 81 -33.42 -63.56 18.77
N SER B 82 -32.14 -63.25 18.75
CA SER B 82 -31.23 -63.77 19.77
C SER B 82 -31.60 -63.25 21.16
N HIS B 83 -32.20 -62.07 21.22
CA HIS B 83 -32.59 -61.48 22.51
C HIS B 83 -33.79 -62.20 23.09
N ARG B 84 -34.68 -62.68 22.21
CA ARG B 84 -35.84 -63.45 22.65
C ARG B 84 -35.29 -64.66 23.39
N GLY B 85 -34.19 -65.20 22.87
CA GLY B 85 -33.56 -66.33 23.49
C GLY B 85 -33.00 -65.97 24.85
N ARG B 86 -32.39 -64.78 24.97
CA ARG B 86 -31.82 -64.34 26.25
C ARG B 86 -32.92 -64.23 27.30
N LEU B 87 -34.07 -63.70 26.88
CA LEU B 87 -35.20 -63.55 27.78
C LEU B 87 -35.68 -64.90 28.29
N LEU B 88 -35.86 -65.86 27.37
CA LEU B 88 -36.29 -67.22 27.72
C LEU B 88 -35.27 -67.86 28.66
N ASN B 89 -34.00 -67.61 28.42
CA ASN B 89 -32.96 -68.13 29.31
C ASN B 89 -33.01 -67.45 30.69
N ARG B 90 -33.40 -66.19 30.72
CA ARG B 90 -33.51 -65.46 31.98
C ARG B 90 -34.74 -65.99 32.73
N LEU B 91 -35.78 -66.32 32.00
CA LEU B 91 -36.96 -66.86 32.62
C LEU B 91 -36.62 -68.18 33.28
N ALA B 92 -35.82 -68.99 32.59
CA ALA B 92 -35.40 -70.29 33.11
C ALA B 92 -34.60 -70.12 34.38
N ASP B 93 -33.72 -69.11 34.39
CA ASP B 93 -32.89 -68.85 35.57
C ASP B 93 -33.76 -68.49 36.78
N LEU B 94 -34.77 -67.66 36.54
CA LEU B 94 -35.67 -67.21 37.60
C LEU B 94 -36.46 -68.39 38.12
N ILE B 95 -36.90 -69.27 37.22
CA ILE B 95 -37.65 -70.45 37.61
C ILE B 95 -36.76 -71.38 38.42
N GLU B 96 -35.48 -71.48 38.07
CA GLU B 96 -34.57 -72.34 38.80
C GLU B 96 -34.30 -71.75 40.17
N ARG B 97 -34.25 -70.42 40.25
CA ARG B 97 -34.00 -69.76 41.54
C ARG B 97 -35.11 -70.13 42.50
N ASP B 98 -36.35 -70.08 42.01
CA ASP B 98 -37.54 -70.36 42.80
C ASP B 98 -38.03 -71.78 42.64
N ARG B 99 -37.12 -72.67 42.26
CA ARG B 99 -37.45 -74.07 42.03
C ARG B 99 -38.14 -74.82 43.19
N THR B 100 -37.58 -74.72 44.39
CA THR B 100 -38.17 -75.42 45.52
C THR B 100 -39.54 -74.85 45.87
N TYR B 101 -39.70 -73.54 45.75
CA TYR B 101 -41.01 -72.96 46.03
C TYR B 101 -42.04 -73.46 45.02
N LEU B 102 -41.73 -73.33 43.74
CA LEU B 102 -42.63 -73.73 42.67
C LEU B 102 -43.00 -75.19 42.72
N ALA B 103 -42.04 -76.05 43.05
CA ALA B 103 -42.36 -77.47 43.18
C ALA B 103 -43.39 -77.70 44.32
N ALA B 104 -43.22 -77.00 45.44
CA ALA B 104 -44.14 -77.13 46.56
C ALA B 104 -45.53 -76.65 46.15
N LEU B 105 -45.56 -75.49 45.52
CA LEU B 105 -46.82 -74.91 45.06
C LEU B 105 -47.53 -75.85 44.09
N GLU B 106 -46.75 -76.49 43.22
CA GLU B 106 -47.29 -77.41 42.24
C GLU B 106 -47.94 -78.58 42.95
N THR B 107 -47.28 -79.09 43.97
CA THR B 107 -47.82 -80.21 44.72
C THR B 107 -49.08 -79.81 45.51
N LEU B 108 -49.04 -78.63 46.13
CA LEU B 108 -50.20 -78.17 46.90
C LEU B 108 -51.45 -78.08 46.04
N ASP B 109 -51.31 -77.51 44.85
CA ASP B 109 -52.44 -77.31 43.97
C ASP B 109 -52.87 -78.48 43.10
N ASN B 110 -51.93 -79.33 42.71
CA ASN B 110 -52.19 -80.43 41.79
C ASN B 110 -52.27 -81.76 42.52
N GLY B 111 -51.40 -81.95 43.51
CA GLY B 111 -51.41 -83.17 44.28
C GLY B 111 -50.31 -84.16 44.00
N LYS B 112 -49.54 -83.95 42.93
CA LYS B 112 -48.46 -84.87 42.62
C LYS B 112 -47.35 -84.79 43.71
N PRO B 113 -46.60 -85.86 43.88
CA PRO B 113 -45.54 -85.89 44.88
C PRO B 113 -44.52 -84.77 44.73
N TYR B 114 -44.17 -84.12 45.84
CA TYR B 114 -43.19 -83.04 45.81
C TYR B 114 -41.88 -83.49 45.17
N VAL B 115 -41.44 -84.71 45.50
CA VAL B 115 -40.18 -85.20 44.95
C VAL B 115 -40.23 -85.21 43.40
N ILE B 116 -41.36 -85.66 42.86
CA ILE B 116 -41.58 -85.71 41.43
C ILE B 116 -41.68 -84.30 40.87
N SER B 117 -42.41 -83.44 41.56
CA SER B 117 -42.54 -82.06 41.11
C SER B 117 -41.20 -81.41 40.98
N TYR B 118 -40.34 -81.64 41.96
CA TYR B 118 -39.02 -81.02 41.98
C TYR B 118 -38.04 -81.62 40.99
N LEU B 119 -37.91 -82.95 41.01
CA LEU B 119 -36.98 -83.67 40.15
C LEU B 119 -37.41 -83.90 38.74
N VAL B 120 -38.71 -83.97 38.49
CA VAL B 120 -39.17 -84.22 37.15
C VAL B 120 -39.80 -83.01 36.49
N ASP B 121 -40.96 -82.57 36.98
CA ASP B 121 -41.65 -81.41 36.38
C ASP B 121 -40.76 -80.16 36.22
N LEU B 122 -40.24 -79.63 37.32
CA LEU B 122 -39.42 -78.43 37.20
C LEU B 122 -38.15 -78.63 36.38
N ASP B 123 -37.60 -79.83 36.42
CA ASP B 123 -36.40 -80.11 35.67
C ASP B 123 -36.74 -80.01 34.21
N MET B 124 -37.87 -80.60 33.83
CA MET B 124 -38.32 -80.57 32.43
C MET B 124 -38.74 -79.20 31.97
N VAL B 125 -39.28 -78.40 32.90
CA VAL B 125 -39.67 -77.04 32.56
C VAL B 125 -38.41 -76.26 32.20
N LEU B 126 -37.37 -76.39 33.03
CA LEU B 126 -36.11 -75.69 32.76
C LEU B 126 -35.49 -76.14 31.43
N LYS B 127 -35.54 -77.44 31.17
CA LYS B 127 -34.98 -77.98 29.95
C LYS B 127 -35.73 -77.54 28.74
N CYS B 128 -37.03 -77.42 28.90
CA CYS B 128 -37.89 -77.01 27.81
C CYS B 128 -37.63 -75.56 27.43
N LEU B 129 -37.63 -74.68 28.43
CA LEU B 129 -37.39 -73.26 28.18
C LEU B 129 -35.97 -73.02 27.65
N ARG B 130 -34.99 -73.70 28.22
CA ARG B 130 -33.62 -73.56 27.75
C ARG B 130 -33.43 -74.09 26.31
N TYR B 131 -34.18 -75.13 25.97
CA TYR B 131 -34.07 -75.70 24.64
C TYR B 131 -34.63 -74.71 23.65
N TYR B 132 -35.82 -74.20 23.90
CA TYR B 132 -36.41 -73.24 23.00
C TYR B 132 -35.71 -71.88 22.93
N ALA B 133 -34.98 -71.54 23.98
CA ALA B 133 -34.24 -70.29 23.98
C ALA B 133 -33.26 -70.40 22.82
N GLY B 134 -32.70 -71.58 22.67
CA GLY B 134 -31.72 -71.83 21.62
C GLY B 134 -32.26 -71.76 20.21
N TRP B 135 -33.54 -72.02 20.04
CA TRP B 135 -34.19 -72.00 18.73
C TRP B 135 -34.55 -70.62 18.23
N ALA B 136 -34.61 -69.66 19.15
CA ALA B 136 -35.00 -68.29 18.85
C ALA B 136 -34.37 -67.68 17.59
N ASP B 137 -33.10 -67.93 17.37
CA ASP B 137 -32.43 -67.36 16.21
C ASP B 137 -31.88 -68.42 15.25
N LYS B 138 -32.52 -69.58 15.16
CA LYS B 138 -32.03 -70.63 14.27
C LYS B 138 -33.09 -71.25 13.36
N TYR B 139 -34.31 -70.70 13.38
CA TYR B 139 -35.39 -71.21 12.55
C TYR B 139 -35.33 -70.41 11.25
N HIS B 140 -34.50 -70.87 10.33
CA HIS B 140 -34.27 -70.21 9.05
C HIS B 140 -35.35 -70.32 7.97
N GLY B 141 -35.39 -69.32 7.10
CA GLY B 141 -36.30 -69.33 5.98
C GLY B 141 -35.46 -69.86 4.83
N LYS B 142 -35.96 -69.86 3.61
CA LYS B 142 -35.15 -70.39 2.52
C LYS B 142 -35.00 -69.43 1.35
N THR B 143 -33.97 -69.65 0.54
CA THR B 143 -33.77 -68.90 -0.71
C THR B 143 -34.03 -70.04 -1.71
N ILE B 144 -35.06 -69.86 -2.53
CA ILE B 144 -35.46 -70.87 -3.50
C ILE B 144 -35.06 -70.67 -4.97
N PRO B 145 -34.50 -71.71 -5.61
CA PRO B 145 -34.07 -71.66 -7.01
C PRO B 145 -35.23 -71.77 -7.98
N ILE B 146 -36.10 -70.77 -7.96
CA ILE B 146 -37.27 -70.73 -8.83
C ILE B 146 -36.86 -70.47 -10.28
N ASP B 147 -37.67 -70.93 -11.24
CA ASP B 147 -37.38 -70.70 -12.67
C ASP B 147 -37.50 -69.20 -13.01
N GLY B 148 -36.80 -68.79 -14.07
CA GLY B 148 -36.82 -67.42 -14.52
C GLY B 148 -35.83 -66.50 -13.81
N ASP B 149 -35.76 -65.25 -14.24
CA ASP B 149 -34.86 -64.27 -13.66
C ASP B 149 -35.49 -63.65 -12.40
N PHE B 150 -35.51 -64.46 -11.35
CA PHE B 150 -36.10 -64.03 -10.09
C PHE B 150 -35.28 -64.50 -8.91
N PHE B 151 -35.41 -63.75 -7.82
CA PHE B 151 -34.77 -64.08 -6.55
C PHE B 151 -35.97 -64.33 -5.65
N SER B 152 -36.14 -65.58 -5.23
CA SER B 152 -37.26 -65.96 -4.37
C SER B 152 -36.78 -66.47 -3.01
N TYR B 153 -37.36 -65.96 -1.94
CA TYR B 153 -36.97 -66.40 -0.60
C TYR B 153 -38.20 -66.42 0.31
N THR B 154 -38.07 -67.06 1.47
CA THR B 154 -39.16 -67.15 2.44
C THR B 154 -38.74 -66.65 3.81
N ARG B 155 -39.65 -66.00 4.50
CA ARG B 155 -39.40 -65.48 5.85
C ARG B 155 -40.35 -66.24 6.75
N HIS B 156 -39.86 -66.66 7.91
CA HIS B 156 -40.71 -67.35 8.86
C HIS B 156 -41.13 -66.31 9.87
N GLU B 157 -42.38 -65.85 9.74
CA GLU B 157 -42.95 -64.83 10.61
C GLU B 157 -43.83 -65.42 11.73
N PRO B 158 -44.01 -64.67 12.83
CA PRO B 158 -44.83 -65.15 13.94
C PRO B 158 -46.27 -65.24 13.45
N VAL B 159 -47.05 -66.15 14.03
CA VAL B 159 -48.44 -66.31 13.63
C VAL B 159 -49.27 -65.15 14.16
N GLY B 160 -48.86 -64.61 15.31
CA GLY B 160 -49.57 -63.49 15.90
C GLY B 160 -50.01 -63.70 17.35
N VAL B 161 -51.29 -63.49 17.59
CA VAL B 161 -51.84 -63.65 18.92
C VAL B 161 -52.28 -65.08 19.06
N CYS B 162 -51.57 -65.80 19.93
CA CYS B 162 -51.85 -67.20 20.16
C CYS B 162 -52.60 -67.45 21.44
N GLY B 163 -53.73 -68.11 21.33
CA GLY B 163 -54.51 -68.45 22.50
C GLY B 163 -54.08 -69.83 22.92
N GLN B 164 -53.70 -69.97 24.19
CA GLN B 164 -53.22 -71.26 24.66
C GLN B 164 -54.05 -71.73 25.85
N ILE B 165 -54.74 -72.83 25.67
CA ILE B 165 -55.58 -73.36 26.72
C ILE B 165 -54.92 -74.63 27.22
N ILE B 166 -54.53 -74.65 28.50
CA ILE B 166 -53.87 -75.83 29.04
C ILE B 166 -54.57 -76.55 30.18
N PRO B 167 -54.35 -77.87 30.32
CA PRO B 167 -54.94 -78.71 31.35
C PRO B 167 -54.27 -78.65 32.74
N TRP B 168 -54.71 -79.52 33.65
CA TRP B 168 -54.22 -79.55 35.02
C TRP B 168 -53.25 -80.64 35.43
N ASN B 169 -53.02 -81.62 34.56
CA ASN B 169 -52.15 -82.73 34.90
C ASN B 169 -50.69 -82.37 35.04
N PHE B 170 -50.25 -81.34 34.31
CA PHE B 170 -48.86 -80.86 34.36
C PHE B 170 -48.93 -79.34 34.20
N PRO B 171 -49.39 -78.65 35.24
CA PRO B 171 -49.51 -77.19 35.19
C PRO B 171 -48.31 -76.42 34.67
N LEU B 172 -47.16 -76.61 35.31
CA LEU B 172 -45.96 -75.91 34.92
C LEU B 172 -45.42 -76.36 33.56
N LEU B 173 -45.24 -77.66 33.39
CA LEU B 173 -44.72 -78.21 32.16
C LEU B 173 -45.56 -77.83 30.95
N MET B 174 -46.88 -77.96 31.07
CA MET B 174 -47.75 -77.62 29.95
C MET B 174 -47.58 -76.15 29.60
N GLN B 175 -47.38 -75.31 30.61
CA GLN B 175 -47.18 -73.88 30.38
C GLN B 175 -45.90 -73.65 29.59
N ALA B 176 -44.81 -74.30 29.99
CA ALA B 176 -43.52 -74.16 29.31
C ALA B 176 -43.58 -74.74 27.90
N TRP B 177 -44.26 -75.87 27.74
CA TRP B 177 -44.38 -76.48 26.42
C TRP B 177 -45.05 -75.52 25.41
N LYS B 178 -45.90 -74.63 25.92
CA LYS B 178 -46.60 -73.69 25.07
C LYS B 178 -45.85 -72.38 24.92
N LEU B 179 -45.32 -71.87 26.03
CA LEU B 179 -44.58 -70.61 26.00
C LEU B 179 -43.30 -70.70 25.23
N GLY B 180 -42.58 -71.82 25.38
CA GLY B 180 -41.31 -72.01 24.71
C GLY B 180 -41.33 -71.79 23.22
N PRO B 181 -42.07 -72.58 22.46
CA PRO B 181 -42.10 -72.39 21.01
C PRO B 181 -42.76 -71.11 20.59
N ALA B 182 -43.85 -70.75 21.24
CA ALA B 182 -44.53 -69.50 20.92
C ALA B 182 -43.63 -68.28 21.08
N LEU B 183 -42.93 -68.17 22.21
CA LEU B 183 -42.07 -67.03 22.46
C LEU B 183 -40.80 -67.04 21.63
N ALA B 184 -40.24 -68.23 21.43
CA ALA B 184 -39.03 -68.36 20.64
C ALA B 184 -39.28 -67.79 19.26
N THR B 185 -40.47 -68.03 18.71
CA THR B 185 -40.77 -67.54 17.38
C THR B 185 -41.36 -66.15 17.30
N GLY B 186 -41.40 -65.45 18.44
CA GLY B 186 -41.89 -64.08 18.47
C GLY B 186 -43.38 -63.83 18.49
N ASN B 187 -44.18 -64.81 18.91
CA ASN B 187 -45.62 -64.63 19.02
C ASN B 187 -45.94 -63.97 20.35
N VAL B 188 -47.21 -63.60 20.54
CA VAL B 188 -47.70 -63.04 21.79
C VAL B 188 -48.76 -64.05 22.26
N VAL B 189 -48.93 -64.16 23.57
CA VAL B 189 -49.82 -65.15 24.13
C VAL B 189 -50.90 -64.68 25.08
N VAL B 190 -52.04 -65.37 24.99
CA VAL B 190 -53.16 -65.18 25.87
C VAL B 190 -53.42 -66.60 26.32
N MET B 191 -53.01 -66.92 27.53
CA MET B 191 -53.15 -68.25 28.08
C MET B 191 -54.25 -68.42 29.10
N LYS B 192 -54.95 -69.54 28.99
CA LYS B 192 -56.03 -69.87 29.90
C LYS B 192 -55.58 -71.13 30.61
N VAL B 193 -55.25 -70.99 31.90
CA VAL B 193 -54.82 -72.11 32.74
C VAL B 193 -56.03 -72.82 33.34
N ALA B 194 -55.86 -74.10 33.67
CA ALA B 194 -56.94 -74.90 34.25
C ALA B 194 -57.38 -74.37 35.62
N GLU B 195 -58.70 -74.34 35.84
CA GLU B 195 -59.25 -73.84 37.08
C GLU B 195 -58.80 -74.65 38.28
N GLN B 196 -58.40 -75.89 38.05
CA GLN B 196 -57.96 -76.74 39.15
C GLN B 196 -56.54 -76.41 39.59
N THR B 197 -55.73 -75.89 38.68
CA THR B 197 -54.34 -75.62 38.97
C THR B 197 -53.84 -74.31 38.36
N PRO B 198 -54.39 -73.17 38.78
CA PRO B 198 -53.91 -71.91 38.21
C PRO B 198 -52.70 -71.28 38.91
N LEU B 199 -52.49 -71.64 40.17
CA LEU B 199 -51.42 -71.04 40.97
C LEU B 199 -49.99 -70.96 40.42
N THR B 200 -49.37 -72.09 40.11
CA THR B 200 -48.03 -72.08 39.56
C THR B 200 -47.85 -71.22 38.30
N ALA B 201 -48.77 -71.32 37.37
CA ALA B 201 -48.67 -70.57 36.13
C ALA B 201 -48.76 -69.11 36.38
N LEU B 202 -49.59 -68.73 37.34
CA LEU B 202 -49.70 -67.32 37.65
C LEU B 202 -48.43 -66.77 38.27
N TYR B 203 -47.77 -67.57 39.09
CA TYR B 203 -46.53 -67.14 39.69
C TYR B 203 -45.48 -66.98 38.63
N VAL B 204 -45.48 -67.90 37.66
CA VAL B 204 -44.52 -67.85 36.56
C VAL B 204 -44.70 -66.56 35.77
N ALA B 205 -45.94 -66.09 35.66
CA ALA B 205 -46.25 -64.84 34.96
C ALA B 205 -45.50 -63.69 35.63
N ASN B 206 -45.38 -63.78 36.95
CA ASN B 206 -44.68 -62.76 37.70
C ASN B 206 -43.20 -62.80 37.32
N LEU B 207 -42.67 -64.00 37.12
CA LEU B 207 -41.28 -64.18 36.75
C LEU B 207 -41.06 -63.71 35.31
N ILE B 208 -42.07 -63.87 34.47
CA ILE B 208 -41.97 -63.42 33.10
C ILE B 208 -41.82 -61.90 33.09
N LYS B 209 -42.50 -61.22 34.02
CA LYS B 209 -42.38 -59.77 34.13
C LYS B 209 -40.98 -59.42 34.63
N GLU B 210 -40.52 -60.17 35.63
CA GLU B 210 -39.20 -59.94 36.22
C GLU B 210 -38.06 -60.19 35.21
N ALA B 211 -38.30 -61.13 34.29
CA ALA B 211 -37.30 -61.46 33.28
C ALA B 211 -37.08 -60.35 32.26
N GLY B 212 -38.07 -59.49 32.07
CA GLY B 212 -37.92 -58.39 31.14
C GLY B 212 -38.80 -58.45 29.92
N PHE B 213 -39.66 -59.45 29.83
CA PHE B 213 -40.53 -59.55 28.68
C PHE B 213 -41.45 -58.32 28.61
N PRO B 214 -41.57 -57.73 27.42
CA PRO B 214 -42.43 -56.55 27.22
C PRO B 214 -43.86 -56.82 27.66
N PRO B 215 -44.58 -55.78 28.10
CA PRO B 215 -45.96 -55.95 28.54
C PRO B 215 -46.84 -56.40 27.34
N GLY B 216 -47.73 -57.34 27.60
CA GLY B 216 -48.62 -57.81 26.57
C GLY B 216 -48.12 -59.03 25.82
N VAL B 217 -46.84 -59.37 25.99
CA VAL B 217 -46.30 -60.51 25.30
C VAL B 217 -46.91 -61.80 25.82
N VAL B 218 -47.09 -61.87 27.13
CA VAL B 218 -47.71 -63.01 27.78
C VAL B 218 -48.82 -62.54 28.71
N ASN B 219 -50.03 -63.05 28.52
CA ASN B 219 -51.16 -62.67 29.35
C ASN B 219 -51.82 -63.95 29.83
N ILE B 220 -52.04 -64.06 31.13
CA ILE B 220 -52.69 -65.25 31.65
C ILE B 220 -54.04 -64.92 32.25
N VAL B 221 -55.06 -65.63 31.79
CA VAL B 221 -56.41 -65.39 32.31
C VAL B 221 -56.96 -66.65 32.97
N PRO B 222 -56.89 -66.72 34.31
CA PRO B 222 -57.45 -67.90 34.98
C PRO B 222 -58.96 -67.84 34.88
N GLY B 223 -59.62 -68.97 34.98
CA GLY B 223 -61.07 -68.97 34.90
C GLY B 223 -61.59 -70.29 34.40
N PHE B 224 -62.89 -70.39 34.19
CA PHE B 224 -63.49 -71.64 33.70
C PHE B 224 -63.39 -71.81 32.20
N GLY B 225 -63.62 -73.05 31.76
CA GLY B 225 -63.53 -73.35 30.34
C GLY B 225 -64.59 -72.77 29.43
N PRO B 226 -65.88 -73.07 29.70
CA PRO B 226 -66.98 -72.56 28.89
C PRO B 226 -67.03 -71.04 28.82
N THR B 227 -66.32 -70.39 29.74
CA THR B 227 -66.30 -68.92 29.75
C THR B 227 -65.05 -68.35 29.10
N ALA B 228 -63.96 -68.35 29.87
CA ALA B 228 -62.68 -67.84 29.40
C ALA B 228 -62.12 -68.64 28.24
N GLY B 229 -62.16 -69.96 28.35
CA GLY B 229 -61.64 -70.81 27.29
C GLY B 229 -62.34 -70.60 25.97
N ALA B 230 -63.67 -70.63 25.99
CA ALA B 230 -64.48 -70.44 24.80
C ALA B 230 -64.28 -69.04 24.22
N ALA B 231 -64.07 -68.06 25.08
CA ALA B 231 -63.87 -66.69 24.60
C ALA B 231 -62.61 -66.56 23.73
N ILE B 232 -61.55 -67.28 24.13
CA ILE B 232 -60.30 -67.28 23.39
C ILE B 232 -60.50 -68.02 22.07
N ALA B 233 -61.07 -69.22 22.13
CA ALA B 233 -61.33 -70.03 20.94
C ALA B 233 -62.18 -69.32 19.87
N SER B 234 -63.16 -68.54 20.31
CA SER B 234 -64.03 -67.87 19.36
C SER B 234 -63.68 -66.42 19.09
N HIS B 235 -62.62 -65.91 19.72
CA HIS B 235 -62.22 -64.52 19.52
C HIS B 235 -61.82 -64.22 18.08
N GLU B 236 -62.28 -63.07 17.59
CA GLU B 236 -62.03 -62.67 16.21
C GLU B 236 -60.62 -62.18 15.94
N ASP B 237 -59.92 -61.79 16.99
CA ASP B 237 -58.55 -61.28 16.85
C ASP B 237 -57.42 -62.23 17.29
N VAL B 238 -57.78 -63.48 17.60
CA VAL B 238 -56.81 -64.48 17.99
C VAL B 238 -56.47 -65.24 16.71
N ASP B 239 -55.18 -65.25 16.39
CA ASP B 239 -54.71 -65.89 15.18
C ASP B 239 -54.55 -67.39 15.25
N LYS B 240 -54.31 -67.90 16.44
CA LYS B 240 -54.11 -69.34 16.64
C LYS B 240 -54.49 -69.78 18.02
N VAL B 241 -55.10 -70.96 18.12
CA VAL B 241 -55.50 -71.52 19.40
C VAL B 241 -54.91 -72.92 19.53
N ALA B 242 -54.17 -73.12 20.59
CA ALA B 242 -53.55 -74.41 20.89
C ALA B 242 -54.24 -74.92 22.13
N PHE B 243 -54.83 -76.10 22.01
CA PHE B 243 -55.56 -76.70 23.11
C PHE B 243 -54.99 -78.05 23.48
N THR B 244 -55.07 -78.37 24.76
CA THR B 244 -54.59 -79.65 25.29
C THR B 244 -55.58 -80.12 26.36
N GLY B 245 -56.30 -81.20 26.09
CA GLY B 245 -57.26 -81.69 27.05
C GLY B 245 -58.10 -82.83 26.52
N SER B 246 -59.38 -82.85 26.87
CA SER B 246 -60.28 -83.91 26.42
C SER B 246 -60.67 -83.80 24.96
N THR B 247 -60.93 -84.95 24.34
CA THR B 247 -61.34 -85.01 22.93
C THR B 247 -62.68 -84.26 22.77
N GLU B 248 -63.51 -84.36 23.81
CA GLU B 248 -64.82 -83.73 23.84
C GLU B 248 -64.74 -82.22 23.63
N ILE B 249 -63.88 -81.56 24.41
CA ILE B 249 -63.69 -80.13 24.33
C ILE B 249 -62.90 -79.76 23.07
N GLY B 250 -62.00 -80.65 22.66
CA GLY B 250 -61.19 -80.43 21.47
C GLY B 250 -62.02 -80.20 20.22
N ARG B 251 -63.19 -80.82 20.18
CA ARG B 251 -64.11 -80.68 19.05
C ARG B 251 -64.78 -79.31 19.13
N VAL B 252 -65.12 -78.90 20.35
CA VAL B 252 -65.75 -77.62 20.60
C VAL B 252 -64.84 -76.49 20.09
N ILE B 253 -63.55 -76.60 20.41
CA ILE B 253 -62.54 -75.63 20.01
C ILE B 253 -62.43 -75.50 18.49
N GLN B 254 -62.34 -76.64 17.79
CA GLN B 254 -62.21 -76.63 16.32
C GLN B 254 -63.42 -76.03 15.63
N VAL B 255 -64.62 -76.31 16.15
CA VAL B 255 -65.84 -75.77 15.58
C VAL B 255 -65.89 -74.25 15.85
N ALA B 256 -65.49 -73.84 17.05
CA ALA B 256 -65.46 -72.43 17.46
C ALA B 256 -64.53 -71.62 16.57
N ALA B 257 -63.48 -72.28 16.10
CA ALA B 257 -62.49 -71.66 15.23
C ALA B 257 -63.00 -71.50 13.80
N GLY B 258 -63.69 -72.51 13.29
CA GLY B 258 -64.23 -72.44 11.94
C GLY B 258 -65.41 -71.49 11.88
N SER B 259 -66.09 -71.30 13.00
CA SER B 259 -67.24 -70.42 13.10
C SER B 259 -66.84 -68.96 13.27
N SER B 260 -65.59 -68.73 13.66
CA SER B 260 -65.08 -67.38 13.88
C SER B 260 -64.21 -66.77 12.78
N ASN B 261 -62.88 -66.87 12.91
CA ASN B 261 -61.97 -66.28 11.92
C ASN B 261 -61.05 -67.25 11.19
N LEU B 262 -61.40 -68.52 11.20
CA LEU B 262 -60.60 -69.56 10.55
C LEU B 262 -59.18 -69.58 11.08
N LYS B 263 -59.04 -69.28 12.37
CA LYS B 263 -57.75 -69.29 13.05
C LYS B 263 -57.18 -70.71 13.04
N ARG B 264 -55.87 -70.82 13.20
CA ARG B 264 -55.21 -72.11 13.22
C ARG B 264 -55.55 -72.84 14.52
N VAL B 265 -55.60 -74.18 14.42
CA VAL B 265 -55.95 -74.99 15.57
C VAL B 265 -55.06 -76.22 15.69
N THR B 266 -54.46 -76.40 16.86
CA THR B 266 -53.64 -77.58 17.15
C THR B 266 -54.30 -78.21 18.37
N LEU B 267 -54.53 -79.51 18.30
CA LEU B 267 -55.17 -80.24 19.38
C LEU B 267 -54.30 -81.32 19.95
N GLU B 268 -54.17 -81.31 21.28
CA GLU B 268 -53.40 -82.29 22.02
C GLU B 268 -54.38 -83.05 22.89
N LEU B 269 -55.04 -84.04 22.30
CA LEU B 269 -56.03 -84.83 23.04
C LEU B 269 -55.45 -86.05 23.72
N GLY B 270 -56.29 -86.71 24.54
CA GLY B 270 -55.83 -87.89 25.27
C GLY B 270 -55.60 -89.14 24.44
N GLY B 271 -55.66 -90.29 25.10
CA GLY B 271 -55.46 -91.52 24.39
C GLY B 271 -55.70 -92.77 25.20
N LYS B 272 -55.56 -93.93 24.56
CA LYS B 272 -55.70 -95.20 25.24
C LYS B 272 -54.49 -96.00 24.73
N SER B 273 -53.32 -95.42 25.00
CA SER B 273 -52.01 -95.92 24.61
C SER B 273 -51.67 -97.35 24.95
N PRO B 274 -51.39 -98.17 23.93
CA PRO B 274 -51.07 -99.57 24.16
C PRO B 274 -49.58 -99.76 24.53
N ASN B 275 -49.32 -100.62 25.51
CA ASN B 275 -47.98 -100.92 25.96
C ASN B 275 -47.80 -102.43 25.77
N ILE B 276 -47.17 -102.80 24.66
CA ILE B 276 -46.98 -104.20 24.29
C ILE B 276 -45.74 -104.87 24.87
N ILE B 277 -45.95 -105.95 25.63
CA ILE B 277 -44.85 -106.68 26.23
C ILE B 277 -44.68 -108.02 25.53
N MET B 278 -43.61 -108.19 24.77
CA MET B 278 -43.39 -109.44 24.06
C MET B 278 -42.83 -110.46 25.01
N SER B 279 -42.89 -111.72 24.62
CA SER B 279 -42.42 -112.81 25.44
C SER B 279 -40.92 -112.76 25.77
N ASP B 280 -40.11 -112.20 24.87
CA ASP B 280 -38.69 -112.12 25.10
C ASP B 280 -38.20 -110.87 25.83
N ALA B 281 -39.14 -110.03 26.25
CA ALA B 281 -38.76 -108.83 26.98
C ALA B 281 -38.10 -109.14 28.31
N ASP B 282 -37.35 -108.17 28.82
CA ASP B 282 -36.70 -108.27 30.11
C ASP B 282 -37.83 -108.14 31.12
N MET B 283 -38.19 -109.25 31.76
CA MET B 283 -39.29 -109.27 32.72
C MET B 283 -39.22 -108.19 33.82
N ASP B 284 -38.09 -108.10 34.51
CA ASP B 284 -37.91 -107.09 35.55
C ASP B 284 -38.12 -105.67 35.06
N TRP B 285 -37.50 -105.36 33.93
CA TRP B 285 -37.61 -104.06 33.34
C TRP B 285 -39.03 -103.76 32.84
N ALA B 286 -39.61 -104.70 32.09
CA ALA B 286 -40.96 -104.51 31.55
C ALA B 286 -42.03 -104.29 32.63
N VAL B 287 -41.94 -105.04 33.73
CA VAL B 287 -42.90 -104.91 34.81
C VAL B 287 -42.81 -103.53 35.48
N GLU B 288 -41.59 -103.07 35.70
CA GLU B 288 -41.36 -101.76 36.33
C GLU B 288 -41.79 -100.63 35.42
N GLN B 289 -41.52 -100.77 34.13
CA GLN B 289 -41.88 -99.73 33.20
C GLN B 289 -43.37 -99.69 32.91
N ALA B 290 -44.00 -100.87 32.87
CA ALA B 290 -45.44 -100.99 32.61
C ALA B 290 -46.15 -100.34 33.77
N HIS B 291 -45.61 -100.55 34.96
CA HIS B 291 -46.17 -99.97 36.17
C HIS B 291 -46.02 -98.44 36.10
N PHE B 292 -44.85 -97.97 35.68
CA PHE B 292 -44.60 -96.54 35.56
C PHE B 292 -45.48 -95.96 34.45
N ALA B 293 -45.51 -96.69 33.32
CA ALA B 293 -46.27 -96.31 32.14
C ALA B 293 -47.70 -95.87 32.47
N LEU B 294 -48.33 -96.62 33.38
CA LEU B 294 -49.69 -96.32 33.76
C LEU B 294 -49.89 -95.46 35.01
N PHE B 295 -49.27 -95.83 36.13
CA PHE B 295 -49.43 -95.11 37.38
C PHE B 295 -48.83 -93.71 37.49
N PHE B 296 -47.86 -93.39 36.66
CA PHE B 296 -47.19 -92.11 36.74
C PHE B 296 -48.17 -90.97 36.82
N ASN B 297 -47.89 -90.03 37.72
CA ASN B 297 -48.70 -88.85 37.94
C ASN B 297 -50.19 -89.22 38.23
N GLN B 298 -50.37 -90.18 39.16
CA GLN B 298 -51.70 -90.65 39.53
C GLN B 298 -52.52 -91.10 38.32
N GLY B 299 -51.83 -91.59 37.29
CA GLY B 299 -52.47 -92.03 36.06
C GLY B 299 -52.99 -90.86 35.22
N GLN B 300 -52.89 -89.64 35.73
CA GLN B 300 -53.37 -88.46 35.02
C GLN B 300 -52.35 -88.00 33.97
N CYS B 301 -52.18 -88.85 32.96
CA CYS B 301 -51.21 -88.65 31.88
C CYS B 301 -51.89 -88.90 30.55
N CYS B 302 -51.81 -87.95 29.64
CA CYS B 302 -52.45 -88.11 28.33
C CYS B 302 -52.02 -89.38 27.57
N CYS B 303 -50.77 -89.79 27.72
CA CYS B 303 -50.27 -90.95 27.01
C CYS B 303 -49.98 -92.15 27.93
N ALA B 304 -50.77 -92.25 28.97
CA ALA B 304 -50.68 -93.33 29.95
C ALA B 304 -50.85 -94.67 29.26
N GLY B 305 -50.01 -95.64 29.61
CA GLY B 305 -50.09 -96.96 29.03
C GLY B 305 -51.27 -97.69 29.64
N SER B 306 -52.48 -97.23 29.35
CA SER B 306 -53.72 -97.82 29.87
C SER B 306 -54.16 -99.17 29.22
N ARG B 307 -53.39 -99.68 28.28
CA ARG B 307 -53.71 -100.99 27.69
C ARG B 307 -52.42 -101.78 27.63
N THR B 308 -52.13 -102.50 28.71
CA THR B 308 -50.93 -103.30 28.76
C THR B 308 -51.15 -104.68 28.10
N PHE B 309 -50.71 -104.82 26.86
CA PHE B 309 -50.83 -106.08 26.15
C PHE B 309 -49.65 -106.93 26.52
N VAL B 310 -49.90 -108.15 26.99
CA VAL B 310 -48.84 -109.08 27.38
C VAL B 310 -49.03 -110.43 26.68
N GLN B 311 -47.93 -110.95 26.14
CA GLN B 311 -47.91 -112.21 25.42
C GLN B 311 -48.25 -113.33 26.37
N GLU B 312 -49.09 -114.26 25.90
CA GLU B 312 -49.57 -115.36 26.71
C GLU B 312 -48.53 -116.19 27.48
N ASP B 313 -47.37 -116.41 26.88
CA ASP B 313 -46.35 -117.20 27.55
C ASP B 313 -45.82 -116.59 28.85
N ILE B 314 -45.90 -115.26 28.97
CA ILE B 314 -45.40 -114.59 30.18
C ILE B 314 -46.47 -113.84 30.93
N TYR B 315 -47.73 -114.01 30.50
CA TYR B 315 -48.90 -113.36 31.10
C TYR B 315 -49.05 -113.57 32.60
N ASP B 316 -49.08 -114.83 33.03
CA ASP B 316 -49.24 -115.15 34.44
C ASP B 316 -48.16 -114.55 35.33
N GLU B 317 -46.91 -114.69 34.90
CA GLU B 317 -45.82 -114.14 35.67
C GLU B 317 -45.84 -112.62 35.71
N PHE B 318 -46.16 -112.02 34.56
CA PHE B 318 -46.21 -110.59 34.46
C PHE B 318 -47.30 -110.04 35.37
N VAL B 319 -48.50 -110.59 35.23
CA VAL B 319 -49.63 -110.15 36.04
C VAL B 319 -49.32 -110.24 37.54
N GLU B 320 -48.71 -111.34 37.92
CA GLU B 320 -48.36 -111.56 39.30
C GLU B 320 -47.46 -110.46 39.82
N ARG B 321 -46.42 -110.15 39.06
CA ARG B 321 -45.45 -109.14 39.44
C ARG B 321 -46.04 -107.75 39.44
N SER B 322 -46.94 -107.49 38.50
CA SER B 322 -47.57 -106.18 38.41
C SER B 322 -48.48 -105.95 39.59
N VAL B 323 -49.21 -106.98 39.99
CA VAL B 323 -50.13 -106.88 41.11
C VAL B 323 -49.33 -106.61 42.38
N ALA B 324 -48.21 -107.31 42.52
CA ALA B 324 -47.33 -107.16 43.66
C ALA B 324 -46.80 -105.74 43.75
N ARG B 325 -46.38 -105.20 42.60
CA ARG B 325 -45.86 -103.85 42.52
C ARG B 325 -46.97 -102.80 42.80
N ALA B 326 -48.19 -103.07 42.33
CA ALA B 326 -49.30 -102.15 42.57
C ALA B 326 -49.67 -102.09 44.06
N LYS B 327 -49.68 -103.25 44.72
CA LYS B 327 -49.97 -103.30 46.14
C LYS B 327 -48.89 -102.62 47.00
N SER B 328 -47.65 -102.60 46.54
CA SER B 328 -46.60 -101.95 47.31
C SER B 328 -46.47 -100.46 47.01
N ARG B 329 -47.25 -99.96 46.06
CA ARG B 329 -47.17 -98.54 45.72
C ARG B 329 -47.72 -97.72 46.88
N VAL B 330 -46.86 -96.91 47.50
CA VAL B 330 -47.28 -96.08 48.62
C VAL B 330 -48.10 -94.87 48.22
N VAL B 331 -49.28 -94.79 48.79
CA VAL B 331 -50.21 -93.70 48.56
C VAL B 331 -50.27 -92.85 49.84
N GLY B 332 -50.28 -91.53 49.70
CA GLY B 332 -50.33 -90.70 50.89
C GLY B 332 -50.11 -89.24 50.62
N ASN B 333 -49.67 -88.54 51.67
CA ASN B 333 -49.39 -87.12 51.59
C ASN B 333 -48.26 -86.91 50.61
N PRO B 334 -48.53 -86.16 49.55
CA PRO B 334 -47.55 -85.86 48.50
C PRO B 334 -46.27 -85.19 48.97
N PHE B 335 -46.30 -84.55 50.14
CA PHE B 335 -45.10 -83.91 50.65
C PHE B 335 -44.16 -84.89 51.38
N ASP B 336 -44.62 -86.13 51.58
CA ASP B 336 -43.83 -87.16 52.23
C ASP B 336 -42.92 -87.78 51.19
N SER B 337 -41.64 -87.92 51.54
CA SER B 337 -40.66 -88.47 50.62
C SER B 337 -41.01 -89.87 50.16
N LYS B 338 -41.66 -90.65 51.01
CA LYS B 338 -41.98 -92.01 50.65
C LYS B 338 -43.22 -92.18 49.79
N THR B 339 -43.95 -91.10 49.59
CA THR B 339 -45.15 -91.17 48.79
C THR B 339 -44.86 -91.33 47.31
N GLU B 340 -45.44 -92.36 46.71
CA GLU B 340 -45.27 -92.60 45.29
C GLU B 340 -46.48 -92.04 44.57
N GLN B 341 -47.64 -92.11 45.20
CA GLN B 341 -48.86 -91.63 44.58
C GLN B 341 -49.65 -90.67 45.45
N GLY B 342 -49.92 -89.48 44.91
CA GLY B 342 -50.71 -88.50 45.63
C GLY B 342 -52.19 -88.66 45.31
N PRO B 343 -53.00 -87.64 45.57
CA PRO B 343 -54.43 -87.74 45.27
C PRO B 343 -54.73 -87.39 43.80
N GLN B 344 -55.95 -87.63 43.38
CA GLN B 344 -56.39 -87.24 42.03
C GLN B 344 -56.66 -85.73 42.12
N VAL B 345 -56.56 -85.04 40.99
CA VAL B 345 -56.72 -83.59 40.94
C VAL B 345 -57.92 -82.96 41.64
N ASP B 346 -59.10 -83.53 41.46
CA ASP B 346 -60.29 -82.97 42.10
C ASP B 346 -61.37 -84.02 42.36
N GLU B 347 -62.47 -83.60 42.98
CA GLU B 347 -63.57 -84.53 43.28
C GLU B 347 -64.23 -85.10 42.01
N THR B 348 -64.43 -84.27 41.00
CA THR B 348 -65.05 -84.75 39.77
C THR B 348 -64.28 -85.93 39.19
N GLN B 349 -62.95 -85.79 39.09
CA GLN B 349 -62.10 -86.85 38.56
C GLN B 349 -62.13 -88.08 39.49
N PHE B 350 -62.15 -87.80 40.79
CA PHE B 350 -62.20 -88.83 41.80
C PHE B 350 -63.41 -89.75 41.58
N LYS B 351 -64.56 -89.17 41.34
CA LYS B 351 -65.77 -89.97 41.12
C LYS B 351 -65.75 -90.65 39.75
N LYS B 352 -65.34 -89.92 38.73
CA LYS B 352 -65.27 -90.45 37.38
C LYS B 352 -64.46 -91.77 37.38
N ILE B 353 -63.34 -91.76 38.09
CA ILE B 353 -62.46 -92.91 38.19
C ILE B 353 -63.17 -94.04 38.92
N LEU B 354 -63.74 -93.74 40.10
CA LEU B 354 -64.46 -94.77 40.84
C LEU B 354 -65.56 -95.39 39.97
N GLY B 355 -66.20 -94.57 39.14
CA GLY B 355 -67.24 -95.05 38.26
C GLY B 355 -66.67 -96.06 37.26
N TYR B 356 -65.51 -95.74 36.67
CA TYR B 356 -64.90 -96.64 35.70
C TYR B 356 -64.51 -97.92 36.40
N ILE B 357 -64.02 -97.82 37.63
CA ILE B 357 -63.64 -99.02 38.36
C ILE B 357 -64.85 -99.94 38.48
N ASN B 358 -65.97 -99.34 38.86
CA ASN B 358 -67.21 -100.10 39.02
C ASN B 358 -67.65 -100.69 37.69
N THR B 359 -67.56 -99.88 36.62
CA THR B 359 -67.92 -100.31 35.28
C THR B 359 -67.05 -101.49 34.89
N GLY B 360 -65.82 -101.50 35.37
CA GLY B 360 -64.87 -102.57 35.09
C GLY B 360 -65.30 -103.90 35.67
N LYS B 361 -65.70 -103.88 36.94
CA LYS B 361 -66.18 -105.08 37.63
C LYS B 361 -67.46 -105.61 36.98
N GLN B 362 -68.39 -104.70 36.65
CA GLN B 362 -69.66 -105.05 36.02
C GLN B 362 -69.51 -105.77 34.69
N GLU B 363 -68.51 -105.37 33.89
CA GLU B 363 -68.30 -105.94 32.56
C GLU B 363 -67.57 -107.27 32.50
N GLY B 364 -67.10 -107.75 33.65
CA GLY B 364 -66.41 -109.03 33.65
C GLY B 364 -64.91 -109.02 33.80
N ALA B 365 -64.33 -107.83 33.91
CA ALA B 365 -62.87 -107.72 34.11
C ALA B 365 -62.54 -108.22 35.52
N LYS B 366 -61.47 -108.97 35.63
CA LYS B 366 -61.04 -109.54 36.90
C LYS B 366 -60.24 -108.57 37.77
N LEU B 367 -60.86 -108.11 38.86
CA LEU B 367 -60.19 -107.18 39.78
C LEU B 367 -59.09 -107.89 40.56
N LEU B 368 -57.85 -107.53 40.28
CA LEU B 368 -56.72 -108.16 40.95
C LEU B 368 -56.24 -107.46 42.21
N CYS B 369 -56.50 -106.15 42.34
CA CYS B 369 -56.12 -105.41 43.55
C CYS B 369 -56.72 -104.02 43.56
N GLY B 370 -56.79 -103.41 44.74
CA GLY B 370 -57.37 -102.08 44.89
C GLY B 370 -58.85 -102.03 44.50
N GLY B 371 -59.28 -100.93 43.90
CA GLY B 371 -60.66 -100.82 43.48
C GLY B 371 -61.52 -99.90 44.34
N GLY B 372 -60.92 -99.32 45.38
CA GLY B 372 -61.65 -98.43 46.25
C GLY B 372 -60.88 -97.23 46.73
N ILE B 373 -61.53 -96.44 47.60
CA ILE B 373 -60.95 -95.25 48.17
C ILE B 373 -59.77 -95.62 49.07
N ALA B 374 -58.70 -94.85 48.99
CA ALA B 374 -57.50 -95.12 49.76
C ALA B 374 -57.36 -94.30 51.05
N ALA B 375 -58.25 -93.33 51.24
CA ALA B 375 -58.22 -92.48 52.43
C ALA B 375 -59.53 -91.71 52.58
N ASP B 376 -59.91 -91.39 53.82
CA ASP B 376 -61.13 -90.65 54.13
C ASP B 376 -61.02 -89.20 53.67
N ARG B 377 -59.82 -88.66 53.80
CA ARG B 377 -59.55 -87.27 53.46
C ARG B 377 -58.76 -87.17 52.14
N GLY B 378 -59.14 -86.23 51.28
CA GLY B 378 -58.45 -86.06 50.02
C GLY B 378 -58.97 -87.03 48.98
N TYR B 379 -58.61 -86.81 47.72
CA TYR B 379 -59.09 -87.65 46.64
C TYR B 379 -58.15 -88.80 46.30
N PHE B 380 -57.87 -89.66 47.28
CA PHE B 380 -56.96 -90.77 47.06
C PHE B 380 -57.66 -92.04 46.63
N ILE B 381 -57.12 -92.69 45.61
CA ILE B 381 -57.68 -93.94 45.13
C ILE B 381 -56.58 -94.98 45.16
N GLN B 382 -56.94 -96.21 45.46
CA GLN B 382 -55.96 -97.29 45.54
C GLN B 382 -55.49 -97.69 44.17
N PRO B 383 -54.23 -98.09 44.05
CA PRO B 383 -53.69 -98.52 42.77
C PRO B 383 -54.47 -99.77 42.38
N THR B 384 -55.24 -99.67 41.31
CA THR B 384 -56.06 -100.78 40.87
C THR B 384 -55.56 -101.45 39.60
N VAL B 385 -55.69 -102.77 39.54
CA VAL B 385 -55.28 -103.54 38.37
C VAL B 385 -56.37 -104.52 37.92
N PHE B 386 -56.70 -104.51 36.63
CA PHE B 386 -57.71 -105.43 36.09
C PHE B 386 -57.05 -106.42 35.17
N GLY B 387 -57.34 -107.70 35.37
CA GLY B 387 -56.76 -108.71 34.51
C GLY B 387 -57.76 -109.23 33.48
N ASP B 388 -57.28 -109.98 32.50
CA ASP B 388 -58.14 -110.55 31.46
C ASP B 388 -59.12 -109.56 30.82
N VAL B 389 -58.66 -108.34 30.60
CA VAL B 389 -59.49 -107.32 29.99
C VAL B 389 -59.67 -107.65 28.52
N GLN B 390 -60.81 -107.28 27.95
CA GLN B 390 -61.12 -107.57 26.56
C GLN B 390 -61.30 -106.27 25.80
N ASP B 391 -60.95 -106.27 24.52
CA ASP B 391 -61.05 -105.08 23.68
C ASP B 391 -62.41 -104.38 23.70
N GLY B 392 -63.48 -105.17 23.84
CA GLY B 392 -64.84 -104.62 23.88
C GLY B 392 -65.27 -103.90 25.14
N MET B 393 -64.59 -104.21 26.25
CA MET B 393 -64.87 -103.60 27.54
C MET B 393 -64.70 -102.10 27.53
N THR B 394 -65.48 -101.41 28.37
CA THR B 394 -65.43 -99.95 28.46
C THR B 394 -64.10 -99.48 28.98
N ILE B 395 -63.58 -100.16 30.01
CA ILE B 395 -62.28 -99.79 30.59
C ILE B 395 -61.12 -100.03 29.62
N ALA B 396 -61.41 -100.68 28.50
CA ALA B 396 -60.41 -100.93 27.48
C ALA B 396 -60.57 -99.96 26.31
N LYS B 397 -61.59 -99.13 26.33
CA LYS B 397 -61.84 -98.18 25.25
C LYS B 397 -61.77 -96.72 25.68
N GLU B 398 -62.28 -96.43 26.88
CA GLU B 398 -62.32 -95.06 27.38
C GLU B 398 -61.18 -94.69 28.30
N GLU B 399 -60.69 -93.47 28.13
CA GLU B 399 -59.58 -92.96 28.93
C GLU B 399 -60.03 -92.66 30.36
N ILE B 400 -59.54 -93.46 31.29
CA ILE B 400 -59.88 -93.34 32.70
C ILE B 400 -59.15 -92.16 33.37
N PHE B 401 -57.88 -91.99 33.05
CA PHE B 401 -57.06 -90.92 33.61
C PHE B 401 -56.83 -91.09 35.14
N GLY B 402 -56.74 -92.34 35.58
CA GLY B 402 -56.54 -92.64 36.98
C GLY B 402 -55.69 -93.87 37.20
N PRO B 403 -55.28 -94.16 38.44
CA PRO B 403 -54.44 -95.32 38.75
C PRO B 403 -55.15 -96.65 38.56
N VAL B 404 -55.60 -96.90 37.33
CA VAL B 404 -56.30 -98.14 37.02
C VAL B 404 -55.68 -98.78 35.78
N MET B 405 -55.04 -99.94 36.01
CA MET B 405 -54.35 -100.64 34.97
C MET B 405 -55.15 -101.74 34.32
N GLN B 406 -55.05 -101.88 33.02
CA GLN B 406 -55.78 -102.92 32.28
C GLN B 406 -54.75 -103.83 31.64
N ILE B 407 -54.79 -105.10 31.99
CA ILE B 407 -53.85 -106.05 31.42
C ILE B 407 -54.58 -106.98 30.41
N LEU B 408 -54.18 -106.95 29.15
CA LEU B 408 -54.82 -107.79 28.12
C LEU B 408 -53.86 -108.85 27.65
N LYS B 409 -54.37 -109.98 27.22
CA LYS B 409 -53.52 -111.06 26.75
C LYS B 409 -53.59 -111.19 25.22
N PHE B 410 -52.47 -111.56 24.60
CA PHE B 410 -52.43 -111.73 23.15
C PHE B 410 -51.48 -112.86 22.80
N LYS B 411 -51.63 -113.40 21.58
CA LYS B 411 -50.79 -114.51 21.13
C LYS B 411 -49.72 -114.15 20.11
N THR B 412 -50.12 -113.57 18.98
CA THR B 412 -49.15 -113.23 17.96
C THR B 412 -48.89 -111.74 17.81
N ILE B 413 -47.75 -111.42 17.18
CA ILE B 413 -47.35 -110.05 16.93
C ILE B 413 -48.23 -109.38 15.89
N GLU B 414 -48.73 -110.17 14.93
CA GLU B 414 -49.62 -109.62 13.90
C GLU B 414 -50.95 -109.28 14.55
N GLU B 415 -51.35 -110.09 15.53
CA GLU B 415 -52.59 -109.89 16.25
C GLU B 415 -52.57 -108.60 17.07
N VAL B 416 -51.54 -108.45 17.91
CA VAL B 416 -51.43 -107.28 18.76
C VAL B 416 -51.40 -105.95 18.01
N VAL B 417 -50.77 -105.92 16.84
CA VAL B 417 -50.72 -104.69 16.04
C VAL B 417 -52.15 -104.23 15.71
N GLY B 418 -52.96 -105.14 15.16
CA GLY B 418 -54.32 -104.79 14.85
C GLY B 418 -55.16 -104.42 16.06
N ARG B 419 -54.94 -105.08 17.18
CA ARG B 419 -55.70 -104.75 18.38
C ARG B 419 -55.22 -103.43 18.96
N ALA B 420 -53.91 -103.19 18.91
CA ALA B 420 -53.37 -101.95 19.47
C ALA B 420 -53.84 -100.80 18.62
N ASN B 421 -53.90 -101.01 17.31
CA ASN B 421 -54.32 -99.97 16.37
C ASN B 421 -55.81 -99.72 16.34
N ASN B 422 -56.57 -100.73 16.72
CA ASN B 422 -58.03 -100.60 16.73
C ASN B 422 -58.45 -99.71 17.88
N SER B 423 -58.35 -98.41 17.67
CA SER B 423 -58.70 -97.40 18.66
C SER B 423 -58.88 -96.05 17.97
N THR B 424 -59.65 -95.18 18.61
CA THR B 424 -59.91 -93.83 18.11
C THR B 424 -58.68 -92.95 18.40
N TYR B 425 -57.88 -93.40 19.37
CA TYR B 425 -56.69 -92.69 19.79
C TYR B 425 -55.43 -93.20 19.13
N GLY B 426 -54.37 -92.39 19.20
CA GLY B 426 -53.08 -92.75 18.65
C GLY B 426 -51.99 -91.78 19.08
N LEU B 427 -51.99 -91.46 20.36
CA LEU B 427 -51.03 -90.52 20.94
C LEU B 427 -49.64 -91.15 21.13
N ALA B 428 -49.62 -92.33 21.74
CA ALA B 428 -48.38 -93.01 22.03
C ALA B 428 -48.59 -94.51 22.07
N ALA B 429 -47.48 -95.25 22.17
CA ALA B 429 -47.49 -96.70 22.26
C ALA B 429 -46.08 -97.12 22.67
N ALA B 430 -45.91 -98.39 23.04
CA ALA B 430 -44.61 -98.88 23.44
C ALA B 430 -44.48 -100.34 23.20
N VAL B 431 -43.26 -100.80 23.03
CA VAL B 431 -42.98 -102.20 22.81
C VAL B 431 -41.82 -102.59 23.68
N PHE B 432 -41.90 -103.75 24.30
CA PHE B 432 -40.80 -104.27 25.11
C PHE B 432 -40.40 -105.58 24.48
N THR B 433 -39.17 -105.61 23.97
CA THR B 433 -38.65 -106.81 23.32
C THR B 433 -37.15 -106.69 23.21
N LYS B 434 -36.46 -107.81 23.08
CA LYS B 434 -35.01 -107.81 22.92
C LYS B 434 -34.67 -108.05 21.44
N ASP B 435 -35.69 -108.43 20.66
CA ASP B 435 -35.53 -108.72 19.24
C ASP B 435 -35.59 -107.50 18.31
N LEU B 436 -34.53 -107.29 17.55
CA LEU B 436 -34.43 -106.19 16.62
C LEU B 436 -35.58 -106.14 15.60
N ASP B 437 -35.83 -107.24 14.91
CA ASP B 437 -36.91 -107.29 13.92
C ASP B 437 -38.30 -107.01 14.50
N LYS B 438 -38.59 -107.58 15.67
CA LYS B 438 -39.88 -107.32 16.33
C LYS B 438 -40.03 -105.85 16.65
N ALA B 439 -39.01 -105.27 17.26
CA ALA B 439 -39.03 -103.86 17.61
C ALA B 439 -39.28 -102.99 16.37
N ASN B 440 -38.58 -103.26 15.27
CA ASN B 440 -38.76 -102.44 14.07
C ASN B 440 -40.12 -102.65 13.41
N TYR B 441 -40.56 -103.90 13.38
CA TYR B 441 -41.86 -104.23 12.79
C TYR B 441 -42.92 -103.45 13.55
N LEU B 442 -42.92 -103.57 14.88
CA LEU B 442 -43.92 -102.85 15.68
C LEU B 442 -43.83 -101.34 15.63
N SER B 443 -42.64 -100.78 15.78
CA SER B 443 -42.55 -99.33 15.77
C SER B 443 -43.05 -98.73 14.48
N GLN B 444 -42.97 -99.51 13.40
CA GLN B 444 -43.46 -99.04 12.09
C GLN B 444 -44.96 -99.26 11.93
N ALA B 445 -45.43 -100.41 12.43
CA ALA B 445 -46.83 -100.79 12.31
C ALA B 445 -47.77 -100.04 13.22
N LEU B 446 -47.33 -99.72 14.44
CA LEU B 446 -48.16 -99.01 15.41
C LEU B 446 -48.53 -97.61 14.96
N GLN B 447 -49.82 -97.31 14.98
CA GLN B 447 -50.27 -96.01 14.57
C GLN B 447 -50.33 -95.06 15.76
N ALA B 448 -49.18 -94.51 16.11
CA ALA B 448 -49.10 -93.60 17.22
C ALA B 448 -48.08 -92.52 16.92
N GLY B 449 -48.29 -91.35 17.51
CA GLY B 449 -47.38 -90.23 17.32
C GLY B 449 -46.00 -90.51 17.93
N THR B 450 -45.95 -91.31 18.99
CA THR B 450 -44.71 -91.66 19.64
C THR B 450 -44.69 -93.13 19.97
N VAL B 451 -43.66 -93.84 19.52
CA VAL B 451 -43.53 -95.24 19.86
C VAL B 451 -42.26 -95.40 20.66
N TRP B 452 -42.37 -95.90 21.89
CA TRP B 452 -41.19 -96.13 22.74
C TRP B 452 -40.77 -97.59 22.64
N VAL B 453 -39.46 -97.84 22.61
CA VAL B 453 -38.99 -99.23 22.59
C VAL B 453 -38.20 -99.47 23.88
N ASN B 454 -38.65 -100.40 24.70
CA ASN B 454 -38.00 -100.70 25.97
C ASN B 454 -37.91 -99.56 26.95
N CYS B 455 -38.89 -98.68 26.89
CA CYS B 455 -38.93 -97.55 27.81
C CYS B 455 -40.31 -96.93 27.65
N TYR B 456 -40.60 -95.91 28.45
CA TYR B 456 -41.90 -95.27 28.37
C TYR B 456 -41.82 -93.86 28.93
N ASP B 457 -42.69 -92.98 28.43
CA ASP B 457 -42.74 -91.59 28.87
C ASP B 457 -41.38 -90.90 28.80
N VAL B 458 -40.63 -91.21 27.75
CA VAL B 458 -39.33 -90.60 27.53
C VAL B 458 -39.53 -89.42 26.63
N PHE B 459 -39.64 -88.26 27.25
CA PHE B 459 -39.84 -87.03 26.52
C PHE B 459 -38.57 -86.25 26.49
N GLY B 460 -38.23 -85.74 25.32
CA GLY B 460 -37.06 -84.92 25.23
C GLY B 460 -37.59 -83.59 24.74
N ALA B 461 -37.07 -82.48 25.27
CA ALA B 461 -37.50 -81.16 24.81
C ALA B 461 -37.23 -81.13 23.29
N GLN B 462 -36.25 -81.95 22.87
CA GLN B 462 -35.83 -82.07 21.48
C GLN B 462 -36.74 -82.93 20.58
N SER B 463 -37.47 -83.89 21.16
CA SER B 463 -38.32 -84.78 20.36
C SER B 463 -39.79 -84.37 20.26
N PRO B 464 -40.33 -84.37 19.03
CA PRO B 464 -41.73 -84.01 18.79
C PRO B 464 -42.74 -84.94 19.46
N PHE B 465 -43.85 -84.35 19.91
CA PHE B 465 -44.91 -85.08 20.61
C PHE B 465 -46.29 -84.64 20.14
N GLY B 466 -47.03 -85.61 19.62
CA GLY B 466 -48.36 -85.33 19.12
C GLY B 466 -49.04 -86.64 18.81
N GLY B 467 -50.28 -86.58 18.35
CA GLY B 467 -51.00 -87.81 18.04
C GLY B 467 -51.59 -87.98 16.66
N TYR B 468 -51.99 -89.22 16.41
CA TYR B 468 -52.63 -89.65 15.17
C TYR B 468 -54.13 -89.67 15.43
N LYS B 469 -54.92 -89.73 14.36
CA LYS B 469 -56.38 -89.81 14.46
C LYS B 469 -57.02 -88.77 15.38
N MET B 470 -57.91 -89.23 16.25
CA MET B 470 -58.61 -88.36 17.19
C MET B 470 -57.85 -88.00 18.46
N SER B 471 -56.52 -88.11 18.40
CA SER B 471 -55.65 -87.75 19.52
C SER B 471 -55.14 -86.32 19.25
N GLY B 472 -55.58 -85.78 18.12
CA GLY B 472 -55.21 -84.42 17.73
C GLY B 472 -54.38 -84.29 16.46
N SER B 473 -54.05 -83.03 16.16
CA SER B 473 -53.24 -82.68 14.99
C SER B 473 -52.13 -81.75 15.46
N GLY B 474 -51.06 -81.66 14.67
CA GLY B 474 -49.94 -80.81 15.04
C GLY B 474 -49.04 -81.46 16.08
N ARG B 475 -47.83 -80.94 16.22
CA ARG B 475 -46.88 -81.50 17.18
C ARG B 475 -46.30 -80.42 18.11
N GLU B 476 -45.72 -80.89 19.22
CA GLU B 476 -45.09 -80.02 20.22
C GLU B 476 -43.69 -80.55 20.50
N LEU B 477 -42.82 -79.71 21.04
CA LEU B 477 -41.44 -80.08 21.33
C LEU B 477 -40.64 -80.29 20.02
N GLY B 478 -39.32 -80.09 20.11
CA GLY B 478 -38.47 -80.24 18.94
C GLY B 478 -38.64 -79.12 17.93
N GLU B 479 -38.00 -79.26 16.77
CA GLU B 479 -38.12 -78.27 15.71
C GLU B 479 -39.56 -78.19 15.15
N TYR B 480 -40.29 -79.30 15.21
CA TYR B 480 -41.66 -79.39 14.72
C TYR B 480 -42.64 -78.49 15.49
N GLY B 481 -42.30 -78.22 16.75
CA GLY B 481 -43.11 -77.36 17.58
C GLY B 481 -43.10 -75.94 17.05
N LEU B 482 -42.06 -75.57 16.30
CA LEU B 482 -41.96 -74.22 15.76
C LEU B 482 -42.86 -73.99 14.54
N GLN B 483 -43.09 -75.04 13.77
CA GLN B 483 -43.91 -74.94 12.57
C GLN B 483 -45.29 -74.41 12.87
N ALA B 484 -45.87 -74.87 13.97
CA ALA B 484 -47.21 -74.44 14.34
C ALA B 484 -47.30 -72.97 14.72
N TYR B 485 -46.19 -72.38 15.12
CA TYR B 485 -46.19 -70.99 15.53
C TYR B 485 -45.56 -70.08 14.52
N THR B 486 -45.53 -70.51 13.26
CA THR B 486 -44.92 -69.72 12.21
C THR B 486 -45.79 -69.59 10.95
N LYS B 487 -45.65 -68.43 10.31
CA LYS B 487 -46.35 -68.10 9.08
C LYS B 487 -45.24 -67.97 8.03
N VAL B 488 -45.43 -68.60 6.87
CA VAL B 488 -44.40 -68.51 5.81
C VAL B 488 -44.72 -67.48 4.75
N LYS B 489 -43.91 -66.45 4.66
CA LYS B 489 -44.10 -65.44 3.64
C LYS B 489 -43.06 -65.63 2.54
N THR B 490 -43.52 -65.60 1.31
CA THR B 490 -42.65 -65.77 0.16
C THR B 490 -42.48 -64.43 -0.52
N VAL B 491 -41.23 -64.03 -0.75
CA VAL B 491 -40.96 -62.79 -1.44
C VAL B 491 -40.22 -63.17 -2.73
N THR B 492 -40.83 -62.89 -3.88
CA THR B 492 -40.23 -63.18 -5.18
C THR B 492 -39.91 -61.86 -5.88
N VAL B 493 -38.62 -61.58 -6.03
CA VAL B 493 -38.12 -60.33 -6.65
C VAL B 493 -37.60 -60.52 -8.08
N LYS B 494 -37.91 -59.58 -8.95
CA LYS B 494 -37.42 -59.66 -10.33
C LYS B 494 -35.97 -59.16 -10.34
N VAL B 495 -35.09 -59.94 -10.94
CA VAL B 495 -33.68 -59.59 -11.03
C VAL B 495 -33.19 -59.43 -12.49
N PRO B 496 -32.09 -58.67 -12.70
CA PRO B 496 -31.54 -58.43 -14.04
C PRO B 496 -31.29 -59.69 -14.85
N GLN B 497 -30.50 -60.59 -14.30
CA GLN B 497 -30.19 -61.86 -14.97
C GLN B 497 -29.74 -62.90 -13.97
N LYS B 498 -30.54 -63.95 -13.83
CA LYS B 498 -30.23 -65.02 -12.91
C LYS B 498 -29.11 -65.94 -13.38
N ASN B 499 -28.22 -66.25 -12.43
CA ASN B 499 -27.10 -67.15 -12.66
C ASN B 499 -27.04 -68.10 -11.50
N SER B 500 -26.54 -69.30 -11.75
CA SER B 500 -26.43 -70.29 -10.70
C SER B 500 -25.46 -69.86 -9.59
N ALA C 7 -34.51 -112.40 -16.11
CA ALA C 7 -35.16 -111.30 -16.87
C ALA C 7 -34.09 -110.40 -17.50
N VAL C 8 -33.04 -111.03 -18.03
CA VAL C 8 -31.95 -110.29 -18.65
C VAL C 8 -31.79 -110.60 -20.14
N PRO C 9 -31.83 -109.57 -21.00
CA PRO C 9 -31.69 -109.76 -22.45
C PRO C 9 -30.33 -110.35 -22.87
N ALA C 10 -30.33 -111.06 -24.01
CA ALA C 10 -29.12 -111.67 -24.54
C ALA C 10 -28.07 -110.61 -24.83
N PRO C 11 -26.86 -110.78 -24.30
CA PRO C 11 -25.78 -109.83 -24.53
C PRO C 11 -25.00 -110.08 -25.80
N ASN C 12 -24.36 -109.02 -26.30
CA ASN C 12 -23.50 -109.09 -27.47
C ASN C 12 -22.13 -109.31 -26.82
N GLN C 13 -21.67 -110.57 -26.81
CA GLN C 13 -20.39 -110.93 -26.21
C GLN C 13 -19.18 -110.25 -26.82
N GLN C 14 -19.41 -109.48 -27.88
CA GLN C 14 -18.34 -108.76 -28.56
C GLN C 14 -18.88 -107.41 -29.00
N PRO C 15 -19.20 -106.55 -28.02
CA PRO C 15 -19.74 -105.24 -28.32
C PRO C 15 -18.75 -104.39 -29.12
N GLU C 16 -19.28 -103.60 -30.04
CA GLU C 16 -18.47 -102.73 -30.86
C GLU C 16 -18.07 -101.49 -30.04
N VAL C 17 -16.90 -100.94 -30.29
CA VAL C 17 -16.44 -99.76 -29.57
C VAL C 17 -16.54 -98.57 -30.52
N PHE C 18 -17.32 -97.57 -30.12
CA PHE C 18 -17.52 -96.39 -30.92
C PHE C 18 -16.76 -95.20 -30.42
N CYS C 19 -16.45 -95.18 -29.13
CA CYS C 19 -15.73 -94.02 -28.57
C CYS C 19 -14.48 -94.47 -27.89
N ASN C 20 -13.37 -93.88 -28.33
CA ASN C 20 -12.08 -94.22 -27.76
C ASN C 20 -11.09 -93.06 -27.82
N GLN C 21 -11.63 -91.85 -27.84
CA GLN C 21 -10.81 -90.67 -27.89
C GLN C 21 -11.06 -89.77 -26.67
N ILE C 22 -10.45 -88.60 -26.66
CA ILE C 22 -10.60 -87.63 -25.59
C ILE C 22 -11.83 -86.80 -25.87
N PHE C 23 -12.66 -86.61 -24.85
CA PHE C 23 -13.90 -85.86 -25.00
C PHE C 23 -13.80 -84.46 -24.41
N ILE C 24 -13.83 -83.47 -25.28
CA ILE C 24 -13.75 -82.07 -24.86
C ILE C 24 -14.69 -81.26 -25.73
N ASN C 25 -15.43 -80.36 -25.12
CA ASN C 25 -16.40 -79.53 -25.82
C ASN C 25 -17.33 -80.33 -26.71
N ASN C 26 -17.77 -81.48 -26.22
CA ASN C 26 -18.68 -82.34 -26.97
C ASN C 26 -18.11 -82.87 -28.27
N GLU C 27 -16.79 -82.83 -28.37
CA GLU C 27 -16.13 -83.32 -29.57
C GLU C 27 -15.08 -84.37 -29.21
N TRP C 28 -14.83 -85.27 -30.16
CA TRP C 28 -13.85 -86.31 -30.00
C TRP C 28 -12.51 -85.85 -30.57
N HIS C 29 -11.46 -85.98 -29.77
CA HIS C 29 -10.14 -85.56 -30.18
C HIS C 29 -9.13 -86.63 -29.86
N ASP C 30 -8.02 -86.62 -30.58
CA ASP C 30 -6.93 -87.54 -30.34
C ASP C 30 -6.04 -86.80 -29.35
N ALA C 31 -5.16 -87.52 -28.67
CA ALA C 31 -4.25 -86.88 -27.72
C ALA C 31 -3.36 -85.92 -28.52
N VAL C 32 -2.91 -84.84 -27.88
CA VAL C 32 -2.04 -83.88 -28.54
C VAL C 32 -0.83 -84.65 -29.03
N SER C 33 -0.33 -85.58 -28.20
CA SER C 33 0.84 -86.37 -28.53
C SER C 33 0.55 -87.43 -29.59
N ARG C 34 -0.73 -87.70 -29.81
CA ARG C 34 -1.14 -88.67 -30.81
C ARG C 34 -1.01 -90.12 -30.31
N LYS C 35 -0.52 -90.26 -29.08
CA LYS C 35 -0.34 -91.57 -28.46
C LYS C 35 -1.68 -92.25 -28.11
N THR C 36 -1.62 -93.58 -28.01
CA THR C 36 -2.77 -94.38 -27.63
C THR C 36 -2.28 -95.55 -26.81
N PHE C 37 -3.13 -96.07 -25.95
CA PHE C 37 -2.74 -97.18 -25.10
C PHE C 37 -3.79 -98.23 -25.26
N PRO C 38 -3.40 -99.50 -25.14
CA PRO C 38 -4.44 -100.53 -25.30
C PRO C 38 -5.20 -100.80 -23.99
N THR C 39 -6.43 -101.27 -24.14
CA THR C 39 -7.26 -101.62 -23.01
C THR C 39 -7.51 -103.12 -23.18
N VAL C 40 -7.33 -103.88 -22.11
CA VAL C 40 -7.47 -105.32 -22.18
C VAL C 40 -8.75 -105.91 -21.65
N ASN C 41 -9.17 -107.04 -22.23
CA ASN C 41 -10.34 -107.80 -21.81
C ASN C 41 -9.77 -108.77 -20.78
N PRO C 42 -9.97 -108.51 -19.49
CA PRO C 42 -9.43 -109.39 -18.47
C PRO C 42 -9.84 -110.85 -18.53
N SER C 43 -10.89 -111.17 -19.28
CA SER C 43 -11.32 -112.56 -19.35
C SER C 43 -10.49 -113.38 -20.31
N THR C 44 -9.88 -112.70 -21.28
CA THR C 44 -9.10 -113.37 -22.31
C THR C 44 -7.69 -112.89 -22.38
N GLY C 45 -7.42 -111.72 -21.81
CA GLY C 45 -6.08 -111.18 -21.82
C GLY C 45 -5.77 -110.49 -23.13
N GLU C 46 -6.75 -110.47 -24.04
CA GLU C 46 -6.62 -109.84 -25.36
C GLU C 46 -6.96 -108.37 -25.36
N VAL C 47 -6.35 -107.65 -26.31
CA VAL C 47 -6.55 -106.23 -26.46
C VAL C 47 -7.92 -106.00 -27.10
N ILE C 48 -8.74 -105.16 -26.48
CA ILE C 48 -10.06 -104.87 -27.00
C ILE C 48 -9.88 -103.84 -28.10
N CYS C 49 -9.18 -102.76 -27.79
CA CYS C 49 -8.91 -101.70 -28.75
C CYS C 49 -7.89 -100.73 -28.19
N GLN C 50 -7.55 -99.75 -28.99
CA GLN C 50 -6.58 -98.73 -28.61
C GLN C 50 -7.38 -97.50 -28.17
N VAL C 51 -6.87 -96.73 -27.22
CA VAL C 51 -7.59 -95.56 -26.70
C VAL C 51 -6.64 -94.39 -26.58
N ALA C 52 -7.12 -93.20 -26.93
CA ALA C 52 -6.32 -92.00 -26.81
C ALA C 52 -5.68 -91.84 -25.42
N GLU C 53 -4.40 -91.49 -25.39
CA GLU C 53 -3.65 -91.36 -24.15
C GLU C 53 -3.44 -89.92 -23.78
N GLY C 54 -4.41 -89.36 -23.06
CA GLY C 54 -4.33 -87.97 -22.62
C GLY C 54 -3.17 -87.74 -21.68
N ASP C 55 -2.69 -86.52 -21.67
CA ASP C 55 -1.59 -86.10 -20.81
C ASP C 55 -1.86 -84.65 -20.40
N LYS C 56 -0.90 -84.03 -19.74
CA LYS C 56 -1.04 -82.67 -19.25
C LYS C 56 -1.65 -81.70 -20.23
N GLU C 57 -1.20 -81.75 -21.49
CA GLU C 57 -1.66 -80.84 -22.54
C GLU C 57 -3.13 -81.01 -22.82
N ASP C 58 -3.60 -82.24 -22.77
CA ASP C 58 -5.00 -82.55 -23.02
C ASP C 58 -5.87 -82.13 -21.84
N VAL C 59 -5.34 -82.27 -20.63
CA VAL C 59 -6.03 -81.88 -19.42
C VAL C 59 -6.19 -80.37 -19.49
N ASP C 60 -5.15 -79.70 -19.95
CA ASP C 60 -5.17 -78.25 -20.05
C ASP C 60 -6.29 -77.78 -20.96
N LYS C 61 -6.46 -78.49 -22.07
CA LYS C 61 -7.50 -78.13 -23.01
C LYS C 61 -8.88 -78.37 -22.40
N ALA C 62 -9.02 -79.46 -21.67
CA ALA C 62 -10.26 -79.82 -21.01
C ALA C 62 -10.68 -78.76 -19.99
N VAL C 63 -9.74 -78.38 -19.11
CA VAL C 63 -10.02 -77.39 -18.11
C VAL C 63 -10.45 -76.10 -18.76
N LYS C 64 -9.76 -75.67 -19.81
CA LYS C 64 -10.10 -74.42 -20.47
C LYS C 64 -11.51 -74.44 -21.00
N ALA C 65 -11.91 -75.58 -21.58
CA ALA C 65 -13.26 -75.75 -22.09
C ALA C 65 -14.26 -75.68 -20.93
N ALA C 66 -13.95 -76.41 -19.86
CA ALA C 66 -14.79 -76.42 -18.69
C ALA C 66 -14.96 -74.99 -18.16
N ARG C 67 -13.85 -74.31 -17.97
CA ARG C 67 -13.86 -72.94 -17.47
C ARG C 67 -14.71 -72.02 -18.33
N ALA C 68 -14.68 -72.23 -19.64
CA ALA C 68 -15.45 -71.37 -20.55
C ALA C 68 -16.97 -71.66 -20.40
N ALA C 69 -17.29 -72.93 -20.24
CA ALA C 69 -18.66 -73.35 -20.08
C ALA C 69 -19.24 -72.86 -18.76
N PHE C 70 -18.36 -72.48 -17.84
CA PHE C 70 -18.77 -72.02 -16.53
C PHE C 70 -18.79 -70.50 -16.41
N GLN C 71 -18.41 -69.79 -17.48
CA GLN C 71 -18.42 -68.34 -17.41
C GLN C 71 -19.78 -67.72 -17.22
N LEU C 72 -19.83 -66.74 -16.33
CA LEU C 72 -21.06 -66.03 -16.02
C LEU C 72 -21.76 -65.64 -17.32
N GLY C 73 -23.03 -65.99 -17.44
CA GLY C 73 -23.78 -65.66 -18.64
C GLY C 73 -23.85 -66.78 -19.63
N SER C 74 -23.08 -67.83 -19.42
CA SER C 74 -23.06 -68.97 -20.33
C SER C 74 -24.36 -69.78 -20.27
N PRO C 75 -24.63 -70.61 -21.29
CA PRO C 75 -25.85 -71.40 -21.27
C PRO C 75 -25.98 -72.26 -20.00
N TRP C 76 -24.89 -72.87 -19.56
CA TRP C 76 -24.92 -73.73 -18.37
C TRP C 76 -25.18 -72.95 -17.07
N ARG C 77 -24.66 -71.72 -16.99
CA ARG C 77 -24.81 -70.88 -15.80
C ARG C 77 -26.19 -70.22 -15.71
N ARG C 78 -26.73 -69.85 -16.87
CA ARG C 78 -28.04 -69.20 -16.94
C ARG C 78 -29.21 -70.17 -16.88
N MET C 79 -28.97 -71.40 -17.30
CA MET C 79 -29.98 -72.44 -17.34
C MET C 79 -30.75 -72.60 -16.03
N ASP C 80 -32.07 -72.77 -16.12
CA ASP C 80 -32.88 -72.97 -14.91
C ASP C 80 -32.43 -74.25 -14.22
N ALA C 81 -32.37 -74.21 -12.89
CA ALA C 81 -31.98 -75.38 -12.11
C ALA C 81 -32.87 -76.58 -12.47
N SER C 82 -34.15 -76.33 -12.71
CA SER C 82 -35.06 -77.42 -13.05
C SER C 82 -34.65 -78.08 -14.35
N HIS C 83 -34.09 -77.28 -15.25
CA HIS C 83 -33.64 -77.79 -16.55
C HIS C 83 -32.41 -78.71 -16.43
N ARG C 84 -31.51 -78.43 -15.48
CA ARG C 84 -30.36 -79.27 -15.28
C ARG C 84 -30.90 -80.64 -14.88
N GLY C 85 -31.99 -80.64 -14.13
CA GLY C 85 -32.60 -81.90 -13.74
C GLY C 85 -33.19 -82.59 -14.96
N ARG C 86 -33.76 -81.81 -15.88
CA ARG C 86 -34.35 -82.35 -17.09
C ARG C 86 -33.26 -83.07 -17.88
N LEU C 87 -32.09 -82.43 -17.95
CA LEU C 87 -30.94 -82.96 -18.67
C LEU C 87 -30.45 -84.27 -18.09
N LEU C 88 -30.33 -84.30 -16.77
CA LEU C 88 -29.89 -85.50 -16.07
C LEU C 88 -30.88 -86.66 -16.30
N ASN C 89 -32.18 -86.34 -16.35
CA ASN C 89 -33.20 -87.36 -16.57
C ASN C 89 -33.13 -87.86 -18.00
N ARG C 90 -32.77 -86.96 -18.91
CA ARG C 90 -32.65 -87.31 -20.32
C ARG C 90 -31.46 -88.26 -20.48
N LEU C 91 -30.35 -87.91 -19.83
CA LEU C 91 -29.17 -88.76 -19.86
C LEU C 91 -29.52 -90.15 -19.33
N ALA C 92 -30.35 -90.17 -18.29
CA ALA C 92 -30.74 -91.42 -17.70
C ALA C 92 -31.56 -92.24 -18.68
N ASP C 93 -32.40 -91.57 -19.46
CA ASP C 93 -33.24 -92.26 -20.45
C ASP C 93 -32.35 -92.84 -21.56
N LEU C 94 -31.36 -92.08 -21.97
CA LEU C 94 -30.43 -92.51 -23.01
C LEU C 94 -29.66 -93.74 -22.55
N ILE C 95 -29.23 -93.73 -21.29
CA ILE C 95 -28.51 -94.88 -20.74
C ILE C 95 -29.43 -96.09 -20.69
N GLU C 96 -30.69 -95.87 -20.31
CA GLU C 96 -31.62 -96.99 -20.24
C GLU C 96 -31.86 -97.57 -21.62
N ARG C 97 -31.92 -96.70 -22.62
CA ARG C 97 -32.12 -97.12 -24.01
C ARG C 97 -30.99 -98.06 -24.41
N ASP C 98 -29.75 -97.64 -24.14
CA ASP C 98 -28.58 -98.44 -24.47
C ASP C 98 -28.09 -99.32 -23.32
N ARG C 99 -29.00 -99.68 -22.42
CA ARG C 99 -28.67 -100.50 -21.27
C ARG C 99 -28.01 -101.85 -21.55
N THR C 100 -28.57 -102.61 -22.48
CA THR C 100 -28.02 -103.91 -22.83
C THR C 100 -26.58 -103.80 -23.39
N TYR C 101 -26.35 -102.83 -24.26
CA TYR C 101 -25.06 -102.62 -24.84
C TYR C 101 -24.05 -102.22 -23.75
N LEU C 102 -24.34 -101.14 -23.02
CA LEU C 102 -23.47 -100.68 -21.95
C LEU C 102 -23.12 -101.79 -20.93
N ALA C 103 -24.09 -102.60 -20.57
CA ALA C 103 -23.83 -103.65 -19.62
C ALA C 103 -22.82 -104.66 -20.20
N ALA C 104 -22.95 -104.94 -21.49
CA ALA C 104 -22.04 -105.87 -22.16
C ALA C 104 -20.64 -105.28 -22.26
N LEU C 105 -20.57 -104.02 -22.65
CA LEU C 105 -19.31 -103.34 -22.78
C LEU C 105 -18.61 -103.24 -21.42
N GLU C 106 -19.38 -103.03 -20.36
CA GLU C 106 -18.83 -102.94 -19.01
C GLU C 106 -18.17 -104.28 -18.67
N THR C 107 -18.86 -105.38 -18.96
CA THR C 107 -18.34 -106.72 -18.70
C THR C 107 -17.10 -106.99 -19.54
N LEU C 108 -17.13 -106.58 -20.80
CA LEU C 108 -15.99 -106.78 -21.69
C LEU C 108 -14.72 -106.13 -21.16
N ASP C 109 -14.85 -104.88 -20.74
CA ASP C 109 -13.71 -104.12 -20.27
C ASP C 109 -13.29 -104.38 -18.84
N ASN C 110 -14.25 -104.59 -17.95
CA ASN C 110 -14.00 -104.77 -16.52
C ASN C 110 -13.90 -106.18 -16.08
N GLY C 111 -14.75 -107.04 -16.62
CA GLY C 111 -14.72 -108.43 -16.24
C GLY C 111 -15.85 -108.96 -15.37
N LYS C 112 -16.60 -108.06 -14.73
CA LYS C 112 -17.72 -108.50 -13.88
C LYS C 112 -18.79 -109.17 -14.75
N PRO C 113 -19.55 -110.11 -14.16
CA PRO C 113 -20.59 -110.83 -14.88
C PRO C 113 -21.61 -109.91 -15.53
N TYR C 114 -21.97 -110.23 -16.77
CA TYR C 114 -22.95 -109.45 -17.52
C TYR C 114 -24.25 -109.28 -16.76
N VAL C 115 -24.74 -110.36 -16.16
CA VAL C 115 -25.98 -110.31 -15.40
C VAL C 115 -25.90 -109.22 -14.32
N ILE C 116 -24.78 -109.20 -13.60
CA ILE C 116 -24.58 -108.22 -12.55
C ILE C 116 -24.51 -106.84 -13.16
N SER C 117 -23.78 -106.71 -14.25
CA SER C 117 -23.64 -105.43 -14.94
C SER C 117 -24.98 -104.86 -15.37
N TYR C 118 -25.86 -105.75 -15.82
CA TYR C 118 -27.18 -105.34 -16.27
C TYR C 118 -28.16 -105.05 -15.11
N LEU C 119 -28.31 -106.02 -14.23
CA LEU C 119 -29.23 -105.88 -13.10
C LEU C 119 -28.78 -104.99 -11.95
N VAL C 120 -27.47 -104.87 -11.75
CA VAL C 120 -26.98 -104.08 -10.63
C VAL C 120 -26.34 -102.77 -11.04
N ASP C 121 -25.17 -102.82 -11.68
CA ASP C 121 -24.50 -101.59 -12.08
C ASP C 121 -25.38 -100.61 -12.86
N LEU C 122 -25.95 -101.04 -13.98
CA LEU C 122 -26.78 -100.12 -14.78
C LEU C 122 -28.06 -99.67 -14.09
N ASP C 123 -28.63 -100.55 -13.29
CA ASP C 123 -29.82 -100.20 -12.55
C ASP C 123 -29.42 -99.10 -11.57
N MET C 124 -28.28 -99.25 -10.91
CA MET C 124 -27.83 -98.24 -9.94
C MET C 124 -27.43 -96.92 -10.56
N VAL C 125 -26.91 -96.98 -11.78
CA VAL C 125 -26.52 -95.78 -12.50
C VAL C 125 -27.78 -94.99 -12.84
N LEU C 126 -28.83 -95.68 -13.28
CA LEU C 126 -30.08 -94.98 -13.61
C LEU C 126 -30.69 -94.37 -12.35
N LYS C 127 -30.70 -95.13 -11.26
CA LYS C 127 -31.26 -94.64 -10.01
C LYS C 127 -30.45 -93.49 -9.45
N CYS C 128 -29.15 -93.52 -9.72
CA CYS C 128 -28.30 -92.45 -9.26
C CYS C 128 -28.56 -91.14 -9.97
N LEU C 129 -28.57 -91.20 -11.30
CA LEU C 129 -28.82 -89.98 -12.09
C LEU C 129 -30.24 -89.47 -11.88
N ARG C 130 -31.20 -90.38 -11.79
CA ARG C 130 -32.57 -89.96 -11.60
C ARG C 130 -32.78 -89.35 -10.22
N TYR C 131 -31.97 -89.80 -9.26
CA TYR C 131 -32.06 -89.29 -7.90
C TYR C 131 -31.54 -87.86 -7.88
N TYR C 132 -30.38 -87.66 -8.46
CA TYR C 132 -29.81 -86.33 -8.47
C TYR C 132 -30.54 -85.36 -9.37
N ALA C 133 -31.22 -85.87 -10.40
CA ALA C 133 -31.99 -85.02 -11.30
C ALA C 133 -32.98 -84.27 -10.43
N GLY C 134 -33.51 -84.98 -9.45
CA GLY C 134 -34.47 -84.41 -8.53
C GLY C 134 -33.92 -83.37 -7.58
N TRP C 135 -32.64 -83.40 -7.29
CA TRP C 135 -32.04 -82.44 -6.34
C TRP C 135 -31.71 -81.11 -6.96
N ALA C 136 -31.61 -81.12 -8.30
CA ALA C 136 -31.26 -79.94 -9.10
C ALA C 136 -31.88 -78.61 -8.65
N ASP C 137 -33.16 -78.62 -8.34
CA ASP C 137 -33.83 -77.39 -7.93
C ASP C 137 -34.36 -77.43 -6.48
N LYS C 138 -33.75 -78.24 -5.63
CA LYS C 138 -34.23 -78.33 -4.26
C LYS C 138 -33.18 -78.09 -3.16
N TYR C 139 -31.96 -77.72 -3.52
CA TYR C 139 -30.91 -77.48 -2.54
C TYR C 139 -30.95 -76.01 -2.21
N HIS C 140 -31.81 -75.64 -1.27
CA HIS C 140 -32.02 -74.25 -0.88
C HIS C 140 -30.95 -73.59 -0.03
N GLY C 141 -30.89 -72.27 -0.13
CA GLY C 141 -29.97 -71.52 0.70
C GLY C 141 -30.84 -71.11 1.90
N LYS C 142 -30.35 -70.20 2.73
CA LYS C 142 -31.12 -69.79 3.89
C LYS C 142 -31.33 -68.29 4.01
N THR C 143 -32.35 -67.88 4.77
CA THR C 143 -32.60 -66.46 5.07
C THR C 143 -32.35 -66.51 6.56
N ILE C 144 -31.30 -65.83 7.01
CA ILE C 144 -30.90 -65.87 8.42
C ILE C 144 -31.28 -64.65 9.25
N PRO C 145 -31.90 -64.87 10.44
CA PRO C 145 -32.33 -63.82 11.38
C PRO C 145 -31.17 -63.22 12.17
N ILE C 146 -30.28 -62.53 11.47
CA ILE C 146 -29.12 -61.90 12.07
C ILE C 146 -29.55 -60.71 12.92
N ASP C 147 -28.73 -60.34 13.91
CA ASP C 147 -29.03 -59.16 14.73
C ASP C 147 -28.89 -57.83 13.94
N GLY C 148 -29.66 -56.82 14.36
CA GLY C 148 -29.63 -55.52 13.72
C GLY C 148 -30.58 -55.38 12.55
N ASP C 149 -30.65 -54.19 11.96
CA ASP C 149 -31.52 -53.96 10.81
C ASP C 149 -30.88 -54.38 9.50
N PHE C 150 -30.87 -55.69 9.28
CA PHE C 150 -30.26 -56.30 8.10
C PHE C 150 -31.10 -57.46 7.60
N PHE C 151 -30.93 -57.76 6.32
CA PHE C 151 -31.61 -58.89 5.70
C PHE C 151 -30.44 -59.72 5.24
N SER C 152 -30.27 -60.90 5.82
CA SER C 152 -29.14 -61.76 5.50
C SER C 152 -29.60 -63.08 4.93
N TYR C 153 -28.99 -63.51 3.84
CA TYR C 153 -29.36 -64.78 3.23
C TYR C 153 -28.14 -65.44 2.61
N THR C 154 -28.29 -66.70 2.19
CA THR C 154 -27.17 -67.42 1.59
C THR C 154 -27.59 -68.04 0.29
N ARG C 155 -26.64 -68.08 -0.65
CA ARG C 155 -26.85 -68.68 -1.97
C ARG C 155 -25.88 -69.85 -2.04
N HIS C 156 -26.36 -70.96 -2.56
CA HIS C 156 -25.50 -72.14 -2.74
C HIS C 156 -25.08 -72.12 -4.21
N GLU C 157 -23.85 -71.69 -4.45
CA GLU C 157 -23.31 -71.59 -5.80
C GLU C 157 -22.45 -72.80 -6.14
N PRO C 158 -22.27 -73.09 -7.44
CA PRO C 158 -21.45 -74.24 -7.83
C PRO C 158 -20.01 -73.92 -7.45
N VAL C 159 -19.24 -74.96 -7.16
CA VAL C 159 -17.85 -74.74 -6.76
C VAL C 159 -16.99 -74.32 -7.97
N GLY C 160 -17.40 -74.72 -9.18
CA GLY C 160 -16.67 -74.37 -10.39
C GLY C 160 -16.23 -75.55 -11.23
N VAL C 161 -14.95 -75.57 -11.61
CA VAL C 161 -14.41 -76.66 -12.41
C VAL C 161 -13.96 -77.77 -11.49
N CYS C 162 -14.65 -78.90 -11.61
CA CYS C 162 -14.37 -80.04 -10.77
C CYS C 162 -13.61 -81.17 -11.47
N GLY C 163 -12.45 -81.50 -10.93
CA GLY C 163 -11.65 -82.58 -11.46
C GLY C 163 -12.09 -83.87 -10.78
N GLN C 164 -12.50 -84.85 -11.57
CA GLN C 164 -12.95 -86.11 -11.04
C GLN C 164 -12.13 -87.28 -11.58
N ILE C 165 -11.43 -87.98 -10.69
CA ILE C 165 -10.60 -89.11 -11.07
C ILE C 165 -11.27 -90.34 -10.49
N ILE C 166 -11.70 -91.25 -11.36
CA ILE C 166 -12.39 -92.45 -10.91
C ILE C 166 -11.64 -93.77 -11.19
N PRO C 167 -11.87 -94.78 -10.34
CA PRO C 167 -11.23 -96.08 -10.45
C PRO C 167 -11.92 -97.00 -11.44
N TRP C 168 -11.50 -98.26 -11.45
CA TRP C 168 -11.98 -99.26 -12.40
C TRP C 168 -12.93 -100.34 -11.91
N ASN C 169 -13.16 -100.39 -10.59
CA ASN C 169 -14.00 -101.44 -10.03
C ASN C 169 -15.43 -101.36 -10.43
N PHE C 170 -15.93 -100.13 -10.58
CA PHE C 170 -17.31 -99.85 -10.98
C PHE C 170 -17.26 -98.65 -11.91
N PRO C 171 -16.76 -98.84 -13.14
CA PRO C 171 -16.63 -97.79 -14.15
C PRO C 171 -17.83 -96.90 -14.34
N LEU C 172 -18.98 -97.45 -14.70
CA LEU C 172 -20.18 -96.62 -14.91
C LEU C 172 -20.76 -96.02 -13.62
N LEU C 173 -20.89 -96.85 -12.58
CA LEU C 173 -21.46 -96.35 -11.36
C LEU C 173 -20.63 -95.23 -10.75
N MET C 174 -19.31 -95.39 -10.77
CA MET C 174 -18.45 -94.36 -10.22
C MET C 174 -18.64 -93.09 -11.03
N GLN C 175 -18.80 -93.24 -12.34
CA GLN C 175 -18.99 -92.08 -13.19
C GLN C 175 -20.27 -91.37 -12.77
N ALA C 176 -21.35 -92.13 -12.63
CA ALA C 176 -22.64 -91.60 -12.23
C ALA C 176 -22.62 -90.95 -10.86
N TRP C 177 -21.95 -91.59 -9.89
CA TRP C 177 -21.85 -91.05 -8.54
C TRP C 177 -21.15 -89.70 -8.53
N LYS C 178 -20.35 -89.43 -9.54
CA LYS C 178 -19.63 -88.16 -9.61
C LYS C 178 -20.36 -87.12 -10.42
N LEU C 179 -20.91 -87.54 -11.54
CA LEU C 179 -21.65 -86.65 -12.43
C LEU C 179 -22.95 -86.16 -11.83
N GLY C 180 -23.66 -87.05 -11.16
CA GLY C 180 -24.93 -86.71 -10.56
C GLY C 180 -24.92 -85.47 -9.70
N PRO C 181 -24.24 -85.51 -8.55
CA PRO C 181 -24.18 -84.34 -7.67
C PRO C 181 -23.54 -83.14 -8.31
N ALA C 182 -22.43 -83.37 -9.02
CA ALA C 182 -21.71 -82.27 -9.66
C ALA C 182 -22.58 -81.48 -10.63
N LEU C 183 -23.29 -82.20 -11.50
CA LEU C 183 -24.14 -81.58 -12.50
C LEU C 183 -25.42 -80.98 -11.91
N ALA C 184 -26.03 -81.66 -10.95
CA ALA C 184 -27.26 -81.15 -10.34
C ALA C 184 -27.00 -79.80 -9.70
N THR C 185 -25.80 -79.60 -9.17
CA THR C 185 -25.46 -78.33 -8.54
C THR C 185 -24.88 -77.31 -9.51
N GLY C 186 -24.83 -77.65 -10.79
CA GLY C 186 -24.33 -76.71 -11.79
C GLY C 186 -22.85 -76.49 -11.98
N ASN C 187 -22.05 -77.49 -11.64
CA ASN C 187 -20.62 -77.40 -11.84
C ASN C 187 -20.29 -77.91 -13.23
N VAL C 188 -19.01 -77.83 -13.60
CA VAL C 188 -18.52 -78.34 -14.87
C VAL C 188 -17.48 -79.38 -14.47
N VAL C 189 -17.28 -80.38 -15.33
CA VAL C 189 -16.39 -81.46 -14.99
C VAL C 189 -15.29 -81.82 -15.96
N VAL C 190 -14.14 -82.17 -15.39
CA VAL C 190 -12.98 -82.66 -16.13
C VAL C 190 -12.74 -84.01 -15.49
N MET C 191 -13.16 -85.06 -16.18
CA MET C 191 -13.04 -86.41 -15.63
C MET C 191 -11.93 -87.27 -16.19
N LYS C 192 -11.20 -87.93 -15.30
CA LYS C 192 -10.12 -88.83 -15.69
C LYS C 192 -10.58 -90.25 -15.30
N VAL C 193 -10.89 -91.04 -16.31
CA VAL C 193 -11.33 -92.41 -16.11
C VAL C 193 -10.14 -93.38 -15.99
N ALA C 194 -10.35 -94.52 -15.34
CA ALA C 194 -9.29 -95.50 -15.15
C ALA C 194 -8.80 -96.09 -16.46
N GLU C 195 -7.48 -96.22 -16.59
CA GLU C 195 -6.89 -96.77 -17.80
C GLU C 195 -7.33 -98.20 -18.09
N GLN C 196 -7.74 -98.92 -17.06
CA GLN C 196 -8.18 -100.30 -17.26
C GLN C 196 -9.60 -100.37 -17.80
N THR C 197 -10.40 -99.34 -17.58
CA THR C 197 -11.79 -99.38 -17.99
C THR C 197 -12.31 -98.02 -18.47
N PRO C 198 -11.75 -97.51 -19.57
CA PRO C 198 -12.19 -96.22 -20.10
C PRO C 198 -13.39 -96.26 -21.02
N LEU C 199 -13.61 -97.41 -21.65
CA LEU C 199 -14.69 -97.55 -22.64
C LEU C 199 -16.10 -97.08 -22.32
N THR C 200 -16.75 -97.68 -21.32
CA THR C 200 -18.12 -97.28 -21.01
C THR C 200 -18.28 -95.81 -20.69
N ALA C 201 -17.33 -95.23 -19.95
CA ALA C 201 -17.43 -93.82 -19.60
C ALA C 201 -17.40 -92.94 -20.85
N LEU C 202 -16.57 -93.33 -21.82
CA LEU C 202 -16.43 -92.57 -23.06
C LEU C 202 -17.70 -92.68 -23.85
N TYR C 203 -18.35 -93.84 -23.79
CA TYR C 203 -19.60 -93.99 -24.51
C TYR C 203 -20.67 -93.11 -23.87
N VAL C 204 -20.64 -93.00 -22.55
CA VAL C 204 -21.61 -92.18 -21.83
C VAL C 204 -21.39 -90.72 -22.19
N ALA C 205 -20.15 -90.34 -22.50
CA ALA C 205 -19.89 -88.94 -22.86
C ALA C 205 -20.63 -88.62 -24.16
N ASN C 206 -20.81 -89.65 -24.99
CA ASN C 206 -21.49 -89.47 -26.24
C ASN C 206 -22.95 -89.18 -25.93
N LEU C 207 -23.52 -89.94 -24.99
CA LEU C 207 -24.91 -89.78 -24.59
C LEU C 207 -25.10 -88.44 -23.93
N ILE C 208 -24.08 -87.95 -23.25
CA ILE C 208 -24.14 -86.66 -22.59
C ILE C 208 -24.31 -85.60 -23.68
N LYS C 209 -23.66 -85.82 -24.82
CA LYS C 209 -23.75 -84.90 -25.94
C LYS C 209 -25.15 -84.97 -26.52
N GLU C 210 -25.62 -86.20 -26.72
CA GLU C 210 -26.95 -86.45 -27.28
C GLU C 210 -28.06 -85.93 -26.40
N ALA C 211 -27.83 -85.92 -25.08
CA ALA C 211 -28.80 -85.44 -24.12
C ALA C 211 -29.01 -83.93 -24.17
N GLY C 212 -28.04 -83.19 -24.69
CA GLY C 212 -28.17 -81.75 -24.79
C GLY C 212 -27.31 -80.91 -23.86
N PHE C 213 -26.47 -81.56 -23.07
CA PHE C 213 -25.61 -80.82 -22.14
C PHE C 213 -24.70 -79.92 -22.94
N PRO C 214 -24.62 -78.63 -22.59
CA PRO C 214 -23.79 -77.64 -23.28
C PRO C 214 -22.33 -78.12 -23.42
N PRO C 215 -21.63 -77.70 -24.49
CA PRO C 215 -20.24 -78.11 -24.69
C PRO C 215 -19.38 -77.59 -23.55
N GLY C 216 -18.50 -78.48 -23.05
CA GLY C 216 -17.59 -78.12 -21.97
C GLY C 216 -18.08 -78.39 -20.57
N VAL C 217 -19.36 -78.74 -20.44
CA VAL C 217 -19.91 -79.03 -19.12
C VAL C 217 -19.27 -80.30 -18.59
N VAL C 218 -19.11 -81.28 -19.47
CA VAL C 218 -18.47 -82.53 -19.11
C VAL C 218 -17.36 -82.83 -20.11
N ASN C 219 -16.15 -83.04 -19.60
CA ASN C 219 -15.01 -83.38 -20.45
C ASN C 219 -14.34 -84.59 -19.83
N ILE C 220 -14.12 -85.61 -20.65
CA ILE C 220 -13.47 -86.82 -20.16
C ILE C 220 -12.12 -86.97 -20.83
N VAL C 221 -11.08 -87.18 -20.04
CA VAL C 221 -9.74 -87.35 -20.57
C VAL C 221 -9.22 -88.70 -20.12
N PRO C 222 -9.25 -89.70 -21.02
CA PRO C 222 -8.75 -91.04 -20.66
C PRO C 222 -7.23 -90.98 -20.67
N GLY C 223 -6.57 -91.83 -19.88
CA GLY C 223 -5.11 -91.84 -19.82
C GLY C 223 -4.59 -92.41 -18.51
N PHE C 224 -3.29 -92.25 -18.27
CA PHE C 224 -2.70 -92.78 -17.06
C PHE C 224 -2.78 -91.83 -15.88
N GLY C 225 -2.57 -92.38 -14.68
CA GLY C 225 -2.66 -91.57 -13.49
C GLY C 225 -1.58 -90.53 -13.28
N PRO C 226 -0.31 -90.96 -13.21
CA PRO C 226 0.85 -90.07 -13.01
C PRO C 226 0.88 -88.93 -14.03
N THR C 227 0.20 -89.13 -15.16
CA THR C 227 0.16 -88.09 -16.19
C THR C 227 -1.09 -87.24 -16.17
N ALA C 228 -2.20 -87.78 -16.68
CA ALA C 228 -3.45 -87.03 -16.72
C ALA C 228 -4.04 -86.73 -15.35
N GLY C 229 -4.10 -87.75 -14.50
CA GLY C 229 -4.65 -87.56 -13.17
C GLY C 229 -3.91 -86.50 -12.40
N ALA C 230 -2.59 -86.58 -12.38
CA ALA C 230 -1.76 -85.61 -11.65
C ALA C 230 -1.90 -84.21 -12.22
N ALA C 231 -2.15 -84.13 -13.52
CA ALA C 231 -2.32 -82.86 -14.21
C ALA C 231 -3.58 -82.15 -13.73
N ILE C 232 -4.63 -82.93 -13.45
CA ILE C 232 -5.90 -82.39 -12.92
C ILE C 232 -5.71 -81.93 -11.46
N ALA C 233 -5.11 -82.81 -10.64
CA ALA C 233 -4.88 -82.52 -9.23
C ALA C 233 -4.01 -81.29 -8.98
N SER C 234 -3.06 -81.05 -9.88
CA SER C 234 -2.15 -79.93 -9.75
C SER C 234 -2.55 -78.69 -10.52
N HIS C 235 -3.58 -78.80 -11.33
CA HIS C 235 -4.00 -77.67 -12.14
C HIS C 235 -4.37 -76.42 -11.36
N GLU C 236 -3.89 -75.28 -11.84
CA GLU C 236 -4.15 -74.01 -11.15
C GLU C 236 -5.56 -73.49 -11.29
N ASP C 237 -6.30 -74.00 -12.28
CA ASP C 237 -7.66 -73.54 -12.55
C ASP C 237 -8.76 -74.54 -12.23
N VAL C 238 -8.42 -75.64 -11.56
CA VAL C 238 -9.40 -76.63 -11.14
C VAL C 238 -9.76 -76.24 -9.71
N ASP C 239 -11.04 -76.02 -9.45
CA ASP C 239 -11.52 -75.60 -8.13
C ASP C 239 -11.69 -76.71 -7.11
N LYS C 240 -11.95 -77.92 -7.58
CA LYS C 240 -12.11 -79.04 -6.69
C LYS C 240 -11.68 -80.32 -7.35
N VAL C 241 -11.08 -81.22 -6.57
CA VAL C 241 -10.69 -82.51 -7.11
C VAL C 241 -11.28 -83.62 -6.24
N ALA C 242 -12.04 -84.50 -6.87
CA ALA C 242 -12.67 -85.61 -6.18
C ALA C 242 -11.94 -86.86 -6.61
N PHE C 243 -11.35 -87.57 -5.66
CA PHE C 243 -10.61 -88.77 -6.00
C PHE C 243 -11.18 -90.00 -5.31
N THR C 244 -11.13 -91.14 -6.00
CA THR C 244 -11.58 -92.41 -5.44
C THR C 244 -10.60 -93.47 -5.89
N GLY C 245 -9.87 -94.04 -4.95
CA GLY C 245 -8.88 -95.06 -5.26
C GLY C 245 -8.07 -95.50 -4.06
N SER C 246 -6.78 -95.75 -4.29
CA SER C 246 -5.89 -96.19 -3.23
C SER C 246 -5.51 -95.07 -2.28
N THR C 247 -5.28 -95.43 -1.02
CA THR C 247 -4.88 -94.50 0.04
C THR C 247 -3.53 -93.85 -0.35
N GLU C 248 -2.72 -94.65 -1.05
CA GLU C 248 -1.41 -94.27 -1.52
C GLU C 248 -1.50 -93.04 -2.44
N ILE C 249 -2.35 -93.15 -3.46
CA ILE C 249 -2.53 -92.04 -4.41
C ILE C 249 -3.32 -90.89 -3.80
N GLY C 250 -4.23 -91.22 -2.88
CA GLY C 250 -5.03 -90.21 -2.20
C GLY C 250 -4.19 -89.18 -1.48
N ARG C 251 -3.03 -89.60 -0.97
CA ARG C 251 -2.11 -88.70 -0.29
C ARG C 251 -1.44 -87.78 -1.31
N VAL C 252 -1.09 -88.36 -2.46
CA VAL C 252 -0.47 -87.62 -3.56
C VAL C 252 -1.39 -86.47 -3.99
N ILE C 253 -2.65 -86.79 -4.21
CA ILE C 253 -3.69 -85.82 -4.61
C ILE C 253 -3.81 -84.65 -3.61
N GLN C 254 -3.89 -84.97 -2.32
CA GLN C 254 -4.03 -83.94 -1.29
C GLN C 254 -2.83 -83.02 -1.22
N VAL C 255 -1.63 -83.59 -1.41
CA VAL C 255 -0.38 -82.81 -1.41
C VAL C 255 -0.32 -81.92 -2.65
N ALA C 256 -0.72 -82.48 -3.80
CA ALA C 256 -0.76 -81.76 -5.08
C ALA C 256 -1.73 -80.57 -5.02
N ALA C 257 -2.78 -80.72 -4.23
CA ALA C 257 -3.78 -79.66 -4.06
C ALA C 257 -3.28 -78.52 -3.17
N GLY C 258 -2.56 -78.86 -2.10
CA GLY C 258 -2.04 -77.83 -1.22
C GLY C 258 -0.85 -77.12 -1.83
N SER C 259 -0.19 -77.80 -2.77
CA SER C 259 0.99 -77.27 -3.46
C SER C 259 0.59 -76.37 -4.62
N SER C 260 -0.66 -76.48 -5.06
CA SER C 260 -1.15 -75.67 -6.17
C SER C 260 -2.03 -74.46 -5.82
N ASN C 261 -3.36 -74.62 -5.87
CA ASN C 261 -4.28 -73.52 -5.60
C ASN C 261 -5.19 -73.67 -4.40
N LEU C 262 -4.85 -74.57 -3.48
CA LEU C 262 -5.68 -74.79 -2.29
C LEU C 262 -7.09 -75.23 -2.66
N LYS C 263 -7.19 -75.99 -3.74
CA LYS C 263 -8.47 -76.48 -4.22
C LYS C 263 -9.06 -77.46 -3.20
N ARG C 264 -10.37 -77.64 -3.26
CA ARG C 264 -11.07 -78.55 -2.36
C ARG C 264 -10.75 -79.99 -2.77
N VAL C 265 -10.63 -80.86 -1.78
CA VAL C 265 -10.32 -82.25 -2.03
C VAL C 265 -11.20 -83.19 -1.18
N THR C 266 -11.77 -84.19 -1.85
CA THR C 266 -12.58 -85.19 -1.18
C THR C 266 -11.92 -86.48 -1.63
N LEU C 267 -11.69 -87.37 -0.67
CA LEU C 267 -11.04 -88.65 -0.95
C LEU C 267 -11.91 -89.85 -0.56
N GLU C 268 -12.04 -90.79 -1.48
CA GLU C 268 -12.81 -92.00 -1.25
C GLU C 268 -11.80 -93.12 -1.38
N LEU C 269 -11.13 -93.41 -0.28
CA LEU C 269 -10.11 -94.45 -0.25
C LEU C 269 -10.71 -95.80 0.15
N GLY C 270 -9.90 -96.85 0.09
CA GLY C 270 -10.38 -98.17 0.44
C GLY C 270 -10.59 -98.47 1.92
N GLY C 271 -10.63 -99.75 2.26
CA GLY C 271 -10.84 -100.11 3.65
C GLY C 271 -10.60 -101.57 3.96
N LYS C 272 -10.70 -101.96 5.22
CA LYS C 272 -10.53 -103.35 5.62
C LYS C 272 -11.71 -103.60 6.49
N SER C 273 -12.89 -103.29 5.95
CA SER C 273 -14.18 -103.37 6.62
C SER C 273 -14.53 -104.61 7.39
N PRO C 274 -14.91 -104.45 8.68
CA PRO C 274 -15.28 -105.57 9.54
C PRO C 274 -16.72 -105.97 9.40
N ASN C 275 -16.97 -107.28 9.32
CA ASN C 275 -18.32 -107.83 9.21
C ASN C 275 -18.43 -108.72 10.42
N ILE C 276 -19.16 -108.26 11.43
CA ILE C 276 -19.26 -108.96 12.71
C ILE C 276 -20.47 -109.83 12.82
N ILE C 277 -20.25 -111.11 13.05
CA ILE C 277 -21.36 -112.05 13.16
C ILE C 277 -21.53 -112.52 14.60
N MET C 278 -22.58 -112.05 15.27
CA MET C 278 -22.86 -112.45 16.65
C MET C 278 -23.43 -113.88 16.71
N SER C 279 -23.35 -114.50 17.88
CA SER C 279 -23.84 -115.88 17.98
C SER C 279 -25.33 -116.06 17.77
N ASP C 280 -26.13 -115.02 18.01
CA ASP C 280 -27.56 -115.15 17.82
C ASP C 280 -28.05 -114.76 16.43
N ALA C 281 -27.14 -114.52 15.50
CA ALA C 281 -27.53 -114.17 14.15
C ALA C 281 -28.18 -115.34 13.43
N ASP C 282 -28.90 -115.01 12.37
CA ASP C 282 -29.55 -116.03 11.54
C ASP C 282 -28.36 -116.59 10.74
N MET C 283 -27.99 -117.82 11.04
CA MET C 283 -26.87 -118.50 10.38
C MET C 283 -26.94 -118.51 8.85
N ASP C 284 -28.05 -119.00 8.29
CA ASP C 284 -28.26 -119.04 6.84
C ASP C 284 -28.02 -117.68 6.16
N TRP C 285 -28.66 -116.65 6.69
CA TRP C 285 -28.53 -115.30 6.18
C TRP C 285 -27.10 -114.74 6.36
N ALA C 286 -26.53 -114.88 7.55
CA ALA C 286 -25.19 -114.36 7.77
C ALA C 286 -24.14 -114.99 6.88
N VAL C 287 -24.25 -116.28 6.60
CA VAL C 287 -23.29 -116.98 5.77
C VAL C 287 -23.40 -116.51 4.34
N GLU C 288 -24.63 -116.38 3.87
CA GLU C 288 -24.86 -115.93 2.50
C GLU C 288 -24.43 -114.47 2.33
N GLN C 289 -24.73 -113.65 3.33
CA GLN C 289 -24.37 -112.24 3.30
C GLN C 289 -22.88 -111.99 3.46
N ALA C 290 -22.22 -112.73 4.35
CA ALA C 290 -20.78 -112.58 4.55
C ALA C 290 -20.07 -112.97 3.27
N HIS C 291 -20.65 -113.94 2.56
CA HIS C 291 -20.06 -114.43 1.33
C HIS C 291 -20.15 -113.34 0.30
N PHE C 292 -21.33 -112.75 0.19
CA PHE C 292 -21.58 -111.66 -0.75
C PHE C 292 -20.74 -110.43 -0.33
N ALA C 293 -20.69 -110.17 0.98
CA ALA C 293 -19.95 -109.03 1.52
C ALA C 293 -18.51 -108.98 1.07
N LEU C 294 -17.89 -110.14 0.90
CA LEU C 294 -16.51 -110.19 0.47
C LEU C 294 -16.33 -110.47 -1.00
N PHE C 295 -16.97 -111.52 -1.49
CA PHE C 295 -16.79 -111.91 -2.89
C PHE C 295 -17.38 -111.03 -4.00
N PHE C 296 -18.34 -110.19 -3.64
CA PHE C 296 -19.00 -109.35 -4.61
C PHE C 296 -17.99 -108.61 -5.48
N ASN C 297 -18.27 -108.61 -6.79
CA ASN C 297 -17.43 -107.93 -7.78
C ASN C 297 -15.97 -108.37 -7.75
N GLN C 298 -15.77 -109.67 -7.63
CA GLN C 298 -14.44 -110.27 -7.59
C GLN C 298 -13.64 -109.72 -6.40
N GLY C 299 -14.36 -109.32 -5.35
CA GLY C 299 -13.72 -108.77 -4.16
C GLY C 299 -13.20 -107.36 -4.39
N GLN C 300 -13.33 -106.87 -5.61
CA GLN C 300 -12.85 -105.55 -5.96
C GLN C 300 -13.86 -104.49 -5.57
N CYS C 301 -14.04 -104.34 -4.27
CA CYS C 301 -14.99 -103.38 -3.73
C CYS C 301 -14.36 -102.67 -2.55
N CYS C 302 -14.41 -101.35 -2.57
CA CYS C 302 -13.80 -100.53 -1.53
C CYS C 302 -14.22 -100.86 -0.11
N CYS C 303 -15.48 -101.24 0.06
CA CYS C 303 -16.00 -101.55 1.38
C CYS C 303 -16.27 -103.03 1.58
N ALA C 304 -15.44 -103.86 0.97
CA ALA C 304 -15.55 -105.32 1.07
C ALA C 304 -15.40 -105.76 2.52
N GLY C 305 -16.21 -106.73 2.95
CA GLY C 305 -16.08 -107.21 4.32
C GLY C 305 -14.94 -108.21 4.36
N SER C 306 -13.72 -107.67 4.33
CA SER C 306 -12.50 -108.46 4.31
C SER C 306 -12.04 -108.97 5.68
N ARG C 307 -12.82 -108.66 6.71
CA ARG C 307 -12.53 -109.12 8.06
C ARG C 307 -13.83 -109.63 8.65
N THR C 308 -14.13 -110.90 8.45
CA THR C 308 -15.36 -111.49 8.97
C THR C 308 -15.10 -112.00 10.40
N PHE C 309 -15.52 -111.22 11.40
CA PHE C 309 -15.35 -111.64 12.79
C PHE C 309 -16.56 -112.50 13.17
N VAL C 310 -16.28 -113.71 13.66
CA VAL C 310 -17.35 -114.63 14.04
C VAL C 310 -17.24 -115.05 15.51
N GLN C 311 -18.33 -114.96 16.24
CA GLN C 311 -18.34 -115.34 17.66
C GLN C 311 -18.04 -116.84 17.85
N GLU C 312 -17.22 -117.16 18.84
CA GLU C 312 -16.78 -118.53 19.07
C GLU C 312 -17.80 -119.66 19.05
N ASP C 313 -18.96 -119.42 19.65
CA ASP C 313 -19.99 -120.45 19.68
C ASP C 313 -20.50 -120.90 18.30
N ILE C 314 -20.43 -120.03 17.30
CA ILE C 314 -20.88 -120.44 15.96
C ILE C 314 -19.77 -120.47 14.94
N TYR C 315 -18.54 -120.26 15.39
CA TYR C 315 -17.37 -120.25 14.51
C TYR C 315 -17.22 -121.48 13.60
N ASP C 316 -17.13 -122.66 14.21
CA ASP C 316 -16.95 -123.89 13.42
C ASP C 316 -18.00 -124.07 12.35
N GLU C 317 -19.26 -123.93 12.75
CA GLU C 317 -20.35 -124.10 11.81
C GLU C 317 -20.34 -123.04 10.71
N PHE C 318 -20.08 -121.80 11.09
CA PHE C 318 -20.04 -120.70 10.14
C PHE C 318 -18.97 -120.96 9.09
N VAL C 319 -17.74 -121.20 9.57
CA VAL C 319 -16.61 -121.47 8.71
C VAL C 319 -16.91 -122.61 7.74
N GLU C 320 -17.55 -123.66 8.25
CA GLU C 320 -17.86 -124.83 7.45
C GLU C 320 -18.75 -124.45 6.27
N ARG C 321 -19.80 -123.67 6.58
CA ARG C 321 -20.73 -123.23 5.56
C ARG C 321 -20.12 -122.23 4.60
N SER C 322 -19.23 -121.40 5.11
CA SER C 322 -18.58 -120.40 4.28
C SER C 322 -17.68 -121.07 3.27
N VAL C 323 -16.98 -122.10 3.72
CA VAL C 323 -16.06 -122.83 2.86
C VAL C 323 -16.82 -123.54 1.76
N ALA C 324 -17.94 -124.15 2.12
CA ALA C 324 -18.76 -124.86 1.14
C ALA C 324 -19.28 -123.89 0.08
N ARG C 325 -19.74 -122.72 0.54
CA ARG C 325 -20.27 -121.71 -0.37
C ARG C 325 -19.19 -121.18 -1.30
N ALA C 326 -17.99 -121.00 -0.77
CA ALA C 326 -16.86 -120.51 -1.54
C ALA C 326 -16.48 -121.54 -2.63
N LYS C 327 -16.48 -122.83 -2.27
CA LYS C 327 -16.14 -123.89 -3.21
C LYS C 327 -17.16 -124.02 -4.34
N SER C 328 -18.43 -123.72 -4.03
CA SER C 328 -19.51 -123.81 -5.01
C SER C 328 -19.66 -122.55 -5.86
N ARG C 329 -18.88 -121.52 -5.56
CA ARG C 329 -18.95 -120.28 -6.33
C ARG C 329 -18.42 -120.52 -7.75
N VAL C 330 -19.30 -120.35 -8.74
CA VAL C 330 -18.95 -120.57 -10.13
C VAL C 330 -18.07 -119.49 -10.72
N VAL C 331 -16.87 -119.86 -11.15
CA VAL C 331 -15.91 -118.95 -11.74
C VAL C 331 -15.79 -119.24 -13.24
N GLY C 332 -15.83 -118.21 -14.07
CA GLY C 332 -15.74 -118.43 -15.49
C GLY C 332 -16.05 -117.25 -16.39
N ASN C 333 -16.50 -117.56 -17.61
CA ASN C 333 -16.82 -116.54 -18.60
C ASN C 333 -17.93 -115.63 -18.09
N PRO C 334 -17.61 -114.35 -17.86
CA PRO C 334 -18.60 -113.40 -17.36
C PRO C 334 -19.87 -113.26 -18.22
N PHE C 335 -19.82 -113.66 -19.48
CA PHE C 335 -21.00 -113.54 -20.31
C PHE C 335 -21.92 -114.76 -20.16
N ASP C 336 -21.47 -115.72 -19.38
CA ASP C 336 -22.23 -116.93 -19.13
C ASP C 336 -23.15 -116.70 -17.93
N SER C 337 -24.43 -116.97 -18.09
CA SER C 337 -25.42 -116.76 -17.03
C SER C 337 -25.10 -117.41 -15.71
N LYS C 338 -24.46 -118.57 -15.76
CA LYS C 338 -24.11 -119.32 -14.55
C LYS C 338 -22.97 -118.71 -13.75
N THR C 339 -22.15 -117.92 -14.42
CA THR C 339 -20.99 -117.31 -13.80
C THR C 339 -21.30 -116.37 -12.67
N GLU C 340 -20.70 -116.62 -11.51
CA GLU C 340 -20.90 -115.75 -10.33
C GLU C 340 -19.70 -114.85 -10.17
N GLN C 341 -18.53 -115.37 -10.54
CA GLN C 341 -17.30 -114.61 -10.43
C GLN C 341 -16.52 -114.53 -11.76
N GLY C 342 -16.21 -113.32 -12.19
CA GLY C 342 -15.44 -113.13 -13.39
C GLY C 342 -13.96 -113.00 -13.05
N PRO C 343 -13.15 -112.49 -13.98
CA PRO C 343 -11.72 -112.34 -13.71
C PRO C 343 -11.43 -111.06 -12.96
N GLN C 344 -10.20 -110.88 -12.51
CA GLN C 344 -9.83 -109.66 -11.80
C GLN C 344 -9.57 -108.69 -12.94
N VAL C 345 -9.62 -107.39 -12.66
CA VAL C 345 -9.45 -106.35 -13.66
C VAL C 345 -8.25 -106.40 -14.59
N ASP C 346 -7.08 -106.72 -14.06
CA ASP C 346 -5.88 -106.76 -14.89
C ASP C 346 -4.80 -107.67 -14.31
N GLU C 347 -3.67 -107.76 -14.99
CA GLU C 347 -2.57 -108.60 -14.53
C GLU C 347 -1.95 -108.07 -13.24
N THR C 348 -1.77 -106.76 -13.15
CA THR C 348 -1.18 -106.17 -11.96
C THR C 348 -1.91 -106.58 -10.67
N GLN C 349 -3.25 -106.53 -10.70
CA GLN C 349 -4.08 -106.91 -9.55
C GLN C 349 -4.04 -108.40 -9.37
N PHE C 350 -3.96 -109.12 -10.47
CA PHE C 350 -3.91 -110.56 -10.43
C PHE C 350 -2.74 -111.01 -9.55
N LYS C 351 -1.57 -110.46 -9.83
CA LYS C 351 -0.35 -110.81 -9.11
C LYS C 351 -0.38 -110.32 -7.68
N LYS C 352 -0.86 -109.11 -7.50
CA LYS C 352 -0.96 -108.51 -6.19
C LYS C 352 -1.75 -109.42 -5.24
N ILE C 353 -2.83 -110.01 -5.76
CA ILE C 353 -3.66 -110.89 -4.97
C ILE C 353 -2.93 -112.21 -4.73
N LEU C 354 -2.29 -112.74 -5.77
CA LEU C 354 -1.54 -113.99 -5.62
C LEU C 354 -0.50 -113.78 -4.53
N GLY C 355 0.10 -112.60 -4.51
CA GLY C 355 1.07 -112.24 -3.51
C GLY C 355 0.48 -112.26 -2.09
N TYR C 356 -0.72 -111.70 -1.92
CA TYR C 356 -1.35 -111.71 -0.61
C TYR C 356 -1.71 -113.12 -0.16
N ILE C 357 -2.17 -113.94 -1.10
CA ILE C 357 -2.54 -115.30 -0.79
C ILE C 357 -1.32 -116.02 -0.21
N ASN C 358 -0.18 -115.82 -0.86
CA ASN C 358 1.05 -116.44 -0.41
C ASN C 358 1.45 -115.87 0.95
N THR C 359 1.35 -114.57 1.09
CA THR C 359 1.67 -113.91 2.34
C THR C 359 0.82 -114.49 3.47
N GLY C 360 -0.43 -114.85 3.13
CA GLY C 360 -1.35 -115.42 4.09
C GLY C 360 -0.87 -116.76 4.59
N LYS C 361 -0.47 -117.62 3.67
CA LYS C 361 0.03 -118.94 4.00
C LYS C 361 1.29 -118.83 4.88
N GLN C 362 2.21 -117.97 4.47
CA GLN C 362 3.46 -117.76 5.21
C GLN C 362 3.26 -117.32 6.65
N GLU C 363 2.26 -116.47 6.89
CA GLU C 363 1.97 -115.95 8.23
C GLU C 363 1.33 -116.91 9.23
N GLY C 364 0.82 -118.03 8.75
CA GLY C 364 0.18 -118.94 9.67
C GLY C 364 -1.33 -119.02 9.57
N ALA C 365 -1.94 -118.26 8.67
CA ALA C 365 -3.38 -118.34 8.53
C ALA C 365 -3.70 -119.68 7.88
N LYS C 366 -4.78 -120.31 8.32
CA LYS C 366 -5.17 -121.61 7.79
C LYS C 366 -5.94 -121.56 6.45
N LEU C 367 -5.31 -122.04 5.38
CA LEU C 367 -5.95 -122.05 4.06
C LEU C 367 -7.02 -123.13 4.00
N LEU C 368 -8.28 -122.71 3.97
CA LEU C 368 -9.40 -123.65 3.93
C LEU C 368 -9.87 -124.03 2.51
N CYS C 369 -9.61 -123.19 1.53
CA CYS C 369 -10.00 -123.51 0.15
C CYS C 369 -9.42 -122.54 -0.85
N GLY C 370 -9.33 -122.99 -2.11
CA GLY C 370 -8.78 -122.14 -3.17
C GLY C 370 -7.32 -121.83 -2.93
N GLY C 371 -6.91 -120.62 -3.29
CA GLY C 371 -5.52 -120.21 -3.10
C GLY C 371 -4.65 -120.18 -4.35
N GLY C 372 -5.22 -120.48 -5.50
CA GLY C 372 -4.44 -120.44 -6.72
C GLY C 372 -5.21 -119.95 -7.93
N ILE C 373 -4.58 -120.05 -9.10
CA ILE C 373 -5.18 -119.64 -10.35
C ILE C 373 -6.36 -120.53 -10.72
N ALA C 374 -7.46 -119.93 -11.19
CA ALA C 374 -8.65 -120.69 -11.54
C ALA C 374 -8.77 -121.07 -13.01
N ALA C 375 -7.89 -120.54 -13.86
CA ALA C 375 -7.91 -120.84 -15.30
C ALA C 375 -6.63 -120.32 -15.94
N ASP C 376 -6.18 -120.98 -17.01
CA ASP C 376 -4.94 -120.54 -17.67
C ASP C 376 -5.07 -119.29 -18.53
N ARG C 377 -6.29 -118.97 -18.95
CA ARG C 377 -6.58 -117.77 -19.74
C ARG C 377 -7.29 -116.75 -18.90
N GLY C 378 -6.86 -115.50 -19.03
CA GLY C 378 -7.47 -114.42 -18.28
C GLY C 378 -6.95 -114.35 -16.86
N TYR C 379 -7.44 -113.39 -16.08
CA TYR C 379 -6.97 -113.26 -14.70
C TYR C 379 -7.95 -113.80 -13.67
N PHE C 380 -8.21 -115.10 -13.73
CA PHE C 380 -9.12 -115.74 -12.80
C PHE C 380 -8.44 -116.32 -11.54
N ILE C 381 -9.01 -116.04 -10.37
CA ILE C 381 -8.47 -116.52 -9.12
C ILE C 381 -9.52 -117.30 -8.37
N GLN C 382 -9.13 -118.42 -7.76
CA GLN C 382 -10.07 -119.26 -7.01
C GLN C 382 -10.56 -118.57 -5.75
N PRO C 383 -11.87 -118.70 -5.44
CA PRO C 383 -12.45 -118.10 -4.24
C PRO C 383 -11.65 -118.72 -3.09
N THR C 384 -10.89 -117.86 -2.40
CA THR C 384 -10.04 -118.28 -1.30
C THR C 384 -10.56 -117.87 0.07
N VAL C 385 -10.44 -118.77 1.04
CA VAL C 385 -10.87 -118.49 2.40
C VAL C 385 -9.80 -118.87 3.43
N PHE C 386 -9.42 -117.92 4.27
CA PHE C 386 -8.43 -118.15 5.31
C PHE C 386 -9.10 -118.23 6.68
N GLY C 387 -8.76 -119.23 7.47
CA GLY C 387 -9.38 -119.36 8.77
C GLY C 387 -8.42 -118.99 9.89
N ASP C 388 -8.97 -118.74 11.06
CA ASP C 388 -8.21 -118.38 12.24
C ASP C 388 -7.23 -117.26 12.02
N VAL C 389 -7.66 -116.25 11.30
CA VAL C 389 -6.81 -115.12 11.03
C VAL C 389 -6.62 -114.29 12.29
N GLN C 390 -5.46 -113.66 12.44
CA GLN C 390 -5.16 -112.84 13.60
C GLN C 390 -5.01 -111.40 13.17
N ASP C 391 -5.34 -110.49 14.08
CA ASP C 391 -5.24 -109.05 13.83
C ASP C 391 -3.86 -108.55 13.37
N GLY C 392 -2.81 -109.26 13.77
CA GLY C 392 -1.48 -108.83 13.42
C GLY C 392 -1.02 -109.29 12.06
N MET C 393 -1.73 -110.24 11.48
CA MET C 393 -1.36 -110.75 10.18
C MET C 393 -1.54 -109.69 9.09
N THR C 394 -0.73 -109.72 8.04
CA THR C 394 -0.87 -108.75 6.99
C THR C 394 -2.17 -108.89 6.23
N ILE C 395 -2.61 -110.13 5.95
CA ILE C 395 -3.88 -110.29 5.22
C ILE C 395 -5.05 -109.76 6.05
N ALA C 396 -4.80 -109.44 7.31
CA ALA C 396 -5.86 -108.88 8.15
C ALA C 396 -5.70 -107.38 8.33
N LYS C 397 -4.68 -106.80 7.73
CA LYS C 397 -4.47 -105.36 7.86
C LYS C 397 -4.53 -104.63 6.53
N GLU C 398 -4.06 -105.26 5.45
CA GLU C 398 -4.02 -104.63 4.14
C GLU C 398 -5.12 -105.07 3.21
N GLU C 399 -5.61 -104.12 2.42
CA GLU C 399 -6.69 -104.39 1.48
C GLU C 399 -6.23 -105.18 0.28
N ILE C 400 -6.71 -106.41 0.17
CA ILE C 400 -6.36 -107.30 -0.90
C ILE C 400 -7.08 -106.97 -2.19
N PHE C 401 -8.35 -106.62 -2.08
CA PHE C 401 -9.14 -106.26 -3.26
C PHE C 401 -9.34 -107.44 -4.20
N GLY C 402 -9.42 -108.64 -3.63
CA GLY C 402 -9.63 -109.83 -4.41
C GLY C 402 -10.51 -110.82 -3.66
N PRO C 403 -10.86 -111.94 -4.28
CA PRO C 403 -11.72 -112.99 -3.69
C PRO C 403 -11.01 -113.79 -2.62
N VAL C 404 -10.56 -113.10 -1.58
CA VAL C 404 -9.85 -113.72 -0.49
C VAL C 404 -10.51 -113.37 0.85
N MET C 405 -11.19 -114.35 1.44
CA MET C 405 -11.90 -114.15 2.69
C MET C 405 -11.08 -114.42 3.95
N GLN C 406 -11.17 -113.56 4.95
CA GLN C 406 -10.43 -113.73 6.19
C GLN C 406 -11.47 -113.91 7.31
N ILE C 407 -11.44 -115.04 8.00
CA ILE C 407 -12.39 -115.27 9.09
C ILE C 407 -11.69 -115.28 10.45
N LEU C 408 -12.05 -114.33 11.31
CA LEU C 408 -11.45 -114.23 12.64
C LEU C 408 -12.43 -114.66 13.70
N LYS C 409 -11.91 -115.10 14.83
CA LYS C 409 -12.74 -115.56 15.95
C LYS C 409 -12.67 -114.57 17.10
N PHE C 410 -13.79 -114.41 17.80
CA PHE C 410 -13.86 -113.50 18.95
C PHE C 410 -14.81 -114.03 19.99
N LYS C 411 -14.66 -113.54 21.21
CA LYS C 411 -15.49 -113.97 22.31
C LYS C 411 -16.57 -112.97 22.74
N THR C 412 -16.19 -111.77 23.16
CA THR C 412 -17.17 -110.79 23.63
C THR C 412 -17.44 -109.66 22.67
N ILE C 413 -18.56 -108.98 22.90
CA ILE C 413 -18.94 -107.86 22.07
C ILE C 413 -18.06 -106.63 22.34
N GLU C 414 -17.52 -106.51 23.54
CA GLU C 414 -16.67 -105.38 23.88
C GLU C 414 -15.34 -105.57 23.22
N GLU C 415 -14.96 -106.83 23.09
CA GLU C 415 -13.70 -107.21 22.48
C GLU C 415 -13.68 -106.91 21.00
N VAL C 416 -14.72 -107.37 20.30
CA VAL C 416 -14.80 -107.20 18.87
C VAL C 416 -14.85 -105.74 18.44
N VAL C 417 -15.43 -104.89 19.28
CA VAL C 417 -15.51 -103.45 18.99
C VAL C 417 -14.11 -102.88 18.88
N GLY C 418 -13.28 -103.20 19.87
CA GLY C 418 -11.92 -102.71 19.86
C GLY C 418 -11.13 -103.27 18.71
N ARG C 419 -11.37 -104.53 18.37
CA ARG C 419 -10.64 -105.16 17.27
C ARG C 419 -11.10 -104.62 15.92
N ALA C 420 -12.40 -104.48 15.74
CA ALA C 420 -12.92 -103.95 14.48
C ALA C 420 -12.48 -102.50 14.29
N ASN C 421 -12.43 -101.75 15.37
CA ASN C 421 -12.01 -100.36 15.30
C ASN C 421 -10.51 -100.14 15.15
N ASN C 422 -9.71 -101.09 15.62
CA ASN C 422 -8.25 -101.00 15.51
C ASN C 422 -7.84 -101.20 14.06
N SER C 423 -7.94 -100.12 13.30
CA SER C 423 -7.60 -100.12 11.88
C SER C 423 -7.43 -98.68 11.38
N THR C 424 -6.60 -98.50 10.35
CA THR C 424 -6.40 -97.17 9.78
C THR C 424 -7.59 -96.82 8.88
N TYR C 425 -8.35 -97.84 8.51
CA TYR C 425 -9.53 -97.69 7.68
C TYR C 425 -10.81 -97.56 8.50
N GLY C 426 -11.85 -97.00 7.88
CA GLY C 426 -13.14 -96.82 8.55
C GLY C 426 -14.23 -96.47 7.54
N LEU C 427 -14.27 -97.21 6.44
CA LEU C 427 -15.26 -96.97 5.40
C LEU C 427 -16.61 -97.53 5.75
N ALA C 428 -16.65 -98.82 6.09
CA ALA C 428 -17.89 -99.49 6.38
C ALA C 428 -17.67 -100.57 7.41
N ALA C 429 -18.76 -101.18 7.84
CA ALA C 429 -18.75 -102.25 8.84
C ALA C 429 -20.17 -102.83 8.87
N ALA C 430 -20.33 -104.02 9.42
CA ALA C 430 -21.64 -104.62 9.48
C ALA C 430 -21.75 -105.49 10.71
N VAL C 431 -22.99 -105.72 11.11
CA VAL C 431 -23.28 -106.52 12.27
C VAL C 431 -24.47 -107.39 11.96
N PHE C 432 -24.34 -108.67 12.30
CA PHE C 432 -25.45 -109.60 12.14
C PHE C 432 -25.82 -110.10 13.54
N THR C 433 -27.07 -109.84 13.92
CA THR C 433 -27.60 -110.23 15.22
C THR C 433 -29.10 -110.03 15.21
N LYS C 434 -29.78 -110.69 16.14
CA LYS C 434 -31.21 -110.56 16.27
C LYS C 434 -31.56 -109.64 17.45
N ASP C 435 -30.57 -109.42 18.31
CA ASP C 435 -30.75 -108.59 19.49
C ASP C 435 -30.72 -107.10 19.24
N LEU C 436 -31.76 -106.39 19.70
CA LEU C 436 -31.87 -104.96 19.55
C LEU C 436 -30.69 -104.22 20.25
N ASP C 437 -30.46 -104.49 21.53
CA ASP C 437 -29.36 -103.82 22.26
C ASP C 437 -27.98 -104.03 21.63
N LYS C 438 -27.69 -105.23 21.16
CA LYS C 438 -26.43 -105.53 20.51
C LYS C 438 -26.24 -104.74 19.23
N ALA C 439 -27.27 -104.72 18.40
CA ALA C 439 -27.22 -103.98 17.15
C ALA C 439 -26.98 -102.50 17.42
N ASN C 440 -27.73 -101.93 18.35
CA ASN C 440 -27.58 -100.50 18.63
C ASN C 440 -26.22 -100.17 19.26
N TYR C 441 -25.76 -101.05 20.14
CA TYR C 441 -24.48 -100.90 20.81
C TYR C 441 -23.36 -100.86 19.78
N LEU C 442 -23.31 -101.86 18.91
CA LEU C 442 -22.30 -101.89 17.86
C LEU C 442 -22.42 -100.80 16.76
N SER C 443 -23.63 -100.54 16.25
CA SER C 443 -23.74 -99.54 15.19
C SER C 443 -23.26 -98.18 15.69
N GLN C 444 -23.31 -98.00 17.00
CA GLN C 444 -22.87 -96.76 17.62
C GLN C 444 -21.37 -96.75 17.88
N ALA C 445 -20.88 -97.89 18.37
CA ALA C 445 -19.48 -98.11 18.74
C ALA C 445 -18.50 -98.22 17.58
N LEU C 446 -18.93 -98.86 16.49
CA LEU C 446 -18.10 -99.04 15.31
C LEU C 446 -17.72 -97.71 14.65
N GLN C 447 -16.44 -97.52 14.38
CA GLN C 447 -15.99 -96.28 13.77
C GLN C 447 -15.92 -96.49 12.26
N ALA C 448 -17.07 -96.32 11.61
CA ALA C 448 -17.15 -96.52 10.18
C ALA C 448 -18.17 -95.56 9.61
N GLY C 449 -17.98 -95.14 8.36
CA GLY C 449 -18.90 -94.22 7.75
C GLY C 449 -20.25 -94.83 7.47
N THR C 450 -20.28 -96.15 7.33
CA THR C 450 -21.51 -96.86 7.06
C THR C 450 -21.55 -98.15 7.86
N VAL C 451 -22.59 -98.34 8.65
CA VAL C 451 -22.73 -99.55 9.44
C VAL C 451 -24.04 -100.23 9.01
N TRP C 452 -23.93 -101.44 8.47
CA TRP C 452 -25.09 -102.21 8.03
C TRP C 452 -25.47 -103.18 9.14
N VAL C 453 -26.76 -103.34 9.38
CA VAL C 453 -27.22 -104.30 10.39
C VAL C 453 -28.04 -105.36 9.66
N ASN C 454 -27.54 -106.59 9.70
CA ASN C 454 -28.17 -107.76 9.05
C ASN C 454 -28.29 -107.64 7.54
N CYS C 455 -27.32 -106.98 6.92
CA CYS C 455 -27.31 -106.80 5.47
C CYS C 455 -25.92 -106.26 5.14
N TYR C 456 -25.62 -106.12 3.86
CA TYR C 456 -24.31 -105.61 3.48
C TYR C 456 -24.37 -105.06 2.08
N ASP C 457 -23.54 -104.04 1.83
CA ASP C 457 -23.46 -103.38 0.52
C ASP C 457 -24.81 -102.84 0.07
N VAL C 458 -25.57 -102.31 1.01
CA VAL C 458 -26.86 -101.74 0.70
C VAL C 458 -26.67 -100.24 0.52
N PHE C 459 -26.49 -99.84 -0.73
CA PHE C 459 -26.31 -98.44 -1.06
C PHE C 459 -27.60 -97.95 -1.66
N GLY C 460 -27.98 -96.76 -1.21
CA GLY C 460 -29.16 -96.14 -1.75
C GLY C 460 -28.62 -94.87 -2.36
N ALA C 461 -29.16 -94.45 -3.51
CA ALA C 461 -28.71 -93.20 -4.13
C ALA C 461 -28.99 -92.07 -3.12
N GLN C 462 -29.96 -92.31 -2.23
CA GLN C 462 -30.32 -91.33 -1.20
C GLN C 462 -29.50 -91.36 0.12
N SER C 463 -28.74 -92.44 0.38
CA SER C 463 -27.93 -92.53 1.60
C SER C 463 -26.48 -92.18 1.37
N PRO C 464 -25.91 -91.30 2.23
CA PRO C 464 -24.51 -90.88 2.11
C PRO C 464 -23.48 -92.01 2.31
N PHE C 465 -22.37 -91.91 1.59
CA PHE C 465 -21.30 -92.92 1.64
C PHE C 465 -19.92 -92.29 1.67
N GLY C 466 -19.18 -92.58 2.73
CA GLY C 466 -17.84 -92.05 2.87
C GLY C 466 -17.16 -92.72 4.04
N GLY C 467 -15.92 -92.33 4.33
CA GLY C 467 -15.21 -92.97 5.41
C GLY C 467 -14.63 -92.10 6.51
N TYR C 468 -14.22 -92.77 7.58
CA TYR C 468 -13.60 -92.16 8.74
C TYR C 468 -12.12 -92.39 8.59
N LYS C 469 -11.32 -91.66 9.37
CA LYS C 469 -9.88 -91.83 9.37
C LYS C 469 -9.23 -91.74 7.98
N MET C 470 -8.35 -92.69 7.69
CA MET C 470 -7.65 -92.74 6.41
C MET C 470 -8.42 -93.41 5.28
N SER C 471 -9.74 -93.43 5.38
CA SER C 471 -10.58 -93.99 4.33
C SER C 471 -11.11 -92.83 3.53
N GLY C 472 -10.69 -91.63 3.92
CA GLY C 472 -11.11 -90.44 3.20
C GLY C 472 -11.86 -89.41 4.01
N SER C 473 -12.21 -88.33 3.33
CA SER C 473 -12.93 -87.20 3.88
C SER C 473 -14.09 -86.90 2.92
N GLY C 474 -15.16 -86.29 3.40
CA GLY C 474 -16.29 -85.98 2.54
C GLY C 474 -17.19 -87.18 2.27
N ARG C 475 -18.42 -86.92 1.83
CA ARG C 475 -19.39 -87.98 1.56
C ARG C 475 -19.96 -87.90 0.14
N GLU C 476 -20.50 -89.02 -0.31
CA GLU C 476 -21.14 -89.13 -1.64
C GLU C 476 -22.54 -89.69 -1.45
N LEU C 477 -23.40 -89.47 -2.45
CA LEU C 477 -24.80 -89.92 -2.40
C LEU C 477 -25.61 -89.13 -1.34
N GLY C 478 -26.92 -89.11 -1.52
CA GLY C 478 -27.77 -88.38 -0.60
C GLY C 478 -27.56 -86.88 -0.67
N GLU C 479 -28.22 -86.17 0.24
CA GLU C 479 -28.11 -84.72 0.30
C GLU C 479 -26.69 -84.27 0.62
N TYR C 480 -25.97 -85.10 1.34
CA TYR C 480 -24.59 -84.78 1.74
C TYR C 480 -23.62 -84.69 0.56
N GLY C 481 -23.94 -85.40 -0.51
CA GLY C 481 -23.10 -85.37 -1.69
C GLY C 481 -23.12 -84.02 -2.36
N LEU C 482 -24.15 -83.21 -2.09
CA LEU C 482 -24.25 -81.88 -2.69
C LEU C 482 -23.38 -80.86 -1.97
N GLN C 483 -23.14 -81.07 -0.68
CA GLN C 483 -22.35 -80.12 0.10
C GLN C 483 -20.97 -79.91 -0.48
N ALA C 484 -20.34 -80.99 -0.91
CA ALA C 484 -19.01 -80.94 -1.48
C ALA C 484 -18.92 -80.20 -2.82
N TYR C 485 -20.03 -80.11 -3.54
CA TYR C 485 -20.05 -79.42 -4.84
C TYR C 485 -20.70 -78.06 -4.76
N THR C 486 -20.67 -77.44 -3.59
CA THR C 486 -21.31 -76.15 -3.41
C THR C 486 -20.55 -75.15 -2.56
N LYS C 487 -20.60 -73.89 -2.97
CA LYS C 487 -19.95 -72.80 -2.22
C LYS C 487 -21.08 -72.00 -1.60
N VAL C 488 -20.89 -71.54 -0.39
CA VAL C 488 -21.92 -70.77 0.28
C VAL C 488 -21.61 -69.28 0.25
N LYS C 489 -22.47 -68.53 -0.40
CA LYS C 489 -22.29 -67.09 -0.46
C LYS C 489 -23.31 -66.45 0.48
N THR C 490 -22.85 -65.54 1.30
CA THR C 490 -23.74 -64.84 2.22
C THR C 490 -23.90 -63.40 1.77
N VAL C 491 -25.14 -62.97 1.56
CA VAL C 491 -25.43 -61.59 1.18
C VAL C 491 -26.17 -60.94 2.35
N THR C 492 -25.58 -59.90 2.93
CA THR C 492 -26.19 -59.19 4.05
C THR C 492 -26.49 -57.75 3.65
N VAL C 493 -27.78 -57.46 3.54
CA VAL C 493 -28.30 -56.17 3.11
C VAL C 493 -28.81 -55.25 4.23
N LYS C 494 -28.45 -53.98 4.19
CA LYS C 494 -28.98 -53.06 5.19
C LYS C 494 -30.42 -52.71 4.84
N VAL C 495 -31.31 -52.81 5.82
CA VAL C 495 -32.72 -52.50 5.63
C VAL C 495 -33.17 -51.35 6.54
N PRO C 496 -34.26 -50.67 6.15
CA PRO C 496 -34.74 -49.54 6.96
C PRO C 496 -35.06 -49.88 8.43
N GLN C 497 -35.86 -50.91 8.66
CA GLN C 497 -36.19 -51.32 10.04
C GLN C 497 -36.65 -52.77 10.10
N LYS C 498 -35.83 -53.59 10.74
CA LYS C 498 -36.12 -55.02 10.86
C LYS C 498 -37.27 -55.34 11.82
N ASN C 499 -38.17 -56.20 11.37
CA ASN C 499 -39.28 -56.68 12.17
C ASN C 499 -39.37 -58.19 12.01
N SER C 500 -39.81 -58.86 13.05
CA SER C 500 -39.94 -60.31 13.02
C SER C 500 -40.93 -60.83 11.96
N ALA D 7 -21.48 -45.73 27.59
CA ALA D 7 -21.87 -46.68 28.67
C ALA D 7 -20.80 -47.76 28.85
N VAL D 8 -19.55 -47.32 28.96
CA VAL D 8 -18.41 -48.20 29.12
C VAL D 8 -17.71 -47.94 30.44
N PRO D 9 -17.52 -48.98 31.26
CA PRO D 9 -16.86 -48.87 32.57
C PRO D 9 -15.41 -48.44 32.44
N ALA D 10 -14.90 -47.80 33.49
CA ALA D 10 -13.52 -47.33 33.51
C ALA D 10 -12.58 -48.54 33.52
N PRO D 11 -11.66 -48.59 32.56
CA PRO D 11 -10.70 -49.69 32.42
C PRO D 11 -9.47 -49.61 33.32
N ASN D 12 -8.87 -50.76 33.57
CA ASN D 12 -7.64 -50.84 34.35
C ASN D 12 -6.57 -50.79 33.26
N GLN D 13 -5.99 -49.62 33.05
CA GLN D 13 -4.96 -49.44 32.01
C GLN D 13 -3.73 -50.32 32.15
N GLN D 14 -3.66 -51.05 33.26
CA GLN D 14 -2.55 -51.98 33.51
C GLN D 14 -3.08 -53.22 34.19
N PRO D 15 -3.86 -54.02 33.44
CA PRO D 15 -4.47 -55.27 33.93
C PRO D 15 -3.39 -56.25 34.35
N GLU D 16 -3.64 -56.97 35.43
CA GLU D 16 -2.70 -57.94 35.90
C GLU D 16 -2.85 -59.21 35.06
N VAL D 17 -1.75 -59.94 34.87
CA VAL D 17 -1.79 -61.17 34.10
C VAL D 17 -1.71 -62.35 35.04
N PHE D 18 -2.71 -63.22 34.96
CA PHE D 18 -2.78 -64.39 35.83
C PHE D 18 -2.40 -65.68 35.14
N CYS D 19 -2.59 -65.72 33.82
CA CYS D 19 -2.31 -66.93 33.06
C CYS D 19 -1.30 -66.65 31.98
N ASN D 20 -0.21 -67.42 31.99
CA ASN D 20 0.85 -67.24 30.99
C ASN D 20 1.59 -68.53 30.70
N GLN D 21 0.95 -69.65 30.99
CA GLN D 21 1.56 -70.96 30.75
C GLN D 21 0.76 -71.77 29.75
N ILE D 22 1.12 -73.05 29.61
CA ILE D 22 0.44 -73.98 28.70
C ILE D 22 -0.73 -74.62 29.43
N PHE D 23 -1.88 -74.66 28.76
CA PHE D 23 -3.11 -75.22 29.34
C PHE D 23 -3.42 -76.61 28.80
N ILE D 24 -3.24 -77.62 29.65
CA ILE D 24 -3.51 -79.01 29.28
C ILE D 24 -4.20 -79.70 30.45
N ASN D 25 -5.30 -80.40 30.17
CA ASN D 25 -6.08 -81.10 31.20
C ASN D 25 -6.48 -80.19 32.35
N ASN D 26 -6.90 -78.98 32.01
CA ASN D 26 -7.32 -77.98 33.00
C ASN D 26 -6.23 -77.58 33.98
N GLU D 27 -4.98 -77.81 33.61
CA GLU D 27 -3.86 -77.47 34.47
C GLU D 27 -2.83 -76.62 33.75
N TRP D 28 -2.16 -75.75 34.50
CA TRP D 28 -1.15 -74.89 33.94
C TRP D 28 0.22 -75.52 34.06
N HIS D 29 0.92 -75.60 32.92
CA HIS D 29 2.26 -76.18 32.88
C HIS D 29 3.23 -75.27 32.14
N ASP D 30 4.52 -75.43 32.45
CA ASP D 30 5.56 -74.67 31.75
C ASP D 30 5.93 -75.53 30.56
N ALA D 31 6.55 -74.92 29.55
CA ALA D 31 6.96 -75.68 28.37
C ALA D 31 7.94 -76.75 28.82
N VAL D 32 7.97 -77.89 28.12
CA VAL D 32 8.89 -78.96 28.47
C VAL D 32 10.32 -78.43 28.45
N SER D 33 10.58 -77.53 27.50
CA SER D 33 11.89 -76.92 27.36
C SER D 33 12.18 -75.81 28.38
N ARG D 34 11.15 -75.40 29.14
CA ARG D 34 11.28 -74.36 30.16
C ARG D 34 11.40 -72.99 29.55
N LYS D 35 11.44 -72.92 28.23
CA LYS D 35 11.57 -71.66 27.53
C LYS D 35 10.34 -70.79 27.67
N THR D 36 10.51 -69.50 27.46
CA THR D 36 9.43 -68.52 27.53
C THR D 36 9.72 -67.40 26.54
N PHE D 37 8.68 -66.80 26.00
CA PHE D 37 8.86 -65.72 25.05
C PHE D 37 8.09 -64.51 25.57
N PRO D 38 8.58 -63.31 25.26
CA PRO D 38 7.91 -62.10 25.73
C PRO D 38 6.76 -61.66 24.81
N THR D 39 5.75 -61.03 25.42
CA THR D 39 4.61 -60.50 24.67
C THR D 39 4.65 -58.99 24.88
N VAL D 40 4.57 -58.26 23.78
CA VAL D 40 4.68 -56.82 23.82
C VAL D 40 3.40 -56.02 23.77
N ASN D 41 3.39 -54.90 24.46
CA ASN D 41 2.26 -53.98 24.45
C ASN D 41 2.58 -53.07 23.29
N PRO D 42 1.89 -53.24 22.16
CA PRO D 42 2.09 -52.43 20.96
C PRO D 42 1.97 -50.92 21.12
N SER D 43 1.34 -50.47 22.21
CA SER D 43 1.17 -49.05 22.43
C SER D 43 2.42 -48.36 22.99
N THR D 44 3.24 -49.13 23.70
CA THR D 44 4.45 -48.61 24.31
C THR D 44 5.73 -49.31 23.86
N GLY D 45 5.57 -50.50 23.28
CA GLY D 45 6.74 -51.25 22.83
C GLY D 45 7.38 -52.00 23.98
N GLU D 46 6.77 -51.92 25.15
CA GLU D 46 7.27 -52.58 26.35
C GLU D 46 6.77 -54.02 26.53
N VAL D 47 7.60 -54.84 27.18
CA VAL D 47 7.25 -56.23 27.45
C VAL D 47 6.18 -56.27 28.54
N ILE D 48 5.06 -56.95 28.27
CA ILE D 48 3.98 -57.08 29.24
C ILE D 48 4.37 -58.15 30.24
N CYS D 49 4.82 -59.30 29.74
CA CYS D 49 5.23 -60.40 30.59
C CYS D 49 5.77 -61.55 29.76
N GLN D 50 6.29 -62.56 30.45
CA GLN D 50 6.82 -63.73 29.78
C GLN D 50 5.71 -64.75 29.63
N VAL D 51 5.76 -65.55 28.57
CA VAL D 51 4.75 -66.57 28.30
C VAL D 51 5.44 -67.87 27.88
N ALA D 52 4.96 -69.01 28.40
CA ALA D 52 5.54 -70.31 28.07
C ALA D 52 5.58 -70.51 26.56
N GLU D 53 6.75 -70.94 26.08
CA GLU D 53 6.94 -71.16 24.66
C GLU D 53 6.74 -72.63 24.31
N GLY D 54 5.52 -72.97 23.93
CA GLY D 54 5.22 -74.35 23.57
C GLY D 54 5.87 -74.79 22.28
N ASP D 55 6.19 -76.08 22.21
CA ASP D 55 6.81 -76.67 21.02
C ASP D 55 6.20 -78.04 20.78
N LYS D 56 6.76 -78.78 19.84
CA LYS D 56 6.27 -80.10 19.47
C LYS D 56 5.95 -81.04 20.63
N GLU D 57 6.81 -81.07 21.64
CA GLU D 57 6.60 -81.95 22.78
C GLU D 57 5.39 -81.54 23.64
N ASP D 58 5.09 -80.24 23.64
CA ASP D 58 3.95 -79.73 24.39
C ASP D 58 2.66 -80.01 23.62
N VAL D 59 2.71 -79.85 22.30
CA VAL D 59 1.56 -80.13 21.46
C VAL D 59 1.26 -81.62 21.58
N ASP D 60 2.30 -82.45 21.70
CA ASP D 60 2.12 -83.89 21.84
C ASP D 60 1.37 -84.22 23.11
N LYS D 61 1.68 -83.51 24.19
CA LYS D 61 1.04 -83.74 25.46
C LYS D 61 -0.42 -83.30 25.40
N ALA D 62 -0.67 -82.17 24.73
CA ALA D 62 -2.00 -81.62 24.58
C ALA D 62 -2.90 -82.54 23.77
N VAL D 63 -2.40 -83.04 22.64
CA VAL D 63 -3.14 -83.95 21.79
C VAL D 63 -3.48 -85.23 22.54
N LYS D 64 -2.54 -85.71 23.34
CA LYS D 64 -2.73 -86.93 24.13
C LYS D 64 -3.88 -86.74 25.09
N ALA D 65 -3.88 -85.58 25.75
CA ALA D 65 -4.92 -85.20 26.69
C ALA D 65 -6.29 -85.13 25.98
N ALA D 66 -6.31 -84.44 24.84
CA ALA D 66 -7.51 -84.29 24.05
C ALA D 66 -8.06 -85.65 23.65
N ARG D 67 -7.19 -86.51 23.13
CA ARG D 67 -7.63 -87.83 22.70
C ARG D 67 -8.24 -88.65 23.83
N ALA D 68 -7.68 -88.51 25.04
CA ALA D 68 -8.17 -89.25 26.20
C ALA D 68 -9.55 -88.77 26.62
N ALA D 69 -9.75 -87.46 26.53
CA ALA D 69 -11.00 -86.83 26.86
C ALA D 69 -12.05 -87.19 25.81
N PHE D 70 -11.63 -87.66 24.66
CA PHE D 70 -12.56 -88.00 23.58
C PHE D 70 -12.86 -89.47 23.50
N GLN D 71 -12.26 -90.26 24.38
CA GLN D 71 -12.49 -91.70 24.37
C GLN D 71 -13.93 -92.08 24.67
N LEU D 72 -14.42 -93.08 23.94
CA LEU D 72 -15.78 -93.56 24.12
C LEU D 72 -16.02 -93.87 25.61
N GLY D 73 -17.12 -93.37 26.16
CA GLY D 73 -17.41 -93.61 27.56
C GLY D 73 -16.92 -92.52 28.50
N SER D 74 -16.13 -91.59 27.98
CA SER D 74 -15.61 -90.50 28.80
C SER D 74 -16.72 -89.53 29.16
N PRO D 75 -16.47 -88.63 30.12
CA PRO D 75 -17.45 -87.65 30.55
C PRO D 75 -17.95 -86.77 29.42
N TRP D 76 -17.02 -86.29 28.59
CA TRP D 76 -17.37 -85.42 27.48
C TRP D 76 -18.17 -86.15 26.40
N ARG D 77 -17.86 -87.42 26.17
CA ARG D 77 -18.56 -88.20 25.13
C ARG D 77 -19.95 -88.66 25.57
N ARG D 78 -20.12 -88.86 26.86
CA ARG D 78 -21.38 -89.34 27.41
C ARG D 78 -22.35 -88.24 27.71
N MET D 79 -21.79 -87.08 28.02
CA MET D 79 -22.58 -85.93 28.37
C MET D 79 -23.69 -85.63 27.36
N ASP D 80 -24.87 -85.27 27.88
CA ASP D 80 -25.99 -84.95 27.00
C ASP D 80 -25.60 -83.73 26.17
N ALA D 81 -26.06 -83.70 24.92
CA ALA D 81 -25.77 -82.59 24.04
C ALA D 81 -26.26 -81.28 24.65
N SER D 82 -27.44 -81.31 25.26
CA SER D 82 -28.00 -80.12 25.87
C SER D 82 -27.09 -79.60 26.99
N HIS D 83 -26.32 -80.49 27.61
CA HIS D 83 -25.42 -80.09 28.69
C HIS D 83 -24.20 -79.36 28.15
N ARG D 84 -23.77 -79.73 26.95
CA ARG D 84 -22.67 -79.05 26.29
C ARG D 84 -23.13 -77.60 26.13
N GLY D 85 -24.41 -77.44 25.78
CA GLY D 85 -24.98 -76.11 25.62
C GLY D 85 -24.94 -75.35 26.95
N ARG D 86 -25.25 -76.04 28.05
CA ARG D 86 -25.22 -75.43 29.37
C ARG D 86 -23.83 -74.90 29.67
N LEU D 87 -22.82 -75.73 29.39
CA LEU D 87 -21.42 -75.37 29.63
C LEU D 87 -20.97 -74.16 28.81
N LEU D 88 -21.40 -74.11 27.57
CA LEU D 88 -21.06 -72.99 26.72
C LEU D 88 -21.70 -71.71 27.28
N ASN D 89 -22.95 -71.84 27.73
CA ASN D 89 -23.66 -70.70 28.31
C ASN D 89 -22.99 -70.24 29.60
N ARG D 90 -22.48 -71.20 30.38
CA ARG D 90 -21.81 -70.92 31.63
C ARG D 90 -20.52 -70.16 31.30
N LEU D 91 -19.82 -70.62 30.28
CA LEU D 91 -18.59 -69.98 29.84
C LEU D 91 -18.86 -68.54 29.43
N ALA D 92 -20.01 -68.33 28.79
CA ALA D 92 -20.41 -67.01 28.35
C ALA D 92 -20.65 -66.11 29.54
N ASP D 93 -21.28 -66.67 30.57
CA ASP D 93 -21.57 -65.91 31.78
C ASP D 93 -20.30 -65.48 32.46
N LEU D 94 -19.35 -66.39 32.58
CA LEU D 94 -18.08 -66.11 33.23
C LEU D 94 -17.36 -65.00 32.47
N ILE D 95 -17.40 -65.09 31.15
CA ILE D 95 -16.76 -64.07 30.32
C ILE D 95 -17.45 -62.71 30.49
N GLU D 96 -18.77 -62.70 30.68
CA GLU D 96 -19.47 -61.44 30.85
C GLU D 96 -19.14 -60.86 32.23
N ARG D 97 -18.90 -61.75 33.19
CA ARG D 97 -18.54 -61.35 34.55
C ARG D 97 -17.21 -60.59 34.51
N ASP D 98 -16.23 -61.13 33.79
CA ASP D 98 -14.92 -60.52 33.70
C ASP D 98 -14.77 -59.69 32.42
N ARG D 99 -15.89 -59.22 31.89
CA ARG D 99 -15.89 -58.45 30.65
C ARG D 99 -14.97 -57.26 30.67
N THR D 100 -15.09 -56.42 31.70
CA THR D 100 -14.27 -55.23 31.82
C THR D 100 -12.77 -55.57 31.85
N TYR D 101 -12.40 -56.59 32.61
CA TYR D 101 -11.03 -57.02 32.70
C TYR D 101 -10.51 -57.50 31.33
N LEU D 102 -11.21 -58.48 30.77
CA LEU D 102 -10.83 -59.05 29.48
C LEU D 102 -10.70 -58.03 28.39
N ALA D 103 -11.58 -57.05 28.37
CA ALA D 103 -11.55 -55.99 27.35
C ALA D 103 -10.26 -55.18 27.46
N ALA D 104 -9.86 -54.90 28.70
CA ALA D 104 -8.65 -54.13 28.97
C ALA D 104 -7.43 -54.96 28.57
N LEU D 105 -7.42 -56.23 28.96
CA LEU D 105 -6.30 -57.11 28.66
C LEU D 105 -6.15 -57.26 27.14
N GLU D 106 -7.28 -57.27 26.45
CA GLU D 106 -7.30 -57.39 25.00
C GLU D 106 -6.62 -56.17 24.39
N THR D 107 -6.98 -54.99 24.87
CA THR D 107 -6.40 -53.74 24.40
C THR D 107 -4.90 -53.68 24.72
N LEU D 108 -4.54 -54.10 25.93
CA LEU D 108 -3.14 -54.10 26.37
C LEU D 108 -2.25 -54.92 25.45
N ASP D 109 -2.67 -56.14 25.11
CA ASP D 109 -1.87 -57.03 24.27
C ASP D 109 -2.03 -56.86 22.75
N ASN D 110 -3.22 -56.47 22.33
CA ASN D 110 -3.50 -56.30 20.90
C ASN D 110 -3.31 -54.87 20.42
N GLY D 111 -3.78 -53.91 21.21
CA GLY D 111 -3.64 -52.52 20.82
C GLY D 111 -4.92 -51.84 20.39
N LYS D 112 -5.98 -52.61 20.11
CA LYS D 112 -7.24 -52.00 19.71
C LYS D 112 -7.84 -51.17 20.84
N PRO D 113 -8.60 -50.11 20.50
CA PRO D 113 -9.23 -49.23 21.49
C PRO D 113 -10.07 -50.01 22.51
N TYR D 114 -9.89 -49.69 23.78
CA TYR D 114 -10.63 -50.34 24.84
C TYR D 114 -12.15 -50.28 24.61
N VAL D 115 -12.64 -49.12 24.17
CA VAL D 115 -14.06 -48.95 23.90
C VAL D 115 -14.55 -49.98 22.90
N ILE D 116 -13.79 -50.19 21.83
CA ILE D 116 -14.18 -51.16 20.82
C ILE D 116 -14.02 -52.58 21.38
N SER D 117 -12.99 -52.76 22.19
CA SER D 117 -12.70 -54.04 22.83
C SER D 117 -13.90 -54.48 23.70
N TYR D 118 -14.46 -53.52 24.42
CA TYR D 118 -15.59 -53.76 25.31
C TYR D 118 -16.93 -53.87 24.60
N LEU D 119 -17.27 -52.87 23.80
CA LEU D 119 -18.54 -52.87 23.11
C LEU D 119 -18.68 -53.73 21.88
N VAL D 120 -17.57 -54.05 21.23
CA VAL D 120 -17.62 -54.88 20.03
C VAL D 120 -17.07 -56.27 20.25
N ASP D 121 -15.77 -56.39 20.44
CA ASP D 121 -15.15 -57.70 20.65
C ASP D 121 -15.82 -58.60 21.68
N LEU D 122 -15.86 -58.17 22.93
CA LEU D 122 -16.47 -58.99 23.95
C LEU D 122 -17.96 -59.23 23.74
N ASP D 123 -18.63 -58.25 23.17
CA ASP D 123 -20.05 -58.39 22.91
C ASP D 123 -20.27 -59.53 21.92
N MET D 124 -19.44 -59.56 20.87
CA MET D 124 -19.53 -60.57 19.84
C MET D 124 -19.11 -61.94 20.35
N VAL D 125 -18.15 -61.96 21.28
CA VAL D 125 -17.68 -63.20 21.88
C VAL D 125 -18.84 -63.84 22.64
N LEU D 126 -19.54 -63.03 23.43
CA LEU D 126 -20.68 -63.48 24.20
C LEU D 126 -21.81 -63.95 23.27
N LYS D 127 -22.12 -63.18 22.25
CA LYS D 127 -23.16 -63.58 21.31
C LYS D 127 -22.82 -64.85 20.55
N CYS D 128 -21.53 -65.05 20.27
CA CYS D 128 -21.08 -66.22 19.55
C CYS D 128 -21.19 -67.47 20.42
N LEU D 129 -20.65 -67.41 21.63
CA LEU D 129 -20.74 -68.54 22.55
C LEU D 129 -22.20 -68.90 22.87
N ARG D 130 -23.04 -67.88 23.08
CA ARG D 130 -24.44 -68.13 23.37
C ARG D 130 -25.21 -68.64 22.16
N TYR D 131 -24.77 -68.29 20.96
CA TYR D 131 -25.43 -68.74 19.76
C TYR D 131 -25.17 -70.23 19.61
N TYR D 132 -23.90 -70.60 19.75
CA TYR D 132 -23.49 -71.99 19.61
C TYR D 132 -24.00 -72.89 20.69
N ALA D 133 -24.20 -72.33 21.87
CA ALA D 133 -24.73 -73.06 23.02
C ALA D 133 -26.09 -73.62 22.59
N GLY D 134 -26.84 -72.82 21.87
CA GLY D 134 -28.13 -73.25 21.40
C GLY D 134 -28.13 -74.31 20.34
N TRP D 135 -27.02 -74.46 19.60
CA TRP D 135 -26.92 -75.45 18.53
C TRP D 135 -26.60 -76.83 19.08
N ALA D 136 -25.99 -76.85 20.25
CA ALA D 136 -25.56 -78.12 20.84
C ALA D 136 -26.46 -79.32 20.69
N ASP D 137 -27.77 -79.11 20.81
CA ASP D 137 -28.70 -80.22 20.72
C ASP D 137 -29.73 -80.05 19.59
N LYS D 138 -29.35 -79.33 18.55
CA LYS D 138 -30.29 -79.12 17.45
C LYS D 138 -29.75 -79.47 16.06
N TYR D 139 -28.55 -80.07 15.99
CA TYR D 139 -27.95 -80.45 14.72
C TYR D 139 -28.33 -81.91 14.43
N HIS D 140 -29.48 -82.10 13.84
CA HIS D 140 -30.03 -83.41 13.56
C HIS D 140 -29.42 -84.21 12.42
N GLY D 141 -29.56 -85.52 12.52
CA GLY D 141 -29.14 -86.39 11.46
C GLY D 141 -30.43 -86.61 10.66
N LYS D 142 -30.43 -87.58 9.75
CA LYS D 142 -31.61 -87.82 8.97
C LYS D 142 -32.04 -89.27 8.95
N THR D 143 -33.32 -89.50 8.67
CA THR D 143 -33.82 -90.86 8.49
C THR D 143 -34.09 -90.79 6.99
N ILE D 144 -33.45 -91.67 6.22
CA ILE D 144 -33.53 -91.70 4.76
C ILE D 144 -34.38 -92.78 4.11
N PRO D 145 -35.30 -92.40 3.22
CA PRO D 145 -36.20 -93.33 2.52
C PRO D 145 -35.51 -94.15 1.42
N ILE D 146 -34.52 -94.92 1.82
CA ILE D 146 -33.75 -95.76 0.90
C ILE D 146 -34.62 -96.87 0.28
N ASP D 147 -34.25 -97.35 -0.90
CA ASP D 147 -34.97 -98.44 -1.58
C ASP D 147 -34.80 -99.74 -0.78
N GLY D 148 -35.76 -100.64 -0.94
CA GLY D 148 -35.68 -101.91 -0.26
C GLY D 148 -36.18 -101.91 1.19
N ASP D 149 -36.19 -103.11 1.78
CA ASP D 149 -36.66 -103.28 3.14
C ASP D 149 -35.55 -102.99 4.12
N PHE D 150 -35.26 -101.70 4.24
CA PHE D 150 -34.21 -101.22 5.10
C PHE D 150 -34.65 -99.95 5.78
N PHE D 151 -34.02 -99.69 6.93
CA PHE D 151 -34.24 -98.48 7.70
C PHE D 151 -32.86 -97.88 7.71
N SER D 152 -32.74 -96.71 7.12
CA SER D 152 -31.46 -96.04 7.04
C SER D 152 -31.53 -94.69 7.71
N TYR D 153 -30.46 -94.33 8.42
CA TYR D 153 -30.40 -93.05 9.10
C TYR D 153 -28.96 -92.59 9.26
N THR D 154 -28.78 -91.32 9.57
CA THR D 154 -27.45 -90.77 9.77
C THR D 154 -27.27 -90.18 11.16
N ARG D 155 -26.05 -90.26 11.68
CA ARG D 155 -25.73 -89.69 12.97
C ARG D 155 -24.63 -88.69 12.68
N HIS D 156 -24.73 -87.50 13.27
CA HIS D 156 -23.72 -86.48 13.10
C HIS D 156 -22.82 -86.61 14.32
N GLU D 157 -21.65 -87.21 14.12
CA GLU D 157 -20.67 -87.43 15.18
C GLU D 157 -19.54 -86.39 15.19
N PRO D 158 -18.93 -86.15 16.35
CA PRO D 158 -17.84 -85.17 16.35
C PRO D 158 -16.68 -85.67 15.47
N VAL D 159 -15.92 -84.75 14.92
CA VAL D 159 -14.79 -85.13 14.07
C VAL D 159 -13.64 -85.72 14.92
N GLY D 160 -13.51 -85.26 16.17
CA GLY D 160 -12.46 -85.75 17.06
C GLY D 160 -11.59 -84.66 17.67
N VAL D 161 -10.27 -84.85 17.58
CA VAL D 161 -9.30 -83.89 18.09
C VAL D 161 -9.05 -82.84 17.03
N CYS D 162 -9.53 -81.62 17.31
CA CYS D 162 -9.38 -80.52 16.37
C CYS D 162 -8.29 -79.56 16.76
N GLY D 163 -7.37 -79.33 15.83
CA GLY D 163 -6.28 -78.40 16.04
C GLY D 163 -6.75 -77.04 15.55
N GLN D 164 -6.64 -76.05 16.40
CA GLN D 164 -7.10 -74.72 16.02
C GLN D 164 -6.00 -73.69 16.17
N ILE D 165 -5.58 -73.13 15.04
CA ILE D 165 -4.51 -72.15 15.03
C ILE D 165 -5.13 -70.84 14.65
N ILE D 166 -5.09 -69.89 15.58
CA ILE D 166 -5.70 -68.57 15.36
C ILE D 166 -4.74 -67.38 15.30
N PRO D 167 -5.14 -66.30 14.62
CA PRO D 167 -4.38 -65.08 14.44
C PRO D 167 -4.43 -64.10 15.62
N TRP D 168 -3.89 -62.90 15.42
CA TRP D 168 -3.83 -61.88 16.45
C TRP D 168 -4.75 -60.67 16.29
N ASN D 169 -5.41 -60.53 15.15
CA ASN D 169 -6.26 -59.36 14.95
C ASN D 169 -7.47 -59.25 15.87
N PHE D 170 -8.03 -60.39 16.26
CA PHE D 170 -9.17 -60.44 17.19
C PHE D 170 -8.96 -61.69 18.03
N PRO D 171 -8.00 -61.65 18.96
CA PRO D 171 -7.67 -62.77 19.86
C PRO D 171 -8.88 -63.47 20.47
N LEU D 172 -9.71 -62.73 21.19
CA LEU D 172 -10.88 -63.32 21.85
C LEU D 172 -11.95 -63.82 20.87
N LEU D 173 -12.35 -62.97 19.92
CA LEU D 173 -13.37 -63.36 18.97
C LEU D 173 -12.97 -64.58 18.14
N MET D 174 -11.73 -64.61 17.69
CA MET D 174 -11.22 -65.73 16.92
C MET D 174 -11.31 -66.99 17.76
N GLN D 175 -10.97 -66.86 19.04
CA GLN D 175 -11.02 -68.00 19.96
C GLN D 175 -12.48 -68.51 20.05
N ALA D 176 -13.41 -67.59 20.28
CA ALA D 176 -14.81 -67.92 20.38
C ALA D 176 -15.36 -68.55 19.10
N TRP D 177 -15.00 -67.99 17.95
CA TRP D 177 -15.46 -68.50 16.67
C TRP D 177 -15.04 -69.93 16.43
N LYS D 178 -13.97 -70.35 17.07
CA LYS D 178 -13.45 -71.70 16.94
C LYS D 178 -14.02 -72.64 18.00
N LEU D 179 -14.00 -72.21 19.26
CA LEU D 179 -14.51 -73.04 20.35
C LEU D 179 -16.01 -73.27 20.27
N GLY D 180 -16.75 -72.26 19.82
CA GLY D 180 -18.18 -72.36 19.73
C GLY D 180 -18.69 -73.58 18.98
N PRO D 181 -18.51 -73.64 17.66
CA PRO D 181 -18.97 -74.79 16.88
C PRO D 181 -18.27 -76.10 17.27
N ALA D 182 -16.98 -76.03 17.58
CA ALA D 182 -16.24 -77.24 17.96
C ALA D 182 -16.79 -77.89 19.23
N LEU D 183 -17.05 -77.08 20.25
CA LEU D 183 -17.57 -77.60 21.49
C LEU D 183 -19.05 -77.95 21.41
N ALA D 184 -19.83 -77.18 20.67
CA ALA D 184 -21.27 -77.48 20.53
C ALA D 184 -21.46 -78.87 19.95
N THR D 185 -20.56 -79.24 19.02
CA THR D 185 -20.63 -80.54 18.34
C THR D 185 -19.92 -81.69 19.04
N GLY D 186 -19.33 -81.41 20.20
CA GLY D 186 -18.68 -82.46 20.97
C GLY D 186 -17.25 -82.83 20.65
N ASN D 187 -16.54 -81.94 19.99
CA ASN D 187 -15.14 -82.23 19.69
C ASN D 187 -14.24 -81.78 20.84
N VAL D 188 -12.96 -82.14 20.76
CA VAL D 188 -11.97 -81.70 21.76
C VAL D 188 -11.01 -80.81 20.97
N VAL D 189 -10.40 -79.86 21.65
CA VAL D 189 -9.55 -78.90 20.96
C VAL D 189 -8.15 -78.74 21.51
N VAL D 190 -7.22 -78.52 20.59
CA VAL D 190 -5.81 -78.22 20.91
C VAL D 190 -5.62 -76.95 20.11
N MET D 191 -5.65 -75.83 20.82
CA MET D 191 -5.57 -74.53 20.20
C MET D 191 -4.20 -73.85 20.33
N LYS D 192 -3.74 -73.25 19.24
CA LYS D 192 -2.48 -72.54 19.22
C LYS D 192 -2.78 -71.08 18.97
N VAL D 193 -2.62 -70.26 20.01
CA VAL D 193 -2.88 -68.83 19.90
C VAL D 193 -1.69 -68.08 19.36
N ALA D 194 -1.95 -66.92 18.77
CA ALA D 194 -0.90 -66.08 18.19
C ALA D 194 0.11 -65.61 19.24
N GLU D 195 1.40 -65.67 18.89
CA GLU D 195 2.49 -65.26 19.79
C GLU D 195 2.43 -63.78 20.20
N GLN D 196 1.76 -62.99 19.36
CA GLN D 196 1.59 -61.57 19.61
C GLN D 196 0.48 -61.28 20.62
N THR D 197 -0.52 -62.16 20.70
CA THR D 197 -1.66 -61.94 21.58
C THR D 197 -2.16 -63.22 22.27
N PRO D 198 -1.34 -63.82 23.14
CA PRO D 198 -1.76 -65.05 23.83
C PRO D 198 -2.50 -64.87 25.15
N LEU D 199 -2.38 -63.68 25.75
CA LEU D 199 -2.98 -63.42 27.06
C LEU D 199 -4.46 -63.68 27.29
N THR D 200 -5.33 -62.97 26.57
CA THR D 200 -6.77 -63.14 26.74
C THR D 200 -7.23 -64.58 26.55
N ALA D 201 -6.71 -65.25 25.54
CA ALA D 201 -7.10 -66.62 25.28
C ALA D 201 -6.75 -67.54 26.45
N LEU D 202 -5.59 -67.30 27.05
CA LEU D 202 -5.12 -68.10 28.17
C LEU D 202 -5.98 -67.85 29.41
N TYR D 203 -6.47 -66.61 29.56
CA TYR D 203 -7.31 -66.30 30.70
C TYR D 203 -8.66 -67.00 30.51
N VAL D 204 -9.16 -67.02 29.28
CA VAL D 204 -10.41 -67.68 28.98
C VAL D 204 -10.30 -69.18 29.29
N ALA D 205 -9.10 -69.75 29.12
CA ALA D 205 -8.87 -71.16 29.40
C ALA D 205 -9.16 -71.44 30.87
N ASN D 206 -8.87 -70.45 31.70
CA ASN D 206 -9.09 -70.59 33.12
C ASN D 206 -10.58 -70.53 33.40
N LEU D 207 -11.30 -69.75 32.61
CA LEU D 207 -12.75 -69.64 32.75
C LEU D 207 -13.40 -70.93 32.23
N ILE D 208 -12.76 -71.58 31.27
CA ILE D 208 -13.26 -72.83 30.71
C ILE D 208 -13.18 -73.91 31.78
N LYS D 209 -12.16 -73.83 32.62
CA LYS D 209 -12.02 -74.79 33.70
C LYS D 209 -13.03 -74.46 34.79
N GLU D 210 -13.27 -73.17 35.03
CA GLU D 210 -14.21 -72.74 36.05
C GLU D 210 -15.64 -73.10 35.64
N ALA D 211 -15.89 -73.09 34.34
CA ALA D 211 -17.22 -73.40 33.83
C ALA D 211 -17.58 -74.87 34.00
N GLY D 212 -16.57 -75.72 34.17
CA GLY D 212 -16.84 -77.12 34.36
C GLY D 212 -16.54 -78.07 33.21
N PHE D 213 -15.96 -77.56 32.12
CA PHE D 213 -15.61 -78.43 30.99
C PHE D 213 -14.62 -79.47 31.49
N PRO D 214 -14.81 -80.75 31.15
CA PRO D 214 -13.90 -81.80 31.59
C PRO D 214 -12.46 -81.56 31.15
N PRO D 215 -11.50 -82.14 31.90
CA PRO D 215 -10.09 -81.99 31.58
C PRO D 215 -9.81 -82.54 30.19
N GLY D 216 -9.02 -81.81 29.40
CA GLY D 216 -8.66 -82.25 28.06
C GLY D 216 -9.56 -81.83 26.92
N VAL D 217 -10.77 -81.37 27.23
CA VAL D 217 -11.69 -80.94 26.20
C VAL D 217 -11.13 -79.74 25.44
N VAL D 218 -10.48 -78.84 26.16
CA VAL D 218 -9.86 -77.65 25.56
C VAL D 218 -8.42 -77.50 26.08
N ASN D 219 -7.46 -77.50 25.18
CA ASN D 219 -6.05 -77.36 25.52
C ASN D 219 -5.46 -76.22 24.70
N ILE D 220 -4.82 -75.27 25.37
CA ILE D 220 -4.23 -74.16 24.66
C ILE D 220 -2.69 -74.19 24.80
N VAL D 221 -2.00 -74.18 23.66
CA VAL D 221 -0.53 -74.22 23.66
C VAL D 221 -0.03 -72.93 23.03
N PRO D 222 0.42 -71.96 23.85
CA PRO D 222 0.93 -70.70 23.29
C PRO D 222 2.34 -70.98 22.77
N GLY D 223 2.74 -70.25 21.74
CA GLY D 223 4.07 -70.46 21.18
C GLY D 223 4.19 -69.96 19.76
N PHE D 224 5.30 -70.31 19.10
CA PHE D 224 5.52 -69.85 17.72
C PHE D 224 4.88 -70.74 16.67
N GLY D 225 4.72 -70.18 15.47
CA GLY D 225 4.07 -70.90 14.40
C GLY D 225 4.82 -72.09 13.85
N PRO D 226 6.03 -71.86 13.31
CA PRO D 226 6.85 -72.94 12.75
C PRO D 226 7.12 -74.07 13.74
N THR D 227 6.88 -73.80 15.03
CA THR D 227 7.10 -74.79 16.07
C THR D 227 5.82 -75.49 16.50
N ALA D 228 5.05 -74.83 17.37
CA ALA D 228 3.81 -75.39 17.87
C ALA D 228 2.73 -75.53 16.81
N GLY D 229 2.57 -74.50 15.98
CA GLY D 229 1.55 -74.55 14.93
C GLY D 229 1.77 -75.68 13.94
N ALA D 230 3.00 -75.82 13.46
CA ALA D 230 3.32 -76.88 12.51
C ALA D 230 3.21 -78.26 13.16
N ALA D 231 3.43 -78.32 14.48
CA ALA D 231 3.35 -79.59 15.19
C ALA D 231 1.92 -80.13 15.21
N ILE D 232 0.97 -79.20 15.26
CA ILE D 232 -0.45 -79.51 15.26
C ILE D 232 -0.87 -79.95 13.85
N ALA D 233 -0.51 -79.14 12.86
CA ALA D 233 -0.85 -79.43 11.49
C ALA D 233 -0.35 -80.76 10.99
N SER D 234 0.81 -81.18 11.48
CA SER D 234 1.39 -82.45 11.02
C SER D 234 1.24 -83.63 11.96
N HIS D 235 0.56 -83.39 13.08
CA HIS D 235 0.36 -84.45 14.08
C HIS D 235 -0.47 -85.61 13.55
N GLU D 236 -0.03 -86.83 13.86
CA GLU D 236 -0.69 -88.04 13.39
C GLU D 236 -2.01 -88.37 14.04
N ASP D 237 -2.27 -87.77 15.20
CA ASP D 237 -3.52 -88.05 15.92
C ASP D 237 -4.51 -86.87 15.97
N VAL D 238 -4.26 -85.84 15.17
CA VAL D 238 -5.14 -84.70 15.06
C VAL D 238 -6.06 -84.98 13.85
N ASP D 239 -7.37 -85.04 14.09
CA ASP D 239 -8.34 -85.34 13.05
C ASP D 239 -8.71 -84.18 12.13
N LYS D 240 -8.49 -82.96 12.60
CA LYS D 240 -8.84 -81.80 11.80
C LYS D 240 -8.06 -80.62 12.29
N VAL D 241 -7.71 -79.73 11.35
CA VAL D 241 -6.97 -78.53 11.67
C VAL D 241 -7.69 -77.39 10.98
N ALA D 242 -8.03 -76.38 11.76
CA ALA D 242 -8.68 -75.20 11.25
C ALA D 242 -7.67 -74.10 11.43
N PHE D 243 -7.33 -73.43 10.33
CA PHE D 243 -6.35 -72.36 10.37
C PHE D 243 -6.91 -71.04 9.88
N THR D 244 -6.46 -69.95 10.50
CA THR D 244 -6.90 -68.61 10.13
C THR D 244 -5.68 -67.71 10.13
N GLY D 245 -5.31 -67.20 8.94
CA GLY D 245 -4.14 -66.33 8.83
C GLY D 245 -3.75 -65.98 7.41
N SER D 246 -2.45 -65.95 7.15
CA SER D 246 -1.91 -65.62 5.82
C SER D 246 -2.06 -66.76 4.84
N THR D 247 -2.23 -66.42 3.56
CA THR D 247 -2.38 -67.42 2.50
C THR D 247 -1.09 -68.24 2.40
N GLU D 248 0.01 -67.59 2.74
CA GLU D 248 1.36 -68.17 2.72
C GLU D 248 1.44 -69.40 3.64
N ILE D 249 1.02 -69.20 4.89
CA ILE D 249 1.04 -70.28 5.87
C ILE D 249 -0.08 -71.26 5.62
N GLY D 250 -1.18 -70.77 5.06
CA GLY D 250 -2.32 -71.61 4.76
C GLY D 250 -1.97 -72.75 3.83
N ARG D 251 -0.98 -72.53 2.96
CA ARG D 251 -0.52 -73.54 2.02
C ARG D 251 0.33 -74.58 2.75
N VAL D 252 1.13 -74.09 3.70
CA VAL D 252 2.01 -74.95 4.51
C VAL D 252 1.14 -75.95 5.29
N ILE D 253 0.06 -75.44 5.87
CA ILE D 253 -0.88 -76.24 6.65
C ILE D 253 -1.50 -77.35 5.82
N GLN D 254 -2.03 -77.01 4.65
CA GLN D 254 -2.67 -78.00 3.78
C GLN D 254 -1.69 -79.08 3.30
N VAL D 255 -0.44 -78.70 3.05
CA VAL D 255 0.57 -79.64 2.61
C VAL D 255 0.94 -80.56 3.79
N ALA D 256 1.06 -79.97 4.98
CA ALA D 256 1.39 -80.70 6.19
C ALA D 256 0.32 -81.74 6.51
N ALA D 257 -0.92 -81.43 6.15
CA ALA D 257 -2.05 -82.32 6.39
C ALA D 257 -2.08 -83.50 5.42
N GLY D 258 -1.74 -83.24 4.16
CA GLY D 258 -1.71 -84.28 3.15
C GLY D 258 -0.51 -85.20 3.36
N SER D 259 0.55 -84.64 3.93
CA SER D 259 1.78 -85.37 4.22
C SER D 259 1.69 -86.25 5.46
N SER D 260 0.71 -85.96 6.31
CA SER D 260 0.54 -86.73 7.55
C SER D 260 -0.58 -87.79 7.55
N ASN D 261 -1.76 -87.44 8.07
CA ASN D 261 -2.85 -88.42 8.16
C ASN D 261 -4.12 -88.09 7.39
N LEU D 262 -4.01 -87.23 6.38
CA LEU D 262 -5.16 -86.84 5.55
C LEU D 262 -6.29 -86.21 6.38
N LYS D 263 -5.89 -85.50 7.44
CA LYS D 263 -6.82 -84.82 8.33
C LYS D 263 -7.58 -83.74 7.56
N ARG D 264 -8.76 -83.38 8.03
CA ARG D 264 -9.54 -82.34 7.38
C ARG D 264 -8.89 -80.98 7.62
N VAL D 265 -9.03 -80.09 6.64
CA VAL D 265 -8.45 -78.77 6.73
C VAL D 265 -9.40 -77.69 6.22
N THR D 266 -9.55 -76.65 7.02
CA THR D 266 -10.37 -75.49 6.68
C THR D 266 -9.43 -74.29 6.82
N LEU D 267 -9.43 -73.43 5.81
CA LEU D 267 -8.56 -72.26 5.84
C LEU D 267 -9.34 -70.97 5.68
N GLU D 268 -9.05 -70.02 6.57
CA GLU D 268 -9.66 -68.71 6.51
C GLU D 268 -8.55 -67.72 6.29
N LEU D 269 -8.23 -67.54 5.02
CA LEU D 269 -7.16 -66.66 4.58
C LEU D 269 -7.65 -65.22 4.39
N GLY D 270 -6.70 -64.30 4.17
CA GLY D 270 -7.05 -62.90 3.98
C GLY D 270 -7.74 -62.56 2.69
N GLY D 271 -7.70 -61.29 2.32
CA GLY D 271 -8.34 -60.84 1.09
C GLY D 271 -7.99 -59.43 0.69
N LYS D 272 -8.51 -59.02 -0.46
CA LYS D 272 -8.29 -57.66 -0.96
C LYS D 272 -9.70 -57.28 -1.41
N SER D 273 -10.61 -57.36 -0.45
CA SER D 273 -12.03 -57.10 -0.63
C SER D 273 -12.42 -55.78 -1.24
N PRO D 274 -13.20 -55.84 -2.33
CA PRO D 274 -13.67 -54.66 -3.07
C PRO D 274 -14.90 -54.03 -2.44
N ASN D 275 -14.87 -52.71 -2.29
CA ASN D 275 -15.98 -51.93 -1.74
C ASN D 275 -16.50 -51.04 -2.88
N ILE D 276 -17.51 -51.49 -3.60
CA ILE D 276 -18.03 -50.75 -4.75
C ILE D 276 -19.07 -49.68 -4.42
N ILE D 277 -18.75 -48.43 -4.72
CA ILE D 277 -19.65 -47.32 -4.45
C ILE D 277 -20.25 -46.82 -5.75
N MET D 278 -21.55 -47.05 -5.93
CA MET D 278 -22.25 -46.60 -7.13
C MET D 278 -22.56 -45.10 -7.03
N SER D 279 -22.83 -44.49 -8.18
CA SER D 279 -23.14 -43.07 -8.25
C SER D 279 -24.39 -42.64 -7.48
N ASP D 280 -25.39 -43.51 -7.43
CA ASP D 280 -26.63 -43.20 -6.72
C ASP D 280 -26.62 -43.56 -5.23
N ALA D 281 -25.46 -43.91 -4.71
CA ALA D 281 -25.33 -44.25 -3.30
C ALA D 281 -25.48 -43.03 -2.38
N ASP D 282 -25.89 -43.28 -1.15
CA ASP D 282 -26.05 -42.22 -0.17
C ASP D 282 -24.64 -41.80 0.20
N MET D 283 -24.22 -40.66 -0.36
CA MET D 283 -22.88 -40.12 -0.13
C MET D 283 -22.38 -40.14 1.32
N ASP D 284 -23.13 -39.55 2.23
CA ASP D 284 -22.74 -39.49 3.63
C ASP D 284 -22.51 -40.87 4.23
N TRP D 285 -23.44 -41.79 3.98
CA TRP D 285 -23.36 -43.14 4.50
C TRP D 285 -22.18 -43.91 3.86
N ALA D 286 -22.09 -43.81 2.54
CA ALA D 286 -21.04 -44.48 1.77
C ALA D 286 -19.64 -44.11 2.23
N VAL D 287 -19.42 -42.83 2.46
CA VAL D 287 -18.12 -42.34 2.90
C VAL D 287 -17.79 -42.84 4.32
N GLU D 288 -18.78 -42.81 5.20
CA GLU D 288 -18.59 -43.24 6.58
C GLU D 288 -18.30 -44.75 6.65
N GLN D 289 -19.06 -45.50 5.87
CA GLN D 289 -18.92 -46.94 5.83
C GLN D 289 -17.65 -47.38 5.13
N ALA D 290 -17.29 -46.69 4.04
CA ALA D 290 -16.07 -47.00 3.32
C ALA D 290 -14.86 -46.75 4.23
N HIS D 291 -14.98 -45.74 5.09
CA HIS D 291 -13.93 -45.40 6.05
C HIS D 291 -13.83 -46.52 7.08
N PHE D 292 -14.99 -46.91 7.60
CA PHE D 292 -15.06 -47.98 8.60
C PHE D 292 -14.55 -49.30 7.98
N ALA D 293 -15.00 -49.53 6.74
CA ALA D 293 -14.67 -50.72 5.96
C ALA D 293 -13.19 -51.04 5.92
N LEU D 294 -12.36 -50.00 5.88
CA LEU D 294 -10.94 -50.21 5.81
C LEU D 294 -10.18 -49.94 7.10
N PHE D 295 -10.47 -48.81 7.74
CA PHE D 295 -9.77 -48.44 8.97
C PHE D 295 -10.08 -49.21 10.25
N PHE D 296 -11.19 -49.96 10.25
CA PHE D 296 -11.59 -50.73 11.42
C PHE D 296 -10.46 -51.64 11.91
N ASN D 297 -10.26 -51.62 13.23
CA ASN D 297 -9.24 -52.41 13.91
C ASN D 297 -7.85 -52.18 13.31
N GLN D 298 -7.51 -50.91 13.11
CA GLN D 298 -6.21 -50.51 12.56
C GLN D 298 -5.97 -51.14 11.18
N GLY D 299 -7.05 -51.41 10.45
CA GLY D 299 -6.96 -52.03 9.14
C GLY D 299 -6.60 -53.50 9.21
N GLN D 300 -6.35 -54.00 10.42
CA GLN D 300 -5.99 -55.40 10.66
C GLN D 300 -7.27 -56.27 10.69
N CYS D 301 -7.91 -56.35 9.54
CA CYS D 301 -9.14 -57.10 9.37
C CYS D 301 -9.04 -57.94 8.08
N CYS D 302 -9.24 -59.25 8.18
CA CYS D 302 -9.16 -60.15 7.04
C CYS D 302 -10.01 -59.73 5.82
N CYS D 303 -11.16 -59.14 6.09
CA CYS D 303 -12.07 -58.72 5.03
C CYS D 303 -12.16 -57.22 4.88
N ALA D 304 -11.07 -56.51 5.20
CA ALA D 304 -11.03 -55.06 5.07
C ALA D 304 -11.31 -54.64 3.63
N GLY D 305 -12.05 -53.53 3.47
CA GLY D 305 -12.35 -53.03 2.14
C GLY D 305 -11.16 -52.22 1.63
N SER D 306 -10.11 -52.93 1.26
CA SER D 306 -8.87 -52.34 0.80
C SER D 306 -8.89 -51.91 -0.67
N ARG D 307 -10.03 -52.01 -1.32
CA ARG D 307 -10.14 -51.61 -2.72
C ARG D 307 -11.48 -50.93 -2.86
N THR D 308 -11.49 -49.62 -2.61
CA THR D 308 -12.70 -48.83 -2.70
C THR D 308 -12.96 -48.31 -4.10
N PHE D 309 -13.76 -49.04 -4.88
CA PHE D 309 -14.10 -48.64 -6.24
C PHE D 309 -15.21 -47.58 -6.20
N VAL D 310 -14.96 -46.42 -6.81
CA VAL D 310 -15.93 -45.33 -6.80
C VAL D 310 -16.26 -44.92 -8.23
N GLN D 311 -17.55 -44.76 -8.53
CA GLN D 311 -17.99 -44.35 -9.87
C GLN D 311 -17.47 -42.95 -10.16
N GLU D 312 -17.04 -42.72 -11.40
CA GLU D 312 -16.48 -41.42 -11.80
C GLU D 312 -17.28 -40.15 -11.46
N ASP D 313 -18.60 -40.22 -11.60
CA ASP D 313 -19.45 -39.06 -11.33
C ASP D 313 -19.35 -38.53 -9.89
N ILE D 314 -19.04 -39.40 -8.95
CA ILE D 314 -18.95 -38.99 -7.55
C ILE D 314 -17.54 -39.16 -6.98
N TYR D 315 -16.60 -39.52 -7.84
CA TYR D 315 -15.21 -39.76 -7.46
C TYR D 315 -14.58 -38.62 -6.66
N ASP D 316 -14.52 -37.45 -7.28
CA ASP D 316 -13.90 -36.29 -6.64
C ASP D 316 -14.50 -35.94 -5.30
N GLU D 317 -15.83 -35.91 -5.22
CA GLU D 317 -16.53 -35.59 -3.97
C GLU D 317 -16.25 -36.63 -2.91
N PHE D 318 -16.32 -37.90 -3.31
CA PHE D 318 -16.08 -39.03 -2.42
C PHE D 318 -14.68 -38.96 -1.83
N VAL D 319 -13.70 -38.84 -2.73
CA VAL D 319 -12.30 -38.76 -2.34
C VAL D 319 -12.07 -37.63 -1.33
N GLU D 320 -12.67 -36.48 -1.60
CA GLU D 320 -12.53 -35.32 -0.72
C GLU D 320 -12.97 -35.63 0.70
N ARG D 321 -14.18 -36.14 0.81
CA ARG D 321 -14.77 -36.48 2.10
C ARG D 321 -13.98 -37.57 2.81
N SER D 322 -13.51 -38.55 2.04
CA SER D 322 -12.75 -39.67 2.59
C SER D 322 -11.46 -39.17 3.21
N VAL D 323 -10.79 -38.27 2.49
CA VAL D 323 -9.53 -37.69 2.94
C VAL D 323 -9.75 -36.87 4.22
N ALA D 324 -10.86 -36.13 4.25
CA ALA D 324 -11.21 -35.31 5.41
C ALA D 324 -11.43 -36.19 6.63
N ARG D 325 -12.16 -37.29 6.42
CA ARG D 325 -12.47 -38.24 7.48
C ARG D 325 -11.22 -38.93 7.99
N ALA D 326 -10.32 -39.27 7.08
CA ALA D 326 -9.05 -39.92 7.44
C ALA D 326 -8.18 -39.01 8.29
N LYS D 327 -8.15 -37.72 7.93
CA LYS D 327 -7.36 -36.73 8.65
C LYS D 327 -7.91 -36.48 10.06
N SER D 328 -9.23 -36.61 10.20
CA SER D 328 -9.90 -36.39 11.47
C SER D 328 -9.88 -37.62 12.40
N ARG D 329 -9.47 -38.77 11.87
CA ARG D 329 -9.41 -39.98 12.67
C ARG D 329 -8.35 -39.86 13.77
N VAL D 330 -8.81 -39.85 15.02
CA VAL D 330 -7.95 -39.71 16.18
C VAL D 330 -7.08 -40.95 16.44
N VAL D 331 -5.77 -40.75 16.44
CA VAL D 331 -4.82 -41.83 16.70
C VAL D 331 -4.17 -41.58 18.05
N GLY D 332 -4.04 -42.62 18.87
CA GLY D 332 -3.41 -42.43 20.16
C GLY D 332 -3.54 -43.60 21.13
N ASN D 333 -3.46 -43.28 22.41
CA ASN D 333 -3.57 -44.27 23.49
C ASN D 333 -4.90 -45.00 23.38
N PRO D 334 -4.86 -46.32 23.16
CA PRO D 334 -6.07 -47.14 23.03
C PRO D 334 -7.01 -47.06 24.24
N PHE D 335 -6.45 -46.75 25.42
CA PHE D 335 -7.25 -46.65 26.64
C PHE D 335 -7.99 -45.32 26.79
N ASP D 336 -7.69 -44.39 25.89
CA ASP D 336 -8.31 -43.06 25.87
C ASP D 336 -9.63 -43.19 25.11
N SER D 337 -10.71 -42.71 25.70
CA SER D 337 -12.03 -42.79 25.06
C SER D 337 -12.16 -42.10 23.72
N LYS D 338 -11.34 -41.08 23.46
CA LYS D 338 -11.38 -40.35 22.19
C LYS D 338 -10.65 -41.07 21.04
N THR D 339 -9.76 -41.99 21.40
CA THR D 339 -8.98 -42.73 20.41
C THR D 339 -9.83 -43.61 19.50
N GLU D 340 -9.65 -43.44 18.20
CA GLU D 340 -10.37 -44.21 17.20
C GLU D 340 -9.46 -45.31 16.64
N GLN D 341 -8.16 -45.01 16.59
CA GLN D 341 -7.18 -45.94 16.07
C GLN D 341 -5.98 -46.12 17.00
N GLY D 342 -5.71 -47.36 17.39
CA GLY D 342 -4.58 -47.65 18.25
C GLY D 342 -3.38 -48.02 17.41
N PRO D 343 -2.36 -48.66 18.00
CA PRO D 343 -1.17 -49.05 17.24
C PRO D 343 -1.38 -50.35 16.47
N GLN D 344 -0.43 -50.70 15.61
CA GLN D 344 -0.49 -51.95 14.88
C GLN D 344 -0.01 -53.00 15.88
N VAL D 345 -0.36 -54.26 15.64
CA VAL D 345 0.01 -55.36 16.54
C VAL D 345 1.47 -55.43 17.00
N ASP D 346 2.42 -55.33 16.08
CA ASP D 346 3.82 -55.40 16.46
C ASP D 346 4.75 -54.70 15.49
N GLU D 347 6.05 -54.78 15.77
CA GLU D 347 7.05 -54.13 14.93
C GLU D 347 7.09 -54.67 13.51
N THR D 348 7.00 -55.99 13.38
CA THR D 348 7.05 -56.62 12.07
C THR D 348 5.98 -56.07 11.12
N GLN D 349 4.75 -55.96 11.62
CA GLN D 349 3.64 -55.45 10.82
C GLN D 349 3.82 -53.96 10.56
N PHE D 350 4.37 -53.28 11.56
CA PHE D 350 4.64 -51.85 11.52
C PHE D 350 5.48 -51.52 10.28
N LYS D 351 6.59 -52.22 10.13
CA LYS D 351 7.50 -52.02 8.99
C LYS D 351 6.87 -52.47 7.69
N LYS D 352 6.24 -53.63 7.71
CA LYS D 352 5.58 -54.21 6.54
C LYS D 352 4.62 -53.19 5.93
N ILE D 353 3.88 -52.48 6.79
CA ILE D 353 2.92 -51.46 6.33
C ILE D 353 3.65 -50.25 5.78
N LEU D 354 4.68 -49.80 6.50
CA LEU D 354 5.46 -48.66 6.03
C LEU D 354 6.06 -48.97 4.65
N GLY D 355 6.45 -50.23 4.46
CA GLY D 355 7.00 -50.66 3.19
C GLY D 355 5.98 -50.54 2.07
N TYR D 356 4.76 -50.98 2.32
CA TYR D 356 3.69 -50.93 1.33
C TYR D 356 3.35 -49.48 1.00
N ILE D 357 3.41 -48.60 2.01
CA ILE D 357 3.12 -47.18 1.78
C ILE D 357 4.18 -46.62 0.82
N ASN D 358 5.43 -46.98 1.08
CA ASN D 358 6.54 -46.55 0.26
C ASN D 358 6.34 -47.07 -1.16
N THR D 359 6.02 -48.36 -1.26
CA THR D 359 5.80 -49.00 -2.54
C THR D 359 4.67 -48.33 -3.31
N GLY D 360 3.71 -47.77 -2.58
CA GLY D 360 2.58 -47.09 -3.19
C GLY D 360 2.98 -45.79 -3.88
N LYS D 361 3.82 -45.01 -3.21
CA LYS D 361 4.31 -43.74 -3.75
C LYS D 361 5.13 -44.00 -5.01
N GLN D 362 6.00 -44.98 -4.92
CA GLN D 362 6.89 -45.33 -6.02
C GLN D 362 6.20 -45.81 -7.28
N GLU D 363 5.04 -46.43 -7.14
CA GLU D 363 4.31 -46.94 -8.30
C GLU D 363 3.41 -45.93 -8.99
N GLY D 364 3.32 -44.73 -8.44
CA GLY D 364 2.49 -43.71 -9.07
C GLY D 364 1.16 -43.40 -8.42
N ALA D 365 0.87 -44.07 -7.30
CA ALA D 365 -0.37 -43.82 -6.59
C ALA D 365 -0.25 -42.44 -5.93
N LYS D 366 -1.33 -41.67 -6.01
CA LYS D 366 -1.39 -40.32 -5.46
C LYS D 366 -1.64 -40.30 -3.95
N LEU D 367 -0.61 -40.00 -3.16
CA LEU D 367 -0.75 -39.93 -1.71
C LEU D 367 -1.56 -38.69 -1.32
N LEU D 368 -2.76 -38.91 -0.80
CA LEU D 368 -3.64 -37.82 -0.40
C LEU D 368 -3.54 -37.38 1.05
N CYS D 369 -3.01 -38.24 1.91
CA CYS D 369 -2.85 -37.91 3.33
C CYS D 369 -2.07 -38.97 4.09
N GLY D 370 -1.53 -38.59 5.26
CA GLY D 370 -0.76 -39.50 6.08
C GLY D 370 0.46 -40.04 5.35
N GLY D 371 0.79 -41.30 5.59
CA GLY D 371 1.93 -41.90 4.90
C GLY D 371 3.17 -42.11 5.75
N GLY D 372 3.09 -41.75 7.03
CA GLY D 372 4.26 -41.91 7.88
C GLY D 372 3.91 -42.31 9.30
N ILE D 373 4.91 -42.34 10.17
CA ILE D 373 4.73 -42.70 11.57
C ILE D 373 3.91 -41.61 12.28
N ALA D 374 2.98 -42.04 13.13
CA ALA D 374 2.11 -41.11 13.86
C ALA D 374 2.57 -40.79 15.29
N ALA D 375 3.61 -41.48 15.76
CA ALA D 375 4.15 -41.28 17.10
C ALA D 375 5.52 -41.95 17.24
N ASP D 376 6.38 -41.38 18.08
CA ASP D 376 7.72 -41.95 18.27
C ASP D 376 7.70 -43.21 19.15
N ARG D 377 6.66 -43.33 19.98
CA ARG D 377 6.54 -44.49 20.84
C ARG D 377 5.35 -45.35 20.41
N GLY D 378 5.55 -46.66 20.38
CA GLY D 378 4.50 -47.56 19.95
C GLY D 378 4.51 -47.70 18.43
N TYR D 379 3.72 -48.62 17.92
CA TYR D 379 3.67 -48.86 16.50
C TYR D 379 2.50 -48.16 15.83
N PHE D 380 2.45 -46.84 15.99
CA PHE D 380 1.36 -46.04 15.42
C PHE D 380 1.64 -45.59 13.99
N ILE D 381 0.63 -45.64 13.14
CA ILE D 381 0.76 -45.23 11.75
C ILE D 381 -0.38 -44.31 11.41
N GLN D 382 -0.09 -43.26 10.64
CA GLN D 382 -1.10 -42.27 10.24
C GLN D 382 -2.08 -42.85 9.25
N PRO D 383 -3.36 -42.48 9.38
CA PRO D 383 -4.39 -42.97 8.47
C PRO D 383 -4.00 -42.51 7.08
N THR D 384 -3.62 -43.44 6.22
CA THR D 384 -3.16 -43.10 4.88
C THR D 384 -4.19 -43.40 3.82
N VAL D 385 -4.28 -42.53 2.82
CA VAL D 385 -5.21 -42.70 1.71
C VAL D 385 -4.51 -42.48 0.36
N PHE D 386 -4.70 -43.42 -0.56
CA PHE D 386 -4.10 -43.32 -1.88
C PHE D 386 -5.20 -43.14 -2.93
N GLY D 387 -5.04 -42.13 -3.78
CA GLY D 387 -6.02 -41.87 -4.83
C GLY D 387 -5.52 -42.34 -6.19
N ASP D 388 -6.43 -42.44 -7.16
CA ASP D 388 -6.09 -42.87 -8.52
C ASP D 388 -5.31 -44.18 -8.60
N VAL D 389 -5.65 -45.12 -7.73
CA VAL D 389 -4.97 -46.41 -7.72
C VAL D 389 -5.39 -47.24 -8.94
N GLN D 390 -4.46 -48.02 -9.48
CA GLN D 390 -4.76 -48.87 -10.64
C GLN D 390 -4.65 -50.35 -10.27
N ASP D 391 -5.38 -51.18 -10.99
CA ASP D 391 -5.41 -52.63 -10.76
C ASP D 391 -4.03 -53.28 -10.71
N GLY D 392 -3.12 -52.83 -11.58
CA GLY D 392 -1.79 -53.38 -11.65
C GLY D 392 -0.84 -53.04 -10.50
N MET D 393 -1.13 -51.98 -9.75
CA MET D 393 -0.29 -51.57 -8.64
C MET D 393 -0.23 -52.63 -7.53
N THR D 394 0.89 -52.66 -6.80
CA THR D 394 1.09 -53.61 -5.71
C THR D 394 0.12 -53.37 -4.57
N ILE D 395 -0.08 -52.12 -4.21
CA ILE D 395 -1.00 -51.79 -3.13
C ILE D 395 -2.45 -52.12 -3.47
N ALA D 396 -2.69 -52.49 -4.72
CA ALA D 396 -4.02 -52.84 -5.17
C ALA D 396 -4.15 -54.35 -5.37
N LYS D 397 -3.08 -55.08 -5.06
CA LYS D 397 -3.07 -56.52 -5.23
C LYS D 397 -2.75 -57.27 -3.94
N GLU D 398 -1.80 -56.74 -3.18
CA GLU D 398 -1.39 -57.37 -1.94
C GLU D 398 -2.02 -56.78 -0.68
N GLU D 399 -2.44 -57.67 0.21
CA GLU D 399 -3.07 -57.30 1.46
C GLU D 399 -2.11 -56.60 2.39
N ILE D 400 -2.37 -55.33 2.63
CA ILE D 400 -1.52 -54.51 3.49
C ILE D 400 -1.76 -54.78 4.97
N PHE D 401 -3.04 -54.93 5.34
CA PHE D 401 -3.42 -55.20 6.74
C PHE D 401 -3.07 -54.03 7.66
N GLY D 402 -3.26 -52.82 7.12
CA GLY D 402 -2.96 -51.61 7.88
C GLY D 402 -3.87 -50.48 7.47
N PRO D 403 -3.83 -49.34 8.17
CA PRO D 403 -4.68 -48.17 7.88
C PRO D 403 -4.29 -47.45 6.58
N VAL D 404 -4.33 -48.18 5.48
CA VAL D 404 -3.97 -47.62 4.18
C VAL D 404 -5.10 -47.88 3.19
N MET D 405 -5.81 -46.82 2.84
CA MET D 405 -6.93 -46.93 1.93
C MET D 405 -6.57 -46.73 0.47
N GLN D 406 -7.15 -47.54 -0.40
CA GLN D 406 -6.91 -47.44 -1.84
C GLN D 406 -8.21 -47.08 -2.54
N ILE D 407 -8.23 -45.94 -3.24
CA ILE D 407 -9.43 -45.52 -3.93
C ILE D 407 -9.25 -45.61 -5.43
N LEU D 408 -10.03 -46.45 -6.10
CA LEU D 408 -9.95 -46.61 -7.55
C LEU D 408 -11.18 -46.03 -8.20
N LYS D 409 -11.08 -45.71 -9.48
CA LYS D 409 -12.19 -45.12 -10.21
C LYS D 409 -12.71 -46.08 -11.26
N PHE D 410 -14.00 -46.02 -11.52
CA PHE D 410 -14.59 -46.88 -12.54
C PHE D 410 -15.76 -46.17 -13.21
N LYS D 411 -16.13 -46.69 -14.37
CA LYS D 411 -17.20 -46.12 -15.16
C LYS D 411 -18.50 -46.91 -15.14
N THR D 412 -18.46 -48.14 -15.67
CA THR D 412 -19.68 -48.96 -15.73
C THR D 412 -19.75 -50.07 -14.70
N ILE D 413 -20.98 -50.56 -14.50
CA ILE D 413 -21.22 -51.63 -13.55
C ILE D 413 -20.63 -52.94 -14.04
N GLU D 414 -20.66 -53.16 -15.36
CA GLU D 414 -20.10 -54.37 -15.94
C GLU D 414 -18.59 -54.38 -15.76
N GLU D 415 -18.02 -53.18 -15.81
CA GLU D 415 -16.59 -52.99 -15.69
C GLU D 415 -16.10 -53.34 -14.30
N VAL D 416 -16.74 -52.75 -13.28
CA VAL D 416 -16.33 -52.96 -11.90
C VAL D 416 -16.47 -54.41 -11.43
N VAL D 417 -17.42 -55.14 -12.00
CA VAL D 417 -17.64 -56.54 -11.69
C VAL D 417 -16.36 -57.30 -12.03
N GLY D 418 -15.92 -57.14 -13.28
CA GLY D 418 -14.73 -57.81 -13.74
C GLY D 418 -13.48 -57.42 -12.95
N ARG D 419 -13.37 -56.14 -12.62
CA ARG D 419 -12.20 -55.67 -11.88
C ARG D 419 -12.22 -56.12 -10.43
N ALA D 420 -13.40 -56.11 -9.82
CA ALA D 420 -13.55 -56.54 -8.43
C ALA D 420 -13.27 -58.04 -8.32
N ASN D 421 -13.73 -58.79 -9.32
CA ASN D 421 -13.54 -60.24 -9.40
C ASN D 421 -12.13 -60.66 -9.80
N ASN D 422 -11.41 -59.79 -10.50
CA ASN D 422 -10.05 -60.10 -10.92
C ASN D 422 -9.14 -59.98 -9.71
N SER D 423 -9.06 -61.08 -8.95
CA SER D 423 -8.23 -61.17 -7.76
C SER D 423 -8.13 -62.63 -7.33
N THR D 424 -7.05 -62.96 -6.63
CA THR D 424 -6.86 -64.32 -6.14
C THR D 424 -7.68 -64.51 -4.85
N TYR D 425 -8.13 -63.38 -4.29
CA TYR D 425 -8.94 -63.38 -3.09
C TYR D 425 -10.44 -63.29 -3.40
N GLY D 426 -11.26 -63.65 -2.41
CA GLY D 426 -12.70 -63.61 -2.56
C GLY D 426 -13.40 -63.80 -1.23
N LEU D 427 -12.85 -63.19 -0.20
CA LEU D 427 -13.42 -63.31 1.14
C LEU D 427 -14.71 -62.50 1.32
N ALA D 428 -14.69 -61.25 0.91
CA ALA D 428 -15.84 -60.38 1.05
C ALA D 428 -15.88 -59.31 -0.03
N ALA D 429 -16.99 -58.58 -0.08
CA ALA D 429 -17.20 -57.50 -1.04
C ALA D 429 -18.40 -56.69 -0.54
N ALA D 430 -18.56 -55.48 -1.07
CA ALA D 430 -19.66 -54.62 -0.66
C ALA D 430 -20.12 -53.75 -1.82
N VAL D 431 -21.39 -53.37 -1.77
CA VAL D 431 -21.99 -52.54 -2.80
C VAL D 431 -22.86 -51.49 -2.14
N PHE D 432 -22.68 -50.23 -2.54
CA PHE D 432 -23.51 -49.16 -2.00
C PHE D 432 -24.29 -48.58 -3.15
N THR D 433 -25.61 -48.67 -3.03
CA THR D 433 -26.48 -48.16 -4.07
C THR D 433 -27.88 -48.12 -3.53
N LYS D 434 -28.74 -47.36 -4.20
CA LYS D 434 -30.13 -47.25 -3.79
C LYS D 434 -31.00 -48.04 -4.75
N ASP D 435 -30.40 -48.44 -5.86
CA ASP D 435 -31.11 -49.19 -6.89
C ASP D 435 -31.22 -50.70 -6.66
N LEU D 436 -32.45 -51.19 -6.66
CA LEU D 436 -32.74 -52.60 -6.46
C LEU D 436 -31.99 -53.50 -7.45
N ASP D 437 -32.21 -53.27 -8.74
CA ASP D 437 -31.59 -54.07 -9.79
C ASP D 437 -30.07 -54.06 -9.73
N LYS D 438 -29.49 -52.93 -9.36
CA LYS D 438 -28.03 -52.84 -9.28
C LYS D 438 -27.49 -53.69 -8.15
N ALA D 439 -28.14 -53.59 -7.00
CA ALA D 439 -27.73 -54.36 -5.81
C ALA D 439 -27.81 -55.86 -6.05
N ASN D 440 -28.89 -56.32 -6.68
CA ASN D 440 -29.04 -57.74 -6.95
C ASN D 440 -28.11 -58.25 -8.03
N TYR D 441 -27.82 -57.40 -9.02
CA TYR D 441 -26.92 -57.78 -10.11
C TYR D 441 -25.52 -57.97 -9.53
N LEU D 442 -25.08 -57.00 -8.72
CA LEU D 442 -23.77 -57.06 -8.10
C LEU D 442 -23.58 -58.16 -7.07
N SER D 443 -24.55 -58.28 -6.17
CA SER D 443 -24.45 -59.28 -5.12
C SER D 443 -24.36 -60.69 -5.71
N GLN D 444 -24.90 -60.87 -6.90
CA GLN D 444 -24.86 -62.16 -7.57
C GLN D 444 -23.60 -62.34 -8.39
N ALA D 445 -23.15 -61.27 -9.04
CA ALA D 445 -21.96 -61.34 -9.88
C ALA D 445 -20.64 -61.35 -9.11
N LEU D 446 -20.61 -60.66 -7.97
CA LEU D 446 -19.40 -60.62 -7.15
C LEU D 446 -18.99 -61.99 -6.64
N GLN D 447 -17.74 -62.36 -6.84
CA GLN D 447 -17.23 -63.64 -6.38
C GLN D 447 -16.59 -63.50 -5.00
N ALA D 448 -17.44 -63.46 -3.99
CA ALA D 448 -17.01 -63.32 -2.60
C ALA D 448 -17.90 -64.11 -1.68
N GLY D 449 -17.32 -64.59 -0.59
CA GLY D 449 -18.05 -65.38 0.38
C GLY D 449 -19.14 -64.59 1.07
N THR D 450 -18.94 -63.29 1.17
CA THR D 450 -19.90 -62.40 1.81
C THR D 450 -20.02 -61.08 1.04
N VAL D 451 -21.23 -60.74 0.61
CA VAL D 451 -21.48 -59.51 -0.13
C VAL D 451 -22.42 -58.62 0.67
N TRP D 452 -21.91 -57.50 1.15
CA TRP D 452 -22.72 -56.54 1.91
C TRP D 452 -23.35 -55.50 0.98
N VAL D 453 -24.56 -55.09 1.29
CA VAL D 453 -25.23 -54.07 0.50
C VAL D 453 -25.57 -52.94 1.45
N ASN D 454 -24.99 -51.78 1.19
CA ASN D 454 -25.19 -50.58 2.01
C ASN D 454 -24.75 -50.74 3.46
N CYS D 455 -23.73 -51.55 3.66
CA CYS D 455 -23.17 -51.76 4.99
C CYS D 455 -21.85 -52.48 4.83
N TYR D 456 -21.13 -52.66 5.93
CA TYR D 456 -19.87 -53.36 5.88
C TYR D 456 -19.54 -53.96 7.24
N ASP D 457 -18.79 -55.07 7.23
CA ASP D 457 -18.40 -55.77 8.46
C ASP D 457 -19.58 -56.16 9.35
N VAL D 458 -20.69 -56.54 8.72
CA VAL D 458 -21.89 -56.94 9.44
C VAL D 458 -21.84 -58.44 9.62
N PHE D 459 -21.27 -58.86 10.74
CA PHE D 459 -21.16 -60.28 11.06
C PHE D 459 -22.20 -60.67 12.10
N GLY D 460 -22.91 -61.75 11.82
CA GLY D 460 -23.89 -62.22 12.76
C GLY D 460 -23.36 -63.56 13.18
N ALA D 461 -23.51 -63.93 14.44
CA ALA D 461 -23.05 -65.23 14.89
C ALA D 461 -23.82 -66.28 14.06
N GLN D 462 -24.99 -65.88 13.58
CA GLN D 462 -25.86 -66.74 12.78
C GLN D 462 -25.60 -66.81 11.26
N SER D 463 -24.79 -65.91 10.73
CA SER D 463 -24.49 -65.90 9.29
C SER D 463 -23.11 -66.49 8.99
N PRO D 464 -23.03 -67.40 8.00
CA PRO D 464 -21.76 -68.02 7.62
C PRO D 464 -20.73 -67.04 7.04
N PHE D 465 -19.46 -67.31 7.35
CA PHE D 465 -18.36 -66.48 6.91
C PHE D 465 -17.17 -67.29 6.40
N GLY D 466 -16.84 -67.10 5.13
CA GLY D 466 -15.74 -67.82 4.52
C GLY D 466 -15.42 -67.21 3.17
N GLY D 467 -14.43 -67.77 2.48
CA GLY D 467 -14.06 -67.23 1.18
C GLY D 467 -14.04 -68.16 -0.02
N TYR D 468 -13.96 -67.53 -1.19
CA TYR D 468 -13.88 -68.20 -2.48
C TYR D 468 -12.41 -68.22 -2.86
N LYS D 469 -12.07 -69.05 -3.85
CA LYS D 469 -10.71 -69.13 -4.37
C LYS D 469 -9.63 -69.32 -3.30
N MET D 470 -8.56 -68.52 -3.38
CA MET D 470 -7.44 -68.56 -2.44
C MET D 470 -7.66 -67.83 -1.12
N SER D 471 -8.93 -67.61 -0.76
CA SER D 471 -9.26 -66.96 0.51
C SER D 471 -9.61 -68.06 1.51
N GLY D 472 -9.53 -69.31 1.03
CA GLY D 472 -9.81 -70.45 1.87
C GLY D 472 -10.98 -71.31 1.45
N SER D 473 -11.20 -72.38 2.22
CA SER D 473 -12.29 -73.32 1.99
C SER D 473 -13.05 -73.45 3.31
N GLY D 474 -14.29 -73.92 3.25
CA GLY D 474 -15.09 -74.08 4.45
C GLY D 474 -15.63 -72.77 4.98
N ARG D 475 -16.61 -72.87 5.87
CA ARG D 475 -17.24 -71.69 6.45
C ARG D 475 -17.26 -71.73 7.98
N GLU D 476 -17.46 -70.56 8.59
CA GLU D 476 -17.56 -70.40 10.04
C GLU D 476 -18.83 -69.61 10.33
N LEU D 477 -19.32 -69.68 11.57
CA LEU D 477 -20.55 -69.00 11.99
C LEU D 477 -21.77 -69.64 11.32
N GLY D 478 -22.93 -69.50 11.95
CA GLY D 478 -24.15 -70.09 11.42
C GLY D 478 -24.17 -71.61 11.48
N GLU D 479 -25.20 -72.20 10.88
CA GLU D 479 -25.33 -73.65 10.85
C GLU D 479 -24.21 -74.31 10.04
N TYR D 480 -23.66 -73.57 9.09
CA TYR D 480 -22.58 -74.05 8.21
C TYR D 480 -21.26 -74.32 8.96
N GLY D 481 -21.07 -73.60 10.06
CA GLY D 481 -19.87 -73.79 10.86
C GLY D 481 -19.86 -75.16 11.49
N LEU D 482 -21.03 -75.75 11.67
CA LEU D 482 -21.12 -77.05 12.29
C LEU D 482 -20.71 -78.20 11.39
N GLN D 483 -20.95 -78.06 10.09
CA GLN D 483 -20.63 -79.12 9.12
C GLN D 483 -19.15 -79.50 9.17
N ALA D 484 -18.31 -78.49 9.35
CA ALA D 484 -16.89 -78.70 9.39
C ALA D 484 -16.43 -79.51 10.59
N TYR D 485 -17.23 -79.49 11.65
CA TYR D 485 -16.89 -80.20 12.87
C TYR D 485 -17.67 -81.47 13.09
N THR D 486 -18.26 -81.96 12.02
CA THR D 486 -19.07 -83.14 12.11
C THR D 486 -18.72 -84.25 11.11
N LYS D 487 -18.86 -85.49 11.55
CA LYS D 487 -18.63 -86.66 10.70
C LYS D 487 -20.00 -87.24 10.49
N VAL D 488 -20.32 -87.71 9.29
CA VAL D 488 -21.62 -88.31 9.06
C VAL D 488 -21.52 -89.83 9.02
N LYS D 489 -22.20 -90.50 9.94
CA LYS D 489 -22.20 -91.97 9.94
C LYS D 489 -23.58 -92.42 9.49
N THR D 490 -23.63 -93.37 8.55
CA THR D 490 -24.91 -93.90 8.04
C THR D 490 -25.09 -95.29 8.59
N VAL D 491 -26.25 -95.56 9.18
CA VAL D 491 -26.59 -96.86 9.70
C VAL D 491 -27.77 -97.38 8.85
N THR D 492 -27.58 -98.49 8.17
CA THR D 492 -28.62 -99.05 7.33
C THR D 492 -28.93 -100.39 7.88
N VAL D 493 -30.17 -100.53 8.35
CA VAL D 493 -30.66 -101.76 8.98
C VAL D 493 -31.66 -102.52 8.13
N LYS D 494 -31.53 -103.83 8.07
CA LYS D 494 -32.50 -104.60 7.35
C LYS D 494 -33.73 -104.75 8.25
N VAL D 495 -34.90 -104.50 7.70
CA VAL D 495 -36.15 -104.64 8.46
C VAL D 495 -37.08 -105.69 7.80
N PRO D 496 -38.02 -106.30 8.57
CA PRO D 496 -38.97 -107.30 8.05
C PRO D 496 -39.68 -106.88 6.75
N GLN D 497 -40.38 -105.75 6.79
CA GLN D 497 -41.08 -105.24 5.61
C GLN D 497 -41.27 -103.74 5.66
N LYS D 498 -40.69 -103.04 4.70
CA LYS D 498 -40.76 -101.59 4.66
C LYS D 498 -42.09 -101.06 4.16
N ASN D 499 -42.62 -100.06 4.86
CA ASN D 499 -43.86 -99.41 4.48
C ASN D 499 -43.64 -97.93 4.64
N SER D 500 -44.32 -97.13 3.83
CA SER D 500 -44.17 -95.68 3.92
C SER D 500 -44.67 -95.12 5.27
N ALA E 7 3.55 39.41 8.29
CA ALA E 7 3.78 39.66 6.84
C ALA E 7 2.44 39.68 6.05
N VAL E 8 1.50 40.49 6.54
CA VAL E 8 0.19 40.64 5.93
C VAL E 8 -0.02 42.10 5.52
N PRO E 9 -0.36 42.34 4.25
CA PRO E 9 -0.59 43.70 3.72
C PRO E 9 -1.74 44.40 4.42
N ALA E 10 -1.69 45.73 4.42
CA ALA E 10 -2.76 46.51 5.04
C ALA E 10 -4.06 46.35 4.24
N PRO E 11 -5.15 45.93 4.88
CA PRO E 11 -6.42 45.76 4.17
C PRO E 11 -7.24 47.05 4.03
N ASN E 12 -8.22 47.01 3.14
CA ASN E 12 -9.13 48.13 2.95
C ASN E 12 -10.33 47.64 3.76
N GLN E 13 -10.52 48.22 4.93
CA GLN E 13 -11.57 47.81 5.83
C GLN E 13 -12.98 47.97 5.30
N GLN E 14 -13.10 48.54 4.12
CA GLN E 14 -14.40 48.65 3.48
C GLN E 14 -14.25 48.51 2.00
N PRO E 15 -14.00 47.27 1.58
CA PRO E 15 -13.81 46.90 0.19
C PRO E 15 -15.06 47.20 -0.61
N GLU E 16 -14.85 47.59 -1.83
CA GLU E 16 -15.95 47.90 -2.71
C GLU E 16 -16.53 46.60 -3.26
N VAL E 17 -17.82 46.56 -3.51
CA VAL E 17 -18.43 45.38 -4.06
C VAL E 17 -18.69 45.61 -5.53
N PHE E 18 -18.15 44.73 -6.38
CA PHE E 18 -18.34 44.85 -7.82
C PHE E 18 -19.33 43.83 -8.38
N CYS E 19 -19.54 42.71 -7.68
CA CYS E 19 -20.42 41.67 -8.17
C CYS E 19 -21.47 41.29 -7.14
N ASN E 20 -22.73 41.47 -7.51
CA ASN E 20 -23.84 41.17 -6.60
C ASN E 20 -25.06 40.63 -7.31
N GLN E 21 -24.85 40.05 -8.50
CA GLN E 21 -25.95 39.50 -9.28
C GLN E 21 -25.82 38.00 -9.55
N ILE E 22 -26.62 37.48 -10.45
CA ILE E 22 -26.60 36.07 -10.80
C ILE E 22 -25.63 35.86 -11.96
N PHE E 23 -24.74 34.87 -11.82
CA PHE E 23 -23.73 34.60 -12.83
C PHE E 23 -24.09 33.40 -13.69
N ILE E 24 -24.41 33.65 -14.95
CA ILE E 24 -24.79 32.60 -15.88
C ILE E 24 -24.17 32.91 -17.22
N ASN E 25 -23.55 31.91 -17.84
CA ASN E 25 -22.89 32.10 -19.12
C ASN E 25 -21.93 33.26 -19.13
N ASN E 26 -21.15 33.37 -18.05
CA ASN E 26 -20.16 34.43 -17.90
C ASN E 26 -20.72 35.82 -17.99
N GLU E 27 -22.01 35.96 -17.65
CA GLU E 27 -22.68 37.24 -17.69
C GLU E 27 -23.45 37.46 -16.40
N TRP E 28 -23.59 38.73 -16.02
CA TRP E 28 -24.30 39.09 -14.81
C TRP E 28 -25.73 39.43 -15.14
N HIS E 29 -26.64 38.81 -14.40
CA HIS E 29 -28.06 39.00 -14.58
C HIS E 29 -28.76 39.29 -13.26
N ASP E 30 -29.88 40.00 -13.32
CA ASP E 30 -30.68 40.26 -12.13
C ASP E 30 -31.61 39.06 -12.05
N ALA E 31 -32.18 38.81 -10.88
CA ALA E 31 -33.11 37.71 -10.71
C ALA E 31 -34.31 37.93 -11.65
N VAL E 32 -34.90 36.85 -12.15
CA VAL E 32 -36.05 36.94 -13.02
C VAL E 32 -37.09 37.83 -12.35
N SER E 33 -37.26 37.59 -11.05
CA SER E 33 -38.20 38.33 -10.21
C SER E 33 -37.77 39.77 -9.95
N ARG E 34 -36.49 40.06 -10.13
CA ARG E 34 -35.93 41.38 -9.89
C ARG E 34 -35.75 41.69 -8.40
N LYS E 35 -36.04 40.70 -7.56
CA LYS E 35 -35.89 40.84 -6.13
C LYS E 35 -34.42 40.72 -5.70
N THR E 36 -34.10 41.36 -4.58
CA THR E 36 -32.75 41.31 -4.03
C THR E 36 -32.85 41.20 -2.55
N PHE E 37 -31.82 40.63 -1.94
CA PHE E 37 -31.78 40.48 -0.47
C PHE E 37 -30.53 41.17 0.05
N PRO E 38 -30.57 41.66 1.29
CA PRO E 38 -29.38 42.31 1.82
C PRO E 38 -28.39 41.31 2.45
N THR E 39 -27.12 41.67 2.41
CA THR E 39 -26.08 40.86 3.03
C THR E 39 -25.50 41.73 4.14
N VAL E 40 -25.45 41.19 5.35
CA VAL E 40 -25.00 41.94 6.50
C VAL E 40 -23.57 41.75 6.95
N ASN E 41 -22.95 42.83 7.42
CA ASN E 41 -21.59 42.80 7.95
C ASN E 41 -21.81 42.43 9.42
N PRO E 42 -21.52 41.17 9.78
CA PRO E 42 -21.70 40.70 11.15
C PRO E 42 -20.94 41.47 12.25
N SER E 43 -19.98 42.29 11.85
CA SER E 43 -19.21 43.03 12.84
C SER E 43 -19.92 44.28 13.32
N THR E 44 -20.83 44.78 12.50
CA THR E 44 -21.55 46.01 12.80
C THR E 44 -23.07 45.86 12.76
N GLY E 45 -23.54 44.81 12.10
CA GLY E 45 -24.97 44.60 11.98
C GLY E 45 -25.51 45.42 10.81
N GLU E 46 -24.65 46.09 10.06
CA GLU E 46 -25.05 46.91 8.92
C GLU E 46 -25.13 46.17 7.60
N VAL E 47 -26.02 46.61 6.72
CA VAL E 47 -26.15 46.01 5.40
C VAL E 47 -24.98 46.45 4.51
N ILE E 48 -24.26 45.47 3.95
CA ILE E 48 -23.15 45.75 3.06
C ILE E 48 -23.67 46.22 1.68
N CYS E 49 -24.60 45.45 1.12
CA CYS E 49 -25.21 45.79 -0.15
C CYS E 49 -26.35 44.85 -0.44
N GLN E 50 -27.07 45.09 -1.54
CA GLN E 50 -28.16 44.22 -1.95
C GLN E 50 -27.56 43.20 -2.90
N VAL E 51 -28.17 42.03 -2.95
CA VAL E 51 -27.71 40.95 -3.81
C VAL E 51 -28.90 40.29 -4.47
N ALA E 52 -28.80 40.02 -5.78
CA ALA E 52 -29.86 39.37 -6.54
C ALA E 52 -30.37 38.12 -5.85
N GLU E 53 -31.69 38.03 -5.63
CA GLU E 53 -32.28 36.86 -4.98
C GLU E 53 -32.73 35.81 -5.99
N GLY E 54 -31.86 34.85 -6.30
CA GLY E 54 -32.19 33.82 -7.27
C GLY E 54 -33.24 32.86 -6.78
N ASP E 55 -34.00 32.29 -7.70
CA ASP E 55 -35.05 31.35 -7.34
C ASP E 55 -35.11 30.28 -8.42
N LYS E 56 -36.14 29.45 -8.39
CA LYS E 56 -36.30 28.39 -9.34
C LYS E 56 -36.06 28.75 -10.80
N GLU E 57 -36.61 29.87 -11.27
CA GLU E 57 -36.43 30.26 -12.68
C GLU E 57 -34.99 30.59 -13.00
N ASP E 58 -34.30 31.14 -12.03
CA ASP E 58 -32.89 31.47 -12.23
C ASP E 58 -32.05 30.20 -12.26
N VAL E 59 -32.36 29.25 -11.39
CA VAL E 59 -31.64 28.00 -11.38
C VAL E 59 -31.91 27.29 -12.71
N ASP E 60 -33.14 27.42 -13.22
CA ASP E 60 -33.52 26.78 -14.48
C ASP E 60 -32.66 27.29 -15.63
N LYS E 61 -32.43 28.60 -15.64
CA LYS E 61 -31.61 29.22 -16.67
C LYS E 61 -30.14 28.76 -16.53
N ALA E 62 -29.68 28.64 -15.28
CA ALA E 62 -28.30 28.22 -14.99
C ALA E 62 -28.06 26.82 -15.51
N VAL E 63 -28.94 25.90 -15.11
CA VAL E 63 -28.84 24.51 -15.53
C VAL E 63 -28.83 24.40 -17.04
N LYS E 64 -29.66 25.20 -17.73
CA LYS E 64 -29.72 25.17 -19.18
C LYS E 64 -28.43 25.58 -19.82
N ALA E 65 -27.78 26.57 -19.20
CA ALA E 65 -26.51 27.06 -19.73
C ALA E 65 -25.43 26.00 -19.51
N ALA E 66 -25.40 25.42 -18.29
CA ALA E 66 -24.44 24.38 -17.92
C ALA E 66 -24.57 23.19 -18.87
N ARG E 67 -25.80 22.77 -19.09
CA ARG E 67 -26.06 21.65 -19.99
C ARG E 67 -25.54 21.94 -21.41
N ALA E 68 -25.71 23.17 -21.87
CA ALA E 68 -25.26 23.54 -23.21
C ALA E 68 -23.74 23.53 -23.29
N ALA E 69 -23.09 24.01 -22.24
CA ALA E 69 -21.65 24.02 -22.21
C ALA E 69 -21.08 22.62 -22.07
N PHE E 70 -21.92 21.66 -21.69
CA PHE E 70 -21.50 20.28 -21.51
C PHE E 70 -21.83 19.39 -22.73
N GLN E 71 -22.45 19.96 -23.74
CA GLN E 71 -22.80 19.20 -24.96
C GLN E 71 -21.61 18.65 -25.70
N LEU E 72 -21.72 17.40 -26.12
CA LEU E 72 -20.65 16.74 -26.88
C LEU E 72 -20.23 17.67 -28.02
N GLY E 73 -18.93 17.91 -28.13
CA GLY E 73 -18.45 18.80 -29.18
C GLY E 73 -18.21 20.25 -28.75
N SER E 74 -18.64 20.61 -27.55
CA SER E 74 -18.46 21.95 -27.07
C SER E 74 -17.01 22.24 -26.70
N PRO E 75 -16.64 23.52 -26.54
CA PRO E 75 -15.26 23.87 -26.19
C PRO E 75 -14.81 23.19 -24.88
N TRP E 76 -15.68 23.17 -23.89
CA TRP E 76 -15.31 22.56 -22.63
C TRP E 76 -15.14 21.05 -22.76
N ARG E 77 -15.96 20.42 -23.60
CA ARG E 77 -15.89 18.96 -23.78
C ARG E 77 -14.73 18.46 -24.61
N ARG E 78 -14.34 19.28 -25.59
CA ARG E 78 -13.25 18.96 -26.50
C ARG E 78 -11.89 19.37 -25.96
N MET E 79 -11.88 20.32 -25.05
CA MET E 79 -10.65 20.84 -24.49
C MET E 79 -9.75 19.77 -23.92
N ASP E 80 -8.44 19.85 -24.18
CA ASP E 80 -7.50 18.87 -23.62
C ASP E 80 -7.58 18.93 -22.09
N ALA E 81 -7.45 17.77 -21.45
CA ALA E 81 -7.51 17.73 -20.00
C ALA E 81 -6.41 18.63 -19.40
N SER E 82 -5.24 18.63 -20.01
CA SER E 82 -4.14 19.44 -19.51
C SER E 82 -4.46 20.93 -19.56
N HIS E 83 -5.36 21.29 -20.47
CA HIS E 83 -5.77 22.69 -20.61
C HIS E 83 -6.72 23.09 -19.47
N ARG E 84 -7.52 22.13 -19.00
CA ARG E 84 -8.42 22.39 -17.89
C ARG E 84 -7.52 22.76 -16.73
N GLY E 85 -6.38 22.09 -16.64
CA GLY E 85 -5.41 22.33 -15.59
C GLY E 85 -4.85 23.72 -15.71
N ARG E 86 -4.56 24.16 -16.94
CA ARG E 86 -4.03 25.49 -17.20
C ARG E 86 -5.01 26.55 -16.75
N LEU E 87 -6.29 26.31 -17.02
CA LEU E 87 -7.35 27.24 -16.64
C LEU E 87 -7.47 27.38 -15.13
N LEU E 88 -7.37 26.26 -14.41
CA LEU E 88 -7.43 26.26 -12.97
C LEU E 88 -6.24 27.01 -12.37
N ASN E 89 -5.06 26.82 -12.95
CA ASN E 89 -3.87 27.49 -12.49
C ASN E 89 -3.97 28.97 -12.78
N ARG E 90 -4.65 29.30 -13.88
CA ARG E 90 -4.83 30.69 -14.25
C ARG E 90 -5.77 31.34 -13.22
N LEU E 91 -6.82 30.60 -12.87
CA LEU E 91 -7.77 31.06 -11.88
C LEU E 91 -7.08 31.30 -10.55
N ALA E 92 -6.16 30.42 -10.20
CA ALA E 92 -5.46 30.55 -8.94
C ALA E 92 -4.58 31.81 -8.99
N ASP E 93 -3.98 32.07 -10.15
CA ASP E 93 -3.12 33.24 -10.28
C ASP E 93 -3.89 34.54 -10.12
N LEU E 94 -5.09 34.58 -10.68
CA LEU E 94 -5.92 35.75 -10.59
C LEU E 94 -6.33 35.95 -9.14
N ILE E 95 -6.65 34.85 -8.45
CA ILE E 95 -7.04 34.95 -7.07
C ILE E 95 -5.90 35.48 -6.21
N GLU E 96 -4.67 35.07 -6.53
CA GLU E 96 -3.50 35.52 -5.77
C GLU E 96 -3.29 37.00 -6.04
N ARG E 97 -3.55 37.44 -7.27
CA ARG E 97 -3.37 38.84 -7.61
C ARG E 97 -4.29 39.71 -6.74
N ASP E 98 -5.52 39.27 -6.58
CA ASP E 98 -6.50 40.02 -5.82
C ASP E 98 -6.66 39.42 -4.43
N ARG E 99 -5.61 38.81 -3.92
CA ARG E 99 -5.62 38.19 -2.61
C ARG E 99 -5.99 39.11 -1.46
N THR E 100 -5.37 40.29 -1.39
CA THR E 100 -5.65 41.23 -0.31
C THR E 100 -7.08 41.74 -0.35
N TYR E 101 -7.57 42.01 -1.55
CA TYR E 101 -8.96 42.44 -1.71
C TYR E 101 -9.91 41.34 -1.23
N LEU E 102 -9.79 40.15 -1.80
CA LEU E 102 -10.64 39.01 -1.45
C LEU E 102 -10.65 38.66 0.05
N ALA E 103 -9.48 38.76 0.67
CA ALA E 103 -9.35 38.48 2.11
C ALA E 103 -10.15 39.52 2.91
N ALA E 104 -10.09 40.76 2.49
CA ALA E 104 -10.83 41.81 3.16
C ALA E 104 -12.32 41.60 2.96
N LEU E 105 -12.72 41.31 1.72
CA LEU E 105 -14.13 41.09 1.39
C LEU E 105 -14.69 39.90 2.16
N GLU E 106 -13.86 38.88 2.35
CA GLU E 106 -14.25 37.68 3.06
C GLU E 106 -14.53 38.04 4.50
N THR E 107 -13.67 38.88 5.07
CA THR E 107 -13.81 39.33 6.46
C THR E 107 -15.05 40.19 6.63
N LEU E 108 -15.19 41.17 5.73
CA LEU E 108 -16.33 42.05 5.76
C LEU E 108 -17.66 41.30 5.78
N ASP E 109 -17.80 40.28 4.92
CA ASP E 109 -19.03 39.50 4.78
C ASP E 109 -19.21 38.37 5.77
N ASN E 110 -18.11 37.71 6.11
CA ASN E 110 -18.17 36.57 7.03
C ASN E 110 -17.91 36.90 8.50
N GLY E 111 -16.95 37.78 8.74
CA GLY E 111 -16.66 38.15 10.11
C GLY E 111 -15.36 37.61 10.66
N LYS E 112 -14.73 36.67 9.94
CA LYS E 112 -13.48 36.10 10.40
C LYS E 112 -12.36 37.13 10.30
N PRO E 113 -11.38 37.04 11.23
CA PRO E 113 -10.25 37.97 11.26
C PRO E 113 -9.60 38.08 9.90
N TYR E 114 -9.25 39.30 9.51
CA TYR E 114 -8.59 39.54 8.24
C TYR E 114 -7.27 38.76 8.11
N VAL E 115 -6.51 38.69 9.20
CA VAL E 115 -5.23 38.00 9.16
C VAL E 115 -5.41 36.53 8.81
N ILE E 116 -6.43 35.91 9.38
CA ILE E 116 -6.73 34.53 9.12
C ILE E 116 -7.27 34.37 7.71
N SER E 117 -8.08 35.33 7.27
CA SER E 117 -8.65 35.30 5.93
C SER E 117 -7.52 35.27 4.93
N TYR E 118 -6.53 36.12 5.16
CA TYR E 118 -5.41 36.22 4.25
C TYR E 118 -4.42 35.06 4.30
N LEU E 119 -3.92 34.77 5.51
CA LEU E 119 -2.93 33.73 5.70
C LEU E 119 -3.42 32.31 5.67
N VAL E 120 -4.68 32.10 6.04
CA VAL E 120 -5.25 30.76 6.04
C VAL E 120 -6.19 30.48 4.86
N ASP E 121 -7.38 31.08 4.89
CA ASP E 121 -8.39 30.87 3.83
C ASP E 121 -7.88 31.02 2.41
N LEU E 122 -7.35 32.19 2.08
CA LEU E 122 -6.86 32.39 0.73
C LEU E 122 -5.70 31.53 0.35
N ASP E 123 -4.82 31.28 1.31
CA ASP E 123 -3.67 30.42 1.08
C ASP E 123 -4.21 29.02 0.71
N MET E 124 -5.19 28.52 1.46
CA MET E 124 -5.77 27.22 1.21
C MET E 124 -6.56 27.15 -0.10
N VAL E 125 -7.13 28.28 -0.50
CA VAL E 125 -7.89 28.38 -1.73
C VAL E 125 -6.89 28.20 -2.87
N LEU E 126 -5.77 28.89 -2.78
CA LEU E 126 -4.76 28.80 -3.81
C LEU E 126 -4.17 27.38 -3.89
N LYS E 127 -3.90 26.79 -2.74
CA LYS E 127 -3.33 25.46 -2.72
C LYS E 127 -4.31 24.43 -3.25
N CYS E 128 -5.59 24.61 -2.95
CA CYS E 128 -6.63 23.71 -3.42
C CYS E 128 -6.76 23.75 -4.93
N LEU E 129 -6.89 24.95 -5.50
CA LEU E 129 -7.02 25.07 -6.95
C LEU E 129 -5.79 24.60 -7.70
N ARG E 130 -4.61 24.92 -7.19
CA ARG E 130 -3.38 24.47 -7.82
C ARG E 130 -3.17 22.96 -7.66
N TYR E 131 -3.70 22.38 -6.59
CA TYR E 131 -3.58 20.96 -6.40
C TYR E 131 -4.41 20.29 -7.49
N TYR E 132 -5.68 20.69 -7.60
CA TYR E 132 -6.58 20.12 -8.59
C TYR E 132 -6.22 20.39 -10.03
N ALA E 133 -5.53 21.49 -10.26
CA ALA E 133 -5.08 21.81 -11.61
C ALA E 133 -4.20 20.64 -12.06
N GLY E 134 -3.42 20.13 -11.11
CA GLY E 134 -2.51 19.03 -11.37
C GLY E 134 -3.18 17.70 -11.64
N TRP E 135 -4.40 17.50 -11.15
CA TRP E 135 -5.13 16.24 -11.34
C TRP E 135 -5.86 16.17 -12.67
N ALA E 136 -6.08 17.31 -13.29
CA ALA E 136 -6.82 17.38 -14.56
C ALA E 136 -6.48 16.35 -15.61
N ASP E 137 -5.20 16.01 -15.73
CA ASP E 137 -4.76 15.06 -16.75
C ASP E 137 -4.06 13.82 -16.19
N LYS E 138 -4.42 13.43 -14.96
CA LYS E 138 -3.79 12.28 -14.31
C LYS E 138 -4.73 11.26 -13.72
N TYR E 139 -6.04 11.44 -13.91
CA TYR E 139 -7.01 10.49 -13.36
C TYR E 139 -7.30 9.46 -14.44
N HIS E 140 -6.45 8.43 -14.50
CA HIS E 140 -6.56 7.39 -15.50
C HIS E 140 -7.67 6.37 -15.37
N GLY E 141 -8.00 5.78 -16.51
CA GLY E 141 -8.98 4.71 -16.56
C GLY E 141 -8.10 3.44 -16.55
N LYS E 142 -8.71 2.29 -16.76
CA LYS E 142 -7.93 1.07 -16.74
C LYS E 142 -8.09 0.18 -18.00
N THR E 143 -7.07 -0.66 -18.27
CA THR E 143 -7.12 -1.64 -19.36
C THR E 143 -7.21 -2.91 -18.49
N ILE E 144 -8.31 -3.64 -18.62
CA ILE E 144 -8.62 -4.81 -17.81
C ILE E 144 -8.43 -6.14 -18.51
N PRO E 145 -7.68 -7.06 -17.88
CA PRO E 145 -7.44 -8.37 -18.49
C PRO E 145 -8.59 -9.33 -18.30
N ILE E 146 -9.74 -9.04 -18.91
CA ILE E 146 -10.88 -9.92 -18.74
C ILE E 146 -10.72 -11.21 -19.52
N ASP E 147 -11.49 -12.21 -19.15
CA ASP E 147 -11.42 -13.50 -19.82
C ASP E 147 -11.89 -13.38 -21.26
N GLY E 148 -11.48 -14.34 -22.09
CA GLY E 148 -11.90 -14.35 -23.47
C GLY E 148 -11.07 -13.46 -24.39
N ASP E 149 -11.39 -13.53 -25.69
CA ASP E 149 -10.70 -12.75 -26.71
C ASP E 149 -11.31 -11.37 -26.84
N PHE E 150 -11.05 -10.56 -25.80
CA PHE E 150 -11.59 -9.20 -25.74
C PHE E 150 -10.57 -8.25 -25.21
N PHE E 151 -10.79 -6.99 -25.51
CA PHE E 151 -9.95 -5.91 -25.04
C PHE E 151 -10.94 -5.04 -24.28
N SER E 152 -10.72 -4.94 -22.98
CA SER E 152 -11.61 -4.18 -22.13
C SER E 152 -10.87 -3.04 -21.45
N TYR E 153 -11.51 -1.87 -21.41
CA TYR E 153 -10.95 -0.70 -20.78
C TYR E 153 -12.05 0.19 -20.24
N THR E 154 -11.64 1.14 -19.38
CA THR E 154 -12.58 2.05 -18.77
C THR E 154 -12.19 3.46 -19.03
N ARG E 155 -13.20 4.31 -19.21
CA ARG E 155 -12.98 5.73 -19.42
C ARG E 155 -13.61 6.41 -18.21
N HIS E 156 -12.91 7.39 -17.65
CA HIS E 156 -13.45 8.15 -16.53
C HIS E 156 -14.01 9.43 -17.13
N GLU E 157 -15.33 9.48 -17.27
CA GLU E 157 -16.01 10.61 -17.86
C GLU E 157 -16.65 11.48 -16.80
N PRO E 158 -16.87 12.79 -17.10
CA PRO E 158 -17.47 13.73 -16.15
C PRO E 158 -18.90 13.28 -15.87
N VAL E 159 -19.38 13.55 -14.66
CA VAL E 159 -20.73 13.18 -14.28
C VAL E 159 -21.78 14.06 -15.00
N GLY E 160 -21.38 15.28 -15.36
CA GLY E 160 -22.27 16.21 -16.06
C GLY E 160 -22.51 17.54 -15.33
N VAL E 161 -23.78 17.89 -15.17
CA VAL E 161 -24.17 19.12 -14.50
C VAL E 161 -24.25 18.89 -13.01
N CYS E 162 -23.32 19.50 -12.28
CA CYS E 162 -23.23 19.32 -10.84
C CYS E 162 -23.75 20.51 -10.08
N GLY E 163 -24.71 20.24 -9.22
CA GLY E 163 -25.26 21.29 -8.40
C GLY E 163 -24.46 21.33 -7.11
N GLN E 164 -23.91 22.48 -6.78
CA GLN E 164 -23.12 22.60 -5.57
C GLN E 164 -23.69 23.68 -4.63
N ILE E 165 -24.15 23.23 -3.48
CA ILE E 165 -24.72 24.11 -2.48
C ILE E 165 -23.73 24.19 -1.32
N ILE E 166 -23.19 25.40 -1.09
CA ILE E 166 -22.20 25.61 -0.06
C ILE E 166 -22.60 26.54 1.11
N PRO E 167 -22.06 26.29 2.31
CA PRO E 167 -22.34 27.07 3.53
C PRO E 167 -21.57 28.39 3.63
N TRP E 168 -21.67 29.03 4.79
CA TRP E 168 -21.04 30.33 5.02
C TRP E 168 -19.81 30.40 5.89
N ASN E 169 -19.42 29.30 6.53
CA ASN E 169 -18.28 29.36 7.44
C ASN E 169 -16.95 29.60 6.78
N PHE E 170 -16.81 29.10 5.56
CA PHE E 170 -15.60 29.26 4.77
C PHE E 170 -16.07 29.48 3.34
N PRO E 171 -16.63 30.66 3.05
CA PRO E 171 -17.14 30.99 1.72
C PRO E 171 -16.21 30.68 0.53
N LEU E 172 -14.98 31.20 0.58
CA LEU E 172 -14.04 31.00 -0.48
C LEU E 172 -13.49 29.57 -0.55
N LEU E 173 -13.09 29.03 0.59
CA LEU E 173 -12.54 27.70 0.58
C LEU E 173 -13.55 26.66 0.14
N MET E 174 -14.76 26.73 0.68
CA MET E 174 -15.77 25.78 0.29
C MET E 174 -16.01 25.86 -1.21
N GLN E 175 -15.93 27.07 -1.76
CA GLN E 175 -16.12 27.26 -3.18
C GLN E 175 -14.99 26.52 -3.92
N ALA E 176 -13.75 26.70 -3.48
CA ALA E 176 -12.60 26.06 -4.10
C ALA E 176 -12.65 24.52 -3.97
N TRP E 177 -13.05 24.03 -2.81
CA TRP E 177 -13.13 22.60 -2.59
C TRP E 177 -14.13 21.96 -3.52
N LYS E 178 -15.07 22.74 -4.01
CA LYS E 178 -16.08 22.21 -4.93
C LYS E 178 -15.68 22.37 -6.38
N LEU E 179 -15.20 23.55 -6.74
CA LEU E 179 -14.82 23.80 -8.11
C LEU E 179 -13.60 23.03 -8.53
N GLY E 180 -12.64 22.90 -7.61
CA GLY E 180 -11.40 22.18 -7.89
C GLY E 180 -11.58 20.81 -8.52
N PRO E 181 -12.17 19.86 -7.80
CA PRO E 181 -12.37 18.53 -8.36
C PRO E 181 -13.38 18.49 -9.51
N ALA E 182 -14.42 19.30 -9.40
CA ALA E 182 -15.47 19.33 -10.42
C ALA E 182 -14.93 19.75 -11.77
N LEU E 183 -14.13 20.81 -11.76
CA LEU E 183 -13.56 21.36 -12.98
C LEU E 183 -12.40 20.55 -13.51
N ALA E 184 -11.55 20.03 -12.62
CA ALA E 184 -10.43 19.19 -13.06
C ALA E 184 -10.94 17.97 -13.83
N THR E 185 -12.09 17.43 -13.42
CA THR E 185 -12.70 16.28 -14.07
C THR E 185 -13.61 16.62 -15.25
N GLY E 186 -13.73 17.91 -15.58
CA GLY E 186 -14.52 18.27 -16.76
C GLY E 186 -16.01 18.43 -16.65
N ASN E 187 -16.51 18.62 -15.44
CA ASN E 187 -17.94 18.80 -15.23
C ASN E 187 -18.31 20.26 -15.37
N VAL E 188 -19.61 20.55 -15.29
CA VAL E 188 -20.10 21.91 -15.36
C VAL E 188 -20.80 22.12 -14.03
N VAL E 189 -20.85 23.37 -13.57
CA VAL E 189 -21.40 23.64 -12.26
C VAL E 189 -22.48 24.71 -12.14
N VAL E 190 -23.44 24.45 -11.25
CA VAL E 190 -24.50 25.39 -10.93
C VAL E 190 -24.31 25.49 -9.44
N MET E 191 -23.68 26.56 -8.98
CA MET E 191 -23.42 26.72 -7.55
C MET E 191 -24.34 27.69 -6.80
N LYS E 192 -24.81 27.25 -5.63
CA LYS E 192 -25.67 28.06 -4.78
C LYS E 192 -24.89 28.41 -3.53
N VAL E 193 -24.49 29.69 -3.38
CA VAL E 193 -23.73 30.15 -2.23
C VAL E 193 -24.65 30.59 -1.11
N ALA E 194 -24.10 30.57 0.10
CA ALA E 194 -24.86 30.96 1.26
C ALA E 194 -25.35 32.41 1.21
N GLU E 195 -26.61 32.63 1.62
CA GLU E 195 -27.19 33.97 1.65
C GLU E 195 -26.43 34.90 2.56
N GLN E 196 -25.78 34.35 3.58
CA GLN E 196 -25.02 35.16 4.51
C GLN E 196 -23.68 35.62 3.95
N THR E 197 -23.13 34.85 3.03
CA THR E 197 -21.81 35.17 2.49
C THR E 197 -21.67 34.91 0.99
N PRO E 198 -22.44 35.63 0.15
CA PRO E 198 -22.37 35.44 -1.30
C PRO E 198 -21.32 36.27 -2.03
N LEU E 199 -20.87 37.36 -1.42
CA LEU E 199 -19.95 38.27 -2.06
C LEU E 199 -18.65 37.74 -2.68
N THR E 200 -17.78 37.14 -1.89
CA THR E 200 -16.50 36.64 -2.42
C THR E 200 -16.67 35.61 -3.55
N ALA E 201 -17.60 34.70 -3.37
CA ALA E 201 -17.85 33.70 -4.40
C ALA E 201 -18.22 34.37 -5.72
N LEU E 202 -19.04 35.40 -5.67
CA LEU E 202 -19.46 36.10 -6.87
C LEU E 202 -18.28 36.80 -7.51
N TYR E 203 -17.37 37.33 -6.68
CA TYR E 203 -16.22 38.03 -7.26
C TYR E 203 -15.37 37.02 -8.00
N VAL E 204 -15.19 35.85 -7.40
CA VAL E 204 -14.43 34.77 -8.03
C VAL E 204 -15.09 34.36 -9.38
N ALA E 205 -16.41 34.43 -9.47
CA ALA E 205 -17.08 34.10 -10.74
C ALA E 205 -16.56 35.05 -11.81
N ASN E 206 -16.25 36.28 -11.40
CA ASN E 206 -15.73 37.26 -12.34
C ASN E 206 -14.32 36.88 -12.78
N LEU E 207 -13.55 36.31 -11.86
CA LEU E 207 -12.20 35.88 -12.16
C LEU E 207 -12.22 34.61 -13.04
N ILE E 208 -13.27 33.79 -12.88
CA ILE E 208 -13.43 32.58 -13.67
C ILE E 208 -13.63 33.01 -15.12
N LYS E 209 -14.34 34.11 -15.31
CA LYS E 209 -14.57 34.64 -16.66
C LYS E 209 -13.25 35.19 -17.23
N GLU E 210 -12.55 35.96 -16.41
CA GLU E 210 -11.27 36.54 -16.81
C GLU E 210 -10.24 35.43 -17.09
N ALA E 211 -10.34 34.31 -16.40
CA ALA E 211 -9.41 33.21 -16.59
C ALA E 211 -9.59 32.50 -17.94
N GLY E 212 -10.76 32.61 -18.53
CA GLY E 212 -10.98 32.01 -19.82
C GLY E 212 -11.89 30.82 -19.88
N PHE E 213 -12.50 30.44 -18.76
CA PHE E 213 -13.40 29.32 -18.75
C PHE E 213 -14.56 29.59 -19.69
N PRO E 214 -14.94 28.60 -20.49
CA PRO E 214 -16.06 28.80 -21.43
C PRO E 214 -17.36 29.17 -20.72
N PRO E 215 -18.24 29.88 -21.40
CA PRO E 215 -19.54 30.30 -20.86
C PRO E 215 -20.36 29.09 -20.44
N GLY E 216 -20.96 29.14 -19.26
CA GLY E 216 -21.76 28.03 -18.80
C GLY E 216 -21.04 26.98 -17.95
N VAL E 217 -19.72 26.95 -17.99
CA VAL E 217 -18.99 25.95 -17.23
C VAL E 217 -19.17 26.15 -15.73
N VAL E 218 -19.26 27.39 -15.30
CA VAL E 218 -19.51 27.72 -13.89
C VAL E 218 -20.63 28.74 -13.83
N ASN E 219 -21.69 28.42 -13.10
CA ASN E 219 -22.81 29.34 -12.91
C ASN E 219 -23.11 29.46 -11.40
N ILE E 220 -23.15 30.67 -10.89
CA ILE E 220 -23.45 30.87 -9.48
C ILE E 220 -24.78 31.57 -9.31
N VAL E 221 -25.65 31.00 -8.51
CA VAL E 221 -26.96 31.59 -8.28
C VAL E 221 -27.11 31.89 -6.80
N PRO E 222 -26.89 33.16 -6.39
CA PRO E 222 -27.05 33.50 -4.97
C PRO E 222 -28.55 33.53 -4.66
N GLY E 223 -28.91 33.25 -3.42
CA GLY E 223 -30.31 33.25 -3.06
C GLY E 223 -30.51 32.42 -1.83
N PHE E 224 -31.77 32.18 -1.48
CA PHE E 224 -32.09 31.40 -0.28
C PHE E 224 -32.08 29.89 -0.52
N GLY E 225 -32.06 29.14 0.58
CA GLY E 225 -32.04 27.69 0.53
C GLY E 225 -33.30 27.02 0.04
N PRO E 226 -34.44 27.23 0.71
CA PRO E 226 -35.72 26.63 0.33
C PRO E 226 -36.15 26.98 -1.10
N THR E 227 -35.53 28.03 -1.65
CA THR E 227 -35.86 28.45 -3.00
C THR E 227 -34.84 27.97 -4.02
N ALA E 228 -33.70 28.65 -4.08
CA ALA E 228 -32.62 28.32 -5.03
C ALA E 228 -32.01 26.95 -4.80
N GLY E 229 -31.67 26.68 -3.54
CA GLY E 229 -31.09 25.39 -3.18
C GLY E 229 -31.98 24.21 -3.50
N ALA E 230 -33.24 24.32 -3.12
CA ALA E 230 -34.19 23.24 -3.37
C ALA E 230 -34.40 23.03 -4.87
N ALA E 231 -34.32 24.11 -5.63
CA ALA E 231 -34.50 24.04 -7.08
C ALA E 231 -33.43 23.15 -7.70
N ILE E 232 -32.20 23.33 -7.25
CA ILE E 232 -31.05 22.57 -7.72
C ILE E 232 -31.18 21.10 -7.35
N ALA E 233 -31.48 20.83 -6.09
CA ALA E 233 -31.59 19.44 -5.65
C ALA E 233 -32.69 18.67 -6.33
N SER E 234 -33.74 19.38 -6.74
CA SER E 234 -34.91 18.74 -7.35
C SER E 234 -34.94 18.79 -8.87
N HIS E 235 -34.01 19.50 -9.45
CA HIS E 235 -33.99 19.64 -10.89
C HIS E 235 -33.80 18.32 -11.62
N GLU E 236 -34.58 18.17 -12.68
CA GLU E 236 -34.56 16.96 -13.47
C GLU E 236 -33.33 16.80 -14.37
N ASP E 237 -32.64 17.92 -14.65
CA ASP E 237 -31.45 17.87 -15.50
C ASP E 237 -30.10 18.01 -14.78
N VAL E 238 -30.12 17.99 -13.45
CA VAL E 238 -28.89 18.06 -12.66
C VAL E 238 -28.46 16.60 -12.38
N ASP E 239 -27.25 16.24 -12.80
CA ASP E 239 -26.76 14.87 -12.61
C ASP E 239 -26.22 14.59 -11.21
N LYS E 240 -25.77 15.64 -10.53
CA LYS E 240 -25.23 15.44 -9.21
C LYS E 240 -25.36 16.66 -8.33
N VAL E 241 -25.64 16.44 -7.06
CA VAL E 241 -25.74 17.54 -6.13
C VAL E 241 -24.80 17.26 -4.97
N ALA E 242 -23.94 18.21 -4.67
CA ALA E 242 -23.01 18.11 -3.57
C ALA E 242 -23.45 19.16 -2.56
N PHE E 243 -23.76 18.74 -1.35
CA PHE E 243 -24.23 19.66 -0.33
C PHE E 243 -23.37 19.63 0.93
N THR E 244 -23.15 20.80 1.50
CA THR E 244 -22.36 20.93 2.72
C THR E 244 -23.13 21.83 3.67
N GLY E 245 -23.57 21.29 4.81
CA GLY E 245 -24.31 22.11 5.75
C GLY E 245 -24.89 21.30 6.90
N SER E 246 -26.07 21.70 7.37
CA SER E 246 -26.74 21.00 8.48
C SER E 246 -27.26 19.62 8.08
N THR E 247 -27.31 18.71 9.06
CA THR E 247 -27.81 17.35 8.82
C THR E 247 -29.29 17.42 8.46
N GLU E 248 -29.96 18.39 9.05
CA GLU E 248 -31.38 18.66 8.84
C GLU E 248 -31.69 18.88 7.34
N ILE E 249 -30.94 19.80 6.72
CA ILE E 249 -31.11 20.09 5.31
C ILE E 249 -30.57 18.96 4.44
N GLY E 250 -29.51 18.30 4.93
CA GLY E 250 -28.89 17.20 4.21
C GLY E 250 -29.88 16.08 3.90
N ARG E 251 -30.87 15.88 4.77
CA ARG E 251 -31.88 14.86 4.56
C ARG E 251 -32.87 15.33 3.49
N VAL E 252 -33.15 16.63 3.50
CA VAL E 252 -34.06 17.22 2.53
C VAL E 252 -33.50 17.01 1.12
N ILE E 253 -32.20 17.29 0.97
CA ILE E 253 -31.50 17.15 -0.29
C ILE E 253 -31.57 15.71 -0.84
N GLN E 254 -31.27 14.74 0.04
CA GLN E 254 -31.28 13.32 -0.31
C GLN E 254 -32.66 12.87 -0.78
N VAL E 255 -33.70 13.34 -0.10
CA VAL E 255 -35.07 13.00 -0.45
C VAL E 255 -35.45 13.62 -1.78
N ALA E 256 -35.10 14.89 -1.97
CA ALA E 256 -35.40 15.63 -3.20
C ALA E 256 -34.74 14.96 -4.41
N ALA E 257 -33.59 14.33 -4.18
CA ALA E 257 -32.85 13.66 -5.22
C ALA E 257 -33.51 12.34 -5.63
N GLY E 258 -34.01 11.60 -4.63
CA GLY E 258 -34.67 10.34 -4.90
C GLY E 258 -36.04 10.55 -5.50
N SER E 259 -36.63 11.71 -5.20
CA SER E 259 -37.96 12.06 -5.71
C SER E 259 -37.89 12.58 -7.14
N SER E 260 -36.70 13.01 -7.56
CA SER E 260 -36.53 13.55 -8.90
C SER E 260 -35.94 12.60 -9.95
N ASN E 261 -34.63 12.70 -10.21
CA ASN E 261 -33.98 11.89 -11.23
C ASN E 261 -32.92 10.89 -10.76
N LEU E 262 -32.93 10.56 -9.48
CA LEU E 262 -31.94 9.63 -8.91
C LEU E 262 -30.50 10.12 -9.11
N LYS E 263 -30.36 11.44 -9.07
CA LYS E 263 -29.07 12.10 -9.22
C LYS E 263 -28.14 11.66 -8.08
N ARG E 264 -26.84 11.75 -8.28
CA ARG E 264 -25.91 11.37 -7.24
C ARG E 264 -25.89 12.43 -6.16
N VAL E 265 -25.68 11.99 -4.91
CA VAL E 265 -25.67 12.88 -3.78
C VAL E 265 -24.53 12.63 -2.80
N THR E 266 -23.81 13.69 -2.48
CA THR E 266 -22.75 13.61 -1.49
C THR E 266 -23.10 14.67 -0.45
N LEU E 267 -23.06 14.27 0.82
CA LEU E 267 -23.38 15.19 1.91
C LEU E 267 -22.21 15.38 2.86
N GLU E 268 -21.95 16.65 3.16
CA GLU E 268 -20.86 17.01 4.06
C GLU E 268 -21.55 17.73 5.25
N LEU E 269 -22.04 16.86 6.17
CA LEU E 269 -22.75 17.34 7.37
C LEU E 269 -21.82 17.64 8.54
N GLY E 270 -22.37 18.27 9.56
CA GLY E 270 -21.58 18.67 10.70
C GLY E 270 -21.13 17.54 11.60
N GLY E 271 -20.79 17.89 12.84
CA GLY E 271 -20.36 16.89 13.80
C GLY E 271 -20.27 17.36 15.25
N LYS E 272 -19.89 16.44 16.12
CA LYS E 272 -19.70 16.71 17.54
C LYS E 272 -18.37 16.00 17.80
N SER E 273 -17.37 16.39 17.03
CA SER E 273 -16.04 15.81 17.05
C SER E 273 -15.32 15.75 18.37
N PRO E 274 -14.89 14.55 18.78
CA PRO E 274 -14.18 14.34 20.05
C PRO E 274 -12.70 14.60 19.95
N ASN E 275 -12.18 15.31 20.94
CA ASN E 275 -10.76 15.61 21.02
C ASN E 275 -10.31 14.94 22.30
N ILE E 276 -9.66 13.78 22.17
CA ILE E 276 -9.17 13.03 23.32
C ILE E 276 -7.74 13.34 23.78
N ILE E 277 -7.64 13.79 25.03
CA ILE E 277 -6.35 14.15 25.61
C ILE E 277 -5.95 13.12 26.64
N MET E 278 -4.95 12.32 26.32
CA MET E 278 -4.45 11.31 27.25
C MET E 278 -3.53 11.96 28.31
N SER E 279 -3.37 11.27 29.43
CA SER E 279 -2.55 11.74 30.54
C SER E 279 -1.08 12.02 30.19
N ASP E 280 -0.53 11.28 29.24
CA ASP E 280 0.88 11.46 28.84
C ASP E 280 1.11 12.49 27.72
N ALA E 281 0.05 13.18 27.32
CA ALA E 281 0.16 14.20 26.29
C ALA E 281 1.02 15.38 26.72
N ASP E 282 1.54 16.13 25.75
CA ASP E 282 2.32 17.31 26.05
C ASP E 282 1.26 18.35 26.44
N MET E 283 1.20 18.66 27.73
CA MET E 283 0.23 19.62 28.25
C MET E 283 0.15 20.94 27.50
N ASP E 284 1.29 21.62 27.35
CA ASP E 284 1.28 22.91 26.64
C ASP E 284 0.67 22.82 25.28
N TRP E 285 1.11 21.82 24.51
CA TRP E 285 0.65 21.63 23.15
C TRP E 285 -0.84 21.24 23.12
N ALA E 286 -1.22 20.31 23.98
CA ALA E 286 -2.60 19.83 24.03
C ALA E 286 -3.59 20.93 24.35
N VAL E 287 -3.23 21.81 25.29
CA VAL E 287 -4.11 22.91 25.68
C VAL E 287 -4.25 23.94 24.57
N GLU E 288 -3.13 24.27 23.92
CA GLU E 288 -3.16 25.24 22.83
C GLU E 288 -3.93 24.66 21.63
N GLN E 289 -3.73 23.38 21.36
CA GLN E 289 -4.41 22.71 20.26
C GLN E 289 -5.90 22.47 20.52
N ALA E 290 -6.24 22.09 21.76
CA ALA E 290 -7.65 21.89 22.10
C ALA E 290 -8.40 23.21 22.03
N HIS E 291 -7.71 24.31 22.27
CA HIS E 291 -8.31 25.62 22.22
C HIS E 291 -8.56 26.00 20.75
N PHE E 292 -7.57 25.74 19.92
CA PHE E 292 -7.67 26.00 18.49
C PHE E 292 -8.74 25.08 17.90
N ALA E 293 -8.73 23.84 18.37
CA ALA E 293 -9.65 22.81 17.91
C ALA E 293 -11.10 23.25 17.97
N LEU E 294 -11.42 24.02 19.00
CA LEU E 294 -12.78 24.48 19.18
C LEU E 294 -13.05 25.90 18.73
N PHE E 295 -12.23 26.84 19.21
CA PHE E 295 -12.45 28.24 18.90
C PHE E 295 -12.16 28.74 17.50
N PHE E 296 -11.42 27.95 16.72
CA PHE E 296 -11.07 28.35 15.36
C PHE E 296 -12.31 28.77 14.59
N ASN E 297 -12.18 29.87 13.85
CA ASN E 297 -13.27 30.45 13.03
C ASN E 297 -14.54 30.69 13.83
N GLN E 298 -14.37 31.24 15.02
CA GLN E 298 -15.53 31.54 15.88
C GLN E 298 -16.30 30.29 16.23
N GLY E 299 -15.64 29.13 16.19
CA GLY E 299 -16.28 27.87 16.51
C GLY E 299 -17.15 27.37 15.36
N GLN E 300 -17.21 28.18 14.30
CA GLN E 300 -18.01 27.88 13.12
C GLN E 300 -17.24 26.97 12.19
N CYS E 301 -17.03 25.75 12.65
CA CYS E 301 -16.27 24.78 11.90
C CYS E 301 -16.96 23.43 12.00
N CYS E 302 -17.19 22.80 10.86
CA CYS E 302 -17.88 21.52 10.82
C CYS E 302 -17.27 20.44 11.71
N CYS E 303 -15.95 20.42 11.80
CA CYS E 303 -15.28 19.41 12.59
C CYS E 303 -14.64 19.95 13.84
N ALA E 304 -15.22 21.01 14.39
CA ALA E 304 -14.72 21.61 15.62
C ALA E 304 -14.69 20.58 16.75
N GLY E 305 -13.64 20.65 17.58
CA GLY E 305 -13.50 19.71 18.70
C GLY E 305 -14.37 20.16 19.85
N SER E 306 -15.67 19.94 19.69
CA SER E 306 -16.66 20.37 20.66
C SER E 306 -16.87 19.41 21.84
N ARG E 307 -16.07 18.36 21.87
CA ARG E 307 -16.12 17.39 22.96
C ARG E 307 -14.69 17.10 23.35
N THR E 308 -14.17 17.88 24.28
CA THR E 308 -12.79 17.68 24.72
C THR E 308 -12.74 16.70 25.89
N PHE E 309 -12.37 15.46 25.61
CA PHE E 309 -12.26 14.45 26.64
C PHE E 309 -10.87 14.52 27.24
N VAL E 310 -10.79 14.71 28.55
CA VAL E 310 -9.52 14.81 29.26
C VAL E 310 -9.42 13.76 30.34
N GLN E 311 -8.33 13.00 30.34
CA GLN E 311 -8.12 11.96 31.34
C GLN E 311 -8.03 12.58 32.76
N GLU E 312 -8.66 11.93 33.72
CA GLU E 312 -8.71 12.44 35.10
C GLU E 312 -7.44 12.96 35.78
N ASP E 313 -6.33 12.28 35.55
CA ASP E 313 -5.07 12.68 36.16
C ASP E 313 -4.62 14.10 35.78
N ILE E 314 -4.99 14.53 34.58
CA ILE E 314 -4.62 15.87 34.11
C ILE E 314 -5.78 16.85 33.95
N TYR E 315 -6.98 16.37 34.26
CA TYR E 315 -8.20 17.18 34.15
C TYR E 315 -8.13 18.57 34.76
N ASP E 316 -7.90 18.63 36.07
CA ASP E 316 -7.84 19.91 36.78
C ASP E 316 -6.85 20.89 36.16
N GLU E 317 -5.61 20.45 35.89
CA GLU E 317 -4.59 21.33 35.30
C GLU E 317 -4.99 21.76 33.88
N PHE E 318 -5.48 20.81 33.09
CA PHE E 318 -5.90 21.09 31.72
C PHE E 318 -7.00 22.15 31.72
N VAL E 319 -8.08 21.89 32.47
CA VAL E 319 -9.21 22.80 32.59
C VAL E 319 -8.74 24.21 32.97
N GLU E 320 -7.84 24.27 33.94
CA GLU E 320 -7.31 25.53 34.42
C GLU E 320 -6.68 26.33 33.31
N ARG E 321 -5.78 25.68 32.57
CA ARG E 321 -5.07 26.30 31.44
C ARG E 321 -6.02 26.69 30.30
N SER E 322 -7.02 25.85 30.04
CA SER E 322 -7.99 26.09 29.00
C SER E 322 -8.79 27.34 29.31
N VAL E 323 -9.22 27.46 30.57
CA VAL E 323 -9.99 28.61 31.02
C VAL E 323 -9.18 29.89 30.87
N ALA E 324 -7.91 29.83 31.27
CA ALA E 324 -7.03 30.98 31.18
C ALA E 324 -6.82 31.38 29.73
N ARG E 325 -6.71 30.40 28.86
CA ARG E 325 -6.52 30.65 27.43
C ARG E 325 -7.79 31.27 26.82
N ALA E 326 -8.95 30.78 27.25
CA ALA E 326 -10.21 31.31 26.73
C ALA E 326 -10.39 32.76 27.14
N LYS E 327 -10.08 33.07 28.40
CA LYS E 327 -10.21 34.42 28.92
C LYS E 327 -9.27 35.40 28.23
N SER E 328 -8.11 34.92 27.81
CA SER E 328 -7.14 35.74 27.13
C SER E 328 -7.40 35.92 25.63
N ARG E 329 -8.37 35.17 25.10
CA ARG E 329 -8.69 35.24 23.67
C ARG E 329 -9.31 36.59 23.34
N VAL E 330 -8.59 37.38 22.55
CA VAL E 330 -9.03 38.72 22.15
C VAL E 330 -10.21 38.70 21.17
N VAL E 331 -11.35 39.25 21.59
CA VAL E 331 -12.53 39.33 20.72
C VAL E 331 -12.70 40.79 20.30
N GLY E 332 -13.03 41.04 19.03
CA GLY E 332 -13.20 42.40 18.55
C GLY E 332 -13.30 42.58 17.04
N ASN E 333 -12.91 43.76 16.57
CA ASN E 333 -12.95 44.11 15.15
C ASN E 333 -12.04 43.14 14.39
N PRO E 334 -12.61 42.39 13.45
CA PRO E 334 -11.84 41.43 12.66
C PRO E 334 -10.70 42.04 11.85
N PHE E 335 -10.79 43.33 11.56
CA PHE E 335 -9.74 43.99 10.79
C PHE E 335 -8.56 44.44 11.64
N ASP E 336 -8.69 44.29 12.94
CA ASP E 336 -7.64 44.63 13.88
C ASP E 336 -6.69 43.44 13.99
N SER E 337 -5.39 43.68 13.82
CA SER E 337 -4.40 42.59 13.87
C SER E 337 -4.37 41.82 15.18
N LYS E 338 -4.78 42.44 16.27
CA LYS E 338 -4.78 41.77 17.57
C LYS E 338 -5.97 40.85 17.80
N THR E 339 -7.01 41.03 16.98
CA THR E 339 -8.23 40.22 17.12
C THR E 339 -8.02 38.75 16.75
N GLU E 340 -8.43 37.89 17.67
CA GLU E 340 -8.32 36.45 17.47
C GLU E 340 -9.68 35.88 17.08
N GLN E 341 -10.74 36.48 17.60
CA GLN E 341 -12.11 36.04 17.34
C GLN E 341 -13.04 37.15 16.92
N GLY E 342 -13.62 37.01 15.73
CA GLY E 342 -14.56 38.00 15.23
C GLY E 342 -15.98 37.68 15.67
N PRO E 343 -16.99 38.23 15.01
CA PRO E 343 -18.37 37.95 15.39
C PRO E 343 -18.88 36.65 14.76
N GLN E 344 -20.05 36.20 15.18
CA GLN E 344 -20.67 35.02 14.58
C GLN E 344 -21.28 35.52 13.25
N VAL E 345 -21.49 34.63 12.31
CA VAL E 345 -22.01 34.99 10.98
C VAL E 345 -23.24 35.91 10.92
N ASP E 346 -24.26 35.61 11.70
CA ASP E 346 -25.45 36.42 11.67
C ASP E 346 -26.21 36.38 12.99
N GLU E 347 -27.33 37.10 13.03
CA GLU E 347 -28.16 37.18 14.21
C GLU E 347 -28.73 35.82 14.59
N THR E 348 -29.25 35.08 13.61
CA THR E 348 -29.83 33.76 13.86
C THR E 348 -28.85 32.85 14.62
N GLN E 349 -27.61 32.80 14.16
CA GLN E 349 -26.60 31.98 14.82
C GLN E 349 -26.25 32.54 16.21
N PHE E 350 -26.25 33.86 16.30
CA PHE E 350 -25.96 34.58 17.54
C PHE E 350 -26.88 34.13 18.65
N LYS E 351 -28.16 34.10 18.35
CA LYS E 351 -29.17 33.68 19.29
C LYS E 351 -29.12 32.19 19.57
N LYS E 352 -28.95 31.38 18.53
CA LYS E 352 -28.91 29.93 18.68
C LYS E 352 -27.79 29.53 19.66
N ILE E 353 -26.68 30.24 19.57
CA ILE E 353 -25.54 29.97 20.43
C ILE E 353 -25.90 30.39 21.85
N LEU E 354 -26.40 31.60 22.04
CA LEU E 354 -26.78 32.04 23.39
C LEU E 354 -27.79 31.08 23.99
N GLY E 355 -28.65 30.49 23.13
CA GLY E 355 -29.63 29.54 23.58
C GLY E 355 -28.96 28.30 24.11
N TYR E 356 -27.93 27.82 23.41
CA TYR E 356 -27.19 26.64 23.83
C TYR E 356 -26.43 26.90 25.14
N ILE E 357 -25.90 28.11 25.30
CA ILE E 357 -25.18 28.47 26.51
C ILE E 357 -26.12 28.40 27.71
N ASN E 358 -27.32 28.95 27.52
CA ASN E 358 -28.33 28.93 28.56
C ASN E 358 -28.68 27.48 28.88
N THR E 359 -28.95 26.69 27.83
CA THR E 359 -29.28 25.28 28.01
C THR E 359 -28.20 24.53 28.78
N GLY E 360 -26.95 24.97 28.60
CA GLY E 360 -25.82 24.37 29.27
C GLY E 360 -25.86 24.59 30.77
N LYS E 361 -26.11 25.83 31.17
CA LYS E 361 -26.19 26.16 32.58
C LYS E 361 -27.36 25.42 33.24
N GLN E 362 -28.48 25.39 32.53
CA GLN E 362 -29.71 24.75 32.97
C GLN E 362 -29.57 23.26 33.27
N GLU E 363 -28.79 22.54 32.45
CA GLU E 363 -28.66 21.11 32.70
C GLU E 363 -27.56 20.66 33.64
N GLY E 364 -26.88 21.60 34.29
CA GLY E 364 -25.87 21.23 35.26
C GLY E 364 -24.41 21.36 34.91
N ALA E 365 -24.10 21.79 33.69
CA ALA E 365 -22.72 21.94 33.30
C ALA E 365 -22.17 23.16 34.03
N LYS E 366 -20.92 23.05 34.48
CA LYS E 366 -20.27 24.12 35.21
C LYS E 366 -19.67 25.19 34.31
N LEU E 367 -20.27 26.39 34.30
CA LEU E 367 -19.76 27.49 33.49
C LEU E 367 -18.48 28.03 34.12
N LEU E 368 -17.36 27.88 33.41
CA LEU E 368 -16.07 28.32 33.91
C LEU E 368 -15.64 29.71 33.46
N CYS E 369 -16.22 30.21 32.38
CA CYS E 369 -15.91 31.53 31.86
C CYS E 369 -16.83 31.96 30.71
N GLY E 370 -16.90 33.27 30.48
CA GLY E 370 -17.76 33.80 29.43
C GLY E 370 -19.22 33.45 29.65
N GLY E 371 -19.94 33.19 28.57
CA GLY E 371 -21.36 32.83 28.68
C GLY E 371 -22.31 33.93 28.25
N GLY E 372 -21.76 35.09 27.90
CA GLY E 372 -22.61 36.18 27.47
C GLY E 372 -22.12 36.96 26.26
N ILE E 373 -22.85 38.03 25.96
CA ILE E 373 -22.52 38.89 24.83
C ILE E 373 -21.20 39.61 25.09
N ALA E 374 -20.35 39.69 24.08
CA ALA E 374 -19.06 40.34 24.24
C ALA E 374 -19.01 41.80 23.75
N ALA E 375 -20.11 42.28 23.18
CA ALA E 375 -20.19 43.65 22.68
C ALA E 375 -21.63 44.01 22.33
N ASP E 376 -21.96 45.30 22.42
CA ASP E 376 -23.32 45.76 22.11
C ASP E 376 -23.60 45.85 20.60
N ARG E 377 -22.53 46.00 19.84
CA ARG E 377 -22.62 46.10 18.39
C ARG E 377 -22.00 44.85 17.75
N GLY E 378 -22.70 44.28 16.77
CA GLY E 378 -22.20 43.09 16.11
C GLY E 378 -22.60 41.84 16.85
N TYR E 379 -22.36 40.68 16.24
CA TYR E 379 -22.76 39.42 16.83
C TYR E 379 -21.62 38.77 17.62
N PHE E 380 -21.04 39.51 18.55
CA PHE E 380 -19.92 38.97 19.34
C PHE E 380 -20.31 38.20 20.57
N ILE E 381 -19.68 37.05 20.76
CA ILE E 381 -19.94 36.21 21.92
C ILE E 381 -18.64 35.94 22.65
N GLN E 382 -18.70 35.89 23.97
CA GLN E 382 -17.52 35.65 24.79
C GLN E 382 -17.07 34.21 24.72
N PRO E 383 -15.77 33.96 24.66
CA PRO E 383 -15.25 32.59 24.61
C PRO E 383 -15.77 31.89 25.87
N THR E 384 -16.61 30.89 25.69
CA THR E 384 -17.21 30.19 26.79
C THR E 384 -16.69 28.80 26.94
N VAL E 385 -16.51 28.38 28.20
CA VAL E 385 -16.00 27.08 28.55
C VAL E 385 -16.84 26.40 29.64
N PHE E 386 -17.31 25.19 29.37
CA PHE E 386 -18.12 24.44 30.32
C PHE E 386 -17.32 23.25 30.81
N GLY E 387 -17.33 23.05 32.14
CA GLY E 387 -16.61 21.96 32.75
C GLY E 387 -17.54 20.88 33.23
N ASP E 388 -16.98 19.71 33.56
CA ASP E 388 -17.77 18.59 34.06
C ASP E 388 -19.01 18.29 33.19
N VAL E 389 -18.85 18.34 31.88
CA VAL E 389 -19.95 18.03 30.98
C VAL E 389 -20.21 16.51 30.98
N GLN E 390 -21.46 16.12 30.78
CA GLN E 390 -21.83 14.71 30.73
C GLN E 390 -22.37 14.36 29.36
N ASP E 391 -22.17 13.11 28.95
CA ASP E 391 -22.60 12.63 27.65
C ASP E 391 -24.08 12.92 27.37
N GLY E 392 -24.91 12.80 28.40
CA GLY E 392 -26.34 13.01 28.24
C GLY E 392 -26.81 14.44 28.05
N MET E 393 -25.97 15.40 28.42
CA MET E 393 -26.35 16.80 28.28
C MET E 393 -26.54 17.21 26.81
N THR E 394 -27.39 18.21 26.58
CA THR E 394 -27.65 18.74 25.24
C THR E 394 -26.39 19.34 24.61
N ILE E 395 -25.66 20.16 25.36
CA ILE E 395 -24.45 20.77 24.84
C ILE E 395 -23.35 19.78 24.51
N ALA E 396 -23.57 18.52 24.87
CA ALA E 396 -22.61 17.48 24.57
C ALA E 396 -23.11 16.56 23.45
N LYS E 397 -24.29 16.86 22.91
CA LYS E 397 -24.86 16.05 21.86
C LYS E 397 -25.16 16.85 20.60
N GLU E 398 -25.58 18.09 20.77
CA GLU E 398 -25.91 18.92 19.64
C GLU E 398 -24.83 19.92 19.24
N GLU E 399 -24.65 20.06 17.92
CA GLU E 399 -23.65 20.96 17.37
C GLU E 399 -24.03 22.43 17.58
N ILE E 400 -23.26 23.09 18.44
CA ILE E 400 -23.46 24.50 18.78
C ILE E 400 -22.97 25.47 17.68
N PHE E 401 -21.80 25.16 17.10
CA PHE E 401 -21.21 25.97 16.02
C PHE E 401 -20.85 27.36 16.51
N GLY E 402 -20.40 27.43 17.75
CA GLY E 402 -20.03 28.70 18.35
C GLY E 402 -18.85 28.53 19.28
N PRO E 403 -18.28 29.63 19.83
CA PRO E 403 -17.14 29.59 20.74
C PRO E 403 -17.51 29.07 22.12
N VAL E 404 -18.01 27.84 22.15
CA VAL E 404 -18.44 27.22 23.37
C VAL E 404 -17.75 25.85 23.54
N MET E 405 -16.80 25.79 24.47
CA MET E 405 -16.04 24.58 24.74
C MET E 405 -16.65 23.66 25.80
N GLN E 406 -16.71 22.36 25.52
CA GLN E 406 -17.22 21.41 26.48
C GLN E 406 -16.05 20.50 26.90
N ILE E 407 -15.78 20.45 28.21
CA ILE E 407 -14.69 19.62 28.70
C ILE E 407 -15.24 18.45 29.51
N LEU E 408 -15.00 17.23 29.03
CA LEU E 408 -15.45 16.02 29.70
C LEU E 408 -14.30 15.26 30.36
N LYS E 409 -14.63 14.46 31.36
CA LYS E 409 -13.61 13.71 32.07
C LYS E 409 -13.77 12.22 31.81
N PHE E 410 -12.66 11.51 31.72
CA PHE E 410 -12.68 10.07 31.50
C PHE E 410 -11.54 9.41 32.22
N LYS E 411 -11.68 8.11 32.45
CA LYS E 411 -10.67 7.34 33.15
C LYS E 411 -9.82 6.44 32.26
N THR E 412 -10.44 5.49 31.57
CA THR E 412 -9.69 4.56 30.73
C THR E 412 -9.80 4.81 29.24
N ILE E 413 -8.83 4.27 28.50
CA ILE E 413 -8.76 4.40 27.07
C ILE E 413 -9.91 3.60 26.41
N GLU E 414 -10.32 2.51 27.05
CA GLU E 414 -11.42 1.69 26.54
C GLU E 414 -12.75 2.45 26.71
N GLU E 415 -12.83 3.19 27.81
CA GLU E 415 -14.01 3.98 28.14
C GLU E 415 -14.24 5.10 27.14
N VAL E 416 -13.20 5.90 26.93
CA VAL E 416 -13.26 7.04 26.04
C VAL E 416 -13.60 6.67 24.59
N VAL E 417 -13.13 5.51 24.13
CA VAL E 417 -13.43 5.07 22.78
C VAL E 417 -14.95 4.94 22.60
N GLY E 418 -15.57 4.22 23.52
CA GLY E 418 -17.01 4.04 23.47
C GLY E 418 -17.77 5.35 23.57
N ARG E 419 -17.34 6.25 24.46
CA ARG E 419 -18.01 7.53 24.62
C ARG E 419 -17.83 8.42 23.40
N ALA E 420 -16.62 8.45 22.85
CA ALA E 420 -16.34 9.25 21.67
C ALA E 420 -17.14 8.77 20.48
N ASN E 421 -17.23 7.46 20.32
CA ASN E 421 -17.97 6.85 19.23
C ASN E 421 -19.48 6.92 19.41
N ASN E 422 -19.94 7.01 20.65
CA ASN E 422 -21.38 7.08 20.92
C ASN E 422 -21.91 8.45 20.51
N SER E 423 -22.15 8.59 19.20
CA SER E 423 -22.63 9.82 18.61
C SER E 423 -23.21 9.50 17.23
N THR E 424 -24.10 10.37 16.77
CA THR E 424 -24.72 10.23 15.44
C THR E 424 -23.73 10.74 14.39
N TYR E 425 -22.78 11.55 14.84
CA TYR E 425 -21.75 12.15 13.98
C TYR E 425 -20.46 11.34 13.95
N GLY E 426 -19.62 11.64 12.96
CA GLY E 426 -18.35 10.95 12.81
C GLY E 426 -17.49 11.63 11.76
N LEU E 427 -17.48 12.95 11.79
CA LEU E 427 -16.70 13.71 10.83
C LEU E 427 -15.20 13.67 11.11
N ALA E 428 -14.83 13.92 12.36
CA ALA E 428 -13.44 13.93 12.76
C ALA E 428 -13.28 13.58 14.23
N ALA E 429 -12.02 13.45 14.63
CA ALA E 429 -11.63 13.16 16.01
C ALA E 429 -10.14 13.42 16.14
N ALA E 430 -9.66 13.50 17.38
CA ALA E 430 -8.23 13.72 17.64
C ALA E 430 -7.77 13.04 18.91
N VAL E 431 -6.50 12.69 18.93
CA VAL E 431 -5.88 12.03 20.07
C VAL E 431 -4.56 12.73 20.36
N PHE E 432 -4.35 13.09 21.64
CA PHE E 432 -3.11 13.70 22.07
C PHE E 432 -2.46 12.70 23.00
N THR E 433 -1.28 12.22 22.61
CA THR E 433 -0.57 11.21 23.39
C THR E 433 0.85 11.10 22.88
N LYS E 434 1.74 10.58 23.71
CA LYS E 434 3.13 10.44 23.32
C LYS E 434 3.38 8.97 23.06
N ASP E 435 2.44 8.15 23.52
CA ASP E 435 2.54 6.71 23.37
C ASP E 435 2.14 6.18 21.99
N LEU E 436 3.02 5.41 21.37
CA LEU E 436 2.82 4.81 20.05
C LEU E 436 1.57 3.91 20.02
N ASP E 437 1.52 2.94 20.94
CA ASP E 437 0.41 2.01 21.00
C ASP E 437 -0.94 2.68 21.24
N LYS E 438 -0.98 3.71 22.08
CA LYS E 438 -2.23 4.42 22.36
C LYS E 438 -2.74 5.16 21.11
N ALA E 439 -1.82 5.82 20.42
CA ALA E 439 -2.16 6.55 19.20
C ALA E 439 -2.73 5.60 18.13
N ASN E 440 -2.09 4.47 17.92
CA ASN E 440 -2.56 3.52 16.92
C ASN E 440 -3.87 2.88 17.32
N TYR E 441 -4.01 2.57 18.59
CA TYR E 441 -5.21 1.94 19.08
C TYR E 441 -6.39 2.89 18.89
N LEU E 442 -6.22 4.13 19.30
CA LEU E 442 -7.29 5.11 19.19
C LEU E 442 -7.62 5.49 17.76
N SER E 443 -6.62 5.73 16.93
CA SER E 443 -6.85 6.12 15.55
C SER E 443 -7.60 5.05 14.80
N GLN E 444 -7.45 3.80 15.21
CA GLN E 444 -8.17 2.72 14.53
C GLN E 444 -9.55 2.54 15.08
N ALA E 445 -9.67 2.64 16.40
CA ALA E 445 -10.95 2.46 17.10
C ALA E 445 -11.96 3.59 16.90
N LEU E 446 -11.49 4.83 16.83
CA LEU E 446 -12.36 5.99 16.63
C LEU E 446 -13.09 5.93 15.28
N GLN E 447 -14.41 6.04 15.34
CA GLN E 447 -15.27 6.01 14.16
C GLN E 447 -15.44 7.42 13.58
N ALA E 448 -14.44 7.88 12.85
CA ALA E 448 -14.48 9.20 12.26
C ALA E 448 -13.76 9.20 10.92
N GLY E 449 -14.18 10.06 10.01
CA GLY E 449 -13.55 10.10 8.70
C GLY E 449 -12.11 10.60 8.76
N THR E 450 -11.79 11.39 9.79
CA THR E 450 -10.45 11.94 9.96
C THR E 450 -10.03 11.90 11.42
N VAL E 451 -8.90 11.28 11.70
CA VAL E 451 -8.40 11.24 13.06
C VAL E 451 -7.03 11.88 13.09
N TRP E 452 -6.90 12.94 13.89
CA TRP E 452 -5.65 13.63 14.01
C TRP E 452 -4.92 13.15 15.26
N VAL E 453 -3.60 13.04 15.16
CA VAL E 453 -2.78 12.64 16.30
C VAL E 453 -1.79 13.77 16.62
N ASN E 454 -1.96 14.34 17.80
CA ASN E 454 -1.13 15.45 18.30
C ASN E 454 -1.23 16.68 17.42
N CYS E 455 -2.40 16.92 16.87
CA CYS E 455 -2.65 18.10 16.05
C CYS E 455 -4.13 18.12 15.79
N TYR E 456 -4.62 19.21 15.16
CA TYR E 456 -6.06 19.35 14.86
C TYR E 456 -6.26 20.27 13.68
N ASP E 457 -7.34 20.06 12.93
CA ASP E 457 -7.64 20.87 11.74
C ASP E 457 -6.50 20.94 10.76
N VAL E 458 -5.82 19.83 10.56
CA VAL E 458 -4.73 19.78 9.59
C VAL E 458 -5.30 19.22 8.30
N PHE E 459 -5.71 20.11 7.41
CA PHE E 459 -6.25 19.72 6.14
C PHE E 459 -5.20 19.94 5.06
N GLY E 460 -5.09 18.97 4.19
CA GLY E 460 -4.17 19.11 3.09
C GLY E 460 -5.07 19.02 1.89
N ALA E 461 -4.79 19.76 0.83
CA ALA E 461 -5.62 19.64 -0.36
C ALA E 461 -5.44 18.18 -0.89
N GLN E 462 -4.35 17.55 -0.44
CA GLN E 462 -3.98 16.19 -0.80
C GLN E 462 -4.74 15.09 -0.03
N SER E 463 -5.16 15.39 1.19
CA SER E 463 -5.86 14.41 2.03
C SER E 463 -7.38 14.47 1.98
N PRO E 464 -8.05 13.30 1.84
CA PRO E 464 -9.51 13.22 1.77
C PRO E 464 -10.20 13.64 3.08
N PHE E 465 -11.37 14.26 2.95
CA PHE E 465 -12.14 14.77 4.08
C PHE E 465 -13.63 14.46 3.94
N GLY E 466 -14.16 13.70 4.88
CA GLY E 466 -15.56 13.32 4.86
C GLY E 466 -15.93 12.67 6.17
N GLY E 467 -17.20 12.29 6.31
CA GLY E 467 -17.63 11.67 7.54
C GLY E 467 -18.27 10.30 7.48
N TYR E 468 -18.39 9.70 8.68
CA TYR E 468 -19.01 8.41 8.89
C TYR E 468 -20.42 8.69 9.38
N LYS E 469 -21.27 7.67 9.34
CA LYS E 469 -22.65 7.78 9.82
C LYS E 469 -23.43 8.98 9.28
N MET E 470 -24.10 9.70 10.17
CA MET E 470 -24.89 10.87 9.79
C MET E 470 -24.11 12.17 9.59
N SER E 471 -22.81 12.04 9.32
CA SER E 471 -21.97 13.21 9.05
C SER E 471 -21.84 13.34 7.53
N GLY E 472 -22.50 12.43 6.82
CA GLY E 472 -22.48 12.45 5.37
C GLY E 472 -21.85 11.24 4.71
N SER E 473 -21.89 11.24 3.38
CA SER E 473 -21.32 10.19 2.56
C SER E 473 -20.39 10.85 1.53
N GLY E 474 -19.45 10.08 0.98
CA GLY E 474 -18.52 10.63 0.01
C GLY E 474 -17.42 11.44 0.66
N ARG E 475 -16.35 11.69 -0.10
CA ARG E 475 -15.21 12.45 0.41
C ARG E 475 -14.84 13.61 -0.50
N GLU E 476 -14.07 14.54 0.06
CA GLU E 476 -13.57 15.72 -0.66
C GLU E 476 -12.07 15.79 -0.47
N LEU E 477 -11.39 16.55 -1.34
CA LEU E 477 -9.93 16.68 -1.29
C LEU E 477 -9.22 15.35 -1.63
N GLY E 478 -7.97 15.46 -2.09
CA GLY E 478 -7.22 14.27 -2.47
C GLY E 478 -7.81 13.61 -3.70
N GLU E 479 -7.22 12.47 -4.07
CA GLU E 479 -7.68 11.71 -5.23
C GLU E 479 -9.13 11.23 -5.09
N TYR E 480 -9.55 11.01 -3.86
CA TYR E 480 -10.92 10.54 -3.54
C TYR E 480 -12.00 11.53 -3.95
N GLY E 481 -11.65 12.81 -3.94
CA GLY E 481 -12.60 13.83 -4.34
C GLY E 481 -12.95 13.73 -5.81
N LEU E 482 -12.10 13.08 -6.61
CA LEU E 482 -12.35 12.93 -8.04
C LEU E 482 -13.38 11.85 -8.35
N GLN E 483 -13.47 10.85 -7.50
CA GLN E 483 -14.39 9.73 -7.72
C GLN E 483 -15.82 10.19 -7.77
N ALA E 484 -16.13 11.15 -6.92
CA ALA E 484 -17.48 11.69 -6.82
C ALA E 484 -17.94 12.42 -8.04
N TYR E 485 -16.99 12.95 -8.80
CA TYR E 485 -17.27 13.72 -10.00
C TYR E 485 -16.97 12.97 -11.26
N THR E 486 -16.97 11.65 -11.18
CA THR E 486 -16.62 10.80 -12.32
C THR E 486 -17.59 9.67 -12.60
N LYS E 487 -17.85 9.39 -13.88
CA LYS E 487 -18.71 8.27 -14.30
C LYS E 487 -17.72 7.28 -14.95
N VAL E 488 -17.88 5.99 -14.67
CA VAL E 488 -16.97 5.02 -15.26
C VAL E 488 -17.65 4.28 -16.40
N LYS E 489 -17.10 4.44 -17.60
CA LYS E 489 -17.61 3.77 -18.77
C LYS E 489 -16.66 2.63 -19.10
N THR E 490 -17.22 1.47 -19.40
CA THR E 490 -16.43 0.31 -19.75
C THR E 490 -16.65 0.01 -21.22
N VAL E 491 -15.58 -0.13 -21.98
CA VAL E 491 -15.73 -0.48 -23.40
C VAL E 491 -15.05 -1.84 -23.54
N THR E 492 -15.79 -2.81 -24.05
CA THR E 492 -15.27 -4.17 -24.21
C THR E 492 -15.35 -4.54 -25.66
N VAL E 493 -14.18 -4.66 -26.28
CA VAL E 493 -14.08 -4.95 -27.70
C VAL E 493 -13.67 -6.37 -28.05
N LYS E 494 -14.35 -6.98 -29.00
CA LYS E 494 -13.99 -8.33 -29.45
C LYS E 494 -12.70 -8.19 -30.28
N VAL E 495 -11.69 -9.01 -30.00
CA VAL E 495 -10.42 -8.99 -30.72
C VAL E 495 -10.13 -10.36 -31.38
N PRO E 496 -9.28 -10.40 -32.41
CA PRO E 496 -8.99 -11.68 -33.09
C PRO E 496 -8.50 -12.78 -32.15
N GLN E 497 -7.44 -12.51 -31.40
CA GLN E 497 -6.86 -13.48 -30.47
C GLN E 497 -6.11 -12.80 -29.33
N LYS E 498 -6.62 -12.93 -28.12
CA LYS E 498 -5.97 -12.30 -26.98
C LYS E 498 -4.71 -13.03 -26.56
N ASN E 499 -3.68 -12.25 -26.25
CA ASN E 499 -2.41 -12.79 -25.78
C ASN E 499 -1.99 -11.89 -24.65
N SER E 500 -1.29 -12.46 -23.67
CA SER E 500 -0.84 -11.72 -22.51
C SER E 500 0.08 -10.56 -22.89
N ALA F 7 -20.58 -31.13 -22.78
CA ALA F 7 -19.78 -31.57 -21.58
C ALA F 7 -20.53 -31.15 -20.31
N VAL F 8 -21.83 -31.44 -20.29
CA VAL F 8 -22.68 -31.10 -19.15
C VAL F 8 -23.25 -32.39 -18.54
N PRO F 9 -23.06 -32.59 -17.23
CA PRO F 9 -23.56 -33.77 -16.51
C PRO F 9 -25.08 -33.83 -16.60
N ALA F 10 -25.63 -35.03 -16.47
CA ALA F 10 -27.08 -35.21 -16.49
C ALA F 10 -27.70 -34.62 -15.21
N PRO F 11 -28.66 -33.71 -15.35
CA PRO F 11 -29.34 -33.04 -14.24
C PRO F 11 -30.43 -33.86 -13.55
N ASN F 12 -30.67 -33.54 -12.29
CA ASN F 12 -31.76 -34.19 -11.54
C ASN F 12 -32.90 -33.19 -11.79
N GLN F 13 -33.79 -33.54 -12.71
CA GLN F 13 -34.91 -32.70 -13.08
C GLN F 13 -35.89 -32.39 -11.93
N GLN F 14 -35.64 -33.00 -10.78
CA GLN F 14 -36.46 -32.81 -9.61
C GLN F 14 -35.54 -32.73 -8.38
N PRO F 15 -34.66 -31.72 -8.31
CA PRO F 15 -33.76 -31.61 -7.15
C PRO F 15 -34.50 -31.43 -5.84
N GLU F 16 -33.93 -32.00 -4.79
CA GLU F 16 -34.50 -31.92 -3.48
C GLU F 16 -34.18 -30.57 -2.86
N VAL F 17 -35.08 -30.03 -2.04
CA VAL F 17 -34.82 -28.75 -1.39
C VAL F 17 -34.46 -29.03 0.05
N PHE F 18 -33.32 -28.51 0.48
CA PHE F 18 -32.87 -28.69 1.87
C PHE F 18 -32.96 -27.42 2.67
N CYS F 19 -32.96 -26.27 2.01
CA CYS F 19 -33.02 -25.02 2.74
C CYS F 19 -34.18 -24.15 2.29
N ASN F 20 -35.05 -23.82 3.23
CA ASN F 20 -36.21 -23.00 2.91
C ASN F 20 -36.62 -22.10 4.07
N GLN F 21 -35.67 -21.79 4.95
CA GLN F 21 -35.92 -20.94 6.10
C GLN F 21 -35.08 -19.67 6.06
N ILE F 22 -35.14 -18.88 7.13
CA ILE F 22 -34.39 -17.66 7.24
C ILE F 22 -33.03 -18.03 7.79
N PHE F 23 -31.98 -17.41 7.25
CA PHE F 23 -30.61 -17.69 7.65
C PHE F 23 -30.02 -16.56 8.48
N ILE F 24 -29.89 -16.76 9.78
CA ILE F 24 -29.30 -15.74 10.66
C ILE F 24 -28.33 -16.45 11.59
N ASN F 25 -27.13 -15.89 11.75
CA ASN F 25 -26.12 -16.45 12.61
C ASN F 25 -25.79 -17.90 12.29
N ASN F 26 -25.73 -18.22 11.01
CA ASN F 26 -25.45 -19.59 10.56
C ASN F 26 -26.46 -20.62 11.02
N GLU F 27 -27.65 -20.13 11.34
CA GLU F 27 -28.71 -21.04 11.77
C GLU F 27 -29.99 -20.80 10.99
N TRP F 28 -30.77 -21.87 10.83
CA TRP F 28 -32.03 -21.82 10.13
C TRP F 28 -33.18 -21.52 11.09
N HIS F 29 -33.94 -20.47 10.79
CA HIS F 29 -35.07 -20.04 11.62
C HIS F 29 -36.34 -19.88 10.78
N ASP F 30 -37.51 -20.08 11.40
CA ASP F 30 -38.78 -19.85 10.71
C ASP F 30 -39.00 -18.37 10.93
N ALA F 31 -39.95 -17.78 10.20
CA ALA F 31 -40.23 -16.36 10.42
C ALA F 31 -40.87 -16.22 11.79
N VAL F 32 -40.69 -15.08 12.41
CA VAL F 32 -41.32 -14.83 13.71
C VAL F 32 -42.84 -15.06 13.60
N SER F 33 -43.43 -14.68 12.47
CA SER F 33 -44.85 -14.84 12.26
C SER F 33 -45.20 -16.28 11.96
N ARG F 34 -44.18 -17.06 11.66
CA ARG F 34 -44.33 -18.46 11.27
C ARG F 34 -44.97 -18.69 9.92
N LYS F 35 -45.17 -17.60 9.18
CA LYS F 35 -45.77 -17.64 7.85
C LYS F 35 -44.78 -18.15 6.81
N THR F 36 -45.30 -18.72 5.74
CA THR F 36 -44.48 -19.22 4.64
C THR F 36 -45.19 -18.94 3.31
N PHE F 37 -44.42 -18.80 2.24
CA PHE F 37 -45.01 -18.52 0.96
C PHE F 37 -44.51 -19.56 0.02
N PRO F 38 -45.33 -19.96 -0.95
CA PRO F 38 -44.86 -20.97 -1.90
C PRO F 38 -44.07 -20.37 -3.05
N THR F 39 -43.14 -21.16 -3.57
CA THR F 39 -42.33 -20.74 -4.71
C THR F 39 -42.70 -21.68 -5.82
N VAL F 40 -42.89 -21.12 -6.99
CA VAL F 40 -43.35 -21.87 -8.15
C VAL F 40 -42.30 -22.24 -9.15
N ASN F 41 -42.51 -23.35 -9.83
CA ASN F 41 -41.62 -23.80 -10.91
C ASN F 41 -42.29 -23.17 -12.13
N PRO F 42 -41.67 -22.16 -12.74
CA PRO F 42 -42.27 -21.50 -13.89
C PRO F 42 -42.52 -22.36 -15.12
N SER F 43 -41.91 -23.53 -15.17
CA SER F 43 -42.10 -24.41 -16.33
C SER F 43 -43.35 -25.28 -16.27
N THR F 44 -43.90 -25.43 -15.07
CA THR F 44 -45.07 -26.27 -14.85
C THR F 44 -46.17 -25.53 -14.11
N GLY F 45 -45.83 -24.41 -13.48
CA GLY F 45 -46.81 -23.64 -12.74
C GLY F 45 -47.12 -24.23 -11.39
N GLU F 46 -46.43 -25.34 -11.06
CA GLU F 46 -46.61 -26.04 -9.79
C GLU F 46 -45.71 -25.54 -8.65
N VAL F 47 -46.23 -25.64 -7.44
CA VAL F 47 -45.51 -25.22 -6.25
C VAL F 47 -44.33 -26.16 -6.03
N ILE F 48 -43.13 -25.61 -5.86
CA ILE F 48 -41.96 -26.46 -5.61
C ILE F 48 -41.94 -26.76 -4.10
N CYS F 49 -42.10 -25.72 -3.29
CA CYS F 49 -42.12 -25.90 -1.85
C CYS F 49 -42.44 -24.59 -1.16
N GLN F 50 -42.65 -24.68 0.14
CA GLN F 50 -42.99 -23.52 0.95
C GLN F 50 -41.68 -22.93 1.51
N VAL F 51 -41.60 -21.61 1.63
CA VAL F 51 -40.39 -20.96 2.16
C VAL F 51 -40.79 -19.95 3.22
N ALA F 52 -39.96 -19.81 4.25
CA ALA F 52 -40.23 -18.88 5.33
C ALA F 52 -40.44 -17.47 4.80
N GLU F 53 -41.47 -16.78 5.28
CA GLU F 53 -41.78 -15.45 4.82
C GLU F 53 -41.27 -14.42 5.80
N GLY F 54 -40.05 -13.94 5.57
CA GLY F 54 -39.47 -12.93 6.44
C GLY F 54 -40.16 -11.58 6.37
N ASP F 55 -40.12 -10.83 7.47
CA ASP F 55 -40.73 -9.52 7.56
C ASP F 55 -39.86 -8.65 8.44
N LYS F 56 -40.34 -7.45 8.73
CA LYS F 56 -39.66 -6.47 9.54
C LYS F 56 -38.91 -7.04 10.75
N GLU F 57 -39.60 -7.89 11.54
CA GLU F 57 -39.04 -8.49 12.74
C GLU F 57 -37.88 -9.45 12.45
N ASP F 58 -37.94 -10.13 11.31
CA ASP F 58 -36.86 -11.04 10.94
C ASP F 58 -35.65 -10.23 10.45
N VAL F 59 -35.91 -9.15 9.72
CA VAL F 59 -34.84 -8.31 9.25
C VAL F 59 -34.14 -7.69 10.43
N ASP F 60 -34.90 -7.38 11.48
CA ASP F 60 -34.36 -6.78 12.70
C ASP F 60 -33.42 -7.74 13.35
N LYS F 61 -33.81 -9.00 13.39
CA LYS F 61 -32.98 -10.01 13.99
C LYS F 61 -31.69 -10.17 13.22
N ALA F 62 -31.83 -10.16 11.90
CA ALA F 62 -30.67 -10.30 11.01
C ALA F 62 -29.69 -9.17 11.18
N VAL F 63 -30.20 -7.95 11.21
CA VAL F 63 -29.36 -6.78 11.33
C VAL F 63 -28.60 -6.82 12.63
N LYS F 64 -29.25 -7.28 13.69
CA LYS F 64 -28.59 -7.33 14.98
C LYS F 64 -27.47 -8.35 14.98
N ALA F 65 -27.68 -9.45 14.26
CA ALA F 65 -26.66 -10.49 14.19
C ALA F 65 -25.47 -9.97 13.40
N ALA F 66 -25.75 -9.27 12.31
CA ALA F 66 -24.73 -8.70 11.46
C ALA F 66 -23.92 -7.69 12.27
N ARG F 67 -24.63 -6.77 12.90
CA ARG F 67 -24.02 -5.75 13.73
C ARG F 67 -23.08 -6.36 14.78
N ALA F 68 -23.50 -7.48 15.37
CA ALA F 68 -22.67 -8.16 16.39
C ALA F 68 -21.40 -8.79 15.77
N ALA F 69 -21.54 -9.35 14.57
CA ALA F 69 -20.44 -9.97 13.91
C ALA F 69 -19.44 -8.91 13.50
N PHE F 70 -19.93 -7.68 13.35
CA PHE F 70 -19.11 -6.56 12.93
C PHE F 70 -18.44 -5.77 14.07
N GLN F 71 -18.71 -6.16 15.30
CA GLN F 71 -18.10 -5.46 16.44
C GLN F 71 -16.55 -5.52 16.50
N LEU F 72 -15.96 -4.40 16.86
CA LEU F 72 -14.52 -4.33 16.97
C LEU F 72 -14.04 -5.46 17.90
N GLY F 73 -13.06 -6.22 17.44
CA GLY F 73 -12.55 -7.31 18.23
C GLY F 73 -13.16 -8.66 17.86
N SER F 74 -14.20 -8.67 17.02
CA SER F 74 -14.84 -9.93 16.64
C SER F 74 -13.98 -10.76 15.68
N PRO F 75 -14.31 -12.06 15.50
CA PRO F 75 -13.57 -12.95 14.60
C PRO F 75 -13.48 -12.35 13.19
N TRP F 76 -14.60 -11.85 12.69
CA TRP F 76 -14.64 -11.25 11.36
C TRP F 76 -13.82 -9.96 11.20
N ARG F 77 -13.76 -9.14 12.24
CA ARG F 77 -13.01 -7.89 12.15
C ARG F 77 -11.51 -8.06 12.38
N ARG F 78 -11.15 -9.07 13.18
CA ARG F 78 -9.76 -9.33 13.50
C ARG F 78 -9.07 -10.20 12.47
N MET F 79 -9.85 -11.01 11.78
CA MET F 79 -9.36 -11.94 10.76
C MET F 79 -8.48 -11.26 9.72
N ASP F 80 -7.38 -11.91 9.35
CA ASP F 80 -6.49 -11.36 8.34
C ASP F 80 -7.25 -11.18 7.03
N ALA F 81 -6.92 -10.13 6.28
CA ALA F 81 -7.59 -9.88 5.00
C ALA F 81 -7.40 -11.10 4.06
N SER F 82 -6.20 -11.68 4.09
CA SER F 82 -5.89 -12.80 3.26
C SER F 82 -6.77 -14.01 3.57
N HIS F 83 -7.19 -14.11 4.83
CA HIS F 83 -8.04 -15.23 5.26
C HIS F 83 -9.45 -15.07 4.75
N ARG F 84 -9.92 -13.82 4.57
CA ARG F 84 -11.24 -13.58 4.02
C ARG F 84 -11.18 -14.15 2.60
N GLY F 85 -10.03 -13.92 1.96
CA GLY F 85 -9.83 -14.46 0.63
C GLY F 85 -9.90 -15.97 0.64
N ARG F 86 -9.28 -16.59 1.64
CA ARG F 86 -9.29 -18.05 1.75
C ARG F 86 -10.73 -18.54 1.89
N LEU F 87 -11.52 -17.84 2.71
CA LEU F 87 -12.90 -18.24 2.92
C LEU F 87 -13.74 -18.16 1.63
N LEU F 88 -13.55 -17.09 0.87
CA LEU F 88 -14.24 -16.88 -0.39
C LEU F 88 -13.86 -17.97 -1.39
N ASN F 89 -12.58 -18.37 -1.37
CA ASN F 89 -12.11 -19.44 -2.25
C ASN F 89 -12.70 -20.77 -1.83
N ARG F 90 -12.84 -20.96 -0.51
CA ARG F 90 -13.42 -22.17 0.03
C ARG F 90 -14.88 -22.26 -0.42
N LEU F 91 -15.60 -21.15 -0.32
CA LEU F 91 -16.99 -21.08 -0.71
C LEU F 91 -17.12 -21.39 -2.18
N ALA F 92 -16.17 -20.94 -2.99
CA ALA F 92 -16.24 -21.22 -4.42
C ALA F 92 -16.02 -22.69 -4.64
N ASP F 93 -15.12 -23.29 -3.87
CA ASP F 93 -14.86 -24.71 -3.96
C ASP F 93 -16.09 -25.53 -3.65
N LEU F 94 -16.80 -25.15 -2.61
CA LEU F 94 -18.01 -25.86 -2.21
C LEU F 94 -19.11 -25.69 -3.26
N ILE F 95 -19.20 -24.51 -3.89
CA ILE F 95 -20.20 -24.32 -4.93
C ILE F 95 -19.85 -25.19 -6.13
N GLU F 96 -18.56 -25.34 -6.42
CA GLU F 96 -18.16 -26.14 -7.57
C GLU F 96 -18.47 -27.60 -7.33
N ARG F 97 -18.29 -28.03 -6.09
CA ARG F 97 -18.58 -29.39 -5.70
C ARG F 97 -20.03 -29.69 -5.96
N ASP F 98 -20.92 -28.77 -5.55
CA ASP F 98 -22.36 -28.92 -5.72
C ASP F 98 -22.91 -28.24 -6.99
N ARG F 99 -22.01 -28.00 -7.94
CA ARG F 99 -22.34 -27.35 -9.19
C ARG F 99 -23.55 -27.93 -9.91
N THR F 100 -23.55 -29.23 -10.18
CA THR F 100 -24.64 -29.92 -10.86
C THR F 100 -25.97 -29.74 -10.11
N TYR F 101 -25.97 -29.96 -8.81
CA TYR F 101 -27.17 -29.76 -8.02
C TYR F 101 -27.68 -28.31 -8.14
N LEU F 102 -26.81 -27.34 -7.83
CA LEU F 102 -27.18 -25.93 -7.90
C LEU F 102 -27.72 -25.50 -9.25
N ALA F 103 -27.12 -25.98 -10.34
CA ALA F 103 -27.56 -25.63 -11.67
C ALA F 103 -28.98 -26.11 -11.91
N ALA F 104 -29.28 -27.32 -11.43
CA ALA F 104 -30.61 -27.91 -11.59
C ALA F 104 -31.65 -27.16 -10.78
N LEU F 105 -31.28 -26.80 -9.54
CA LEU F 105 -32.16 -26.08 -8.65
C LEU F 105 -32.45 -24.70 -9.23
N GLU F 106 -31.44 -24.10 -9.83
CA GLU F 106 -31.60 -22.77 -10.42
C GLU F 106 -32.63 -22.88 -11.51
N THR F 107 -32.45 -23.86 -12.38
CA THR F 107 -33.39 -24.06 -13.48
C THR F 107 -34.82 -24.31 -12.97
N LEU F 108 -34.94 -25.14 -11.93
CA LEU F 108 -36.22 -25.47 -11.33
C LEU F 108 -36.99 -24.26 -10.84
N ASP F 109 -36.31 -23.41 -10.09
CA ASP F 109 -36.90 -22.22 -9.50
C ASP F 109 -37.00 -21.01 -10.43
N ASN F 110 -36.02 -20.84 -11.33
CA ASN F 110 -35.97 -19.70 -12.24
C ASN F 110 -36.51 -19.92 -13.64
N GLY F 111 -36.34 -21.13 -14.18
CA GLY F 111 -36.82 -21.44 -15.52
C GLY F 111 -35.78 -21.41 -16.65
N LYS F 112 -34.60 -20.86 -16.38
CA LYS F 112 -33.56 -20.82 -17.42
C LYS F 112 -33.06 -22.25 -17.74
N PRO F 113 -32.70 -22.50 -19.02
CA PRO F 113 -32.19 -23.80 -19.48
C PRO F 113 -31.08 -24.29 -18.59
N TYR F 114 -31.13 -25.56 -18.22
CA TYR F 114 -30.12 -26.16 -17.35
C TYR F 114 -28.71 -26.03 -17.91
N VAL F 115 -28.58 -26.21 -19.22
CA VAL F 115 -27.29 -26.11 -19.83
C VAL F 115 -26.66 -24.74 -19.55
N ILE F 116 -27.46 -23.69 -19.66
CA ILE F 116 -27.00 -22.33 -19.42
C ILE F 116 -26.72 -22.14 -17.92
N SER F 117 -27.56 -22.75 -17.08
CA SER F 117 -27.39 -22.63 -15.65
C SER F 117 -26.05 -23.20 -15.25
N TYR F 118 -25.72 -24.32 -15.87
CA TYR F 118 -24.48 -25.03 -15.61
C TYR F 118 -23.22 -24.40 -16.21
N LEU F 119 -23.26 -24.13 -17.51
CA LEU F 119 -22.12 -23.55 -18.20
C LEU F 119 -21.93 -22.07 -18.08
N VAL F 120 -23.00 -21.33 -17.86
CA VAL F 120 -22.88 -19.88 -17.75
C VAL F 120 -22.99 -19.37 -16.33
N ASP F 121 -24.18 -19.43 -15.75
CA ASP F 121 -24.39 -18.93 -14.39
C ASP F 121 -23.39 -19.45 -13.36
N LEU F 122 -23.32 -20.76 -13.15
CA LEU F 122 -22.40 -21.26 -12.14
C LEU F 122 -20.94 -21.00 -12.46
N ASP F 123 -20.60 -20.99 -13.75
CA ASP F 123 -19.22 -20.70 -14.14
C ASP F 123 -18.88 -19.27 -13.72
N MET F 124 -19.80 -18.35 -13.95
CA MET F 124 -19.58 -16.96 -13.60
C MET F 124 -19.61 -16.75 -12.12
N VAL F 125 -20.43 -17.53 -11.41
CA VAL F 125 -20.49 -17.45 -9.95
C VAL F 125 -19.13 -17.79 -9.38
N LEU F 126 -18.56 -18.90 -9.84
CA LEU F 126 -17.25 -19.37 -9.38
C LEU F 126 -16.14 -18.37 -9.70
N LYS F 127 -16.22 -17.80 -10.90
CA LYS F 127 -15.23 -16.85 -11.32
C LYS F 127 -15.34 -15.57 -10.55
N CYS F 128 -16.57 -15.16 -10.26
CA CYS F 128 -16.82 -13.96 -9.49
C CYS F 128 -16.23 -14.08 -8.10
N LEU F 129 -16.57 -15.17 -7.41
CA LEU F 129 -16.09 -15.42 -6.08
C LEU F 129 -14.58 -15.54 -6.01
N ARG F 130 -13.99 -16.28 -6.94
CA ARG F 130 -12.55 -16.45 -6.96
C ARG F 130 -11.85 -15.16 -7.31
N TYR F 131 -12.48 -14.32 -8.11
CA TYR F 131 -11.89 -13.05 -8.46
C TYR F 131 -11.82 -12.17 -7.21
N TYR F 132 -12.94 -12.06 -6.50
CA TYR F 132 -12.96 -11.23 -5.30
C TYR F 132 -12.16 -11.77 -4.15
N ALA F 133 -11.95 -13.08 -4.12
CA ALA F 133 -11.16 -13.69 -3.09
C ALA F 133 -9.76 -13.07 -3.19
N GLY F 134 -9.32 -12.85 -4.43
CA GLY F 134 -8.02 -12.27 -4.69
C GLY F 134 -7.88 -10.82 -4.27
N TRP F 135 -8.99 -10.08 -4.28
CA TRP F 135 -8.98 -8.65 -3.87
C TRP F 135 -8.88 -8.43 -2.37
N ALA F 136 -9.26 -9.41 -1.58
CA ALA F 136 -9.29 -9.29 -0.12
C ALA F 136 -8.15 -8.56 0.52
N ASP F 137 -6.94 -8.86 0.10
CA ASP F 137 -5.76 -8.24 0.67
C ASP F 137 -4.97 -7.38 -0.29
N LYS F 138 -5.63 -6.78 -1.27
CA LYS F 138 -4.94 -5.95 -2.24
C LYS F 138 -5.55 -4.56 -2.44
N TYR F 139 -6.60 -4.23 -1.69
CA TYR F 139 -7.20 -2.91 -1.84
C TYR F 139 -6.49 -1.99 -0.86
N HIS F 140 -5.39 -1.41 -1.29
CA HIS F 140 -4.56 -0.54 -0.45
C HIS F 140 -5.08 0.87 -0.17
N GLY F 141 -4.61 1.42 0.96
CA GLY F 141 -4.92 2.78 1.32
C GLY F 141 -3.73 3.60 0.80
N LYS F 142 -3.66 4.90 1.09
CA LYS F 142 -2.53 5.68 0.63
C LYS F 142 -1.75 6.39 1.74
N THR F 143 -0.52 6.77 1.42
CA THR F 143 0.28 7.55 2.35
C THR F 143 0.46 8.79 1.48
N ILE F 144 -0.11 9.89 1.96
CA ILE F 144 -0.17 11.15 1.25
C ILE F 144 0.85 12.24 1.65
N PRO F 145 1.56 12.81 0.66
CA PRO F 145 2.57 13.86 0.88
C PRO F 145 1.93 15.21 1.17
N ILE F 146 1.24 15.29 2.29
CA ILE F 146 0.57 16.51 2.72
C ILE F 146 1.60 17.58 3.16
N ASP F 147 1.19 18.85 3.09
CA ASP F 147 2.04 19.96 3.48
C ASP F 147 2.31 19.96 4.98
N GLY F 148 3.48 20.47 5.38
CA GLY F 148 3.82 20.55 6.80
C GLY F 148 4.48 19.33 7.40
N ASP F 149 4.86 19.41 8.66
CA ASP F 149 5.50 18.28 9.31
C ASP F 149 4.45 17.31 9.81
N PHE F 150 3.88 16.59 8.85
CA PHE F 150 2.84 15.58 9.13
C PHE F 150 3.00 14.31 8.30
N PHE F 151 2.49 13.23 8.85
CA PHE F 151 2.49 11.94 8.21
C PHE F 151 1.00 11.68 8.02
N SER F 152 0.56 11.63 6.77
CA SER F 152 -0.84 11.41 6.50
C SER F 152 -1.06 10.16 5.69
N TYR F 153 -2.06 9.38 6.07
CA TYR F 153 -2.37 8.16 5.36
C TYR F 153 -3.85 7.81 5.46
N THR F 154 -4.31 6.91 4.60
CA THR F 154 -5.70 6.49 4.65
C THR F 154 -5.84 4.99 4.85
N ARG F 155 -6.94 4.63 5.48
CA ARG F 155 -7.27 3.23 5.73
C ARG F 155 -8.58 2.98 4.98
N HIS F 156 -8.68 1.85 4.30
CA HIS F 156 -9.93 1.53 3.61
C HIS F 156 -10.65 0.55 4.55
N GLU F 157 -11.62 1.08 5.29
CA GLU F 157 -12.40 0.32 6.26
C GLU F 157 -13.70 -0.17 5.68
N PRO F 158 -14.27 -1.25 6.23
CA PRO F 158 -15.53 -1.76 5.69
C PRO F 158 -16.65 -0.75 5.99
N VAL F 159 -17.64 -0.70 5.13
CA VAL F 159 -18.77 0.19 5.32
C VAL F 159 -19.60 -0.20 6.56
N GLY F 160 -19.68 -1.50 6.82
CA GLY F 160 -20.43 -2.00 7.97
C GLY F 160 -21.50 -3.01 7.56
N VAL F 161 -22.72 -2.80 8.06
CA VAL F 161 -23.84 -3.69 7.76
C VAL F 161 -24.43 -3.30 6.42
N CYS F 162 -24.26 -4.18 5.46
CA CYS F 162 -24.73 -3.96 4.10
C CYS F 162 -26.00 -4.72 3.81
N GLY F 163 -27.04 -3.99 3.41
CA GLY F 163 -28.30 -4.59 3.07
C GLY F 163 -28.27 -4.77 1.58
N GLN F 164 -28.56 -5.98 1.11
CA GLN F 164 -28.51 -6.27 -0.31
C GLN F 164 -29.79 -6.92 -0.75
N ILE F 165 -30.50 -6.25 -1.65
CA ILE F 165 -31.78 -6.72 -2.19
C ILE F 165 -31.53 -7.10 -3.62
N ILE F 166 -31.73 -8.37 -3.95
CA ILE F 166 -31.44 -8.87 -5.29
C ILE F 166 -32.64 -9.43 -6.05
N PRO F 167 -32.64 -9.29 -7.37
CA PRO F 167 -33.68 -9.73 -8.29
C PRO F 167 -33.70 -11.22 -8.57
N TRP F 168 -34.59 -11.61 -9.46
CA TRP F 168 -34.78 -13.02 -9.79
C TRP F 168 -34.22 -13.51 -11.11
N ASN F 169 -33.76 -12.60 -11.96
CA ASN F 169 -33.25 -13.00 -13.28
C ASN F 169 -32.00 -13.86 -13.28
N PHE F 170 -31.12 -13.61 -12.31
CA PHE F 170 -29.89 -14.38 -12.16
C PHE F 170 -29.66 -14.56 -10.66
N PRO F 171 -30.46 -15.43 -10.02
CA PRO F 171 -30.41 -15.70 -8.58
C PRO F 171 -29.02 -15.88 -8.02
N LEU F 172 -28.33 -16.92 -8.49
CA LEU F 172 -26.99 -17.18 -8.00
C LEU F 172 -25.96 -16.12 -8.33
N LEU F 173 -25.94 -15.69 -9.59
CA LEU F 173 -24.96 -14.73 -10.03
C LEU F 173 -25.11 -13.40 -9.32
N MET F 174 -26.35 -12.96 -9.13
CA MET F 174 -26.61 -11.70 -8.42
C MET F 174 -26.14 -11.83 -6.99
N GLN F 175 -26.32 -13.01 -6.40
CA GLN F 175 -25.90 -13.29 -5.04
C GLN F 175 -24.39 -13.11 -4.96
N ALA F 176 -23.70 -13.74 -5.90
CA ALA F 176 -22.25 -13.71 -5.96
C ALA F 176 -21.70 -12.30 -6.22
N TRP F 177 -22.30 -11.57 -7.17
CA TRP F 177 -21.85 -10.20 -7.45
C TRP F 177 -21.96 -9.26 -6.23
N LYS F 178 -22.81 -9.59 -5.27
CA LYS F 178 -22.97 -8.78 -4.08
C LYS F 178 -22.11 -9.29 -2.93
N LEU F 179 -22.05 -10.60 -2.76
CA LEU F 179 -21.26 -11.20 -1.69
C LEU F 179 -19.75 -11.00 -1.90
N GLY F 180 -19.31 -11.21 -3.14
CA GLY F 180 -17.92 -11.05 -3.47
C GLY F 180 -17.26 -9.79 -2.95
N PRO F 181 -17.66 -8.61 -3.45
CA PRO F 181 -17.06 -7.35 -3.00
C PRO F 181 -17.32 -7.02 -1.53
N ALA F 182 -18.54 -7.27 -1.08
CA ALA F 182 -18.90 -6.99 0.31
C ALA F 182 -18.04 -7.79 1.28
N LEU F 183 -17.86 -9.07 1.01
CA LEU F 183 -17.08 -9.91 1.88
C LEU F 183 -15.60 -9.68 1.75
N ALA F 184 -15.14 -9.44 0.53
CA ALA F 184 -13.72 -9.26 0.32
C ALA F 184 -13.21 -8.04 1.09
N THR F 185 -14.08 -7.07 1.28
CA THR F 185 -13.72 -5.86 1.98
C THR F 185 -14.05 -5.89 3.48
N GLY F 186 -14.52 -7.02 3.97
CA GLY F 186 -14.80 -7.16 5.39
C GLY F 186 -16.10 -6.63 5.95
N ASN F 187 -17.13 -6.55 5.12
CA ASN F 187 -18.44 -6.07 5.54
C ASN F 187 -19.24 -7.28 5.99
N VAL F 188 -20.42 -7.02 6.53
CA VAL F 188 -21.34 -8.07 6.98
C VAL F 188 -22.58 -7.82 6.16
N VAL F 189 -23.35 -8.86 5.90
CA VAL F 189 -24.49 -8.75 5.01
C VAL F 189 -25.84 -9.25 5.49
N VAL F 190 -26.89 -8.52 5.11
CA VAL F 190 -28.27 -8.88 5.37
C VAL F 190 -28.83 -8.83 3.96
N MET F 191 -29.04 -10.01 3.39
CA MET F 191 -29.51 -10.14 2.02
C MET F 191 -30.97 -10.59 1.87
N LYS F 192 -31.69 -9.89 1.01
CA LYS F 192 -33.09 -10.18 0.76
C LYS F 192 -33.18 -10.70 -0.68
N VAL F 193 -33.45 -11.98 -0.81
CA VAL F 193 -33.53 -12.61 -2.12
C VAL F 193 -34.94 -12.51 -2.69
N ALA F 194 -35.05 -12.56 -4.02
CA ALA F 194 -36.34 -12.44 -4.68
C ALA F 194 -37.29 -13.56 -4.31
N GLU F 195 -38.53 -13.22 -4.03
CA GLU F 195 -39.53 -14.21 -3.65
C GLU F 195 -39.76 -15.24 -4.73
N GLN F 196 -39.43 -14.91 -5.98
CA GLN F 196 -39.62 -15.85 -7.08
C GLN F 196 -38.53 -16.89 -7.11
N THR F 197 -37.34 -16.55 -6.65
CA THR F 197 -36.21 -17.48 -6.68
C THR F 197 -35.37 -17.47 -5.41
N PRO F 198 -35.93 -17.91 -4.28
CA PRO F 198 -35.14 -17.89 -3.05
C PRO F 198 -34.28 -19.12 -2.81
N LEU F 199 -34.65 -20.23 -3.43
CA LEU F 199 -33.97 -21.50 -3.21
C LEU F 199 -32.43 -21.61 -3.33
N THR F 200 -31.87 -21.32 -4.49
CA THR F 200 -30.43 -21.45 -4.62
C THR F 200 -29.65 -20.58 -3.63
N ALA F 201 -30.08 -19.33 -3.44
CA ALA F 201 -29.39 -18.44 -2.52
C ALA F 201 -29.35 -19.03 -1.10
N LEU F 202 -30.46 -19.63 -0.68
CA LEU F 202 -30.55 -20.21 0.65
C LEU F 202 -29.63 -21.41 0.77
N TYR F 203 -29.56 -22.22 -0.29
CA TYR F 203 -28.64 -23.37 -0.26
C TYR F 203 -27.18 -22.88 -0.17
N VAL F 204 -26.88 -21.76 -0.83
CA VAL F 204 -25.53 -21.23 -0.76
C VAL F 204 -25.25 -20.78 0.66
N ALA F 205 -26.24 -20.26 1.36
CA ALA F 205 -26.04 -19.84 2.75
C ALA F 205 -25.60 -21.02 3.61
N ASN F 206 -26.00 -22.21 3.21
CA ASN F 206 -25.63 -23.39 3.97
C ASN F 206 -24.16 -23.67 3.68
N LEU F 207 -23.71 -23.40 2.44
CA LEU F 207 -22.31 -23.60 2.07
C LEU F 207 -21.44 -22.52 2.71
N ILE F 208 -22.04 -21.36 2.97
CA ILE F 208 -21.32 -20.26 3.61
C ILE F 208 -20.96 -20.70 5.02
N LYS F 209 -21.89 -21.40 5.65
CA LYS F 209 -21.69 -21.92 7.00
C LYS F 209 -20.63 -23.03 6.95
N GLU F 210 -20.74 -23.89 5.94
CA GLU F 210 -19.80 -25.00 5.77
C GLU F 210 -18.41 -24.47 5.48
N ALA F 211 -18.31 -23.32 4.82
CA ALA F 211 -16.99 -22.79 4.49
C ALA F 211 -16.27 -22.22 5.69
N GLY F 212 -17.00 -21.91 6.75
CA GLY F 212 -16.34 -21.40 7.94
C GLY F 212 -16.54 -19.93 8.23
N PHE F 213 -17.41 -19.26 7.46
CA PHE F 213 -17.64 -17.85 7.71
C PHE F 213 -18.25 -17.71 9.10
N PRO F 214 -17.78 -16.76 9.90
CA PRO F 214 -18.29 -16.53 11.26
C PRO F 214 -19.78 -16.24 11.27
N PRO F 215 -20.46 -16.61 12.36
CA PRO F 215 -21.90 -16.36 12.46
C PRO F 215 -22.23 -14.87 12.34
N GLY F 216 -23.28 -14.57 11.57
CA GLY F 216 -23.71 -13.20 11.40
C GLY F 216 -23.07 -12.44 10.26
N VAL F 217 -22.01 -12.99 9.67
CA VAL F 217 -21.36 -12.31 8.59
C VAL F 217 -22.25 -12.20 7.35
N VAL F 218 -23.02 -13.25 7.11
CA VAL F 218 -23.97 -13.29 5.99
C VAL F 218 -25.31 -13.76 6.51
N ASN F 219 -26.33 -12.95 6.32
CA ASN F 219 -27.67 -13.32 6.79
C ASN F 219 -28.61 -13.17 5.61
N ILE F 220 -29.43 -14.18 5.35
CA ILE F 220 -30.37 -14.12 4.26
C ILE F 220 -31.80 -14.20 4.74
N VAL F 221 -32.60 -13.23 4.34
CA VAL F 221 -33.98 -13.16 4.75
C VAL F 221 -34.87 -13.23 3.53
N PRO F 222 -35.45 -14.41 3.24
CA PRO F 222 -36.34 -14.57 2.08
C PRO F 222 -37.64 -13.87 2.44
N GLY F 223 -38.38 -13.42 1.45
CA GLY F 223 -39.65 -12.76 1.71
C GLY F 223 -40.04 -11.77 0.63
N PHE F 224 -41.10 -11.01 0.87
CA PHE F 224 -41.52 -10.05 -0.12
C PHE F 224 -40.81 -8.71 0.01
N GLY F 225 -40.93 -7.90 -1.04
CA GLY F 225 -40.29 -6.61 -1.09
C GLY F 225 -40.83 -5.52 -0.18
N PRO F 226 -42.12 -5.18 -0.29
CA PRO F 226 -42.70 -4.14 0.55
C PRO F 226 -42.55 -4.47 2.05
N THR F 227 -42.23 -5.74 2.36
CA THR F 227 -42.07 -6.11 3.75
C THR F 227 -40.61 -6.19 4.17
N ALA F 228 -39.95 -7.27 3.78
CA ALA F 228 -38.56 -7.52 4.13
C ALA F 228 -37.62 -6.55 3.46
N GLY F 229 -37.85 -6.29 2.18
CA GLY F 229 -37.00 -5.35 1.44
C GLY F 229 -37.01 -3.93 1.99
N ALA F 230 -38.20 -3.42 2.25
CA ALA F 230 -38.39 -2.08 2.77
C ALA F 230 -37.83 -1.95 4.18
N ALA F 231 -37.90 -3.03 4.92
CA ALA F 231 -37.40 -3.05 6.28
C ALA F 231 -35.89 -2.83 6.29
N ILE F 232 -35.21 -3.43 5.33
CA ILE F 232 -33.77 -3.30 5.20
C ILE F 232 -33.41 -1.88 4.79
N ALA F 233 -34.09 -1.40 3.75
CA ALA F 233 -33.87 -0.06 3.23
C ALA F 233 -34.13 1.07 4.25
N SER F 234 -35.08 0.85 5.16
CA SER F 234 -35.44 1.83 6.19
C SER F 234 -34.75 1.66 7.54
N HIS F 235 -34.04 0.55 7.70
CA HIS F 235 -33.41 0.24 8.97
C HIS F 235 -32.41 1.28 9.43
N GLU F 236 -32.53 1.66 10.70
CA GLU F 236 -31.65 2.68 11.28
C GLU F 236 -30.23 2.24 11.50
N ASP F 237 -29.99 0.91 11.50
CA ASP F 237 -28.65 0.36 11.76
C ASP F 237 -27.96 -0.30 10.55
N VAL F 238 -28.54 -0.13 9.36
CA VAL F 238 -27.96 -0.65 8.13
C VAL F 238 -27.17 0.52 7.56
N ASP F 239 -25.88 0.32 7.35
CA ASP F 239 -25.03 1.40 6.85
C ASP F 239 -25.08 1.60 5.32
N LYS F 240 -25.52 0.57 4.61
CA LYS F 240 -25.56 0.65 3.16
C LYS F 240 -26.59 -0.30 2.58
N VAL F 241 -27.26 0.13 1.52
CA VAL F 241 -28.23 -0.71 0.87
C VAL F 241 -27.93 -0.72 -0.63
N ALA F 242 -27.76 -1.91 -1.18
CA ALA F 242 -27.48 -2.09 -2.60
C ALA F 242 -28.72 -2.74 -3.16
N PHE F 243 -29.33 -2.09 -4.14
CA PHE F 243 -30.55 -2.61 -4.73
C PHE F 243 -30.39 -2.85 -6.23
N THR F 244 -30.95 -3.94 -6.73
CA THR F 244 -30.88 -4.25 -8.14
C THR F 244 -32.27 -4.69 -8.58
N GLY F 245 -32.90 -3.92 -9.45
CA GLY F 245 -34.24 -4.26 -9.89
C GLY F 245 -34.90 -3.17 -10.74
N SER F 246 -36.19 -2.97 -10.53
CA SER F 246 -36.94 -1.95 -11.26
C SER F 246 -36.59 -0.52 -10.82
N THR F 247 -36.69 0.42 -11.76
CA THR F 247 -36.43 1.82 -11.49
C THR F 247 -37.48 2.34 -10.50
N GLU F 248 -38.68 1.77 -10.61
CA GLU F 248 -39.81 2.11 -9.74
C GLU F 248 -39.44 1.91 -8.26
N ILE F 249 -39.00 0.69 -7.93
CA ILE F 249 -38.61 0.35 -6.56
C ILE F 249 -37.31 1.04 -6.17
N GLY F 250 -36.44 1.27 -7.14
CA GLY F 250 -35.18 1.94 -6.88
C GLY F 250 -35.35 3.32 -6.27
N ARG F 251 -36.43 3.99 -6.64
CA ARG F 251 -36.73 5.32 -6.13
C ARG F 251 -37.22 5.24 -4.70
N VAL F 252 -37.97 4.18 -4.40
CA VAL F 252 -38.49 3.93 -3.06
C VAL F 252 -37.33 3.73 -2.09
N ILE F 253 -36.36 2.92 -2.52
CA ILE F 253 -35.19 2.61 -1.72
C ILE F 253 -34.41 3.87 -1.34
N GLN F 254 -34.14 4.71 -2.34
CA GLN F 254 -33.40 5.96 -2.17
C GLN F 254 -34.09 6.89 -1.17
N VAL F 255 -35.43 6.99 -1.31
CA VAL F 255 -36.24 7.82 -0.43
C VAL F 255 -36.17 7.28 0.98
N ALA F 256 -36.34 5.96 1.11
CA ALA F 256 -36.30 5.27 2.40
C ALA F 256 -34.96 5.50 3.12
N ALA F 257 -33.89 5.61 2.35
CA ALA F 257 -32.55 5.84 2.88
C ALA F 257 -32.37 7.26 3.39
N GLY F 258 -32.90 8.22 2.64
CA GLY F 258 -32.80 9.62 3.06
C GLY F 258 -33.70 9.94 4.23
N SER F 259 -34.78 9.15 4.36
CA SER F 259 -35.76 9.28 5.45
C SER F 259 -35.28 8.62 6.75
N SER F 260 -34.33 7.70 6.64
CA SER F 260 -33.82 7.01 7.81
C SER F 260 -32.49 7.51 8.38
N ASN F 261 -31.39 6.86 8.03
CA ASN F 261 -30.08 7.23 8.57
C ASN F 261 -29.03 7.75 7.57
N LEU F 262 -29.48 8.18 6.40
CA LEU F 262 -28.57 8.68 5.37
C LEU F 262 -27.53 7.62 4.96
N LYS F 263 -28.00 6.37 4.93
CA LYS F 263 -27.17 5.25 4.55
C LYS F 263 -26.79 5.36 3.08
N ARG F 264 -25.69 4.72 2.68
CA ARG F 264 -25.28 4.75 1.29
C ARG F 264 -26.21 3.91 0.45
N VAL F 265 -26.39 4.35 -0.80
CA VAL F 265 -27.29 3.65 -1.71
C VAL F 265 -26.72 3.50 -3.11
N THR F 266 -26.73 2.28 -3.62
CA THR F 266 -26.29 2.04 -4.99
C THR F 266 -27.47 1.37 -5.64
N LEU F 267 -27.81 1.84 -6.82
CA LEU F 267 -28.94 1.27 -7.56
C LEU F 267 -28.53 0.71 -8.89
N GLU F 268 -28.97 -0.51 -9.14
CA GLU F 268 -28.70 -1.15 -10.38
C GLU F 268 -30.08 -1.38 -11.01
N LEU F 269 -30.51 -0.39 -11.77
CA LEU F 269 -31.80 -0.44 -12.42
C LEU F 269 -31.70 -0.98 -13.85
N GLY F 270 -32.85 -1.21 -14.49
CA GLY F 270 -32.86 -1.76 -15.84
C GLY F 270 -32.43 -0.80 -16.93
N GLY F 271 -32.89 -1.07 -18.15
CA GLY F 271 -32.55 -0.22 -19.27
C GLY F 271 -33.30 -0.53 -20.56
N LYS F 272 -32.97 0.20 -21.61
CA LYS F 272 -33.56 -0.01 -22.91
C LYS F 272 -32.35 0.13 -23.83
N SER F 273 -31.35 -0.69 -23.54
CA SER F 273 -30.04 -0.71 -24.22
C SER F 273 -30.05 -0.82 -25.74
N PRO F 274 -29.41 0.14 -26.41
CA PRO F 274 -29.36 0.14 -27.88
C PRO F 274 -28.24 -0.72 -28.44
N ASN F 275 -28.56 -1.47 -29.47
CA ASN F 275 -27.61 -2.35 -30.13
C ASN F 275 -27.56 -1.84 -31.56
N ILE F 276 -26.52 -1.07 -31.87
CA ILE F 276 -26.32 -0.45 -33.16
C ILE F 276 -25.58 -1.28 -34.20
N ILE F 277 -26.28 -1.67 -35.26
CA ILE F 277 -25.65 -2.45 -36.33
C ILE F 277 -25.35 -1.57 -37.55
N MET F 278 -24.07 -1.27 -37.78
CA MET F 278 -23.65 -0.46 -38.93
C MET F 278 -23.73 -1.27 -40.21
N SER F 279 -23.78 -0.59 -41.35
CA SER F 279 -23.86 -1.28 -42.64
C SER F 279 -22.64 -2.16 -43.00
N ASP F 280 -21.46 -1.84 -42.45
CA ASP F 280 -20.27 -2.62 -42.73
C ASP F 280 -20.01 -3.75 -41.74
N ALA F 281 -20.96 -3.99 -40.85
CA ALA F 281 -20.84 -5.04 -39.85
C ALA F 281 -20.84 -6.41 -40.49
N ASP F 282 -20.25 -7.39 -39.81
CA ASP F 282 -20.24 -8.76 -40.29
C ASP F 282 -21.68 -9.22 -40.09
N MET F 283 -22.41 -9.37 -41.19
CA MET F 283 -23.82 -9.75 -41.15
C MET F 283 -24.14 -10.98 -40.32
N ASP F 284 -23.45 -12.09 -40.56
CA ASP F 284 -23.68 -13.33 -39.82
C ASP F 284 -23.51 -13.17 -38.30
N TRP F 285 -22.41 -12.52 -37.91
CA TRP F 285 -22.10 -12.30 -36.51
C TRP F 285 -23.11 -11.33 -35.85
N ALA F 286 -23.40 -10.22 -36.53
CA ALA F 286 -24.32 -9.23 -36.04
C ALA F 286 -25.71 -9.79 -35.75
N VAL F 287 -26.19 -10.63 -36.68
CA VAL F 287 -27.52 -11.24 -36.55
C VAL F 287 -27.56 -12.19 -35.37
N GLU F 288 -26.55 -13.02 -35.27
CA GLU F 288 -26.43 -13.97 -34.20
C GLU F 288 -26.29 -13.28 -32.82
N GLN F 289 -25.49 -12.21 -32.77
CA GLN F 289 -25.27 -11.48 -31.54
C GLN F 289 -26.45 -10.63 -31.14
N ALA F 290 -27.14 -10.08 -32.14
CA ALA F 290 -28.33 -9.24 -31.89
C ALA F 290 -29.42 -10.11 -31.30
N HIS F 291 -29.48 -11.35 -31.77
CA HIS F 291 -30.46 -12.32 -31.28
C HIS F 291 -30.10 -12.65 -29.81
N PHE F 292 -28.84 -12.99 -29.59
CA PHE F 292 -28.35 -13.31 -28.25
C PHE F 292 -28.57 -12.10 -27.32
N ALA F 293 -28.28 -10.91 -27.83
CA ALA F 293 -28.39 -9.68 -27.07
C ALA F 293 -29.78 -9.41 -26.50
N LEU F 294 -30.82 -9.87 -27.20
CA LEU F 294 -32.17 -9.68 -26.69
C LEU F 294 -32.78 -10.90 -26.02
N PHE F 295 -32.74 -12.03 -26.70
CA PHE F 295 -33.35 -13.26 -26.21
C PHE F 295 -32.69 -13.99 -25.06
N PHE F 296 -31.43 -13.64 -24.75
CA PHE F 296 -30.73 -14.30 -23.67
C PHE F 296 -31.56 -14.29 -22.38
N ASN F 297 -31.55 -15.42 -21.68
CA ASN F 297 -32.26 -15.54 -20.41
C ASN F 297 -33.73 -15.12 -20.51
N GLN F 298 -34.40 -15.57 -21.57
CA GLN F 298 -35.80 -15.27 -21.81
C GLN F 298 -36.05 -13.77 -21.89
N GLY F 299 -35.02 -13.03 -22.31
CA GLY F 299 -35.08 -11.58 -22.40
C GLY F 299 -35.01 -10.92 -21.05
N GLN F 300 -34.94 -11.74 -19.98
CA GLN F 300 -34.90 -11.24 -18.60
C GLN F 300 -33.51 -10.82 -18.21
N CYS F 301 -33.03 -9.80 -18.88
CA CYS F 301 -31.69 -9.25 -18.65
C CYS F 301 -31.77 -7.75 -18.50
N CYS F 302 -31.13 -7.22 -17.48
CA CYS F 302 -31.14 -5.77 -17.25
C CYS F 302 -30.60 -4.96 -18.43
N CYS F 303 -29.60 -5.51 -19.10
CA CYS F 303 -28.98 -4.83 -20.23
C CYS F 303 -29.29 -5.44 -21.58
N ALA F 304 -30.46 -6.04 -21.71
CA ALA F 304 -30.85 -6.65 -22.96
C ALA F 304 -30.91 -5.62 -24.08
N GLY F 305 -30.46 -6.01 -25.26
CA GLY F 305 -30.49 -5.10 -26.40
C GLY F 305 -31.90 -5.05 -26.98
N SER F 306 -32.79 -4.36 -26.29
CA SER F 306 -34.19 -4.23 -26.68
C SER F 306 -34.47 -3.19 -27.77
N ARG F 307 -33.41 -2.51 -28.24
CA ARG F 307 -33.51 -1.53 -29.29
C ARG F 307 -32.41 -1.83 -30.27
N THR F 308 -32.71 -2.66 -31.26
CA THR F 308 -31.74 -3.02 -32.27
C THR F 308 -31.84 -2.02 -33.43
N PHE F 309 -30.94 -1.04 -33.44
CA PHE F 309 -30.92 -0.08 -34.53
C PHE F 309 -30.10 -0.68 -35.71
N VAL F 310 -30.68 -0.70 -36.90
CA VAL F 310 -29.98 -1.26 -38.07
C VAL F 310 -29.96 -0.26 -39.23
N GLN F 311 -28.78 -0.04 -39.81
CA GLN F 311 -28.63 0.88 -40.94
C GLN F 311 -29.52 0.46 -42.10
N GLU F 312 -30.12 1.44 -42.77
CA GLU F 312 -31.02 1.18 -43.89
C GLU F 312 -30.56 0.27 -45.00
N ASP F 313 -29.30 0.40 -45.38
CA ASP F 313 -28.75 -0.43 -46.44
C ASP F 313 -28.77 -1.93 -46.16
N ILE F 314 -28.74 -2.32 -44.88
CA ILE F 314 -28.75 -3.76 -44.53
C ILE F 314 -30.01 -4.19 -43.77
N TYR F 315 -30.90 -3.23 -43.52
CA TYR F 315 -32.14 -3.45 -42.79
C TYR F 315 -33.00 -4.63 -43.25
N ASP F 316 -33.39 -4.66 -44.51
CA ASP F 316 -34.22 -5.76 -45.01
C ASP F 316 -33.58 -7.13 -44.80
N GLU F 317 -32.31 -7.26 -45.15
CA GLU F 317 -31.58 -8.53 -45.01
C GLU F 317 -31.45 -8.90 -43.52
N PHE F 318 -31.10 -7.93 -42.70
CA PHE F 318 -30.93 -8.14 -41.27
C PHE F 318 -32.25 -8.65 -40.66
N VAL F 319 -33.32 -7.89 -40.87
CA VAL F 319 -34.63 -8.24 -40.37
C VAL F 319 -35.07 -9.64 -40.81
N GLU F 320 -34.77 -9.99 -42.05
CA GLU F 320 -35.13 -11.30 -42.58
C GLU F 320 -34.41 -12.43 -41.82
N ARG F 321 -33.12 -12.25 -41.59
CA ARG F 321 -32.32 -13.24 -40.88
C ARG F 321 -32.71 -13.34 -39.41
N SER F 322 -33.04 -12.19 -38.82
CA SER F 322 -33.44 -12.09 -37.41
C SER F 322 -34.74 -12.85 -37.16
N VAL F 323 -35.68 -12.69 -38.09
CA VAL F 323 -36.97 -13.34 -37.99
C VAL F 323 -36.81 -14.84 -38.14
N ALA F 324 -35.93 -15.26 -39.04
CA ALA F 324 -35.71 -16.69 -39.23
C ALA F 324 -35.07 -17.28 -37.99
N ARG F 325 -34.15 -16.52 -37.38
CA ARG F 325 -33.46 -16.99 -36.20
C ARG F 325 -34.44 -17.13 -35.04
N ALA F 326 -35.29 -16.11 -34.92
CA ALA F 326 -36.32 -16.08 -33.89
C ALA F 326 -37.28 -17.26 -34.00
N LYS F 327 -37.70 -17.59 -35.23
CA LYS F 327 -38.62 -18.71 -35.44
C LYS F 327 -37.98 -20.06 -35.17
N SER F 328 -36.66 -20.16 -35.33
CA SER F 328 -35.96 -21.42 -35.10
C SER F 328 -35.56 -21.59 -33.62
N ARG F 329 -35.78 -20.56 -32.81
CA ARG F 329 -35.42 -20.62 -31.40
C ARG F 329 -36.31 -21.61 -30.67
N VAL F 330 -35.69 -22.71 -30.25
CA VAL F 330 -36.39 -23.79 -29.56
C VAL F 330 -36.87 -23.39 -28.17
N VAL F 331 -38.19 -23.47 -27.96
CA VAL F 331 -38.78 -23.15 -26.67
C VAL F 331 -39.31 -24.44 -26.05
N GLY F 332 -39.06 -24.64 -24.76
CA GLY F 332 -39.56 -25.85 -24.12
C GLY F 332 -39.03 -26.12 -22.73
N ASN F 333 -39.07 -27.39 -22.36
CA ASN F 333 -38.58 -27.84 -21.05
C ASN F 333 -37.14 -27.40 -20.84
N PRO F 334 -36.90 -26.53 -19.87
CA PRO F 334 -35.54 -26.08 -19.62
C PRO F 334 -34.52 -27.17 -19.34
N PHE F 335 -34.97 -28.33 -18.86
CA PHE F 335 -34.05 -29.44 -18.58
C PHE F 335 -33.64 -30.24 -19.82
N ASP F 336 -34.32 -29.96 -20.94
CA ASP F 336 -34.02 -30.61 -22.21
C ASP F 336 -32.82 -29.88 -22.83
N SER F 337 -31.84 -30.63 -23.29
CA SER F 337 -30.65 -30.05 -23.84
C SER F 337 -30.85 -29.22 -25.09
N LYS F 338 -31.90 -29.50 -25.85
CA LYS F 338 -32.16 -28.76 -27.09
C LYS F 338 -32.83 -27.41 -26.84
N THR F 339 -33.39 -27.24 -25.65
CA THR F 339 -34.08 -26.01 -25.33
C THR F 339 -33.17 -24.80 -25.23
N GLU F 340 -33.56 -23.76 -25.97
CA GLU F 340 -32.82 -22.52 -25.98
C GLU F 340 -33.49 -21.50 -25.06
N GLN F 341 -34.82 -21.57 -25.00
CA GLN F 341 -35.56 -20.64 -24.19
C GLN F 341 -36.55 -21.32 -23.27
N GLY F 342 -36.44 -21.01 -21.98
CA GLY F 342 -37.35 -21.57 -21.00
C GLY F 342 -38.54 -20.65 -20.79
N PRO F 343 -39.29 -20.85 -19.71
CA PRO F 343 -40.45 -19.97 -19.49
C PRO F 343 -40.02 -18.67 -18.83
N GLN F 344 -40.95 -17.72 -18.71
CA GLN F 344 -40.69 -16.48 -18.00
C GLN F 344 -40.77 -16.82 -16.49
N VAL F 345 -40.19 -15.97 -15.65
CA VAL F 345 -40.11 -16.27 -14.23
C VAL F 345 -41.39 -16.57 -13.49
N ASP F 346 -42.44 -15.81 -13.75
CA ASP F 346 -43.72 -16.03 -13.08
C ASP F 346 -44.92 -15.53 -13.87
N GLU F 347 -46.11 -15.72 -13.31
CA GLU F 347 -47.33 -15.29 -13.97
C GLU F 347 -47.41 -13.79 -14.21
N THR F 348 -46.96 -13.00 -13.23
CA THR F 348 -46.99 -11.55 -13.33
C THR F 348 -46.23 -11.02 -14.53
N GLN F 349 -45.01 -11.52 -14.70
CA GLN F 349 -44.14 -11.16 -15.80
C GLN F 349 -44.75 -11.68 -17.12
N PHE F 350 -45.31 -12.88 -17.06
CA PHE F 350 -45.94 -13.49 -18.22
C PHE F 350 -47.02 -12.54 -18.80
N LYS F 351 -47.86 -12.02 -17.92
CA LYS F 351 -48.93 -11.14 -18.34
C LYS F 351 -48.44 -9.77 -18.80
N LYS F 352 -47.46 -9.25 -18.08
CA LYS F 352 -46.88 -7.95 -18.39
C LYS F 352 -46.33 -7.95 -19.81
N ILE F 353 -45.68 -9.05 -20.19
CA ILE F 353 -45.10 -9.23 -21.51
C ILE F 353 -46.20 -9.28 -22.55
N LEU F 354 -47.20 -10.11 -22.29
CA LEU F 354 -48.32 -10.24 -23.22
C LEU F 354 -48.96 -8.88 -23.44
N GLY F 355 -48.91 -8.06 -22.37
CA GLY F 355 -49.47 -6.73 -22.41
C GLY F 355 -48.69 -5.85 -23.37
N TYR F 356 -47.36 -5.89 -23.27
CA TYR F 356 -46.49 -5.10 -24.14
C TYR F 356 -46.59 -5.57 -25.58
N ILE F 357 -46.75 -6.86 -25.78
CA ILE F 357 -46.89 -7.41 -27.13
C ILE F 357 -48.12 -6.77 -27.74
N ASN F 358 -49.22 -6.81 -27.02
CA ASN F 358 -50.47 -6.22 -27.50
C ASN F 358 -50.33 -4.70 -27.74
N THR F 359 -49.65 -4.03 -26.81
CA THR F 359 -49.40 -2.60 -26.89
C THR F 359 -48.64 -2.30 -28.18
N GLY F 360 -47.75 -3.21 -28.56
CA GLY F 360 -46.97 -3.03 -29.77
C GLY F 360 -47.83 -3.06 -31.02
N LYS F 361 -48.71 -4.06 -31.12
CA LYS F 361 -49.57 -4.21 -32.29
C LYS F 361 -50.45 -2.99 -32.46
N GLN F 362 -50.99 -2.52 -31.34
CA GLN F 362 -51.87 -1.37 -31.30
C GLN F 362 -51.21 -0.07 -31.76
N GLU F 363 -49.92 0.08 -31.45
CA GLU F 363 -49.17 1.28 -31.83
C GLU F 363 -48.68 1.37 -33.26
N GLY F 364 -48.82 0.29 -34.02
CA GLY F 364 -48.38 0.33 -35.40
C GLY F 364 -47.11 -0.43 -35.73
N ALA F 365 -46.46 -1.01 -34.73
CA ALA F 365 -45.24 -1.76 -34.97
C ALA F 365 -45.64 -3.01 -35.74
N LYS F 366 -44.82 -3.39 -36.71
CA LYS F 366 -45.11 -4.54 -37.53
C LYS F 366 -44.68 -5.85 -36.88
N LEU F 367 -45.66 -6.69 -36.54
CA LEU F 367 -45.38 -7.98 -35.93
C LEU F 367 -44.86 -8.95 -36.99
N LEU F 368 -43.59 -9.32 -36.89
CA LEU F 368 -42.98 -10.21 -37.87
C LEU F 368 -43.02 -11.70 -37.51
N CYS F 369 -43.14 -12.02 -36.23
CA CYS F 369 -43.20 -13.42 -35.79
C CYS F 369 -43.61 -13.53 -34.33
N GLY F 370 -44.13 -14.71 -33.96
CA GLY F 370 -44.56 -14.95 -32.60
C GLY F 370 -45.70 -14.05 -32.15
N GLY F 371 -45.64 -13.53 -30.92
CA GLY F 371 -46.67 -12.65 -30.43
C GLY F 371 -47.70 -13.27 -29.50
N GLY F 372 -47.57 -14.55 -29.21
CA GLY F 372 -48.52 -15.21 -28.33
C GLY F 372 -47.91 -16.24 -27.40
N ILE F 373 -48.77 -16.97 -26.70
CA ILE F 373 -48.36 -18.01 -25.77
C ILE F 373 -47.76 -19.20 -26.52
N ALA F 374 -46.67 -19.75 -25.99
CA ALA F 374 -45.97 -20.86 -26.62
C ALA F 374 -46.31 -22.25 -26.12
N ALA F 375 -47.10 -22.31 -25.04
CA ALA F 375 -47.50 -23.59 -24.46
C ALA F 375 -48.63 -23.40 -23.47
N ASP F 376 -49.40 -24.46 -23.25
CA ASP F 376 -50.55 -24.45 -22.32
C ASP F 376 -50.09 -24.36 -20.90
N ARG F 377 -49.04 -25.13 -20.61
CA ARG F 377 -48.48 -25.20 -19.27
C ARG F 377 -47.24 -24.37 -19.13
N GLY F 378 -47.13 -23.73 -17.98
CA GLY F 378 -45.97 -22.89 -17.69
C GLY F 378 -46.12 -21.52 -18.29
N TYR F 379 -45.15 -20.65 -18.06
CA TYR F 379 -45.24 -19.30 -18.59
C TYR F 379 -44.39 -19.09 -19.83
N PHE F 380 -44.63 -19.91 -20.86
CA PHE F 380 -43.84 -19.79 -22.08
C PHE F 380 -44.41 -18.79 -23.10
N ILE F 381 -43.52 -18.01 -23.68
CA ILE F 381 -43.93 -17.02 -24.66
C ILE F 381 -43.10 -17.23 -25.93
N GLN F 382 -43.75 -17.02 -27.06
CA GLN F 382 -43.10 -17.19 -28.35
C GLN F 382 -42.11 -16.07 -28.62
N PRO F 383 -40.95 -16.41 -29.19
CA PRO F 383 -39.91 -15.42 -29.54
C PRO F 383 -40.61 -14.44 -30.50
N THR F 384 -40.80 -13.21 -30.02
CA THR F 384 -41.49 -12.18 -30.75
C THR F 384 -40.57 -11.11 -31.31
N VAL F 385 -40.79 -10.73 -32.57
CA VAL F 385 -39.99 -9.70 -33.23
C VAL F 385 -40.88 -8.59 -33.83
N PHE F 386 -40.56 -7.34 -33.50
CA PHE F 386 -41.28 -6.20 -34.03
C PHE F 386 -40.41 -5.41 -35.03
N GLY F 387 -40.93 -5.18 -36.24
CA GLY F 387 -40.21 -4.43 -37.25
C GLY F 387 -40.71 -3.00 -37.35
N ASP F 388 -39.93 -2.13 -37.99
CA ASP F 388 -40.31 -0.73 -38.17
C ASP F 388 -40.75 -0.02 -36.90
N VAL F 389 -40.04 -0.28 -35.81
CA VAL F 389 -40.37 0.35 -34.56
C VAL F 389 -39.92 1.80 -34.62
N GLN F 390 -40.62 2.68 -33.91
CA GLN F 390 -40.28 4.09 -33.87
C GLN F 390 -39.93 4.51 -32.44
N ASP F 391 -39.15 5.56 -32.28
CA ASP F 391 -38.75 6.04 -30.95
C ASP F 391 -39.93 6.41 -30.05
N GLY F 392 -41.01 6.89 -30.63
CA GLY F 392 -42.16 7.28 -29.83
C GLY F 392 -43.01 6.15 -29.28
N MET F 393 -42.95 4.98 -29.90
CA MET F 393 -43.75 3.86 -29.43
C MET F 393 -43.38 3.45 -28.00
N THR F 394 -44.35 2.87 -27.29
CA THR F 394 -44.11 2.42 -25.94
C THR F 394 -43.15 1.24 -25.87
N ILE F 395 -43.28 0.27 -26.79
CA ILE F 395 -42.39 -0.88 -26.78
C ILE F 395 -40.94 -0.46 -27.08
N ALA F 396 -40.76 0.80 -27.44
CA ALA F 396 -39.44 1.32 -27.73
C ALA F 396 -38.95 2.22 -26.61
N LYS F 397 -39.76 2.40 -25.58
CA LYS F 397 -39.36 3.24 -24.46
C LYS F 397 -39.32 2.49 -23.13
N GLU F 398 -40.24 1.55 -22.94
CA GLU F 398 -40.32 0.81 -21.71
C GLU F 398 -39.68 -0.58 -21.78
N GLU F 399 -39.01 -0.95 -20.69
CA GLU F 399 -38.36 -2.24 -20.60
C GLU F 399 -39.37 -3.36 -20.45
N ILE F 400 -39.44 -4.21 -21.45
CA ILE F 400 -40.37 -5.32 -21.46
C ILE F 400 -39.90 -6.49 -20.63
N PHE F 401 -38.59 -6.75 -20.65
CA PHE F 401 -37.98 -7.85 -19.90
C PHE F 401 -38.49 -9.21 -20.39
N GLY F 402 -38.61 -9.36 -21.70
CA GLY F 402 -39.11 -10.61 -22.25
C GLY F 402 -38.58 -10.86 -23.66
N PRO F 403 -38.90 -12.03 -24.24
CA PRO F 403 -38.42 -12.37 -25.58
C PRO F 403 -39.11 -11.56 -26.70
N VAL F 404 -39.04 -10.25 -26.60
CA VAL F 404 -39.66 -9.36 -27.58
C VAL F 404 -38.60 -8.41 -28.16
N MET F 405 -38.26 -8.63 -29.43
CA MET F 405 -37.25 -7.83 -30.13
C MET F 405 -37.83 -6.64 -30.88
N GLN F 406 -37.16 -5.49 -30.75
CA GLN F 406 -37.58 -4.29 -31.46
C GLN F 406 -36.51 -3.90 -32.46
N ILE F 407 -36.84 -3.87 -33.75
CA ILE F 407 -35.84 -3.50 -34.78
C ILE F 407 -36.17 -2.13 -35.38
N LEU F 408 -35.28 -1.16 -35.17
CA LEU F 408 -35.46 0.19 -35.69
C LEU F 408 -34.52 0.45 -36.87
N LYS F 409 -34.90 1.38 -37.74
CA LYS F 409 -34.10 1.72 -38.92
C LYS F 409 -33.51 3.11 -38.77
N PHE F 410 -32.25 3.26 -39.20
CA PHE F 410 -31.57 4.56 -39.14
C PHE F 410 -30.72 4.76 -40.39
N LYS F 411 -30.36 6.02 -40.63
CA LYS F 411 -29.58 6.38 -41.80
C LYS F 411 -28.13 6.75 -41.51
N THR F 412 -27.91 7.77 -40.68
CA THR F 412 -26.56 8.20 -40.40
C THR F 412 -26.07 7.87 -38.99
N ILE F 413 -24.74 7.87 -38.82
CA ILE F 413 -24.14 7.58 -37.54
C ILE F 413 -24.43 8.70 -36.53
N GLU F 414 -24.53 9.94 -37.01
CA GLU F 414 -24.82 11.07 -36.12
C GLU F 414 -26.27 10.98 -35.63
N GLU F 415 -27.12 10.42 -36.48
CA GLU F 415 -28.53 10.23 -36.18
C GLU F 415 -28.70 9.21 -35.08
N VAL F 416 -28.11 8.03 -35.28
CA VAL F 416 -28.22 6.93 -34.34
C VAL F 416 -27.75 7.28 -32.94
N VAL F 417 -26.68 8.06 -32.85
CA VAL F 417 -26.15 8.48 -31.56
C VAL F 417 -27.24 9.19 -30.75
N GLY F 418 -27.83 10.23 -31.33
CA GLY F 418 -28.87 10.96 -30.64
C GLY F 418 -30.06 10.09 -30.28
N ARG F 419 -30.47 9.20 -31.16
CA ARG F 419 -31.62 8.34 -30.87
C ARG F 419 -31.30 7.33 -29.77
N ALA F 420 -30.11 6.73 -29.84
CA ALA F 420 -29.69 5.76 -28.86
C ALA F 420 -29.58 6.41 -27.50
N ASN F 421 -29.09 7.65 -27.48
CA ASN F 421 -28.94 8.40 -26.23
C ASN F 421 -30.24 9.01 -25.70
N ASN F 422 -31.21 9.18 -26.56
CA ASN F 422 -32.49 9.74 -26.16
C ASN F 422 -33.23 8.65 -25.41
N SER F 423 -32.92 8.54 -24.12
CA SER F 423 -33.51 7.53 -23.24
C SER F 423 -33.24 7.90 -21.79
N THR F 424 -34.12 7.41 -20.91
CA THR F 424 -34.03 7.64 -19.47
C THR F 424 -32.97 6.68 -18.91
N TYR F 425 -32.72 5.61 -19.64
CA TYR F 425 -31.76 4.61 -19.23
C TYR F 425 -30.40 4.78 -19.90
N GLY F 426 -29.39 4.11 -19.34
CA GLY F 426 -28.05 4.20 -19.88
C GLY F 426 -27.15 3.12 -19.27
N LEU F 427 -27.67 1.91 -19.20
CA LEU F 427 -26.93 0.81 -18.62
C LEU F 427 -25.89 0.19 -19.57
N ALA F 428 -26.30 -0.03 -20.82
CA ALA F 428 -25.43 -0.63 -21.78
C ALA F 428 -25.78 -0.19 -23.17
N ALA F 429 -24.90 -0.50 -24.12
CA ALA F 429 -25.07 -0.21 -25.55
C ALA F 429 -24.06 -1.06 -26.31
N ALA F 430 -24.28 -1.22 -27.61
CA ALA F 430 -23.35 -2.02 -28.41
C ALA F 430 -23.26 -1.48 -29.83
N VAL F 431 -22.15 -1.78 -30.48
CA VAL F 431 -21.93 -1.32 -31.83
C VAL F 431 -21.29 -2.44 -32.63
N PHE F 432 -21.84 -2.73 -33.81
CA PHE F 432 -21.26 -3.76 -34.70
C PHE F 432 -20.76 -3.05 -35.97
N THR F 433 -19.45 -3.07 -36.17
CA THR F 433 -18.82 -2.39 -37.30
C THR F 433 -17.43 -2.94 -37.48
N LYS F 434 -16.86 -2.77 -38.66
CA LYS F 434 -15.50 -3.22 -38.94
C LYS F 434 -14.58 -2.03 -38.97
N ASP F 435 -15.16 -0.84 -39.01
CA ASP F 435 -14.39 0.38 -39.08
C ASP F 435 -13.92 0.92 -37.73
N LEU F 436 -12.62 1.12 -37.63
CA LEU F 436 -11.97 1.62 -36.43
C LEU F 436 -12.53 2.95 -35.96
N ASP F 437 -12.60 3.92 -36.87
CA ASP F 437 -13.14 5.22 -36.54
C ASP F 437 -14.59 5.24 -36.08
N LYS F 438 -15.43 4.45 -36.72
CA LYS F 438 -16.83 4.37 -36.34
C LYS F 438 -16.94 3.79 -34.93
N ALA F 439 -16.14 2.75 -34.68
CA ALA F 439 -16.17 2.09 -33.37
C ALA F 439 -15.80 3.05 -32.26
N ASN F 440 -14.72 3.78 -32.45
CA ASN F 440 -14.28 4.73 -31.43
C ASN F 440 -15.21 5.92 -31.27
N TYR F 441 -15.78 6.39 -32.38
CA TYR F 441 -16.69 7.52 -32.35
C TYR F 441 -17.89 7.15 -31.50
N LEU F 442 -18.50 6.01 -31.82
CA LEU F 442 -19.67 5.51 -31.12
C LEU F 442 -19.44 5.13 -29.66
N SER F 443 -18.38 4.39 -29.38
CA SER F 443 -18.12 3.98 -28.01
C SER F 443 -17.92 5.19 -27.10
N GLN F 444 -17.48 6.31 -27.67
CA GLN F 444 -17.29 7.53 -26.90
C GLN F 444 -18.58 8.35 -26.77
N ALA F 445 -19.34 8.42 -27.86
CA ALA F 445 -20.58 9.19 -27.93
C ALA F 445 -21.76 8.57 -27.20
N LEU F 446 -21.85 7.25 -27.19
CA LEU F 446 -22.93 6.55 -26.52
C LEU F 446 -22.86 6.74 -24.99
N GLN F 447 -23.98 7.16 -24.41
CA GLN F 447 -24.10 7.42 -22.98
C GLN F 447 -24.58 6.16 -22.29
N ALA F 448 -23.65 5.25 -22.03
CA ALA F 448 -23.96 3.96 -21.42
C ALA F 448 -22.81 3.54 -20.55
N GLY F 449 -23.12 2.84 -19.47
CA GLY F 449 -22.07 2.41 -18.56
C GLY F 449 -21.15 1.40 -19.19
N THR F 450 -21.68 0.64 -20.16
CA THR F 450 -20.88 -0.36 -20.84
C THR F 450 -21.19 -0.33 -22.32
N VAL F 451 -20.14 -0.24 -23.11
CA VAL F 451 -20.30 -0.23 -24.56
C VAL F 451 -19.56 -1.42 -25.12
N TRP F 452 -20.28 -2.33 -25.76
CA TRP F 452 -19.70 -3.49 -26.38
C TRP F 452 -19.45 -3.18 -27.87
N VAL F 453 -18.32 -3.68 -28.38
CA VAL F 453 -17.98 -3.49 -29.78
C VAL F 453 -17.87 -4.86 -30.43
N ASN F 454 -18.77 -5.13 -31.39
CA ASN F 454 -18.81 -6.40 -32.09
C ASN F 454 -19.02 -7.57 -31.12
N CYS F 455 -19.81 -7.37 -30.07
CA CYS F 455 -20.07 -8.43 -29.11
C CYS F 455 -21.15 -7.89 -28.20
N TYR F 456 -21.66 -8.72 -27.29
CA TYR F 456 -22.70 -8.31 -26.37
C TYR F 456 -22.69 -9.16 -25.12
N ASP F 457 -23.14 -8.60 -24.01
CA ASP F 457 -23.19 -9.32 -22.75
C ASP F 457 -21.87 -9.99 -22.38
N VAL F 458 -20.77 -9.29 -22.61
CA VAL F 458 -19.47 -9.84 -22.24
C VAL F 458 -19.13 -9.21 -20.92
N PHE F 459 -19.41 -9.94 -19.86
CA PHE F 459 -19.14 -9.46 -18.51
C PHE F 459 -17.95 -10.21 -18.01
N GLY F 460 -17.05 -9.48 -17.39
CA GLY F 460 -15.89 -10.12 -16.82
C GLY F 460 -15.99 -9.79 -15.36
N ALA F 461 -15.60 -10.72 -14.48
CA ALA F 461 -15.62 -10.44 -13.06
C ALA F 461 -14.71 -9.20 -12.81
N GLN F 462 -13.75 -9.03 -13.73
CA GLN F 462 -12.75 -7.96 -13.70
C GLN F 462 -13.24 -6.58 -14.18
N SER F 463 -14.29 -6.55 -15.00
CA SER F 463 -14.80 -5.29 -15.56
C SER F 463 -15.99 -4.69 -14.85
N PRO F 464 -15.94 -3.38 -14.54
CA PRO F 464 -17.06 -2.71 -13.86
C PRO F 464 -18.35 -2.66 -14.69
N PHE F 465 -19.47 -2.76 -13.99
CA PHE F 465 -20.80 -2.78 -14.57
C PHE F 465 -21.77 -1.90 -13.81
N GLY F 466 -22.29 -0.89 -14.48
CA GLY F 466 -23.23 0.02 -13.87
C GLY F 466 -23.86 0.92 -14.92
N GLY F 467 -24.77 1.80 -14.50
CA GLY F 467 -25.42 2.66 -15.47
C GLY F 467 -25.32 4.15 -15.28
N TYR F 468 -25.72 4.85 -16.34
CA TYR F 468 -25.76 6.29 -16.39
C TYR F 468 -27.23 6.68 -16.17
N LYS F 469 -27.47 7.95 -15.83
CA LYS F 469 -28.83 8.47 -15.64
C LYS F 469 -29.72 7.65 -14.67
N MET F 470 -30.94 7.35 -15.10
CA MET F 470 -31.87 6.59 -14.26
C MET F 470 -31.70 5.08 -14.32
N SER F 471 -30.50 4.64 -14.68
CA SER F 471 -30.18 3.21 -14.72
C SER F 471 -29.44 2.89 -13.43
N GLY F 472 -29.26 3.93 -12.61
CA GLY F 472 -28.62 3.77 -11.33
C GLY F 472 -27.32 4.53 -11.15
N SER F 473 -26.74 4.37 -9.96
CA SER F 473 -25.49 4.99 -9.58
C SER F 473 -24.59 3.90 -9.00
N GLY F 474 -23.28 4.13 -9.01
CA GLY F 474 -22.34 3.14 -8.51
C GLY F 474 -22.07 2.02 -9.50
N ARG F 475 -20.99 1.28 -9.27
CA ARG F 475 -20.63 0.18 -10.16
C ARG F 475 -20.42 -1.14 -9.42
N GLU F 476 -20.47 -2.22 -10.18
CA GLU F 476 -20.26 -3.58 -9.65
C GLU F 476 -19.17 -4.26 -10.48
N LEU F 477 -18.53 -5.28 -9.93
CA LEU F 477 -17.47 -6.00 -10.62
C LEU F 477 -16.19 -5.13 -10.76
N GLY F 478 -15.04 -5.78 -10.90
CA GLY F 478 -13.78 -5.07 -11.00
C GLY F 478 -13.41 -4.37 -9.70
N GLU F 479 -12.31 -3.60 -9.76
CA GLU F 479 -11.83 -2.85 -8.62
C GLU F 479 -12.86 -1.79 -8.15
N TYR F 480 -13.68 -1.30 -9.08
CA TYR F 480 -14.69 -0.27 -8.79
C TYR F 480 -15.78 -0.77 -7.86
N GLY F 481 -15.98 -2.09 -7.86
CA GLY F 481 -16.99 -2.67 -7.01
C GLY F 481 -16.60 -2.54 -5.54
N LEU F 482 -15.30 -2.41 -5.29
CA LEU F 482 -14.79 -2.31 -3.93
C LEU F 482 -15.02 -0.95 -3.28
N GLN F 483 -15.07 0.10 -4.12
CA GLN F 483 -15.24 1.47 -3.65
C GLN F 483 -16.54 1.65 -2.89
N ALA F 484 -17.61 1.04 -3.40
CA ALA F 484 -18.92 1.14 -2.77
C ALA F 484 -18.99 0.45 -1.43
N TYR F 485 -18.08 -0.48 -1.18
CA TYR F 485 -18.07 -1.21 0.09
C TYR F 485 -16.98 -0.78 1.03
N THR F 486 -16.49 0.43 0.85
CA THR F 486 -15.39 0.92 1.66
C THR F 486 -15.54 2.32 2.21
N LYS F 487 -15.08 2.54 3.43
CA LYS F 487 -15.10 3.88 4.04
C LYS F 487 -13.66 4.33 4.04
N VAL F 488 -13.41 5.60 3.77
CA VAL F 488 -12.05 6.10 3.78
C VAL F 488 -11.75 6.86 5.07
N LYS F 489 -10.82 6.34 5.87
CA LYS F 489 -10.42 7.04 7.08
C LYS F 489 -9.03 7.64 6.86
N THR F 490 -8.87 8.90 7.20
CA THR F 490 -7.59 9.58 7.07
C THR F 490 -7.01 9.80 8.46
N VAL F 491 -5.77 9.39 8.66
CA VAL F 491 -5.08 9.60 9.94
C VAL F 491 -3.92 10.52 9.62
N THR F 492 -3.90 11.70 10.24
CA THR F 492 -2.82 12.65 10.04
C THR F 492 -2.09 12.86 11.33
N VAL F 493 -0.83 12.46 11.32
CA VAL F 493 0.02 12.50 12.51
C VAL F 493 1.11 13.58 12.48
N LYS F 494 1.24 14.30 13.59
CA LYS F 494 2.29 15.32 13.71
C LYS F 494 3.63 14.58 13.90
N VAL F 495 4.63 14.93 13.09
CA VAL F 495 5.94 14.31 13.21
C VAL F 495 6.99 15.37 13.48
N PRO F 496 8.17 14.97 14.03
CA PRO F 496 9.26 15.88 14.34
C PRO F 496 9.73 16.77 13.18
N GLN F 497 10.08 16.15 12.06
CA GLN F 497 10.53 16.91 10.91
C GLN F 497 10.40 16.10 9.64
N LYS F 498 9.51 16.55 8.76
CA LYS F 498 9.26 15.86 7.50
C LYS F 498 10.35 16.05 6.48
N ASN F 499 10.70 14.95 5.81
CA ASN F 499 11.68 14.95 4.75
C ASN F 499 11.16 14.06 3.63
N SER F 500 11.53 14.39 2.40
CA SER F 500 11.06 13.63 1.26
C SER F 500 11.40 12.14 1.35
N ALA G 7 1.82 31.85 -36.79
CA ALA G 7 1.80 32.63 -35.51
C ALA G 7 3.11 32.44 -34.72
N VAL G 8 4.23 32.64 -35.41
CA VAL G 8 5.54 32.50 -34.80
C VAL G 8 6.30 33.82 -34.86
N PRO G 9 6.75 34.35 -33.70
CA PRO G 9 7.49 35.61 -33.69
C PRO G 9 8.81 35.56 -34.46
N ALA G 10 9.23 36.72 -34.95
CA ALA G 10 10.48 36.85 -35.69
C ALA G 10 11.66 36.50 -34.80
N PRO G 11 12.50 35.56 -35.25
CA PRO G 11 13.69 35.09 -34.52
C PRO G 11 14.92 35.96 -34.68
N ASN G 12 15.78 35.90 -33.67
CA ASN G 12 17.06 36.61 -33.73
C ASN G 12 17.98 35.52 -34.29
N GLN G 13 18.27 35.59 -35.57
CA GLN G 13 19.11 34.61 -36.25
C GLN G 13 20.53 34.51 -35.72
N GLN G 14 20.85 35.36 -34.74
CA GLN G 14 22.19 35.40 -34.13
C GLN G 14 22.02 35.65 -32.64
N PRO G 15 21.35 34.74 -31.94
CA PRO G 15 21.13 34.91 -30.50
C PRO G 15 22.44 34.95 -29.74
N GLU G 16 22.47 35.78 -28.71
CA GLU G 16 23.65 35.93 -27.88
C GLU G 16 23.77 34.78 -26.89
N VAL G 17 24.98 34.39 -26.53
CA VAL G 17 25.17 33.32 -25.56
C VAL G 17 25.58 33.90 -24.23
N PHE G 18 24.81 33.59 -23.20
CA PHE G 18 25.08 34.12 -21.87
C PHE G 18 25.67 33.08 -20.94
N CYS G 19 25.39 31.81 -21.21
CA CYS G 19 25.91 30.74 -20.37
C CYS G 19 26.72 29.73 -21.15
N ASN G 20 27.97 29.53 -20.74
CA ASN G 20 28.87 28.60 -21.41
C ASN G 20 29.83 27.93 -20.46
N GLN G 21 29.49 27.92 -19.18
CA GLN G 21 30.35 27.31 -18.18
C GLN G 21 29.66 26.13 -17.49
N ILE G 22 30.28 25.66 -16.42
CA ILE G 22 29.77 24.55 -15.65
C ILE G 22 28.87 25.14 -14.56
N PHE G 23 27.71 24.51 -14.37
CA PHE G 23 26.73 24.96 -13.39
C PHE G 23 26.69 24.06 -12.17
N ILE G 24 27.19 24.56 -11.06
CA ILE G 24 27.22 23.82 -9.80
C ILE G 24 26.80 24.78 -8.69
N ASN G 25 25.92 24.32 -7.80
CA ASN G 25 25.44 25.15 -6.69
C ASN G 25 24.91 26.52 -7.15
N ASN G 26 24.19 26.53 -8.27
CA ASN G 26 23.62 27.77 -8.83
C ASN G 26 24.68 28.82 -9.22
N GLU G 27 25.91 28.37 -9.42
CA GLU G 27 26.99 29.28 -9.80
C GLU G 27 27.69 28.78 -11.04
N TRP G 28 28.28 29.72 -11.77
CA TRP G 28 29.00 29.41 -12.99
C TRP G 28 30.48 29.28 -12.73
N HIS G 29 31.06 28.15 -13.13
CA HIS G 29 32.48 27.88 -12.92
C HIS G 29 33.13 27.43 -14.20
N ASP G 30 34.43 27.67 -14.32
CA ASP G 30 35.18 27.20 -15.46
C ASP G 30 35.62 25.80 -15.06
N ALA G 31 36.00 24.99 -16.03
CA ALA G 31 36.46 23.65 -15.74
C ALA G 31 37.73 23.73 -14.86
N VAL G 32 37.95 22.73 -14.01
CA VAL G 32 39.13 22.72 -13.15
C VAL G 32 40.38 22.83 -14.00
N SER G 33 40.36 22.19 -15.16
CA SER G 33 41.46 22.19 -16.11
C SER G 33 41.53 23.49 -16.91
N ARG G 34 40.46 24.27 -16.87
CA ARG G 34 40.36 25.53 -17.60
C ARG G 34 40.24 25.38 -19.09
N LYS G 35 40.08 24.12 -19.51
CA LYS G 35 39.93 23.79 -20.92
C LYS G 35 38.53 24.16 -21.38
N THR G 36 38.39 24.35 -22.69
CA THR G 36 37.10 24.70 -23.28
C THR G 36 37.03 24.05 -24.64
N PHE G 37 35.83 23.70 -25.08
CA PHE G 37 35.66 23.10 -26.38
C PHE G 37 34.69 23.96 -27.20
N PRO G 38 34.86 23.98 -28.51
CA PRO G 38 33.98 24.79 -29.33
C PRO G 38 32.67 24.09 -29.66
N THR G 39 31.60 24.87 -29.85
CA THR G 39 30.32 24.31 -30.25
C THR G 39 30.02 24.91 -31.62
N VAL G 40 29.66 24.06 -32.58
CA VAL G 40 29.42 24.47 -33.95
C VAL G 40 27.98 24.72 -34.38
N ASN G 41 27.79 25.67 -35.28
CA ASN G 41 26.47 25.95 -35.83
C ASN G 41 26.44 25.06 -37.08
N PRO G 42 25.73 23.93 -37.04
CA PRO G 42 25.66 23.01 -38.17
C PRO G 42 25.18 23.58 -39.47
N SER G 43 24.60 24.77 -39.43
CA SER G 43 24.09 25.41 -40.66
C SER G 43 25.20 26.09 -41.46
N THR G 44 26.23 26.52 -40.76
CA THR G 44 27.35 27.23 -41.38
C THR G 44 28.69 26.55 -41.18
N GLY G 45 28.76 25.66 -40.19
CA GLY G 45 30.00 24.96 -39.90
C GLY G 45 30.93 25.83 -39.08
N GLU G 46 30.44 26.99 -38.67
CA GLU G 46 31.23 27.91 -37.88
C GLU G 46 31.05 27.79 -36.37
N VAL G 47 32.10 28.08 -35.64
CA VAL G 47 32.05 28.00 -34.19
C VAL G 47 31.17 29.10 -33.60
N ILE G 48 30.20 28.71 -32.78
CA ILE G 48 29.30 29.67 -32.13
C ILE G 48 30.03 30.30 -30.96
N CYS G 49 30.66 29.47 -30.15
CA CYS G 49 31.41 29.96 -29.01
C CYS G 49 32.14 28.82 -28.31
N GLN G 50 32.93 29.18 -27.31
CA GLN G 50 33.70 28.25 -26.52
C GLN G 50 32.86 27.86 -25.30
N VAL G 51 32.97 26.61 -24.86
CA VAL G 51 32.21 26.13 -23.70
C VAL G 51 33.13 25.36 -22.78
N ALA G 52 32.97 25.54 -21.46
CA ALA G 52 33.83 24.84 -20.50
C ALA G 52 33.82 23.33 -20.70
N GLU G 53 34.99 22.72 -20.72
CA GLU G 53 35.08 21.28 -20.92
C GLU G 53 35.22 20.55 -19.60
N GLY G 54 34.08 20.16 -19.03
CA GLY G 54 34.07 19.44 -17.76
C GLY G 54 34.66 18.05 -17.86
N ASP G 55 35.26 17.59 -16.76
CA ASP G 55 35.87 16.27 -16.70
C ASP G 55 35.56 15.67 -15.34
N LYS G 56 36.23 14.56 -15.04
CA LYS G 56 36.04 13.83 -13.79
C LYS G 56 36.06 14.68 -12.53
N GLU G 57 36.98 15.64 -12.44
CA GLU G 57 37.03 16.48 -11.25
C GLU G 57 35.88 17.49 -11.15
N ASP G 58 35.30 17.83 -12.30
CA ASP G 58 34.16 18.75 -12.34
C ASP G 58 32.90 17.96 -11.92
N VAL G 59 32.80 16.72 -12.39
CA VAL G 59 31.68 15.87 -12.04
C VAL G 59 31.73 15.60 -10.54
N ASP G 60 32.94 15.45 -10.02
CA ASP G 60 33.10 15.19 -8.59
C ASP G 60 32.62 16.35 -7.76
N LYS G 61 32.85 17.57 -8.26
CA LYS G 61 32.40 18.78 -7.58
C LYS G 61 30.86 18.84 -7.60
N ALA G 62 30.28 18.53 -8.76
CA ALA G 62 28.83 18.51 -8.98
C ALA G 62 28.15 17.51 -8.05
N VAL G 63 28.64 16.28 -8.04
CA VAL G 63 28.07 15.23 -7.19
C VAL G 63 28.08 15.66 -5.73
N LYS G 64 29.20 16.22 -5.28
CA LYS G 64 29.30 16.67 -3.88
C LYS G 64 28.27 17.73 -3.55
N ALA G 65 28.06 18.65 -4.49
CA ALA G 65 27.05 19.71 -4.33
C ALA G 65 25.66 19.09 -4.27
N ALA G 66 25.40 18.14 -5.19
CA ALA G 66 24.13 17.45 -5.26
C ALA G 66 23.84 16.70 -3.96
N ARG G 67 24.83 15.93 -3.51
CA ARG G 67 24.71 15.16 -2.27
C ARG G 67 24.44 16.07 -1.08
N ALA G 68 25.05 17.25 -1.06
CA ALA G 68 24.86 18.18 0.04
C ALA G 68 23.41 18.70 0.06
N ALA G 69 22.91 19.04 -1.12
CA ALA G 69 21.56 19.54 -1.26
C ALA G 69 20.52 18.46 -0.97
N PHE G 70 20.97 17.20 -0.94
CA PHE G 70 20.08 16.09 -0.66
C PHE G 70 20.13 15.62 0.78
N GLN G 71 20.98 16.22 1.60
CA GLN G 71 21.08 15.80 3.01
C GLN G 71 19.81 16.01 3.82
N LEU G 72 19.51 15.05 4.68
CA LEU G 72 18.33 15.13 5.51
C LEU G 72 18.32 16.48 6.24
N GLY G 73 17.20 17.18 6.15
CA GLY G 73 17.05 18.46 6.81
C GLY G 73 17.34 19.66 5.94
N SER G 74 17.84 19.42 4.73
CA SER G 74 18.17 20.49 3.78
C SER G 74 16.89 21.16 3.23
N PRO G 75 17.04 22.33 2.61
CA PRO G 75 15.87 23.02 2.06
C PRO G 75 15.10 22.15 1.08
N TRP G 76 15.81 21.44 0.21
CA TRP G 76 15.19 20.60 -0.79
C TRP G 76 14.48 19.38 -0.19
N ARG G 77 15.03 18.82 0.88
CA ARG G 77 14.43 17.65 1.48
C ARG G 77 13.23 17.95 2.36
N ARG G 78 13.26 19.11 3.00
CA ARG G 78 12.18 19.54 3.89
C ARG G 78 11.03 20.21 3.16
N MET G 79 11.32 20.77 1.99
CA MET G 79 10.32 21.46 1.17
C MET G 79 9.06 20.62 0.94
N ASP G 80 7.88 21.27 1.01
CA ASP G 80 6.63 20.56 0.78
C ASP G 80 6.62 20.07 -0.67
N ALA G 81 6.04 18.89 -0.89
CA ALA G 81 6.01 18.36 -2.25
C ALA G 81 5.29 19.29 -3.20
N SER G 82 4.23 19.93 -2.70
CA SER G 82 3.45 20.86 -3.49
C SER G 82 4.30 22.07 -3.89
N HIS G 83 5.31 22.36 -3.09
CA HIS G 83 6.19 23.49 -3.39
C HIS G 83 7.15 23.13 -4.52
N ARG G 84 7.53 21.86 -4.61
CA ARG G 84 8.43 21.44 -5.69
C ARG G 84 7.64 21.70 -6.97
N GLY G 85 6.34 21.42 -6.91
CA GLY G 85 5.50 21.66 -8.06
C GLY G 85 5.45 23.13 -8.44
N ARG G 86 5.38 24.01 -7.43
CA ARG G 86 5.36 25.44 -7.68
C ARG G 86 6.65 25.86 -8.41
N LEU G 87 7.78 25.32 -7.96
CA LEU G 87 9.07 25.63 -8.56
C LEU G 87 9.14 25.18 -10.02
N LEU G 88 8.60 24.00 -10.31
CA LEU G 88 8.60 23.49 -11.68
C LEU G 88 7.72 24.38 -12.55
N ASN G 89 6.59 24.79 -12.01
CA ASN G 89 5.66 25.66 -12.73
C ASN G 89 6.31 27.02 -12.96
N ARG G 90 7.10 27.50 -12.00
CA ARG G 90 7.81 28.76 -12.12
C ARG G 90 8.86 28.66 -13.23
N LEU G 91 9.57 27.54 -13.26
CA LEU G 91 10.57 27.29 -14.26
C LEU G 91 9.89 27.27 -15.63
N ALA G 92 8.71 26.66 -15.70
CA ALA G 92 7.99 26.63 -16.96
C ALA G 92 7.66 28.06 -17.42
N ASP G 93 7.23 28.89 -16.48
CA ASP G 93 6.89 30.28 -16.76
C ASP G 93 8.09 31.03 -17.33
N LEU G 94 9.25 30.84 -16.70
CA LEU G 94 10.48 31.49 -17.14
C LEU G 94 10.84 31.04 -18.55
N ILE G 95 10.70 29.74 -18.80
CA ILE G 95 10.99 29.22 -20.11
C ILE G 95 10.02 29.81 -21.14
N GLU G 96 8.77 30.01 -20.77
CA GLU G 96 7.83 30.58 -21.74
C GLU G 96 8.13 32.05 -22.01
N ARG G 97 8.62 32.73 -20.99
CA ARG G 97 8.97 34.13 -21.12
C ARG G 97 10.09 34.31 -22.15
N ASP G 98 11.06 33.41 -22.10
CA ASP G 98 12.22 33.44 -23.00
C ASP G 98 12.08 32.43 -24.12
N ARG G 99 10.84 32.07 -24.44
CA ARG G 99 10.54 31.09 -25.48
C ARG G 99 11.17 31.43 -26.83
N THR G 100 10.96 32.65 -27.29
CA THR G 100 11.49 33.12 -28.58
C THR G 100 13.01 32.98 -28.65
N TYR G 101 13.68 33.41 -27.59
CA TYR G 101 15.13 33.34 -27.52
C TYR G 101 15.62 31.89 -27.52
N LEU G 102 15.10 31.09 -26.59
CA LEU G 102 15.48 29.68 -26.49
C LEU G 102 15.25 28.91 -27.78
N ALA G 103 14.15 29.18 -28.49
CA ALA G 103 13.88 28.49 -29.73
C ALA G 103 14.93 28.85 -30.82
N ALA G 104 15.36 30.10 -30.83
CA ALA G 104 16.36 30.53 -31.79
C ALA G 104 17.70 29.92 -31.39
N LEU G 105 18.00 29.90 -30.10
CA LEU G 105 19.28 29.34 -29.64
C LEU G 105 19.33 27.85 -29.93
N GLU G 106 18.18 27.19 -29.84
CA GLU G 106 18.09 25.77 -30.09
C GLU G 106 18.43 25.53 -31.56
N THR G 107 17.82 26.33 -32.43
CA THR G 107 18.07 26.21 -33.86
C THR G 107 19.55 26.47 -34.21
N LEU G 108 20.13 27.49 -33.59
CA LEU G 108 21.51 27.86 -33.85
C LEU G 108 22.49 26.73 -33.56
N ASP G 109 22.31 26.10 -32.40
CA ASP G 109 23.16 25.03 -31.93
C ASP G 109 22.84 23.62 -32.46
N ASN G 110 21.56 23.33 -32.66
CA ASN G 110 21.13 22.01 -33.14
C ASN G 110 20.90 21.93 -34.64
N GLY G 111 20.32 22.97 -35.22
CA GLY G 111 20.08 22.96 -36.65
C GLY G 111 18.65 22.78 -37.10
N LYS G 112 17.79 22.35 -36.19
CA LYS G 112 16.38 22.17 -36.53
C LYS G 112 15.71 23.51 -36.84
N PRO G 113 14.74 23.50 -37.77
CA PRO G 113 14.00 24.69 -38.17
C PRO G 113 13.46 25.45 -36.97
N TYR G 114 13.65 26.77 -36.95
CA TYR G 114 13.16 27.63 -35.86
C TYR G 114 11.67 27.50 -35.63
N VAL G 115 10.89 27.37 -36.70
CA VAL G 115 9.45 27.22 -36.55
C VAL G 115 9.13 25.97 -35.69
N ILE G 116 9.79 24.86 -35.99
CA ILE G 116 9.58 23.63 -35.26
C ILE G 116 10.12 23.76 -33.82
N SER G 117 11.22 24.48 -33.69
CA SER G 117 11.84 24.68 -32.39
C SER G 117 10.91 25.47 -31.47
N TYR G 118 10.20 26.43 -32.04
CA TYR G 118 9.27 27.28 -31.30
C TYR G 118 7.91 26.62 -31.05
N LEU G 119 7.31 26.07 -32.10
CA LEU G 119 5.99 25.44 -32.00
C LEU G 119 5.97 24.03 -31.46
N VAL G 120 7.04 23.28 -31.68
CA VAL G 120 7.08 21.92 -31.19
C VAL G 120 7.94 21.73 -29.95
N ASP G 121 9.24 21.84 -30.11
CA ASP G 121 10.17 21.65 -28.99
C ASP G 121 9.80 22.42 -27.72
N LEU G 122 9.79 23.74 -27.79
CA LEU G 122 9.47 24.52 -26.61
C LEU G 122 8.09 24.30 -26.05
N ASP G 123 7.13 24.05 -26.94
CA ASP G 123 5.78 23.80 -26.50
C ASP G 123 5.76 22.53 -25.67
N MET G 124 6.46 21.51 -26.15
CA MET G 124 6.53 20.24 -25.45
C MET G 124 7.32 20.31 -24.16
N VAL G 125 8.29 21.22 -24.11
CA VAL G 125 9.09 21.41 -22.91
C VAL G 125 8.17 21.98 -21.84
N LEU G 126 7.43 23.01 -22.22
CA LEU G 126 6.50 23.66 -21.31
C LEU G 126 5.44 22.70 -20.80
N LYS G 127 4.86 21.91 -21.71
CA LYS G 127 3.85 20.93 -21.32
C LYS G 127 4.42 19.82 -20.43
N CYS G 128 5.66 19.44 -20.68
CA CYS G 128 6.30 18.40 -19.92
C CYS G 128 6.56 18.87 -18.48
N LEU G 129 7.15 20.06 -18.35
CA LEU G 129 7.43 20.65 -17.03
C LEU G 129 6.15 20.89 -16.22
N ARG G 130 5.12 21.42 -16.88
CA ARG G 130 3.86 21.68 -16.21
C ARG G 130 3.13 20.38 -15.85
N TYR G 131 3.33 19.34 -16.65
CA TYR G 131 2.71 18.05 -16.35
C TYR G 131 3.33 17.51 -15.06
N TYR G 132 4.65 17.47 -15.00
CA TYR G 132 5.30 16.94 -13.81
C TYR G 132 5.14 17.82 -12.59
N ALA G 133 4.88 19.09 -12.82
CA ALA G 133 4.67 20.00 -11.69
C ALA G 133 3.50 19.44 -10.90
N GLY G 134 2.49 18.98 -11.66
CA GLY G 134 1.30 18.43 -11.07
C GLY G 134 1.46 17.11 -10.35
N TRP G 135 2.52 16.35 -10.67
CA TRP G 135 2.76 15.05 -10.04
C TRP G 135 3.47 15.16 -8.72
N ALA G 136 4.14 16.29 -8.48
CA ALA G 136 4.91 16.49 -7.25
C ALA G 136 4.30 16.00 -5.96
N ASP G 137 3.01 16.24 -5.76
CA ASP G 137 2.35 15.85 -4.52
C ASP G 137 1.21 14.86 -4.71
N LYS G 138 1.33 14.01 -5.73
CA LYS G 138 0.29 13.05 -6.02
C LYS G 138 0.76 11.59 -6.18
N TYR G 139 2.04 11.33 -6.01
CA TYR G 139 2.56 9.97 -6.13
C TYR G 139 2.51 9.33 -4.75
N HIS G 140 1.37 8.77 -4.39
CA HIS G 140 1.19 8.20 -3.08
C HIS G 140 1.86 6.88 -2.80
N GLY G 141 2.02 6.60 -1.51
CA GLY G 141 2.58 5.34 -1.03
C GLY G 141 1.35 4.56 -0.65
N LYS G 142 1.49 3.40 -0.05
CA LYS G 142 0.31 2.61 0.25
C LYS G 142 0.22 2.17 1.71
N THR G 143 -0.99 1.88 2.18
CA THR G 143 -1.15 1.33 3.52
C THR G 143 -1.60 -0.09 3.14
N ILE G 144 -0.80 -1.09 3.52
CA ILE G 144 -1.07 -2.48 3.17
C ILE G 144 -1.66 -3.38 4.27
N PRO G 145 -2.73 -4.11 3.93
CA PRO G 145 -3.42 -5.01 4.86
C PRO G 145 -2.66 -6.34 5.08
N ILE G 146 -1.51 -6.21 5.71
CA ILE G 146 -0.65 -7.35 6.03
C ILE G 146 -1.28 -8.25 7.12
N ASP G 147 -0.88 -9.51 7.16
CA ASP G 147 -1.37 -10.44 8.16
C ASP G 147 -0.87 -10.05 9.56
N GLY G 148 -1.60 -10.45 10.60
CA GLY G 148 -1.22 -10.16 11.97
C GLY G 148 -1.54 -8.76 12.47
N ASP G 149 -1.22 -8.53 13.73
CA ASP G 149 -1.45 -7.25 14.36
C ASP G 149 -0.33 -6.24 14.04
N PHE G 150 -0.34 -5.78 12.79
CA PHE G 150 0.63 -4.79 12.33
C PHE G 150 -0.07 -3.78 11.44
N PHE G 151 0.56 -2.62 11.31
CA PHE G 151 0.13 -1.54 10.47
C PHE G 151 1.32 -1.40 9.54
N SER G 152 1.10 -1.69 8.26
CA SER G 152 2.19 -1.60 7.30
C SER G 152 1.88 -0.59 6.22
N TYR G 153 2.88 0.18 5.83
CA TYR G 153 2.71 1.19 4.81
C TYR G 153 4.01 1.44 4.06
N THR G 154 3.92 2.11 2.94
CA THR G 154 5.11 2.41 2.14
C THR G 154 5.26 3.88 1.88
N ARG G 155 6.50 4.35 1.82
CA ARG G 155 6.79 5.74 1.52
C ARG G 155 7.58 5.70 0.23
N HIS G 156 7.30 6.62 -0.68
CA HIS G 156 8.03 6.69 -1.91
C HIS G 156 9.01 7.83 -1.70
N GLU G 157 10.26 7.45 -1.51
CA GLU G 157 11.34 8.39 -1.27
C GLU G 157 12.15 8.63 -2.55
N PRO G 158 12.85 9.77 -2.64
CA PRO G 158 13.65 10.06 -3.83
C PRO G 158 14.80 9.08 -3.88
N VAL G 159 15.26 8.76 -5.08
CA VAL G 159 16.36 7.84 -5.24
C VAL G 159 17.65 8.46 -4.72
N GLY G 160 17.79 9.78 -4.88
CA GLY G 160 18.97 10.49 -4.43
C GLY G 160 19.65 11.29 -5.53
N VAL G 161 20.97 11.11 -5.66
CA VAL G 161 21.73 11.80 -6.68
C VAL G 161 21.58 11.06 -8.03
N CYS G 162 20.94 11.75 -8.97
CA CYS G 162 20.69 11.19 -10.28
C CYS G 162 21.56 11.78 -11.37
N GLY G 163 22.32 10.90 -12.02
CA GLY G 163 23.18 11.34 -13.10
C GLY G 163 22.36 11.25 -14.35
N GLN G 164 22.32 12.33 -15.12
CA GLN G 164 21.52 12.34 -16.32
C GLN G 164 22.35 12.71 -17.55
N ILE G 165 22.51 11.75 -18.45
CA ILE G 165 23.29 11.97 -19.63
C ILE G 165 22.35 12.02 -20.82
N ILE G 166 22.25 13.20 -21.45
CA ILE G 166 21.35 13.39 -22.58
C ILE G 166 22.00 13.64 -23.93
N PRO G 167 21.33 13.25 -25.01
CA PRO G 167 21.77 13.39 -26.40
C PRO G 167 21.57 14.79 -26.98
N TRP G 168 21.86 14.94 -28.28
CA TRP G 168 21.75 16.22 -28.98
C TRP G 168 20.55 16.45 -29.94
N ASN G 169 19.79 15.39 -30.22
CA ASN G 169 18.67 15.52 -31.14
C ASN G 169 17.55 16.45 -30.67
N PHE G 170 17.27 16.49 -29.38
CA PHE G 170 16.24 17.35 -28.79
C PHE G 170 16.81 17.85 -27.48
N PRO G 171 17.79 18.76 -27.57
CA PRO G 171 18.47 19.34 -26.39
C PRO G 171 17.56 19.75 -25.24
N LEU G 172 16.62 20.66 -25.50
CA LEU G 172 15.72 21.16 -24.47
C LEU G 172 14.72 20.13 -24.00
N LEU G 173 14.08 19.45 -24.94
CA LEU G 173 13.09 18.48 -24.60
C LEU G 173 13.70 17.36 -23.78
N MET G 174 14.87 16.90 -24.16
CA MET G 174 15.55 15.83 -23.43
C MET G 174 15.80 16.28 -21.99
N GLN G 175 16.22 17.54 -21.85
CA GLN G 175 16.46 18.10 -20.54
C GLN G 175 15.18 18.09 -19.70
N ALA G 176 14.10 18.55 -20.29
CA ALA G 176 12.84 18.57 -19.58
C ALA G 176 12.34 17.17 -19.19
N TRP G 177 12.45 16.22 -20.12
CA TRP G 177 12.00 14.85 -19.85
C TRP G 177 12.74 14.23 -18.70
N LYS G 178 13.94 14.74 -18.43
CA LYS G 178 14.74 14.24 -17.34
C LYS G 178 14.52 14.99 -16.02
N LEU G 179 14.48 16.32 -16.11
CA LEU G 179 14.28 17.14 -14.92
C LEU G 179 12.88 17.04 -14.35
N GLY G 180 11.88 16.91 -15.23
CA GLY G 180 10.50 16.81 -14.78
C GLY G 180 10.28 15.76 -13.73
N PRO G 181 10.42 14.47 -14.07
CA PRO G 181 10.22 13.41 -13.09
C PRO G 181 11.19 13.44 -11.93
N ALA G 182 12.45 13.71 -12.24
CA ALA G 182 13.48 13.75 -11.21
C ALA G 182 13.16 14.78 -10.13
N LEU G 183 12.84 15.99 -10.56
CA LEU G 183 12.54 17.07 -9.63
C LEU G 183 11.20 16.93 -8.92
N ALA G 184 10.18 16.49 -9.64
CA ALA G 184 8.88 16.34 -9.02
C ALA G 184 8.93 15.35 -7.87
N THR G 185 9.81 14.35 -8.00
CA THR G 185 9.94 13.32 -6.97
C THR G 185 10.92 13.64 -5.86
N GLY G 186 11.55 14.81 -5.93
CA GLY G 186 12.49 15.21 -4.89
C GLY G 186 13.95 14.78 -4.98
N ASN G 187 14.42 14.40 -6.17
CA ASN G 187 15.81 13.99 -6.35
C ASN G 187 16.67 15.19 -6.69
N VAL G 188 17.99 14.97 -6.71
CA VAL G 188 18.94 16.00 -7.10
C VAL G 188 19.57 15.51 -8.40
N VAL G 189 20.03 16.43 -9.23
CA VAL G 189 20.57 16.06 -10.54
C VAL G 189 21.97 16.60 -10.91
N VAL G 190 22.74 15.74 -11.57
CA VAL G 190 24.06 16.07 -12.09
C VAL G 190 23.88 15.69 -13.55
N MET G 191 23.64 16.68 -14.39
CA MET G 191 23.37 16.46 -15.79
C MET G 191 24.53 16.70 -16.75
N LYS G 192 24.73 15.76 -17.67
CA LYS G 192 25.79 15.89 -18.68
C LYS G 192 25.10 16.08 -20.02
N VAL G 193 25.21 17.27 -20.57
CA VAL G 193 24.59 17.60 -21.84
C VAL G 193 25.48 17.24 -23.02
N ALA G 194 24.88 17.02 -24.17
CA ALA G 194 25.67 16.65 -25.35
C ALA G 194 26.63 17.76 -25.79
N GLU G 195 27.87 17.39 -26.13
CA GLU G 195 28.89 18.35 -26.55
C GLU G 195 28.49 19.14 -27.79
N GLN G 196 27.63 18.56 -28.62
CA GLN G 196 27.17 19.22 -29.82
C GLN G 196 26.11 20.28 -29.56
N THR G 197 25.38 20.17 -28.46
CA THR G 197 24.30 21.11 -28.17
C THR G 197 24.16 21.41 -26.69
N PRO G 198 25.17 22.07 -26.07
CA PRO G 198 25.07 22.37 -24.65
C PRO G 198 24.50 23.72 -24.29
N LEU G 199 24.36 24.58 -25.29
CA LEU G 199 23.88 25.95 -25.05
C LEU G 199 22.54 26.15 -24.38
N THR G 200 21.45 25.69 -24.99
CA THR G 200 20.13 25.88 -24.38
C THR G 200 19.97 25.30 -22.99
N ALA G 201 20.57 24.14 -22.75
CA ALA G 201 20.50 23.47 -21.44
C ALA G 201 21.14 24.33 -20.36
N LEU G 202 22.27 24.94 -20.71
CA LEU G 202 22.99 25.81 -19.79
C LEU G 202 22.20 27.06 -19.51
N TYR G 203 21.54 27.61 -20.54
CA TYR G 203 20.72 28.79 -20.32
C TYR G 203 19.54 28.44 -19.38
N VAL G 204 18.96 27.26 -19.55
CA VAL G 204 17.87 26.83 -18.67
C VAL G 204 18.37 26.73 -17.22
N ALA G 205 19.63 26.33 -17.02
CA ALA G 205 20.18 26.23 -15.66
C ALA G 205 20.10 27.58 -14.97
N ASN G 206 20.29 28.62 -15.77
CA ASN G 206 20.21 29.98 -15.27
C ASN G 206 18.78 30.26 -14.81
N LEU G 207 17.79 29.79 -15.59
CA LEU G 207 16.39 29.98 -15.25
C LEU G 207 16.05 29.19 -13.99
N ILE G 208 16.68 28.03 -13.83
CA ILE G 208 16.47 27.17 -12.66
C ILE G 208 16.90 27.93 -11.40
N LYS G 209 17.97 28.70 -11.51
CA LYS G 209 18.44 29.52 -10.40
C LYS G 209 17.42 30.65 -10.17
N GLU G 210 16.95 31.25 -11.26
CA GLU G 210 16.01 32.35 -11.18
C GLU G 210 14.69 31.88 -10.61
N ALA G 211 14.33 30.63 -10.89
CA ALA G 211 13.09 30.08 -10.38
C ALA G 211 13.09 29.89 -8.87
N GLY G 212 14.26 29.80 -8.28
CA GLY G 212 14.36 29.60 -6.83
C GLY G 212 14.73 28.21 -6.35
N PHE G 213 15.18 27.33 -7.25
CA PHE G 213 15.56 25.99 -6.82
C PHE G 213 16.79 26.14 -5.97
N PRO G 214 16.86 25.43 -4.85
CA PRO G 214 18.01 25.50 -3.95
C PRO G 214 19.31 25.10 -4.66
N PRO G 215 20.43 25.66 -4.20
CA PRO G 215 21.73 25.35 -4.81
C PRO G 215 22.03 23.87 -4.68
N GLY G 216 22.55 23.30 -5.75
CA GLY G 216 22.90 21.88 -5.73
C GLY G 216 21.82 20.92 -6.19
N VAL G 217 20.58 21.41 -6.31
CA VAL G 217 19.48 20.54 -6.74
C VAL G 217 19.65 20.15 -8.21
N VAL G 218 20.10 21.08 -9.04
CA VAL G 218 20.37 20.77 -10.44
C VAL G 218 21.78 21.28 -10.74
N ASN G 219 22.60 20.40 -11.31
CA ASN G 219 23.99 20.73 -11.67
C ASN G 219 24.23 20.26 -13.09
N ILE G 220 24.69 21.15 -13.95
CA ILE G 220 24.94 20.76 -15.33
C ILE G 220 26.43 20.82 -15.65
N VAL G 221 26.99 19.72 -16.14
CA VAL G 221 28.41 19.67 -16.48
C VAL G 221 28.57 19.41 -17.97
N PRO G 222 28.79 20.47 -18.76
CA PRO G 222 28.95 20.23 -20.19
C PRO G 222 30.35 19.62 -20.41
N GLY G 223 30.51 18.84 -21.47
CA GLY G 223 31.80 18.21 -21.73
C GLY G 223 31.67 16.98 -22.61
N PHE G 224 32.76 16.23 -22.76
CA PHE G 224 32.71 15.04 -23.59
C PHE G 224 32.16 13.83 -22.87
N GLY G 225 31.81 12.81 -23.65
CA GLY G 225 31.24 11.59 -23.09
C GLY G 225 32.20 10.67 -22.35
N PRO G 226 33.29 10.23 -23.00
CA PRO G 226 34.26 9.34 -22.34
C PRO G 226 34.87 9.98 -21.10
N THR G 227 34.75 11.31 -20.97
CA THR G 227 35.29 12.01 -19.82
C THR G 227 34.23 12.28 -18.74
N ALA G 228 33.40 13.30 -18.96
CA ALA G 228 32.36 13.69 -18.00
C ALA G 228 31.26 12.67 -17.88
N GLY G 229 30.83 12.12 -19.01
CA GLY G 229 29.77 11.13 -18.99
C GLY G 229 30.14 9.90 -18.19
N ALA G 230 31.31 9.37 -18.50
CA ALA G 230 31.80 8.17 -17.84
C ALA G 230 32.06 8.41 -16.35
N ALA G 231 32.45 9.64 -16.00
CA ALA G 231 32.72 9.94 -14.60
C ALA G 231 31.46 9.86 -13.76
N ILE G 232 30.33 10.20 -14.39
CA ILE G 232 29.01 10.16 -13.75
C ILE G 232 28.59 8.71 -13.60
N ALA G 233 28.63 7.97 -14.70
CA ALA G 233 28.25 6.57 -14.70
C ALA G 233 29.03 5.70 -13.73
N SER G 234 30.30 6.04 -13.50
CA SER G 234 31.13 5.27 -12.59
C SER G 234 31.27 5.83 -11.18
N HIS G 235 30.67 6.99 -10.93
CA HIS G 235 30.77 7.63 -9.63
C HIS G 235 30.21 6.78 -8.52
N GLU G 236 30.97 6.69 -7.43
CA GLU G 236 30.58 5.90 -6.27
C GLU G 236 29.44 6.49 -5.46
N ASP G 237 29.16 7.78 -5.65
CA ASP G 237 28.11 8.45 -4.88
C ASP G 237 26.88 8.86 -5.69
N VAL G 238 26.79 8.38 -6.92
CA VAL G 238 25.64 8.66 -7.75
C VAL G 238 24.74 7.45 -7.57
N ASP G 239 23.51 7.68 -7.10
CA ASP G 239 22.54 6.60 -6.84
C ASP G 239 21.83 6.05 -8.08
N LYS G 240 21.77 6.83 -9.16
CA LYS G 240 21.10 6.40 -10.37
C LYS G 240 21.66 7.13 -11.57
N VAL G 241 21.65 6.46 -12.71
CA VAL G 241 22.13 7.06 -13.94
C VAL G 241 21.09 6.77 -15.02
N ALA G 242 20.65 7.84 -15.65
CA ALA G 242 19.66 7.72 -16.72
C ALA G 242 20.40 8.17 -17.97
N PHE G 243 20.47 7.27 -18.95
CA PHE G 243 21.15 7.59 -20.20
C PHE G 243 20.25 7.47 -21.44
N THR G 244 20.42 8.39 -22.38
CA THR G 244 19.67 8.38 -23.64
C THR G 244 20.67 8.58 -24.77
N GLY G 245 20.80 7.60 -25.66
CA GLY G 245 21.74 7.72 -26.76
C GLY G 245 21.92 6.44 -27.57
N SER G 246 23.15 6.16 -27.98
CA SER G 246 23.44 4.96 -28.76
C SER G 246 23.50 3.70 -27.92
N THR G 247 23.10 2.58 -28.52
CA THR G 247 23.11 1.29 -27.85
C THR G 247 24.54 0.93 -27.45
N GLU G 248 25.53 1.32 -28.26
CA GLU G 248 26.91 0.99 -27.92
C GLU G 248 27.38 1.67 -26.63
N ILE G 249 27.01 2.92 -26.42
CA ILE G 249 27.40 3.64 -25.20
C ILE G 249 26.50 3.18 -24.04
N GLY G 250 25.28 2.78 -24.37
CA GLY G 250 24.35 2.28 -23.35
C GLY G 250 24.88 1.05 -22.63
N ARG G 251 25.69 0.24 -23.32
CA ARG G 251 26.29 -0.96 -22.73
C ARG G 251 27.43 -0.56 -21.81
N VAL G 252 28.19 0.45 -22.21
CA VAL G 252 29.31 0.98 -21.41
C VAL G 252 28.77 1.47 -20.07
N ILE G 253 27.66 2.22 -20.13
CA ILE G 253 27.00 2.78 -18.96
C ILE G 253 26.59 1.68 -17.97
N GLN G 254 25.89 0.65 -18.46
CA GLN G 254 25.44 -0.44 -17.63
C GLN G 254 26.59 -1.19 -16.95
N VAL G 255 27.68 -1.40 -17.69
CA VAL G 255 28.87 -2.08 -17.16
C VAL G 255 29.53 -1.20 -16.09
N ALA G 256 29.62 0.11 -16.39
CA ALA G 256 30.20 1.10 -15.48
C ALA G 256 29.45 1.12 -14.14
N ALA G 257 28.15 0.88 -14.22
CA ALA G 257 27.27 0.85 -13.06
C ALA G 257 27.46 -0.41 -12.21
N GLY G 258 27.61 -1.56 -12.85
CA GLY G 258 27.81 -2.81 -12.15
C GLY G 258 29.20 -2.91 -11.57
N SER G 259 30.13 -2.16 -12.16
CA SER G 259 31.52 -2.12 -11.74
C SER G 259 31.76 -1.16 -10.57
N SER G 260 30.81 -0.28 -10.32
CA SER G 260 30.96 0.69 -9.26
C SER G 260 30.13 0.44 -8.01
N ASN G 261 28.95 1.05 -7.93
CA ASN G 261 28.10 0.93 -6.73
C ASN G 261 26.72 0.31 -6.94
N LEU G 262 26.55 -0.43 -8.02
CA LEU G 262 25.28 -1.09 -8.31
C LEU G 262 24.13 -0.07 -8.39
N LYS G 263 24.45 1.12 -8.89
CA LYS G 263 23.47 2.19 -9.06
C LYS G 263 22.40 1.76 -10.06
N ARG G 264 21.24 2.38 -9.98
CA ARG G 264 20.15 2.04 -10.89
C ARG G 264 20.46 2.58 -12.28
N VAL G 265 20.01 1.86 -13.29
CA VAL G 265 20.29 2.26 -14.65
C VAL G 265 19.08 2.16 -15.55
N THR G 266 18.77 3.24 -16.26
CA THR G 266 17.68 3.26 -17.24
C THR G 266 18.31 3.70 -18.55
N LEU G 267 18.01 2.97 -19.62
CA LEU G 267 18.60 3.30 -20.92
C LEU G 267 17.53 3.57 -21.96
N GLU G 268 17.69 4.66 -22.67
CA GLU G 268 16.76 5.01 -23.73
C GLU G 268 17.57 4.99 -25.01
N LEU G 269 17.69 3.81 -25.60
CA LEU G 269 18.47 3.62 -26.82
C LEU G 269 17.67 3.84 -28.10
N GLY G 270 18.34 3.80 -29.25
CA GLY G 270 17.66 4.02 -30.52
C GLY G 270 16.79 2.87 -30.99
N GLY G 271 16.53 2.84 -32.29
CA GLY G 271 15.72 1.78 -32.85
C GLY G 271 15.68 1.78 -34.37
N LYS G 272 14.99 0.81 -34.92
CA LYS G 272 14.81 0.71 -36.37
C LYS G 272 13.31 0.46 -36.45
N SER G 273 12.55 1.41 -35.92
CA SER G 273 11.10 1.35 -35.84
C SER G 273 10.33 1.12 -37.13
N PRO G 274 9.53 0.06 -37.17
CA PRO G 274 8.74 -0.30 -38.35
C PRO G 274 7.44 0.50 -38.43
N ASN G 275 7.11 0.96 -39.61
CA ASN G 275 5.89 1.73 -39.86
C ASN G 275 5.14 0.88 -40.88
N ILE G 276 4.12 0.18 -40.44
CA ILE G 276 3.36 -0.70 -41.31
C ILE G 276 2.13 -0.06 -41.99
N ILE G 277 2.14 0.00 -43.31
CA ILE G 277 1.02 0.57 -44.05
C ILE G 277 0.23 -0.58 -44.71
N MET G 278 -0.98 -0.83 -44.22
CA MET G 278 -1.83 -1.88 -44.80
C MET G 278 -2.55 -1.32 -46.03
N SER G 279 -2.99 -2.21 -46.91
CA SER G 279 -3.64 -1.81 -48.16
C SER G 279 -4.91 -0.99 -48.01
N ASP G 280 -5.59 -1.12 -46.87
CA ASP G 280 -6.82 -0.37 -46.62
C ASP G 280 -6.62 0.96 -45.92
N ALA G 281 -5.38 1.37 -45.72
CA ALA G 281 -5.08 2.63 -45.09
C ALA G 281 -5.47 3.82 -45.96
N ASP G 282 -5.65 4.99 -45.35
CA ASP G 282 -5.96 6.20 -46.11
C ASP G 282 -4.63 6.61 -46.74
N MET G 283 -4.50 6.37 -48.05
CA MET G 283 -3.30 6.67 -48.81
C MET G 283 -2.68 8.06 -48.57
N ASP G 284 -3.50 9.09 -48.66
CA ASP G 284 -3.08 10.45 -48.46
C ASP G 284 -2.41 10.65 -47.09
N TRP G 285 -3.12 10.21 -46.06
CA TRP G 285 -2.66 10.34 -44.69
C TRP G 285 -1.46 9.48 -44.42
N ALA G 286 -1.47 8.25 -44.90
CA ALA G 286 -0.35 7.34 -44.67
C ALA G 286 0.93 7.85 -45.29
N VAL G 287 0.85 8.39 -46.50
CA VAL G 287 2.02 8.87 -47.21
C VAL G 287 2.61 10.04 -46.51
N GLU G 288 1.76 10.95 -46.09
CA GLU G 288 2.28 12.15 -45.39
C GLU G 288 2.86 11.84 -43.99
N GLN G 289 2.24 10.83 -43.36
CA GLN G 289 2.62 10.44 -41.98
C GLN G 289 3.88 9.61 -42.01
N ALA G 290 4.03 8.83 -43.08
CA ALA G 290 5.20 8.00 -43.25
C ALA G 290 6.38 8.92 -43.51
N HIS G 291 6.10 10.02 -44.21
CA HIS G 291 7.11 11.01 -44.54
C HIS G 291 7.56 11.70 -43.25
N PHE G 292 6.60 12.13 -42.45
CA PHE G 292 6.90 12.79 -41.19
C PHE G 292 7.63 11.80 -40.24
N ALA G 293 7.12 10.57 -40.21
CA ALA G 293 7.64 9.50 -39.36
C ALA G 293 9.14 9.35 -39.47
N LEU G 294 9.66 9.51 -40.70
CA LEU G 294 11.08 9.38 -40.92
C LEU G 294 11.89 10.69 -40.97
N PHE G 295 11.46 11.62 -41.80
CA PHE G 295 12.17 12.88 -41.97
C PHE G 295 12.14 13.87 -40.83
N PHE G 296 11.25 13.67 -39.88
CA PHE G 296 11.15 14.61 -38.76
C PHE G 296 12.48 14.83 -38.05
N ASN G 297 12.78 16.10 -37.76
CA ASN G 297 14.02 16.48 -37.08
C ASN G 297 15.27 15.97 -37.83
N GLN G 298 15.27 16.10 -39.15
CA GLN G 298 16.40 15.65 -39.96
C GLN G 298 16.64 14.14 -39.81
N GLY G 299 15.59 13.39 -39.49
CA GLY G 299 15.75 11.95 -39.32
C GLY G 299 16.46 11.62 -38.01
N GLN G 300 16.89 12.65 -37.30
CA GLN G 300 17.59 12.50 -36.03
C GLN G 300 16.60 12.30 -34.90
N CYS G 301 15.89 11.17 -34.97
CA CYS G 301 14.85 10.83 -34.01
C CYS G 301 15.03 9.37 -33.59
N CYS G 302 15.07 9.11 -32.28
CA CYS G 302 15.26 7.74 -31.79
C CYS G 302 14.23 6.73 -32.30
N CYS G 303 12.98 7.18 -32.41
CA CYS G 303 11.93 6.30 -32.86
C CYS G 303 11.47 6.60 -34.28
N ALA G 304 12.41 7.00 -35.14
CA ALA G 304 12.09 7.31 -36.52
C ALA G 304 11.62 6.08 -37.27
N GLY G 305 10.58 6.24 -38.09
CA GLY G 305 10.04 5.12 -38.86
C GLY G 305 10.96 4.84 -40.03
N SER G 306 12.12 4.24 -39.73
CA SER G 306 13.12 3.93 -40.75
C SER G 306 12.89 2.63 -41.50
N ARG G 307 11.77 1.96 -41.25
CA ARG G 307 11.44 0.75 -41.98
C ARG G 307 9.98 0.85 -42.37
N THR G 308 9.70 1.44 -43.52
CA THR G 308 8.33 1.61 -43.99
C THR G 308 7.82 0.35 -44.73
N PHE G 309 7.05 -0.47 -44.06
CA PHE G 309 6.55 -1.66 -44.68
C PHE G 309 5.26 -1.32 -45.40
N VAL G 310 5.19 -1.63 -46.70
CA VAL G 310 4.01 -1.30 -47.48
C VAL G 310 3.45 -2.51 -48.15
N GLN G 311 2.16 -2.75 -47.99
CA GLN G 311 1.54 -3.91 -48.60
C GLN G 311 1.61 -3.80 -50.14
N GLU G 312 1.86 -4.94 -50.80
CA GLU G 312 2.02 -4.98 -52.26
C GLU G 312 0.97 -4.31 -53.13
N ASP G 313 -0.30 -4.44 -52.80
CA ASP G 313 -1.32 -3.83 -53.60
C ASP G 313 -1.21 -2.32 -53.71
N ILE G 314 -0.58 -1.67 -52.75
CA ILE G 314 -0.49 -0.22 -52.80
C ILE G 314 0.94 0.29 -52.85
N TYR G 315 1.86 -0.65 -52.99
CA TYR G 315 3.29 -0.37 -53.02
C TYR G 315 3.72 0.69 -54.05
N ASP G 316 3.47 0.40 -55.33
CA ASP G 316 3.85 1.32 -56.39
C ASP G 316 3.30 2.72 -56.20
N GLU G 317 2.01 2.83 -55.87
CA GLU G 317 1.39 4.12 -55.65
C GLU G 317 2.00 4.82 -54.45
N PHE G 318 2.16 4.08 -53.35
CA PHE G 318 2.73 4.63 -52.11
C PHE G 318 4.12 5.21 -52.36
N VAL G 319 4.99 4.40 -52.97
CA VAL G 319 6.37 4.77 -53.28
C VAL G 319 6.44 6.01 -54.16
N GLU G 320 5.60 6.07 -55.18
CA GLU G 320 5.57 7.22 -56.06
C GLU G 320 5.27 8.50 -55.30
N ARG G 321 4.26 8.45 -54.45
CA ARG G 321 3.87 9.61 -53.66
C ARG G 321 4.93 9.99 -52.63
N SER G 322 5.57 8.98 -52.05
CA SER G 322 6.64 9.22 -51.06
C SER G 322 7.85 9.89 -51.71
N VAL G 323 8.17 9.45 -52.91
CA VAL G 323 9.31 10.04 -53.64
C VAL G 323 9.01 11.50 -53.99
N ALA G 324 7.79 11.75 -54.45
CA ALA G 324 7.34 13.11 -54.79
C ALA G 324 7.43 14.00 -53.56
N ARG G 325 6.99 13.47 -52.42
CA ARG G 325 7.00 14.22 -51.18
C ARG G 325 8.42 14.50 -50.71
N ALA G 326 9.31 13.55 -50.94
CA ALA G 326 10.70 13.70 -50.55
C ALA G 326 11.41 14.77 -51.39
N LYS G 327 11.13 14.77 -52.70
CA LYS G 327 11.74 15.76 -53.58
C LYS G 327 11.26 17.17 -53.33
N SER G 328 10.02 17.32 -52.85
CA SER G 328 9.48 18.65 -52.59
C SER G 328 9.83 19.17 -51.21
N ARG G 329 10.49 18.35 -50.40
CA ARG G 329 10.86 18.74 -49.05
C ARG G 329 11.93 19.82 -49.13
N VAL G 330 11.59 21.00 -48.66
CA VAL G 330 12.48 22.16 -48.66
C VAL G 330 13.65 22.05 -47.68
N VAL G 331 14.87 22.04 -48.19
CA VAL G 331 16.09 21.97 -47.37
C VAL G 331 16.75 23.33 -47.41
N GLY G 332 17.17 23.86 -46.26
CA GLY G 332 17.80 25.15 -46.26
C GLY G 332 18.07 25.77 -44.90
N ASN G 333 18.24 27.08 -44.88
CA ASN G 333 18.51 27.80 -43.65
C ASN G 333 17.39 27.56 -42.66
N PRO G 334 17.71 26.98 -41.49
CA PRO G 334 16.73 26.69 -40.45
C PRO G 334 15.90 27.88 -39.97
N PHE G 335 16.44 29.10 -40.10
CA PHE G 335 15.71 30.31 -39.70
C PHE G 335 14.72 30.82 -40.73
N ASP G 336 14.70 30.18 -41.89
CA ASP G 336 13.79 30.56 -42.96
C ASP G 336 12.50 29.80 -42.76
N SER G 337 11.40 30.55 -42.74
CA SER G 337 10.05 30.00 -42.54
C SER G 337 9.65 28.86 -43.48
N LYS G 338 10.18 28.87 -44.69
CA LYS G 338 9.86 27.82 -45.67
C LYS G 338 10.67 26.54 -45.48
N THR G 339 11.75 26.60 -44.72
CA THR G 339 12.61 25.44 -44.48
C THR G 339 11.91 24.34 -43.71
N GLU G 340 11.88 23.14 -44.29
CA GLU G 340 11.29 21.96 -43.66
C GLU G 340 12.38 21.14 -42.99
N GLN G 341 13.55 21.08 -43.63
CA GLN G 341 14.70 20.31 -43.16
C GLN G 341 15.96 21.13 -43.02
N GLY G 342 16.54 21.14 -41.83
CA GLY G 342 17.78 21.85 -41.60
C GLY G 342 18.96 20.91 -41.79
N PRO G 343 20.15 21.30 -41.32
CA PRO G 343 21.32 20.44 -41.49
C PRO G 343 21.37 19.36 -40.41
N GLN G 344 22.31 18.40 -40.55
CA GLN G 344 22.48 17.35 -39.54
C GLN G 344 23.28 18.01 -38.41
N VAL G 345 23.24 17.45 -37.20
CA VAL G 345 23.91 18.03 -36.05
C VAL G 345 25.39 18.38 -36.15
N ASP G 346 26.19 17.50 -36.76
CA ASP G 346 27.63 17.75 -36.89
C ASP G 346 28.27 16.99 -38.05
N GLU G 347 29.56 17.23 -38.26
CA GLU G 347 30.28 16.59 -39.35
C GLU G 347 30.33 15.07 -39.23
N THR G 348 30.50 14.58 -38.01
CA THR G 348 30.54 13.14 -37.77
C THR G 348 29.29 12.45 -38.29
N GLN G 349 28.12 12.97 -37.91
CA GLN G 349 26.86 12.40 -38.36
C GLN G 349 26.70 12.58 -39.86
N PHE G 350 27.15 13.73 -40.36
CA PHE G 350 27.10 14.07 -41.77
C PHE G 350 27.73 12.97 -42.61
N LYS G 351 28.92 12.55 -42.23
CA LYS G 351 29.65 11.49 -42.92
C LYS G 351 29.03 10.13 -42.71
N LYS G 352 28.70 9.83 -41.47
CA LYS G 352 28.09 8.54 -41.11
C LYS G 352 26.85 8.26 -41.99
N ILE G 353 26.07 9.30 -42.25
CA ILE G 353 24.87 9.19 -43.08
C ILE G 353 25.27 8.94 -44.55
N LEU G 354 26.21 9.73 -45.04
CA LEU G 354 26.67 9.59 -46.42
C LEU G 354 27.19 8.16 -46.63
N GLY G 355 27.84 7.63 -45.59
CA GLY G 355 28.35 6.29 -45.65
C GLY G 355 27.21 5.29 -45.80
N TYR G 356 26.17 5.46 -44.99
CA TYR G 356 25.01 4.58 -45.05
C TYR G 356 24.34 4.64 -46.43
N ILE G 357 24.25 5.84 -47.00
CA ILE G 357 23.61 5.98 -48.33
C ILE G 357 24.43 5.17 -49.33
N ASN G 358 25.75 5.29 -49.24
CA ASN G 358 26.62 4.57 -50.15
C ASN G 358 26.44 3.07 -49.96
N THR G 359 26.41 2.64 -48.69
CA THR G 359 26.23 1.23 -48.37
C THR G 359 24.91 0.74 -48.94
N GLY G 360 23.92 1.64 -49.00
CA GLY G 360 22.61 1.28 -49.55
C GLY G 360 22.66 0.95 -51.03
N LYS G 361 23.31 1.82 -51.79
CA LYS G 361 23.46 1.62 -53.23
C LYS G 361 24.24 0.35 -53.53
N GLN G 362 25.32 0.11 -52.77
CA GLN G 362 26.16 -1.07 -52.96
C GLN G 362 25.47 -2.39 -52.69
N GLU G 363 24.53 -2.42 -51.75
CA GLU G 363 23.81 -3.65 -51.41
C GLU G 363 22.65 -4.01 -52.33
N GLY G 364 22.31 -3.12 -53.27
CA GLY G 364 21.23 -3.43 -54.19
C GLY G 364 19.91 -2.69 -53.97
N ALA G 365 19.85 -1.80 -52.99
CA ALA G 365 18.62 -1.06 -52.76
C ALA G 365 18.49 -0.03 -53.87
N LYS G 366 17.28 0.12 -54.41
CA LYS G 366 17.01 1.06 -55.50
C LYS G 366 16.89 2.52 -55.02
N LEU G 367 17.89 3.34 -55.34
CA LEU G 367 17.88 4.76 -54.97
C LEU G 367 16.84 5.50 -55.81
N LEU G 368 15.77 5.93 -55.17
CA LEU G 368 14.69 6.62 -55.86
C LEU G 368 14.80 8.13 -55.93
N CYS G 369 15.59 8.74 -55.03
CA CYS G 369 15.78 10.18 -55.03
C CYS G 369 16.85 10.59 -54.02
N GLY G 370 17.41 11.78 -54.20
CA GLY G 370 18.46 12.30 -53.32
C GLY G 370 19.70 11.43 -53.32
N GLY G 371 20.32 11.30 -52.15
CA GLY G 371 21.51 10.47 -52.02
C GLY G 371 22.83 11.22 -51.98
N GLY G 372 22.78 12.54 -51.96
CA GLY G 372 24.02 13.30 -51.92
C GLY G 372 23.93 14.53 -51.05
N ILE G 373 24.99 15.34 -51.04
CA ILE G 373 25.03 16.57 -50.26
C ILE G 373 24.07 17.60 -50.90
N ALA G 374 23.33 18.33 -50.05
CA ALA G 374 22.36 19.31 -50.51
C ALA G 374 22.84 20.75 -50.55
N ALA G 375 24.05 20.98 -50.03
CA ALA G 375 24.63 22.32 -50.02
C ALA G 375 26.13 22.26 -49.72
N ASP G 376 26.86 23.24 -50.23
CA ASP G 376 28.31 23.30 -50.02
C ASP G 376 28.67 23.77 -48.61
N ARG G 377 27.77 24.54 -48.03
CA ARG G 377 27.96 25.08 -46.67
C ARG G 377 27.06 24.34 -45.68
N GLY G 378 27.62 23.96 -44.53
CA GLY G 378 26.85 23.27 -43.51
C GLY G 378 26.69 21.78 -43.79
N TYR G 379 26.11 21.05 -42.84
CA TYR G 379 25.92 19.62 -43.00
C TYR G 379 24.54 19.22 -43.57
N PHE G 380 24.19 19.73 -44.74
CA PHE G 380 22.91 19.43 -45.35
C PHE G 380 22.94 18.18 -46.22
N ILE G 381 21.93 17.34 -46.08
CA ILE G 381 21.81 16.13 -46.87
C ILE G 381 20.45 16.06 -47.54
N GLN G 382 20.44 15.65 -48.80
CA GLN G 382 19.21 15.56 -49.59
C GLN G 382 18.27 14.48 -49.08
N PRO G 383 16.97 14.77 -49.05
CA PRO G 383 15.98 13.79 -48.59
C PRO G 383 16.15 12.58 -49.49
N THR G 384 16.58 11.47 -48.92
CA THR G 384 16.83 10.25 -49.67
C THR G 384 15.81 9.16 -49.41
N VAL G 385 15.46 8.43 -50.47
CA VAL G 385 14.50 7.35 -50.37
C VAL G 385 14.96 6.11 -51.12
N PHE G 386 14.97 4.98 -50.44
CA PHE G 386 15.37 3.70 -51.04
C PHE G 386 14.15 2.80 -51.24
N GLY G 387 14.06 2.18 -52.40
CA GLY G 387 12.94 1.29 -52.67
C GLY G 387 13.39 -0.16 -52.69
N ASP G 388 12.44 -1.07 -52.65
CA ASP G 388 12.71 -2.49 -52.66
C ASP G 388 13.78 -2.94 -51.66
N VAL G 389 13.76 -2.36 -50.47
CA VAL G 389 14.73 -2.71 -49.43
C VAL G 389 14.41 -4.11 -48.91
N GLN G 390 15.45 -4.83 -48.52
CA GLN G 390 15.30 -6.19 -48.00
C GLN G 390 15.76 -6.24 -46.54
N ASP G 391 15.19 -7.17 -45.79
CA ASP G 391 15.49 -7.35 -44.38
C ASP G 391 16.98 -7.53 -44.08
N GLY G 392 17.67 -8.23 -44.96
CA GLY G 392 19.09 -8.49 -44.76
C GLY G 392 20.04 -7.33 -44.98
N MET G 393 19.55 -6.32 -45.70
CA MET G 393 20.37 -5.15 -46.00
C MET G 393 20.81 -4.38 -44.76
N THR G 394 21.97 -3.73 -44.83
CA THR G 394 22.48 -2.96 -43.71
C THR G 394 21.58 -1.77 -43.42
N ILE G 395 21.14 -1.08 -44.46
CA ILE G 395 20.29 0.10 -44.27
C ILE G 395 18.93 -0.26 -43.71
N ALA G 396 18.66 -1.55 -43.63
CA ALA G 396 17.41 -2.06 -43.08
C ALA G 396 17.63 -2.65 -41.68
N LYS G 397 18.86 -2.61 -41.18
CA LYS G 397 19.19 -3.16 -39.87
C LYS G 397 19.78 -2.15 -38.92
N GLU G 398 20.62 -1.27 -39.44
CA GLU G 398 21.27 -0.29 -38.59
C GLU G 398 20.61 1.09 -38.64
N GLU G 399 20.57 1.76 -37.49
CA GLU G 399 20.01 3.08 -37.34
C GLU G 399 20.88 4.13 -38.01
N ILE G 400 20.34 4.72 -39.06
CA ILE G 400 21.00 5.74 -39.83
C ILE G 400 20.98 7.12 -39.14
N PHE G 401 19.82 7.46 -38.56
CA PHE G 401 19.64 8.74 -37.86
C PHE G 401 19.79 9.92 -38.82
N GLY G 402 19.28 9.74 -40.04
CA GLY G 402 19.37 10.77 -41.05
C GLY G 402 18.18 10.71 -41.97
N PRO G 403 18.02 11.68 -42.89
CA PRO G 403 16.92 11.75 -43.85
C PRO G 403 17.01 10.69 -44.93
N VAL G 404 17.00 9.43 -44.50
CA VAL G 404 17.11 8.32 -45.43
C VAL G 404 15.97 7.33 -45.17
N MET G 405 15.04 7.24 -46.10
CA MET G 405 13.88 6.39 -45.97
C MET G 405 14.03 5.05 -46.65
N GLN G 406 13.65 3.98 -45.96
CA GLN G 406 13.70 2.64 -46.51
C GLN G 406 12.27 2.15 -46.71
N ILE G 407 11.91 1.76 -47.93
CA ILE G 407 10.57 1.26 -48.17
C ILE G 407 10.64 -0.22 -48.55
N LEU G 408 10.02 -1.06 -47.73
CA LEU G 408 9.98 -2.51 -47.93
C LEU G 408 8.60 -2.96 -48.33
N LYS G 409 8.52 -4.09 -49.01
CA LYS G 409 7.24 -4.58 -49.48
C LYS G 409 6.88 -5.86 -48.76
N PHE G 410 5.58 -6.06 -48.51
CA PHE G 410 5.14 -7.29 -47.86
C PHE G 410 3.78 -7.69 -48.42
N LYS G 411 3.41 -8.93 -48.17
CA LYS G 411 2.15 -9.46 -48.66
C LYS G 411 1.07 -9.68 -47.59
N THR G 412 1.38 -10.43 -46.54
CA THR G 412 0.39 -10.69 -45.51
C THR G 412 0.67 -10.04 -44.17
N ILE G 413 -0.37 -9.89 -43.36
CA ILE G 413 -0.23 -9.30 -42.03
C ILE G 413 0.59 -10.22 -41.09
N GLU G 414 0.45 -11.55 -41.25
CA GLU G 414 1.22 -12.47 -40.42
C GLU G 414 2.71 -12.33 -40.76
N GLU G 415 2.99 -12.10 -42.05
CA GLU G 415 4.34 -11.93 -42.53
C GLU G 415 4.98 -10.68 -41.93
N VAL G 416 4.29 -9.56 -42.07
CA VAL G 416 4.84 -8.29 -41.61
C VAL G 416 5.13 -8.25 -40.09
N VAL G 417 4.33 -8.95 -39.31
CA VAL G 417 4.56 -9.01 -37.88
C VAL G 417 5.93 -9.60 -37.59
N GLY G 418 6.22 -10.73 -38.24
CA GLY G 418 7.48 -11.43 -38.05
C GLY G 418 8.66 -10.60 -38.51
N ARG G 419 8.50 -9.93 -39.63
CA ARG G 419 9.56 -9.09 -40.14
C ARG G 419 9.76 -7.85 -39.27
N ALA G 420 8.67 -7.19 -38.89
CA ALA G 420 8.74 -6.00 -38.03
C ALA G 420 9.40 -6.35 -36.70
N ASN G 421 9.02 -7.50 -36.17
CA ASN G 421 9.56 -7.95 -34.90
C ASN G 421 11.00 -8.45 -34.95
N ASN G 422 11.42 -8.92 -36.12
CA ASN G 422 12.78 -9.43 -36.27
C ASN G 422 13.76 -8.27 -36.27
N SER G 423 14.12 -7.83 -35.07
CA SER G 423 15.04 -6.72 -34.88
C SER G 423 15.55 -6.74 -33.45
N THR G 424 16.72 -6.14 -33.24
CA THR G 424 17.34 -6.04 -31.92
C THR G 424 16.69 -4.88 -31.16
N TYR G 425 16.02 -4.02 -31.92
CA TYR G 425 15.32 -2.86 -31.38
C TYR G 425 13.83 -3.11 -31.18
N GLY G 426 13.23 -2.27 -30.35
CA GLY G 426 11.80 -2.37 -30.08
C GLY G 426 11.31 -1.11 -29.40
N LEU G 427 11.76 0.05 -29.85
CA LEU G 427 11.38 1.33 -29.25
C LEU G 427 9.97 1.76 -29.65
N ALA G 428 9.67 1.71 -30.93
CA ALA G 428 8.35 2.12 -31.43
C ALA G 428 7.95 1.36 -32.69
N ALA G 429 6.70 1.57 -33.11
CA ALA G 429 6.13 0.96 -34.29
C ALA G 429 4.80 1.67 -34.60
N ALA G 430 4.33 1.51 -35.83
CA ALA G 430 3.08 2.14 -36.23
C ALA G 430 2.31 1.30 -37.24
N VAL G 431 1.00 1.48 -37.26
CA VAL G 431 0.14 0.73 -38.15
C VAL G 431 -0.85 1.68 -38.75
N PHE G 432 -1.05 1.56 -40.05
CA PHE G 432 -1.98 2.38 -40.77
C PHE G 432 -2.99 1.46 -41.40
N THR G 433 -4.24 1.58 -40.95
CA THR G 433 -5.32 0.75 -41.44
C THR G 433 -6.63 1.34 -40.97
N LYS G 434 -7.70 0.95 -41.65
CA LYS G 434 -9.02 1.41 -41.32
C LYS G 434 -9.76 0.33 -40.60
N ASP G 435 -9.22 -0.88 -40.65
CA ASP G 435 -9.82 -2.05 -40.03
C ASP G 435 -9.55 -2.23 -38.55
N LEU G 436 -10.63 -2.31 -37.77
CA LEU G 436 -10.54 -2.50 -36.33
C LEU G 436 -9.73 -3.74 -35.93
N ASP G 437 -10.10 -4.91 -36.47
CA ASP G 437 -9.39 -6.14 -36.16
C ASP G 437 -7.90 -6.12 -36.52
N LYS G 438 -7.53 -5.52 -37.65
CA LYS G 438 -6.14 -5.48 -38.05
C LYS G 438 -5.33 -4.60 -37.09
N ALA G 439 -5.90 -3.47 -36.73
CA ALA G 439 -5.24 -2.54 -35.82
C ALA G 439 -4.98 -3.17 -34.46
N ASN G 440 -5.97 -3.91 -33.95
CA ASN G 440 -5.81 -4.53 -32.64
C ASN G 440 -4.87 -5.71 -32.73
N TYR G 441 -4.95 -6.44 -33.83
CA TYR G 441 -4.09 -7.60 -34.02
C TYR G 441 -2.61 -7.13 -34.02
N LEU G 442 -2.33 -6.09 -34.77
CA LEU G 442 -0.99 -5.56 -34.87
C LEU G 442 -0.49 -4.86 -33.63
N SER G 443 -1.32 -4.04 -33.01
CA SER G 443 -0.82 -3.33 -31.87
C SER G 443 -0.46 -4.29 -30.75
N GLN G 444 -1.08 -5.46 -30.72
CA GLN G 444 -0.76 -6.47 -29.74
C GLN G 444 0.45 -7.28 -30.14
N ALA G 445 0.50 -7.67 -31.41
CA ALA G 445 1.61 -8.46 -31.93
C ALA G 445 2.97 -7.74 -32.00
N LEU G 446 2.97 -6.47 -32.35
CA LEU G 446 4.22 -5.72 -32.45
C LEU G 446 4.93 -5.61 -31.11
N GLN G 447 6.22 -5.97 -31.12
CA GLN G 447 7.04 -5.93 -29.92
C GLN G 447 7.75 -4.61 -29.85
N ALA G 448 6.97 -3.59 -29.46
CA ALA G 448 7.49 -2.25 -29.35
C ALA G 448 6.93 -1.56 -28.14
N GLY G 449 7.73 -0.68 -27.54
CA GLY G 449 7.26 0.04 -26.36
C GLY G 449 6.10 0.99 -26.64
N THR G 450 6.02 1.48 -27.88
CA THR G 450 4.95 2.37 -28.25
C THR G 450 4.46 2.00 -29.64
N VAL G 451 3.16 1.80 -29.78
CA VAL G 451 2.60 1.45 -31.09
C VAL G 451 1.58 2.51 -31.41
N TRP G 452 1.77 3.16 -32.56
CA TRP G 452 0.88 4.21 -33.03
C TRP G 452 -0.08 3.65 -34.08
N VAL G 453 -1.37 3.96 -33.98
CA VAL G 453 -2.33 3.51 -34.99
C VAL G 453 -2.84 4.73 -35.76
N ASN G 454 -2.53 4.78 -37.06
CA ASN G 454 -2.95 5.90 -37.92
C ASN G 454 -2.35 7.24 -37.47
N CYS G 455 -1.15 7.20 -36.91
CA CYS G 455 -0.48 8.44 -36.50
C CYS G 455 0.96 8.06 -36.24
N TYR G 456 1.81 9.06 -35.98
CA TYR G 456 3.21 8.76 -35.70
C TYR G 456 3.78 9.87 -34.86
N ASP G 457 4.76 9.52 -34.03
CA ASP G 457 5.40 10.49 -33.14
C ASP G 457 4.42 11.30 -32.29
N VAL G 458 3.39 10.63 -31.80
CA VAL G 458 2.42 11.31 -30.96
C VAL G 458 2.82 11.06 -29.50
N PHE G 459 3.54 12.01 -28.94
CA PHE G 459 3.99 11.88 -27.57
C PHE G 459 3.17 12.80 -26.70
N GLY G 460 2.74 12.27 -25.56
CA GLY G 460 2.00 13.07 -24.62
C GLY G 460 2.88 13.10 -23.40
N ALA G 461 2.93 14.22 -22.68
CA ALA G 461 3.73 14.27 -21.46
C ALA G 461 3.15 13.21 -20.50
N GLN G 462 1.88 12.87 -20.75
CA GLN G 462 1.17 11.90 -19.95
C GLN G 462 1.31 10.41 -20.33
N SER G 463 1.84 10.13 -21.51
CA SER G 463 2.02 8.73 -21.94
C SER G 463 3.46 8.27 -21.82
N PRO G 464 3.67 7.06 -21.25
CA PRO G 464 5.02 6.51 -21.07
C PRO G 464 5.70 6.21 -22.40
N PHE G 465 7.02 6.36 -22.42
CA PHE G 465 7.84 6.14 -23.61
C PHE G 465 9.13 5.39 -23.27
N GLY G 466 9.28 4.20 -23.83
CA GLY G 466 10.47 3.40 -23.59
C GLY G 466 10.54 2.26 -24.58
N GLY G 467 11.60 1.44 -24.50
CA GLY G 467 11.74 0.35 -25.43
C GLY G 467 11.84 -1.07 -24.89
N TYR G 468 11.63 -2.01 -25.80
CA TYR G 468 11.72 -3.44 -25.55
C TYR G 468 13.11 -3.87 -26.01
N LYS G 469 13.55 -5.05 -25.59
CA LYS G 469 14.84 -5.59 -26.00
C LYS G 469 16.02 -4.63 -25.81
N MET G 470 16.85 -4.52 -26.85
CA MET G 470 18.03 -3.66 -26.82
C MET G 470 17.78 -2.19 -27.13
N SER G 471 16.55 -1.73 -26.91
CA SER G 471 16.20 -0.32 -27.10
C SER G 471 16.21 0.32 -25.72
N GLY G 472 16.52 -0.50 -24.70
CA GLY G 472 16.60 -0.03 -23.33
C GLY G 472 15.60 -0.63 -22.36
N SER G 473 15.72 -0.21 -21.11
CA SER G 473 14.84 -0.65 -20.03
C SER G 473 14.32 0.61 -19.34
N GLY G 474 13.20 0.48 -18.63
CA GLY G 474 12.62 1.63 -17.95
C GLY G 474 11.83 2.52 -18.90
N ARG G 475 10.95 3.34 -18.33
CA ARG G 475 10.11 4.25 -19.13
C ARG G 475 10.25 5.71 -18.70
N GLU G 476 9.83 6.60 -19.59
CA GLU G 476 9.84 8.04 -19.34
C GLU G 476 8.45 8.58 -19.66
N LEU G 477 8.13 9.76 -19.12
CA LEU G 477 6.81 10.38 -19.33
C LEU G 477 5.68 9.59 -18.61
N GLY G 478 4.60 10.28 -18.28
CA GLY G 478 3.50 9.65 -17.58
C GLY G 478 3.84 9.30 -16.14
N GLU G 479 2.96 8.56 -15.49
CA GLU G 479 3.18 8.14 -14.11
C GLU G 479 4.35 7.14 -13.99
N TYR G 480 4.61 6.41 -15.08
CA TYR G 480 5.68 5.42 -15.12
C TYR G 480 7.06 6.06 -14.94
N GLY G 481 7.19 7.28 -15.44
CA GLY G 481 8.43 8.00 -15.35
C GLY G 481 8.81 8.28 -13.91
N LEU G 482 7.84 8.24 -13.01
CA LEU G 482 8.12 8.48 -11.60
C LEU G 482 8.70 7.27 -10.88
N GLN G 483 8.35 6.08 -11.36
CA GLN G 483 8.82 4.84 -10.74
C GLN G 483 10.33 4.74 -10.70
N ALA G 484 10.96 5.19 -11.78
CA ALA G 484 12.40 5.15 -11.93
C ALA G 484 13.11 6.07 -10.95
N TYR G 485 12.41 7.10 -10.53
CA TYR G 485 13.01 8.08 -9.62
C TYR G 485 12.54 7.95 -8.19
N THR G 486 12.06 6.76 -7.84
CA THR G 486 11.56 6.53 -6.50
C THR G 486 12.08 5.26 -5.83
N LYS G 487 12.33 5.36 -4.54
CA LYS G 487 12.79 4.25 -3.70
C LYS G 487 11.58 3.90 -2.82
N VAL G 488 11.26 2.62 -2.68
CA VAL G 488 10.12 2.26 -1.85
C VAL G 488 10.55 1.79 -0.45
N LYS G 489 10.13 2.53 0.57
CA LYS G 489 10.45 2.14 1.94
C LYS G 489 9.19 1.60 2.58
N THR G 490 9.31 0.47 3.27
CA THR G 490 8.18 -0.16 3.94
C THR G 490 8.39 -0.02 5.43
N VAL G 491 7.37 0.50 6.11
CA VAL G 491 7.44 0.63 7.56
C VAL G 491 6.32 -0.24 8.11
N THR G 492 6.69 -1.24 8.91
CA THR G 492 5.71 -2.15 9.50
C THR G 492 5.76 -2.00 11.01
N VAL G 493 4.68 -1.50 11.57
CA VAL G 493 4.56 -1.24 12.99
C VAL G 493 3.67 -2.22 13.72
N LYS G 494 4.13 -2.70 14.88
CA LYS G 494 3.32 -3.61 15.69
C LYS G 494 2.24 -2.78 16.37
N VAL G 495 0.99 -3.25 16.29
CA VAL G 495 -0.14 -2.54 16.90
C VAL G 495 -0.86 -3.42 17.92
N PRO G 496 -1.54 -2.80 18.90
CA PRO G 496 -2.27 -3.54 19.93
C PRO G 496 -3.23 -4.64 19.39
N GLN G 497 -4.15 -4.27 18.49
CA GLN G 497 -5.08 -5.23 17.93
C GLN G 497 -5.65 -4.74 16.60
N LYS G 498 -5.33 -5.46 15.53
CA LYS G 498 -5.78 -5.08 14.20
C LYS G 498 -7.21 -5.39 13.95
N ASN G 499 -7.91 -4.45 13.34
CA ASN G 499 -9.31 -4.63 12.97
C ASN G 499 -9.42 -4.10 11.56
N SER G 500 -10.34 -4.66 10.78
CA SER G 500 -10.53 -4.21 9.40
C SER G 500 -11.03 -2.77 9.34
N ALA H 7 1.33 -28.42 17.12
CA ALA H 7 0.39 -28.91 16.05
C ALA H 7 1.14 -29.23 14.76
N VAL H 8 2.25 -29.95 14.90
CA VAL H 8 3.08 -30.31 13.77
C VAL H 8 3.17 -31.83 13.63
N PRO H 9 2.83 -32.36 12.45
CA PRO H 9 2.89 -33.81 12.21
C PRO H 9 4.30 -34.38 12.34
N ALA H 10 4.37 -35.66 12.71
CA ALA H 10 5.65 -36.34 12.86
C ALA H 10 6.34 -36.44 11.51
N PRO H 11 7.59 -35.95 11.43
CA PRO H 11 8.40 -35.96 10.20
C PRO H 11 9.08 -37.29 9.87
N ASN H 12 9.38 -37.45 8.60
CA ASN H 12 10.12 -38.61 8.13
C ASN H 12 11.55 -38.05 8.12
N GLN H 13 12.35 -38.46 9.10
CA GLN H 13 13.72 -37.97 9.24
C GLN H 13 14.66 -38.34 8.12
N GLN H 14 14.17 -39.16 7.20
CA GLN H 14 14.94 -39.56 6.02
C GLN H 14 14.03 -39.66 4.81
N PRO H 15 13.51 -38.51 4.38
CA PRO H 15 12.62 -38.45 3.22
C PRO H 15 13.30 -38.92 1.96
N GLU H 16 12.55 -39.59 1.11
CA GLU H 16 13.10 -40.10 -0.13
C GLU H 16 13.17 -38.99 -1.16
N VAL H 17 14.17 -39.05 -2.03
CA VAL H 17 14.33 -38.05 -3.06
C VAL H 17 13.84 -38.65 -4.37
N PHE H 18 12.90 -37.94 -4.99
CA PHE H 18 12.32 -38.42 -6.23
C PHE H 18 12.79 -37.61 -7.42
N CYS H 19 13.28 -36.40 -7.18
CA CYS H 19 13.70 -35.54 -8.28
C CYS H 19 15.10 -35.03 -8.00
N ASN H 20 15.99 -35.25 -8.96
CA ASN H 20 17.38 -34.84 -8.83
C ASN H 20 18.04 -34.52 -10.17
N GLN H 21 17.22 -34.25 -11.17
CA GLN H 21 17.70 -33.93 -12.49
C GLN H 21 17.31 -32.52 -12.95
N ILE H 22 17.61 -32.21 -14.20
CA ILE H 22 17.29 -30.93 -14.79
C ILE H 22 15.85 -30.99 -15.30
N PHE H 23 15.09 -29.94 -15.00
CA PHE H 23 13.69 -29.84 -15.38
C PHE H 23 13.54 -28.90 -16.54
N ILE H 24 13.15 -29.41 -17.71
CA ILE H 24 12.95 -28.61 -18.90
C ILE H 24 11.72 -29.16 -19.63
N ASN H 25 10.80 -28.28 -20.05
CA ASN H 25 9.58 -28.71 -20.76
C ASN H 25 8.81 -29.79 -20.00
N ASN H 26 8.76 -29.65 -18.67
CA ASN H 26 8.06 -30.58 -17.79
C ASN H 26 8.61 -31.98 -17.81
N GLU H 27 9.86 -32.13 -18.26
CA GLU H 27 10.51 -33.42 -18.31
C GLU H 27 11.82 -33.41 -17.56
N TRP H 28 12.21 -34.57 -17.04
CA TRP H 28 13.46 -34.71 -16.32
C TRP H 28 14.59 -35.19 -17.24
N HIS H 29 15.71 -34.49 -17.22
CA HIS H 29 16.84 -34.85 -18.07
C HIS H 29 18.12 -34.82 -17.26
N ASP H 30 19.11 -35.58 -17.74
CA ASP H 30 20.43 -35.60 -17.12
C ASP H 30 21.14 -34.44 -17.80
N ALA H 31 22.21 -33.93 -17.19
CA ALA H 31 22.96 -32.83 -17.80
C ALA H 31 23.56 -33.36 -19.09
N VAL H 32 23.76 -32.49 -20.07
CA VAL H 32 24.33 -32.89 -21.35
C VAL H 32 25.67 -33.62 -21.13
N SER H 33 26.42 -33.13 -20.15
CA SER H 33 27.73 -33.69 -19.80
C SER H 33 27.64 -35.01 -19.03
N ARG H 34 26.46 -35.32 -18.50
CA ARG H 34 26.25 -36.54 -17.73
C ARG H 34 26.77 -36.40 -16.31
N LYS H 35 27.40 -35.27 -16.01
CA LYS H 35 27.97 -35.05 -14.68
C LYS H 35 26.90 -34.81 -13.62
N THR H 36 27.26 -35.09 -12.37
CA THR H 36 26.35 -34.91 -11.25
C THR H 36 27.17 -34.49 -10.07
N PHE H 37 26.56 -33.73 -9.17
CA PHE H 37 27.25 -33.25 -7.98
C PHE H 37 26.48 -33.70 -6.74
N PRO H 38 27.20 -33.90 -5.63
CA PRO H 38 26.53 -34.33 -4.41
C PRO H 38 25.92 -33.20 -3.60
N THR H 39 24.85 -33.51 -2.90
CA THR H 39 24.25 -32.52 -2.04
C THR H 39 24.31 -33.13 -0.65
N VAL H 40 24.85 -32.35 0.28
CA VAL H 40 25.06 -32.80 1.64
C VAL H 40 24.01 -32.45 2.69
N ASN H 41 23.84 -33.33 3.66
CA ASN H 41 22.94 -33.13 4.78
C ASN H 41 23.86 -32.42 5.76
N PRO H 42 23.67 -31.12 5.97
CA PRO H 42 24.52 -30.35 6.88
C PRO H 42 24.50 -30.78 8.33
N SER H 43 23.56 -31.61 8.72
CA SER H 43 23.46 -32.09 10.10
C SER H 43 24.37 -33.30 10.38
N THR H 44 24.73 -34.04 9.34
CA THR H 44 25.58 -35.22 9.50
C THR H 44 26.83 -35.15 8.63
N GLY H 45 26.80 -34.28 7.64
CA GLY H 45 27.93 -34.14 6.74
C GLY H 45 27.92 -35.19 5.66
N GLU H 46 26.89 -36.03 5.67
CA GLU H 46 26.75 -37.10 4.68
C GLU H 46 26.04 -36.68 3.40
N VAL H 47 26.39 -37.33 2.30
CA VAL H 47 25.79 -37.06 1.01
C VAL H 47 24.36 -37.61 0.98
N ILE H 48 23.42 -36.75 0.60
CA ILE H 48 22.03 -37.17 0.53
C ILE H 48 21.78 -37.93 -0.78
N CYS H 49 22.30 -37.39 -1.87
CA CYS H 49 22.13 -38.03 -3.17
C CYS H 49 22.87 -37.22 -4.21
N GLN H 50 22.93 -37.75 -5.42
CA GLN H 50 23.60 -37.04 -6.50
C GLN H 50 22.55 -36.19 -7.24
N VAL H 51 22.98 -35.07 -7.83
CA VAL H 51 22.09 -34.20 -8.57
C VAL H 51 22.74 -33.82 -9.89
N ALA H 52 21.98 -33.83 -10.98
CA ALA H 52 22.51 -33.45 -12.28
C ALA H 52 23.17 -32.07 -12.21
N GLU H 53 24.37 -31.98 -12.76
CA GLU H 53 25.16 -30.75 -12.77
C GLU H 53 24.93 -29.97 -14.05
N GLY H 54 24.01 -29.02 -14.02
CA GLY H 54 23.71 -28.24 -15.20
C GLY H 54 24.82 -27.27 -15.54
N ASP H 55 24.98 -26.98 -16.83
CA ASP H 55 26.01 -26.06 -17.31
C ASP H 55 25.42 -25.29 -18.48
N LYS H 56 26.25 -24.48 -19.12
CA LYS H 56 25.85 -23.66 -20.25
C LYS H 56 24.93 -24.31 -21.27
N GLU H 57 25.23 -25.53 -21.68
CA GLU H 57 24.41 -26.18 -22.69
C GLU H 57 23.02 -26.55 -22.20
N ASP H 58 22.91 -26.78 -20.89
CA ASP H 58 21.63 -27.13 -20.29
C ASP H 58 20.77 -25.86 -20.16
N VAL H 59 21.42 -24.77 -19.77
CA VAL H 59 20.72 -23.49 -19.65
C VAL H 59 20.23 -23.12 -21.05
N ASP H 60 21.02 -23.44 -22.06
CA ASP H 60 20.64 -23.10 -23.43
C ASP H 60 19.39 -23.85 -23.84
N LYS H 61 19.28 -25.10 -23.41
CA LYS H 61 18.09 -25.89 -23.77
C LYS H 61 16.89 -25.36 -22.99
N ALA H 62 17.12 -24.95 -21.75
CA ALA H 62 16.07 -24.41 -20.90
C ALA H 62 15.53 -23.12 -21.49
N VAL H 63 16.42 -22.19 -21.84
CA VAL H 63 16.00 -20.90 -22.41
C VAL H 63 15.22 -21.10 -23.71
N LYS H 64 15.64 -22.07 -24.50
CA LYS H 64 14.96 -22.39 -25.76
C LYS H 64 13.53 -22.85 -25.51
N ALA H 65 13.36 -23.64 -24.46
CA ALA H 65 12.05 -24.16 -24.10
C ALA H 65 11.16 -23.04 -23.58
N ALA H 66 11.73 -22.18 -22.74
CA ALA H 66 11.01 -21.06 -22.17
C ALA H 66 10.58 -20.14 -23.28
N ARG H 67 11.50 -19.80 -24.18
CA ARG H 67 11.13 -18.93 -25.28
C ARG H 67 10.02 -19.51 -26.17
N ALA H 68 10.00 -20.81 -26.39
CA ALA H 68 8.94 -21.35 -27.24
C ALA H 68 7.62 -21.29 -26.48
N ALA H 69 7.67 -21.48 -25.18
CA ALA H 69 6.44 -21.45 -24.39
C ALA H 69 5.86 -20.04 -24.38
N PHE H 70 6.73 -19.05 -24.60
CA PHE H 70 6.34 -17.66 -24.59
C PHE H 70 5.97 -17.10 -25.97
N GLN H 71 5.98 -17.94 -27.00
CA GLN H 71 5.64 -17.48 -28.36
C GLN H 71 4.20 -17.06 -28.48
N LEU H 72 3.98 -15.95 -29.15
CA LEU H 72 2.63 -15.45 -29.38
C LEU H 72 1.74 -16.59 -29.90
N GLY H 73 0.55 -16.74 -29.31
CA GLY H 73 -0.35 -17.81 -29.73
C GLY H 73 -0.18 -19.11 -28.94
N SER H 74 0.81 -19.18 -28.06
CA SER H 74 1.02 -20.41 -27.28
C SER H 74 0.01 -20.55 -26.16
N PRO H 75 -0.13 -21.74 -25.59
CA PRO H 75 -1.10 -21.89 -24.51
C PRO H 75 -0.89 -20.90 -23.36
N TRP H 76 0.35 -20.70 -22.93
CA TRP H 76 0.62 -19.79 -21.82
C TRP H 76 0.35 -18.33 -22.15
N ARG H 77 0.57 -17.93 -23.40
CA ARG H 77 0.32 -16.55 -23.79
C ARG H 77 -1.16 -16.26 -23.99
N ARG H 78 -1.92 -17.23 -24.50
CA ARG H 78 -3.35 -17.07 -24.77
C ARG H 78 -4.22 -17.30 -23.56
N MET H 79 -3.68 -18.04 -22.59
CA MET H 79 -4.39 -18.36 -21.37
C MET H 79 -4.98 -17.13 -20.69
N ASP H 80 -6.19 -17.23 -20.17
CA ASP H 80 -6.81 -16.09 -19.49
C ASP H 80 -5.98 -15.79 -18.25
N ALA H 81 -5.86 -14.51 -17.90
CA ALA H 81 -5.11 -14.11 -16.74
C ALA H 81 -5.65 -14.78 -15.46
N SER H 82 -6.96 -14.89 -15.37
CA SER H 82 -7.59 -15.52 -14.22
C SER H 82 -7.16 -17.00 -14.08
N HIS H 83 -6.86 -17.62 -15.22
CA HIS H 83 -6.47 -19.02 -15.22
C HIS H 83 -5.05 -19.20 -14.69
N ARG H 84 -4.20 -18.21 -14.90
CA ARG H 84 -2.84 -18.29 -14.41
C ARG H 84 -3.01 -18.29 -12.90
N GLY H 85 -3.99 -17.54 -12.42
CA GLY H 85 -4.26 -17.49 -11.00
C GLY H 85 -4.73 -18.86 -10.53
N ARG H 86 -5.61 -19.51 -11.30
CA ARG H 86 -6.10 -20.83 -10.91
C ARG H 86 -4.95 -21.82 -10.83
N LEU H 87 -4.02 -21.72 -11.77
CA LEU H 87 -2.87 -22.63 -11.78
C LEU H 87 -1.99 -22.46 -10.55
N LEU H 88 -1.80 -21.20 -10.16
CA LEU H 88 -0.99 -20.89 -8.98
C LEU H 88 -1.67 -21.43 -7.71
N ASN H 89 -2.99 -21.33 -7.65
CA ASN H 89 -3.71 -21.82 -6.49
C ASN H 89 -3.62 -23.32 -6.45
N ARG H 90 -3.64 -23.94 -7.62
CA ARG H 90 -3.55 -25.39 -7.73
C ARG H 90 -2.16 -25.81 -7.20
N LEU H 91 -1.13 -25.07 -7.61
CA LEU H 91 0.22 -25.36 -7.18
C LEU H 91 0.31 -25.22 -5.65
N ALA H 92 -0.41 -24.25 -5.10
CA ALA H 92 -0.43 -24.05 -3.65
C ALA H 92 -1.09 -25.24 -2.98
N ASP H 93 -2.16 -25.74 -3.56
CA ASP H 93 -2.84 -26.89 -2.98
C ASP H 93 -1.95 -28.11 -2.97
N LEU H 94 -1.24 -28.33 -4.08
CA LEU H 94 -0.36 -29.49 -4.20
C LEU H 94 0.78 -29.38 -3.18
N ILE H 95 1.31 -28.18 -3.00
CA ILE H 95 2.34 -27.96 -2.01
C ILE H 95 1.82 -28.21 -0.58
N GLU H 96 0.57 -27.86 -0.30
CA GLU H 96 0.00 -28.08 1.03
C GLU H 96 -0.28 -29.56 1.23
N ARG H 97 -0.60 -30.27 0.16
CA ARG H 97 -0.86 -31.69 0.25
C ARG H 97 0.43 -32.39 0.66
N ASP H 98 1.54 -31.99 0.05
CA ASP H 98 2.82 -32.60 0.37
C ASP H 98 3.64 -31.74 1.35
N ARG H 99 2.93 -30.98 2.18
CA ARG H 99 3.56 -30.10 3.14
C ARG H 99 4.53 -30.77 4.10
N THR H 100 4.09 -31.85 4.75
CA THR H 100 4.90 -32.61 5.69
C THR H 100 6.19 -33.11 5.04
N TYR H 101 6.06 -33.70 3.85
CA TYR H 101 7.21 -34.20 3.13
C TYR H 101 8.17 -33.08 2.80
N LEU H 102 7.68 -32.04 2.12
CA LEU H 102 8.53 -30.94 1.73
C LEU H 102 9.23 -30.28 2.89
N ALA H 103 8.54 -30.16 4.02
CA ALA H 103 9.16 -29.54 5.19
C ALA H 103 10.35 -30.37 5.65
N ALA H 104 10.16 -31.70 5.67
CA ALA H 104 11.22 -32.63 6.09
C ALA H 104 12.39 -32.59 5.11
N LEU H 105 12.09 -32.58 3.82
CA LEU H 105 13.11 -32.52 2.79
C LEU H 105 13.89 -31.21 2.89
N GLU H 106 13.20 -30.14 3.23
CA GLU H 106 13.80 -28.81 3.36
C GLU H 106 14.81 -28.88 4.49
N THR H 107 14.40 -29.45 5.61
CA THR H 107 15.25 -29.62 6.77
C THR H 107 16.48 -30.50 6.47
N LEU H 108 16.24 -31.64 5.81
CA LEU H 108 17.31 -32.56 5.45
C LEU H 108 18.43 -31.92 4.61
N ASP H 109 18.03 -31.12 3.62
CA ASP H 109 18.98 -30.48 2.71
C ASP H 109 19.57 -29.14 3.19
N ASN H 110 18.78 -28.37 3.94
CA ASN H 110 19.19 -27.06 4.41
C ASN H 110 19.71 -27.05 5.84
N GLY H 111 19.06 -27.80 6.71
CA GLY H 111 19.49 -27.87 8.10
C GLY H 111 18.60 -27.17 9.11
N LYS H 112 17.68 -26.33 8.61
CA LYS H 112 16.79 -25.60 9.50
C LYS H 112 15.85 -26.57 10.23
N PRO H 113 15.46 -26.23 11.46
CA PRO H 113 14.57 -27.09 12.26
C PRO H 113 13.30 -27.45 11.50
N TYR H 114 12.89 -28.70 11.60
CA TYR H 114 11.69 -29.16 10.92
C TYR H 114 10.42 -28.39 11.34
N VAL H 115 10.35 -28.05 12.63
CA VAL H 115 9.18 -27.31 13.11
C VAL H 115 9.09 -25.95 12.38
N ILE H 116 10.20 -25.25 12.27
CA ILE H 116 10.26 -23.98 11.58
C ILE H 116 9.98 -24.17 10.06
N SER H 117 10.49 -25.27 9.51
CA SER H 117 10.27 -25.56 8.11
C SER H 117 8.80 -25.76 7.79
N TYR H 118 8.10 -26.46 8.67
CA TYR H 118 6.69 -26.74 8.50
C TYR H 118 5.79 -25.54 8.83
N LEU H 119 5.96 -24.95 10.01
CA LEU H 119 5.14 -23.82 10.44
C LEU H 119 5.47 -22.46 9.85
N VAL H 120 6.71 -22.26 9.44
CA VAL H 120 7.10 -20.98 8.89
C VAL H 120 7.30 -21.00 7.38
N ASP H 121 8.40 -21.63 6.94
CA ASP H 121 8.73 -21.71 5.52
C ASP H 121 7.56 -22.16 4.64
N LEU H 122 7.03 -23.34 4.88
CA LEU H 122 5.95 -23.79 4.05
C LEU H 122 4.66 -22.99 4.14
N ASP H 123 4.41 -22.41 5.31
CA ASP H 123 3.22 -21.59 5.49
C ASP H 123 3.37 -20.33 4.63
N MET H 124 4.55 -19.74 4.67
CA MET H 124 4.80 -18.55 3.89
C MET H 124 4.79 -18.85 2.40
N VAL H 125 5.21 -20.05 2.01
CA VAL H 125 5.23 -20.43 0.61
C VAL H 125 3.80 -20.46 0.09
N LEU H 126 2.93 -21.08 0.86
CA LEU H 126 1.53 -21.21 0.49
C LEU H 126 0.91 -19.83 0.39
N LYS H 127 1.22 -18.98 1.38
CA LYS H 127 0.67 -17.64 1.41
C LYS H 127 1.18 -16.76 0.28
N CYS H 128 2.43 -16.97 -0.12
CA CYS H 128 3.00 -16.21 -1.21
C CYS H 128 2.34 -16.60 -2.54
N LEU H 129 2.25 -17.90 -2.79
CA LEU H 129 1.66 -18.38 -4.02
C LEU H 129 0.20 -17.98 -4.10
N ARG H 130 -0.52 -18.09 -3.00
CA ARG H 130 -1.92 -17.75 -2.98
C ARG H 130 -2.13 -16.25 -3.11
N TYR H 131 -1.18 -15.48 -2.62
CA TYR H 131 -1.30 -14.04 -2.75
C TYR H 131 -1.20 -13.67 -4.22
N TYR H 132 -0.13 -14.11 -4.85
CA TYR H 132 0.08 -13.82 -6.25
C TYR H 132 -0.94 -14.41 -7.18
N ALA H 133 -1.58 -15.50 -6.78
CA ALA H 133 -2.58 -16.08 -7.65
C ALA H 133 -3.66 -15.00 -7.82
N GLY H 134 -3.89 -14.28 -6.72
CA GLY H 134 -4.88 -13.20 -6.70
C GLY H 134 -4.54 -12.02 -7.56
N TRP H 135 -3.26 -11.77 -7.80
CA TRP H 135 -2.81 -10.67 -8.62
C TRP H 135 -2.88 -10.94 -10.13
N ALA H 136 -2.93 -12.21 -10.53
CA ALA H 136 -2.94 -12.55 -11.95
C ALA H 136 -3.84 -11.72 -12.85
N ASP H 137 -5.06 -11.43 -12.43
CA ASP H 137 -5.98 -10.67 -13.27
C ASP H 137 -6.37 -9.30 -12.73
N LYS H 138 -5.47 -8.68 -11.97
CA LYS H 138 -5.77 -7.38 -11.37
C LYS H 138 -4.72 -6.28 -11.57
N TYR H 139 -3.66 -6.56 -12.32
CA TYR H 139 -2.61 -5.60 -12.55
C TYR H 139 -2.97 -4.87 -13.84
N HIS H 140 -3.76 -3.82 -13.69
CA HIS H 140 -4.26 -3.04 -14.80
C HIS H 140 -3.30 -2.08 -15.47
N GLY H 141 -3.60 -1.81 -16.73
CA GLY H 141 -2.86 -0.84 -17.50
C GLY H 141 -3.71 0.43 -17.37
N LYS H 142 -3.37 1.48 -18.10
CA LYS H 142 -4.10 2.75 -17.98
C LYS H 142 -4.63 3.30 -19.30
N THR H 143 -5.66 4.15 -19.20
CA THR H 143 -6.19 4.85 -20.36
C THR H 143 -5.82 6.26 -19.93
N ILE H 144 -4.98 6.89 -20.74
CA ILE H 144 -4.44 8.20 -20.46
C ILE H 144 -5.07 9.37 -21.23
N PRO H 145 -5.47 10.43 -20.52
CA PRO H 145 -6.07 11.63 -21.11
C PRO H 145 -5.00 12.53 -21.77
N ILE H 146 -4.38 12.01 -22.82
CA ILE H 146 -3.34 12.70 -23.60
C ILE H 146 -3.94 13.86 -24.42
N ASP H 147 -3.12 14.85 -24.75
CA ASP H 147 -3.58 16.01 -25.52
C ASP H 147 -3.94 15.63 -26.95
N GLY H 148 -4.88 16.35 -27.55
CA GLY H 148 -5.25 16.08 -28.92
C GLY H 148 -6.29 15.00 -29.10
N ASP H 149 -6.70 14.80 -30.35
CA ASP H 149 -7.71 13.83 -30.70
C ASP H 149 -7.13 12.43 -30.79
N PHE H 150 -6.80 11.90 -29.62
CA PHE H 150 -6.24 10.56 -29.53
C PHE H 150 -6.81 9.80 -28.35
N PHE H 151 -6.73 8.49 -28.46
CA PHE H 151 -7.11 7.57 -27.41
C PHE H 151 -5.77 6.87 -27.09
N SER H 152 -5.25 7.11 -25.90
CA SER H 152 -3.98 6.49 -25.50
C SER H 152 -4.19 5.60 -24.28
N TYR H 153 -3.56 4.44 -24.30
CA TYR H 153 -3.67 3.49 -23.19
C TYR H 153 -2.43 2.62 -23.10
N THR H 154 -2.25 1.94 -21.96
CA THR H 154 -1.10 1.06 -21.83
C THR H 154 -1.50 -0.36 -21.48
N ARG H 155 -0.71 -1.30 -21.98
CA ARG H 155 -0.91 -2.71 -21.72
C ARG H 155 0.29 -3.13 -20.89
N HIS H 156 0.05 -3.88 -19.82
CA HIS H 156 1.15 -4.39 -19.01
C HIS H 156 1.43 -5.80 -19.52
N GLU H 157 2.49 -5.95 -20.31
CA GLU H 157 2.84 -7.24 -20.88
C GLU H 157 3.95 -7.91 -20.08
N PRO H 158 4.09 -9.25 -20.24
CA PRO H 158 5.14 -9.96 -19.51
C PRO H 158 6.49 -9.49 -20.08
N VAL H 159 7.54 -9.59 -19.27
CA VAL H 159 8.86 -9.16 -19.71
C VAL H 159 9.47 -10.22 -20.63
N GLY H 160 9.05 -11.48 -20.46
CA GLY H 160 9.55 -12.57 -21.31
C GLY H 160 10.21 -13.72 -20.56
N VAL H 161 11.40 -14.08 -21.01
CA VAL H 161 12.17 -15.14 -20.41
C VAL H 161 12.93 -14.58 -19.22
N CYS H 162 12.55 -15.02 -18.02
CA CYS H 162 13.17 -14.55 -16.81
C CYS H 162 14.08 -15.58 -16.20
N GLY H 163 15.31 -15.16 -15.95
CA GLY H 163 16.31 -16.03 -15.36
C GLY H 163 16.29 -15.73 -13.90
N GLN H 164 16.09 -16.76 -13.09
CA GLN H 164 16.02 -16.58 -11.66
C GLN H 164 17.05 -17.41 -10.92
N ILE H 165 17.99 -16.72 -10.28
CA ILE H 165 19.06 -17.37 -9.57
C ILE H 165 18.82 -17.15 -8.09
N ILE H 166 18.53 -18.23 -7.36
CA ILE H 166 18.25 -18.11 -5.94
C ILE H 166 19.27 -18.76 -4.98
N PRO H 167 19.36 -18.25 -3.75
CA PRO H 167 20.28 -18.76 -2.73
C PRO H 167 19.78 -20.00 -1.93
N TRP H 168 20.54 -20.37 -0.90
CA TRP H 168 20.21 -21.55 -0.09
C TRP H 168 19.60 -21.37 1.27
N ASN H 169 19.49 -20.15 1.75
CA ASN H 169 18.94 -19.90 3.08
C ASN H 169 17.47 -20.26 3.27
N PHE H 170 16.67 -20.03 2.24
CA PHE H 170 15.23 -20.34 2.24
C PHE H 170 14.92 -20.89 0.86
N PRO H 171 15.39 -22.12 0.57
CA PRO H 171 15.15 -22.75 -0.74
C PRO H 171 13.75 -22.64 -1.29
N LEU H 172 12.75 -23.17 -0.60
CA LEU H 172 11.37 -23.12 -1.04
C LEU H 172 10.79 -21.71 -1.08
N LEU H 173 11.03 -20.92 -0.03
CA LEU H 173 10.46 -19.60 0.04
C LEU H 173 10.98 -18.69 -1.05
N MET H 174 12.27 -18.78 -1.33
CA MET H 174 12.90 -17.97 -2.37
C MET H 174 12.35 -18.38 -3.72
N GLN H 175 12.11 -19.67 -3.91
CA GLN H 175 11.55 -20.16 -5.15
C GLN H 175 10.17 -19.51 -5.31
N ALA H 176 9.37 -19.57 -4.24
CA ALA H 176 8.02 -19.02 -4.28
C ALA H 176 8.00 -17.51 -4.54
N TRP H 177 8.87 -16.76 -3.88
CA TRP H 177 8.96 -15.31 -4.07
C TRP H 177 9.29 -14.97 -5.52
N LYS H 178 9.93 -15.88 -6.22
CA LYS H 178 10.28 -15.61 -7.60
C LYS H 178 9.22 -16.08 -8.57
N LEU H 179 8.68 -17.28 -8.36
CA LEU H 179 7.69 -17.84 -9.26
C LEU H 179 6.34 -17.10 -9.20
N GLY H 180 5.97 -16.65 -8.00
CA GLY H 180 4.74 -15.94 -7.73
C GLY H 180 4.49 -14.76 -8.64
N PRO H 181 5.30 -13.70 -8.55
CA PRO H 181 5.08 -12.56 -9.41
C PRO H 181 5.36 -12.85 -10.89
N ALA H 182 6.39 -13.64 -11.15
CA ALA H 182 6.75 -14.00 -12.50
C ALA H 182 5.61 -14.69 -13.25
N LEU H 183 5.03 -15.70 -12.61
CA LEU H 183 3.93 -16.46 -13.20
C LEU H 183 2.62 -15.70 -13.26
N ALA H 184 2.34 -14.93 -12.22
CA ALA H 184 1.10 -14.17 -12.16
C ALA H 184 1.04 -13.20 -13.33
N THR H 185 2.21 -12.66 -13.71
CA THR H 185 2.27 -11.72 -14.82
C THR H 185 2.46 -12.37 -16.21
N GLY H 186 2.48 -13.69 -16.26
CA GLY H 186 2.58 -14.37 -17.55
C GLY H 186 3.95 -14.58 -18.15
N ASN H 187 5.00 -14.47 -17.34
CA ASN H 187 6.35 -14.68 -17.83
C ASN H 187 6.66 -16.18 -17.82
N VAL H 188 7.82 -16.53 -18.34
CA VAL H 188 8.33 -17.89 -18.35
C VAL H 188 9.62 -17.82 -17.57
N VAL H 189 9.97 -18.90 -16.91
CA VAL H 189 11.15 -18.90 -16.06
C VAL H 189 12.19 -19.99 -16.30
N VAL H 190 13.45 -19.59 -16.13
CA VAL H 190 14.58 -20.51 -16.19
C VAL H 190 15.28 -20.24 -14.86
N MET H 191 15.01 -21.11 -13.90
CA MET H 191 15.53 -20.96 -12.55
C MET H 191 16.77 -21.79 -12.23
N LYS H 192 17.73 -21.15 -11.57
CA LYS H 192 18.95 -21.81 -11.13
C LYS H 192 18.94 -21.84 -9.62
N VAL H 193 18.72 -23.02 -9.04
CA VAL H 193 18.73 -23.18 -7.59
C VAL H 193 20.13 -23.39 -7.04
N ALA H 194 20.29 -23.06 -5.76
CA ALA H 194 21.58 -23.18 -5.08
C ALA H 194 22.06 -24.64 -5.00
N GLU H 195 23.36 -24.84 -5.25
CA GLU H 195 23.97 -26.17 -5.25
C GLU H 195 23.92 -26.86 -3.92
N GLN H 196 23.73 -26.08 -2.86
CA GLN H 196 23.64 -26.61 -1.51
C GLN H 196 22.25 -27.11 -1.18
N THR H 197 21.22 -26.61 -1.87
CA THR H 197 19.82 -27.00 -1.56
C THR H 197 18.94 -27.07 -2.81
N PRO H 198 19.25 -27.97 -3.74
CA PRO H 198 18.41 -28.04 -4.93
C PRO H 198 17.20 -28.96 -4.82
N LEU H 199 17.18 -29.83 -3.82
CA LEU H 199 16.12 -30.81 -3.70
C LEU H 199 14.67 -30.36 -3.66
N THR H 200 14.30 -29.53 -2.67
CA THR H 200 12.91 -29.09 -2.57
C THR H 200 12.40 -28.39 -3.80
N ALA H 201 13.20 -27.49 -4.38
CA ALA H 201 12.78 -26.79 -5.58
C ALA H 201 12.52 -27.77 -6.73
N LEU H 202 13.35 -28.80 -6.86
CA LEU H 202 13.12 -29.75 -7.94
C LEU H 202 11.81 -30.51 -7.71
N TYR H 203 11.53 -30.86 -6.46
CA TYR H 203 10.29 -31.55 -6.17
C TYR H 203 9.12 -30.65 -6.55
N VAL H 204 9.24 -29.36 -6.24
CA VAL H 204 8.18 -28.40 -6.58
C VAL H 204 7.95 -28.35 -8.10
N ALA H 205 9.01 -28.52 -8.89
CA ALA H 205 8.87 -28.52 -10.35
C ALA H 205 7.97 -29.66 -10.75
N ASN H 206 8.02 -30.73 -9.97
CA ASN H 206 7.22 -31.88 -10.26
C ASN H 206 5.77 -31.53 -10.05
N LEU H 207 5.54 -30.76 -8.97
CA LEU H 207 4.19 -30.28 -8.61
C LEU H 207 3.67 -29.29 -9.65
N ILE H 208 4.57 -28.48 -10.22
CA ILE H 208 4.20 -27.52 -11.24
C ILE H 208 3.65 -28.28 -12.43
N LYS H 209 4.30 -29.39 -12.79
CA LYS H 209 3.83 -30.24 -13.90
C LYS H 209 2.45 -30.82 -13.53
N GLU H 210 2.32 -31.28 -12.29
CA GLU H 210 1.08 -31.87 -11.83
C GLU H 210 -0.06 -30.86 -11.81
N ALA H 211 0.29 -29.60 -11.52
CA ALA H 211 -0.71 -28.54 -11.48
C ALA H 211 -1.30 -28.24 -12.83
N GLY H 212 -0.52 -28.47 -13.90
CA GLY H 212 -1.02 -28.21 -15.24
C GLY H 212 -0.32 -27.11 -16.00
N PHE H 213 0.71 -26.49 -15.42
CA PHE H 213 1.43 -25.42 -16.14
C PHE H 213 1.97 -26.01 -17.45
N PRO H 214 1.78 -25.28 -18.56
CA PRO H 214 2.26 -25.71 -19.88
C PRO H 214 3.76 -25.96 -19.85
N PRO H 215 4.26 -26.86 -20.72
CA PRO H 215 5.68 -27.23 -20.83
C PRO H 215 6.48 -25.98 -21.16
N GLY H 216 7.60 -25.80 -20.48
CA GLY H 216 8.46 -24.65 -20.76
C GLY H 216 8.18 -23.39 -19.98
N VAL H 217 7.07 -23.34 -19.26
CA VAL H 217 6.76 -22.17 -18.49
C VAL H 217 7.71 -22.04 -17.33
N VAL H 218 8.08 -23.16 -16.74
CA VAL H 218 9.05 -23.14 -15.64
C VAL H 218 10.10 -24.22 -15.92
N ASN H 219 11.37 -23.84 -15.89
CA ASN H 219 12.46 -24.78 -16.14
C ASN H 219 13.48 -24.56 -15.03
N ILE H 220 13.89 -25.65 -14.39
CA ILE H 220 14.87 -25.50 -13.32
C ILE H 220 16.12 -26.23 -13.68
N VAL H 221 17.23 -25.51 -13.62
CA VAL H 221 18.55 -26.08 -13.93
C VAL H 221 19.44 -26.04 -12.71
N PRO H 222 19.57 -27.18 -11.99
CA PRO H 222 20.42 -27.24 -10.80
C PRO H 222 21.88 -27.28 -11.29
N GLY H 223 22.78 -26.70 -10.52
CA GLY H 223 24.16 -26.66 -10.93
C GLY H 223 24.93 -25.60 -10.19
N PHE H 224 26.17 -25.36 -10.58
CA PHE H 224 26.98 -24.35 -9.90
C PHE H 224 26.79 -22.95 -10.43
N GLY H 225 27.22 -21.97 -9.65
CA GLY H 225 27.08 -20.59 -10.05
C GLY H 225 27.88 -20.10 -11.24
N PRO H 226 29.22 -20.21 -11.19
CA PRO H 226 30.06 -19.75 -12.30
C PRO H 226 29.72 -20.46 -13.61
N THR H 227 28.98 -21.57 -13.51
CA THR H 227 28.62 -22.31 -14.68
C THR H 227 27.21 -22.02 -15.16
N ALA H 228 26.24 -22.62 -14.49
CA ALA H 228 24.82 -22.45 -14.84
C ALA H 228 24.31 -21.03 -14.59
N GLY H 229 24.65 -20.48 -13.44
CA GLY H 229 24.21 -19.14 -13.11
C GLY H 229 24.69 -18.11 -14.10
N ALA H 230 25.98 -18.13 -14.38
CA ALA H 230 26.55 -17.17 -15.32
C ALA H 230 26.00 -17.39 -16.72
N ALA H 231 25.62 -18.61 -17.06
CA ALA H 231 25.09 -18.87 -18.40
C ALA H 231 23.76 -18.17 -18.59
N ILE H 232 23.01 -18.06 -17.48
CA ILE H 232 21.73 -17.39 -17.52
C ILE H 232 21.93 -15.89 -17.60
N ALA H 233 22.81 -15.36 -16.76
CA ALA H 233 23.07 -13.92 -16.72
C ALA H 233 23.65 -13.37 -17.99
N SER H 234 24.38 -14.20 -18.73
CA SER H 234 25.00 -13.77 -19.98
C SER H 234 24.23 -14.18 -21.22
N HIS H 235 23.15 -14.92 -21.03
CA HIS H 235 22.39 -15.41 -22.17
C HIS H 235 21.79 -14.31 -23.03
N GLU H 236 21.94 -14.44 -24.34
CA GLU H 236 21.43 -13.45 -25.27
C GLU H 236 19.92 -13.43 -25.41
N ASP H 237 19.25 -14.51 -25.02
CA ASP H 237 17.80 -14.57 -25.16
C ASP H 237 17.00 -14.53 -23.85
N VAL H 238 17.67 -14.13 -22.76
CA VAL H 238 17.00 -14.01 -21.49
C VAL H 238 16.73 -12.51 -21.36
N ASP H 239 15.45 -12.17 -21.17
CA ASP H 239 15.01 -10.79 -21.08
C ASP H 239 15.26 -10.14 -19.73
N LYS H 240 15.28 -10.93 -18.67
CA LYS H 240 15.50 -10.38 -17.35
C LYS H 240 16.14 -11.40 -16.41
N VAL H 241 16.97 -10.92 -15.50
CA VAL H 241 17.61 -11.79 -14.56
C VAL H 241 17.44 -11.22 -13.17
N ALA H 242 16.88 -12.04 -12.28
CA ALA H 242 16.68 -11.64 -10.89
C ALA H 242 17.64 -12.48 -10.09
N PHE H 243 18.44 -11.82 -9.28
CA PHE H 243 19.42 -12.51 -8.48
C PHE H 243 19.27 -12.19 -7.01
N THR H 244 19.53 -13.18 -6.16
CA THR H 244 19.45 -13.03 -4.71
C THR H 244 20.65 -13.75 -4.12
N GLY H 245 21.59 -12.99 -3.55
CA GLY H 245 22.76 -13.60 -2.97
C GLY H 245 23.76 -12.58 -2.49
N SER H 246 25.04 -12.90 -2.61
CA SER H 246 26.11 -12.02 -2.15
C SER H 246 26.30 -10.81 -3.06
N THR H 247 26.76 -9.71 -2.46
CA THR H 247 27.00 -8.47 -3.18
C THR H 247 28.07 -8.74 -4.24
N GLU H 248 29.02 -9.60 -3.91
CA GLU H 248 30.12 -10.01 -4.78
C GLU H 248 29.60 -10.49 -6.13
N ILE H 249 28.74 -11.50 -6.07
CA ILE H 249 28.17 -12.09 -7.26
C ILE H 249 27.19 -11.14 -7.92
N GLY H 250 26.51 -10.33 -7.11
CA GLY H 250 25.55 -9.37 -7.63
C GLY H 250 26.16 -8.42 -8.65
N ARG H 251 27.42 -8.09 -8.46
CA ARG H 251 28.12 -7.19 -9.37
C ARG H 251 28.46 -7.92 -10.67
N VAL H 252 28.82 -9.21 -10.54
CA VAL H 252 29.15 -10.04 -11.69
C VAL H 252 27.92 -10.14 -12.60
N ILE H 253 26.76 -10.36 -11.98
CA ILE H 253 25.50 -10.49 -12.71
C ILE H 253 25.20 -9.21 -13.50
N GLN H 254 25.28 -8.05 -12.84
CA GLN H 254 25.01 -6.77 -13.48
C GLN H 254 25.94 -6.50 -14.66
N VAL H 255 27.21 -6.83 -14.49
CA VAL H 255 28.20 -6.64 -15.55
C VAL H 255 27.91 -7.57 -16.75
N ALA H 256 27.58 -8.83 -16.45
CA ALA H 256 27.27 -9.82 -17.48
C ALA H 256 26.05 -9.39 -18.28
N ALA H 257 25.14 -8.68 -17.63
CA ALA H 257 23.93 -8.22 -18.29
C ALA H 257 24.18 -7.06 -19.23
N GLY H 258 25.07 -6.16 -18.83
CA GLY H 258 25.38 -5.02 -19.67
C GLY H 258 26.27 -5.42 -20.82
N SER H 259 26.99 -6.52 -20.63
CA SER H 259 27.90 -7.03 -21.61
C SER H 259 27.19 -7.89 -22.66
N SER H 260 25.97 -8.33 -22.33
CA SER H 260 25.18 -9.20 -23.23
C SER H 260 24.08 -8.52 -24.05
N ASN H 261 22.84 -8.54 -23.55
CA ASN H 261 21.70 -7.95 -24.27
C ASN H 261 20.97 -6.82 -23.55
N LEU H 262 21.60 -6.23 -22.54
CA LEU H 262 21.01 -5.13 -21.77
C LEU H 262 19.69 -5.55 -21.10
N LYS H 263 19.67 -6.81 -20.68
CA LYS H 263 18.53 -7.42 -20.00
C LYS H 263 18.32 -6.72 -18.67
N ARG H 264 17.10 -6.76 -18.17
CA ARG H 264 16.80 -6.13 -16.89
C ARG H 264 17.43 -6.92 -15.76
N VAL H 265 17.81 -6.22 -14.71
CA VAL H 265 18.43 -6.86 -13.57
C VAL H 265 17.91 -6.32 -12.27
N THR H 266 17.55 -7.24 -11.37
CA THR H 266 17.10 -6.87 -10.03
C THR H 266 18.03 -7.64 -9.11
N LEU H 267 18.58 -6.96 -8.11
CA LEU H 267 19.49 -7.60 -7.15
C LEU H 267 18.97 -7.58 -5.72
N GLU H 268 19.04 -8.73 -5.09
CA GLU H 268 18.59 -8.89 -3.74
C GLU H 268 19.82 -9.31 -2.92
N LEU H 269 20.66 -8.33 -2.58
CA LEU H 269 21.89 -8.59 -1.83
C LEU H 269 21.68 -8.61 -0.33
N GLY H 270 22.74 -8.93 0.40
CA GLY H 270 22.67 -9.02 1.85
C GLY H 270 22.63 -7.70 2.58
N GLY H 271 23.00 -7.72 3.86
CA GLY H 271 23.00 -6.51 4.65
C GLY H 271 23.67 -6.63 5.99
N LYS H 272 23.73 -5.51 6.71
CA LYS H 272 24.32 -5.46 8.03
C LYS H 272 23.27 -4.65 8.81
N SER H 273 22.04 -5.14 8.74
CA SER H 273 20.87 -4.50 9.34
C SER H 273 20.93 -4.12 10.80
N PRO H 274 20.70 -2.83 11.09
CA PRO H 274 20.71 -2.28 12.45
C PRO H 274 19.42 -2.47 13.23
N ASN H 275 19.54 -2.99 14.44
CA ASN H 275 18.39 -3.18 15.28
C ASN H 275 18.58 -2.23 16.46
N ILE H 276 17.86 -1.11 16.45
CA ILE H 276 17.97 -0.08 17.47
C ILE H 276 17.02 -0.22 18.64
N ILE H 277 17.57 -0.45 19.84
CA ILE H 277 16.75 -0.58 21.03
C ILE H 277 16.88 0.69 21.90
N MET H 278 15.81 1.47 21.95
CA MET H 278 15.77 2.70 22.73
C MET H 278 15.58 2.37 24.21
N SER H 279 15.95 3.30 25.09
CA SER H 279 15.84 3.08 26.53
C SER H 279 14.42 2.86 27.06
N ASP H 280 13.42 3.38 26.34
CA ASP H 280 12.02 3.22 26.77
C ASP H 280 11.33 1.99 26.19
N ALA H 281 12.09 1.15 25.51
CA ALA H 281 11.54 -0.05 24.90
C ALA H 281 11.16 -1.10 25.93
N ASP H 282 10.23 -1.95 25.55
CA ASP H 282 9.77 -3.02 26.41
C ASP H 282 10.92 -4.01 26.46
N MET H 283 11.65 -4.01 27.58
CA MET H 283 12.81 -4.88 27.80
C MET H 283 12.62 -6.34 27.41
N ASP H 284 11.61 -6.99 27.98
CA ASP H 284 11.33 -8.39 27.67
C ASP H 284 11.16 -8.65 26.17
N TRP H 285 10.32 -7.82 25.55
CA TRP H 285 10.03 -7.93 24.14
C TRP H 285 11.26 -7.65 23.28
N ALA H 286 11.98 -6.58 23.62
CA ALA H 286 13.17 -6.20 22.85
C ALA H 286 14.25 -7.25 22.87
N VAL H 287 14.44 -7.90 24.02
CA VAL H 287 15.46 -8.93 24.17
C VAL H 287 15.10 -10.15 23.35
N GLU H 288 13.83 -10.55 23.43
CA GLU H 288 13.37 -11.71 22.70
C GLU H 288 13.40 -11.47 21.18
N GLN H 289 13.03 -10.27 20.78
CA GLN H 289 13.01 -9.95 19.37
C GLN H 289 14.38 -9.75 18.80
N ALA H 290 15.29 -9.17 19.58
CA ALA H 290 16.68 -8.94 19.16
C ALA H 290 17.36 -10.29 18.96
N HIS H 291 16.99 -11.24 19.81
CA HIS H 291 17.52 -12.59 19.76
C HIS H 291 17.03 -13.25 18.46
N PHE H 292 15.73 -13.14 18.21
CA PHE H 292 15.15 -13.70 17.01
C PHE H 292 15.70 -13.00 15.77
N ALA H 293 15.80 -11.68 15.84
CA ALA H 293 16.28 -10.87 14.75
C ALA H 293 17.60 -11.34 14.17
N LEU H 294 18.47 -11.89 15.02
CA LEU H 294 19.76 -12.35 14.55
C LEU H 294 19.89 -13.85 14.40
N PHE H 295 19.51 -14.58 15.44
CA PHE H 295 19.67 -16.02 15.40
C PHE H 295 18.77 -16.80 14.45
N PHE H 296 17.67 -16.17 14.01
CA PHE H 296 16.70 -16.84 13.14
C PHE H 296 17.38 -17.50 11.94
N ASN H 297 16.97 -18.74 11.67
CA ASN H 297 17.51 -19.53 10.57
C ASN H 297 19.04 -19.64 10.64
N GLN H 298 19.56 -19.94 11.83
CA GLN H 298 21.00 -20.08 12.03
C GLN H 298 21.77 -18.80 11.66
N GLY H 299 21.08 -17.65 11.70
CA GLY H 299 21.70 -16.38 11.34
C GLY H 299 21.80 -16.22 9.82
N GLN H 300 21.38 -17.24 9.09
CA GLN H 300 21.46 -17.25 7.64
C GLN H 300 20.25 -16.54 7.05
N CYS H 301 20.21 -15.24 7.34
CA CYS H 301 19.12 -14.38 6.91
C CYS H 301 19.69 -13.10 6.32
N CYS H 302 19.26 -12.76 5.11
CA CYS H 302 19.79 -11.56 4.46
C CYS H 302 19.56 -10.26 5.26
N CYS H 303 18.47 -10.21 6.02
CA CYS H 303 18.20 -9.00 6.79
C CYS H 303 18.31 -9.23 8.29
N ALA H 304 19.20 -10.12 8.67
CA ALA H 304 19.44 -10.42 10.08
C ALA H 304 19.91 -9.16 10.80
N GLY H 305 19.42 -8.96 12.02
CA GLY H 305 19.80 -7.78 12.79
C GLY H 305 21.17 -8.01 13.41
N SER H 306 22.20 -7.95 12.56
CA SER H 306 23.57 -8.18 12.95
C SER H 306 24.29 -7.02 13.64
N ARG H 307 23.54 -5.94 13.88
CA ARG H 307 24.09 -4.78 14.57
C ARG H 307 23.03 -4.35 15.56
N THR H 308 23.11 -4.87 16.77
CA THR H 308 22.15 -4.52 17.77
C THR H 308 22.61 -3.28 18.53
N PHE H 309 22.06 -2.11 18.21
CA PHE H 309 22.44 -0.90 18.93
C PHE H 309 21.52 -0.78 20.14
N VAL H 310 22.11 -0.62 21.33
CA VAL H 310 21.35 -0.51 22.56
C VAL H 310 21.75 0.76 23.31
N GLN H 311 20.76 1.53 23.76
CA GLN H 311 21.03 2.78 24.48
C GLN H 311 21.72 2.49 25.80
N GLU H 312 22.70 3.32 26.14
CA GLU H 312 23.50 3.12 27.35
C GLU H 312 22.78 2.85 28.66
N ASP H 313 21.67 3.54 28.89
CA ASP H 313 20.90 3.36 30.12
C ASP H 313 20.44 1.93 30.38
N ILE H 314 20.18 1.17 29.31
CA ILE H 314 19.73 -0.21 29.45
C ILE H 314 20.70 -1.24 28.87
N TYR H 315 21.89 -0.77 28.46
CA TYR H 315 22.91 -1.65 27.88
C TYR H 315 23.25 -2.86 28.72
N ASP H 316 23.70 -2.63 29.94
CA ASP H 316 24.09 -3.72 30.86
C ASP H 316 22.99 -4.75 31.06
N GLU H 317 21.78 -4.30 31.36
CA GLU H 317 20.66 -5.21 31.56
C GLU H 317 20.32 -5.98 30.28
N PHE H 318 20.29 -5.28 29.15
CA PHE H 318 19.97 -5.90 27.89
C PHE H 318 20.99 -6.98 27.55
N VAL H 319 22.28 -6.62 27.60
CA VAL H 319 23.38 -7.54 27.29
C VAL H 319 23.28 -8.80 28.14
N GLU H 320 22.99 -8.61 29.41
CA GLU H 320 22.88 -9.70 30.36
C GLU H 320 21.80 -10.69 29.93
N ARG H 321 20.63 -10.16 29.59
CA ARG H 321 19.50 -11.00 29.17
C ARG H 321 19.74 -11.69 27.83
N SER H 322 20.38 -10.97 26.92
CA SER H 322 20.70 -11.49 25.59
C SER H 322 21.68 -12.67 25.70
N VAL H 323 22.67 -12.54 26.57
CA VAL H 323 23.67 -13.58 26.79
C VAL H 323 22.99 -14.82 27.38
N ALA H 324 22.10 -14.60 28.35
CA ALA H 324 21.37 -15.70 28.98
C ALA H 324 20.55 -16.43 27.94
N ARG H 325 19.86 -15.65 27.10
CA ARG H 325 19.01 -16.20 26.05
C ARG H 325 19.82 -16.98 25.03
N ALA H 326 21.00 -16.48 24.70
CA ALA H 326 21.87 -17.14 23.75
C ALA H 326 22.38 -18.48 24.29
N LYS H 327 22.73 -18.51 25.58
CA LYS H 327 23.24 -19.74 26.20
C LYS H 327 22.15 -20.79 26.33
N SER H 328 20.89 -20.36 26.46
CA SER H 328 19.77 -21.28 26.59
C SER H 328 19.24 -21.79 25.23
N ARG H 329 19.76 -21.22 24.15
CA ARG H 329 19.33 -21.61 22.81
C ARG H 329 19.77 -23.04 22.51
N VAL H 330 18.80 -23.93 22.36
CA VAL H 330 19.06 -25.35 22.07
C VAL H 330 19.56 -25.61 20.65
N VAL H 331 20.78 -26.16 20.55
CA VAL H 331 21.38 -26.49 19.27
C VAL H 331 21.40 -28.02 19.16
N GLY H 332 21.12 -28.54 17.96
CA GLY H 332 21.11 -29.98 17.80
C GLY H 332 20.43 -30.48 16.55
N ASN H 333 19.96 -31.72 16.60
CA ASN H 333 19.28 -32.35 15.48
C ASN H 333 18.05 -31.55 15.08
N PRO H 334 18.03 -31.03 13.83
CA PRO H 334 16.90 -30.24 13.32
C PRO H 334 15.55 -30.95 13.33
N PHE H 335 15.57 -32.28 13.38
CA PHE H 335 14.33 -33.07 13.40
C PHE H 335 13.76 -33.26 14.80
N ASP H 336 14.50 -32.76 15.79
CA ASP H 336 14.09 -32.85 17.19
C ASP H 336 13.25 -31.61 17.51
N SER H 337 12.06 -31.82 18.06
CA SER H 337 11.16 -30.72 18.39
C SER H 337 11.71 -29.67 19.32
N LYS H 338 12.68 -30.03 20.14
CA LYS H 338 13.31 -29.12 21.10
C LYS H 338 14.39 -28.22 20.50
N THR H 339 14.88 -28.59 19.32
CA THR H 339 15.94 -27.84 18.63
C THR H 339 15.50 -26.47 18.14
N GLU H 340 16.24 -25.45 18.53
CA GLU H 340 15.96 -24.07 18.13
C GLU H 340 16.88 -23.69 16.98
N GLN H 341 18.12 -24.22 17.01
CA GLN H 341 19.11 -23.94 15.99
C GLN H 341 19.72 -25.20 15.39
N GLY H 342 19.68 -25.31 14.07
CA GLY H 342 20.26 -26.46 13.42
C GLY H 342 21.66 -26.11 12.98
N PRO H 343 22.23 -26.86 12.03
CA PRO H 343 23.59 -26.56 11.55
C PRO H 343 23.61 -25.50 10.46
N GLN H 344 24.80 -25.02 10.14
CA GLN H 344 24.94 -24.06 9.06
C GLN H 344 24.79 -24.87 7.77
N VAL H 345 24.47 -24.20 6.66
CA VAL H 345 24.25 -24.88 5.38
C VAL H 345 25.33 -25.83 4.90
N ASP H 346 26.59 -25.39 4.92
CA ASP H 346 27.69 -26.23 4.46
C ASP H 346 29.03 -25.94 5.15
N GLU H 347 30.06 -26.69 4.74
CA GLU H 347 31.38 -26.55 5.32
C GLU H 347 31.98 -25.18 5.08
N THR H 348 31.83 -24.67 3.86
CA THR H 348 32.35 -23.37 3.49
C THR H 348 31.87 -22.27 4.43
N GLN H 349 30.56 -22.26 4.70
CA GLN H 349 29.99 -21.27 5.59
C GLN H 349 30.44 -21.50 7.02
N PHE H 350 30.52 -22.78 7.38
CA PHE H 350 30.95 -23.19 8.71
C PHE H 350 32.29 -22.54 9.05
N LYS H 351 33.22 -22.63 8.12
CA LYS H 351 34.54 -22.07 8.31
C LYS H 351 34.54 -20.56 8.28
N LYS H 352 33.82 -20.00 7.31
CA LYS H 352 33.72 -18.54 7.14
C LYS H 352 33.27 -17.89 8.44
N ILE H 353 32.31 -18.52 9.11
CA ILE H 353 31.77 -18.04 10.36
C ILE H 353 32.83 -18.13 11.47
N LEU H 354 33.45 -19.29 11.58
CA LEU H 354 34.49 -19.49 12.58
C LEU H 354 35.58 -18.44 12.38
N GLY H 355 35.85 -18.12 11.11
CA GLY H 355 36.85 -17.12 10.78
C GLY H 355 36.46 -15.76 11.35
N TYR H 356 35.21 -15.36 11.14
CA TYR H 356 34.74 -14.07 11.64
C TYR H 356 34.76 -14.04 13.17
N ILE H 357 34.41 -15.17 13.80
CA ILE H 357 34.41 -15.23 15.26
C ILE H 357 35.83 -14.93 15.76
N ASN H 358 36.81 -15.55 15.10
CA ASN H 358 38.20 -15.36 15.44
C ASN H 358 38.59 -13.90 15.23
N THR H 359 38.21 -13.36 14.07
CA THR H 359 38.50 -11.97 13.73
C THR H 359 37.91 -11.02 14.78
N GLY H 360 36.79 -11.44 15.37
CA GLY H 360 36.14 -10.64 16.38
C GLY H 360 36.96 -10.52 17.64
N LYS H 361 37.47 -11.66 18.12
CA LYS H 361 38.29 -11.70 19.34
C LYS H 361 39.57 -10.91 19.15
N GLN H 362 40.15 -11.06 17.96
CA GLN H 362 41.37 -10.40 17.55
C GLN H 362 41.28 -8.86 17.56
N GLU H 363 40.12 -8.33 17.15
CA GLU H 363 39.91 -6.89 17.07
C GLU H 363 39.52 -6.15 18.36
N GLY H 364 39.34 -6.90 19.45
CA GLY H 364 39.00 -6.26 20.71
C GLY H 364 37.57 -6.41 21.20
N ALA H 365 36.71 -7.06 20.40
CA ALA H 365 35.32 -7.26 20.79
C ALA H 365 35.28 -8.24 21.96
N LYS H 366 34.47 -7.94 22.96
CA LYS H 366 34.37 -8.82 24.13
C LYS H 366 33.45 -10.02 23.94
N LEU H 367 34.04 -11.21 23.87
CA LEU H 367 33.29 -12.45 23.71
C LEU H 367 32.53 -12.75 24.98
N LEU H 368 31.20 -12.70 24.91
CA LEU H 368 30.35 -12.95 26.07
C LEU H 368 29.85 -14.38 26.22
N CYS H 369 29.84 -15.14 25.13
CA CYS H 369 29.40 -16.53 25.15
C CYS H 369 29.64 -17.24 23.82
N GLY H 370 29.67 -18.57 23.85
CA GLY H 370 29.91 -19.36 22.66
C GLY H 370 31.27 -19.08 22.04
N GLY H 371 31.34 -19.07 20.71
CA GLY H 371 32.59 -18.79 20.03
C GLY H 371 33.26 -19.98 19.40
N GLY H 372 32.69 -21.18 19.59
CA GLY H 372 33.29 -22.37 19.03
C GLY H 372 32.31 -23.36 18.45
N ILE H 373 32.84 -24.50 18.01
CA ILE H 373 32.03 -25.58 17.43
C ILE H 373 31.10 -26.16 18.49
N ALA H 374 29.87 -26.44 18.11
CA ALA H 374 28.89 -26.98 19.05
C ALA H 374 28.68 -28.48 19.00
N ALA H 375 29.31 -29.14 18.02
CA ALA H 375 29.20 -30.60 17.85
C ALA H 375 30.31 -31.12 16.95
N ASP H 376 30.70 -32.37 17.17
CA ASP H 376 31.76 -33.01 16.39
C ASP H 376 31.27 -33.33 14.98
N ARG H 377 29.99 -33.66 14.89
CA ARG H 377 29.38 -33.98 13.62
C ARG H 377 28.40 -32.92 13.13
N GLY H 378 28.46 -32.62 11.83
CA GLY H 378 27.60 -31.60 11.28
C GLY H 378 28.25 -30.24 11.43
N TYR H 379 27.69 -29.24 10.79
CA TYR H 379 28.27 -27.91 10.86
C TYR H 379 27.57 -27.06 11.92
N PHE H 380 27.63 -27.51 13.16
CA PHE H 380 27.00 -26.79 14.25
C PHE H 380 27.91 -25.77 14.90
N ILE H 381 27.39 -24.58 15.17
CA ILE H 381 28.18 -23.53 15.80
C ILE H 381 27.41 -23.03 17.01
N GLN H 382 28.12 -22.71 18.07
CA GLN H 382 27.47 -22.24 19.28
C GLN H 382 26.97 -20.81 19.12
N PRO H 383 25.82 -20.50 19.74
CA PRO H 383 25.24 -19.15 19.69
C PRO H 383 26.28 -18.22 20.28
N THR H 384 26.88 -17.38 19.44
CA THR H 384 27.92 -16.45 19.85
C THR H 384 27.41 -15.01 20.00
N VAL H 385 27.86 -14.32 21.06
CA VAL H 385 27.48 -12.94 21.33
C VAL H 385 28.70 -12.08 21.65
N PHE H 386 28.85 -10.96 20.94
CA PHE H 386 29.98 -10.06 21.16
C PHE H 386 29.48 -8.75 21.74
N GLY H 387 30.12 -8.29 22.83
CA GLY H 387 29.76 -7.04 23.47
C GLY H 387 30.73 -5.93 23.14
N ASP H 388 30.36 -4.70 23.46
CA ASP H 388 31.20 -3.53 23.19
C ASP H 388 31.80 -3.46 21.79
N VAL H 389 30.99 -3.83 20.79
CA VAL H 389 31.44 -3.78 19.41
C VAL H 389 31.51 -2.32 18.92
N GLN H 390 32.46 -2.05 18.03
CA GLN H 390 32.65 -0.71 17.50
C GLN H 390 32.43 -0.70 16.01
N ASP H 391 31.97 0.43 15.50
CA ASP H 391 31.68 0.60 14.08
C ASP H 391 32.85 0.24 13.16
N GLY H 392 34.08 0.46 13.64
CA GLY H 392 35.24 0.16 12.83
C GLY H 392 35.62 -1.31 12.70
N MET H 393 35.15 -2.12 13.63
CA MET H 393 35.45 -3.56 13.63
C MET H 393 34.91 -4.28 12.39
N THR H 394 35.61 -5.33 11.96
CA THR H 394 35.20 -6.10 10.80
C THR H 394 33.87 -6.80 11.06
N ILE H 395 33.69 -7.38 12.24
CA ILE H 395 32.44 -8.07 12.55
C ILE H 395 31.24 -7.11 12.60
N ALA H 396 31.50 -5.81 12.56
CA ALA H 396 30.43 -4.84 12.59
C ALA H 396 30.25 -4.20 11.22
N LYS H 397 31.03 -4.67 10.24
CA LYS H 397 30.96 -4.15 8.87
C LYS H 397 30.62 -5.21 7.83
N GLU H 398 31.14 -6.42 8.02
CA GLU H 398 30.90 -7.52 7.08
C GLU H 398 29.83 -8.49 7.53
N GLU H 399 29.00 -8.92 6.57
CA GLU H 399 27.93 -9.87 6.86
C GLU H 399 28.46 -11.24 7.20
N ILE H 400 28.21 -11.65 8.43
CA ILE H 400 28.66 -12.94 8.95
C ILE H 400 27.81 -14.10 8.45
N PHE H 401 26.49 -13.92 8.47
CA PHE H 401 25.53 -14.94 8.02
C PHE H 401 25.58 -16.16 8.93
N GLY H 402 25.80 -15.93 10.22
CA GLY H 402 25.87 -17.03 11.17
C GLY H 402 25.34 -16.59 12.50
N PRO H 403 25.19 -17.50 13.48
CA PRO H 403 24.67 -17.17 14.81
C PRO H 403 25.63 -16.35 15.69
N VAL H 404 26.07 -15.21 15.17
CA VAL H 404 27.00 -14.34 15.87
C VAL H 404 26.39 -12.95 16.04
N MET H 405 26.07 -12.61 17.28
CA MET H 405 25.46 -11.33 17.62
C MET H 405 26.45 -10.24 17.99
N GLN H 406 26.23 -9.04 17.46
CA GLN H 406 27.06 -7.89 17.77
C GLN H 406 26.19 -6.86 18.51
N ILE H 407 26.57 -6.52 19.74
CA ILE H 407 25.83 -5.53 20.51
C ILE H 407 26.68 -4.26 20.66
N LEU H 408 26.19 -3.14 20.11
CA LEU H 408 26.89 -1.86 20.17
C LEU H 408 26.16 -0.95 21.13
N LYS H 409 26.86 0.03 21.69
CA LYS H 409 26.26 0.95 22.64
C LYS H 409 26.17 2.33 22.02
N PHE H 410 25.10 3.06 22.31
CA PHE H 410 24.92 4.42 21.80
C PHE H 410 24.27 5.29 22.85
N LYS H 411 24.39 6.61 22.69
CA LYS H 411 23.83 7.55 23.65
C LYS H 411 22.59 8.30 23.16
N THR H 412 22.70 9.04 22.05
CA THR H 412 21.57 9.80 21.54
C THR H 412 20.93 9.20 20.29
N ILE H 413 19.71 9.65 20.01
CA ILE H 413 18.97 9.18 18.84
C ILE H 413 19.55 9.77 17.56
N GLU H 414 20.12 10.96 17.65
CA GLU H 414 20.72 11.59 16.48
C GLU H 414 21.98 10.80 16.10
N GLU H 415 22.67 10.33 17.14
CA GLU H 415 23.89 9.56 16.99
C GLU H 415 23.67 8.22 16.30
N VAL H 416 22.72 7.44 16.83
CA VAL H 416 22.44 6.13 16.29
C VAL H 416 22.03 6.17 14.82
N VAL H 417 21.25 7.18 14.42
CA VAL H 417 20.80 7.31 13.04
C VAL H 417 22.01 7.32 12.12
N GLY H 418 22.97 8.19 12.42
CA GLY H 418 24.18 8.30 11.63
C GLY H 418 25.00 7.01 11.61
N ARG H 419 25.06 6.32 12.74
CA ARG H 419 25.83 5.07 12.82
C ARG H 419 25.11 3.96 12.07
N ALA H 420 23.80 3.87 12.25
CA ALA H 420 23.01 2.86 11.57
C ALA H 420 23.07 3.07 10.08
N ASN H 421 23.00 4.33 9.65
CA ASN H 421 23.07 4.65 8.23
C ASN H 421 24.46 4.53 7.61
N ASN H 422 25.50 4.64 8.44
CA ASN H 422 26.87 4.53 7.96
C ASN H 422 27.16 3.06 7.64
N SER H 423 26.79 2.67 6.42
CA SER H 423 26.95 1.30 5.98
C SER H 423 26.69 1.24 4.49
N THR H 424 27.32 0.27 3.81
CA THR H 424 27.17 0.09 2.37
C THR H 424 25.84 -0.60 2.10
N TYR H 425 25.29 -1.22 3.13
CA TYR H 425 24.02 -1.93 3.03
C TYR H 425 22.84 -1.10 3.52
N GLY H 426 21.64 -1.52 3.14
CA GLY H 426 20.42 -0.84 3.56
C GLY H 426 19.20 -1.67 3.27
N LEU H 427 19.26 -2.96 3.57
CA LEU H 427 18.16 -3.87 3.32
C LEU H 427 17.04 -3.71 4.33
N ALA H 428 17.39 -3.77 5.62
CA ALA H 428 16.41 -3.62 6.67
C ALA H 428 16.97 -2.93 7.90
N ALA H 429 16.10 -2.61 8.84
CA ALA H 429 16.45 -1.94 10.09
C ALA H 429 15.23 -2.07 11.02
N ALA H 430 15.43 -1.81 12.31
CA ALA H 430 14.33 -1.92 13.29
C ALA H 430 14.51 -0.98 14.46
N VAL H 431 13.41 -0.66 15.11
CA VAL H 431 13.45 0.27 16.23
C VAL H 431 12.49 -0.22 17.28
N PHE H 432 12.97 -0.28 18.52
CA PHE H 432 12.13 -0.68 19.64
C PHE H 432 11.99 0.53 20.59
N THR H 433 10.76 1.01 20.71
CA THR H 433 10.46 2.17 21.54
C THR H 433 8.97 2.26 21.78
N LYS H 434 8.59 2.96 22.84
CA LYS H 434 7.17 3.14 23.17
C LYS H 434 6.71 4.51 22.73
N ASP H 435 7.68 5.36 22.40
CA ASP H 435 7.43 6.74 22.02
C ASP H 435 7.11 6.93 20.54
N LEU H 436 5.96 7.56 20.29
CA LEU H 436 5.49 7.84 18.95
C LEU H 436 6.47 8.65 18.14
N ASP H 437 6.86 9.81 18.66
CA ASP H 437 7.80 10.68 17.94
C ASP H 437 9.15 10.02 17.63
N LYS H 438 9.67 9.21 18.55
CA LYS H 438 10.94 8.51 18.33
C LYS H 438 10.80 7.49 17.20
N ALA H 439 9.70 6.75 17.22
CA ALA H 439 9.42 5.74 16.22
C ALA H 439 9.31 6.37 14.83
N ASN H 440 8.59 7.47 14.71
CA ASN H 440 8.44 8.13 13.42
C ASN H 440 9.71 8.79 12.94
N TYR H 441 10.43 9.40 13.87
CA TYR H 441 11.68 10.06 13.54
C TYR H 441 12.64 9.03 12.97
N LEU H 442 12.75 7.89 13.65
CA LEU H 442 13.64 6.84 13.19
C LEU H 442 13.23 6.16 11.90
N SER H 443 11.97 5.74 11.81
CA SER H 443 11.50 5.06 10.60
C SER H 443 11.69 5.90 9.36
N GLN H 444 11.70 7.22 9.52
CA GLN H 444 11.91 8.12 8.38
C GLN H 444 13.39 8.37 8.09
N ALA H 445 14.20 8.45 9.15
CA ALA H 445 15.63 8.73 9.02
C ALA H 445 16.48 7.55 8.61
N LEU H 446 16.11 6.35 9.05
CA LEU H 446 16.86 5.15 8.69
C LEU H 446 16.80 4.87 7.19
N GLN H 447 17.95 4.68 6.57
CA GLN H 447 18.03 4.38 5.15
C GLN H 447 18.00 2.88 4.90
N ALA H 448 16.80 2.31 4.98
CA ALA H 448 16.60 0.88 4.77
C ALA H 448 15.34 0.66 3.98
N GLY H 449 15.31 -0.42 3.22
CA GLY H 449 14.15 -0.72 2.42
C GLY H 449 12.97 -1.09 3.29
N THR H 450 13.25 -1.64 4.47
CA THR H 450 12.20 -2.02 5.39
C THR H 450 12.59 -1.61 6.81
N VAL H 451 11.69 -0.92 7.51
CA VAL H 451 11.92 -0.53 8.89
C VAL H 451 10.84 -1.12 9.75
N TRP H 452 11.23 -1.94 10.72
CA TRP H 452 10.25 -2.55 11.60
C TRP H 452 10.24 -1.74 12.88
N VAL H 453 9.07 -1.64 13.51
CA VAL H 453 8.93 -0.92 14.76
C VAL H 453 8.32 -1.89 15.76
N ASN H 454 9.10 -2.17 16.81
CA ASN H 454 8.71 -3.09 17.87
C ASN H 454 8.44 -4.50 17.36
N CYS H 455 9.18 -4.93 16.32
CA CYS H 455 9.03 -6.27 15.78
C CYS H 455 10.17 -6.46 14.82
N TYR H 456 10.30 -7.66 14.25
CA TYR H 456 11.41 -7.90 13.32
C TYR H 456 11.03 -9.08 12.43
N ASP H 457 11.60 -9.08 11.22
CA ASP H 457 11.35 -10.16 10.26
C ASP H 457 9.88 -10.41 10.01
N VAL H 458 9.10 -9.33 9.97
CA VAL H 458 7.67 -9.43 9.71
C VAL H 458 7.50 -9.21 8.20
N PHE H 459 7.41 -10.31 7.47
CA PHE H 459 7.25 -10.24 6.02
C PHE H 459 5.85 -10.64 5.70
N GLY H 460 5.20 -9.83 4.87
CA GLY H 460 3.86 -10.17 4.43
C GLY H 460 4.00 -10.42 2.94
N ALA H 461 3.25 -11.36 2.40
CA ALA H 461 3.30 -11.59 0.96
C ALA H 461 2.84 -10.26 0.30
N GLN H 462 2.06 -9.49 1.04
CA GLN H 462 1.55 -8.21 0.57
C GLN H 462 2.47 -6.97 0.70
N SER H 463 3.51 -7.05 1.51
CA SER H 463 4.43 -5.92 1.67
C SER H 463 5.75 -6.07 0.89
N PRO H 464 6.15 -5.01 0.15
CA PRO H 464 7.40 -5.04 -0.62
C PRO H 464 8.65 -5.21 0.24
N PHE H 465 9.65 -5.86 -0.32
CA PHE H 465 10.93 -6.13 0.34
C PHE H 465 12.08 -5.96 -0.64
N GLY H 466 13.00 -5.10 -0.27
CA GLY H 466 14.15 -4.82 -1.13
C GLY H 466 15.07 -3.88 -0.42
N GLY H 467 16.19 -3.55 -1.04
CA GLY H 467 17.14 -2.68 -0.38
C GLY H 467 17.57 -1.39 -1.05
N TYR H 468 18.24 -0.57 -0.23
CA TYR H 468 18.80 0.71 -0.63
C TYR H 468 20.29 0.46 -0.83
N LYS H 469 20.95 1.38 -1.52
CA LYS H 469 22.39 1.30 -1.74
C LYS H 469 22.84 -0.02 -2.38
N MET H 470 23.93 -0.59 -1.84
CA MET H 470 24.48 -1.84 -2.34
C MET H 470 23.81 -3.09 -1.81
N SER H 471 22.56 -2.96 -1.39
CA SER H 471 21.77 -4.10 -0.92
C SER H 471 20.89 -4.54 -2.09
N GLY H 472 21.05 -3.85 -3.22
CA GLY H 472 20.30 -4.17 -4.41
C GLY H 472 19.34 -3.09 -4.89
N SER H 473 18.69 -3.40 -6.01
CA SER H 473 17.71 -2.53 -6.66
C SER H 473 16.45 -3.37 -6.88
N GLY H 474 15.31 -2.70 -7.04
CA GLY H 474 14.07 -3.43 -7.25
C GLY H 474 13.50 -4.01 -5.96
N ARG H 475 12.21 -4.33 -6.00
CA ARG H 475 11.52 -4.90 -4.84
C ARG H 475 10.82 -6.21 -5.16
N GLU H 476 10.53 -6.97 -4.10
CA GLU H 476 9.82 -8.25 -4.18
C GLU H 476 8.64 -8.21 -3.22
N LEU H 477 7.64 -9.05 -3.45
CA LEU H 477 6.44 -9.10 -2.64
C LEU H 477 5.55 -7.84 -2.86
N GLY H 478 4.26 -8.00 -2.62
CA GLY H 478 3.32 -6.91 -2.81
C GLY H 478 3.14 -6.55 -4.27
N GLU H 479 2.40 -5.48 -4.52
CA GLU H 479 2.16 -5.00 -5.88
C GLU H 479 3.47 -4.59 -6.59
N TYR H 480 4.44 -4.11 -5.81
CA TYR H 480 5.73 -3.67 -6.33
C TYR H 480 6.52 -4.80 -7.00
N GLY H 481 6.25 -6.03 -6.54
CA GLY H 481 6.90 -7.19 -7.10
C GLY H 481 6.49 -7.45 -8.54
N LEU H 482 5.34 -6.91 -8.94
CA LEU H 482 4.83 -7.09 -10.28
C LEU H 482 5.50 -6.19 -11.30
N GLN H 483 5.90 -5.00 -10.85
CA GLN H 483 6.54 -4.01 -11.71
C GLN H 483 7.77 -4.55 -12.41
N ALA H 484 8.62 -5.24 -11.67
CA ALA H 484 9.83 -5.83 -12.23
C ALA H 484 9.60 -6.90 -13.30
N TYR H 485 8.41 -7.51 -13.33
CA TYR H 485 8.06 -8.55 -14.30
C TYR H 485 7.10 -8.07 -15.37
N THR H 486 7.07 -6.77 -15.59
CA THR H 486 6.15 -6.19 -16.56
C THR H 486 6.80 -5.21 -17.52
N LYS H 487 6.31 -5.20 -18.75
CA LYS H 487 6.77 -4.28 -19.78
C LYS H 487 5.57 -3.38 -20.06
N VAL H 488 5.78 -2.08 -20.15
CA VAL H 488 4.65 -1.21 -20.46
C VAL H 488 4.60 -0.86 -21.94
N LYS H 489 3.52 -1.24 -22.60
CA LYS H 489 3.35 -0.90 -24.01
C LYS H 489 2.27 0.19 -24.11
N THR H 490 2.58 1.28 -24.81
CA THR H 490 1.63 2.37 -24.97
C THR H 490 1.06 2.31 -26.36
N VAL H 491 -0.27 2.30 -26.49
CA VAL H 491 -0.92 2.32 -27.80
C VAL H 491 -1.71 3.64 -27.89
N THR H 492 -1.32 4.47 -28.84
CA THR H 492 -1.94 5.75 -29.08
C THR H 492 -2.66 5.75 -30.43
N VAL H 493 -3.99 5.81 -30.38
CA VAL H 493 -4.83 5.75 -31.57
C VAL H 493 -5.50 7.08 -31.92
N LYS H 494 -5.45 7.43 -33.21
CA LYS H 494 -6.06 8.65 -33.72
C LYS H 494 -7.58 8.46 -33.73
N VAL H 495 -8.31 9.41 -33.16
CA VAL H 495 -9.76 9.26 -33.13
C VAL H 495 -10.41 10.46 -33.80
N PRO H 496 -11.68 10.32 -34.23
CA PRO H 496 -12.40 11.43 -34.90
C PRO H 496 -12.47 12.75 -34.11
N GLN H 497 -12.92 12.69 -32.85
CA GLN H 497 -13.00 13.89 -32.04
C GLN H 497 -13.10 13.54 -30.58
N LYS H 498 -12.06 13.92 -29.86
CA LYS H 498 -11.95 13.65 -28.44
C LYS H 498 -12.85 14.52 -27.58
N ASN H 499 -13.56 13.86 -26.65
CA ASN H 499 -14.44 14.52 -25.69
C ASN H 499 -14.15 13.96 -24.32
N SER H 500 -14.32 14.81 -23.30
CA SER H 500 -14.06 14.40 -21.93
C SER H 500 -14.94 13.20 -21.52
N ALA I 7 10.67 54.83 -21.75
CA ALA I 7 11.44 53.70 -21.14
C ALA I 7 11.03 53.55 -19.67
N VAL I 8 9.72 53.43 -19.47
CA VAL I 8 9.17 53.29 -18.12
C VAL I 8 8.45 51.95 -17.99
N PRO I 9 8.84 51.11 -17.02
CA PRO I 9 8.21 49.81 -16.80
C PRO I 9 6.74 49.94 -16.50
N ALA I 10 5.98 48.89 -16.80
CA ALA I 10 4.54 48.86 -16.53
C ALA I 10 4.27 48.86 -15.02
N PRO I 11 3.46 49.81 -14.54
CA PRO I 11 3.12 49.95 -13.13
C PRO I 11 2.06 49.00 -12.65
N ASN I 12 2.07 48.75 -11.35
CA ASN I 12 1.05 47.95 -10.68
C ASN I 12 0.11 49.04 -10.18
N GLN I 13 -0.99 49.27 -10.90
CA GLN I 13 -1.96 50.31 -10.57
C GLN I 13 -2.64 50.13 -9.24
N GLN I 14 -2.34 49.03 -8.57
CA GLN I 14 -2.88 48.75 -7.26
C GLN I 14 -1.79 48.10 -6.40
N PRO I 15 -0.71 48.84 -6.13
CA PRO I 15 0.38 48.31 -5.34
C PRO I 15 -0.05 47.98 -3.89
N GLU I 16 0.55 46.95 -3.34
CA GLU I 16 0.26 46.49 -2.01
C GLU I 16 0.88 47.43 -1.01
N VAL I 17 0.31 47.48 0.19
CA VAL I 17 0.86 48.30 1.24
C VAL I 17 1.34 47.34 2.35
N PHE I 18 2.65 47.35 2.59
CA PHE I 18 3.24 46.48 3.59
C PHE I 18 3.57 47.18 4.89
N CYS I 19 3.75 48.50 4.82
CA CYS I 19 4.11 49.30 6.00
C CYS I 19 3.08 50.39 6.28
N ASN I 20 2.46 50.34 7.45
CA ASN I 20 1.44 51.33 7.79
C ASN I 20 1.41 51.63 9.28
N GLN I 21 2.52 51.38 9.97
CA GLN I 21 2.60 51.63 11.40
C GLN I 21 3.69 52.63 11.75
N ILE I 22 3.96 52.78 13.04
CA ILE I 22 5.01 53.70 13.47
C ILE I 22 6.34 52.97 13.53
N PHE I 23 7.36 53.60 12.96
CA PHE I 23 8.68 53.05 12.90
C PHE I 23 9.64 53.60 13.98
N ILE I 24 9.99 52.77 14.96
CA ILE I 24 10.91 53.16 16.04
C ILE I 24 11.86 51.99 16.35
N ASN I 25 13.16 52.26 16.37
CA ASN I 25 14.15 51.23 16.64
C ASN I 25 14.07 50.09 15.63
N ASN I 26 13.88 50.44 14.36
CA ASN I 26 13.78 49.47 13.28
C ASN I 26 12.65 48.43 13.46
N GLU I 27 11.64 48.79 14.25
CA GLU I 27 10.50 47.90 14.48
C GLU I 27 9.20 48.64 14.24
N TRP I 28 8.18 47.90 13.84
CA TRP I 28 6.87 48.50 13.57
C TRP I 28 5.98 48.36 14.80
N HIS I 29 5.38 49.48 15.18
CA HIS I 29 4.52 49.56 16.35
C HIS I 29 3.22 50.29 16.03
N ASP I 30 2.17 49.91 16.75
CA ASP I 30 0.89 50.58 16.60
C ASP I 30 1.00 51.80 17.48
N ALA I 31 0.15 52.79 17.26
CA ALA I 31 0.19 53.97 18.12
C ALA I 31 -0.19 53.53 19.53
N VAL I 32 0.33 54.25 20.52
CA VAL I 32 0.05 53.96 21.92
C VAL I 32 -1.46 53.90 22.13
N SER I 33 -2.14 54.87 21.50
CA SER I 33 -3.58 54.99 21.58
C SER I 33 -4.34 53.95 20.79
N ARG I 34 -3.63 53.20 19.93
CA ARG I 34 -4.27 52.15 19.13
C ARG I 34 -5.04 52.72 17.96
N LYS I 35 -5.07 54.04 17.86
CA LYS I 35 -5.81 54.72 16.82
C LYS I 35 -5.14 54.67 15.47
N THR I 36 -5.92 54.84 14.42
CA THR I 36 -5.44 54.83 13.05
C THR I 36 -6.27 55.77 12.23
N PHE I 37 -5.67 56.36 11.21
CA PHE I 37 -6.37 57.27 10.32
C PHE I 37 -6.28 56.74 8.90
N PRO I 38 -7.28 57.06 8.06
CA PRO I 38 -7.28 56.58 6.68
C PRO I 38 -6.50 57.50 5.76
N THR I 39 -5.85 56.92 4.76
CA THR I 39 -5.14 57.71 3.76
C THR I 39 -5.91 57.47 2.46
N VAL I 40 -6.19 58.53 1.74
CA VAL I 40 -6.98 58.44 0.52
C VAL I 40 -6.25 58.47 -0.81
N ASN I 41 -6.79 57.77 -1.81
CA ASN I 41 -6.23 57.80 -3.16
C ASN I 41 -6.94 58.98 -3.80
N PRO I 42 -6.23 60.09 -4.00
CA PRO I 42 -6.81 61.30 -4.59
C PRO I 42 -7.44 61.13 -5.95
N SER I 43 -7.11 60.06 -6.64
CA SER I 43 -7.67 59.83 -7.98
C SER I 43 -9.09 59.26 -7.98
N THR I 44 -9.47 58.61 -6.87
CA THR I 44 -10.77 57.97 -6.78
C THR I 44 -11.53 58.39 -5.55
N GLY I 45 -10.82 58.98 -4.60
CA GLY I 45 -11.45 59.43 -3.36
C GLY I 45 -11.65 58.28 -2.41
N GLU I 46 -11.14 57.10 -2.76
CA GLU I 46 -11.27 55.92 -1.91
C GLU I 46 -10.11 55.75 -0.93
N VAL I 47 -10.42 55.18 0.22
CA VAL I 47 -9.41 54.92 1.23
C VAL I 47 -8.48 53.81 0.76
N ILE I 48 -7.18 54.04 0.83
CA ILE I 48 -6.19 53.05 0.45
C ILE I 48 -6.02 52.02 1.56
N CYS I 49 -5.87 52.50 2.80
CA CYS I 49 -5.73 51.65 3.98
C CYS I 49 -5.64 52.54 5.22
N GLN I 50 -5.62 51.91 6.38
CA GLN I 50 -5.50 52.63 7.65
C GLN I 50 -4.00 52.72 7.97
N VAL I 51 -3.64 53.78 8.68
CA VAL I 51 -2.25 54.05 9.09
C VAL I 51 -2.25 54.45 10.56
N ALA I 52 -1.29 53.95 11.33
CA ALA I 52 -1.20 54.24 12.76
C ALA I 52 -1.16 55.75 13.02
N GLU I 53 -2.00 56.22 13.93
CA GLU I 53 -2.06 57.65 14.22
C GLU I 53 -1.18 58.05 15.40
N GLY I 54 0.08 58.38 15.10
CA GLY I 54 1.00 58.77 16.16
C GLY I 54 0.62 60.06 16.85
N ASP I 55 0.95 60.16 18.13
CA ASP I 55 0.67 61.35 18.91
C ASP I 55 1.88 61.62 19.81
N LYS I 56 1.71 62.51 20.78
CA LYS I 56 2.78 62.87 21.68
C LYS I 56 3.52 61.71 22.34
N GLU I 57 2.80 60.70 22.84
CA GLU I 57 3.47 59.58 23.50
C GLU I 57 4.32 58.77 22.55
N ASP I 58 3.93 58.76 21.27
CA ASP I 58 4.64 58.03 20.22
C ASP I 58 5.92 58.77 19.87
N VAL I 59 5.81 60.09 19.79
CA VAL I 59 6.96 60.94 19.49
C VAL I 59 7.94 60.82 20.64
N ASP I 60 7.42 60.74 21.87
CA ASP I 60 8.28 60.60 23.04
C ASP I 60 9.11 59.33 22.94
N LYS I 61 8.48 58.24 22.49
CA LYS I 61 9.17 56.95 22.35
C LYS I 61 10.22 57.05 21.25
N ALA I 62 9.89 57.79 20.20
CA ALA I 62 10.79 57.97 19.07
C ALA I 62 12.04 58.71 19.48
N VAL I 63 11.86 59.87 20.08
CA VAL I 63 12.96 60.71 20.55
C VAL I 63 13.88 59.93 21.50
N LYS I 64 13.29 59.18 22.42
CA LYS I 64 14.09 58.39 23.34
C LYS I 64 14.95 57.37 22.61
N ALA I 65 14.40 56.78 21.55
CA ALA I 65 15.13 55.78 20.77
C ALA I 65 16.27 56.48 20.04
N ALA I 66 15.96 57.63 19.46
CA ALA I 66 16.94 58.40 18.72
C ALA I 66 18.08 58.85 19.65
N ARG I 67 17.71 59.35 20.84
CA ARG I 67 18.69 59.79 21.83
C ARG I 67 19.64 58.67 22.22
N ALA I 68 19.11 57.46 22.41
CA ALA I 68 19.93 56.30 22.77
C ALA I 68 20.91 55.96 21.66
N ALA I 69 20.43 56.01 20.41
CA ALA I 69 21.24 55.69 19.27
C ALA I 69 22.33 56.72 19.04
N PHE I 70 22.14 57.89 19.66
CA PHE I 70 23.10 59.00 19.54
C PHE I 70 24.08 59.05 20.70
N GLN I 71 23.92 58.18 21.69
CA GLN I 71 24.82 58.16 22.86
C GLN I 71 26.27 57.88 22.51
N LEU I 72 27.17 58.60 23.17
CA LEU I 72 28.61 58.43 22.96
C LEU I 72 28.99 56.96 23.09
N GLY I 73 29.71 56.43 22.10
CA GLY I 73 30.08 55.03 22.15
C GLY I 73 29.13 54.07 21.43
N SER I 74 27.99 54.58 20.97
CA SER I 74 27.01 53.77 20.25
C SER I 74 27.53 53.41 18.87
N PRO I 75 26.91 52.41 18.21
CA PRO I 75 27.31 51.97 16.88
C PRO I 75 27.29 53.13 15.89
N TRP I 76 26.24 53.95 15.93
CA TRP I 76 26.10 55.10 15.04
C TRP I 76 27.15 56.19 15.28
N ARG I 77 27.52 56.41 16.54
CA ARG I 77 28.52 57.44 16.88
C ARG I 77 29.95 57.03 16.59
N ARG I 78 30.23 55.76 16.79
CA ARG I 78 31.56 55.20 16.57
C ARG I 78 31.86 54.89 15.14
N MET I 79 30.82 54.57 14.37
CA MET I 79 30.95 54.23 12.96
C MET I 79 31.75 55.23 12.14
N ASP I 80 32.61 54.71 11.26
CA ASP I 80 33.44 55.56 10.39
C ASP I 80 32.51 56.43 9.52
N ALA I 81 32.90 57.67 9.29
CA ALA I 81 32.11 58.56 8.46
C ALA I 81 31.92 57.96 7.07
N SER I 82 32.96 57.34 6.53
CA SER I 82 32.87 56.72 5.20
C SER I 82 31.85 55.59 5.19
N HIS I 83 31.65 54.94 6.34
CA HIS I 83 30.68 53.85 6.40
C HIS I 83 29.26 54.41 6.36
N ARG I 84 29.06 55.62 6.88
CA ARG I 84 27.74 56.24 6.85
C ARG I 84 27.42 56.43 5.38
N GLY I 85 28.46 56.76 4.61
CA GLY I 85 28.31 56.94 3.18
C GLY I 85 27.93 55.62 2.52
N ARG I 86 28.52 54.51 2.98
CA ARG I 86 28.20 53.20 2.41
C ARG I 86 26.76 52.84 2.68
N LEU I 87 26.29 53.15 3.90
CA LEU I 87 24.91 52.87 4.25
C LEU I 87 23.93 53.66 3.42
N LEU I 88 24.26 54.92 3.14
CA LEU I 88 23.38 55.75 2.34
C LEU I 88 23.34 55.21 0.91
N ASN I 89 24.49 54.79 0.41
CA ASN I 89 24.59 54.24 -0.94
C ASN I 89 23.81 52.93 -1.03
N ARG I 90 23.81 52.18 0.06
CA ARG I 90 23.09 50.93 0.13
C ARG I 90 21.60 51.20 0.10
N LEU I 91 21.17 52.23 0.83
CA LEU I 91 19.76 52.60 0.86
C LEU I 91 19.33 53.04 -0.54
N ALA I 92 20.23 53.73 -1.24
CA ALA I 92 19.91 54.17 -2.57
C ALA I 92 19.74 52.95 -3.48
N ASP I 93 20.62 51.96 -3.34
CA ASP I 93 20.55 50.75 -4.12
C ASP I 93 19.23 50.03 -3.88
N LEU I 94 18.80 49.93 -2.63
CA LEU I 94 17.55 49.28 -2.29
C LEU I 94 16.37 50.00 -2.92
N ILE I 95 16.40 51.33 -2.85
CA ILE I 95 15.33 52.13 -3.42
C ILE I 95 15.30 51.90 -4.93
N GLU I 96 16.46 51.82 -5.57
CA GLU I 96 16.49 51.58 -7.02
C GLU I 96 15.90 50.22 -7.34
N ARG I 97 16.16 49.25 -6.47
CA ARG I 97 15.66 47.90 -6.67
C ARG I 97 14.14 47.92 -6.66
N ASP I 98 13.55 48.63 -5.69
CA ASP I 98 12.11 48.73 -5.57
C ASP I 98 11.54 49.99 -6.21
N ARG I 99 12.28 50.51 -7.20
CA ARG I 99 11.91 51.73 -7.91
C ARG I 99 10.52 51.73 -8.54
N THR I 100 10.17 50.67 -9.28
CA THR I 100 8.87 50.65 -9.94
C THR I 100 7.74 50.54 -8.92
N TYR I 101 7.95 49.78 -7.86
CA TYR I 101 6.92 49.68 -6.84
C TYR I 101 6.72 51.04 -6.16
N LEU I 102 7.80 51.64 -5.66
CA LEU I 102 7.73 52.92 -4.99
C LEU I 102 7.12 54.02 -5.82
N ALA I 103 7.41 54.00 -7.12
CA ALA I 103 6.86 55.01 -8.02
C ALA I 103 5.33 54.87 -8.12
N ALA I 104 4.86 53.63 -8.17
CA ALA I 104 3.42 53.36 -8.25
C ALA I 104 2.75 53.70 -6.95
N LEU I 105 3.40 53.38 -5.83
CA LEU I 105 2.84 53.67 -4.50
C LEU I 105 2.78 55.17 -4.30
N GLU I 106 3.76 55.89 -4.84
CA GLU I 106 3.80 57.33 -4.72
C GLU I 106 2.59 57.90 -5.42
N THR I 107 2.36 57.42 -6.64
CA THR I 107 1.24 57.86 -7.47
C THR I 107 -0.10 57.54 -6.80
N LEU I 108 -0.24 56.33 -6.27
CA LEU I 108 -1.46 55.94 -5.62
C LEU I 108 -1.84 56.84 -4.43
N ASP I 109 -0.86 57.20 -3.60
CA ASP I 109 -1.10 58.01 -2.40
C ASP I 109 -1.06 59.53 -2.61
N ASN I 110 -0.27 59.99 -3.58
CA ASN I 110 -0.13 61.41 -3.82
C ASN I 110 -0.91 61.93 -5.02
N GLY I 111 -1.03 61.08 -6.06
CA GLY I 111 -1.77 61.43 -7.26
C GLY I 111 -0.96 61.86 -8.47
N LYS I 112 0.33 62.11 -8.29
CA LYS I 112 1.13 62.55 -9.41
C LYS I 112 1.24 61.43 -10.44
N PRO I 113 1.42 61.80 -11.73
CA PRO I 113 1.53 60.82 -12.82
C PRO I 113 2.63 59.84 -12.54
N TYR I 114 2.36 58.56 -12.81
CA TYR I 114 3.32 57.50 -12.57
C TYR I 114 4.63 57.72 -13.31
N VAL I 115 4.55 58.20 -14.54
CA VAL I 115 5.74 58.43 -15.34
C VAL I 115 6.64 59.44 -14.64
N ILE I 116 6.06 60.54 -14.16
CA ILE I 116 6.84 61.56 -13.46
C ILE I 116 7.39 60.98 -12.15
N SER I 117 6.56 60.22 -11.46
CA SER I 117 6.94 59.60 -10.22
C SER I 117 8.19 58.72 -10.43
N TYR I 118 8.21 57.98 -11.54
CA TYR I 118 9.31 57.09 -11.88
C TYR I 118 10.57 57.80 -12.42
N LEU I 119 10.38 58.60 -13.47
CA LEU I 119 11.48 59.32 -14.10
C LEU I 119 11.99 60.56 -13.39
N VAL I 120 11.15 61.19 -12.58
CA VAL I 120 11.57 62.42 -11.89
C VAL I 120 11.79 62.22 -10.41
N ASP I 121 10.70 62.02 -9.66
CA ASP I 121 10.80 61.83 -8.22
C ASP I 121 11.84 60.79 -7.76
N LEU I 122 11.68 59.53 -8.17
CA LEU I 122 12.62 58.49 -7.77
C LEU I 122 14.04 58.70 -8.28
N ASP I 123 14.17 59.32 -9.44
CA ASP I 123 15.47 59.59 -10.01
C ASP I 123 16.20 60.56 -9.07
N MET I 124 15.48 61.61 -8.66
CA MET I 124 16.01 62.63 -7.79
C MET I 124 16.29 62.11 -6.39
N VAL I 125 15.47 61.16 -5.93
CA VAL I 125 15.67 60.56 -4.62
C VAL I 125 17.01 59.80 -4.63
N LEU I 126 17.24 59.03 -5.69
CA LEU I 126 18.48 58.27 -5.82
C LEU I 126 19.69 59.20 -5.94
N LYS I 127 19.56 60.25 -6.74
CA LYS I 127 20.65 61.19 -6.90
C LYS I 127 20.94 61.99 -5.63
N CYS I 128 19.90 62.25 -4.84
CA CYS I 128 20.10 63.00 -3.62
C CYS I 128 20.82 62.13 -2.60
N LEU I 129 20.34 60.91 -2.41
CA LEU I 129 20.94 59.98 -1.47
C LEU I 129 22.39 59.66 -1.82
N ARG I 130 22.65 59.47 -3.11
CA ARG I 130 24.00 59.17 -3.57
C ARG I 130 24.93 60.39 -3.47
N TYR I 131 24.35 61.57 -3.60
CA TYR I 131 25.15 62.79 -3.49
C TYR I 131 25.60 62.92 -2.05
N TYR I 132 24.66 62.79 -1.13
CA TYR I 132 24.98 62.92 0.28
C TYR I 132 25.84 61.81 0.83
N ALA I 133 25.79 60.66 0.18
CA ALA I 133 26.61 59.55 0.62
C ALA I 133 28.06 60.01 0.48
N GLY I 134 28.33 60.73 -0.60
CA GLY I 134 29.66 61.22 -0.88
C GLY I 134 30.15 62.29 0.09
N TRP I 135 29.23 63.03 0.73
CA TRP I 135 29.61 64.08 1.70
C TRP I 135 29.98 63.55 3.07
N ALA I 136 29.55 62.34 3.38
CA ALA I 136 29.77 61.73 4.67
C ALA I 136 31.17 61.90 5.30
N ASP I 137 32.19 61.74 4.48
CA ASP I 137 33.55 61.84 4.99
C ASP I 137 34.33 62.96 4.36
N LYS I 138 33.65 64.04 4.00
CA LYS I 138 34.33 65.15 3.36
C LYS I 138 34.03 66.53 3.93
N TYR I 139 33.23 66.60 4.99
CA TYR I 139 32.91 67.89 5.59
C TYR I 139 33.95 68.11 6.66
N HIS I 140 35.06 68.73 6.29
CA HIS I 140 36.17 68.98 7.21
C HIS I 140 36.05 70.14 8.18
N GLY I 141 36.77 70.01 9.30
CA GLY I 141 36.84 71.06 10.29
C GLY I 141 38.09 71.87 9.91
N LYS I 142 38.46 72.84 10.73
CA LYS I 142 39.63 73.64 10.39
C LYS I 142 40.70 73.67 11.45
N THR I 143 41.94 73.99 11.04
CA THR I 143 43.05 74.17 11.97
C THR I 143 43.29 75.67 11.78
N ILE I 144 43.06 76.44 12.84
CA ILE I 144 43.16 77.89 12.81
C ILE I 144 44.46 78.50 13.36
N PRO I 145 45.10 79.42 12.59
CA PRO I 145 46.34 80.07 13.02
C PRO I 145 46.06 81.20 14.01
N ILE I 146 45.60 80.82 15.20
CA ILE I 146 45.27 81.74 16.29
C ILE I 146 46.55 82.38 16.86
N ASP I 147 46.42 83.58 17.43
CA ASP I 147 47.57 84.26 18.05
C ASP I 147 48.05 83.49 19.26
N GLY I 148 49.33 83.66 19.60
CA GLY I 148 49.90 82.99 20.76
C GLY I 148 50.37 81.57 20.51
N ASP I 149 50.98 80.96 21.53
CA ASP I 149 51.49 79.60 21.45
C ASP I 149 50.39 78.59 21.71
N PHE I 150 49.48 78.46 20.76
CA PHE I 150 48.37 77.54 20.86
C PHE I 150 48.13 76.83 19.55
N PHE I 151 47.47 75.69 19.64
CA PHE I 151 47.06 74.89 18.48
C PHE I 151 45.53 74.86 18.56
N SER I 152 44.86 75.54 17.63
CA SER I 152 43.42 75.57 17.64
C SER I 152 42.85 74.89 16.42
N TYR I 153 41.77 74.14 16.63
CA TYR I 153 41.10 73.45 15.54
C TYR I 153 39.61 73.29 15.83
N THR I 154 38.84 73.02 14.78
CA THR I 154 37.40 72.82 14.94
C THR I 154 36.96 71.45 14.48
N ARG I 155 35.97 70.93 15.18
CA ARG I 155 35.37 69.64 14.85
C ARG I 155 33.92 69.90 14.46
N HIS I 156 33.50 69.28 13.37
CA HIS I 156 32.14 69.43 12.93
C HIS I 156 31.40 68.21 13.47
N GLU I 157 30.67 68.42 14.55
CA GLU I 157 29.92 67.35 15.19
C GLU I 157 28.45 67.39 14.81
N PRO I 158 27.75 66.24 14.92
CA PRO I 158 26.31 66.16 14.60
C PRO I 158 25.54 67.05 15.57
N VAL I 159 24.45 67.63 15.11
CA VAL I 159 23.66 68.47 15.97
C VAL I 159 22.96 67.62 17.03
N GLY I 160 22.64 66.36 16.70
CA GLY I 160 21.98 65.45 17.63
C GLY I 160 20.68 64.86 17.11
N VAL I 161 19.62 64.94 17.92
CA VAL I 161 18.30 64.44 17.55
C VAL I 161 17.57 65.48 16.73
N CYS I 162 17.43 65.21 15.44
CA CYS I 162 16.76 66.12 14.52
C CYS I 162 15.31 65.73 14.22
N GLY I 163 14.39 66.65 14.50
CA GLY I 163 12.98 66.40 14.23
C GLY I 163 12.74 66.89 12.83
N GLN I 164 12.19 66.05 11.95
CA GLN I 164 11.94 66.46 10.56
C GLN I 164 10.48 66.28 10.16
N ILE I 165 9.83 67.41 9.89
CA ILE I 165 8.43 67.47 9.54
C ILE I 165 8.32 67.79 8.06
N ILE I 166 7.79 66.85 7.27
CA ILE I 166 7.69 67.04 5.82
C ILE I 166 6.27 67.09 5.24
N PRO I 167 6.09 67.81 4.13
CA PRO I 167 4.81 67.97 3.43
C PRO I 167 4.44 66.79 2.52
N TRP I 168 3.33 66.92 1.81
CA TRP I 168 2.83 65.87 0.92
C TRP I 168 3.08 66.01 -0.58
N ASN I 169 3.51 67.17 -1.05
CA ASN I 169 3.71 67.37 -2.47
C ASN I 169 4.78 66.48 -3.12
N PHE I 170 5.85 66.17 -2.39
CA PHE I 170 6.92 65.29 -2.87
C PHE I 170 7.33 64.40 -1.70
N PRO I 171 6.46 63.45 -1.31
CA PRO I 171 6.69 62.53 -0.21
C PRO I 171 8.08 61.92 -0.14
N LEU I 172 8.46 61.21 -1.20
CA LEU I 172 9.75 60.56 -1.26
C LEU I 172 10.91 61.54 -1.33
N LEU I 173 10.86 62.46 -2.27
CA LEU I 173 11.93 63.43 -2.43
C LEU I 173 12.14 64.29 -1.17
N MET I 174 11.06 64.70 -0.51
CA MET I 174 11.21 65.51 0.70
C MET I 174 11.90 64.67 1.77
N GLN I 175 11.58 63.39 1.81
CA GLN I 175 12.16 62.47 2.79
C GLN I 175 13.66 62.39 2.55
N ALA I 176 14.04 62.24 1.29
CA ALA I 176 15.42 62.13 0.88
C ALA I 176 16.21 63.41 1.14
N TRP I 177 15.62 64.56 0.87
CA TRP I 177 16.30 65.84 1.10
C TRP I 177 16.62 66.06 2.58
N LYS I 178 15.85 65.44 3.46
CA LYS I 178 16.07 65.58 4.91
C LYS I 178 17.03 64.51 5.43
N LEU I 179 16.82 63.25 5.04
CA LEU I 179 17.67 62.16 5.50
C LEU I 179 19.09 62.25 4.98
N GLY I 180 19.23 62.69 3.74
CA GLY I 180 20.54 62.81 3.12
C GLY I 180 21.54 63.56 3.98
N PRO I 181 21.38 64.89 4.13
CA PRO I 181 22.28 65.71 4.94
C PRO I 181 22.34 65.32 6.42
N ALA I 182 21.19 65.00 6.99
CA ALA I 182 21.14 64.62 8.38
C ALA I 182 21.97 63.37 8.69
N LEU I 183 21.84 62.33 7.87
CA LEU I 183 22.56 61.07 8.09
C LEU I 183 24.01 61.15 7.67
N ALA I 184 24.28 61.88 6.59
CA ALA I 184 25.65 62.03 6.14
C ALA I 184 26.51 62.63 7.26
N THR I 185 25.92 63.54 8.04
CA THR I 185 26.63 64.19 9.15
C THR I 185 26.52 63.49 10.49
N GLY I 186 25.96 62.28 10.49
CA GLY I 186 25.86 61.50 11.72
C GLY I 186 24.79 61.82 12.76
N ASN I 187 23.71 62.47 12.35
CA ASN I 187 22.61 62.81 13.25
C ASN I 187 21.63 61.64 13.32
N VAL I 188 20.65 61.75 14.22
CA VAL I 188 19.62 60.73 14.34
C VAL I 188 18.36 61.49 14.01
N VAL I 189 17.35 60.79 13.49
CA VAL I 189 16.13 61.47 13.04
C VAL I 189 14.78 60.95 13.53
N VAL I 190 13.89 61.89 13.84
CA VAL I 190 12.52 61.59 14.24
C VAL I 190 11.76 62.33 13.18
N MET I 191 11.28 61.59 12.18
CA MET I 191 10.55 62.16 11.07
C MET I 191 9.01 62.03 11.15
N LYS I 192 8.34 63.13 10.86
CA LYS I 192 6.89 63.15 10.88
C LYS I 192 6.45 63.40 9.46
N VAL I 193 5.88 62.37 8.84
CA VAL I 193 5.41 62.47 7.45
C VAL I 193 3.98 62.99 7.34
N ALA I 194 3.65 63.60 6.19
CA ALA I 194 2.32 64.16 5.97
C ALA I 194 1.23 63.11 6.06
N GLU I 195 0.13 63.43 6.72
CA GLU I 195 -0.97 62.51 6.88
C GLU I 195 -1.61 62.13 5.55
N GLN I 196 -1.39 62.95 4.53
CA GLN I 196 -1.98 62.68 3.22
C GLN I 196 -1.17 61.68 2.41
N THR I 197 0.12 61.59 2.69
CA THR I 197 1.00 60.69 1.94
C THR I 197 2.08 60.04 2.82
N PRO I 198 1.66 59.21 3.79
CA PRO I 198 2.63 58.57 4.66
C PRO I 198 3.19 57.25 4.14
N LEU I 199 2.50 56.64 3.18
CA LEU I 199 2.90 55.33 2.62
C LEU I 199 4.33 55.08 2.11
N THR I 200 4.77 55.84 1.13
CA THR I 200 6.12 55.63 0.59
C THR I 200 7.23 55.83 1.63
N ALA I 201 7.07 56.85 2.48
CA ALA I 201 8.07 57.13 3.51
C ALA I 201 8.20 55.95 4.46
N LEU I 202 7.07 55.36 4.80
CA LEU I 202 7.05 54.22 5.70
C LEU I 202 7.73 53.01 5.06
N TYR I 203 7.51 52.83 3.75
CA TYR I 203 8.14 51.71 3.07
C TYR I 203 9.65 51.92 3.06
N VAL I 204 10.10 53.17 2.84
CA VAL I 204 11.51 53.49 2.83
C VAL I 204 12.14 53.18 4.18
N ALA I 205 11.38 53.36 5.26
CA ALA I 205 11.87 53.05 6.60
C ALA I 205 12.28 51.58 6.65
N ASN I 206 11.51 50.74 5.96
CA ASN I 206 11.77 49.32 5.91
C ASN I 206 13.09 49.08 5.20
N LEU I 207 13.33 49.84 4.13
CA LEU I 207 14.57 49.70 3.41
C LEU I 207 15.79 50.19 4.25
N ILE I 208 15.54 51.19 5.11
CA ILE I 208 16.56 51.75 6.00
C ILE I 208 17.02 50.65 6.95
N LYS I 209 16.07 49.82 7.38
CA LYS I 209 16.37 48.70 8.26
C LYS I 209 17.16 47.64 7.46
N GLU I 210 16.69 47.34 6.26
CA GLU I 210 17.37 46.36 5.43
C GLU I 210 18.77 46.83 5.06
N ALA I 211 18.96 48.14 4.94
CA ALA I 211 20.28 48.68 4.58
C ALA I 211 21.32 48.53 5.68
N GLY I 212 20.87 48.29 6.91
CA GLY I 212 21.80 48.12 8.00
C GLY I 212 21.96 49.27 8.97
N PHE I 213 21.17 50.32 8.81
CA PHE I 213 21.24 51.46 9.71
C PHE I 213 20.87 50.98 11.10
N PRO I 214 21.68 51.35 12.11
CA PRO I 214 21.46 50.97 13.51
C PRO I 214 20.07 51.39 13.99
N PRO I 215 19.50 50.64 14.94
CA PRO I 215 18.18 50.96 15.49
C PRO I 215 18.16 52.36 16.11
N GLY I 216 17.09 53.10 15.88
CA GLY I 216 16.95 54.43 16.44
C GLY I 216 17.54 55.56 15.63
N VAL I 217 18.35 55.24 14.62
CA VAL I 217 18.96 56.27 13.79
C VAL I 217 17.91 57.04 13.03
N VAL I 218 16.91 56.32 12.53
CA VAL I 218 15.78 56.93 11.83
C VAL I 218 14.50 56.40 12.43
N ASN I 219 13.62 57.31 12.81
CA ASN I 219 12.33 56.95 13.37
C ASN I 219 11.28 57.75 12.63
N ILE I 220 10.26 57.07 12.14
CA ILE I 220 9.18 57.74 11.43
C ILE I 220 7.88 57.61 12.20
N VAL I 221 7.25 58.74 12.50
CA VAL I 221 6.00 58.76 13.22
C VAL I 221 4.91 59.38 12.35
N PRO I 222 4.08 58.54 11.69
CA PRO I 222 3.04 59.14 10.87
C PRO I 222 1.95 59.66 11.80
N GLY I 223 1.17 60.62 11.34
CA GLY I 223 0.10 61.17 12.16
C GLY I 223 -0.23 62.60 11.80
N PHE I 224 -1.06 63.24 12.61
CA PHE I 224 -1.47 64.62 12.35
C PHE I 224 -0.46 65.68 12.80
N GLY I 225 -0.59 66.88 12.23
CA GLY I 225 0.32 67.95 12.57
C GLY I 225 0.22 68.49 14.00
N PRO I 226 -0.95 69.04 14.39
CA PRO I 226 -1.17 69.58 15.72
C PRO I 226 -0.89 68.60 16.85
N THR I 227 -0.79 67.32 16.51
CA THR I 227 -0.52 66.28 17.48
C THR I 227 0.94 65.84 17.41
N ALA I 228 1.28 64.99 16.46
CA ALA I 228 2.64 64.48 16.31
C ALA I 228 3.67 65.55 15.94
N GLY I 229 3.31 66.41 14.98
CA GLY I 229 4.19 67.47 14.55
C GLY I 229 4.56 68.44 15.66
N ALA I 230 3.55 68.91 16.39
CA ALA I 230 3.79 69.85 17.47
C ALA I 230 4.60 69.23 18.58
N ALA I 231 4.40 67.93 18.82
CA ALA I 231 5.11 67.23 19.88
C ALA I 231 6.61 67.22 19.62
N ILE I 232 6.98 67.18 18.34
CA ILE I 232 8.37 67.18 17.92
C ILE I 232 8.96 68.54 18.12
N ALA I 233 8.26 69.56 17.62
CA ALA I 233 8.71 70.94 17.74
C ALA I 233 8.82 71.44 19.17
N SER I 234 7.99 70.92 20.07
CA SER I 234 8.02 71.32 21.47
C SER I 234 8.84 70.41 22.38
N HIS I 235 9.32 69.30 21.84
CA HIS I 235 10.06 68.34 22.64
C HIS I 235 11.34 68.91 23.26
N GLU I 236 11.52 68.64 24.55
CA GLU I 236 12.68 69.12 25.30
C GLU I 236 14.02 68.46 24.95
N ASP I 237 13.96 67.29 24.33
CA ASP I 237 15.18 66.57 23.99
C ASP I 237 15.49 66.56 22.49
N VAL I 238 14.77 67.37 21.71
CA VAL I 238 15.01 67.47 20.28
C VAL I 238 15.92 68.67 20.07
N ASP I 239 17.09 68.41 19.50
CA ASP I 239 18.10 69.45 19.28
C ASP I 239 17.85 70.34 18.07
N LYS I 240 17.13 69.81 17.09
CA LYS I 240 16.85 70.58 15.89
C LYS I 240 15.56 70.13 15.25
N VAL I 241 14.85 71.08 14.65
CA VAL I 241 13.60 70.79 13.99
C VAL I 241 13.62 71.49 12.63
N ALA I 242 13.50 70.69 11.58
CA ALA I 242 13.48 71.19 10.21
C ALA I 242 12.07 71.02 9.73
N PHE I 243 11.46 72.09 9.29
CA PHE I 243 10.09 72.06 8.82
C PHE I 243 9.94 72.55 7.38
N THR I 244 9.02 71.93 6.63
CA THR I 244 8.75 72.33 5.25
C THR I 244 7.24 72.29 5.09
N GLY I 245 6.64 73.45 4.80
CA GLY I 245 5.19 73.51 4.62
C GLY I 245 4.67 74.94 4.51
N SER I 246 3.50 75.20 5.10
CA SER I 246 2.90 76.52 5.05
C SER I 246 3.59 77.51 6.00
N THR I 247 3.58 78.79 5.63
CA THR I 247 4.17 79.86 6.44
C THR I 247 3.41 79.94 7.77
N GLU I 248 2.13 79.62 7.71
CA GLU I 248 1.24 79.63 8.87
C GLU I 248 1.76 78.71 9.99
N ILE I 249 2.03 77.45 9.62
CA ILE I 249 2.54 76.46 10.56
C ILE I 249 4.01 76.71 10.90
N GLY I 250 4.73 77.29 9.95
CA GLY I 250 6.14 77.60 10.14
C GLY I 250 6.38 78.54 11.31
N ARG I 251 5.41 79.39 11.60
CA ARG I 251 5.50 80.34 12.71
C ARG I 251 5.21 79.62 14.02
N VAL I 252 4.30 78.64 13.96
CA VAL I 252 3.93 77.82 15.12
C VAL I 252 5.17 77.07 15.59
N ILE I 253 5.90 76.50 14.62
CA ILE I 253 7.13 75.75 14.87
C ILE I 253 8.21 76.59 15.56
N GLN I 254 8.49 77.75 15.01
CA GLN I 254 9.49 78.66 15.56
C GLN I 254 9.15 79.11 16.99
N VAL I 255 7.86 79.37 17.25
CA VAL I 255 7.39 79.78 18.58
C VAL I 255 7.56 78.60 19.56
N ALA I 256 7.15 77.41 19.12
CA ALA I 256 7.24 76.19 19.92
C ALA I 256 8.69 75.88 20.31
N ALA I 257 9.63 76.27 19.44
CA ALA I 257 11.05 76.04 19.67
C ALA I 257 11.62 77.00 20.69
N GLY I 258 11.19 78.26 20.63
CA GLY I 258 11.67 79.26 21.56
C GLY I 258 11.06 79.05 22.94
N SER I 259 9.87 78.44 22.95
CA SER I 259 9.14 78.16 24.19
C SER I 259 9.66 76.92 24.90
N SER I 260 10.40 76.08 24.17
CA SER I 260 10.91 74.85 24.75
C SER I 260 12.39 74.85 25.16
N ASN I 261 13.26 74.35 24.28
CA ASN I 261 14.70 74.26 24.60
C ASN I 261 15.62 75.07 23.70
N LEU I 262 15.08 76.07 23.00
CA LEU I 262 15.88 76.90 22.09
C LEU I 262 16.61 76.07 21.04
N LYS I 263 15.93 75.02 20.57
CA LYS I 263 16.47 74.14 19.55
C LYS I 263 16.61 74.92 18.22
N ARG I 264 17.47 74.42 17.34
CA ARG I 264 17.64 75.06 16.04
C ARG I 264 16.41 74.86 15.18
N VAL I 265 16.14 75.84 14.33
CA VAL I 265 14.97 75.78 13.47
C VAL I 265 15.26 76.25 12.05
N THR I 266 14.95 75.40 11.07
CA THR I 266 15.11 75.76 9.66
C THR I 266 13.71 75.64 9.05
N LEU I 267 13.29 76.64 8.30
CA LEU I 267 11.96 76.64 7.70
C LEU I 267 11.99 76.74 6.17
N GLU I 268 11.25 75.84 5.52
CA GLU I 268 11.14 75.85 4.06
C GLU I 268 9.69 76.15 3.77
N LEU I 269 9.36 77.43 3.72
CA LEU I 269 7.98 77.84 3.46
C LEU I 269 7.72 78.02 1.97
N GLY I 270 6.45 78.24 1.64
CA GLY I 270 6.08 78.40 0.24
C GLY I 270 6.53 79.69 -0.39
N GLY I 271 5.82 80.10 -1.43
CA GLY I 271 6.18 81.33 -2.13
C GLY I 271 5.19 81.76 -3.19
N LYS I 272 5.47 82.86 -3.86
CA LYS I 272 4.61 83.36 -4.93
C LYS I 272 5.66 83.78 -5.94
N SER I 273 6.50 82.82 -6.26
CA SER I 273 7.61 83.00 -7.17
C SER I 273 7.31 83.62 -8.51
N PRO I 274 8.01 84.71 -8.84
CA PRO I 274 7.83 85.41 -10.11
C PRO I 274 8.65 84.82 -11.26
N ASN I 275 8.02 84.68 -12.42
CA ASN I 275 8.68 84.16 -13.62
C ASN I 275 8.62 85.29 -14.65
N ILE I 276 9.73 85.99 -14.80
CA ILE I 276 9.82 87.13 -15.70
C ILE I 276 10.24 86.81 -17.14
N ILE I 277 9.35 87.08 -18.08
CA ILE I 277 9.62 86.83 -19.49
C ILE I 277 9.85 88.16 -20.21
N MET I 278 11.10 88.39 -20.62
CA MET I 278 11.44 89.61 -21.33
C MET I 278 11.01 89.49 -22.78
N SER I 279 10.92 90.63 -23.47
CA SER I 279 10.51 90.65 -24.87
C SER I 279 11.43 89.91 -25.85
N ASP I 280 12.72 89.83 -25.51
CA ASP I 280 13.69 89.15 -26.38
C ASP I 280 13.88 87.67 -26.09
N ALA I 281 13.02 87.14 -25.21
CA ALA I 281 13.09 85.74 -24.84
C ALA I 281 12.67 84.82 -25.99
N ASP I 282 13.12 83.58 -25.95
CA ASP I 282 12.76 82.60 -26.96
C ASP I 282 11.31 82.24 -26.65
N MET I 283 10.40 82.78 -27.46
CA MET I 283 8.96 82.56 -27.26
C MET I 283 8.59 81.09 -27.02
N ASP I 284 8.98 80.22 -27.94
CA ASP I 284 8.68 78.79 -27.81
C ASP I 284 9.08 78.21 -26.45
N TRP I 285 10.33 78.44 -26.08
CA TRP I 285 10.88 77.93 -24.83
C TRP I 285 10.22 78.58 -23.62
N ALA I 286 10.08 79.89 -23.67
CA ALA I 286 9.48 80.62 -22.57
C ALA I 286 8.06 80.13 -22.25
N VAL I 287 7.25 79.92 -23.28
CA VAL I 287 5.87 79.46 -23.11
C VAL I 287 5.84 78.06 -22.49
N GLU I 288 6.67 77.17 -23.01
CA GLU I 288 6.75 75.79 -22.52
C GLU I 288 7.23 75.75 -21.07
N GLN I 289 8.27 76.52 -20.78
CA GLN I 289 8.83 76.57 -19.45
C GLN I 289 7.92 77.28 -18.46
N ALA I 290 7.25 78.34 -18.89
CA ALA I 290 6.35 79.04 -18.00
C ALA I 290 5.22 78.09 -17.62
N HIS I 291 4.80 77.27 -18.58
CA HIS I 291 3.72 76.30 -18.38
C HIS I 291 4.18 75.28 -17.36
N PHE I 292 5.38 74.77 -17.57
CA PHE I 292 5.96 73.80 -16.66
C PHE I 292 6.16 74.43 -15.28
N ALA I 293 6.70 75.64 -15.27
CA ALA I 293 6.97 76.40 -14.05
C ALA I 293 5.78 76.44 -13.09
N LEU I 294 4.57 76.51 -13.65
CA LEU I 294 3.39 76.57 -12.81
C LEU I 294 2.65 75.24 -12.63
N PHE I 295 2.34 74.59 -13.75
CA PHE I 295 1.58 73.36 -13.74
C PHE I 295 2.22 72.10 -13.19
N PHE I 296 3.55 72.08 -13.10
CA PHE I 296 4.29 70.94 -12.59
C PHE I 296 3.73 70.43 -11.26
N ASN I 297 3.59 69.12 -11.18
CA ASN I 297 3.08 68.46 -9.99
C ASN I 297 1.75 69.04 -9.53
N GLN I 298 0.83 69.22 -10.48
CA GLN I 298 -0.52 69.76 -10.18
C GLN I 298 -0.45 71.12 -9.49
N GLY I 299 0.59 71.89 -9.81
CA GLY I 299 0.76 73.19 -9.22
C GLY I 299 1.16 73.14 -7.75
N GLN I 300 1.23 71.92 -7.21
CA GLN I 300 1.59 71.72 -5.81
C GLN I 300 3.09 71.72 -5.64
N CYS I 301 3.69 72.87 -5.87
CA CYS I 301 5.11 73.04 -5.77
C CYS I 301 5.42 74.32 -4.99
N CYS I 302 6.30 74.23 -4.01
CA CYS I 302 6.65 75.38 -3.18
C CYS I 302 7.13 76.61 -3.98
N CYS I 303 7.91 76.36 -5.04
CA CYS I 303 8.44 77.42 -5.86
C CYS I 303 7.82 77.53 -7.23
N ALA I 304 6.53 77.24 -7.30
CA ALA I 304 5.78 77.32 -8.54
C ALA I 304 5.79 78.74 -9.05
N GLY I 305 5.99 78.91 -10.36
CA GLY I 305 5.97 80.24 -10.95
C GLY I 305 4.53 80.73 -11.10
N SER I 306 3.95 81.09 -9.95
CA SER I 306 2.57 81.55 -9.85
C SER I 306 2.35 83.02 -10.23
N ARG I 307 3.42 83.70 -10.62
CA ARG I 307 3.31 85.09 -11.07
C ARG I 307 4.13 85.22 -12.35
N THR I 308 3.50 85.01 -13.49
CA THR I 308 4.20 85.10 -14.76
C THR I 308 4.16 86.52 -15.32
N PHE I 309 5.23 87.27 -15.12
CA PHE I 309 5.33 88.65 -15.62
C PHE I 309 5.77 88.57 -17.07
N VAL I 310 4.99 89.17 -17.96
CA VAL I 310 5.30 89.16 -19.39
C VAL I 310 5.37 90.59 -19.93
N GLN I 311 6.44 90.90 -20.67
CA GLN I 311 6.61 92.23 -21.24
C GLN I 311 5.50 92.51 -22.26
N GLU I 312 4.95 93.73 -22.21
CA GLU I 312 3.86 94.11 -23.10
C GLU I 312 4.00 93.83 -24.59
N ASP I 313 5.21 93.98 -25.13
CA ASP I 313 5.43 93.73 -26.54
C ASP I 313 5.09 92.30 -26.97
N ILE I 314 5.24 91.35 -26.05
CA ILE I 314 4.97 89.94 -26.33
C ILE I 314 3.81 89.36 -25.53
N TYR I 315 3.16 90.20 -24.73
CA TYR I 315 2.04 89.74 -23.90
C TYR I 315 0.92 88.97 -24.62
N ASP I 316 0.30 89.62 -25.61
CA ASP I 316 -0.80 89.01 -26.37
C ASP I 316 -0.43 87.64 -26.95
N GLU I 317 0.71 87.58 -27.64
CA GLU I 317 1.14 86.32 -28.24
C GLU I 317 1.42 85.26 -27.18
N PHE I 318 2.09 85.67 -26.11
CA PHE I 318 2.45 84.77 -25.01
C PHE I 318 1.22 84.17 -24.39
N VAL I 319 0.29 85.04 -24.01
CA VAL I 319 -0.96 84.63 -23.39
C VAL I 319 -1.72 83.66 -24.29
N GLU I 320 -1.72 83.93 -25.59
CA GLU I 320 -2.42 83.09 -26.56
C GLU I 320 -1.86 81.67 -26.50
N ARG I 321 -0.53 81.57 -26.60
CA ARG I 321 0.16 80.29 -26.59
C ARG I 321 0.01 79.55 -25.27
N SER I 322 0.02 80.31 -24.18
CA SER I 322 -0.13 79.76 -22.85
C SER I 322 -1.50 79.15 -22.66
N VAL I 323 -2.53 79.84 -23.14
CA VAL I 323 -3.89 79.35 -23.03
C VAL I 323 -4.06 78.08 -23.85
N ALA I 324 -3.45 78.05 -25.04
CA ALA I 324 -3.50 76.88 -25.94
C ALA I 324 -2.88 75.67 -25.26
N ARG I 325 -1.74 75.90 -24.63
CA ARG I 325 -0.99 74.86 -23.92
C ARG I 325 -1.76 74.33 -22.74
N ALA I 326 -2.40 75.22 -21.99
CA ALA I 326 -3.19 74.83 -20.83
C ALA I 326 -4.39 73.98 -21.24
N LYS I 327 -5.04 74.36 -22.34
CA LYS I 327 -6.22 73.62 -22.85
C LYS I 327 -5.85 72.21 -23.33
N SER I 328 -4.64 72.06 -23.86
CA SER I 328 -4.15 70.79 -24.36
C SER I 328 -3.55 69.89 -23.27
N ARG I 329 -3.38 70.41 -22.06
CA ARG I 329 -2.83 69.63 -20.97
C ARG I 329 -3.80 68.52 -20.57
N VAL I 330 -3.37 67.28 -20.78
CA VAL I 330 -4.18 66.09 -20.47
C VAL I 330 -4.35 65.83 -18.98
N VAL I 331 -5.59 65.84 -18.51
CA VAL I 331 -5.89 65.60 -17.11
C VAL I 331 -6.57 64.24 -17.04
N GLY I 332 -6.22 63.43 -16.04
CA GLY I 332 -6.83 62.12 -15.94
C GLY I 332 -6.15 61.14 -15.01
N ASN I 333 -6.33 59.86 -15.27
CA ASN I 333 -5.76 58.78 -14.46
C ASN I 333 -4.23 58.93 -14.42
N PRO I 334 -3.65 59.12 -13.24
CA PRO I 334 -2.20 59.27 -13.16
C PRO I 334 -1.42 58.04 -13.66
N PHE I 335 -2.06 56.88 -13.66
CA PHE I 335 -1.39 55.66 -14.13
C PHE I 335 -1.36 55.51 -15.65
N ASP I 336 -2.06 56.40 -16.35
CA ASP I 336 -2.10 56.37 -17.80
C ASP I 336 -0.92 57.19 -18.32
N SER I 337 -0.19 56.62 -19.27
CA SER I 337 0.97 57.28 -19.83
C SER I 337 0.73 58.63 -20.47
N LYS I 338 -0.48 58.86 -20.99
CA LYS I 338 -0.81 60.13 -21.63
C LYS I 338 -1.13 61.26 -20.64
N THR I 339 -1.45 60.92 -19.40
CA THR I 339 -1.77 61.92 -18.40
C THR I 339 -0.61 62.83 -18.00
N GLU I 340 -0.83 64.13 -18.11
CA GLU I 340 0.17 65.12 -17.77
C GLU I 340 -0.10 65.62 -16.36
N GLN I 341 -1.38 65.66 -15.98
CA GLN I 341 -1.81 66.14 -14.68
C GLN I 341 -2.80 65.26 -13.97
N GLY I 342 -2.45 64.85 -12.75
CA GLY I 342 -3.31 64.00 -11.95
C GLY I 342 -4.19 64.86 -11.06
N PRO I 343 -4.75 64.27 -9.99
CA PRO I 343 -5.62 65.02 -9.06
C PRO I 343 -4.80 65.81 -8.03
N GLN I 344 -5.47 66.67 -7.27
CA GLN I 344 -4.78 67.41 -6.24
C GLN I 344 -4.71 66.42 -5.08
N VAL I 345 -3.84 66.66 -4.13
CA VAL I 345 -3.64 65.74 -3.02
C VAL I 345 -4.85 65.27 -2.21
N ASP I 346 -5.77 66.18 -1.86
CA ASP I 346 -6.95 65.81 -1.07
C ASP I 346 -8.13 66.74 -1.29
N GLU I 347 -9.23 66.47 -0.58
CA GLU I 347 -10.44 67.28 -0.71
C GLU I 347 -10.26 68.72 -0.20
N THR I 348 -9.51 68.88 0.88
CA THR I 348 -9.24 70.20 1.45
C THR I 348 -8.57 71.11 0.44
N GLN I 349 -7.54 70.60 -0.22
CA GLN I 349 -6.82 71.38 -1.22
C GLN I 349 -7.73 71.64 -2.41
N PHE I 350 -8.52 70.64 -2.75
CA PHE I 350 -9.47 70.69 -3.86
C PHE I 350 -10.38 71.92 -3.74
N LYS I 351 -10.98 72.07 -2.56
CA LYS I 351 -11.87 73.19 -2.30
C LYS I 351 -11.13 74.51 -2.17
N LYS I 352 -9.97 74.48 -1.51
CA LYS I 352 -9.18 75.69 -1.32
C LYS I 352 -8.83 76.31 -2.67
N ILE I 353 -8.51 75.47 -3.64
CA ILE I 353 -8.15 75.92 -5.00
C ILE I 353 -9.38 76.48 -5.71
N LEU I 354 -10.50 75.74 -5.61
CA LEU I 354 -11.73 76.18 -6.25
C LEU I 354 -12.13 77.56 -5.68
N GLY I 355 -11.83 77.76 -4.40
CA GLY I 355 -12.13 79.02 -3.74
C GLY I 355 -11.29 80.15 -4.31
N TYR I 356 -10.00 79.89 -4.54
CA TYR I 356 -9.12 80.91 -5.10
C TYR I 356 -9.53 81.26 -6.52
N ILE I 357 -10.00 80.27 -7.26
CA ILE I 357 -10.45 80.47 -8.64
C ILE I 357 -11.62 81.44 -8.62
N ASN I 358 -12.56 81.18 -7.72
CA ASN I 358 -13.72 82.02 -7.53
C ASN I 358 -13.28 83.43 -7.17
N THR I 359 -12.40 83.52 -6.16
CA THR I 359 -11.86 84.79 -5.70
C THR I 359 -11.24 85.55 -6.87
N GLY I 360 -10.64 84.83 -7.81
CA GLY I 360 -10.01 85.47 -8.96
C GLY I 360 -11.01 86.11 -9.91
N LYS I 361 -12.13 85.43 -10.12
CA LYS I 361 -13.19 85.90 -11.01
C LYS I 361 -13.83 87.15 -10.42
N GLN I 362 -14.07 87.10 -9.12
CA GLN I 362 -14.68 88.19 -8.38
C GLN I 362 -13.86 89.49 -8.31
N GLU I 363 -12.54 89.41 -8.30
CA GLU I 363 -11.75 90.64 -8.24
C GLU I 363 -11.35 91.24 -9.59
N GLY I 364 -11.88 90.71 -10.68
CA GLY I 364 -11.59 91.30 -11.97
C GLY I 364 -10.59 90.63 -12.87
N ALA I 365 -10.00 89.52 -12.42
CA ALA I 365 -9.03 88.80 -13.24
C ALA I 365 -9.77 88.15 -14.41
N LYS I 366 -9.18 88.26 -15.60
CA LYS I 366 -9.80 87.71 -16.80
C LYS I 366 -9.58 86.19 -16.97
N LEU I 367 -10.63 85.40 -16.75
CA LEU I 367 -10.54 83.95 -16.88
C LEU I 367 -10.42 83.55 -18.36
N LEU I 368 -9.25 83.06 -18.73
CA LEU I 368 -8.98 82.66 -20.10
C LEU I 368 -9.30 81.20 -20.45
N CYS I 369 -9.30 80.32 -19.45
CA CYS I 369 -9.62 78.90 -19.65
C CYS I 369 -9.77 78.13 -18.35
N GLY I 370 -10.47 76.99 -18.43
CA GLY I 370 -10.68 76.17 -17.24
C GLY I 370 -11.50 76.88 -16.18
N GLY I 371 -11.14 76.69 -14.92
CA GLY I 371 -11.84 77.34 -13.82
C GLY I 371 -12.81 76.46 -13.05
N GLY I 372 -12.94 75.21 -13.47
CA GLY I 372 -13.86 74.31 -12.80
C GLY I 372 -13.36 72.90 -12.62
N ILE I 373 -14.23 72.05 -12.08
CA ILE I 373 -13.91 70.64 -11.84
C ILE I 373 -13.68 69.90 -13.16
N ALA I 374 -12.63 69.08 -13.22
CA ALA I 374 -12.29 68.33 -14.43
C ALA I 374 -12.82 66.90 -14.51
N ALA I 375 -13.43 66.41 -13.42
CA ALA I 375 -13.98 65.07 -13.38
C ALA I 375 -14.84 64.86 -12.13
N ASP I 376 -15.86 64.02 -12.26
CA ASP I 376 -16.77 63.75 -11.16
C ASP I 376 -16.13 62.99 -10.01
N ARG I 377 -15.18 62.13 -10.36
CA ARG I 377 -14.45 61.32 -9.40
C ARG I 377 -13.06 61.86 -9.17
N GLY I 378 -12.64 61.83 -7.91
CA GLY I 378 -11.31 62.32 -7.60
C GLY I 378 -11.25 63.84 -7.53
N TYR I 379 -10.13 64.35 -7.09
CA TYR I 379 -9.97 65.78 -6.93
C TYR I 379 -9.27 66.43 -8.11
N PHE I 380 -9.87 66.27 -9.29
CA PHE I 380 -9.31 66.85 -10.51
C PHE I 380 -9.80 68.26 -10.79
N ILE I 381 -8.89 69.12 -11.18
CA ILE I 381 -9.20 70.51 -11.48
C ILE I 381 -8.64 70.85 -12.83
N GLN I 382 -9.40 71.61 -13.62
CA GLN I 382 -9.00 72.00 -14.96
C GLN I 382 -7.87 73.01 -14.92
N PRO I 383 -6.91 72.89 -15.84
CA PRO I 383 -5.77 73.81 -15.92
C PRO I 383 -6.37 75.20 -16.17
N THR I 384 -6.30 76.06 -15.16
CA THR I 384 -6.85 77.39 -15.23
C THR I 384 -5.80 78.45 -15.49
N VAL I 385 -6.16 79.44 -16.29
CA VAL I 385 -5.26 80.56 -16.61
C VAL I 385 -6.01 81.89 -16.48
N PHE I 386 -5.44 82.81 -15.71
CA PHE I 386 -6.01 84.14 -15.51
C PHE I 386 -5.13 85.18 -16.19
N GLY I 387 -5.75 86.09 -16.93
CA GLY I 387 -5.01 87.13 -17.63
C GLY I 387 -5.24 88.48 -17.00
N ASP I 388 -4.39 89.44 -17.34
CA ASP I 388 -4.47 90.80 -16.83
C ASP I 388 -4.55 90.89 -15.30
N VAL I 389 -3.79 90.05 -14.62
CA VAL I 389 -3.79 90.05 -13.17
C VAL I 389 -3.04 91.28 -12.66
N GLN I 390 -3.47 91.80 -11.52
CA GLN I 390 -2.85 92.98 -10.90
C GLN I 390 -2.21 92.60 -9.58
N ASP I 391 -1.15 93.31 -9.20
CA ASP I 391 -0.41 93.05 -7.96
C ASP I 391 -1.31 93.06 -6.72
N GLY I 392 -2.35 93.88 -6.73
CA GLY I 392 -3.25 93.98 -5.59
C GLY I 392 -4.23 92.83 -5.40
N MET I 393 -4.48 92.06 -6.46
CA MET I 393 -5.41 90.93 -6.38
C MET I 393 -4.94 89.82 -5.44
N THR I 394 -5.89 89.13 -4.84
CA THR I 394 -5.60 88.04 -3.93
C THR I 394 -4.86 86.89 -4.61
N ILE I 395 -5.31 86.52 -5.81
CA ILE I 395 -4.67 85.42 -6.55
C ILE I 395 -3.24 85.76 -6.96
N ALA I 396 -2.85 87.01 -6.78
CA ALA I 396 -1.50 87.45 -7.12
C ALA I 396 -0.67 87.69 -5.86
N LYS I 397 -1.24 87.37 -4.70
CA LYS I 397 -0.53 87.56 -3.43
C LYS I 397 -0.45 86.28 -2.62
N GLU I 398 -1.55 85.51 -2.64
CA GLU I 398 -1.62 84.28 -1.88
C GLU I 398 -1.33 82.99 -2.64
N GLU I 399 -0.60 82.11 -1.96
CA GLU I 399 -0.20 80.86 -2.52
C GLU I 399 -1.33 79.91 -2.78
N ILE I 400 -1.73 79.72 -4.02
CA ILE I 400 -2.84 78.84 -4.40
C ILE I 400 -2.49 77.35 -4.30
N PHE I 401 -1.29 76.99 -4.77
CA PHE I 401 -0.80 75.60 -4.76
C PHE I 401 -1.67 74.69 -5.62
N GLY I 402 -2.08 75.20 -6.77
CA GLY I 402 -2.91 74.43 -7.68
C GLY I 402 -2.63 74.83 -9.10
N PRO I 403 -3.24 74.15 -10.09
CA PRO I 403 -3.07 74.42 -11.52
C PRO I 403 -3.77 75.71 -11.96
N VAL I 404 -3.43 76.82 -11.32
CA VAL I 404 -4.01 78.10 -11.63
C VAL I 404 -2.88 79.08 -11.91
N MET I 405 -2.78 79.46 -13.19
CA MET I 405 -1.76 80.38 -13.67
C MET I 405 -2.19 81.85 -13.66
N GLN I 406 -1.30 82.74 -13.21
CA GLN I 406 -1.56 84.17 -13.20
C GLN I 406 -0.58 84.85 -14.17
N ILE I 407 -1.09 85.53 -15.19
CA ILE I 407 -0.24 86.24 -16.13
C ILE I 407 -0.39 87.75 -15.94
N LEU I 408 0.72 88.42 -15.60
CA LEU I 408 0.74 89.86 -15.39
C LEU I 408 1.51 90.56 -16.49
N LYS I 409 1.19 91.82 -16.74
CA LYS I 409 1.85 92.60 -17.78
C LYS I 409 2.76 93.66 -17.19
N PHE I 410 3.90 93.89 -17.83
CA PHE I 410 4.83 94.91 -17.37
C PHE I 410 5.51 95.59 -18.55
N LYS I 411 6.04 96.78 -18.30
CA LYS I 411 6.68 97.56 -19.34
C LYS I 411 8.22 97.59 -19.27
N THR I 412 8.76 98.03 -18.14
CA THR I 412 10.22 98.14 -18.00
C THR I 412 10.85 97.10 -17.10
N ILE I 413 12.16 96.92 -17.27
CA ILE I 413 12.92 95.96 -16.46
C ILE I 413 13.06 96.46 -15.01
N GLU I 414 13.11 97.77 -14.84
CA GLU I 414 13.23 98.35 -13.52
C GLU I 414 11.91 98.22 -12.78
N GLU I 415 10.81 98.25 -13.54
CA GLU I 415 9.47 98.14 -12.97
C GLU I 415 9.23 96.73 -12.44
N VAL I 416 9.50 95.73 -13.29
CA VAL I 416 9.27 94.35 -12.92
C VAL I 416 10.07 93.92 -11.70
N VAL I 417 11.31 94.41 -11.55
CA VAL I 417 12.12 94.07 -10.40
C VAL I 417 11.40 94.45 -9.12
N GLY I 418 10.90 95.69 -9.08
CA GLY I 418 10.18 96.17 -7.91
C GLY I 418 8.90 95.41 -7.64
N ARG I 419 8.20 95.03 -8.71
CA ARG I 419 6.96 94.30 -8.55
C ARG I 419 7.24 92.84 -8.14
N ALA I 420 8.27 92.23 -8.72
CA ALA I 420 8.64 90.85 -8.39
C ALA I 420 9.08 90.76 -6.94
N ASN I 421 9.86 91.74 -6.51
CA ASN I 421 10.34 91.77 -5.14
C ASN I 421 9.29 92.18 -4.12
N ASN I 422 8.26 92.89 -4.55
CA ASN I 422 7.20 93.32 -3.67
C ASN I 422 6.34 92.11 -3.27
N SER I 423 6.85 91.36 -2.31
CA SER I 423 6.18 90.16 -1.84
C SER I 423 6.79 89.71 -0.50
N THR I 424 5.98 89.01 0.30
CA THR I 424 6.41 88.49 1.59
C THR I 424 7.27 87.24 1.38
N TYR I 425 7.19 86.69 0.17
CA TYR I 425 7.93 85.50 -0.18
C TYR I 425 9.17 85.83 -1.00
N GLY I 426 10.08 84.86 -1.07
CA GLY I 426 11.32 85.01 -1.82
C GLY I 426 12.04 83.69 -1.98
N LEU I 427 11.28 82.63 -2.25
CA LEU I 427 11.84 81.30 -2.43
C LEU I 427 12.58 81.15 -3.75
N ALA I 428 11.93 81.55 -4.84
CA ALA I 428 12.54 81.42 -6.15
C ALA I 428 12.02 82.49 -7.11
N ALA I 429 12.68 82.59 -8.27
CA ALA I 429 12.33 83.53 -9.34
C ALA I 429 13.04 83.07 -10.61
N ALA I 430 12.54 83.51 -11.77
CA ALA I 430 13.16 83.14 -13.04
C ALA I 430 13.13 84.27 -14.04
N VAL I 431 14.06 84.23 -14.98
CA VAL I 431 14.15 85.27 -15.98
C VAL I 431 14.40 84.61 -17.32
N PHE I 432 13.65 85.05 -18.33
CA PHE I 432 13.81 84.52 -19.66
C PHE I 432 14.21 85.67 -20.56
N THR I 433 15.42 85.58 -21.11
CA THR I 433 15.98 86.60 -21.98
C THR I 433 17.19 86.05 -22.70
N LYS I 434 17.58 86.71 -23.79
CA LYS I 434 18.75 86.30 -24.54
C LYS I 434 19.89 87.27 -24.26
N ASP I 435 19.55 88.40 -23.64
CA ASP I 435 20.53 89.45 -23.31
C ASP I 435 21.32 89.21 -22.03
N LEU I 436 22.65 89.25 -22.16
CA LEU I 436 23.58 89.05 -21.06
C LEU I 436 23.34 90.02 -19.92
N ASP I 437 23.41 91.30 -20.22
CA ASP I 437 23.23 92.32 -19.20
C ASP I 437 21.88 92.24 -18.50
N LYS I 438 20.82 91.91 -19.24
CA LYS I 438 19.50 91.79 -18.63
C LYS I 438 19.44 90.65 -17.63
N ALA I 439 20.02 89.52 -18.02
CA ALA I 439 20.05 88.32 -17.18
C ALA I 439 20.81 88.58 -15.89
N ASN I 440 21.98 89.21 -16.00
CA ASN I 440 22.79 89.51 -14.82
C ASN I 440 22.16 90.58 -13.93
N TYR I 441 21.56 91.58 -14.55
CA TYR I 441 20.91 92.63 -13.78
C TYR I 441 19.79 92.05 -12.93
N LEU I 442 18.93 91.26 -13.56
CA LEU I 442 17.80 90.64 -12.86
C LEU I 442 18.21 89.59 -11.83
N SER I 443 19.13 88.68 -12.18
CA SER I 443 19.57 87.64 -11.26
C SER I 443 20.09 88.23 -9.97
N GLN I 444 20.68 89.42 -10.07
CA GLN I 444 21.24 90.11 -8.91
C GLN I 444 20.19 90.90 -8.15
N ALA I 445 19.32 91.60 -8.87
CA ALA I 445 18.27 92.42 -8.27
C ALA I 445 17.14 91.63 -7.61
N LEU I 446 16.75 90.51 -8.20
CA LEU I 446 15.67 89.69 -7.65
C LEU I 446 16.01 89.14 -6.26
N GLN I 447 15.10 89.36 -5.33
CA GLN I 447 15.27 88.91 -3.96
C GLN I 447 14.69 87.52 -3.75
N ALA I 448 15.41 86.51 -4.25
CA ALA I 448 14.97 85.13 -4.13
C ALA I 448 16.16 84.22 -3.86
N GLY I 449 15.91 83.14 -3.13
CA GLY I 449 16.95 82.18 -2.80
C GLY I 449 17.49 81.46 -4.01
N THR I 450 16.69 81.37 -5.07
CA THR I 450 17.10 80.72 -6.30
C THR I 450 16.56 81.49 -7.48
N VAL I 451 17.45 81.85 -8.40
CA VAL I 451 17.07 82.58 -9.59
C VAL I 451 17.48 81.77 -10.81
N TRP I 452 16.49 81.32 -11.57
CA TRP I 452 16.77 80.55 -12.78
C TRP I 452 16.80 81.50 -13.97
N VAL I 453 17.65 81.20 -14.94
CA VAL I 453 17.76 81.99 -16.16
C VAL I 453 17.52 81.06 -17.34
N ASN I 454 16.44 81.33 -18.07
CA ASN I 454 16.05 80.53 -19.23
C ASN I 454 15.75 79.08 -18.88
N CYS I 455 15.22 78.85 -17.69
CA CYS I 455 14.88 77.50 -17.27
C CYS I 455 14.08 77.66 -15.99
N TYR I 456 13.59 76.56 -15.45
CA TYR I 456 12.81 76.61 -14.23
C TYR I 456 12.81 75.26 -13.55
N ASP I 457 12.67 75.27 -12.23
CA ASP I 457 12.65 74.04 -11.44
C ASP I 457 13.87 73.15 -11.70
N VAL I 458 15.01 73.77 -11.91
CA VAL I 458 16.24 73.03 -12.14
C VAL I 458 16.94 72.87 -10.80
N PHE I 459 16.67 71.75 -10.14
CA PHE I 459 17.27 71.45 -8.85
C PHE I 459 18.37 70.42 -9.02
N GLY I 460 19.48 70.69 -8.38
CA GLY I 460 20.57 69.74 -8.42
C GLY I 460 20.75 69.35 -6.98
N ALA I 461 21.08 68.09 -6.71
CA ALA I 461 21.33 67.67 -5.34
C ALA I 461 22.51 68.51 -4.84
N GLN I 462 23.30 69.00 -5.80
CA GLN I 462 24.50 69.81 -5.58
C GLN I 462 24.27 71.30 -5.27
N SER I 463 23.14 71.84 -5.73
CA SER I 463 22.82 73.26 -5.51
C SER I 463 21.90 73.54 -4.34
N PRO I 464 22.25 74.54 -3.51
CA PRO I 464 21.44 74.89 -2.34
C PRO I 464 20.04 75.45 -2.70
N PHE I 465 19.07 75.12 -1.86
CA PHE I 465 17.70 75.57 -2.04
C PHE I 465 17.09 76.08 -0.74
N GLY I 466 16.69 77.34 -0.75
CA GLY I 466 16.09 77.96 0.41
C GLY I 466 15.49 79.30 0.04
N GLY I 467 14.87 79.97 1.01
CA GLY I 467 14.26 81.26 0.70
C GLY I 467 14.69 82.46 1.52
N TYR I 468 14.30 83.62 1.00
CA TYR I 468 14.56 84.92 1.62
C TYR I 468 13.26 85.31 2.34
N LYS I 469 13.35 86.30 3.22
CA LYS I 469 12.18 86.81 3.93
C LYS I 469 11.34 85.72 4.63
N MET I 470 10.02 85.79 4.45
CA MET I 470 9.10 84.83 5.05
C MET I 470 8.93 83.53 4.27
N SER I 471 9.94 83.17 3.48
CA SER I 471 9.93 81.92 2.72
C SER I 471 10.78 80.93 3.53
N GLY I 472 11.31 81.40 4.65
CA GLY I 472 12.11 80.59 5.53
C GLY I 472 13.55 81.02 5.71
N SER I 473 14.25 80.25 6.54
CA SER I 473 15.66 80.47 6.84
C SER I 473 16.39 79.14 6.65
N GLY I 474 17.71 79.20 6.43
CA GLY I 474 18.47 77.99 6.21
C GLY I 474 18.32 77.47 4.79
N ARG I 475 19.25 76.61 4.38
CA ARG I 475 19.24 76.04 3.04
C ARG I 475 19.32 74.52 3.04
N GLU I 476 18.91 73.92 1.93
CA GLU I 476 18.94 72.47 1.73
C GLU I 476 19.69 72.18 0.44
N LEU I 477 20.16 70.94 0.29
CA LEU I 477 20.91 70.54 -0.89
C LEU I 477 22.29 71.22 -0.93
N GLY I 478 23.24 70.56 -1.58
CA GLY I 478 24.59 71.11 -1.69
C GLY I 478 25.34 71.05 -0.37
N GLU I 479 26.50 71.70 -0.34
CA GLU I 479 27.31 71.73 0.88
C GLU I 479 26.63 72.54 2.01
N TYR I 480 25.79 73.49 1.62
CA TYR I 480 25.09 74.35 2.59
C TYR I 480 24.07 73.55 3.41
N GLY I 481 23.64 72.43 2.88
CA GLY I 481 22.68 71.61 3.59
C GLY I 481 23.32 70.96 4.80
N LEU I 482 24.64 70.84 4.77
CA LEU I 482 25.39 70.23 5.86
C LEU I 482 25.53 71.15 7.08
N GLN I 483 25.62 72.45 6.83
CA GLN I 483 25.79 73.44 7.88
C GLN I 483 24.72 73.36 8.94
N ALA I 484 23.47 73.20 8.50
CA ALA I 484 22.34 73.14 9.43
C ALA I 484 22.37 71.93 10.34
N TYR I 485 23.04 70.87 9.89
CA TYR I 485 23.10 69.63 10.66
C TYR I 485 24.40 69.42 11.39
N THR I 486 25.12 70.52 11.62
CA THR I 486 26.39 70.44 12.29
C THR I 486 26.66 71.46 13.39
N LYS I 487 27.31 71.00 14.45
CA LYS I 487 27.70 71.85 15.58
C LYS I 487 29.20 72.05 15.42
N VAL I 488 29.67 73.26 15.66
CA VAL I 488 31.10 73.52 15.56
C VAL I 488 31.76 73.57 16.94
N LYS I 489 32.65 72.62 17.20
CA LYS I 489 33.38 72.58 18.47
C LYS I 489 34.81 73.07 18.22
N THR I 490 35.26 74.01 19.03
CA THR I 490 36.62 74.52 18.89
C THR I 490 37.47 73.99 20.02
N VAL I 491 38.61 73.41 19.68
CA VAL I 491 39.53 72.90 20.69
C VAL I 491 40.82 73.73 20.56
N THR I 492 41.14 74.47 21.61
CA THR I 492 42.34 75.31 21.63
C THR I 492 43.30 74.71 22.66
N VAL I 493 44.42 74.20 22.18
CA VAL I 493 45.44 73.56 23.02
C VAL I 493 46.72 74.39 23.20
N LYS I 494 47.21 74.49 24.43
CA LYS I 494 48.45 75.22 24.70
C LYS I 494 49.63 74.36 24.23
N VAL I 495 50.52 74.95 23.45
CA VAL I 495 51.70 74.24 22.95
C VAL I 495 53.00 74.92 23.41
N PRO I 496 54.12 74.16 23.42
CA PRO I 496 55.43 74.69 23.85
C PRO I 496 55.85 75.98 23.14
N GLN I 497 55.92 75.95 21.81
CA GLN I 497 56.30 77.13 21.03
C GLN I 497 55.75 77.04 19.60
N LYS I 498 54.82 77.95 19.28
CA LYS I 498 54.22 77.97 17.96
C LYS I 498 55.15 78.50 16.88
N ASN I 499 55.18 77.81 15.76
CA ASN I 499 55.98 78.17 14.59
C ASN I 499 55.08 78.06 13.37
N SER I 500 55.31 78.90 12.38
CA SER I 500 54.51 78.87 11.17
C SER I 500 54.57 77.49 10.49
N ALA J 7 54.08 98.56 30.59
CA ALA J 7 54.10 99.44 29.38
C ALA J 7 52.70 99.99 29.13
N VAL J 8 52.09 100.55 30.17
CA VAL J 8 50.76 101.11 30.08
C VAL J 8 50.78 102.59 30.42
N PRO J 9 50.28 103.45 29.53
CA PRO J 9 50.24 104.91 29.73
C PRO J 9 49.37 105.30 30.93
N ALA J 10 49.69 106.46 31.51
CA ALA J 10 48.95 106.97 32.65
C ALA J 10 47.53 107.31 32.24
N PRO J 11 46.54 106.75 32.94
CA PRO J 11 45.11 106.96 32.66
C PRO J 11 44.54 108.26 33.21
N ASN J 12 43.48 108.73 32.57
CA ASN J 12 42.76 109.91 33.03
C ASN J 12 41.66 109.26 33.86
N GLN J 13 41.84 109.24 35.18
CA GLN J 13 40.87 108.61 36.06
C GLN J 13 39.49 109.26 36.09
N GLN J 14 39.33 110.30 35.28
CA GLN J 14 38.08 111.02 35.20
C GLN J 14 37.88 111.46 33.75
N PRO J 15 37.77 110.50 32.83
CA PRO J 15 37.59 110.77 31.39
C PRO J 15 36.35 111.59 31.13
N GLU J 16 36.44 112.49 30.17
CA GLU J 16 35.29 113.31 29.83
C GLU J 16 34.38 112.52 28.90
N VAL J 17 33.09 112.77 28.99
CA VAL J 17 32.11 112.08 28.15
C VAL J 17 31.63 113.02 27.04
N PHE J 18 31.87 112.62 25.79
CA PHE J 18 31.49 113.42 24.65
C PHE J 18 30.22 112.92 23.97
N CYS J 19 29.94 111.63 24.12
CA CYS J 19 28.78 111.05 23.47
C CYS J 19 27.85 110.38 24.47
N ASN J 20 26.60 110.81 24.48
CA ASN J 20 25.61 110.27 25.42
C ASN J 20 24.19 110.28 24.84
N GLN J 21 24.09 110.36 23.51
CA GLN J 21 22.80 110.37 22.85
C GLN J 21 22.60 109.15 21.93
N ILE J 22 21.55 109.20 21.14
CA ILE J 22 21.22 108.13 20.20
C ILE J 22 21.94 108.42 18.89
N PHE J 23 22.56 107.39 18.32
CA PHE J 23 23.30 107.49 17.06
C PHE J 23 22.51 106.90 15.89
N ILE J 24 22.05 107.78 14.99
CA ILE J 24 21.29 107.38 13.82
C ILE J 24 21.75 108.24 12.64
N ASN J 25 22.07 107.59 11.53
CA ASN J 25 22.54 108.29 10.33
C ASN J 25 23.74 109.19 10.59
N ASN J 26 24.66 108.70 11.42
CA ASN J 26 25.86 109.44 11.78
C ASN J 26 25.60 110.77 12.50
N GLU J 27 24.43 110.88 13.12
CA GLU J 27 24.06 112.09 13.85
C GLU J 27 23.60 111.75 15.25
N TRP J 28 23.81 112.69 16.17
CA TRP J 28 23.40 112.49 17.55
C TRP J 28 22.02 113.08 17.78
N HIS J 29 21.11 112.28 18.32
CA HIS J 29 19.75 112.72 18.58
C HIS J 29 19.37 112.37 20.03
N ASP J 30 18.42 113.13 20.57
CA ASP J 30 17.91 112.86 21.91
C ASP J 30 16.77 111.87 21.68
N ALA J 31 16.36 111.16 22.72
CA ALA J 31 15.26 110.22 22.58
C ALA J 31 14.02 111.00 22.20
N VAL J 32 13.12 110.40 21.44
CA VAL J 32 11.90 111.07 21.02
C VAL J 32 11.16 111.56 22.26
N SER J 33 11.20 110.74 23.31
CA SER J 33 10.56 111.06 24.58
C SER J 33 11.33 112.09 25.41
N ARG J 34 12.56 112.36 24.99
CA ARG J 34 13.47 113.31 25.65
C ARG J 34 13.96 112.83 27.01
N LYS J 35 13.58 111.61 27.37
CA LYS J 35 13.98 111.01 28.63
C LYS J 35 15.45 110.61 28.58
N THR J 36 16.04 110.46 29.75
CA THR J 36 17.44 110.08 29.87
C THR J 36 17.60 109.26 31.14
N PHE J 37 18.55 108.33 31.13
CA PHE J 37 18.80 107.50 32.30
C PHE J 37 20.24 107.70 32.73
N PRO J 38 20.51 107.51 34.03
CA PRO J 38 21.87 107.69 34.55
C PRO J 38 22.73 106.43 34.39
N THR J 39 24.02 106.64 34.20
CA THR J 39 24.96 105.54 34.08
C THR J 39 25.87 105.69 35.30
N VAL J 40 26.03 104.62 36.07
CA VAL J 40 26.82 104.65 37.29
C VAL J 40 28.26 104.12 37.20
N ASN J 41 29.13 104.72 38.00
CA ASN J 41 30.53 104.30 38.09
C ASN J 41 30.46 103.29 39.22
N PRO J 42 30.58 102.00 38.91
CA PRO J 42 30.53 100.92 39.90
C PRO J 42 31.58 100.99 41.00
N SER J 43 32.63 101.78 40.78
CA SER J 43 33.71 101.92 41.76
C SER J 43 33.36 102.85 42.92
N THR J 44 32.48 103.82 42.65
CA THR J 44 32.08 104.80 43.66
C THR J 44 30.58 104.86 43.88
N GLY J 45 29.82 104.30 42.96
CA GLY J 45 28.37 104.32 43.08
C GLY J 45 27.78 105.63 42.64
N GLU J 46 28.64 106.51 42.11
CA GLU J 46 28.24 107.85 41.65
C GLU J 46 27.78 107.84 40.20
N VAL J 47 26.87 108.74 39.86
CA VAL J 47 26.38 108.88 38.50
C VAL J 47 27.46 109.54 37.64
N ILE J 48 27.82 108.91 36.54
CA ILE J 48 28.83 109.44 35.64
C ILE J 48 28.24 110.55 34.79
N CYS J 49 27.06 110.28 34.23
CA CYS J 49 26.36 111.23 33.38
C CYS J 49 25.01 110.69 32.99
N GLN J 50 24.26 111.53 32.29
CA GLN J 50 22.93 111.17 31.82
C GLN J 50 23.10 110.67 30.38
N VAL J 51 22.29 109.68 29.99
CA VAL J 51 22.35 109.11 28.64
C VAL J 51 20.93 109.01 28.07
N ALA J 52 20.77 109.36 26.80
CA ALA J 52 19.46 109.30 26.14
C ALA J 52 18.81 107.92 26.28
N GLU J 53 17.56 107.88 26.72
CA GLU J 53 16.86 106.61 26.89
C GLU J 53 16.01 106.26 25.67
N GLY J 54 16.60 105.48 24.76
CA GLY J 54 15.89 105.07 23.56
C GLY J 54 14.78 104.08 23.86
N ASP J 55 13.74 104.11 23.03
CA ASP J 55 12.59 103.23 23.17
C ASP J 55 12.13 102.85 21.76
N LYS J 56 10.96 102.25 21.68
CA LYS J 56 10.37 101.81 20.42
C LYS J 56 10.48 102.78 19.25
N GLU J 57 10.08 104.02 19.48
CA GLU J 57 10.10 105.04 18.44
C GLU J 57 11.49 105.37 17.92
N ASP J 58 12.48 105.25 18.79
CA ASP J 58 13.87 105.52 18.43
C ASP J 58 14.44 104.36 17.62
N VAL J 59 14.08 103.14 18.01
CA VAL J 59 14.51 101.95 17.31
C VAL J 59 13.91 101.96 15.91
N ASP J 60 12.68 102.44 15.80
CA ASP J 60 11.99 102.53 14.52
C ASP J 60 12.74 103.45 13.59
N LYS J 61 13.21 104.58 14.12
CA LYS J 61 13.94 105.56 13.34
C LYS J 61 15.28 104.97 12.89
N ALA J 62 15.89 104.21 13.78
CA ALA J 62 17.18 103.56 13.50
C ALA J 62 17.07 102.54 12.38
N VAL J 63 16.08 101.64 12.50
CA VAL J 63 15.85 100.62 11.50
C VAL J 63 15.57 101.26 10.13
N LYS J 64 14.78 102.32 10.13
CA LYS J 64 14.43 103.03 8.89
C LYS J 64 15.70 103.57 8.21
N ALA J 65 16.62 104.10 9.02
CA ALA J 65 17.88 104.63 8.52
C ALA J 65 18.75 103.49 7.99
N ALA J 66 18.78 102.39 8.74
CA ALA J 66 19.55 101.21 8.35
C ALA J 66 19.04 100.65 7.02
N ARG J 67 17.72 100.52 6.92
CA ARG J 67 17.07 100.00 5.71
C ARG J 67 17.39 100.87 4.50
N ALA J 68 17.42 102.19 4.71
CA ALA J 68 17.71 103.14 3.65
C ALA J 68 19.15 102.99 3.19
N ALA J 69 20.06 102.79 4.14
CA ALA J 69 21.49 102.63 3.83
C ALA J 69 21.73 101.30 3.13
N PHE J 70 20.80 100.38 3.29
CA PHE J 70 20.90 99.06 2.68
C PHE J 70 20.22 98.93 1.30
N GLN J 71 19.56 99.98 0.84
CA GLN J 71 18.88 99.94 -0.46
C GLN J 71 19.81 99.70 -1.63
N LEU J 72 19.36 98.88 -2.56
CA LEU J 72 20.13 98.56 -3.75
C LEU J 72 20.57 99.87 -4.43
N GLY J 73 21.86 99.98 -4.74
CA GLY J 73 22.36 101.18 -5.39
C GLY J 73 22.95 102.20 -4.43
N SER J 74 22.77 101.97 -3.13
CA SER J 74 23.30 102.88 -2.10
C SER J 74 24.81 102.82 -2.04
N PRO J 75 25.45 103.81 -1.39
CA PRO J 75 26.91 103.83 -1.28
C PRO J 75 27.47 102.56 -0.60
N TRP J 76 26.77 102.10 0.44
CA TRP J 76 27.18 100.91 1.18
C TRP J 76 27.01 99.61 0.39
N ARG J 77 25.98 99.55 -0.44
CA ARG J 77 25.74 98.35 -1.24
C ARG J 77 26.62 98.27 -2.47
N ARG J 78 26.96 99.44 -3.04
CA ARG J 78 27.79 99.51 -4.24
C ARG J 78 29.27 99.42 -3.97
N MET J 79 29.63 99.80 -2.75
CA MET J 79 31.02 99.82 -2.29
C MET J 79 31.75 98.51 -2.49
N ASP J 80 32.99 98.60 -2.99
CA ASP J 80 33.82 97.43 -3.22
C ASP J 80 34.03 96.73 -1.88
N ALA J 81 34.00 95.40 -1.90
CA ALA J 81 34.19 94.62 -0.68
C ALA J 81 35.49 95.01 0.00
N SER J 82 36.54 95.17 -0.79
CA SER J 82 37.84 95.52 -0.24
C SER J 82 37.79 96.87 0.47
N HIS J 83 36.90 97.75 0.03
CA HIS J 83 36.79 99.05 0.67
C HIS J 83 36.14 98.93 2.04
N ARG J 84 35.25 97.96 2.20
CA ARG J 84 34.62 97.75 3.50
C ARG J 84 35.74 97.39 4.47
N GLY J 85 36.74 96.66 3.96
CA GLY J 85 37.88 96.28 4.76
C GLY J 85 38.72 97.49 5.12
N ARG J 86 38.89 98.40 4.17
CA ARG J 86 39.66 99.62 4.40
C ARG J 86 38.97 100.39 5.53
N LEU J 87 37.64 100.48 5.48
CA LEU J 87 36.88 101.21 6.49
C LEU J 87 37.04 100.59 7.86
N LEU J 88 37.02 99.28 7.94
CA LEU J 88 37.19 98.58 9.20
C LEU J 88 38.59 98.84 9.74
N ASN J 89 39.58 98.80 8.86
CA ASN J 89 40.95 99.04 9.28
C ASN J 89 41.13 100.48 9.76
N ARG J 90 40.40 101.40 9.14
CA ARG J 90 40.44 102.82 9.50
C ARG J 90 39.86 102.97 10.91
N LEU J 91 38.73 102.31 11.15
CA LEU J 91 38.08 102.36 12.46
C LEU J 91 39.02 101.79 13.51
N ALA J 92 39.77 100.76 13.14
CA ALA J 92 40.71 100.17 14.07
C ALA J 92 41.80 101.17 14.42
N ASP J 93 42.27 101.90 13.41
CA ASP J 93 43.32 102.90 13.61
C ASP J 93 42.84 104.01 14.50
N LEU J 94 41.59 104.45 14.31
CA LEU J 94 41.01 105.51 15.13
C LEU J 94 40.89 105.06 16.58
N ILE J 95 40.52 103.79 16.78
CA ILE J 95 40.39 103.24 18.13
C ILE J 95 41.77 103.11 18.79
N GLU J 96 42.80 102.80 18.00
CA GLU J 96 44.14 102.70 18.54
C GLU J 96 44.64 104.09 18.94
N ARG J 97 44.23 105.11 18.18
CA ARG J 97 44.61 106.49 18.44
C ARG J 97 44.03 106.92 19.78
N ASP J 98 42.77 106.60 20.01
CA ASP J 98 42.14 106.96 21.27
C ASP J 98 42.14 105.80 22.24
N ARG J 99 43.13 104.92 22.12
CA ARG J 99 43.23 103.75 22.99
C ARG J 99 43.21 104.05 24.48
N THR J 100 44.11 104.92 24.93
CA THR J 100 44.21 105.31 26.34
C THR J 100 42.92 105.90 26.91
N TYR J 101 42.29 106.77 26.14
CA TYR J 101 41.05 107.37 26.57
C TYR J 101 39.97 106.29 26.70
N LEU J 102 39.77 105.51 25.64
CA LEU J 102 38.76 104.44 25.63
C LEU J 102 38.94 103.43 26.75
N ALA J 103 40.18 103.06 27.04
CA ALA J 103 40.44 102.10 28.10
C ALA J 103 40.00 102.68 29.46
N ALA J 104 40.25 103.98 29.65
CA ALA J 104 39.90 104.67 30.88
C ALA J 104 38.38 104.77 30.99
N LEU J 105 37.74 105.11 29.88
CA LEU J 105 36.29 105.26 29.87
C LEU J 105 35.63 103.92 30.12
N GLU J 106 36.26 102.85 29.65
CA GLU J 106 35.73 101.50 29.83
C GLU J 106 35.76 101.16 31.31
N THR J 107 36.88 101.44 31.95
CA THR J 107 37.06 101.18 33.38
C THR J 107 36.10 102.01 34.22
N LEU J 108 35.94 103.28 33.87
CA LEU J 108 35.03 104.17 34.59
C LEU J 108 33.60 103.66 34.60
N ASP J 109 33.12 103.22 33.44
CA ASP J 109 31.75 102.73 33.27
C ASP J 109 31.50 101.29 33.66
N ASN J 110 32.47 100.43 33.37
CA ASN J 110 32.37 99.00 33.65
C ASN J 110 32.92 98.58 35.00
N GLY J 111 34.08 99.12 35.36
CA GLY J 111 34.67 98.75 36.64
C GLY J 111 35.89 97.86 36.55
N LYS J 112 36.18 97.30 35.38
CA LYS J 112 37.35 96.44 35.22
C LYS J 112 38.64 97.26 35.33
N PRO J 113 39.73 96.63 35.81
CA PRO J 113 41.04 97.30 35.96
C PRO J 113 41.48 98.00 34.68
N TYR J 114 41.99 99.21 34.80
CA TYR J 114 42.46 99.98 33.64
C TYR J 114 43.53 99.22 32.87
N VAL J 115 44.42 98.56 33.60
CA VAL J 115 45.51 97.80 32.98
C VAL J 115 44.96 96.73 32.02
N ILE J 116 43.95 96.00 32.49
CA ILE J 116 43.31 94.97 31.72
C ILE J 116 42.53 95.58 30.55
N SER J 117 41.88 96.71 30.80
CA SER J 117 41.11 97.41 29.79
C SER J 117 42.02 97.83 28.63
N TYR J 118 43.21 98.30 28.96
CA TYR J 118 44.17 98.76 27.98
C TYR J 118 44.90 97.63 27.26
N LEU J 119 45.47 96.70 28.02
CA LEU J 119 46.23 95.60 27.45
C LEU J 119 45.44 94.41 26.93
N VAL J 120 44.22 94.21 27.42
CA VAL J 120 43.41 93.08 26.99
C VAL J 120 42.22 93.49 26.12
N ASP J 121 41.26 94.16 26.71
CA ASP J 121 40.09 94.60 26.00
C ASP J 121 40.37 95.34 24.69
N LEU J 122 41.02 96.49 24.77
CA LEU J 122 41.30 97.24 23.55
C LEU J 122 42.22 96.52 22.58
N ASP J 123 43.11 95.69 23.10
CA ASP J 123 44.02 94.95 22.23
C ASP J 123 43.21 94.00 21.39
N MET J 124 42.25 93.34 22.03
CA MET J 124 41.39 92.39 21.34
C MET J 124 40.39 93.04 20.39
N VAL J 125 39.96 94.24 20.74
CA VAL J 125 39.04 94.99 19.90
C VAL J 125 39.76 95.32 18.59
N LEU J 126 41.02 95.74 18.71
CA LEU J 126 41.80 96.10 17.54
C LEU J 126 42.07 94.87 16.69
N LYS J 127 42.42 93.76 17.33
CA LYS J 127 42.70 92.50 16.63
C LYS J 127 41.47 91.94 15.97
N CYS J 128 40.33 92.14 16.60
CA CYS J 128 39.06 91.65 16.08
C CYS J 128 38.71 92.43 14.83
N LEU J 129 38.73 93.76 14.93
CA LEU J 129 38.40 94.61 13.81
C LEU J 129 39.34 94.42 12.63
N ARG J 130 40.63 94.30 12.93
CA ARG J 130 41.62 94.09 11.87
C ARG J 130 41.50 92.74 11.23
N TYR J 131 41.03 91.75 11.99
CA TYR J 131 40.86 90.41 11.47
C TYR J 131 39.74 90.42 10.44
N TYR J 132 38.59 90.95 10.85
CA TYR J 132 37.44 91.02 9.99
C TYR J 132 37.58 91.94 8.80
N ALA J 133 38.51 92.89 8.88
CA ALA J 133 38.77 93.79 7.78
C ALA J 133 39.29 92.90 6.62
N GLY J 134 40.13 91.96 6.99
CA GLY J 134 40.72 91.03 6.04
C GLY J 134 39.72 90.05 5.42
N TRP J 135 38.59 89.81 6.07
CA TRP J 135 37.55 88.90 5.58
C TRP J 135 36.62 89.52 4.54
N ALA J 136 36.48 90.84 4.59
CA ALA J 136 35.60 91.59 3.68
C ALA J 136 35.55 91.15 2.22
N ASP J 137 36.70 90.85 1.64
CA ASP J 137 36.79 90.45 0.24
C ASP J 137 37.31 89.02 0.02
N LYS J 138 37.08 88.14 1.00
CA LYS J 138 37.56 86.77 0.88
C LYS J 138 36.51 85.70 1.18
N TYR J 139 35.27 86.11 1.44
CA TYR J 139 34.21 85.14 1.70
C TYR J 139 33.54 84.80 0.36
N HIS J 140 34.11 83.82 -0.33
CA HIS J 140 33.67 83.38 -1.66
C HIS J 140 32.39 82.56 -1.73
N GLY J 141 31.71 82.65 -2.87
CA GLY J 141 30.52 81.86 -3.14
C GLY J 141 31.06 80.70 -3.96
N LYS J 142 30.22 79.79 -4.45
CA LYS J 142 30.74 78.67 -5.23
C LYS J 142 30.16 78.53 -6.64
N THR J 143 30.87 77.82 -7.50
CA THR J 143 30.38 77.50 -8.84
C THR J 143 30.19 76.00 -8.69
N ILE J 144 28.95 75.55 -8.84
CA ILE J 144 28.60 74.15 -8.63
C ILE J 144 28.40 73.31 -9.89
N PRO J 145 29.02 72.11 -9.94
CA PRO J 145 28.92 71.18 -11.08
C PRO J 145 27.60 70.42 -11.05
N ILE J 146 26.50 71.14 -11.22
CA ILE J 146 25.16 70.55 -11.20
C ILE J 146 24.92 69.72 -12.48
N ASP J 147 24.01 68.73 -12.42
CA ASP J 147 23.69 67.89 -13.58
C ASP J 147 23.05 68.69 -14.70
N GLY J 148 23.22 68.22 -15.93
CA GLY J 148 22.61 68.90 -17.07
C GLY J 148 23.41 70.05 -17.65
N ASP J 149 22.89 70.65 -18.71
CA ASP J 149 23.56 71.77 -19.36
C ASP J 149 23.19 73.09 -18.67
N PHE J 150 23.78 73.28 -17.49
CA PHE J 150 23.54 74.47 -16.71
C PHE J 150 24.81 74.95 -16.03
N PHE J 151 24.81 76.22 -15.69
CA PHE J 151 25.92 76.87 -15.00
C PHE J 151 25.28 77.31 -13.70
N SER J 152 25.68 76.70 -12.59
CA SER J 152 25.11 77.05 -11.32
C SER J 152 26.18 77.63 -10.40
N TYR J 153 25.81 78.71 -9.70
CA TYR J 153 26.71 79.37 -8.78
C TYR J 153 25.98 80.00 -7.61
N THR J 154 26.73 80.34 -6.56
CA THR J 154 26.12 80.96 -5.38
C THR J 154 26.76 82.30 -5.06
N ARG J 155 25.92 83.21 -4.57
CA ARG J 155 26.37 84.53 -4.19
C ARG J 155 26.12 84.64 -2.70
N HIS J 156 27.10 85.13 -1.94
CA HIS J 156 26.93 85.31 -0.51
C HIS J 156 26.56 86.76 -0.32
N GLU J 157 25.26 86.99 -0.10
CA GLU J 157 24.72 88.33 0.07
C GLU J 157 24.57 88.65 1.55
N PRO J 158 24.51 89.95 1.88
CA PRO J 158 24.35 90.37 3.28
C PRO J 158 22.95 89.97 3.73
N VAL J 159 22.77 89.67 5.00
CA VAL J 159 21.45 89.31 5.47
C VAL J 159 20.52 90.54 5.53
N GLY J 160 21.10 91.73 5.67
CA GLY J 160 20.31 92.96 5.72
C GLY J 160 20.42 93.80 7.01
N VAL J 161 19.28 94.16 7.58
CA VAL J 161 19.26 94.94 8.81
C VAL J 161 19.45 94.02 9.99
N CYS J 162 20.61 94.10 10.63
CA CYS J 162 20.90 93.25 11.77
C CYS J 162 20.76 93.96 13.09
N GLY J 163 19.91 93.42 13.96
CA GLY J 163 19.74 94.00 15.26
C GLY J 163 20.73 93.33 16.18
N GLN J 164 21.54 94.12 16.88
CA GLN J 164 22.53 93.55 17.79
C GLN J 164 22.37 94.08 19.20
N ILE J 165 22.04 93.17 20.11
CA ILE J 165 21.86 93.50 21.51
C ILE J 165 23.04 92.92 22.27
N ILE J 166 23.84 93.77 22.88
CA ILE J 166 25.01 93.31 23.63
C ILE J 166 25.01 93.61 25.14
N PRO J 167 25.69 92.77 25.92
CA PRO J 167 25.83 92.86 27.38
C PRO J 167 26.81 93.93 27.90
N TRP J 168 27.05 93.91 29.20
CA TRP J 168 27.92 94.88 29.86
C TRP J 168 29.27 94.38 30.33
N ASN J 169 29.46 93.06 30.34
CA ASN J 169 30.73 92.52 30.81
C ASN J 169 31.96 92.91 29.98
N PHE J 170 31.80 93.10 28.67
CA PHE J 170 32.87 93.50 27.78
C PHE J 170 32.28 94.45 26.75
N PRO J 171 31.89 95.64 27.19
CA PRO J 171 31.28 96.65 26.32
C PRO J 171 31.92 96.82 24.94
N LEU J 172 33.20 97.18 24.91
CA LEU J 172 33.92 97.39 23.65
C LEU J 172 34.13 96.13 22.85
N LEU J 173 34.60 95.07 23.51
CA LEU J 173 34.87 93.80 22.84
C LEU J 173 33.62 93.21 22.20
N MET J 174 32.52 93.24 22.94
CA MET J 174 31.25 92.73 22.48
C MET J 174 30.80 93.52 21.26
N GLN J 175 31.03 94.83 21.28
CA GLN J 175 30.66 95.67 20.15
C GLN J 175 31.49 95.29 18.92
N ALA J 176 32.79 95.10 19.11
CA ALA J 176 33.68 94.73 18.03
C ALA J 176 33.32 93.34 17.45
N TRP J 177 33.03 92.39 18.34
CA TRP J 177 32.67 91.03 17.94
C TRP J 177 31.42 90.98 17.06
N LYS J 178 30.59 92.00 17.19
CA LYS J 178 29.36 92.09 16.40
C LYS J 178 29.54 92.92 15.14
N LEU J 179 30.20 94.07 15.28
CA LEU J 179 30.43 94.95 14.14
C LEU J 179 31.37 94.34 13.11
N GLY J 180 32.38 93.63 13.60
CA GLY J 180 33.36 93.00 12.72
C GLY J 180 32.76 92.18 11.59
N PRO J 181 32.15 91.04 11.91
CA PRO J 181 31.54 90.16 10.91
C PRO J 181 30.37 90.84 10.16
N ALA J 182 29.54 91.57 10.89
CA ALA J 182 28.40 92.24 10.29
C ALA J 182 28.82 93.20 9.17
N LEU J 183 29.79 94.05 9.46
CA LEU J 183 30.24 95.03 8.49
C LEU J 183 31.10 94.44 7.38
N ALA J 184 31.91 93.44 7.70
CA ALA J 184 32.77 92.80 6.70
C ALA J 184 31.92 92.19 5.59
N THR J 185 30.75 91.66 5.97
CA THR J 185 29.86 91.05 4.99
C THR J 185 28.82 92.02 4.38
N GLY J 186 28.96 93.31 4.65
CA GLY J 186 28.06 94.30 4.07
C GLY J 186 26.68 94.53 4.64
N ASN J 187 26.49 94.16 5.89
CA ASN J 187 25.22 94.34 6.55
C ASN J 187 25.13 95.74 7.15
N VAL J 188 23.95 96.10 7.63
CA VAL J 188 23.73 97.38 8.31
C VAL J 188 23.33 96.99 9.71
N VAL J 189 23.66 97.81 10.69
CA VAL J 189 23.37 97.46 12.08
C VAL J 189 22.58 98.47 12.92
N VAL J 190 21.77 97.94 13.82
CA VAL J 190 20.99 98.71 14.76
C VAL J 190 21.37 98.03 16.06
N MET J 191 22.32 98.63 16.76
CA MET J 191 22.85 98.08 18.00
C MET J 191 22.27 98.67 19.29
N LYS J 192 21.91 97.78 20.21
CA LYS J 192 21.37 98.17 21.49
C LYS J 192 22.40 97.79 22.55
N VAL J 193 23.07 98.79 23.11
CA VAL J 193 24.10 98.57 24.13
C VAL J 193 23.50 98.47 25.53
N ALA J 194 24.23 97.80 26.43
CA ALA J 194 23.80 97.61 27.81
C ALA J 194 23.64 98.93 28.55
N GLU J 195 22.53 99.08 29.27
CA GLU J 195 22.25 100.31 30.02
C GLU J 195 23.28 100.60 31.10
N GLN J 196 24.01 99.56 31.51
CA GLN J 196 25.04 99.72 32.52
C GLN J 196 26.35 100.26 31.94
N THR J 197 26.57 100.02 30.64
CA THR J 197 27.82 100.46 30.02
C THR J 197 27.66 100.95 28.58
N PRO J 198 26.90 102.04 28.38
CA PRO J 198 26.70 102.56 27.02
C PRO J 198 27.74 103.54 26.49
N LEU J 199 28.55 104.10 27.40
CA LEU J 199 29.54 105.11 27.05
C LEU J 199 30.55 104.80 25.95
N THR J 200 31.38 103.79 26.17
CA THR J 200 32.42 103.43 25.19
C THR J 200 31.87 103.14 23.79
N ALA J 201 30.77 102.39 23.74
CA ALA J 201 30.15 102.04 22.47
C ALA J 201 29.73 103.30 21.71
N LEU J 202 29.16 104.26 22.44
CA LEU J 202 28.70 105.50 21.83
C LEU J 202 29.86 106.33 21.30
N TYR J 203 30.99 106.31 22.01
CA TYR J 203 32.17 107.03 21.54
C TYR J 203 32.67 106.39 20.24
N VAL J 204 32.61 105.06 20.18
CA VAL J 204 33.05 104.31 19.02
C VAL J 204 32.18 104.68 17.83
N ALA J 205 30.90 104.96 18.08
CA ALA J 205 29.99 105.35 17.01
C ALA J 205 30.51 106.63 16.37
N ASN J 206 31.10 107.49 17.21
CA ASN J 206 31.66 108.75 16.76
C ASN J 206 32.85 108.49 15.82
N LEU J 207 33.65 107.48 16.17
CA LEU J 207 34.80 107.08 15.36
C LEU J 207 34.35 106.42 14.07
N ILE J 208 33.18 105.77 14.10
CA ILE J 208 32.62 105.12 12.93
C ILE J 208 32.28 106.20 11.92
N LYS J 209 31.81 107.33 12.43
CA LYS J 209 31.47 108.47 11.58
C LYS J 209 32.75 109.04 10.98
N GLU J 210 33.75 109.22 11.84
CA GLU J 210 35.04 109.76 11.45
C GLU J 210 35.78 108.87 10.45
N ALA J 211 35.55 107.56 10.55
CA ALA J 211 36.19 106.58 9.67
C ALA J 211 35.67 106.64 8.24
N GLY J 212 34.46 107.17 8.08
CA GLY J 212 33.91 107.28 6.73
C GLY J 212 32.76 106.37 6.38
N PHE J 213 32.28 105.61 7.35
CA PHE J 213 31.15 104.71 7.13
C PHE J 213 29.93 105.52 6.74
N PRO J 214 29.22 105.11 5.69
CA PRO J 214 28.01 105.80 5.21
C PRO J 214 26.98 105.96 6.31
N PRO J 215 26.12 107.00 6.20
CA PRO J 215 25.08 107.23 7.21
C PRO J 215 24.09 106.07 7.23
N GLY J 216 23.73 105.61 8.42
CA GLY J 216 22.78 104.52 8.54
C GLY J 216 23.37 103.14 8.58
N VAL J 217 24.67 102.99 8.27
CA VAL J 217 25.31 101.67 8.27
C VAL J 217 25.38 101.10 9.68
N VAL J 218 25.60 101.98 10.65
CA VAL J 218 25.65 101.56 12.05
C VAL J 218 24.83 102.58 12.82
N ASN J 219 23.89 102.08 13.62
CA ASN J 219 23.03 102.93 14.41
C ASN J 219 23.04 102.35 15.79
N ILE J 220 23.32 103.17 16.79
CA ILE J 220 23.33 102.67 18.17
C ILE J 220 22.26 103.35 18.98
N VAL J 221 21.42 102.54 19.63
CA VAL J 221 20.34 103.07 20.43
C VAL J 221 20.51 102.62 21.87
N PRO J 222 21.02 103.50 22.74
CA PRO J 222 21.20 103.15 24.14
C PRO J 222 19.83 103.15 24.80
N GLY J 223 19.67 102.35 25.84
CA GLY J 223 18.38 102.29 26.52
C GLY J 223 18.18 100.99 27.28
N PHE J 224 16.96 100.78 27.75
CA PHE J 224 16.64 99.58 28.50
C PHE J 224 16.28 98.38 27.62
N GLY J 225 16.38 97.19 28.19
CA GLY J 225 16.09 95.98 27.46
C GLY J 225 14.64 95.77 27.06
N PRO J 226 13.71 95.71 28.04
CA PRO J 226 12.28 95.51 27.78
C PRO J 226 11.69 96.54 26.81
N THR J 227 12.41 97.66 26.65
CA THR J 227 11.96 98.72 25.76
C THR J 227 12.65 98.69 24.40
N ALA J 228 13.89 99.19 24.36
CA ALA J 228 14.67 99.24 23.13
C ALA J 228 15.05 97.86 22.60
N GLY J 229 15.49 96.99 23.48
CA GLY J 229 15.88 95.65 23.05
C GLY J 229 14.74 94.85 22.43
N ALA J 230 13.60 94.82 23.11
CA ALA J 230 12.44 94.09 22.61
C ALA J 230 11.90 94.72 21.33
N ALA J 231 12.10 96.02 21.15
CA ALA J 231 11.64 96.70 19.95
C ALA J 231 12.39 96.20 18.72
N ILE J 232 13.68 95.91 18.92
CA ILE J 232 14.55 95.40 17.86
C ILE J 232 14.17 93.95 17.53
N ALA J 233 14.09 93.13 18.56
CA ALA J 233 13.75 91.73 18.41
C ALA J 233 12.38 91.48 17.76
N SER J 234 11.43 92.38 17.98
CA SER J 234 10.08 92.24 17.44
C SER J 234 9.83 93.04 16.17
N HIS J 235 10.80 93.85 15.77
CA HIS J 235 10.63 94.69 14.59
C HIS J 235 10.36 93.89 13.32
N GLU J 236 9.40 94.37 12.54
CA GLU J 236 9.03 93.72 11.29
C GLU J 236 10.02 93.90 10.14
N ASP J 237 10.92 94.88 10.25
CA ASP J 237 11.89 95.11 9.18
C ASP J 237 13.34 94.75 9.52
N VAL J 238 13.55 94.10 10.64
CA VAL J 238 14.88 93.65 11.04
C VAL J 238 15.03 92.20 10.57
N ASP J 239 15.99 91.98 9.68
CA ASP J 239 16.23 90.67 9.11
C ASP J 239 16.93 89.67 10.04
N LYS J 240 17.65 90.15 11.03
CA LYS J 240 18.36 89.27 11.93
C LYS J 240 18.63 89.94 13.26
N VAL J 241 18.60 89.16 14.34
CA VAL J 241 18.87 89.67 15.67
C VAL J 241 19.89 88.78 16.34
N ALA J 242 21.00 89.38 16.74
CA ALA J 242 22.06 88.65 17.44
C ALA J 242 22.02 89.11 18.89
N PHE J 243 21.82 88.18 19.80
CA PHE J 243 21.74 88.52 21.20
C PHE J 243 22.80 87.80 22.04
N THR J 244 23.29 88.50 23.07
CA THR J 244 24.28 87.94 23.98
C THR J 244 23.92 88.39 25.38
N GLY J 245 23.60 87.43 26.25
CA GLY J 245 23.24 87.75 27.60
C GLY J 245 22.72 86.55 28.36
N SER J 246 21.72 86.78 29.21
CA SER J 246 21.13 85.71 30.01
C SER J 246 20.25 84.77 29.19
N THR J 247 20.17 83.52 29.65
CA THR J 247 19.36 82.47 29.02
C THR J 247 17.89 82.89 29.03
N GLU J 248 17.52 83.53 30.15
CA GLU J 248 16.19 84.04 30.42
C GLU J 248 15.68 84.96 29.29
N ILE J 249 16.47 85.98 28.98
CA ILE J 249 16.14 86.95 27.93
C ILE J 249 16.32 86.32 26.54
N GLY J 250 17.24 85.37 26.43
CA GLY J 250 17.49 84.71 25.17
C GLY J 250 16.25 84.01 24.63
N ARG J 251 15.40 83.54 25.53
CA ARG J 251 14.17 82.86 25.16
C ARG J 251 13.14 83.88 24.67
N VAL J 252 13.10 85.03 25.34
CA VAL J 252 12.19 86.11 24.98
C VAL J 252 12.48 86.56 23.56
N ILE J 253 13.77 86.69 23.23
CA ILE J 253 14.22 87.13 21.90
C ILE J 253 13.77 86.15 20.81
N GLN J 254 13.98 84.86 21.05
CA GLN J 254 13.61 83.79 20.12
C GLN J 254 12.10 83.76 19.85
N VAL J 255 11.31 83.93 20.90
CA VAL J 255 9.85 83.95 20.77
C VAL J 255 9.40 85.20 20.03
N ALA J 256 9.99 86.35 20.36
CA ALA J 256 9.66 87.63 19.72
C ALA J 256 9.98 87.59 18.22
N ALA J 257 10.95 86.77 17.86
CA ALA J 257 11.37 86.60 16.47
C ALA J 257 10.39 85.73 15.69
N GLY J 258 9.92 84.66 16.33
CA GLY J 258 8.98 83.77 15.69
C GLY J 258 7.59 84.39 15.59
N SER J 259 7.30 85.30 16.52
CA SER J 259 6.01 85.99 16.55
C SER J 259 5.95 87.17 15.58
N SER J 260 7.12 87.59 15.09
CA SER J 260 7.18 88.72 14.17
C SER J 260 7.34 88.39 12.68
N ASN J 261 8.59 88.40 12.18
CA ASN J 261 8.85 88.14 10.77
C ASN J 261 9.76 86.95 10.46
N LEU J 262 9.89 86.03 11.43
CA LEU J 262 10.73 84.84 11.24
C LEU J 262 12.19 85.22 10.95
N LYS J 263 12.63 86.31 11.56
CA LYS J 263 14.00 86.78 11.40
C LYS J 263 14.99 85.77 11.98
N ARG J 264 16.22 85.82 11.49
CA ARG J 264 17.28 84.94 11.95
C ARG J 264 17.65 85.30 13.39
N VAL J 265 17.99 84.29 14.18
CA VAL J 265 18.35 84.51 15.57
C VAL J 265 19.55 83.69 16.02
N THR J 266 20.54 84.37 16.60
CA THR J 266 21.71 83.70 17.14
C THR J 266 21.78 84.14 18.59
N LEU J 267 21.95 83.18 19.48
CA LEU J 267 22.01 83.47 20.92
C LEU J 267 23.34 83.08 21.54
N GLU J 268 23.91 84.02 22.31
CA GLU J 268 25.18 83.79 23.00
C GLU J 268 24.87 83.88 24.48
N LEU J 269 24.40 82.77 25.03
CA LEU J 269 24.01 82.71 26.43
C LEU J 269 25.16 82.31 27.34
N GLY J 270 24.93 82.41 28.64
CA GLY J 270 25.95 82.08 29.63
C GLY J 270 26.25 80.60 29.73
N GLY J 271 26.84 80.19 30.85
CA GLY J 271 27.16 78.79 31.02
C GLY J 271 27.66 78.50 32.41
N LYS J 272 27.97 77.24 32.73
CA LYS J 272 28.50 76.84 34.03
C LYS J 272 29.69 75.95 33.66
N SER J 273 30.58 76.55 32.87
CA SER J 273 31.76 75.89 32.33
C SER J 273 32.66 75.11 33.30
N PRO J 274 32.83 73.81 33.04
CA PRO J 274 33.66 72.93 33.87
C PRO J 274 35.13 73.03 33.55
N ASN J 275 35.96 73.14 34.59
CA ASN J 275 37.41 73.20 34.42
C ASN J 275 37.98 71.97 35.12
N ILE J 276 38.28 70.95 34.32
CA ILE J 276 38.79 69.69 34.83
C ILE J 276 40.31 69.61 35.03
N ILE J 277 40.74 69.44 36.27
CA ILE J 277 42.15 69.33 36.60
C ILE J 277 42.48 67.87 36.93
N MET J 278 43.22 67.22 36.06
CA MET J 278 43.59 65.83 36.29
C MET J 278 44.78 65.76 37.24
N SER J 279 45.03 64.59 37.81
CA SER J 279 46.13 64.40 38.76
C SER J 279 47.53 64.67 38.23
N ASP J 280 47.76 64.41 36.95
CA ASP J 280 49.07 64.62 36.33
C ASP J 280 49.32 66.03 35.78
N ALA J 281 48.38 66.94 36.04
CA ALA J 281 48.52 68.30 35.57
C ALA J 281 49.64 69.04 36.28
N ASP J 282 50.14 70.10 35.64
CA ASP J 282 51.19 70.93 36.22
C ASP J 282 50.49 71.76 37.29
N MET J 283 50.73 71.40 38.56
CA MET J 283 50.11 72.06 39.69
C MET J 283 50.17 73.59 39.66
N ASP J 284 51.38 74.14 39.52
CA ASP J 284 51.56 75.59 39.48
C ASP J 284 50.68 76.25 38.41
N TRP J 285 50.78 75.72 37.20
CA TRP J 285 50.04 76.25 36.07
C TRP J 285 48.53 76.09 36.24
N ALA J 286 48.11 74.89 36.65
CA ALA J 286 46.69 74.59 36.84
C ALA J 286 46.02 75.50 37.86
N VAL J 287 46.71 75.76 38.97
CA VAL J 287 46.18 76.61 40.02
C VAL J 287 46.05 78.05 39.56
N GLU J 288 47.09 78.53 38.88
CA GLU J 288 47.12 79.89 38.38
C GLU J 288 46.04 80.10 37.30
N GLN J 289 45.90 79.10 36.43
CA GLN J 289 44.93 79.15 35.34
C GLN J 289 43.51 78.97 35.83
N ALA J 290 43.30 78.08 36.81
CA ALA J 290 41.98 77.86 37.39
C ALA J 290 41.49 79.12 38.09
N HIS J 291 42.44 79.86 38.68
CA HIS J 291 42.18 81.13 39.37
C HIS J 291 41.73 82.16 38.34
N PHE J 292 42.49 82.26 37.25
CA PHE J 292 42.20 83.18 36.14
C PHE J 292 40.87 82.80 35.49
N ALA J 293 40.70 81.50 35.26
CA ALA J 293 39.51 80.90 34.65
C ALA J 293 38.22 81.39 35.27
N LEU J 294 38.23 81.60 36.58
CA LEU J 294 37.03 82.06 37.25
C LEU J 294 36.99 83.53 37.59
N PHE J 295 38.05 84.02 38.23
CA PHE J 295 38.11 85.41 38.67
C PHE J 295 38.25 86.50 37.63
N PHE J 296 38.65 86.11 36.42
CA PHE J 296 38.82 87.09 35.34
C PHE J 296 37.60 87.99 35.16
N ASN J 297 37.86 89.29 35.01
CA ASN J 297 36.83 90.30 34.83
C ASN J 297 35.75 90.25 35.93
N GLN J 298 36.21 90.14 37.17
CA GLN J 298 35.31 90.09 38.33
C GLN J 298 34.36 88.91 38.25
N GLY J 299 34.78 87.86 37.55
CA GLY J 299 33.94 86.68 37.38
C GLY J 299 32.82 86.88 36.38
N GLN J 300 32.66 88.11 35.90
CA GLN J 300 31.63 88.46 34.94
C GLN J 300 32.06 88.06 33.53
N CYS J 301 32.14 86.75 33.33
CA CYS J 301 32.56 86.18 32.08
C CYS J 301 31.61 85.04 31.71
N CYS J 302 31.05 85.10 30.51
CA CYS J 302 30.10 84.10 30.05
C CYS J 302 30.60 82.66 30.16
N CYS J 303 31.89 82.44 29.90
CA CYS J 303 32.45 81.11 29.96
C CYS J 303 33.42 80.93 31.12
N ALA J 304 33.10 81.56 32.23
CA ALA J 304 33.91 81.47 33.44
C ALA J 304 33.95 80.02 33.93
N GLY J 305 35.13 79.57 34.35
CA GLY J 305 35.27 78.21 34.86
C GLY J 305 34.70 78.10 36.27
N SER J 306 33.38 78.22 36.37
CA SER J 306 32.66 78.18 37.65
C SER J 306 32.48 76.80 38.27
N ARG J 307 33.06 75.78 37.65
CA ARG J 307 32.98 74.43 38.18
C ARG J 307 34.35 73.80 38.03
N THR J 308 35.20 74.02 39.03
CA THR J 308 36.55 73.48 38.97
C THR J 308 36.61 72.06 39.53
N PHE J 309 36.60 71.07 38.65
CA PHE J 309 36.68 69.66 39.05
C PHE J 309 38.13 69.31 39.25
N VAL J 310 38.47 68.80 40.43
CA VAL J 310 39.85 68.43 40.73
C VAL J 310 39.89 66.98 41.18
N GLN J 311 40.80 66.20 40.61
CA GLN J 311 40.91 64.80 40.98
C GLN J 311 41.39 64.66 42.43
N GLU J 312 40.81 63.69 43.13
CA GLU J 312 41.10 63.45 44.55
C GLU J 312 42.55 63.44 45.01
N ASP J 313 43.44 62.82 44.24
CA ASP J 313 44.85 62.76 44.60
C ASP J 313 45.50 64.12 44.86
N ILE J 314 45.07 65.13 44.11
CA ILE J 314 45.65 66.46 44.24
C ILE J 314 44.69 67.50 44.81
N TYR J 315 43.50 67.05 45.21
CA TYR J 315 42.46 67.92 45.75
C TYR J 315 42.93 68.85 46.87
N ASP J 316 43.41 68.26 47.95
CA ASP J 316 43.86 69.03 49.12
C ASP J 316 44.91 70.09 48.78
N GLU J 317 45.95 69.69 48.05
CA GLU J 317 47.01 70.60 47.67
C GLU J 317 46.48 71.71 46.76
N PHE J 318 45.65 71.34 45.79
CA PHE J 318 45.06 72.29 44.85
C PHE J 318 44.24 73.33 45.59
N VAL J 319 43.30 72.86 46.41
CA VAL J 319 42.42 73.72 47.20
C VAL J 319 43.23 74.70 48.05
N GLU J 320 44.27 74.19 48.68
CA GLU J 320 45.13 74.99 49.53
C GLU J 320 45.72 76.17 48.77
N ARG J 321 46.32 75.87 47.62
CA ARG J 321 46.93 76.90 46.78
C ARG J 321 45.92 77.88 46.20
N SER J 322 44.74 77.35 45.84
CA SER J 322 43.67 78.17 45.28
C SER J 322 43.19 79.19 46.29
N VAL J 323 43.03 78.74 47.54
CA VAL J 323 42.59 79.62 48.61
C VAL J 323 43.63 80.72 48.87
N ALA J 324 44.89 80.33 48.88
CA ALA J 324 46.00 81.27 49.10
C ALA J 324 46.01 82.33 47.99
N ARG J 325 45.80 81.88 46.76
CA ARG J 325 45.79 82.78 45.61
C ARG J 325 44.58 83.71 45.67
N ALA J 326 43.46 83.20 46.13
CA ALA J 326 42.26 84.02 46.23
C ALA J 326 42.41 85.11 47.28
N LYS J 327 43.03 84.76 48.40
CA LYS J 327 43.27 85.69 49.49
C LYS J 327 44.25 86.79 49.11
N SER J 328 45.20 86.47 48.24
CA SER J 328 46.20 87.44 47.79
C SER J 328 45.72 88.31 46.64
N ARG J 329 44.54 88.01 46.09
CA ARG J 329 44.02 88.79 44.98
C ARG J 329 43.65 90.18 45.47
N VAL J 330 44.35 91.18 44.96
CA VAL J 330 44.15 92.56 45.34
C VAL J 330 42.84 93.14 44.78
N VAL J 331 41.97 93.60 45.67
CA VAL J 331 40.69 94.21 45.29
C VAL J 331 40.79 95.70 45.59
N GLY J 332 40.30 96.54 44.68
CA GLY J 332 40.38 97.97 44.92
C GLY J 332 40.07 98.86 43.74
N ASN J 333 40.58 100.09 43.79
CA ASN J 333 40.36 101.08 42.73
C ASN J 333 40.89 100.54 41.42
N PRO J 334 40.01 100.37 40.42
CA PRO J 334 40.40 99.84 39.11
C PRO J 334 41.49 100.64 38.40
N PHE J 335 41.61 101.92 38.72
CA PHE J 335 42.63 102.75 38.10
C PHE J 335 44.01 102.58 38.70
N ASP J 336 44.10 101.82 39.79
CA ASP J 336 45.38 101.56 40.45
C ASP J 336 46.05 100.36 39.81
N SER J 337 47.33 100.50 39.46
CA SER J 337 48.09 99.45 38.81
C SER J 337 48.13 98.10 39.54
N LYS J 338 48.09 98.15 40.86
CA LYS J 338 48.13 96.94 41.68
C LYS J 338 46.80 96.18 41.77
N THR J 339 45.70 96.86 41.44
CA THR J 339 44.38 96.23 41.49
C THR J 339 44.23 95.10 40.47
N GLU J 340 43.83 93.94 40.97
CA GLU J 340 43.61 92.76 40.15
C GLU J 340 42.11 92.59 39.90
N GLN J 341 41.30 92.98 40.88
CA GLN J 341 39.86 92.86 40.79
C GLN J 341 39.13 94.15 41.15
N GLY J 342 38.29 94.62 40.24
CA GLY J 342 37.54 95.84 40.47
C GLY J 342 36.17 95.50 41.03
N PRO J 343 35.22 96.43 40.98
CA PRO J 343 33.88 96.19 41.50
C PRO J 343 33.01 95.44 40.48
N GLN J 344 31.83 95.02 40.90
CA GLN J 344 30.89 94.34 40.01
C GLN J 344 30.19 95.45 39.24
N VAL J 345 29.65 95.13 38.07
CA VAL J 345 29.01 96.14 37.23
C VAL J 345 28.01 97.08 37.88
N ASP J 346 27.07 96.56 38.67
CA ASP J 346 26.06 97.39 39.32
C ASP J 346 25.54 96.80 40.63
N GLU J 347 24.62 97.53 41.26
CA GLU J 347 24.04 97.09 42.53
C GLU J 347 23.25 95.79 42.40
N THR J 348 22.47 95.68 41.33
CA THR J 348 21.66 94.49 41.08
C THR J 348 22.51 93.22 41.09
N GLN J 349 23.63 93.25 40.36
CA GLN J 349 24.54 92.12 40.32
C GLN J 349 25.24 91.91 41.66
N PHE J 350 25.57 93.01 42.31
CA PHE J 350 26.23 92.99 43.62
C PHE J 350 25.42 92.16 44.61
N LYS J 351 24.13 92.43 44.64
CA LYS J 351 23.18 91.76 45.51
C LYS J 351 22.97 90.30 45.11
N LYS J 352 22.75 90.07 43.81
CA LYS J 352 22.53 88.73 43.27
C LYS J 352 23.68 87.80 43.64
N ILE J 353 24.91 88.32 43.60
CA ILE J 353 26.09 87.53 43.95
C ILE J 353 26.12 87.23 45.44
N LEU J 354 25.85 88.25 46.27
CA LEU J 354 25.82 88.07 47.71
C LEU J 354 24.77 87.02 48.08
N GLY J 355 23.68 87.01 47.30
CA GLY J 355 22.61 86.06 47.51
C GLY J 355 23.10 84.64 47.26
N TYR J 356 23.82 84.44 46.15
CA TYR J 356 24.36 83.13 45.82
C TYR J 356 25.38 82.67 46.87
N ILE J 357 26.17 83.59 47.39
CA ILE J 357 27.18 83.26 48.40
C ILE J 357 26.44 82.71 49.61
N ASN J 358 25.37 83.40 50.00
CA ASN J 358 24.57 82.98 51.15
C ASN J 358 23.96 81.62 50.88
N THR J 359 23.38 81.46 49.69
CA THR J 359 22.76 80.20 49.29
C THR J 359 23.80 79.07 49.34
N GLY J 360 25.05 79.42 49.11
CA GLY J 360 26.11 78.43 49.13
C GLY J 360 26.38 77.90 50.52
N LYS J 361 26.46 78.81 51.49
CA LYS J 361 26.71 78.43 52.89
C LYS J 361 25.55 77.61 53.44
N GLN J 362 24.34 78.00 53.05
CA GLN J 362 23.10 77.36 53.46
C GLN J 362 22.99 75.90 53.00
N GLU J 363 23.47 75.61 51.79
CA GLU J 363 23.40 74.27 51.21
C GLU J 363 24.45 73.27 51.67
N GLY J 364 25.42 73.72 52.44
CA GLY J 364 26.44 72.80 52.92
C GLY J 364 27.80 72.93 52.30
N ALA J 365 27.97 73.88 51.38
CA ALA J 365 29.26 74.09 50.74
C ALA J 365 30.22 74.71 51.78
N LYS J 366 31.46 74.24 51.79
CA LYS J 366 32.48 74.72 52.73
C LYS J 366 33.13 76.04 52.33
N LEU J 367 32.80 77.12 53.04
CA LEU J 367 33.36 78.44 52.76
C LEU J 367 34.83 78.49 53.18
N LEU J 368 35.72 78.56 52.19
CA LEU J 368 37.15 78.57 52.44
C LEU J 368 37.77 79.95 52.61
N CYS J 369 37.14 80.99 52.06
CA CYS J 369 37.63 82.37 52.17
C CYS J 369 36.66 83.38 51.59
N GLY J 370 36.80 84.63 52.02
CA GLY J 370 35.92 85.68 51.54
C GLY J 370 34.48 85.45 51.94
N GLY J 371 33.55 85.78 51.05
CA GLY J 371 32.15 85.59 51.34
C GLY J 371 31.38 86.84 51.72
N GLY J 372 32.07 87.98 51.74
CA GLY J 372 31.40 89.22 52.11
C GLY J 372 31.82 90.44 51.30
N ILE J 373 31.29 91.60 51.68
CA ILE J 373 31.61 92.86 51.01
C ILE J 373 33.07 93.21 51.25
N ALA J 374 33.76 93.70 50.22
CA ALA J 374 35.17 94.05 50.33
C ALA J 374 35.45 95.53 50.57
N ALA J 375 34.40 96.35 50.51
CA ALA J 375 34.52 97.78 50.73
C ALA J 375 33.16 98.43 50.94
N ASP J 376 33.14 99.53 51.69
CA ASP J 376 31.92 100.28 52.00
C ASP J 376 31.38 101.01 50.78
N ARG J 377 32.31 101.51 49.96
CA ARG J 377 31.99 102.25 48.76
C ARG J 377 32.18 101.40 47.50
N GLY J 378 31.22 101.49 46.59
CA GLY J 378 31.30 100.71 45.37
C GLY J 378 30.78 99.30 45.56
N TYR J 379 30.65 98.56 44.47
CA TYR J 379 30.13 97.19 44.53
C TYR J 379 31.25 96.14 44.55
N PHE J 380 32.14 96.25 45.54
CA PHE J 380 33.26 95.33 45.70
C PHE J 380 32.90 94.09 46.50
N ILE J 381 33.33 92.92 46.03
CA ILE J 381 33.05 91.67 46.71
C ILE J 381 34.37 90.92 46.89
N GLN J 382 34.53 90.26 48.03
CA GLN J 382 35.75 89.54 48.31
C GLN J 382 35.87 88.28 47.49
N PRO J 383 37.09 87.92 47.08
CA PRO J 383 37.34 86.71 46.29
C PRO J 383 36.87 85.54 47.14
N THR J 384 35.76 84.91 46.75
CA THR J 384 35.19 83.80 47.50
C THR J 384 35.45 82.44 46.88
N VAL J 385 35.77 81.46 47.73
CA VAL J 385 36.03 80.10 47.28
C VAL J 385 35.27 79.07 48.13
N PHE J 386 34.52 78.20 47.46
CA PHE J 386 33.75 77.16 48.12
C PHE J 386 34.36 75.78 47.85
N GLY J 387 34.57 75.00 48.90
CA GLY J 387 35.13 73.68 48.76
C GLY J 387 34.09 72.59 48.92
N ASP J 388 34.43 71.38 48.49
CA ASP J 388 33.54 70.22 48.56
C ASP J 388 32.13 70.45 48.02
N VAL J 389 32.05 71.16 46.90
CA VAL J 389 30.77 71.46 46.26
C VAL J 389 30.22 70.19 45.61
N GLN J 390 28.90 70.07 45.61
CA GLN J 390 28.23 68.90 45.03
C GLN J 390 27.40 69.32 43.82
N ASP J 391 27.23 68.40 42.86
CA ASP J 391 26.47 68.65 41.63
C ASP J 391 25.06 69.15 41.86
N GLY J 392 24.47 68.71 42.98
CA GLY J 392 23.11 69.11 43.32
C GLY J 392 22.92 70.50 43.89
N MET J 393 23.99 71.09 44.42
CA MET J 393 23.93 72.44 44.99
C MET J 393 23.61 73.52 43.96
N THR J 394 22.92 74.57 44.39
CA THR J 394 22.55 75.68 43.51
C THR J 394 23.77 76.40 42.95
N ILE J 395 24.76 76.63 43.80
CA ILE J 395 25.98 77.32 43.36
C ILE J 395 26.77 76.48 42.33
N ALA J 396 26.34 75.23 42.15
CA ALA J 396 26.97 74.31 41.20
C ALA J 396 26.11 74.14 39.95
N LYS J 397 24.96 74.82 39.90
CA LYS J 397 24.07 74.73 38.75
C LYS J 397 23.78 76.06 38.09
N GLU J 398 23.61 77.10 38.92
CA GLU J 398 23.31 78.44 38.42
C GLU J 398 24.51 79.34 38.25
N GLU J 399 24.51 80.06 37.14
CA GLU J 399 25.59 80.98 36.82
C GLU J 399 25.59 82.20 37.75
N ILE J 400 26.60 82.26 38.61
CA ILE J 400 26.73 83.35 39.58
C ILE J 400 27.19 84.67 38.93
N PHE J 401 28.17 84.59 38.02
CA PHE J 401 28.71 85.74 37.32
C PHE J 401 29.40 86.70 38.29
N GLY J 402 30.09 86.12 39.27
CA GLY J 402 30.79 86.88 40.29
C GLY J 402 32.05 86.15 40.72
N PRO J 403 32.90 86.78 41.57
CA PRO J 403 34.15 86.22 42.07
C PRO J 403 33.95 85.11 43.07
N VAL J 404 33.17 84.11 42.69
CA VAL J 404 32.85 82.98 43.56
C VAL J 404 33.27 81.66 42.93
N MET J 405 34.32 81.05 43.48
CA MET J 405 34.83 79.81 42.95
C MET J 405 34.23 78.56 43.60
N GLN J 406 33.91 77.57 42.77
CA GLN J 406 33.38 76.32 43.28
C GLN J 406 34.35 75.21 42.92
N ILE J 407 34.86 74.51 43.93
CA ILE J 407 35.79 73.42 43.71
C ILE J 407 35.16 72.08 44.07
N LEU J 408 35.03 71.21 43.07
CA LEU J 408 34.43 69.88 43.26
C LEU J 408 35.50 68.81 43.16
N LYS J 409 35.23 67.65 43.74
CA LYS J 409 36.17 66.55 43.72
C LYS J 409 35.62 65.41 42.87
N PHE J 410 36.52 64.68 42.22
CA PHE J 410 36.13 63.55 41.40
C PHE J 410 37.23 62.49 41.45
N LYS J 411 36.88 61.26 41.05
CA LYS J 411 37.84 60.16 41.07
C LYS J 411 38.32 59.71 39.70
N THR J 412 37.40 59.29 38.82
CA THR J 412 37.80 58.82 37.49
C THR J 412 37.48 59.79 36.35
N ILE J 413 38.16 59.55 35.21
CA ILE J 413 37.99 60.39 34.03
C ILE J 413 36.60 60.16 33.44
N GLU J 414 36.12 58.92 33.52
CA GLU J 414 34.79 58.58 32.98
C GLU J 414 33.71 59.27 33.80
N GLU J 415 33.98 59.39 35.09
CA GLU J 415 33.07 60.04 36.03
C GLU J 415 32.93 61.51 35.73
N VAL J 416 34.05 62.21 35.67
CA VAL J 416 34.04 63.64 35.43
C VAL J 416 33.38 64.05 34.11
N VAL J 417 33.52 63.21 33.08
CA VAL J 417 32.91 63.48 31.77
C VAL J 417 31.40 63.63 31.97
N GLY J 418 30.81 62.63 32.60
CA GLY J 418 29.38 62.64 32.85
C GLY J 418 28.93 63.81 33.70
N ARG J 419 29.69 64.13 34.73
CA ARG J 419 29.34 65.24 35.62
C ARG J 419 29.50 66.59 34.93
N ALA J 420 30.57 66.74 34.15
CA ALA J 420 30.83 68.00 33.44
C ALA J 420 29.75 68.23 32.39
N ASN J 421 29.37 67.16 31.71
CA ASN J 421 28.35 67.22 30.68
C ASN J 421 26.93 67.38 31.22
N ASN J 422 26.71 66.92 32.45
CA ASN J 422 25.39 67.03 33.08
C ASN J 422 25.10 68.48 33.46
N SER J 423 24.65 69.24 32.47
CA SER J 423 24.34 70.66 32.64
C SER J 423 23.52 71.11 31.45
N THR J 424 22.76 72.17 31.66
CA THR J 424 21.90 72.79 30.65
C THR J 424 22.77 73.65 29.73
N TYR J 425 23.97 73.99 30.23
CA TYR J 425 24.92 74.82 29.48
C TYR J 425 26.02 73.99 28.80
N GLY J 426 26.71 74.62 27.87
CA GLY J 426 27.79 73.94 27.16
C GLY J 426 28.57 74.95 26.34
N LEU J 427 28.85 76.10 26.94
CA LEU J 427 29.57 77.16 26.27
C LEU J 427 31.05 76.86 26.15
N ALA J 428 31.65 76.45 27.26
CA ALA J 428 33.07 76.13 27.26
C ALA J 428 33.45 75.08 28.29
N ALA J 429 34.70 74.63 28.23
CA ALA J 429 35.22 73.62 29.13
C ALA J 429 36.75 73.61 29.01
N ALA J 430 37.42 73.03 30.01
CA ALA J 430 38.88 72.96 29.97
C ALA J 430 39.41 71.73 30.67
N VAL J 431 40.57 71.29 30.22
CA VAL J 431 41.21 70.12 30.79
C VAL J 431 42.69 70.42 31.03
N PHE J 432 43.18 70.07 32.22
CA PHE J 432 44.59 70.25 32.54
C PHE J 432 45.20 68.87 32.79
N THR J 433 46.12 68.49 31.92
CA THR J 433 46.78 67.21 32.00
C THR J 433 48.01 67.21 31.12
N LYS J 434 48.91 66.28 31.37
CA LYS J 434 50.14 66.16 30.59
C LYS J 434 50.03 64.98 29.64
N ASP J 435 49.00 64.15 29.85
CA ASP J 435 48.78 62.97 29.02
C ASP J 435 48.01 63.22 27.75
N LEU J 436 48.59 62.80 26.63
CA LEU J 436 48.00 62.96 25.29
C LEU J 436 46.64 62.28 25.18
N ASP J 437 46.56 61.00 25.53
CA ASP J 437 45.29 60.27 25.44
C ASP J 437 44.17 60.84 26.33
N LYS J 438 44.53 61.35 27.50
CA LYS J 438 43.53 61.94 28.39
C LYS J 438 42.99 63.27 27.81
N ALA J 439 43.89 64.07 27.26
CA ALA J 439 43.51 65.34 26.67
C ALA J 439 42.59 65.11 25.46
N ASN J 440 42.95 64.17 24.59
CA ASN J 440 42.14 63.86 23.41
C ASN J 440 40.82 63.21 23.75
N TYR J 441 40.82 62.36 24.79
CA TYR J 441 39.59 61.71 25.21
C TYR J 441 38.61 62.76 25.73
N LEU J 442 39.09 63.64 26.61
CA LEU J 442 38.24 64.67 27.18
C LEU J 442 37.77 65.74 26.20
N SER J 443 38.69 66.25 25.38
CA SER J 443 38.33 67.29 24.42
C SER J 443 37.22 66.80 23.49
N GLN J 444 37.18 65.49 23.24
CA GLN J 444 36.16 64.93 22.37
C GLN J 444 34.85 64.62 23.12
N ALA J 445 34.98 64.13 24.35
CA ALA J 445 33.83 63.75 25.17
C ALA J 445 33.04 64.92 25.76
N LEU J 446 33.73 66.00 26.11
CA LEU J 446 33.09 67.18 26.69
C LEU J 446 32.17 67.87 25.69
N GLN J 447 30.94 68.12 26.12
CA GLN J 447 29.98 68.77 25.26
C GLN J 447 30.01 70.27 25.48
N ALA J 448 30.95 70.92 24.83
CA ALA J 448 31.09 72.36 24.95
C ALA J 448 31.56 72.91 23.61
N GLY J 449 31.16 74.14 23.33
CA GLY J 449 31.55 74.78 22.08
C GLY J 449 33.04 75.00 21.96
N THR J 450 33.70 75.15 23.10
CA THR J 450 35.13 75.39 23.14
C THR J 450 35.76 74.60 24.27
N VAL J 451 36.74 73.80 23.94
CA VAL J 451 37.45 72.99 24.94
C VAL J 451 38.93 73.39 24.98
N TRP J 452 39.36 73.97 26.09
CA TRP J 452 40.74 74.40 26.27
C TRP J 452 41.57 73.30 26.93
N VAL J 453 42.81 73.14 26.49
CA VAL J 453 43.68 72.15 27.09
C VAL J 453 44.91 72.86 27.64
N ASN J 454 45.08 72.76 28.95
CA ASN J 454 46.19 73.38 29.65
C ASN J 454 46.19 74.89 29.48
N CYS J 455 45.01 75.48 29.41
CA CYS J 455 44.86 76.93 29.25
C CYS J 455 43.41 77.28 29.46
N TYR J 456 43.07 78.56 29.41
CA TYR J 456 41.71 78.99 29.61
C TYR J 456 41.51 80.39 29.06
N ASP J 457 40.30 80.67 28.61
CA ASP J 457 39.98 81.98 28.05
C ASP J 457 40.92 82.42 26.94
N VAL J 458 41.31 81.46 26.10
CA VAL J 458 42.20 81.73 24.98
C VAL J 458 41.34 81.96 23.73
N PHE J 459 40.99 83.23 23.49
CA PHE J 459 40.17 83.60 22.35
C PHE J 459 41.03 84.17 21.26
N GLY J 460 40.77 83.74 20.05
CA GLY J 460 41.50 84.27 18.93
C GLY J 460 40.43 84.87 18.06
N ALA J 461 40.70 86.00 17.44
CA ALA J 461 39.72 86.60 16.54
C ALA J 461 39.44 85.57 15.43
N GLN J 462 40.42 84.69 15.22
CA GLN J 462 40.39 83.62 14.21
C GLN J 462 39.58 82.36 14.58
N SER J 463 39.44 82.08 15.87
CA SER J 463 38.72 80.89 16.32
C SER J 463 37.26 81.14 16.69
N PRO J 464 36.36 80.26 16.23
CA PRO J 464 34.92 80.37 16.50
C PRO J 464 34.57 80.19 17.98
N PHE J 465 33.55 80.90 18.42
CA PHE J 465 33.11 80.85 19.81
C PHE J 465 31.60 80.81 19.90
N GLY J 466 31.09 79.73 20.48
CA GLY J 466 29.65 79.58 20.62
C GLY J 466 29.37 78.42 21.56
N GLY J 467 28.08 78.16 21.81
CA GLY J 467 27.73 77.09 22.71
C GLY J 467 26.79 76.01 22.23
N TYR J 468 26.75 74.93 22.99
CA TYR J 468 25.89 73.79 22.73
C TYR J 468 24.69 73.92 23.66
N LYS J 469 23.65 73.14 23.40
CA LYS J 469 22.45 73.14 24.20
C LYS J 469 21.86 74.54 24.46
N MET J 470 21.54 74.81 25.72
CA MET J 470 20.96 76.09 26.12
C MET J 470 21.95 77.24 26.33
N SER J 471 23.12 77.12 25.72
CA SER J 471 24.15 78.16 25.79
C SER J 471 24.04 78.99 24.52
N GLY J 472 23.10 78.61 23.67
CA GLY J 472 22.86 79.31 22.42
C GLY J 472 23.09 78.52 21.15
N SER J 473 22.85 79.20 20.02
CA SER J 473 23.03 78.63 18.69
C SER J 473 23.89 79.61 17.89
N GLY J 474 24.53 79.12 16.84
CA GLY J 474 25.38 79.95 16.01
C GLY J 474 26.74 80.21 16.64
N ARG J 475 27.69 80.69 15.83
CA ARG J 475 29.05 80.98 16.31
C ARG J 475 29.49 82.40 15.99
N GLU J 476 30.53 82.85 16.71
CA GLU J 476 31.13 84.16 16.51
C GLU J 476 32.63 83.99 16.37
N LEU J 477 33.29 84.97 15.77
CA LEU J 477 34.73 84.91 15.52
C LEU J 477 35.10 83.85 14.46
N GLY J 478 36.21 84.06 13.75
CA GLY J 478 36.63 83.15 12.73
C GLY J 478 35.75 83.22 11.50
N GLU J 479 35.95 82.30 10.57
CA GLU J 479 35.18 82.25 9.34
C GLU J 479 33.70 81.91 9.61
N TYR J 480 33.44 81.18 10.70
CA TYR J 480 32.09 80.79 11.06
C TYR J 480 31.20 81.98 11.43
N GLY J 481 31.83 83.04 11.92
CA GLY J 481 31.07 84.23 12.29
C GLY J 481 30.41 84.88 11.09
N LEU J 482 30.98 84.64 9.92
CA LEU J 482 30.48 85.20 8.68
C LEU J 482 29.21 84.50 8.17
N GLN J 483 29.07 83.22 8.47
CA GLN J 483 27.90 82.45 8.02
C GLN J 483 26.60 83.05 8.51
N ALA J 484 26.57 83.45 9.78
CA ALA J 484 25.38 84.03 10.38
C ALA J 484 24.95 85.35 9.74
N TYR J 485 25.87 86.06 9.11
CA TYR J 485 25.55 87.34 8.50
C TYR J 485 25.48 87.27 6.98
N THR J 486 25.18 86.09 6.45
CA THR J 486 25.11 85.92 5.02
C THR J 486 23.94 85.09 4.54
N LYS J 487 23.39 85.49 3.40
CA LYS J 487 22.28 84.78 2.73
C LYS J 487 22.90 84.13 1.50
N VAL J 488 22.50 82.90 1.22
CA VAL J 488 23.02 82.23 0.03
C VAL J 488 22.03 82.30 -1.13
N LYS J 489 22.42 82.95 -2.22
CA LYS J 489 21.58 83.04 -3.40
C LYS J 489 22.21 82.13 -4.42
N THR J 490 21.36 81.30 -5.03
CA THR J 490 21.79 80.36 -6.05
C THR J 490 21.28 80.83 -7.39
N VAL J 491 22.16 80.95 -8.37
CA VAL J 491 21.76 81.35 -9.72
C VAL J 491 22.11 80.19 -10.66
N THR J 492 21.10 79.58 -11.26
CA THR J 492 21.29 78.46 -12.18
C THR J 492 20.91 78.93 -13.58
N VAL J 493 21.88 78.96 -14.47
CA VAL J 493 21.66 79.44 -15.84
C VAL J 493 21.78 78.33 -16.88
N LYS J 494 20.86 78.33 -17.85
CA LYS J 494 20.86 77.34 -18.92
C LYS J 494 21.94 77.72 -19.91
N VAL J 495 22.82 76.76 -20.22
CA VAL J 495 23.90 76.99 -21.17
C VAL J 495 23.77 76.07 -22.39
N PRO J 496 24.38 76.45 -23.54
CA PRO J 496 24.32 75.65 -24.77
C PRO J 496 24.74 74.18 -24.64
N GLN J 497 25.94 73.95 -24.11
CA GLN J 497 26.43 72.58 -23.91
C GLN J 497 27.50 72.52 -22.83
N LYS J 498 27.17 71.88 -21.72
CA LYS J 498 28.10 71.77 -20.61
C LYS J 498 29.22 70.79 -20.86
N ASN J 499 30.42 71.21 -20.51
CA ASN J 499 31.61 70.38 -20.64
C ASN J 499 32.42 70.58 -19.37
N SER J 500 33.09 69.51 -18.94
CA SER J 500 33.90 69.56 -17.74
C SER J 500 34.96 70.66 -17.81
N ALA K 7 38.73 35.62 8.29
CA ALA K 7 37.53 35.73 7.40
C ALA K 7 37.98 36.01 5.97
N VAL K 8 38.92 35.20 5.50
CA VAL K 8 39.45 35.34 4.15
C VAL K 8 39.18 34.08 3.34
N PRO K 9 38.51 34.22 2.19
CA PRO K 9 38.20 33.06 1.33
C PRO K 9 39.44 32.37 0.78
N ALA K 10 39.30 31.07 0.49
CA ALA K 10 40.40 30.27 -0.05
C ALA K 10 40.84 30.80 -1.41
N PRO K 11 42.14 31.08 -1.56
CA PRO K 11 42.70 31.60 -2.81
C PRO K 11 43.02 30.53 -3.85
N ASN K 12 43.06 30.97 -5.10
CA ASN K 12 43.42 30.11 -6.22
C ASN K 12 44.91 30.42 -6.34
N GLN K 13 45.74 29.54 -5.79
CA GLN K 13 47.19 29.72 -5.80
C GLN K 13 47.82 29.79 -7.17
N GLN K 14 46.99 29.58 -8.19
CA GLN K 14 47.44 29.66 -9.57
C GLN K 14 46.36 30.30 -10.40
N PRO K 15 46.10 31.60 -10.17
CA PRO K 15 45.06 32.32 -10.91
C PRO K 15 45.41 32.41 -12.39
N GLU K 16 44.37 32.35 -13.22
CA GLU K 16 44.56 32.44 -14.66
C GLU K 16 44.74 33.89 -15.07
N VAL K 17 45.52 34.13 -16.10
CA VAL K 17 45.73 35.48 -16.59
C VAL K 17 44.92 35.69 -17.86
N PHE K 18 44.02 36.68 -17.83
CA PHE K 18 43.15 36.97 -18.97
C PHE K 18 43.61 38.20 -19.73
N CYS K 19 44.34 39.09 -19.08
CA CYS K 19 44.80 40.31 -19.73
C CYS K 19 46.32 40.43 -19.66
N ASN K 20 46.95 40.59 -20.82
CA ASN K 20 48.40 40.70 -20.89
C ASN K 20 48.84 41.51 -22.10
N GLN K 21 47.94 42.37 -22.57
CA GLN K 21 48.24 43.21 -23.72
C GLN K 21 48.15 44.71 -23.39
N ILE K 22 48.25 45.54 -24.41
CA ILE K 22 48.18 46.97 -24.29
C ILE K 22 46.70 47.38 -24.35
N PHE K 23 46.29 48.24 -23.42
CA PHE K 23 44.90 48.67 -23.35
C PHE K 23 44.74 50.08 -23.87
N ILE K 24 44.11 50.22 -25.03
CA ILE K 24 43.86 51.52 -25.65
C ILE K 24 42.44 51.54 -26.23
N ASN K 25 41.67 52.59 -25.91
CA ASN K 25 40.29 52.73 -26.38
C ASN K 25 39.44 51.53 -26.05
N ASN K 26 39.61 50.99 -24.84
CA ASN K 26 38.85 49.83 -24.37
C ASN K 26 39.08 48.55 -25.19
N GLU K 27 40.21 48.47 -25.88
CA GLU K 27 40.53 47.30 -26.70
C GLU K 27 41.92 46.80 -26.39
N TRP K 28 42.11 45.50 -26.53
CA TRP K 28 43.40 44.89 -26.28
C TRP K 28 44.21 44.78 -27.56
N HIS K 29 45.43 45.31 -27.52
CA HIS K 29 46.33 45.31 -28.67
C HIS K 29 47.71 44.77 -28.30
N ASP K 30 48.41 44.21 -29.28
CA ASP K 30 49.77 43.74 -29.06
C ASP K 30 50.63 44.98 -29.33
N ALA K 31 51.87 44.96 -28.86
CA ALA K 31 52.77 46.09 -29.09
C ALA K 31 52.98 46.22 -30.61
N VAL K 32 53.23 47.44 -31.06
CA VAL K 32 53.46 47.68 -32.48
C VAL K 32 54.62 46.80 -32.94
N SER K 33 55.60 46.66 -32.06
CA SER K 33 56.80 45.85 -32.33
C SER K 33 56.55 44.35 -32.22
N ARG K 34 55.41 43.96 -31.66
CA ARG K 34 55.02 42.55 -31.48
C ARG K 34 55.82 41.89 -30.36
N LYS K 35 56.71 42.66 -29.75
CA LYS K 35 57.54 42.16 -28.66
C LYS K 35 56.76 41.96 -27.37
N THR K 36 57.26 41.06 -26.53
CA THR K 36 56.65 40.75 -25.25
C THR K 36 57.75 40.49 -24.24
N PHE K 37 57.47 40.78 -22.98
CA PHE K 37 58.44 40.53 -21.91
C PHE K 37 57.79 39.64 -20.87
N PRO K 38 58.59 38.80 -20.20
CA PRO K 38 58.04 37.90 -19.18
C PRO K 38 57.86 38.58 -17.82
N THR K 39 56.85 38.13 -17.08
CA THR K 39 56.61 38.65 -15.74
C THR K 39 56.85 37.43 -14.82
N VAL K 40 57.68 37.63 -13.80
CA VAL K 40 58.03 36.55 -12.89
C VAL K 40 57.26 36.47 -11.58
N ASN K 41 57.10 35.24 -11.09
CA ASN K 41 56.45 34.97 -9.81
C ASN K 41 57.64 34.99 -8.85
N PRO K 42 57.81 36.07 -8.09
CA PRO K 42 58.93 36.18 -7.15
C PRO K 42 59.03 35.08 -6.09
N SER K 43 57.98 34.30 -5.90
CA SER K 43 58.00 33.24 -4.90
C SER K 43 58.67 31.95 -5.39
N THR K 44 58.69 31.76 -6.71
CA THR K 44 59.27 30.57 -7.32
C THR K 44 60.35 30.90 -8.36
N GLY K 45 60.37 32.15 -8.81
CA GLY K 45 61.35 32.55 -9.79
C GLY K 45 60.93 32.15 -11.19
N GLU K 46 59.73 31.60 -11.32
CA GLU K 46 59.22 31.17 -12.62
C GLU K 46 58.41 32.21 -13.36
N VAL K 47 58.39 32.10 -14.68
CA VAL K 47 57.65 33.02 -15.53
C VAL K 47 56.16 32.71 -15.41
N ILE K 48 55.36 33.74 -15.12
CA ILE K 48 53.92 33.58 -15.00
C ILE K 48 53.34 33.55 -16.42
N CYS K 49 53.74 34.52 -17.23
CA CYS K 49 53.29 34.61 -18.61
C CYS K 49 54.00 35.74 -19.31
N GLN K 50 53.72 35.88 -20.61
CA GLN K 50 54.31 36.91 -21.42
C GLN K 50 53.35 38.11 -21.42
N VAL K 51 53.89 39.31 -21.54
CA VAL K 51 53.08 40.54 -21.55
C VAL K 51 53.60 41.46 -22.65
N ALA K 52 52.70 42.10 -23.38
CA ALA K 52 53.08 43.02 -24.45
C ALA K 52 54.04 44.10 -23.98
N GLU K 53 55.13 44.29 -24.71
CA GLU K 53 56.13 45.29 -24.34
C GLU K 53 55.91 46.60 -25.09
N GLY K 54 55.17 47.50 -24.45
CA GLY K 54 54.89 48.79 -25.06
C GLY K 54 56.11 49.68 -25.15
N ASP K 55 56.14 50.53 -26.17
CA ASP K 55 57.25 51.44 -26.40
C ASP K 55 56.68 52.77 -26.87
N LYS K 56 57.54 53.66 -27.33
CA LYS K 56 57.15 54.99 -27.79
C LYS K 56 55.95 55.03 -28.73
N GLU K 57 55.92 54.13 -29.70
CA GLU K 57 54.82 54.08 -30.67
C GLU K 57 53.48 53.69 -30.05
N ASP K 58 53.53 52.86 -29.02
CA ASP K 58 52.32 52.43 -28.32
C ASP K 58 51.80 53.56 -27.44
N VAL K 59 52.72 54.25 -26.80
CA VAL K 59 52.37 55.38 -25.93
C VAL K 59 51.76 56.47 -26.82
N ASP K 60 52.29 56.63 -28.03
CA ASP K 60 51.78 57.63 -28.95
C ASP K 60 50.33 57.33 -29.32
N LYS K 61 50.01 56.05 -29.52
CA LYS K 61 48.66 55.63 -29.87
C LYS K 61 47.72 55.85 -28.67
N ALA K 62 48.25 55.60 -27.48
CA ALA K 62 47.50 55.76 -26.25
C ALA K 62 47.13 57.22 -26.02
N VAL K 63 48.12 58.10 -26.11
CA VAL K 63 47.90 59.52 -25.93
C VAL K 63 46.89 60.07 -26.92
N LYS K 64 46.96 59.63 -28.18
CA LYS K 64 46.03 60.11 -29.20
C LYS K 64 44.61 59.70 -28.86
N ALA K 65 44.44 58.49 -28.33
CA ALA K 65 43.13 57.99 -27.93
C ALA K 65 42.62 58.82 -26.76
N ALA K 66 43.51 59.08 -25.79
CA ALA K 66 43.15 59.86 -24.61
C ALA K 66 42.74 61.28 -25.03
N ARG K 67 43.52 61.89 -25.92
CA ARG K 67 43.24 63.24 -26.41
C ARG K 67 41.87 63.31 -27.13
N ALA K 68 41.56 62.27 -27.89
CA ALA K 68 40.29 62.19 -28.59
C ALA K 68 39.15 62.12 -27.59
N ALA K 69 39.29 61.27 -26.57
CA ALA K 69 38.26 61.11 -25.56
C ALA K 69 38.08 62.37 -24.73
N PHE K 70 39.07 63.24 -24.76
CA PHE K 70 39.03 64.49 -24.00
C PHE K 70 38.55 65.70 -24.81
N GLN K 71 38.28 65.51 -26.10
CA GLN K 71 37.81 66.61 -26.93
C GLN K 71 36.47 67.20 -26.49
N LEU K 72 36.36 68.52 -26.60
CA LEU K 72 35.16 69.23 -26.22
C LEU K 72 33.98 68.60 -26.94
N GLY K 73 32.93 68.24 -26.20
CA GLY K 73 31.76 67.64 -26.79
C GLY K 73 31.72 66.12 -26.74
N SER K 74 32.82 65.51 -26.33
CA SER K 74 32.90 64.05 -26.21
C SER K 74 32.03 63.53 -25.07
N PRO K 75 31.75 62.22 -25.05
CA PRO K 75 30.92 61.66 -23.98
C PRO K 75 31.52 61.91 -22.59
N TRP K 76 32.84 61.80 -22.46
CA TRP K 76 33.53 62.01 -21.18
C TRP K 76 33.51 63.46 -20.71
N ARG K 77 33.61 64.39 -21.66
CA ARG K 77 33.58 65.81 -21.32
C ARG K 77 32.18 66.35 -21.02
N ARG K 78 31.17 65.78 -21.68
CA ARG K 78 29.79 66.23 -21.50
C ARG K 78 29.12 65.57 -20.32
N MET K 79 29.60 64.39 -19.98
CA MET K 79 29.06 63.60 -18.88
C MET K 79 28.91 64.40 -17.58
N ASP K 80 27.80 64.18 -16.87
CA ASP K 80 27.57 64.87 -15.59
C ASP K 80 28.63 64.45 -14.60
N ALA K 81 29.10 65.38 -13.78
CA ALA K 81 30.12 65.07 -12.80
C ALA K 81 29.65 63.94 -11.89
N SER K 82 28.37 63.97 -11.52
CA SER K 82 27.82 62.95 -10.64
C SER K 82 27.88 61.57 -11.30
N HIS K 83 27.87 61.57 -12.64
CA HIS K 83 27.90 60.32 -13.36
C HIS K 83 29.30 59.72 -13.36
N ARG K 84 30.31 60.59 -13.29
CA ARG K 84 31.69 60.11 -13.22
C ARG K 84 31.81 59.39 -11.89
N GLY K 85 31.08 59.90 -10.89
CA GLY K 85 31.08 59.28 -9.59
C GLY K 85 30.41 57.92 -9.65
N ARG K 86 29.33 57.83 -10.43
CA ARG K 86 28.61 56.57 -10.58
C ARG K 86 29.52 55.52 -11.19
N LEU K 87 30.29 55.94 -12.18
CA LEU K 87 31.20 55.06 -12.89
C LEU K 87 32.30 54.50 -11.98
N LEU K 88 32.86 55.37 -11.16
CA LEU K 88 33.90 55.01 -10.20
C LEU K 88 33.31 54.01 -9.20
N ASN K 89 32.11 54.28 -8.71
CA ASN K 89 31.44 53.38 -7.77
C ASN K 89 31.16 52.03 -8.42
N ARG K 90 30.88 52.05 -9.71
CA ARG K 90 30.60 50.84 -10.50
C ARG K 90 31.89 50.02 -10.57
N LEU K 91 32.99 50.71 -10.87
CA LEU K 91 34.33 50.08 -10.97
C LEU K 91 34.69 49.44 -9.62
N ALA K 92 34.34 50.12 -8.53
CA ALA K 92 34.60 49.61 -7.19
C ALA K 92 33.80 48.34 -6.97
N ASP K 93 32.54 48.35 -7.40
CA ASP K 93 31.68 47.18 -7.24
C ASP K 93 32.19 45.98 -8.03
N LEU K 94 32.74 46.24 -9.22
CA LEU K 94 33.30 45.19 -10.06
C LEU K 94 34.56 44.61 -9.40
N ILE K 95 35.40 45.50 -8.86
CA ILE K 95 36.61 45.07 -8.19
C ILE K 95 36.25 44.24 -6.97
N GLU K 96 35.22 44.66 -6.23
CA GLU K 96 34.81 43.89 -5.05
C GLU K 96 34.28 42.49 -5.45
N ARG K 97 33.63 42.41 -6.61
CA ARG K 97 33.10 41.15 -7.12
C ARG K 97 34.24 40.17 -7.37
N ASP K 98 35.30 40.67 -7.99
CA ASP K 98 36.45 39.85 -8.31
C ASP K 98 37.58 40.05 -7.28
N ARG K 99 37.20 40.39 -6.06
CA ARG K 99 38.19 40.63 -5.01
C ARG K 99 39.10 39.44 -4.74
N THR K 100 38.50 38.27 -4.60
CA THR K 100 39.25 37.04 -4.33
C THR K 100 40.30 36.80 -5.40
N TYR K 101 39.86 36.87 -6.64
CA TYR K 101 40.76 36.66 -7.77
C TYR K 101 41.90 37.68 -7.78
N LEU K 102 41.53 38.96 -7.80
CA LEU K 102 42.50 40.05 -7.82
C LEU K 102 43.55 39.93 -6.70
N ALA K 103 43.12 39.56 -5.50
CA ALA K 103 44.03 39.41 -4.37
C ALA K 103 45.08 38.34 -4.65
N ALA K 104 44.61 37.20 -5.17
CA ALA K 104 45.46 36.08 -5.51
C ALA K 104 46.43 36.48 -6.63
N LEU K 105 45.92 37.16 -7.65
CA LEU K 105 46.76 37.58 -8.77
C LEU K 105 47.80 38.59 -8.30
N GLU K 106 47.42 39.43 -7.34
CA GLU K 106 48.34 40.43 -6.81
C GLU K 106 49.50 39.70 -6.12
N THR K 107 49.15 38.71 -5.31
CA THR K 107 50.13 37.90 -4.61
C THR K 107 51.06 37.15 -5.57
N LEU K 108 50.48 36.54 -6.60
CA LEU K 108 51.25 35.78 -7.57
C LEU K 108 52.30 36.61 -8.27
N ASP K 109 51.92 37.83 -8.67
CA ASP K 109 52.82 38.73 -9.40
C ASP K 109 53.75 39.57 -8.54
N ASN K 110 53.27 39.98 -7.36
CA ASN K 110 54.03 40.85 -6.47
C ASN K 110 54.79 40.10 -5.39
N GLY K 111 54.15 39.11 -4.78
CA GLY K 111 54.79 38.34 -3.75
C GLY K 111 54.25 38.58 -2.35
N LYS K 112 53.50 39.66 -2.15
CA LYS K 112 52.94 39.95 -0.82
C LYS K 112 51.95 38.87 -0.41
N PRO K 113 51.84 38.58 0.91
CA PRO K 113 50.93 37.55 1.43
C PRO K 113 49.50 37.75 0.94
N TYR K 114 48.86 36.65 0.54
CA TYR K 114 47.49 36.71 0.06
C TYR K 114 46.55 37.37 1.06
N VAL K 115 46.69 37.02 2.33
CA VAL K 115 45.86 37.57 3.39
C VAL K 115 45.93 39.10 3.40
N ILE K 116 47.13 39.63 3.28
CA ILE K 116 47.33 41.08 3.28
C ILE K 116 46.76 41.68 1.99
N SER K 117 46.97 40.97 0.88
CA SER K 117 46.50 41.40 -0.43
C SER K 117 44.97 41.54 -0.44
N TYR K 118 44.30 40.62 0.25
CA TYR K 118 42.86 40.61 0.33
C TYR K 118 42.29 41.60 1.36
N LEU K 119 42.75 41.51 2.61
CA LEU K 119 42.26 42.38 3.68
C LEU K 119 42.81 43.80 3.73
N VAL K 120 43.97 44.01 3.12
CA VAL K 120 44.54 45.34 3.14
C VAL K 120 44.51 46.01 1.77
N ASP K 121 45.31 45.51 0.84
CA ASP K 121 45.40 46.06 -0.51
C ASP K 121 44.05 46.31 -1.20
N LEU K 122 43.28 45.27 -1.39
CA LEU K 122 41.99 45.42 -2.05
C LEU K 122 40.99 46.24 -1.26
N ASP K 123 41.07 46.15 0.06
CA ASP K 123 40.18 46.91 0.93
C ASP K 123 40.43 48.39 0.72
N MET K 124 41.70 48.77 0.65
CA MET K 124 42.05 50.17 0.45
C MET K 124 41.74 50.65 -0.96
N VAL K 125 41.80 49.73 -1.93
CA VAL K 125 41.51 50.04 -3.32
C VAL K 125 40.04 50.44 -3.41
N LEU K 126 39.19 49.62 -2.82
CA LEU K 126 37.76 49.86 -2.80
C LEU K 126 37.44 51.19 -2.08
N LYS K 127 38.05 51.40 -0.93
CA LYS K 127 37.84 52.61 -0.15
C LYS K 127 38.35 53.86 -0.89
N CYS K 128 39.44 53.68 -1.64
CA CYS K 128 39.98 54.79 -2.40
C CYS K 128 39.05 55.22 -3.56
N LEU K 129 38.63 54.23 -4.34
CA LEU K 129 37.75 54.48 -5.48
C LEU K 129 36.42 55.03 -5.02
N ARG K 130 35.89 54.48 -3.94
CA ARG K 130 34.61 54.93 -3.42
C ARG K 130 34.70 56.32 -2.80
N TYR K 131 35.85 56.62 -2.23
CA TYR K 131 36.08 57.93 -1.65
C TYR K 131 36.03 58.97 -2.76
N TYR K 132 36.83 58.75 -3.79
CA TYR K 132 36.89 59.68 -4.92
C TYR K 132 35.62 59.78 -5.76
N ALA K 133 34.81 58.72 -5.71
CA ALA K 133 33.55 58.72 -6.45
C ALA K 133 32.72 59.85 -5.85
N GLY K 134 32.84 60.01 -4.54
CA GLY K 134 32.11 61.04 -3.84
C GLY K 134 32.59 62.45 -4.13
N TRP K 135 33.83 62.60 -4.57
CA TRP K 135 34.39 63.91 -4.86
C TRP K 135 34.05 64.46 -6.23
N ALA K 136 33.66 63.55 -7.14
CA ALA K 136 33.36 63.93 -8.52
C ALA K 136 32.51 65.18 -8.74
N ASP K 137 31.50 65.38 -7.90
CA ASP K 137 30.63 66.53 -8.06
C ASP K 137 30.64 67.48 -6.85
N LYS K 138 31.77 67.54 -6.15
CA LYS K 138 31.85 68.40 -4.96
C LYS K 138 33.09 69.30 -4.90
N TYR K 139 33.89 69.32 -5.97
CA TYR K 139 35.06 70.18 -5.99
C TYR K 139 34.62 71.46 -6.67
N HIS K 140 34.08 72.37 -5.89
CA HIS K 140 33.58 73.64 -6.37
C HIS K 140 34.59 74.71 -6.72
N GLY K 141 34.17 75.61 -7.61
CA GLY K 141 34.99 76.75 -8.00
C GLY K 141 34.48 77.86 -7.11
N LYS K 142 34.93 79.09 -7.33
CA LYS K 142 34.48 80.19 -6.48
C LYS K 142 33.88 81.38 -7.21
N THR K 143 33.11 82.19 -6.49
CA THR K 143 32.57 83.43 -7.03
C THR K 143 33.33 84.43 -6.15
N ILE K 144 34.15 85.26 -6.78
CA ILE K 144 35.01 86.23 -6.10
C ILE K 144 34.53 87.67 -6.09
N PRO K 145 34.51 88.31 -4.91
CA PRO K 145 34.09 89.71 -4.74
C PRO K 145 35.17 90.69 -5.19
N ILE K 146 35.49 90.68 -6.49
CA ILE K 146 36.49 91.54 -7.08
C ILE K 146 36.03 93.01 -7.08
N ASP K 147 37.00 93.94 -7.11
CA ASP K 147 36.67 95.35 -7.13
C ASP K 147 36.02 95.73 -8.44
N GLY K 148 35.23 96.80 -8.44
CA GLY K 148 34.57 97.27 -9.64
C GLY K 148 33.25 96.60 -9.99
N ASP K 149 32.63 97.05 -11.07
CA ASP K 149 31.37 96.48 -11.51
C ASP K 149 31.62 95.25 -12.37
N PHE K 150 31.99 94.15 -11.71
CA PHE K 150 32.29 92.90 -12.39
C PHE K 150 31.80 91.72 -11.57
N PHE K 151 31.59 90.62 -12.26
CA PHE K 151 31.16 89.38 -11.65
C PHE K 151 32.30 88.43 -12.04
N SER K 152 33.06 88.00 -11.05
CA SER K 152 34.18 87.09 -11.31
C SER K 152 33.98 85.74 -10.62
N TYR K 153 34.32 84.69 -11.32
CA TYR K 153 34.19 83.33 -10.79
C TYR K 153 35.25 82.43 -11.37
N THR K 154 35.40 81.25 -10.78
CA THR K 154 36.40 80.33 -11.25
C THR K 154 35.78 78.97 -11.53
N ARG K 155 36.34 78.28 -12.53
CA ARG K 155 35.87 76.95 -12.90
C ARG K 155 37.06 76.04 -12.72
N HIS K 156 36.82 74.88 -12.12
CA HIS K 156 37.91 73.92 -11.95
C HIS K 156 37.75 72.93 -13.09
N GLU K 157 38.61 73.07 -14.09
CA GLU K 157 38.57 72.20 -15.26
C GLU K 157 39.62 71.11 -15.16
N PRO K 158 39.44 69.99 -15.89
CA PRO K 158 40.40 68.90 -15.87
C PRO K 158 41.70 69.39 -16.48
N VAL K 159 42.82 68.82 -16.05
CA VAL K 159 44.11 69.23 -16.57
C VAL K 159 44.29 68.73 -18.01
N GLY K 160 43.67 67.59 -18.33
CA GLY K 160 43.77 67.03 -19.67
C GLY K 160 44.28 65.61 -19.71
N VAL K 161 45.28 65.38 -20.55
CA VAL K 161 45.87 64.05 -20.68
C VAL K 161 46.92 63.87 -19.61
N CYS K 162 46.64 62.95 -18.69
CA CYS K 162 47.50 62.65 -17.56
C CYS K 162 48.31 61.38 -17.69
N GLY K 163 49.63 61.54 -17.73
CA GLY K 163 50.50 60.38 -17.80
C GLY K 163 50.73 59.90 -16.38
N GLN K 164 50.49 58.63 -16.11
CA GLN K 164 50.69 58.11 -14.77
C GLN K 164 51.59 56.89 -14.77
N ILE K 165 52.79 57.05 -14.20
CA ILE K 165 53.78 55.98 -14.12
C ILE K 165 53.81 55.50 -12.69
N ILE K 166 53.44 54.23 -12.47
CA ILE K 166 53.40 53.68 -11.12
C ILE K 166 54.38 52.53 -10.84
N PRO K 167 54.78 52.35 -9.58
CA PRO K 167 55.71 51.31 -9.10
C PRO K 167 55.11 49.93 -8.94
N TRP K 168 55.88 49.04 -8.33
CA TRP K 168 55.47 47.65 -8.14
C TRP K 168 55.14 47.20 -6.71
N ASN K 169 55.45 48.03 -5.71
CA ASN K 169 55.20 47.67 -4.31
C ASN K 169 53.74 47.48 -3.96
N PHE K 170 52.89 48.28 -4.58
CA PHE K 170 51.44 48.19 -4.37
C PHE K 170 50.77 48.40 -5.72
N PRO K 171 50.85 47.39 -6.62
CA PRO K 171 50.27 47.45 -7.98
C PRO K 171 48.85 48.01 -8.06
N LEU K 172 47.91 47.36 -7.38
CA LEU K 172 46.52 47.78 -7.38
C LEU K 172 46.24 49.12 -6.69
N LEU K 173 46.73 49.27 -5.46
CA LEU K 173 46.54 50.48 -4.68
C LEU K 173 47.13 51.71 -5.37
N MET K 174 48.30 51.56 -5.96
CA MET K 174 48.94 52.67 -6.64
C MET K 174 48.09 53.08 -7.83
N GLN K 175 47.50 52.08 -8.50
CA GLN K 175 46.64 52.32 -9.66
C GLN K 175 45.43 53.12 -9.19
N ALA K 176 44.80 52.64 -8.12
CA ALA K 176 43.66 53.29 -7.55
C ALA K 176 43.95 54.73 -7.11
N TRP K 177 45.07 54.95 -6.42
CA TRP K 177 45.44 56.29 -5.93
C TRP K 177 45.60 57.29 -7.05
N LYS K 178 45.88 56.79 -8.25
CA LYS K 178 46.06 57.63 -9.41
C LYS K 178 44.77 57.81 -10.21
N LEU K 179 44.02 56.73 -10.42
CA LEU K 179 42.76 56.78 -11.18
C LEU K 179 41.68 57.53 -10.43
N GLY K 180 41.62 57.33 -9.13
CA GLY K 180 40.62 57.99 -8.29
C GLY K 180 40.51 59.46 -8.54
N PRO K 181 41.51 60.26 -8.14
CA PRO K 181 41.48 61.70 -8.32
C PRO K 181 41.41 62.14 -9.78
N ALA K 182 42.18 61.48 -10.62
CA ALA K 182 42.22 61.85 -12.02
C ALA K 182 40.84 61.73 -12.71
N LEU K 183 40.17 60.61 -12.49
CA LEU K 183 38.87 60.38 -13.10
C LEU K 183 37.76 61.20 -12.45
N ALA K 184 37.80 61.33 -11.13
CA ALA K 184 36.77 62.10 -10.44
C ALA K 184 36.74 63.55 -10.95
N THR K 185 37.89 64.06 -11.35
CA THR K 185 38.00 65.43 -11.85
C THR K 185 37.90 65.53 -13.38
N GLY K 186 37.54 64.41 -14.02
CA GLY K 186 37.32 64.41 -15.46
C GLY K 186 38.48 64.39 -16.41
N ASN K 187 39.62 63.88 -15.96
CA ASN K 187 40.79 63.80 -16.82
C ASN K 187 40.80 62.47 -17.57
N VAL K 188 41.74 62.36 -18.50
CA VAL K 188 41.93 61.12 -19.25
C VAL K 188 43.32 60.63 -18.82
N VAL K 189 43.52 59.32 -18.85
CA VAL K 189 44.76 58.73 -18.38
C VAL K 189 45.52 57.80 -19.32
N VAL K 190 46.85 57.95 -19.31
CA VAL K 190 47.73 57.04 -20.04
C VAL K 190 48.65 56.55 -18.93
N MET K 191 48.36 55.36 -18.44
CA MET K 191 49.09 54.76 -17.34
C MET K 191 50.15 53.73 -17.73
N LYS K 192 51.33 53.86 -17.15
CA LYS K 192 52.44 52.94 -17.38
C LYS K 192 52.66 52.16 -16.09
N VAL K 193 52.31 50.88 -16.11
CA VAL K 193 52.48 50.07 -14.92
C VAL K 193 53.87 49.45 -14.88
N ALA K 194 54.32 49.09 -13.68
CA ALA K 194 55.64 48.50 -13.49
C ALA K 194 55.80 47.16 -14.20
N GLU K 195 56.95 46.97 -14.84
CA GLU K 195 57.24 45.74 -15.57
C GLU K 195 57.21 44.50 -14.69
N GLN K 196 57.44 44.68 -13.39
CA GLN K 196 57.45 43.56 -12.45
C GLN K 196 56.05 43.12 -12.05
N THR K 197 55.10 44.05 -12.09
CA THR K 197 53.73 43.74 -11.68
C THR K 197 52.64 44.37 -12.57
N PRO K 198 52.58 43.97 -13.84
CA PRO K 198 51.57 44.54 -14.75
C PRO K 198 50.22 43.84 -14.75
N LEU K 199 50.18 42.60 -14.29
CA LEU K 199 48.94 41.82 -14.33
C LEU K 199 47.65 42.39 -13.74
N THR K 200 47.60 42.65 -12.44
CA THR K 200 46.39 43.18 -11.81
C THR K 200 45.87 44.46 -12.46
N ALA K 201 46.77 45.39 -12.76
CA ALA K 201 46.37 46.64 -13.37
C ALA K 201 45.67 46.41 -14.72
N LEU K 202 46.21 45.47 -15.49
CA LEU K 202 45.65 45.14 -16.79
C LEU K 202 44.26 44.53 -16.62
N TYR K 203 44.09 43.71 -15.57
CA TYR K 203 42.78 43.10 -15.35
C TYR K 203 41.78 44.17 -14.98
N VAL K 204 42.21 45.15 -14.17
CA VAL K 204 41.35 46.25 -13.77
C VAL K 204 40.92 47.07 -15.00
N ALA K 205 41.80 47.19 -15.99
CA ALA K 205 41.46 47.92 -17.21
C ALA K 205 40.26 47.24 -17.87
N ASN K 206 40.18 45.92 -17.72
CA ASN K 206 39.07 45.16 -18.28
C ASN K 206 37.77 45.50 -17.55
N LEU K 207 37.87 45.70 -16.24
CA LEU K 207 36.72 46.06 -15.43
C LEU K 207 36.32 47.51 -15.73
N ILE K 208 37.29 48.34 -16.09
CA ILE K 208 37.03 49.75 -16.41
C ILE K 208 36.15 49.79 -17.65
N LYS K 209 36.38 48.86 -18.56
CA LYS K 209 35.60 48.75 -19.79
C LYS K 209 34.21 48.25 -19.42
N GLU K 210 34.16 47.22 -18.58
CA GLU K 210 32.89 46.65 -18.15
C GLU K 210 32.07 47.67 -17.36
N ALA K 211 32.74 48.57 -16.67
CA ALA K 211 32.08 49.60 -15.88
C ALA K 211 31.34 50.62 -16.73
N GLY K 212 31.77 50.78 -17.98
CA GLY K 212 31.11 51.72 -18.87
C GLY K 212 31.90 52.98 -19.18
N PHE K 213 33.13 53.07 -18.72
CA PHE K 213 33.94 54.25 -19.00
C PHE K 213 34.15 54.35 -20.50
N PRO K 214 33.95 55.54 -21.08
CA PRO K 214 34.12 55.76 -22.51
C PRO K 214 35.51 55.34 -22.98
N PRO K 215 35.62 54.91 -24.24
CA PRO K 215 36.90 54.49 -24.80
C PRO K 215 37.90 55.64 -24.80
N GLY K 216 39.13 55.33 -24.39
CA GLY K 216 40.18 56.34 -24.35
C GLY K 216 40.33 57.09 -23.04
N VAL K 217 39.36 56.95 -22.13
CA VAL K 217 39.45 57.65 -20.86
C VAL K 217 40.59 57.09 -20.03
N VAL K 218 40.79 55.78 -20.11
CA VAL K 218 41.86 55.09 -19.39
C VAL K 218 42.60 54.18 -20.37
N ASN K 219 43.90 54.42 -20.51
CA ASN K 219 44.75 53.65 -21.40
C ASN K 219 45.95 53.14 -20.60
N ILE K 220 46.17 51.84 -20.60
CA ILE K 220 47.28 51.26 -19.89
C ILE K 220 48.32 50.67 -20.84
N VAL K 221 49.56 51.10 -20.72
CA VAL K 221 50.65 50.62 -21.57
C VAL K 221 51.71 49.93 -20.75
N PRO K 222 51.69 48.60 -20.70
CA PRO K 222 52.70 47.88 -19.93
C PRO K 222 54.01 47.90 -20.71
N GLY K 223 55.12 47.95 -20.00
CA GLY K 223 56.41 47.98 -20.66
C GLY K 223 57.52 48.45 -19.76
N PHE K 224 58.70 48.71 -20.34
CA PHE K 224 59.86 49.17 -19.56
C PHE K 224 59.86 50.67 -19.33
N GLY K 225 60.64 51.10 -18.33
CA GLY K 225 60.72 52.50 -17.97
C GLY K 225 61.38 53.42 -18.98
N PRO K 226 62.66 53.18 -19.32
CA PRO K 226 63.40 54.02 -20.29
C PRO K 226 62.71 54.10 -21.67
N THR K 227 61.77 53.18 -21.92
CA THR K 227 61.04 53.12 -23.17
C THR K 227 59.65 53.78 -23.06
N ALA K 228 58.69 53.03 -22.53
CA ALA K 228 57.32 53.51 -22.38
C ALA K 228 57.20 54.67 -21.41
N GLY K 229 57.85 54.53 -20.24
CA GLY K 229 57.80 55.57 -19.24
C GLY K 229 58.33 56.91 -19.71
N ALA K 230 59.51 56.91 -20.31
CA ALA K 230 60.12 58.15 -20.78
C ALA K 230 59.34 58.73 -21.96
N ALA K 231 58.65 57.87 -22.70
CA ALA K 231 57.86 58.30 -23.85
C ALA K 231 56.71 59.17 -23.35
N ILE K 232 56.13 58.79 -22.22
CA ILE K 232 55.03 59.53 -21.61
C ILE K 232 55.52 60.87 -21.04
N ALA K 233 56.62 60.80 -20.28
CA ALA K 233 57.21 61.98 -19.67
C ALA K 233 57.64 63.05 -20.68
N SER K 234 58.10 62.61 -21.86
CA SER K 234 58.56 63.53 -22.90
C SER K 234 57.52 63.88 -23.96
N HIS K 235 56.37 63.23 -23.90
CA HIS K 235 55.32 63.47 -24.89
C HIS K 235 54.85 64.91 -24.95
N GLU K 236 54.74 65.43 -26.17
CA GLU K 236 54.33 66.79 -26.44
C GLU K 236 52.85 67.08 -26.16
N ASP K 237 52.04 66.02 -26.11
CA ASP K 237 50.61 66.19 -25.89
C ASP K 237 50.09 65.73 -24.53
N VAL K 238 51.00 65.36 -23.64
CA VAL K 238 50.62 64.95 -22.30
C VAL K 238 50.66 66.23 -21.45
N ASP K 239 49.53 66.57 -20.84
CA ASP K 239 49.44 67.78 -20.05
C ASP K 239 50.01 67.67 -18.64
N LYS K 240 50.05 66.46 -18.10
CA LYS K 240 50.55 66.25 -16.77
C LYS K 240 51.11 64.85 -16.60
N VAL K 241 52.19 64.73 -15.83
CA VAL K 241 52.81 63.43 -15.55
C VAL K 241 52.97 63.24 -14.05
N ALA K 242 52.36 62.18 -13.53
CA ALA K 242 52.44 61.88 -12.12
C ALA K 242 53.32 60.65 -12.00
N PHE K 243 54.42 60.77 -11.27
CA PHE K 243 55.35 59.66 -11.11
C PHE K 243 55.55 59.25 -9.66
N THR K 244 55.69 57.94 -9.44
CA THR K 244 55.93 57.39 -8.11
C THR K 244 57.01 56.31 -8.20
N GLY K 245 58.17 56.57 -7.58
CA GLY K 245 59.26 55.59 -7.62
C GLY K 245 60.52 56.13 -7.00
N SER K 246 61.66 55.79 -7.59
CA SER K 246 62.97 56.23 -7.10
C SER K 246 63.27 57.69 -7.36
N THR K 247 64.05 58.29 -6.48
CA THR K 247 64.44 59.68 -6.60
C THR K 247 65.24 59.87 -7.87
N GLU K 248 66.05 58.88 -8.23
CA GLU K 248 66.87 59.00 -9.44
C GLU K 248 66.06 59.11 -10.72
N ILE K 249 64.99 58.32 -10.85
CA ILE K 249 64.14 58.39 -12.04
C ILE K 249 63.26 59.64 -11.95
N GLY K 250 62.93 60.05 -10.73
CA GLY K 250 62.11 61.23 -10.51
C GLY K 250 62.74 62.48 -11.10
N ARG K 251 64.07 62.51 -11.13
CA ARG K 251 64.81 63.64 -11.67
C ARG K 251 64.75 63.61 -13.20
N VAL K 252 64.82 62.41 -13.76
CA VAL K 252 64.76 62.23 -15.21
C VAL K 252 63.41 62.74 -15.72
N ILE K 253 62.35 62.40 -14.98
CA ILE K 253 60.98 62.79 -15.31
C ILE K 253 60.81 64.31 -15.36
N GLN K 254 61.28 65.00 -14.32
CA GLN K 254 61.16 66.46 -14.25
C GLN K 254 61.97 67.16 -15.34
N VAL K 255 63.12 66.60 -15.68
CA VAL K 255 63.97 67.15 -16.74
C VAL K 255 63.27 66.96 -18.10
N ALA K 256 62.73 65.76 -18.31
CA ALA K 256 62.02 65.41 -19.53
C ALA K 256 60.79 66.30 -19.75
N ALA K 257 60.19 66.74 -18.65
CA ALA K 257 59.02 67.61 -18.70
C ALA K 257 59.39 69.04 -19.07
N GLY K 258 60.50 69.53 -18.54
CA GLY K 258 60.94 70.88 -18.85
C GLY K 258 61.52 70.98 -20.25
N SER K 259 62.02 69.85 -20.75
CA SER K 259 62.59 69.77 -22.08
C SER K 259 61.53 69.64 -23.16
N SER K 260 60.31 69.26 -22.75
CA SER K 260 59.22 69.06 -23.69
C SER K 260 58.18 70.19 -23.78
N ASN K 261 57.05 70.03 -23.10
CA ASN K 261 55.98 71.02 -23.16
C ASN K 261 55.65 71.74 -21.87
N LEU K 262 56.56 71.69 -20.89
CA LEU K 262 56.36 72.33 -19.60
C LEU K 262 55.12 71.77 -18.88
N LYS K 263 54.90 70.48 -19.06
CA LYS K 263 53.77 69.78 -18.45
C LYS K 263 53.91 69.78 -16.94
N ARG K 264 52.79 69.65 -16.24
CA ARG K 264 52.82 69.63 -14.78
C ARG K 264 53.48 68.32 -14.32
N VAL K 265 54.18 68.38 -13.20
CA VAL K 265 54.84 67.19 -12.67
C VAL K 265 54.70 67.05 -11.16
N THR K 266 54.28 65.88 -10.73
CA THR K 266 54.14 65.56 -9.31
C THR K 266 54.99 64.31 -9.08
N LEU K 267 55.84 64.33 -8.07
CA LEU K 267 56.70 63.21 -7.78
C LEU K 267 56.47 62.63 -6.40
N GLU K 268 56.36 61.31 -6.35
CA GLU K 268 56.16 60.60 -5.10
C GLU K 268 57.38 59.71 -4.94
N LEU K 269 58.44 60.30 -4.41
CA LEU K 269 59.71 59.59 -4.22
C LEU K 269 59.79 58.88 -2.87
N GLY K 270 60.83 58.05 -2.70
CA GLY K 270 60.99 57.30 -1.48
C GLY K 270 61.41 58.13 -0.28
N GLY K 271 61.97 57.45 0.72
CA GLY K 271 62.39 58.13 1.93
C GLY K 271 63.19 57.25 2.88
N LYS K 272 63.63 57.86 3.98
CA LYS K 272 64.38 57.17 5.03
C LYS K 272 63.69 57.65 6.29
N SER K 273 62.38 57.44 6.31
CA SER K 273 61.52 57.85 7.39
C SER K 273 61.92 57.43 8.79
N PRO K 274 62.04 58.41 9.68
CA PRO K 274 62.41 58.21 11.08
C PRO K 274 61.22 57.85 11.96
N ASN K 275 61.40 56.83 12.80
CA ASN K 275 60.38 56.38 13.74
C ASN K 275 60.96 56.61 15.12
N ILE K 276 60.56 57.70 15.75
CA ILE K 276 61.06 58.07 17.08
C ILE K 276 60.31 57.48 18.29
N ILE K 277 61.00 56.64 19.06
CA ILE K 277 60.42 56.02 20.25
C ILE K 277 60.93 56.69 21.53
N MET K 278 60.08 57.48 22.18
CA MET K 278 60.47 58.15 23.42
C MET K 278 60.46 57.16 24.58
N SER K 279 61.14 57.52 25.67
CA SER K 279 61.23 56.67 26.85
C SER K 279 59.89 56.32 27.49
N ASP K 280 58.96 57.27 27.44
CA ASP K 280 57.64 57.07 28.05
C ASP K 280 56.61 56.37 27.16
N ALA K 281 57.05 55.91 26.00
CA ALA K 281 56.16 55.22 25.07
C ALA K 281 55.74 53.86 25.60
N ASP K 282 54.59 53.38 25.13
CA ASP K 282 54.10 52.09 25.54
C ASP K 282 54.99 51.09 24.85
N MET K 283 55.88 50.46 25.61
CA MET K 283 56.83 49.49 25.09
C MET K 283 56.23 48.42 24.19
N ASP K 284 55.20 47.73 24.65
CA ASP K 284 54.55 46.68 23.86
C ASP K 284 54.08 47.18 22.50
N TRP K 285 53.36 48.31 22.52
CA TRP K 285 52.82 48.93 21.33
C TRP K 285 53.92 49.42 20.39
N ALA K 286 54.87 50.17 20.93
CA ALA K 286 55.98 50.72 20.16
C ALA K 286 56.78 49.63 19.44
N VAL K 287 57.09 48.54 20.12
CA VAL K 287 57.85 47.43 19.55
C VAL K 287 57.11 46.80 18.36
N GLU K 288 55.82 46.51 18.58
CA GLU K 288 54.97 45.91 17.56
C GLU K 288 54.79 46.84 16.35
N GLN K 289 54.61 48.13 16.63
CA GLN K 289 54.43 49.12 15.59
C GLN K 289 55.71 49.40 14.83
N ALA K 290 56.83 49.48 15.55
CA ALA K 290 58.12 49.73 14.92
C ALA K 290 58.46 48.57 13.98
N HIS K 291 58.04 47.36 14.38
CA HIS K 291 58.26 46.16 13.59
C HIS K 291 57.44 46.25 12.31
N PHE K 292 56.17 46.62 12.48
CA PHE K 292 55.24 46.79 11.36
C PHE K 292 55.71 47.96 10.45
N ALA K 293 56.12 49.05 11.08
CA ALA K 293 56.61 50.23 10.38
C ALA K 293 57.69 49.94 9.34
N LEU K 294 58.55 48.97 9.64
CA LEU K 294 59.62 48.65 8.70
C LEU K 294 59.37 47.40 7.86
N PHE K 295 59.01 46.30 8.51
CA PHE K 295 58.81 45.05 7.79
C PHE K 295 57.60 44.90 6.87
N PHE K 296 56.59 45.75 7.06
CA PHE K 296 55.39 45.71 6.24
C PHE K 296 55.69 45.67 4.75
N ASN K 297 55.01 44.75 4.06
CA ASN K 297 55.16 44.55 2.62
C ASN K 297 56.60 44.29 2.23
N GLN K 298 57.25 43.38 2.96
CA GLN K 298 58.64 43.00 2.72
C GLN K 298 59.59 44.20 2.77
N GLY K 299 59.21 45.22 3.54
CA GLY K 299 60.01 46.42 3.64
C GLY K 299 59.91 47.29 2.41
N GLN K 300 59.19 46.80 1.41
CA GLN K 300 59.00 47.51 0.15
C GLN K 300 57.89 48.57 0.29
N CYS K 301 58.18 49.58 1.11
CA CYS K 301 57.27 50.67 1.43
C CYS K 301 57.99 51.99 1.26
N CYS K 302 57.38 52.92 0.53
CA CYS K 302 58.00 54.22 0.32
C CYS K 302 58.27 54.97 1.62
N CYS K 303 57.39 54.82 2.60
CA CYS K 303 57.57 55.51 3.87
C CYS K 303 57.87 54.54 5.02
N ALA K 304 58.61 53.49 4.72
CA ALA K 304 58.98 52.51 5.75
C ALA K 304 59.85 53.19 6.83
N GLY K 305 59.61 52.84 8.09
CA GLY K 305 60.37 53.41 9.19
C GLY K 305 61.73 52.75 9.27
N SER K 306 62.58 53.07 8.30
CA SER K 306 63.92 52.50 8.22
C SER K 306 64.96 53.10 9.15
N ARG K 307 64.53 54.03 10.00
CA ARG K 307 65.43 54.67 10.97
C ARG K 307 64.68 54.72 12.30
N THR K 308 64.81 53.65 13.07
CA THR K 308 64.14 53.56 14.36
C THR K 308 64.97 54.20 15.47
N PHE K 309 64.68 55.46 15.80
CA PHE K 309 65.40 56.16 16.87
C PHE K 309 64.78 55.77 18.21
N VAL K 310 65.57 55.24 19.13
CA VAL K 310 65.09 54.81 20.44
C VAL K 310 65.86 55.51 21.55
N GLN K 311 65.15 56.09 22.52
CA GLN K 311 65.84 56.79 23.60
C GLN K 311 66.64 55.81 24.44
N GLU K 312 67.83 56.25 24.87
CA GLU K 312 68.77 55.43 25.65
C GLU K 312 68.22 54.64 26.83
N ASP K 313 67.35 55.24 27.64
CA ASP K 313 66.78 54.55 28.80
C ASP K 313 66.04 53.24 28.46
N ILE K 314 65.47 53.15 27.27
CA ILE K 314 64.71 51.98 26.86
C ILE K 314 65.32 51.21 25.68
N TYR K 315 66.48 51.68 25.21
CA TYR K 315 67.16 51.07 24.08
C TYR K 315 67.39 49.55 24.18
N ASP K 316 68.08 49.12 25.23
CA ASP K 316 68.39 47.69 25.41
C ASP K 316 67.14 46.81 25.39
N GLU K 317 66.13 47.19 26.15
CA GLU K 317 64.87 46.45 26.21
C GLU K 317 64.16 46.45 24.87
N PHE K 318 64.10 47.60 24.21
CA PHE K 318 63.45 47.72 22.91
C PHE K 318 64.12 46.84 21.88
N VAL K 319 65.44 46.98 21.76
CA VAL K 319 66.23 46.19 20.81
C VAL K 319 66.02 44.71 21.01
N GLU K 320 65.99 44.30 22.28
CA GLU K 320 65.82 42.90 22.64
C GLU K 320 64.49 42.38 22.08
N ARG K 321 63.41 43.10 22.36
CA ARG K 321 62.07 42.74 21.90
C ARG K 321 61.95 42.77 20.38
N SER K 322 62.58 43.77 19.77
CA SER K 322 62.55 43.91 18.32
C SER K 322 63.24 42.73 17.64
N VAL K 323 64.37 42.29 18.19
CA VAL K 323 65.11 41.16 17.65
C VAL K 323 64.30 39.88 17.79
N ALA K 324 63.64 39.72 18.94
CA ALA K 324 62.81 38.56 19.18
C ALA K 324 61.66 38.49 18.18
N ARG K 325 61.02 39.65 17.95
CA ARG K 325 59.92 39.77 17.01
C ARG K 325 60.36 39.50 15.58
N ALA K 326 61.56 39.96 15.23
CA ALA K 326 62.10 39.76 13.90
C ALA K 326 62.39 38.28 13.64
N LYS K 327 62.89 37.60 14.66
CA LYS K 327 63.20 36.18 14.52
C LYS K 327 61.95 35.33 14.39
N SER K 328 60.87 35.79 15.01
CA SER K 328 59.59 35.08 14.99
C SER K 328 58.75 35.37 13.75
N ARG K 329 59.16 36.33 12.95
CA ARG K 329 58.43 36.67 11.73
C ARG K 329 58.54 35.54 10.71
N VAL K 330 57.41 34.90 10.45
CA VAL K 330 57.33 33.78 9.52
C VAL K 330 57.50 34.18 8.07
N VAL K 331 58.52 33.60 7.43
CA VAL K 331 58.81 33.87 6.01
C VAL K 331 58.46 32.61 5.23
N GLY K 332 57.86 32.78 4.05
CA GLY K 332 57.51 31.61 3.25
C GLY K 332 56.53 31.87 2.13
N ASN K 333 55.84 30.80 1.71
CA ASN K 333 54.85 30.87 0.62
C ASN K 333 53.77 31.88 0.95
N PRO K 334 53.67 32.97 0.17
CA PRO K 334 52.68 34.02 0.37
C PRO K 334 51.21 33.56 0.42
N PHE K 335 50.93 32.40 -0.18
CA PHE K 335 49.57 31.86 -0.18
C PHE K 335 49.21 31.11 1.10
N ASP K 336 50.22 30.89 1.94
CA ASP K 336 50.01 30.21 3.22
C ASP K 336 49.53 31.24 4.23
N SER K 337 48.46 30.92 4.94
CA SER K 337 47.89 31.82 5.93
C SER K 337 48.84 32.26 7.06
N LYS K 338 49.80 31.40 7.39
CA LYS K 338 50.76 31.69 8.46
C LYS K 338 51.89 32.64 8.04
N THR K 339 52.08 32.78 6.73
CA THR K 339 53.15 33.63 6.20
C THR K 339 52.91 35.11 6.48
N GLU K 340 53.91 35.74 7.08
CA GLU K 340 53.87 37.16 7.41
C GLU K 340 54.68 37.94 6.38
N GLN K 341 55.72 37.31 5.85
CA GLN K 341 56.57 37.96 4.88
C GLN K 341 56.82 37.07 3.66
N GLY K 342 56.53 37.61 2.48
CA GLY K 342 56.76 36.89 1.24
C GLY K 342 58.11 37.24 0.65
N PRO K 343 58.33 36.96 -0.63
CA PRO K 343 59.62 37.28 -1.27
C PRO K 343 59.68 38.72 -1.71
N GLN K 344 60.86 39.16 -2.13
CA GLN K 344 61.03 40.52 -2.60
C GLN K 344 60.54 40.48 -4.03
N VAL K 345 60.15 41.63 -4.57
CA VAL K 345 59.61 41.70 -5.93
C VAL K 345 60.36 40.97 -7.05
N ASP K 346 61.67 41.17 -7.14
CA ASP K 346 62.47 40.52 -8.18
C ASP K 346 63.92 40.29 -7.80
N GLU K 347 64.67 39.70 -8.73
CA GLU K 347 66.09 39.40 -8.52
C GLU K 347 66.92 40.65 -8.26
N THR K 348 66.69 41.69 -9.06
CA THR K 348 67.42 42.93 -8.92
C THR K 348 67.34 43.49 -7.51
N GLN K 349 66.14 43.57 -6.96
CA GLN K 349 65.96 44.08 -5.60
C GLN K 349 66.57 43.11 -4.58
N PHE K 350 66.45 41.81 -4.86
CA PHE K 350 66.99 40.76 -4.02
C PHE K 350 68.48 40.99 -3.76
N LYS K 351 69.22 41.24 -4.83
CA LYS K 351 70.65 41.49 -4.77
C LYS K 351 70.94 42.82 -4.07
N LYS K 352 70.26 43.87 -4.51
CA LYS K 352 70.44 45.22 -3.99
C LYS K 352 70.34 45.22 -2.45
N ILE K 353 69.40 44.43 -1.94
CA ILE K 353 69.18 44.32 -0.51
C ILE K 353 70.33 43.57 0.16
N LEU K 354 70.71 42.44 -0.42
CA LEU K 354 71.82 41.66 0.12
C LEU K 354 73.09 42.53 0.14
N GLY K 355 73.21 43.41 -0.85
CA GLY K 355 74.34 44.31 -0.94
C GLY K 355 74.34 45.29 0.20
N TYR K 356 73.18 45.85 0.52
CA TYR K 356 73.07 46.80 1.64
C TYR K 356 73.37 46.12 2.96
N ILE K 357 72.93 44.86 3.10
CA ILE K 357 73.17 44.11 4.33
C ILE K 357 74.68 43.96 4.52
N ASN K 358 75.38 43.60 3.45
CA ASN K 358 76.82 43.46 3.48
C ASN K 358 77.46 44.79 3.85
N THR K 359 77.00 45.85 3.20
CA THR K 359 77.51 47.19 3.44
C THR K 359 77.33 47.56 4.90
N GLY K 360 76.27 47.03 5.50
CA GLY K 360 75.99 47.31 6.90
C GLY K 360 77.01 46.69 7.84
N LYS K 361 77.34 45.42 7.60
CA LYS K 361 78.32 44.71 8.42
C LYS K 361 79.70 45.36 8.29
N GLN K 362 80.04 45.73 7.06
CA GLN K 362 81.31 46.36 6.74
C GLN K 362 81.54 47.70 7.44
N GLU K 363 80.47 48.48 7.58
CA GLU K 363 80.56 49.80 8.20
C GLU K 363 80.58 49.83 9.73
N GLY K 364 80.39 48.68 10.35
CA GLY K 364 80.43 48.65 11.81
C GLY K 364 79.11 48.48 12.52
N ALA K 365 78.02 48.41 11.76
CA ALA K 365 76.70 48.22 12.36
C ALA K 365 76.65 46.81 12.94
N LYS K 366 76.08 46.68 14.14
CA LYS K 366 76.00 45.38 14.80
C LYS K 366 74.81 44.52 14.31
N LEU K 367 75.11 43.45 13.58
CA LEU K 367 74.08 42.54 13.07
C LEU K 367 73.49 41.71 14.21
N LEU K 368 72.24 41.98 14.54
CA LEU K 368 71.55 41.29 15.63
C LEU K 368 70.79 40.02 15.25
N CYS K 369 70.41 39.89 13.97
CA CYS K 369 69.68 38.71 13.48
C CYS K 369 69.53 38.74 11.97
N GLY K 370 69.30 37.55 11.38
CA GLY K 370 69.15 37.43 9.95
C GLY K 370 70.40 37.81 9.18
N GLY K 371 70.24 38.48 8.04
CA GLY K 371 71.37 38.91 7.24
C GLY K 371 71.67 38.08 6.01
N GLY K 372 70.88 37.03 5.78
CA GLY K 372 71.11 36.18 4.63
C GLY K 372 69.85 35.72 3.93
N ILE K 373 70.03 34.87 2.92
CA ILE K 373 68.92 34.32 2.15
C ILE K 373 68.08 33.40 3.05
N ALA K 374 66.77 33.49 2.92
CA ALA K 374 65.85 32.70 3.73
C ALA K 374 65.34 31.42 3.06
N ALA K 375 65.66 31.24 1.78
CA ALA K 375 65.25 30.05 1.04
C ALA K 375 65.99 29.96 -0.28
N ASP K 376 66.20 28.74 -0.76
CA ASP K 376 66.91 28.52 -2.02
C ASP K 376 66.07 28.89 -3.26
N ARG K 377 64.77 28.81 -3.11
CA ARG K 377 63.87 29.14 -4.20
C ARG K 377 63.13 30.43 -3.90
N GLY K 378 63.07 31.30 -4.92
CA GLY K 378 62.39 32.58 -4.74
C GLY K 378 63.35 33.60 -4.18
N TYR K 379 62.89 34.84 -4.12
CA TYR K 379 63.70 35.92 -3.63
C TYR K 379 63.41 36.27 -2.17
N PHE K 380 63.55 35.27 -1.30
CA PHE K 380 63.29 35.46 0.13
C PHE K 380 64.50 35.91 0.93
N ILE K 381 64.31 36.87 1.82
CA ILE K 381 65.38 37.40 2.65
C ILE K 381 64.96 37.33 4.10
N GLN K 382 65.89 36.97 4.97
CA GLN K 382 65.59 36.86 6.40
C GLN K 382 65.39 38.24 7.02
N PRO K 383 64.47 38.35 7.99
CA PRO K 383 64.22 39.63 8.67
C PRO K 383 65.51 40.02 9.35
N THR K 384 66.12 41.09 8.87
CA THR K 384 67.39 41.58 9.40
C THR K 384 67.24 42.80 10.29
N VAL K 385 68.02 42.83 11.37
CA VAL K 385 68.01 43.96 12.32
C VAL K 385 69.44 44.38 12.65
N PHE K 386 69.72 45.67 12.50
CA PHE K 386 71.04 46.21 12.80
C PHE K 386 70.96 47.14 14.00
N GLY K 387 71.84 46.91 14.98
CA GLY K 387 71.88 47.71 16.18
C GLY K 387 73.00 48.72 16.15
N ASP K 388 72.94 49.70 17.06
CA ASP K 388 73.96 50.74 17.17
C ASP K 388 74.32 51.42 15.84
N VAL K 389 73.32 51.71 15.02
CA VAL K 389 73.55 52.34 13.73
C VAL K 389 73.87 53.81 13.92
N GLN K 390 74.73 54.35 13.06
CA GLN K 390 75.16 55.75 13.14
C GLN K 390 74.62 56.52 11.94
N ASP K 391 74.36 57.81 12.14
CA ASP K 391 73.83 58.66 11.08
C ASP K 391 74.70 58.66 9.81
N GLY K 392 76.01 58.50 10.00
CA GLY K 392 76.94 58.49 8.89
C GLY K 392 76.99 57.23 8.03
N MET K 393 76.51 56.11 8.58
CA MET K 393 76.51 54.84 7.86
C MET K 393 75.60 54.87 6.63
N THR K 394 75.96 54.06 5.63
CA THR K 394 75.19 53.99 4.39
C THR K 394 73.78 53.46 4.63
N ILE K 395 73.65 52.41 5.44
CA ILE K 395 72.33 51.85 5.71
C ILE K 395 71.45 52.78 6.51
N ALA K 396 72.00 53.91 6.94
CA ALA K 396 71.23 54.88 7.69
C ALA K 396 70.96 56.11 6.83
N LYS K 397 71.42 56.07 5.58
CA LYS K 397 71.23 57.18 4.66
C LYS K 397 70.44 56.78 3.41
N GLU K 398 70.76 55.61 2.87
CA GLU K 398 70.12 55.12 1.65
C GLU K 398 68.95 54.18 1.84
N GLU K 399 67.91 54.39 1.04
CA GLU K 399 66.70 53.56 1.11
C GLU K 399 66.96 52.15 0.62
N ILE K 400 66.88 51.22 1.56
CA ILE K 400 67.12 49.81 1.26
C ILE K 400 65.93 49.16 0.57
N PHE K 401 64.72 49.47 1.03
CA PHE K 401 63.50 48.90 0.46
C PHE K 401 63.44 47.39 0.65
N GLY K 402 63.85 46.95 1.84
CA GLY K 402 63.85 45.54 2.17
C GLY K 402 63.65 45.32 3.65
N PRO K 403 63.51 44.06 4.10
CA PRO K 403 63.29 43.70 5.50
C PRO K 403 64.54 43.89 6.38
N VAL K 404 65.10 45.09 6.34
CA VAL K 404 66.30 45.42 7.10
C VAL K 404 66.03 46.61 8.02
N MET K 405 66.02 46.33 9.33
CA MET K 405 65.76 47.33 10.35
C MET K 405 67.01 47.99 10.93
N GLN K 406 67.00 49.32 11.03
CA GLN K 406 68.12 50.06 11.60
C GLN K 406 67.66 50.69 12.89
N ILE K 407 68.31 50.34 14.00
CA ILE K 407 67.96 50.90 15.31
C ILE K 407 69.06 51.84 15.80
N LEU K 408 68.74 53.12 15.95
CA LEU K 408 69.69 54.12 16.39
C LEU K 408 69.33 54.57 17.81
N LYS K 409 70.33 55.02 18.56
CA LYS K 409 70.13 55.48 19.92
C LYS K 409 70.27 57.00 20.02
N PHE K 410 69.48 57.61 20.91
CA PHE K 410 69.54 59.05 21.12
C PHE K 410 69.28 59.38 22.58
N LYS K 411 69.59 60.61 22.96
CA LYS K 411 69.42 61.03 24.33
C LYS K 411 68.32 62.05 24.56
N THR K 412 68.44 63.22 23.92
CA THR K 412 67.45 64.28 24.08
C THR K 412 66.46 64.43 22.93
N ILE K 413 65.35 65.10 23.21
CA ILE K 413 64.31 65.32 22.21
C ILE K 413 64.79 66.34 21.17
N GLU K 414 65.59 67.31 21.61
CA GLU K 414 66.13 68.33 20.71
C GLU K 414 67.12 67.70 19.75
N GLU K 415 67.84 66.70 20.26
CA GLU K 415 68.83 65.98 19.48
C GLU K 415 68.20 65.18 18.36
N VAL K 416 67.23 64.34 18.72
CA VAL K 416 66.55 63.50 17.75
C VAL K 416 65.87 64.28 16.63
N VAL K 417 65.32 65.45 16.94
CA VAL K 417 64.70 66.29 15.92
C VAL K 417 65.72 66.60 14.82
N GLY K 418 66.88 67.10 15.23
CA GLY K 418 67.93 67.44 14.29
C GLY K 418 68.43 66.25 13.50
N ARG K 419 68.54 65.10 14.16
CA ARG K 419 69.01 63.91 13.48
C ARG K 419 67.97 63.34 12.53
N ALA K 420 66.70 63.35 12.95
CA ALA K 420 65.61 62.85 12.12
C ALA K 420 65.43 63.74 10.90
N ASN K 421 65.60 65.05 11.10
CA ASN K 421 65.47 66.01 10.02
C ASN K 421 66.65 66.07 9.07
N ASN K 422 67.82 65.64 9.55
CA ASN K 422 69.02 65.64 8.73
C ASN K 422 68.96 64.50 7.73
N SER K 423 68.28 64.76 6.61
CA SER K 423 68.11 63.78 5.54
C SER K 423 67.58 64.50 4.29
N THR K 424 67.87 63.92 3.14
CA THR K 424 67.41 64.48 1.86
C THR K 424 65.93 64.15 1.66
N TYR K 425 65.45 63.18 2.43
CA TYR K 425 64.07 62.75 2.34
C TYR K 425 63.22 63.39 3.43
N GLY K 426 61.89 63.30 3.25
CA GLY K 426 60.94 63.84 4.20
C GLY K 426 59.53 63.40 3.87
N LEU K 427 59.36 62.13 3.53
CA LEU K 427 58.05 61.60 3.20
C LEU K 427 57.17 61.38 4.43
N ALA K 428 57.71 60.71 5.44
CA ALA K 428 56.97 60.42 6.65
C ALA K 428 57.87 60.41 7.89
N ALA K 429 57.24 60.30 9.06
CA ALA K 429 57.91 60.26 10.35
C ALA K 429 56.90 59.80 11.39
N ALA K 430 57.38 59.28 12.51
CA ALA K 430 56.50 58.80 13.58
C ALA K 430 57.07 59.10 14.95
N VAL K 431 56.18 59.23 15.93
CA VAL K 431 56.55 59.55 17.30
C VAL K 431 55.74 58.70 18.25
N PHE K 432 56.41 58.02 19.16
CA PHE K 432 55.71 57.22 20.14
C PHE K 432 55.98 57.81 21.51
N THR K 433 54.92 58.29 22.14
CA THR K 433 55.02 58.93 23.45
C THR K 433 53.63 59.02 24.07
N LYS K 434 53.59 59.16 25.39
CA LYS K 434 52.32 59.31 26.08
C LYS K 434 52.15 60.77 26.47
N ASP K 435 53.24 61.54 26.37
CA ASP K 435 53.22 62.95 26.73
C ASP K 435 52.69 63.86 25.62
N LEU K 436 51.70 64.67 25.99
CA LEU K 436 51.06 65.61 25.09
C LEU K 436 52.04 66.61 24.50
N ASP K 437 52.77 67.30 25.34
CA ASP K 437 53.74 68.29 24.88
C ASP K 437 54.82 67.72 23.98
N LYS K 438 55.30 66.52 24.27
CA LYS K 438 56.33 65.90 23.45
C LYS K 438 55.81 65.56 22.04
N ALA K 439 54.59 65.03 21.99
CA ALA K 439 53.96 64.67 20.72
C ALA K 439 53.75 65.91 19.86
N ASN K 440 53.27 66.99 20.47
CA ASN K 440 53.04 68.22 19.74
C ASN K 440 54.33 68.89 19.28
N TYR K 441 55.35 68.83 20.13
CA TYR K 441 56.63 69.42 19.83
C TYR K 441 57.24 68.72 18.63
N LEU K 442 57.22 67.39 18.67
CA LEU K 442 57.77 66.60 17.59
C LEU K 442 56.98 66.67 16.28
N SER K 443 55.67 66.51 16.36
CA SER K 443 54.85 66.54 15.14
C SER K 443 55.03 67.86 14.40
N GLN K 444 55.35 68.93 15.12
CA GLN K 444 55.55 70.21 14.47
C GLN K 444 56.99 70.38 13.98
N ALA K 445 57.94 69.88 14.76
CA ALA K 445 59.38 69.99 14.43
C ALA K 445 59.88 69.10 13.30
N LEU K 446 59.35 67.88 13.22
CA LEU K 446 59.74 66.95 12.18
C LEU K 446 59.35 67.44 10.79
N GLN K 447 60.33 67.45 9.89
CA GLN K 447 60.12 67.89 8.51
C GLN K 447 59.72 66.71 7.65
N ALA K 448 58.44 66.34 7.73
CA ALA K 448 57.90 65.22 6.97
C ALA K 448 56.47 65.52 6.53
N GLY K 449 56.08 64.99 5.38
CA GLY K 449 54.72 65.22 4.88
C GLY K 449 53.66 64.63 5.79
N THR K 450 53.99 63.52 6.43
CA THR K 450 53.06 62.86 7.34
C THR K 450 53.76 62.44 8.61
N VAL K 451 53.20 62.85 9.74
CA VAL K 451 53.76 62.51 11.05
C VAL K 451 52.73 61.71 11.84
N TRP K 452 53.04 60.45 12.11
CA TRP K 452 52.15 59.61 12.89
C TRP K 452 52.51 59.68 14.36
N VAL K 453 51.50 59.64 15.22
CA VAL K 453 51.72 59.69 16.65
C VAL K 453 51.13 58.41 17.22
N ASN K 454 51.99 57.58 17.80
CA ASN K 454 51.60 56.31 18.40
C ASN K 454 50.93 55.36 17.43
N CYS K 455 51.37 55.38 16.18
CA CYS K 455 50.85 54.51 15.13
C CYS K 455 51.77 54.66 13.93
N TYR K 456 51.54 53.90 12.87
CA TYR K 456 52.38 54.01 11.69
C TYR K 456 51.63 53.45 10.49
N ASP K 457 51.92 53.97 9.30
CA ASP K 457 51.28 53.49 8.08
C ASP K 457 49.74 53.61 8.11
N VAL K 458 49.25 54.66 8.76
CA VAL K 458 47.82 54.88 8.84
C VAL K 458 47.43 55.83 7.71
N PHE K 459 47.02 55.23 6.61
CA PHE K 459 46.60 55.98 5.43
C PHE K 459 45.10 55.99 5.35
N GLY K 460 44.56 57.17 5.11
CA GLY K 460 43.13 57.29 4.96
C GLY K 460 42.94 57.79 3.55
N ALA K 461 41.93 57.29 2.84
CA ALA K 461 41.67 57.76 1.49
C ALA K 461 41.43 59.27 1.58
N GLN K 462 40.96 59.71 2.75
CA GLN K 462 40.68 61.11 3.04
C GLN K 462 41.84 62.01 3.48
N SER K 463 42.96 61.42 3.90
CA SER K 463 44.13 62.19 4.33
C SER K 463 45.23 62.29 3.25
N PRO K 464 45.74 63.51 3.01
CA PRO K 464 46.79 63.74 2.01
C PRO K 464 48.11 63.04 2.33
N PHE K 465 48.81 62.62 1.28
CA PHE K 465 50.07 61.92 1.42
C PHE K 465 51.10 62.39 0.37
N GLY K 466 52.19 62.96 0.85
CA GLY K 466 53.23 63.46 -0.02
C GLY K 466 54.46 63.76 0.80
N GLY K 467 55.52 64.22 0.15
CA GLY K 467 56.73 64.50 0.88
C GLY K 467 57.35 65.88 0.76
N TYR K 468 58.30 66.13 1.66
CA TYR K 468 59.08 67.37 1.73
C TYR K 468 60.40 67.12 1.03
N LYS K 469 61.10 68.20 0.70
CA LYS K 469 62.42 68.12 0.06
C LYS K 469 62.47 67.20 -1.16
N MET K 470 63.47 66.31 -1.17
CA MET K 470 63.67 65.36 -2.26
C MET K 470 62.82 64.10 -2.20
N SER K 471 61.68 64.19 -1.50
CA SER K 471 60.74 63.07 -1.40
C SER K 471 59.63 63.34 -2.42
N GLY K 472 59.72 64.48 -3.08
CA GLY K 472 58.76 64.86 -4.10
C GLY K 472 57.99 66.13 -3.80
N SER K 473 57.11 66.47 -4.73
CA SER K 473 56.25 67.64 -4.62
C SER K 473 54.82 67.19 -4.91
N GLY K 474 53.84 67.96 -4.45
CA GLY K 474 52.45 67.60 -4.67
C GLY K 474 51.98 66.54 -3.68
N ARG K 475 50.66 66.43 -3.54
CA ARG K 475 50.06 65.47 -2.61
C ARG K 475 49.06 64.52 -3.28
N GLU K 476 48.79 63.41 -2.61
CA GLU K 476 47.82 62.41 -3.08
C GLU K 476 46.84 62.11 -1.96
N LEU K 477 45.66 61.61 -2.29
CA LEU K 477 44.61 61.30 -1.32
C LEU K 477 44.01 62.59 -0.73
N GLY K 478 42.78 62.50 -0.24
CA GLY K 478 42.13 63.66 0.33
C GLY K 478 41.77 64.70 -0.72
N GLU K 479 41.27 65.84 -0.27
CA GLU K 479 40.88 66.91 -1.19
C GLU K 479 42.08 67.50 -1.92
N TYR K 480 43.26 67.37 -1.32
CA TYR K 480 44.52 67.89 -1.89
C TYR K 480 44.94 67.14 -3.16
N GLY K 481 44.50 65.89 -3.27
CA GLY K 481 44.81 65.09 -4.44
C GLY K 481 44.11 65.62 -5.68
N LEU K 482 43.02 66.36 -5.49
CA LEU K 482 42.26 66.92 -6.60
C LEU K 482 42.91 68.16 -7.19
N GLN K 483 43.69 68.87 -6.38
CA GLN K 483 44.36 70.09 -6.83
C GLN K 483 45.30 69.81 -7.99
N ALA K 484 46.03 68.72 -7.89
CA ALA K 484 47.00 68.33 -8.91
C ALA K 484 46.38 68.03 -10.26
N TYR K 485 45.11 67.60 -10.25
CA TYR K 485 44.40 67.24 -11.46
C TYR K 485 43.41 68.29 -11.93
N THR K 486 43.63 69.53 -11.53
CA THR K 486 42.72 70.61 -11.91
C THR K 486 43.38 71.89 -12.38
N LYS K 487 42.76 72.52 -13.36
CA LYS K 487 43.22 73.78 -13.92
C LYS K 487 42.20 74.80 -13.48
N VAL K 488 42.66 75.98 -13.09
CA VAL K 488 41.73 77.01 -12.64
C VAL K 488 41.51 78.06 -13.70
N LYS K 489 40.27 78.16 -14.17
CA LYS K 489 39.93 79.17 -15.16
C LYS K 489 39.15 80.25 -14.46
N THR K 490 39.50 81.50 -14.71
CA THR K 490 38.79 82.61 -14.11
C THR K 490 38.00 83.36 -15.18
N VAL K 491 36.74 83.61 -14.92
CA VAL K 491 35.92 84.33 -15.89
C VAL K 491 35.45 85.58 -15.16
N THR K 492 35.80 86.73 -15.72
CA THR K 492 35.43 88.02 -15.14
C THR K 492 34.50 88.69 -16.15
N VAL K 493 33.26 88.91 -15.75
CA VAL K 493 32.23 89.53 -16.58
C VAL K 493 31.84 90.92 -16.13
N LYS K 494 31.77 91.85 -17.07
CA LYS K 494 31.37 93.21 -16.74
C LYS K 494 29.85 93.21 -16.53
N VAL K 495 29.42 93.82 -15.43
CA VAL K 495 28.00 93.90 -15.11
C VAL K 495 27.54 95.34 -14.99
N PRO K 496 26.23 95.59 -15.11
CA PRO K 496 25.63 96.94 -15.02
C PRO K 496 26.03 97.70 -13.77
N GLN K 497 25.74 97.13 -12.59
CA GLN K 497 26.07 97.76 -11.31
C GLN K 497 26.18 96.72 -10.21
N LYS K 498 27.38 96.57 -9.68
CA LYS K 498 27.63 95.61 -8.60
C LYS K 498 27.11 96.06 -7.25
N ASN K 499 26.46 95.13 -6.56
CA ASN K 499 25.93 95.35 -5.22
C ASN K 499 26.33 94.16 -4.38
N SER K 500 26.50 94.39 -3.09
CA SER K 500 26.90 93.34 -2.17
C SER K 500 25.89 92.18 -2.12
N ALA L 7 43.50 113.99 -10.46
CA ALA L 7 43.83 114.06 -9.01
C ALA L 7 45.18 113.39 -8.75
N VAL L 8 46.17 113.78 -9.55
CA VAL L 8 47.52 113.23 -9.43
C VAL L 8 48.54 114.32 -9.08
N PRO L 9 49.28 114.14 -7.97
CA PRO L 9 50.29 115.11 -7.52
C PRO L 9 51.39 115.33 -8.56
N ALA L 10 52.00 116.51 -8.51
CA ALA L 10 53.08 116.86 -9.43
C ALA L 10 54.29 115.98 -9.15
N PRO L 11 54.80 115.30 -10.19
CA PRO L 11 55.95 114.40 -10.09
C PRO L 11 57.31 115.09 -10.12
N ASN L 12 58.29 114.40 -9.55
CA ASN L 12 59.66 114.87 -9.56
C ASN L 12 60.22 114.14 -10.78
N GLN L 13 60.28 114.83 -11.92
CA GLN L 13 60.75 114.25 -13.18
C GLN L 13 62.18 113.74 -13.14
N GLN L 14 62.84 113.95 -12.00
CA GLN L 14 64.24 113.55 -11.82
C GLN L 14 64.40 113.06 -10.38
N PRO L 15 63.67 112.00 -10.00
CA PRO L 15 63.76 111.45 -8.64
C PRO L 15 65.15 110.96 -8.29
N GLU L 16 65.54 111.16 -7.04
CA GLU L 16 66.84 110.75 -6.57
C GLU L 16 66.84 109.26 -6.26
N VAL L 17 67.99 108.62 -6.47
CA VAL L 17 68.11 107.19 -6.20
C VAL L 17 68.87 106.99 -4.90
N PHE L 18 68.24 106.32 -3.94
CA PHE L 18 68.85 106.08 -2.64
C PHE L 18 69.36 104.65 -2.50
N CYS L 19 68.74 103.71 -3.21
CA CYS L 19 69.13 102.31 -3.13
C CYS L 19 69.55 101.76 -4.48
N ASN L 20 70.76 101.23 -4.53
CA ASN L 20 71.32 100.69 -5.76
C ASN L 20 72.29 99.53 -5.50
N GLN L 21 72.13 98.89 -4.35
CA GLN L 21 72.99 97.78 -4.00
C GLN L 21 72.22 96.50 -3.74
N ILE L 22 72.92 95.48 -3.27
CA ILE L 22 72.35 94.18 -2.96
C ILE L 22 71.75 94.23 -1.55
N PHE L 23 70.54 93.73 -1.40
CA PHE L 23 69.86 93.73 -0.12
C PHE L 23 69.79 92.34 0.53
N ILE L 24 70.57 92.16 1.60
CA ILE L 24 70.62 90.90 2.33
C ILE L 24 70.64 91.23 3.82
N ASN L 25 69.82 90.53 4.60
CA ASN L 25 69.72 90.74 6.04
C ASN L 25 69.45 92.19 6.41
N ASN L 26 68.59 92.84 5.65
CA ASN L 26 68.23 94.23 5.89
C ASN L 26 69.41 95.20 5.81
N GLU L 27 70.45 94.80 5.08
CA GLU L 27 71.64 95.64 4.92
C GLU L 27 72.02 95.74 3.46
N TRP L 28 72.61 96.86 3.09
CA TRP L 28 73.03 97.09 1.72
C TRP L 28 74.49 96.71 1.52
N HIS L 29 74.74 95.84 0.53
CA HIS L 29 76.10 95.38 0.23
C HIS L 29 76.38 95.55 -1.25
N ASP L 30 77.65 95.71 -1.60
CA ASP L 30 77.96 95.75 -3.02
C ASP L 30 78.30 94.32 -3.41
N ALA L 31 78.25 94.04 -4.70
CA ALA L 31 78.52 92.70 -5.18
C ALA L 31 79.89 92.21 -4.70
N VAL L 32 80.01 90.90 -4.50
CA VAL L 32 81.29 90.33 -4.07
C VAL L 32 82.37 90.74 -5.07
N SER L 33 82.01 90.74 -6.37
CA SER L 33 82.93 91.12 -7.45
C SER L 33 83.17 92.62 -7.52
N ARG L 34 82.34 93.40 -6.85
CA ARG L 34 82.42 94.86 -6.86
C ARG L 34 81.91 95.47 -8.15
N LYS L 35 81.48 94.61 -9.06
CA LYS L 35 80.96 95.04 -10.36
C LYS L 35 79.62 95.74 -10.22
N THR L 36 79.31 96.58 -11.19
CA THR L 36 78.05 97.31 -11.22
C THR L 36 77.63 97.45 -12.68
N PHE L 37 76.33 97.50 -12.90
CA PHE L 37 75.82 97.65 -14.26
C PHE L 37 74.93 98.90 -14.31
N PRO L 38 74.88 99.55 -15.46
CA PRO L 38 74.05 100.75 -15.57
C PRO L 38 72.58 100.44 -15.87
N THR L 39 71.70 101.32 -15.40
CA THR L 39 70.28 101.16 -15.64
C THR L 39 69.90 102.41 -16.43
N VAL L 40 69.24 102.19 -17.57
CA VAL L 40 68.87 103.28 -18.48
C VAL L 40 67.46 103.82 -18.40
N ASN L 41 67.33 105.13 -18.64
CA ASN L 41 66.03 105.78 -18.68
C ASN L 41 65.62 105.62 -20.14
N PRO L 42 64.68 104.72 -20.42
CA PRO L 42 64.21 104.49 -21.79
C PRO L 42 63.62 105.71 -22.51
N SER L 43 63.34 106.78 -21.78
CA SER L 43 62.78 107.98 -22.40
C SER L 43 63.84 108.86 -23.05
N THR L 44 65.06 108.79 -22.56
CA THR L 44 66.16 109.60 -23.08
C THR L 44 67.36 108.76 -23.49
N GLY L 45 67.37 107.50 -23.08
CA GLY L 45 68.46 106.63 -23.44
C GLY L 45 69.68 106.83 -22.56
N GLU L 46 69.59 107.71 -21.58
CA GLU L 46 70.74 107.92 -20.71
C GLU L 46 70.74 107.14 -19.42
N VAL L 47 71.95 106.92 -18.90
CA VAL L 47 72.15 106.17 -17.68
C VAL L 47 71.61 106.92 -16.47
N ILE L 48 70.76 106.25 -15.70
CA ILE L 48 70.17 106.84 -14.50
C ILE L 48 71.21 106.77 -13.39
N CYS L 49 71.80 105.59 -13.22
CA CYS L 49 72.82 105.37 -12.21
C CYS L 49 73.37 103.96 -12.31
N GLN L 50 74.38 103.67 -11.49
CA GLN L 50 75.00 102.36 -11.45
C GLN L 50 74.28 101.52 -10.40
N VAL L 51 74.25 100.21 -10.61
CA VAL L 51 73.60 99.28 -9.69
C VAL L 51 74.48 98.04 -9.50
N ALA L 52 74.61 97.59 -8.26
CA ALA L 52 75.42 96.41 -7.95
C ALA L 52 75.02 95.21 -8.80
N GLU L 53 76.00 94.56 -9.43
CA GLU L 53 75.72 93.42 -10.27
C GLU L 53 75.91 92.10 -9.52
N GLY L 54 74.83 91.60 -8.94
CA GLY L 54 74.89 90.36 -8.20
C GLY L 54 75.14 89.16 -9.09
N ASP L 55 75.80 88.15 -8.52
CA ASP L 55 76.12 86.93 -9.25
C ASP L 55 75.95 85.76 -8.29
N LYS L 56 76.41 84.58 -8.71
CA LYS L 56 76.30 83.36 -7.93
C LYS L 56 76.67 83.48 -6.46
N GLU L 57 77.79 84.13 -6.16
CA GLU L 57 78.25 84.29 -4.79
C GLU L 57 77.37 85.18 -3.94
N ASP L 58 76.70 86.13 -4.58
CA ASP L 58 75.81 87.03 -3.89
C ASP L 58 74.49 86.32 -3.60
N VAL L 59 74.05 85.50 -4.55
CA VAL L 59 72.83 84.72 -4.40
C VAL L 59 73.05 83.74 -3.26
N ASP L 60 74.25 83.19 -3.17
CA ASP L 60 74.58 82.23 -2.11
C ASP L 60 74.49 82.87 -0.74
N LYS L 61 74.93 84.13 -0.64
CA LYS L 61 74.86 84.85 0.62
C LYS L 61 73.41 85.13 0.98
N ALA L 62 72.61 85.47 -0.03
CA ALA L 62 71.19 85.77 0.16
C ALA L 62 70.44 84.54 0.66
N VAL L 63 70.67 83.41 -0.01
CA VAL L 63 70.00 82.17 0.37
C VAL L 63 70.35 81.79 1.81
N LYS L 64 71.63 81.93 2.17
CA LYS L 64 72.07 81.60 3.52
C LYS L 64 71.37 82.45 4.56
N ALA L 65 71.17 83.73 4.25
CA ALA L 65 70.49 84.66 5.15
C ALA L 65 69.01 84.26 5.28
N ALA L 66 68.41 83.93 4.15
CA ALA L 66 67.00 83.51 4.11
C ALA L 66 66.81 82.24 4.93
N ARG L 67 67.69 81.25 4.71
CA ARG L 67 67.61 79.97 5.42
C ARG L 67 67.73 80.17 6.92
N ALA L 68 68.56 81.12 7.34
CA ALA L 68 68.76 81.42 8.75
C ALA L 68 67.50 82.04 9.37
N ALA L 69 66.89 82.98 8.65
CA ALA L 69 65.68 83.63 9.11
C ALA L 69 64.53 82.65 9.16
N PHE L 70 64.66 81.53 8.45
CA PHE L 70 63.61 80.52 8.40
C PHE L 70 63.81 79.40 9.39
N GLN L 71 64.91 79.42 10.14
CA GLN L 71 65.16 78.38 11.13
C GLN L 71 64.13 78.30 12.26
N LEU L 72 63.78 77.07 12.63
CA LEU L 72 62.81 76.80 13.70
C LEU L 72 63.17 77.61 14.93
N GLY L 73 62.22 78.38 15.46
CA GLY L 73 62.50 79.18 16.63
C GLY L 73 62.88 80.62 16.33
N SER L 74 63.12 80.95 15.07
CA SER L 74 63.49 82.30 14.67
C SER L 74 62.32 83.26 14.84
N PRO L 75 62.60 84.57 14.87
CA PRO L 75 61.51 85.54 15.03
C PRO L 75 60.42 85.43 13.97
N TRP L 76 60.80 85.18 12.72
CA TRP L 76 59.83 85.05 11.62
C TRP L 76 58.97 83.77 11.72
N ARG L 77 59.58 82.69 12.20
CA ARG L 77 58.88 81.42 12.35
C ARG L 77 57.96 81.37 13.55
N ARG L 78 58.35 82.06 14.62
CA ARG L 78 57.57 82.10 15.85
C ARG L 78 56.50 83.17 15.81
N MET L 79 56.70 84.18 14.97
CA MET L 79 55.76 85.28 14.85
C MET L 79 54.32 84.84 14.62
N ASP L 80 53.37 85.54 15.23
CA ASP L 80 51.95 85.24 15.06
C ASP L 80 51.59 85.51 13.59
N ALA L 81 50.74 84.67 13.03
CA ALA L 81 50.32 84.82 11.65
C ALA L 81 49.65 86.17 11.47
N SER L 82 48.92 86.61 12.47
CA SER L 82 48.24 87.90 12.39
C SER L 82 49.25 89.04 12.36
N HIS L 83 50.42 88.80 12.94
CA HIS L 83 51.45 89.83 12.97
C HIS L 83 52.10 89.99 11.60
N ARG L 84 52.19 88.89 10.84
CA ARG L 84 52.77 88.95 9.50
C ARG L 84 51.84 89.84 8.70
N GLY L 85 50.55 89.76 9.04
CA GLY L 85 49.56 90.59 8.38
C GLY L 85 49.78 92.04 8.74
N ARG L 86 50.11 92.29 10.00
CA ARG L 86 50.36 93.65 10.46
C ARG L 86 51.56 94.25 9.72
N LEU L 87 52.60 93.44 9.55
CA LEU L 87 53.81 93.85 8.86
C LEU L 87 53.52 94.20 7.42
N LEU L 88 52.73 93.37 6.74
CA LEU L 88 52.35 93.60 5.36
C LEU L 88 51.56 94.89 5.22
N ASN L 89 50.65 95.14 6.15
CA ASN L 89 49.87 96.37 6.12
C ASN L 89 50.75 97.60 6.38
N ARG L 90 51.78 97.41 7.20
CA ARG L 90 52.73 98.48 7.56
C ARG L 90 53.51 98.81 6.28
N LEU L 91 53.92 97.76 5.56
CA LEU L 91 54.64 97.92 4.31
C LEU L 91 53.79 98.69 3.32
N ALA L 92 52.50 98.39 3.30
CA ALA L 92 51.58 99.06 2.40
C ALA L 92 51.48 100.53 2.76
N ASP L 93 51.42 100.82 4.05
CA ASP L 93 51.33 102.22 4.52
C ASP L 93 52.55 103.02 4.12
N LEU L 94 53.73 102.40 4.26
CA LEU L 94 55.00 103.04 3.90
C LEU L 94 55.04 103.33 2.40
N ILE L 95 54.59 102.36 1.61
CA ILE L 95 54.55 102.53 0.16
C ILE L 95 53.58 103.64 -0.22
N GLU L 96 52.47 103.76 0.50
CA GLU L 96 51.52 104.81 0.18
C GLU L 96 52.08 106.17 0.56
N ARG L 97 52.88 106.19 1.62
CA ARG L 97 53.51 107.43 2.09
C ARG L 97 54.45 107.97 1.00
N ASP L 98 55.20 107.06 0.40
CA ASP L 98 56.16 107.41 -0.64
C ASP L 98 55.60 107.10 -2.04
N ARG L 99 54.28 107.12 -2.17
CA ARG L 99 53.63 106.82 -3.45
C ARG L 99 54.05 107.73 -4.61
N THR L 100 54.05 109.05 -4.38
CA THR L 100 54.43 110.01 -5.41
C THR L 100 55.85 109.76 -5.90
N TYR L 101 56.75 109.53 -4.96
CA TYR L 101 58.15 109.26 -5.28
C TYR L 101 58.28 107.97 -6.11
N LEU L 102 57.75 106.87 -5.57
CA LEU L 102 57.82 105.57 -6.22
C LEU L 102 57.22 105.56 -7.63
N ALA L 103 56.11 106.28 -7.81
CA ALA L 103 55.47 106.37 -9.13
C ALA L 103 56.42 107.01 -10.14
N ALA L 104 57.06 108.09 -9.71
CA ALA L 104 58.02 108.82 -10.53
C ALA L 104 59.24 107.96 -10.85
N LEU L 105 59.78 107.27 -9.85
CA LEU L 105 60.94 106.42 -10.03
C LEU L 105 60.61 105.24 -10.96
N GLU L 106 59.38 104.77 -10.88
CA GLU L 106 58.91 103.68 -11.72
C GLU L 106 58.93 104.15 -13.17
N THR L 107 58.37 105.34 -13.41
CA THR L 107 58.32 105.93 -14.75
C THR L 107 59.73 106.19 -15.29
N LEU L 108 60.61 106.69 -14.43
CA LEU L 108 61.98 107.00 -14.82
C LEU L 108 62.73 105.79 -15.32
N ASP L 109 62.62 104.68 -14.61
CA ASP L 109 63.33 103.45 -14.97
C ASP L 109 62.61 102.53 -15.96
N ASN L 110 61.27 102.53 -15.94
CA ASN L 110 60.49 101.66 -16.83
C ASN L 110 60.01 102.35 -18.11
N GLY L 111 59.55 103.59 -17.97
CA GLY L 111 59.09 104.32 -19.13
C GLY L 111 57.59 104.53 -19.19
N LYS L 112 56.84 103.80 -18.37
CA LYS L 112 55.38 103.96 -18.37
C LYS L 112 54.97 105.34 -17.88
N PRO L 113 53.85 105.89 -18.41
CA PRO L 113 53.36 107.22 -18.02
C PRO L 113 53.22 107.36 -16.52
N TYR L 114 53.66 108.50 -15.98
CA TYR L 114 53.60 108.76 -14.55
C TYR L 114 52.20 108.65 -14.00
N VAL L 115 51.24 109.16 -14.75
CA VAL L 115 49.83 109.11 -14.35
C VAL L 115 49.39 107.66 -14.10
N ILE L 116 49.73 106.76 -15.03
CA ILE L 116 49.38 105.37 -14.90
C ILE L 116 50.17 104.71 -13.77
N SER L 117 51.42 105.12 -13.61
CA SER L 117 52.26 104.56 -12.56
C SER L 117 51.68 104.90 -11.17
N TYR L 118 51.12 106.10 -11.06
CA TYR L 118 50.54 106.55 -9.81
C TYR L 118 49.17 105.97 -9.56
N LEU L 119 48.25 106.19 -10.50
CA LEU L 119 46.87 105.71 -10.39
C LEU L 119 46.60 104.22 -10.61
N VAL L 120 47.48 103.55 -11.35
CA VAL L 120 47.29 102.14 -11.62
C VAL L 120 48.27 101.26 -10.87
N ASP L 121 49.54 101.31 -11.27
CA ASP L 121 50.56 100.47 -10.66
C ASP L 121 50.60 100.52 -9.14
N LEU L 122 50.86 101.69 -8.57
CA LEU L 122 50.94 101.83 -7.13
C LEU L 122 49.64 101.54 -6.41
N ASP L 123 48.52 101.84 -7.06
CA ASP L 123 47.21 101.58 -6.46
C ASP L 123 47.01 100.08 -6.31
N MET L 124 47.42 99.33 -7.33
CA MET L 124 47.31 97.88 -7.32
C MET L 124 48.31 97.23 -6.38
N VAL L 125 49.48 97.85 -6.22
CA VAL L 125 50.51 97.34 -5.31
C VAL L 125 49.98 97.41 -3.86
N LEU L 126 49.37 98.54 -3.53
CA LEU L 126 48.78 98.75 -2.21
C LEU L 126 47.63 97.76 -1.95
N LYS L 127 46.77 97.61 -2.96
CA LYS L 127 45.63 96.71 -2.85
C LYS L 127 46.09 95.26 -2.79
N CYS L 128 47.18 94.94 -3.47
CA CYS L 128 47.67 93.59 -3.44
C CYS L 128 48.25 93.23 -2.07
N LEU L 129 49.08 94.12 -1.53
CA LEU L 129 49.70 93.90 -0.23
C LEU L 129 48.66 93.86 0.88
N ARG L 130 47.71 94.79 0.82
CA ARG L 130 46.66 94.84 1.82
C ARG L 130 45.74 93.62 1.75
N TYR L 131 45.57 93.11 0.55
CA TYR L 131 44.72 91.93 0.35
C TYR L 131 45.39 90.75 1.04
N TYR L 132 46.68 90.55 0.74
CA TYR L 132 47.42 89.45 1.32
C TYR L 132 47.68 89.54 2.82
N ALA L 133 47.68 90.76 3.33
CA ALA L 133 47.87 90.98 4.76
C ALA L 133 46.71 90.26 5.44
N GLY L 134 45.53 90.40 4.86
CA GLY L 134 44.32 89.78 5.37
C GLY L 134 44.33 88.27 5.32
N TRP L 135 45.10 87.68 4.41
CA TRP L 135 45.17 86.23 4.30
C TRP L 135 46.09 85.57 5.30
N ALA L 136 47.04 86.33 5.85
CA ALA L 136 48.03 85.82 6.80
C ALA L 136 47.53 84.83 7.85
N ASP L 137 46.39 85.15 8.45
CA ASP L 137 45.81 84.30 9.50
C ASP L 137 44.47 83.65 9.13
N LYS L 138 44.26 83.38 7.85
CA LYS L 138 43.00 82.78 7.42
C LYS L 138 43.12 81.55 6.51
N TYR L 139 44.33 81.10 6.21
CA TYR L 139 44.51 79.93 5.36
C TYR L 139 44.55 78.71 6.28
N HIS L 140 43.38 78.17 6.59
CA HIS L 140 43.26 77.02 7.48
C HIS L 140 43.67 75.67 6.92
N GLY L 141 44.02 74.77 7.84
CA GLY L 141 44.36 73.41 7.47
C GLY L 141 43.05 72.68 7.76
N LYS L 142 43.06 71.35 7.75
CA LYS L 142 41.81 70.62 7.99
C LYS L 142 41.91 69.56 9.07
N THR L 143 40.75 69.15 9.58
CA THR L 143 40.65 68.05 10.55
C THR L 143 39.83 67.07 9.71
N ILE L 144 40.46 65.95 9.37
CA ILE L 144 39.86 64.93 8.50
C ILE L 144 39.25 63.71 9.19
N PRO L 145 38.00 63.36 8.85
CA PRO L 145 37.31 62.21 9.46
C PRO L 145 37.76 60.87 8.85
N ILE L 146 39.03 60.56 9.07
CA ILE L 146 39.66 59.33 8.59
C ILE L 146 39.05 58.10 9.27
N ASP L 147 39.15 56.94 8.64
CA ASP L 147 38.61 55.71 9.22
C ASP L 147 39.44 55.26 10.43
N GLY L 148 38.81 54.53 11.34
CA GLY L 148 39.52 54.05 12.51
C GLY L 148 39.60 55.02 13.68
N ASP L 149 40.17 54.55 14.79
CA ASP L 149 40.27 55.40 15.97
C ASP L 149 41.50 56.30 15.90
N PHE L 150 41.41 57.30 15.04
CA PHE L 150 42.49 58.26 14.83
C PHE L 150 41.97 59.65 14.72
N PHE L 151 42.83 60.61 15.01
CA PHE L 151 42.49 62.02 14.88
C PHE L 151 43.49 62.51 13.85
N SER L 152 43.00 62.88 12.68
CA SER L 152 43.89 63.33 11.63
C SER L 152 43.64 64.76 11.26
N TYR L 153 44.70 65.52 11.09
CA TYR L 153 44.59 66.92 10.71
C TYR L 153 45.76 67.33 9.84
N THR L 154 45.66 68.50 9.22
CA THR L 154 46.72 68.99 8.36
C THR L 154 47.15 70.39 8.76
N ARG L 155 48.43 70.66 8.59
CA ARG L 155 49.02 71.96 8.89
C ARG L 155 49.50 72.51 7.56
N HIS L 156 49.25 73.79 7.33
CA HIS L 156 49.71 74.43 6.11
C HIS L 156 50.98 75.20 6.51
N GLU L 157 52.12 74.59 6.22
CA GLU L 157 53.41 75.17 6.56
C GLU L 157 54.02 75.90 5.38
N PRO L 158 54.94 76.84 5.64
CA PRO L 158 55.56 77.58 4.54
C PRO L 158 56.42 76.62 3.75
N VAL L 159 56.64 76.90 2.48
CA VAL L 159 57.44 76.04 1.64
C VAL L 159 58.94 76.20 1.99
N GLY L 160 59.31 77.38 2.51
CA GLY L 160 60.69 77.66 2.89
C GLY L 160 61.34 78.81 2.16
N VAL L 161 62.50 78.55 1.56
CA VAL L 161 63.21 79.58 0.83
C VAL L 161 62.68 79.65 -0.59
N CYS L 162 62.03 80.77 -0.90
CA CYS L 162 61.45 80.97 -2.22
C CYS L 162 62.25 81.91 -3.08
N GLY L 163 62.69 81.40 -4.23
CA GLY L 163 63.43 82.22 -5.17
C GLY L 163 62.40 82.87 -6.08
N GLN L 164 62.45 84.20 -6.19
CA GLN L 164 61.50 84.90 -7.03
C GLN L 164 62.19 85.78 -8.07
N ILE L 165 62.03 85.39 -9.33
CA ILE L 165 62.63 86.09 -10.46
C ILE L 165 61.51 86.83 -11.18
N ILE L 166 61.56 88.16 -11.20
CA ILE L 166 60.53 88.95 -11.84
C ILE L 166 60.99 89.78 -13.05
N PRO L 167 60.06 90.08 -13.97
CA PRO L 167 60.30 90.85 -15.21
C PRO L 167 60.36 92.36 -15.00
N TRP L 168 60.37 93.10 -16.11
CA TRP L 168 60.47 94.55 -16.09
C TRP L 168 59.23 95.33 -16.49
N ASN L 169 58.22 94.64 -17.03
CA ASN L 169 57.01 95.34 -17.45
C ASN L 169 56.22 96.03 -16.34
N PHE L 170 56.20 95.41 -15.16
CA PHE L 170 55.52 95.97 -14.00
C PHE L 170 56.40 95.69 -12.80
N PRO L 171 57.53 96.43 -12.66
CA PRO L 171 58.50 96.27 -11.56
C PRO L 171 57.90 96.17 -10.17
N LEU L 172 57.17 97.21 -9.75
CA LEU L 172 56.54 97.23 -8.44
C LEU L 172 55.44 96.19 -8.25
N LEU L 173 54.48 96.16 -9.19
CA LEU L 173 53.37 95.23 -9.10
C LEU L 173 53.84 93.78 -9.08
N MET L 174 54.81 93.45 -9.92
CA MET L 174 55.34 92.10 -9.99
C MET L 174 55.94 91.70 -8.65
N GLN L 175 56.62 92.66 -8.03
CA GLN L 175 57.24 92.44 -6.73
C GLN L 175 56.16 92.16 -5.68
N ALA L 176 55.13 92.99 -5.67
CA ALA L 176 54.03 92.85 -4.72
C ALA L 176 53.28 91.53 -4.90
N TRP L 177 53.04 91.15 -6.15
CA TRP L 177 52.33 89.89 -6.46
C TRP L 177 53.11 88.68 -5.97
N LYS L 178 54.42 88.86 -5.80
CA LYS L 178 55.27 87.79 -5.32
C LYS L 178 55.45 87.82 -3.79
N LEU L 179 55.72 89.00 -3.24
CA LEU L 179 55.92 89.14 -1.80
C LEU L 179 54.65 88.90 -1.00
N GLY L 180 53.53 89.36 -1.57
CA GLY L 180 52.25 89.23 -0.92
C GLY L 180 51.93 87.84 -0.40
N PRO L 181 51.78 86.85 -1.30
CA PRO L 181 51.47 85.48 -0.92
C PRO L 181 52.60 84.80 -0.17
N ALA L 182 53.82 85.05 -0.62
CA ALA L 182 54.97 84.42 0.01
C ALA L 182 55.10 84.81 1.49
N LEU L 183 54.99 86.10 1.76
CA LEU L 183 55.12 86.61 3.11
C LEU L 183 53.90 86.28 3.98
N ALA L 184 52.71 86.37 3.39
CA ALA L 184 51.49 86.06 4.12
C ALA L 184 51.52 84.63 4.68
N THR L 185 52.15 83.73 3.95
CA THR L 185 52.23 82.34 4.37
C THR L 185 53.49 82.01 5.19
N GLY L 186 54.28 83.03 5.51
CA GLY L 186 55.46 82.80 6.32
C GLY L 186 56.72 82.27 5.66
N ASN L 187 56.89 82.52 4.38
CA ASN L 187 58.08 82.07 3.67
C ASN L 187 59.16 83.16 3.71
N VAL L 188 60.35 82.82 3.23
CA VAL L 188 61.46 83.77 3.15
C VAL L 188 61.76 83.90 1.67
N VAL L 189 62.19 85.08 1.24
CA VAL L 189 62.42 85.32 -0.17
C VAL L 189 63.82 85.79 -0.59
N VAL L 190 64.22 85.33 -1.77
CA VAL L 190 65.48 85.69 -2.40
C VAL L 190 64.98 86.12 -3.77
N MET L 191 64.79 87.42 -3.94
CA MET L 191 64.25 87.97 -5.17
C MET L 191 65.27 88.54 -6.13
N LYS L 192 65.13 88.17 -7.41
CA LYS L 192 66.02 88.64 -8.46
C LYS L 192 65.20 89.56 -9.34
N VAL L 193 65.45 90.87 -9.28
CA VAL L 193 64.71 91.84 -10.10
C VAL L 193 65.33 92.04 -11.48
N ALA L 194 64.50 92.50 -12.43
CA ALA L 194 64.95 92.73 -13.79
C ALA L 194 66.05 93.79 -13.87
N GLU L 195 67.08 93.49 -14.67
CA GLU L 195 68.22 94.38 -14.89
C GLU L 195 67.80 95.74 -15.43
N GLN L 196 66.71 95.74 -16.21
CA GLN L 196 66.20 96.97 -16.81
C GLN L 196 65.49 97.87 -15.80
N THR L 197 64.88 97.27 -14.78
CA THR L 197 64.14 98.05 -13.77
C THR L 197 64.36 97.58 -12.33
N PRO L 198 65.58 97.70 -11.78
CA PRO L 198 65.79 97.27 -10.41
C PRO L 198 65.57 98.33 -9.34
N LEU L 199 65.52 99.60 -9.74
CA LEU L 199 65.37 100.72 -8.79
C LEU L 199 64.23 100.71 -7.77
N THR L 200 62.98 100.73 -8.25
CA THR L 200 61.83 100.74 -7.35
C THR L 200 61.81 99.55 -6.38
N ALA L 201 62.12 98.37 -6.88
CA ALA L 201 62.12 97.18 -6.05
C ALA L 201 63.11 97.32 -4.91
N LEU L 202 64.28 97.87 -5.22
CA LEU L 202 65.31 98.06 -4.19
C LEU L 202 64.89 99.10 -3.16
N TYR L 203 64.18 100.14 -3.59
CA TYR L 203 63.73 101.14 -2.64
C TYR L 203 62.71 100.52 -1.70
N VAL L 204 61.88 99.63 -2.24
CA VAL L 204 60.85 98.93 -1.46
C VAL L 204 61.52 98.07 -0.38
N ALA L 205 62.67 97.48 -0.71
CA ALA L 205 63.40 96.65 0.23
C ALA L 205 63.78 97.49 1.44
N ASN L 206 63.99 98.78 1.22
CA ASN L 206 64.34 99.68 2.30
C ASN L 206 63.10 99.87 3.18
N LEU L 207 61.93 99.94 2.54
CA LEU L 207 60.68 100.10 3.26
C LEU L 207 60.36 98.82 4.04
N ILE L 208 60.79 97.70 3.51
CA ILE L 208 60.57 96.41 4.15
C ILE L 208 61.31 96.38 5.47
N LYS L 209 62.51 96.99 5.48
CA LYS L 209 63.33 97.07 6.69
C LYS L 209 62.69 98.06 7.66
N GLU L 210 62.22 99.19 7.14
CA GLU L 210 61.59 100.19 7.98
C GLU L 210 60.28 99.67 8.59
N ALA L 211 59.59 98.79 7.88
CA ALA L 211 58.33 98.20 8.35
C ALA L 211 58.52 97.27 9.54
N GLY L 212 59.71 96.70 9.67
CA GLY L 212 59.97 95.82 10.79
C GLY L 212 60.18 94.34 10.48
N PHE L 213 60.20 93.98 9.20
CA PHE L 213 60.41 92.59 8.84
C PHE L 213 61.78 92.16 9.32
N PRO L 214 61.87 90.98 9.95
CA PRO L 214 63.14 90.45 10.45
C PRO L 214 64.18 90.32 9.34
N PRO L 215 65.47 90.40 9.71
CA PRO L 215 66.58 90.29 8.75
C PRO L 215 66.54 88.94 8.07
N GLY L 216 66.72 88.96 6.74
CA GLY L 216 66.74 87.72 5.99
C GLY L 216 65.42 87.22 5.44
N VAL L 217 64.32 87.83 5.88
CA VAL L 217 62.99 87.45 5.41
C VAL L 217 62.85 87.77 3.92
N VAL L 218 63.34 88.94 3.51
CA VAL L 218 63.30 89.36 2.12
C VAL L 218 64.70 89.79 1.71
N ASN L 219 65.22 89.17 0.66
CA ASN L 219 66.55 89.47 0.15
C ASN L 219 66.42 89.76 -1.34
N ILE L 220 66.93 90.89 -1.79
CA ILE L 220 66.85 91.24 -3.20
C ILE L 220 68.24 91.32 -3.81
N VAL L 221 68.46 90.56 -4.88
CA VAL L 221 69.75 90.55 -5.56
C VAL L 221 69.61 91.03 -7.00
N PRO L 222 69.91 92.30 -7.25
CA PRO L 222 69.80 92.83 -8.61
C PRO L 222 70.95 92.24 -9.44
N GLY L 223 70.74 92.06 -10.74
CA GLY L 223 71.77 91.49 -11.58
C GLY L 223 71.22 90.90 -12.85
N PHE L 224 72.07 90.21 -13.61
CA PHE L 224 71.65 89.61 -14.87
C PHE L 224 71.01 88.25 -14.68
N GLY L 225 70.28 87.83 -15.70
CA GLY L 225 69.58 86.56 -15.63
C GLY L 225 70.44 85.32 -15.64
N PRO L 226 71.26 85.12 -16.69
CA PRO L 226 72.12 83.93 -16.78
C PRO L 226 73.05 83.78 -15.58
N THR L 227 73.22 84.87 -14.82
CA THR L 227 74.10 84.88 -13.65
C THR L 227 73.33 84.66 -12.35
N ALA L 228 72.72 85.73 -11.86
CA ALA L 228 71.96 85.74 -10.62
C ALA L 228 70.72 84.87 -10.69
N GLY L 229 69.94 85.04 -11.74
CA GLY L 229 68.72 84.27 -11.90
C GLY L 229 68.97 82.77 -11.93
N ALA L 230 69.92 82.34 -12.76
CA ALA L 230 70.24 80.93 -12.89
C ALA L 230 70.79 80.36 -11.59
N ALA L 231 71.46 81.20 -10.81
CA ALA L 231 72.03 80.77 -9.54
C ALA L 231 70.93 80.39 -8.56
N ILE L 232 69.84 81.15 -8.61
CA ILE L 232 68.69 80.93 -7.74
C ILE L 232 68.00 79.64 -8.15
N ALA L 233 67.68 79.53 -9.43
CA ALA L 233 67.01 78.37 -9.97
C ALA L 233 67.76 77.06 -9.74
N SER L 234 69.08 77.10 -9.75
CA SER L 234 69.90 75.91 -9.58
C SER L 234 70.35 75.67 -8.16
N HIS L 235 70.09 76.64 -7.28
CA HIS L 235 70.52 76.52 -5.89
C HIS L 235 69.99 75.29 -5.17
N GLU L 236 70.88 74.60 -4.46
CA GLU L 236 70.52 73.38 -3.74
C GLU L 236 69.69 73.61 -2.49
N ASP L 237 69.66 74.85 -1.99
CA ASP L 237 68.91 75.14 -0.78
C ASP L 237 67.66 76.00 -0.98
N VAL L 238 67.30 76.26 -2.23
CA VAL L 238 66.10 77.02 -2.51
C VAL L 238 64.98 76.00 -2.68
N ASP L 239 63.94 76.09 -1.87
CA ASP L 239 62.83 75.14 -1.91
C ASP L 239 61.84 75.36 -3.05
N LYS L 240 61.75 76.59 -3.53
CA LYS L 240 60.81 76.90 -4.60
C LYS L 240 61.29 78.08 -5.42
N VAL L 241 60.99 78.05 -6.71
CA VAL L 241 61.36 79.13 -7.61
C VAL L 241 60.13 79.54 -8.41
N ALA L 242 59.80 80.81 -8.33
CA ALA L 242 58.67 81.35 -9.07
C ALA L 242 59.24 82.27 -10.14
N PHE L 243 58.95 81.97 -11.39
CA PHE L 243 59.47 82.76 -12.50
C PHE L 243 58.37 83.40 -13.33
N THR L 244 58.63 84.60 -13.81
CA THR L 244 57.68 85.35 -14.64
C THR L 244 58.47 86.01 -15.76
N GLY L 245 58.25 85.55 -16.99
CA GLY L 245 58.96 86.10 -18.13
C GLY L 245 58.70 85.37 -19.43
N SER L 246 59.75 85.23 -20.25
CA SER L 246 59.64 84.55 -21.53
C SER L 246 59.56 83.05 -21.39
N THR L 247 58.87 82.41 -22.35
CA THR L 247 58.70 80.97 -22.37
C THR L 247 60.07 80.30 -22.53
N GLU L 248 60.95 80.96 -23.27
CA GLU L 248 62.31 80.51 -23.52
C GLU L 248 63.06 80.24 -22.23
N ILE L 249 63.11 81.26 -21.37
CA ILE L 249 63.79 81.17 -20.09
C ILE L 249 63.02 80.28 -19.10
N GLY L 250 61.70 80.26 -19.24
CA GLY L 250 60.86 79.44 -18.37
C GLY L 250 61.25 77.98 -18.44
N ARG L 251 61.71 77.54 -19.61
CA ARG L 251 62.12 76.16 -19.82
C ARG L 251 63.46 75.90 -19.13
N VAL L 252 64.34 76.89 -19.19
CA VAL L 252 65.65 76.81 -18.58
C VAL L 252 65.49 76.64 -17.07
N ILE L 253 64.56 77.41 -16.50
CA ILE L 253 64.26 77.38 -15.08
C ILE L 253 63.79 76.00 -14.62
N GLN L 254 62.83 75.43 -15.34
CA GLN L 254 62.29 74.11 -14.99
C GLN L 254 63.33 73.00 -15.08
N VAL L 255 64.20 73.07 -16.07
CA VAL L 255 65.26 72.09 -16.24
C VAL L 255 66.28 72.22 -15.10
N ALA L 256 66.63 73.48 -14.78
CA ALA L 256 67.59 73.77 -13.72
C ALA L 256 67.08 73.25 -12.38
N ALA L 257 65.76 73.25 -12.21
CA ALA L 257 65.13 72.79 -10.99
C ALA L 257 65.16 71.26 -10.88
N GLY L 258 64.96 70.59 -12.01
CA GLY L 258 64.98 69.14 -12.02
C GLY L 258 66.39 68.59 -11.91
N SER L 259 67.34 69.41 -12.35
CA SER L 259 68.76 69.06 -12.32
C SER L 259 69.37 69.28 -10.94
N SER L 260 68.70 70.08 -10.11
CA SER L 260 69.21 70.37 -8.77
C SER L 260 68.58 69.60 -7.60
N ASN L 261 67.60 70.20 -6.94
CA ASN L 261 66.96 69.57 -5.77
C ASN L 261 65.48 69.27 -5.88
N LEU L 262 64.97 69.23 -7.11
CA LEU L 262 63.55 68.95 -7.34
C LEU L 262 62.65 69.98 -6.65
N LYS L 263 63.12 71.22 -6.62
CA LYS L 263 62.38 72.32 -6.02
C LYS L 263 61.09 72.56 -6.79
N ARG L 264 60.12 73.19 -6.15
CA ARG L 264 58.86 73.50 -6.78
C ARG L 264 59.05 74.64 -7.78
N VAL L 265 58.31 74.58 -8.89
CA VAL L 265 58.42 75.59 -9.92
C VAL L 265 57.07 76.04 -10.43
N THR L 266 56.87 77.35 -10.48
CA THR L 266 55.64 77.94 -11.02
C THR L 266 56.14 78.89 -12.10
N LEU L 267 55.51 78.84 -13.27
CA LEU L 267 55.92 79.69 -14.39
C LEU L 267 54.80 80.58 -14.86
N GLU L 268 55.13 81.85 -15.03
CA GLU L 268 54.16 82.84 -15.48
C GLU L 268 54.70 83.35 -16.83
N LEU L 269 54.45 82.57 -17.89
CA LEU L 269 54.93 82.92 -19.22
C LEU L 269 53.96 83.83 -19.98
N GLY L 270 54.41 84.31 -21.15
CA GLY L 270 53.60 85.21 -21.95
C GLY L 270 52.44 84.56 -22.66
N GLY L 271 51.97 85.20 -23.72
CA GLY L 271 50.86 84.65 -24.47
C GLY L 271 50.55 85.41 -25.74
N LYS L 272 49.56 84.93 -26.46
CA LYS L 272 49.12 85.56 -27.70
C LYS L 272 47.61 85.58 -27.53
N SER L 273 47.20 86.18 -26.42
CA SER L 273 45.80 86.26 -26.04
C SER L 273 44.82 86.82 -27.06
N PRO L 274 43.78 86.05 -27.38
CA PRO L 274 42.74 86.42 -28.33
C PRO L 274 41.62 87.28 -27.73
N ASN L 275 41.28 88.37 -28.41
CA ASN L 275 40.20 89.26 -27.97
C ASN L 275 39.11 89.14 -29.05
N ILE L 276 38.09 88.35 -28.75
CA ILE L 276 37.00 88.10 -29.68
C ILE L 276 35.85 89.10 -29.64
N ILE L 277 35.65 89.82 -30.75
CA ILE L 277 34.57 90.81 -30.83
C ILE L 277 33.43 90.29 -31.71
N MET L 278 32.29 89.98 -31.10
CA MET L 278 31.13 89.48 -31.81
C MET L 278 30.39 90.63 -32.48
N SER L 279 29.56 90.31 -33.47
CA SER L 279 28.81 91.32 -34.21
C SER L 279 27.82 92.14 -33.37
N ASP L 280 27.28 91.55 -32.31
CA ASP L 280 26.33 92.26 -31.46
C ASP L 280 26.95 93.04 -30.29
N ALA L 281 28.27 93.10 -30.28
CA ALA L 281 29.00 93.82 -29.23
C ALA L 281 28.78 95.32 -29.33
N ASP L 282 28.97 96.01 -28.21
CA ASP L 282 28.82 97.45 -28.18
C ASP L 282 30.05 97.97 -28.88
N MET L 283 29.87 98.47 -30.11
CA MET L 283 30.95 99.00 -30.93
C MET L 283 31.89 99.98 -30.20
N ASP L 284 31.31 101.03 -29.64
CA ASP L 284 32.09 102.05 -28.92
C ASP L 284 32.98 101.45 -27.83
N TRP L 285 32.37 100.62 -26.99
CA TRP L 285 33.06 99.97 -25.89
C TRP L 285 34.10 98.97 -26.37
N ALA L 286 33.73 98.15 -27.35
CA ALA L 286 34.62 97.14 -27.90
C ALA L 286 35.89 97.72 -28.52
N VAL L 287 35.74 98.83 -29.25
CA VAL L 287 36.88 99.49 -29.89
C VAL L 287 37.83 100.08 -28.86
N GLU L 288 37.26 100.75 -27.86
CA GLU L 288 38.02 101.37 -26.79
C GLU L 288 38.77 100.34 -25.97
N GLN L 289 38.07 99.25 -25.64
CA GLN L 289 38.67 98.18 -24.85
C GLN L 289 39.68 97.35 -25.62
N ALA L 290 39.44 97.13 -26.91
CA ALA L 290 40.36 96.37 -27.75
C ALA L 290 41.65 97.17 -27.86
N HIS L 291 41.51 98.50 -27.93
CA HIS L 291 42.65 99.40 -28.02
C HIS L 291 43.45 99.26 -26.72
N PHE L 292 42.75 99.37 -25.59
CA PHE L 292 43.35 99.26 -24.26
C PHE L 292 43.98 97.88 -24.09
N ALA L 293 43.25 96.86 -24.53
CA ALA L 293 43.66 95.47 -24.45
C ALA L 293 45.06 95.20 -25.00
N LEU L 294 45.44 95.91 -26.05
CA LEU L 294 46.76 95.70 -26.62
C LEU L 294 47.78 96.77 -26.31
N PHE L 295 47.38 98.04 -26.47
CA PHE L 295 48.30 99.15 -26.25
C PHE L 295 48.72 99.46 -24.82
N PHE L 296 47.97 98.93 -23.84
CA PHE L 296 48.27 99.17 -22.43
C PHE L 296 49.73 98.85 -22.09
N ASN L 297 50.36 99.76 -21.35
CA ASN L 297 51.74 99.65 -20.93
C ASN L 297 52.69 99.41 -22.11
N GLN L 298 52.51 100.21 -23.15
CA GLN L 298 53.33 100.11 -24.36
C GLN L 298 53.27 98.72 -24.97
N GLY L 299 52.15 98.04 -24.76
CA GLY L 299 52.00 96.69 -25.28
C GLY L 299 52.81 95.65 -24.52
N GLN L 300 53.60 96.12 -23.56
CA GLN L 300 54.45 95.24 -22.75
C GLN L 300 53.63 94.62 -21.62
N CYS L 301 52.69 93.78 -22.00
CA CYS L 301 51.79 93.12 -21.07
C CYS L 301 51.74 91.63 -21.43
N CYS L 302 51.94 90.76 -20.46
CA CYS L 302 51.94 89.32 -20.70
C CYS L 302 50.64 88.79 -21.33
N CYS L 303 49.52 89.41 -20.95
CA CYS L 303 48.21 88.99 -21.45
C CYS L 303 47.59 90.00 -22.41
N ALA L 304 48.43 90.68 -23.19
CA ALA L 304 47.98 91.67 -24.15
C ALA L 304 47.12 91.02 -25.22
N GLY L 305 46.02 91.68 -25.59
CA GLY L 305 45.14 91.16 -26.63
C GLY L 305 45.73 91.39 -28.00
N SER L 306 46.80 90.63 -28.27
CA SER L 306 47.56 90.69 -29.51
C SER L 306 46.90 90.05 -30.74
N ARG L 307 45.72 89.45 -30.56
CA ARG L 307 44.99 88.82 -31.65
C ARG L 307 43.54 89.24 -31.52
N THR L 308 43.21 90.35 -32.16
CA THR L 308 41.84 90.87 -32.11
C THR L 308 40.97 90.27 -33.22
N PHE L 309 40.19 89.24 -32.88
CA PHE L 309 39.29 88.59 -33.83
C PHE L 309 38.00 89.40 -33.90
N VAL L 310 37.63 89.83 -35.10
CA VAL L 310 36.41 90.62 -35.29
C VAL L 310 35.51 89.93 -36.31
N GLN L 311 34.23 89.82 -36.00
CA GLN L 311 33.28 89.19 -36.92
C GLN L 311 33.12 90.04 -38.18
N GLU L 312 33.05 89.38 -39.33
CA GLU L 312 32.94 90.03 -40.65
C GLU L 312 31.95 91.17 -40.80
N ASP L 313 30.76 91.03 -40.24
CA ASP L 313 29.73 92.05 -40.35
C ASP L 313 30.12 93.43 -39.79
N ILE L 314 31.00 93.45 -38.80
CA ILE L 314 31.45 94.71 -38.19
C ILE L 314 32.95 94.98 -38.38
N TYR L 315 33.61 94.11 -39.13
CA TYR L 315 35.04 94.24 -39.39
C TYR L 315 35.49 95.60 -39.90
N ASP L 316 34.94 96.01 -41.05
CA ASP L 316 35.29 97.29 -41.66
C ASP L 316 35.12 98.47 -40.71
N GLU L 317 33.97 98.57 -40.05
CA GLU L 317 33.70 99.67 -39.12
C GLU L 317 34.65 99.63 -37.91
N PHE L 318 34.87 98.43 -37.39
CA PHE L 318 35.75 98.24 -36.23
C PHE L 318 37.18 98.68 -36.57
N VAL L 319 37.72 98.13 -37.66
CA VAL L 319 39.07 98.46 -38.08
C VAL L 319 39.24 99.96 -38.29
N GLU L 320 38.23 100.59 -38.86
CA GLU L 320 38.26 102.02 -39.12
C GLU L 320 38.44 102.80 -37.82
N ARG L 321 37.61 102.46 -36.84
CA ARG L 321 37.65 103.12 -35.54
C ARG L 321 38.93 102.83 -34.77
N SER L 322 39.42 101.61 -34.88
CA SER L 322 40.65 101.21 -34.20
C SER L 322 41.86 101.94 -34.76
N VAL L 323 41.88 102.14 -36.08
CA VAL L 323 42.97 102.85 -36.73
C VAL L 323 42.95 104.33 -36.30
N ALA L 324 41.76 104.91 -36.24
CA ALA L 324 41.58 106.31 -35.83
C ALA L 324 42.06 106.49 -34.39
N ARG L 325 41.71 105.55 -33.53
CA ARG L 325 42.10 105.59 -32.13
C ARG L 325 43.60 105.43 -31.98
N ALA L 326 44.19 104.56 -32.79
CA ALA L 326 45.63 104.32 -32.74
C ALA L 326 46.43 105.56 -33.16
N LYS L 327 45.92 106.25 -34.18
CA LYS L 327 46.58 107.46 -34.68
C LYS L 327 46.47 108.61 -33.68
N SER L 328 45.40 108.62 -32.90
CA SER L 328 45.18 109.68 -31.91
C SER L 328 45.88 109.42 -30.57
N ARG L 329 46.48 108.24 -30.43
CA ARG L 329 47.19 107.88 -29.20
C ARG L 329 48.47 108.71 -29.06
N VAL L 330 48.48 109.58 -28.05
CA VAL L 330 49.60 110.47 -27.79
C VAL L 330 50.84 109.75 -27.28
N VAL L 331 51.93 109.86 -28.02
CA VAL L 331 53.19 109.26 -27.65
C VAL L 331 54.14 110.38 -27.25
N GLY L 332 54.90 110.19 -26.17
CA GLY L 332 55.82 111.22 -25.74
C GLY L 332 56.41 111.03 -24.35
N ASN L 333 56.83 112.15 -23.76
CA ASN L 333 57.43 112.15 -22.43
C ASN L 333 56.44 111.58 -21.41
N PRO L 334 56.81 110.46 -20.77
CA PRO L 334 55.97 109.80 -19.78
C PRO L 334 55.53 110.69 -18.61
N PHE L 335 56.33 111.72 -18.30
CA PHE L 335 56.02 112.63 -17.21
C PHE L 335 54.97 113.68 -17.60
N ASP L 336 54.64 113.75 -18.88
CA ASP L 336 53.65 114.68 -19.39
C ASP L 336 52.27 114.07 -19.17
N SER L 337 51.36 114.84 -18.60
CA SER L 337 50.00 114.36 -18.32
C SER L 337 49.19 113.93 -19.55
N LYS L 338 49.51 114.49 -20.72
CA LYS L 338 48.80 114.14 -21.95
C LYS L 338 49.29 112.85 -22.58
N THR L 339 50.49 112.40 -22.21
CA THR L 339 51.08 111.18 -22.75
C THR L 339 50.32 109.92 -22.41
N GLU L 340 49.95 109.16 -23.44
CA GLU L 340 49.23 107.91 -23.29
C GLU L 340 50.21 106.74 -23.39
N GLN L 341 51.23 106.90 -24.21
CA GLN L 341 52.22 105.84 -24.38
C GLN L 341 53.64 106.36 -24.28
N GLY L 342 54.41 105.73 -23.42
CA GLY L 342 55.80 106.11 -23.24
C GLY L 342 56.69 105.26 -24.13
N PRO L 343 57.99 105.19 -23.84
CA PRO L 343 58.91 104.38 -24.64
C PRO L 343 58.91 102.92 -24.23
N GLN L 344 59.55 102.07 -25.02
CA GLN L 344 59.65 100.65 -24.68
C GLN L 344 60.75 100.58 -23.63
N VAL L 345 60.78 99.50 -22.87
CA VAL L 345 61.77 99.33 -21.80
C VAL L 345 63.24 99.58 -22.15
N ASP L 346 63.72 98.98 -23.22
CA ASP L 346 65.12 99.16 -23.62
C ASP L 346 65.35 99.04 -25.12
N GLU L 347 66.62 99.18 -25.52
CA GLU L 347 66.99 99.10 -26.93
C GLU L 347 66.71 97.72 -27.53
N THR L 348 67.01 96.66 -26.78
CA THR L 348 66.79 95.30 -27.25
C THR L 348 65.35 95.07 -27.68
N GLN L 349 64.40 95.47 -26.83
CA GLN L 349 62.98 95.33 -27.13
C GLN L 349 62.58 96.26 -28.28
N PHE L 350 63.19 97.44 -28.30
CA PHE L 350 62.97 98.45 -29.33
C PHE L 350 63.20 97.83 -30.72
N LYS L 351 64.33 97.15 -30.87
CA LYS L 351 64.69 96.52 -32.14
C LYS L 351 63.83 95.30 -32.45
N LYS L 352 63.63 94.46 -31.44
CA LYS L 352 62.84 93.25 -31.59
C LYS L 352 61.44 93.57 -32.13
N ILE L 353 60.85 94.66 -31.65
CA ILE L 353 59.52 95.08 -32.10
C ILE L 353 59.59 95.59 -33.54
N LEU L 354 60.60 96.40 -33.85
CA LEU L 354 60.79 96.93 -35.19
C LEU L 354 60.96 95.77 -36.16
N GLY L 355 61.61 94.70 -35.69
CA GLY L 355 61.82 93.52 -36.50
C GLY L 355 60.50 92.84 -36.81
N TYR L 356 59.64 92.71 -35.80
CA TYR L 356 58.34 92.09 -36.00
C TYR L 356 57.45 92.92 -36.92
N ILE L 357 57.57 94.25 -36.83
CA ILE L 357 56.78 95.14 -37.68
C ILE L 357 57.17 94.88 -39.14
N ASN L 358 58.48 94.77 -39.37
CA ASN L 358 59.01 94.51 -40.70
C ASN L 358 58.55 93.13 -41.17
N THR L 359 58.65 92.14 -40.29
CA THR L 359 58.22 90.78 -40.61
C THR L 359 56.74 90.75 -40.97
N GLY L 360 55.96 91.65 -40.38
CA GLY L 360 54.54 91.74 -40.66
C GLY L 360 54.24 92.21 -42.07
N LYS L 361 54.95 93.25 -42.49
CA LYS L 361 54.79 93.82 -43.83
C LYS L 361 55.21 92.81 -44.89
N GLN L 362 56.30 92.09 -44.62
CA GLN L 362 56.81 91.10 -45.56
C GLN L 362 55.94 89.87 -45.77
N GLU L 363 55.18 89.45 -44.77
CA GLU L 363 54.32 88.29 -44.97
C GLU L 363 52.92 88.56 -45.46
N GLY L 364 52.62 89.82 -45.79
CA GLY L 364 51.33 90.12 -46.34
C GLY L 364 50.30 90.86 -45.51
N ALA L 365 50.63 91.13 -44.26
CA ALA L 365 49.69 91.84 -43.39
C ALA L 365 49.59 93.27 -43.87
N LYS L 366 48.36 93.79 -43.90
CA LYS L 366 48.10 95.15 -44.36
C LYS L 366 48.36 96.22 -43.27
N LEU L 367 49.47 96.96 -43.43
CA LEU L 367 49.82 98.01 -42.47
C LEU L 367 48.83 99.18 -42.59
N LEU L 368 48.03 99.37 -41.55
CA LEU L 368 47.01 100.42 -41.55
C LEU L 368 47.46 101.76 -40.96
N CYS L 369 48.49 101.73 -40.10
CA CYS L 369 49.03 102.94 -39.47
C CYS L 369 50.32 102.69 -38.71
N GLY L 370 51.09 103.75 -38.49
CA GLY L 370 52.35 103.65 -37.77
C GLY L 370 53.34 102.76 -38.49
N GLY L 371 54.10 101.97 -37.74
CA GLY L 371 55.07 101.06 -38.34
C GLY L 371 56.52 101.51 -38.24
N GLY L 372 56.76 102.67 -37.64
CA GLY L 372 58.13 103.16 -37.52
C GLY L 372 58.44 103.84 -36.20
N ILE L 373 59.65 104.39 -36.11
CA ILE L 373 60.09 105.09 -34.91
C ILE L 373 59.27 106.38 -34.71
N ALA L 374 58.90 106.65 -33.46
CA ALA L 374 58.10 107.83 -33.12
C ALA L 374 58.89 109.04 -32.64
N ALA L 375 60.19 108.85 -32.40
CA ALA L 375 61.07 109.92 -31.93
C ALA L 375 62.55 109.55 -32.08
N ASP L 376 63.39 110.57 -32.26
CA ASP L 376 64.84 110.37 -32.43
C ASP L 376 65.49 109.94 -31.11
N ARG L 377 64.96 110.48 -30.02
CA ARG L 377 65.47 110.22 -28.68
C ARG L 377 64.56 109.25 -27.94
N GLY L 378 65.18 108.27 -27.26
CA GLY L 378 64.39 107.29 -26.52
C GLY L 378 63.91 106.16 -27.40
N TYR L 379 63.35 105.13 -26.79
CA TYR L 379 62.87 103.98 -27.55
C TYR L 379 61.37 104.06 -27.83
N PHE L 380 60.96 105.12 -28.50
CA PHE L 380 59.54 105.30 -28.83
C PHE L 380 59.15 104.68 -30.16
N ILE L 381 58.02 103.99 -30.19
CA ILE L 381 57.52 103.36 -31.41
C ILE L 381 56.07 103.82 -31.64
N GLN L 382 55.72 104.06 -32.89
CA GLN L 382 54.38 104.52 -33.24
C GLN L 382 53.35 103.41 -33.07
N PRO L 383 52.14 103.77 -32.62
CA PRO L 383 51.06 102.80 -32.43
C PRO L 383 50.79 102.17 -33.79
N THR L 384 51.18 100.90 -33.93
CA THR L 384 51.03 100.14 -35.18
C THR L 384 49.80 99.24 -35.22
N VAL L 385 49.11 99.20 -36.36
CA VAL L 385 47.93 98.36 -36.52
C VAL L 385 48.01 97.60 -37.85
N PHE L 386 47.84 96.27 -37.78
CA PHE L 386 47.88 95.41 -38.96
C PHE L 386 46.49 94.84 -39.22
N GLY L 387 46.03 94.98 -40.46
CA GLY L 387 44.73 94.44 -40.84
C GLY L 387 44.84 93.16 -41.65
N ASP L 388 43.72 92.44 -41.77
CA ASP L 388 43.67 91.18 -42.52
C ASP L 388 44.77 90.19 -42.17
N VAL L 389 45.06 90.07 -40.87
CA VAL L 389 46.08 89.15 -40.39
C VAL L 389 45.58 87.70 -40.51
N GLN L 390 46.48 86.78 -40.79
CA GLN L 390 46.13 85.37 -40.93
C GLN L 390 46.81 84.54 -39.83
N ASP L 391 46.15 83.45 -39.44
CA ASP L 391 46.66 82.57 -38.39
C ASP L 391 48.10 82.07 -38.63
N GLY L 392 48.46 81.87 -39.90
CA GLY L 392 49.79 81.40 -40.23
C GLY L 392 50.92 82.40 -40.13
N MET L 393 50.59 83.69 -40.16
CA MET L 393 51.61 84.75 -40.08
C MET L 393 52.37 84.73 -38.74
N THR L 394 53.62 85.17 -38.79
CA THR L 394 54.45 85.22 -37.59
C THR L 394 53.92 86.21 -36.56
N ILE L 395 53.49 87.39 -37.01
CA ILE L 395 52.96 88.39 -36.10
C ILE L 395 51.65 87.95 -35.45
N ALA L 396 51.13 86.82 -35.88
CA ALA L 396 49.89 86.26 -35.33
C ALA L 396 50.18 85.02 -34.49
N LYS L 397 51.46 84.67 -34.38
CA LYS L 397 51.88 83.50 -33.62
C LYS L 397 52.84 83.84 -32.49
N GLU L 398 53.76 84.76 -32.76
CA GLU L 398 54.76 85.15 -31.78
C GLU L 398 54.44 86.43 -31.01
N GLU L 399 54.75 86.39 -29.73
CA GLU L 399 54.52 87.49 -28.82
C GLU L 399 55.44 88.67 -29.07
N ILE L 400 54.87 89.74 -29.61
CA ILE L 400 55.59 90.96 -29.96
C ILE L 400 56.00 91.80 -28.74
N PHE L 401 55.09 91.97 -27.79
CA PHE L 401 55.33 92.75 -26.58
C PHE L 401 55.56 94.22 -26.89
N GLY L 402 54.82 94.72 -27.88
CA GLY L 402 54.94 96.10 -28.28
C GLY L 402 53.61 96.66 -28.76
N PRO L 403 53.54 97.96 -29.02
CA PRO L 403 52.30 98.60 -29.49
C PRO L 403 51.97 98.24 -30.94
N VAL L 404 51.82 96.94 -31.19
CA VAL L 404 51.51 96.44 -32.53
C VAL L 404 50.25 95.58 -32.47
N MET L 405 49.17 96.10 -33.03
CA MET L 405 47.87 95.43 -33.03
C MET L 405 47.62 94.57 -34.27
N GLN L 406 47.11 93.35 -34.06
CA GLN L 406 46.78 92.44 -35.15
C GLN L 406 45.26 92.25 -35.17
N ILE L 407 44.62 92.58 -36.29
CA ILE L 407 43.19 92.42 -36.40
C ILE L 407 42.85 91.32 -37.41
N LEU L 408 42.20 90.27 -36.93
CA LEU L 408 41.81 89.14 -37.79
C LEU L 408 40.31 89.13 -38.01
N LYS L 409 39.88 88.51 -39.11
CA LYS L 409 38.46 88.41 -39.44
C LYS L 409 37.98 86.97 -39.29
N PHE L 410 36.74 86.82 -38.82
CA PHE L 410 36.16 85.49 -38.67
C PHE L 410 34.67 85.55 -38.97
N LYS L 411 34.09 84.39 -39.25
CA LYS L 411 32.68 84.33 -39.60
C LYS L 411 31.78 83.75 -38.53
N THR L 412 32.06 82.51 -38.11
CA THR L 412 31.23 81.87 -37.09
C THR L 412 31.87 81.77 -35.71
N ILE L 413 31.02 81.56 -34.70
CA ILE L 413 31.44 81.43 -33.31
C ILE L 413 32.21 80.13 -33.11
N GLU L 414 31.81 79.09 -33.84
CA GLU L 414 32.47 77.78 -33.76
C GLU L 414 33.88 77.88 -34.35
N GLU L 415 33.99 78.72 -35.38
CA GLU L 415 35.24 78.94 -36.09
C GLU L 415 36.26 79.64 -35.21
N VAL L 416 35.85 80.76 -34.61
CA VAL L 416 36.72 81.57 -33.77
C VAL L 416 37.27 80.80 -32.58
N VAL L 417 36.45 79.91 -32.00
CA VAL L 417 36.85 79.10 -30.86
C VAL L 417 38.09 78.29 -31.23
N GLY L 418 38.00 77.59 -32.36
CA GLY L 418 39.12 76.77 -32.80
C GLY L 418 40.36 77.57 -33.13
N ARG L 419 40.17 78.76 -33.71
CA ARG L 419 41.29 79.60 -34.07
C ARG L 419 41.94 80.24 -32.84
N ALA L 420 41.12 80.72 -31.91
CA ALA L 420 41.63 81.36 -30.70
C ALA L 420 42.39 80.33 -29.86
N ASN L 421 41.87 79.10 -29.81
CA ASN L 421 42.48 78.01 -29.05
C ASN L 421 43.72 77.45 -29.73
N ASN L 422 43.80 77.59 -31.04
CA ASN L 422 44.95 77.09 -31.79
C ASN L 422 46.15 77.98 -31.50
N SER L 423 46.80 77.70 -30.37
CA SER L 423 47.95 78.47 -29.93
C SER L 423 48.68 77.69 -28.84
N THR L 424 49.99 77.95 -28.72
CA THR L 424 50.82 77.30 -27.71
C THR L 424 50.56 77.99 -26.35
N TYR L 425 50.02 79.19 -26.42
CA TYR L 425 49.70 79.98 -25.23
C TYR L 425 48.25 79.86 -24.81
N GLY L 426 47.98 80.28 -23.58
CA GLY L 426 46.64 80.23 -23.03
C GLY L 426 46.56 80.98 -21.72
N LEU L 427 47.14 82.17 -21.69
CA LEU L 427 47.16 82.98 -20.49
C LEU L 427 45.82 83.69 -20.26
N ALA L 428 45.29 84.31 -21.31
CA ALA L 428 44.04 85.03 -21.22
C ALA L 428 43.30 85.06 -22.54
N ALA L 429 42.09 85.62 -22.50
CA ALA L 429 41.23 85.74 -23.67
C ALA L 429 40.05 86.62 -23.30
N ALA L 430 39.38 87.19 -24.29
CA ALA L 430 38.23 88.05 -24.02
C ALA L 430 37.14 87.87 -25.06
N VAL L 431 35.92 88.24 -24.67
CA VAL L 431 34.76 88.12 -25.53
C VAL L 431 33.88 89.35 -25.32
N PHE L 432 33.50 89.98 -26.43
CA PHE L 432 32.62 91.14 -26.38
C PHE L 432 31.33 90.75 -27.09
N THR L 433 30.25 90.73 -26.34
CA THR L 433 28.96 90.36 -26.87
C THR L 433 27.89 90.80 -25.88
N LYS L 434 26.65 90.96 -26.37
CA LYS L 434 25.54 91.33 -25.53
C LYS L 434 24.68 90.08 -25.25
N ASP L 435 24.94 89.02 -26.00
CA ASP L 435 24.19 87.76 -25.85
C ASP L 435 24.72 86.84 -24.75
N LEU L 436 23.80 86.44 -23.88
CA LEU L 436 24.08 85.56 -22.75
C LEU L 436 24.68 84.23 -23.18
N ASP L 437 23.97 83.52 -24.06
CA ASP L 437 24.43 82.22 -24.54
C ASP L 437 25.77 82.26 -25.25
N LYS L 438 26.05 83.33 -25.98
CA LYS L 438 27.33 83.46 -26.68
C LYS L 438 28.46 83.63 -25.67
N ALA L 439 28.23 84.49 -24.69
CA ALA L 439 29.22 84.77 -23.66
C ALA L 439 29.56 83.49 -22.90
N ASN L 440 28.53 82.73 -22.50
CA ASN L 440 28.75 81.50 -21.74
C ASN L 440 29.38 80.40 -22.58
N TYR L 441 29.02 80.36 -23.85
CA TYR L 441 29.57 79.36 -24.75
C TYR L 441 31.07 79.58 -24.92
N LEU L 442 31.45 80.82 -25.19
CA LEU L 442 32.86 81.17 -25.38
C LEU L 442 33.73 81.11 -24.13
N SER L 443 33.24 81.65 -23.02
CA SER L 443 34.03 81.63 -21.78
C SER L 443 34.35 80.20 -21.36
N GLN L 444 33.50 79.25 -21.76
CA GLN L 444 33.72 77.85 -21.41
C GLN L 444 34.62 77.15 -22.41
N ALA L 445 34.43 77.46 -23.69
CA ALA L 445 35.20 76.86 -24.77
C ALA L 445 36.64 77.36 -24.91
N LEU L 446 36.87 78.64 -24.62
CA LEU L 446 38.20 79.24 -24.70
C LEU L 446 39.14 78.59 -23.69
N GLN L 447 40.31 78.18 -24.18
CA GLN L 447 41.32 77.55 -23.34
C GLN L 447 42.32 78.59 -22.85
N ALA L 448 41.90 79.34 -21.82
CA ALA L 448 42.71 80.38 -21.23
C ALA L 448 42.48 80.43 -19.73
N GLY L 449 43.53 80.79 -18.99
CA GLY L 449 43.44 80.89 -17.55
C GLY L 449 42.47 81.96 -17.09
N THR L 450 42.29 82.97 -17.92
CA THR L 450 41.38 84.06 -17.59
C THR L 450 40.59 84.47 -18.84
N VAL L 451 39.28 84.50 -18.73
CA VAL L 451 38.41 84.91 -19.83
C VAL L 451 37.59 86.12 -19.41
N TRP L 452 37.81 87.25 -20.05
CA TRP L 452 37.07 88.46 -19.74
C TRP L 452 35.88 88.60 -20.67
N VAL L 453 34.76 89.08 -20.14
CA VAL L 453 33.56 89.29 -20.95
C VAL L 453 33.20 90.76 -20.87
N ASN L 454 33.26 91.43 -22.01
CA ASN L 454 32.96 92.85 -22.13
C ASN L 454 33.90 93.73 -21.31
N CYS L 455 35.16 93.32 -21.22
CA CYS L 455 36.16 94.07 -20.49
C CYS L 455 37.48 93.41 -20.77
N TYR L 456 38.56 94.02 -20.28
CA TYR L 456 39.89 93.46 -20.49
C TYR L 456 40.84 93.96 -19.41
N ASP L 457 41.86 93.15 -19.11
CA ASP L 457 42.86 93.48 -18.10
C ASP L 457 42.23 93.90 -16.76
N VAL L 458 41.21 93.17 -16.34
CA VAL L 458 40.55 93.44 -15.08
C VAL L 458 41.08 92.43 -14.08
N PHE L 459 42.13 92.85 -13.36
CA PHE L 459 42.75 92.00 -12.36
C PHE L 459 42.31 92.45 -11.00
N GLY L 460 41.97 91.48 -10.17
CA GLY L 460 41.58 91.80 -8.82
C GLY L 460 42.62 91.10 -7.99
N ALA L 461 43.03 91.72 -6.88
CA ALA L 461 44.01 91.08 -6.03
C ALA L 461 43.39 89.77 -5.53
N GLN L 462 42.06 89.72 -5.54
CA GLN L 462 41.28 88.56 -5.11
C GLN L 462 41.05 87.45 -6.17
N SER L 463 41.25 87.76 -7.45
CA SER L 463 41.05 86.77 -8.52
C SER L 463 42.35 86.15 -9.02
N PRO L 464 42.38 84.80 -9.13
CA PRO L 464 43.55 84.07 -9.60
C PRO L 464 43.95 84.39 -11.04
N PHE L 465 45.26 84.38 -11.28
CA PHE L 465 45.81 84.68 -12.60
C PHE L 465 46.95 83.75 -12.98
N GLY L 466 46.75 83.00 -14.05
CA GLY L 466 47.75 82.06 -14.52
C GLY L 466 47.36 81.57 -15.90
N GLY L 467 48.16 80.67 -16.47
CA GLY L 467 47.85 80.19 -17.80
C GLY L 467 47.78 78.70 -18.03
N TYR L 468 47.25 78.35 -19.19
CA TYR L 468 47.12 76.95 -19.63
C TYR L 468 48.27 76.69 -20.58
N LYS L 469 48.49 75.43 -20.90
CA LYS L 469 49.55 75.01 -21.83
C LYS L 469 50.93 75.59 -21.53
N MET L 470 51.60 76.12 -22.55
CA MET L 470 52.93 76.70 -22.40
C MET L 470 52.96 78.15 -21.92
N SER L 471 51.88 78.58 -21.25
CA SER L 471 51.79 79.92 -20.67
C SER L 471 52.20 79.80 -19.20
N GLY L 472 52.49 78.56 -18.79
CA GLY L 472 52.91 78.31 -17.43
C GLY L 472 52.00 77.39 -16.63
N SER L 473 52.40 77.15 -15.39
CA SER L 473 51.67 76.32 -14.45
C SER L 473 51.53 77.10 -13.15
N GLY L 474 50.54 76.75 -12.33
CA GLY L 474 50.34 77.45 -11.07
C GLY L 474 49.60 78.77 -11.25
N ARG L 475 49.07 79.30 -10.15
CA ARG L 475 48.32 80.56 -10.18
C ARG L 475 48.83 81.62 -9.19
N GLU L 476 48.48 82.88 -9.46
CA GLU L 476 48.87 84.00 -8.61
C GLU L 476 47.60 84.77 -8.28
N LEU L 477 47.64 85.56 -7.20
CA LEU L 477 46.48 86.34 -6.74
C LEU L 477 45.36 85.42 -6.22
N GLY L 478 44.53 85.95 -5.35
CA GLY L 478 43.45 85.16 -4.77
C GLY L 478 43.94 84.09 -3.81
N GLU L 479 43.01 83.25 -3.35
CA GLU L 479 43.34 82.19 -2.43
C GLU L 479 44.25 81.14 -3.07
N TYR L 480 44.17 81.04 -4.39
CA TYR L 480 44.99 80.09 -5.16
C TYR L 480 46.48 80.41 -5.11
N GLY L 481 46.80 81.69 -4.92
CA GLY L 481 48.17 82.13 -4.83
C GLY L 481 48.88 81.60 -3.60
N LEU L 482 48.10 81.29 -2.57
CA LEU L 482 48.62 80.76 -1.33
C LEU L 482 49.03 79.29 -1.42
N GLN L 483 48.36 78.51 -2.27
CA GLN L 483 48.65 77.09 -2.43
C GLN L 483 50.08 76.84 -2.87
N ALA L 484 50.58 77.68 -3.77
CA ALA L 484 51.94 77.55 -4.29
C ALA L 484 53.00 77.79 -3.24
N TYR L 485 52.67 78.56 -2.22
CA TYR L 485 53.63 78.86 -1.15
C TYR L 485 53.38 78.09 0.14
N THR L 486 52.71 76.95 0.03
CA THR L 486 52.37 76.14 1.18
C THR L 486 52.69 74.65 1.05
N LYS L 487 53.10 74.05 2.16
CA LYS L 487 53.42 72.62 2.23
C LYS L 487 52.34 72.04 3.12
N VAL L 488 51.81 70.89 2.75
CA VAL L 488 50.76 70.27 3.53
C VAL L 488 51.29 69.13 4.41
N LYS L 489 51.25 69.33 5.72
CA LYS L 489 51.70 68.29 6.65
C LYS L 489 50.50 67.65 7.30
N THR L 490 50.47 66.32 7.31
CA THR L 490 49.38 65.60 7.92
C THR L 490 49.86 64.94 9.20
N VAL L 491 49.12 65.14 10.28
CA VAL L 491 49.46 64.52 11.55
C VAL L 491 48.27 63.64 11.89
N THR L 492 48.52 62.33 11.97
CA THR L 492 47.51 61.34 12.28
C THR L 492 47.85 60.75 13.66
N VAL L 493 47.02 61.05 14.63
CA VAL L 493 47.22 60.59 16.02
C VAL L 493 46.26 59.49 16.44
N LYS L 494 46.78 58.46 17.11
CA LYS L 494 45.94 57.37 17.61
C LYS L 494 45.15 57.87 18.84
N VAL L 495 43.85 57.63 18.87
CA VAL L 495 43.04 58.05 20.01
C VAL L 495 42.30 56.86 20.64
N PRO L 496 41.92 56.98 21.93
CA PRO L 496 41.22 55.91 22.64
C PRO L 496 40.01 55.34 21.89
N GLN L 497 39.06 56.20 21.57
CA GLN L 497 37.86 55.74 20.84
C GLN L 497 37.23 56.90 20.08
N LYS L 498 37.24 56.79 18.76
CA LYS L 498 36.69 57.80 17.85
C LYS L 498 35.17 57.81 17.85
N ASN L 499 34.61 59.02 18.00
CA ASN L 499 33.16 59.24 17.99
C ASN L 499 32.90 60.41 17.05
N SER L 500 31.75 60.38 16.38
CA SER L 500 31.38 61.45 15.46
C SER L 500 31.30 62.82 16.15
#